data_8FFR
#
_entry.id   8FFR
#
_cell.length_a   270.430
_cell.length_b   281.000
_cell.length_c   236.900
_cell.angle_alpha   90.000
_cell.angle_beta   90.000
_cell.angle_gamma   90.000
#
_symmetry.space_group_name_H-M   'P 21 21 2'
#
loop_
_entity.id
_entity.type
_entity.pdbx_description
1 polymer Nucleoprotein
2 polymer 'RNA (99-MER)'
3 polymer 'RNA (99-MER)'
4 non-polymer 'PHOSPHATE ION'
#
loop_
_entity_poly.entity_id
_entity_poly.type
_entity_poly.pdbx_seq_one_letter_code
_entity_poly.pdbx_strand_id
1 'polypeptide(L)'
;MDADKIVFKVNNQVVSLKPEIIVDQHEYKYPAIKDLKKPCITLGKAPDLNKAYKSVLSGMSAAKLDPDDVCSYLAAAMQF
FEGTCPEDWTSYGIVIARKGDKITPGSLVEIKRTDVEGNWALTGGMELTRDPTVPEHASLVGLLLSLYRLSKISGQNTGN
YKTNIADRIEQIFETAPFVKIVEHHTLMTTHKMCANWSTIPNFRFLAGTYDMFFSRIEHLYSAIRVGTVVTAYEDCSGLV
SFTGFIKQINLTAREAILYFFHKNFEEEIRRMFEPGQETAVPHSYFIHFRSLGLSGKSPYSSNAVGHVFNLIHFVGCYMG
QVRSLNATVIAACAPHEMSVLGGYLGEEFFGKGTFERRFFRDEKELQEYEAAELTKTDVALADDGTVNSDDEDYFSGETR
SPEAVYTRIMMNGGRLKRSHIRRYVSVSSNHQARPNSFAEFLNKTYSSDS
;
A,B,C,D,E,F,G,H,I,J,K,L,M,N,O,P,Q,R,S,T,U,V
2 'polyribonucleotide'
;CCCCCCCACCCACAAAAACCACAACACCCACAAACCCAAAAAACCCCACAACCCCCCCACACCCCACCAACCCCACAAAC
CCCACACACCCCACAAAAC
;
W
3 'polyribonucleotide'
;CCACCAACCCCACACACCCCCCCACCCCCACCCACCACACAAAACCCCCAAAACCCCCCCAACCCCCAAACCCCACCAAC
CCCACCAACCCCACAAACC
;
X
#
loop_
_chem_comp.id
_chem_comp.type
_chem_comp.name
_chem_comp.formula
A RNA linking ADENOSINE-5'-MONOPHOSPHATE 'C10 H14 N5 O7 P'
C RNA linking CYTIDINE-5'-MONOPHOSPHATE 'C9 H14 N3 O8 P'
PO4 non-polymer 'PHOSPHATE ION' 'O4 P -3'
#
# COMPACT_ATOMS: atom_id res chain seq x y z
N ILE A 6 -69.01 -46.84 36.77
CA ILE A 6 -68.51 -46.99 38.14
C ILE A 6 -68.34 -45.63 38.87
N VAL A 7 -68.70 -45.60 40.16
CA VAL A 7 -68.76 -44.39 40.96
C VAL A 7 -67.77 -44.45 42.12
N PHE A 8 -67.47 -43.27 42.68
CA PHE A 8 -66.61 -43.15 43.85
C PHE A 8 -67.31 -42.33 44.93
N LYS A 9 -66.90 -42.56 46.19
CA LYS A 9 -67.56 -42.00 47.36
C LYS A 9 -66.63 -41.16 48.23
N VAL A 10 -67.00 -39.91 48.44
CA VAL A 10 -66.25 -38.89 49.15
C VAL A 10 -67.09 -38.41 50.35
N ASN A 11 -66.43 -38.01 51.43
CA ASN A 11 -67.12 -37.60 52.65
C ASN A 11 -66.99 -36.11 52.97
N ASN A 12 -68.10 -35.34 52.84
CA ASN A 12 -68.16 -33.94 53.31
C ASN A 12 -69.05 -33.79 54.56
N GLN A 13 -68.85 -34.64 55.57
CA GLN A 13 -69.62 -34.86 56.79
C GLN A 13 -70.94 -35.61 56.50
N VAL A 14 -71.31 -35.79 55.22
CA VAL A 14 -72.40 -36.62 54.75
C VAL A 14 -71.79 -37.57 53.69
N VAL A 15 -72.53 -38.60 53.29
CA VAL A 15 -72.05 -39.51 52.24
C VAL A 15 -72.28 -38.85 50.89
N SER A 16 -71.25 -38.84 50.03
CA SER A 16 -71.37 -38.21 48.71
C SER A 16 -70.88 -39.16 47.63
N LEU A 17 -71.65 -39.32 46.57
CA LEU A 17 -71.28 -40.19 45.46
C LEU A 17 -71.20 -39.40 44.16
N LYS A 18 -70.09 -39.55 43.43
CA LYS A 18 -69.95 -38.88 42.13
C LYS A 18 -69.59 -39.90 41.05
N PRO A 19 -70.23 -39.82 39.88
CA PRO A 19 -69.85 -40.63 38.72
C PRO A 19 -68.76 -39.98 37.88
N GLU A 20 -67.85 -40.81 37.38
CA GLU A 20 -66.74 -40.32 36.57
C GLU A 20 -67.07 -40.30 35.09
N ILE A 21 -66.89 -39.17 34.43
CA ILE A 21 -67.27 -39.04 33.02
C ILE A 21 -66.01 -38.77 32.18
N ILE A 22 -65.75 -39.65 31.21
CA ILE A 22 -64.64 -39.51 30.28
C ILE A 22 -65.11 -39.98 28.89
N VAL A 23 -64.57 -39.39 27.83
CA VAL A 23 -65.06 -39.66 26.48
C VAL A 23 -64.11 -40.59 25.72
N ASP A 24 -64.66 -41.63 25.06
CA ASP A 24 -63.90 -42.40 24.05
C ASP A 24 -64.85 -42.93 22.97
N GLN A 25 -64.37 -43.05 21.72
CA GLN A 25 -65.24 -43.56 20.64
C GLN A 25 -64.46 -43.80 19.34
N HIS A 26 -64.76 -44.89 18.63
CA HIS A 26 -64.12 -45.19 17.35
C HIS A 26 -65.06 -46.03 16.48
N GLU A 27 -64.76 -46.12 15.18
CA GLU A 27 -65.57 -46.93 14.25
C GLU A 27 -64.76 -48.06 13.62
N TYR A 28 -63.59 -47.77 13.03
CA TYR A 28 -62.71 -48.72 12.33
C TYR A 28 -63.50 -49.70 11.45
N LYS A 29 -64.03 -49.21 10.33
CA LYS A 29 -64.67 -50.11 9.36
C LYS A 29 -63.58 -50.83 8.58
N TYR A 30 -63.80 -52.20 8.25
CA TYR A 30 -62.78 -53.04 7.63
C TYR A 30 -62.91 -53.05 6.09
N PRO A 31 -61.81 -53.30 5.35
CA PRO A 31 -61.81 -53.20 3.89
C PRO A 31 -62.18 -54.49 3.21
N ALA A 32 -63.21 -54.50 2.39
CA ALA A 32 -63.63 -55.76 1.82
C ALA A 32 -64.67 -55.44 0.77
N ILE A 33 -64.68 -56.21 -0.30
CA ILE A 33 -65.61 -55.97 -1.38
C ILE A 33 -66.73 -57.00 -1.31
N LYS A 34 -67.87 -56.60 -0.72
CA LYS A 34 -69.08 -57.42 -0.83
C LYS A 34 -69.88 -57.09 -2.11
N ASP A 35 -69.82 -55.83 -2.62
CA ASP A 35 -70.55 -55.42 -3.84
C ASP A 35 -70.03 -56.06 -5.12
N LEU A 36 -68.83 -56.63 -5.07
CA LEU A 36 -68.20 -57.26 -6.23
C LEU A 36 -67.92 -56.26 -7.35
N LYS A 37 -67.77 -55.00 -7.01
CA LYS A 37 -67.46 -53.96 -7.98
C LYS A 37 -66.05 -53.47 -7.73
N LYS A 38 -65.26 -53.40 -8.79
CA LYS A 38 -63.87 -52.97 -8.67
C LYS A 38 -63.80 -51.51 -8.19
N PRO A 39 -62.68 -51.11 -7.56
CA PRO A 39 -62.55 -49.74 -7.03
C PRO A 39 -62.76 -48.67 -8.11
N CYS A 40 -63.48 -47.59 -7.76
CA CYS A 40 -63.91 -46.61 -8.75
C CYS A 40 -63.60 -45.16 -8.37
N ILE A 41 -63.18 -44.34 -9.35
CA ILE A 41 -63.05 -42.89 -9.20
C ILE A 41 -63.68 -42.25 -10.41
N THR A 42 -64.02 -40.97 -10.25
CA THR A 42 -64.56 -40.16 -11.33
C THR A 42 -63.51 -39.15 -11.80
N LEU A 43 -63.34 -39.03 -13.11
CA LEU A 43 -62.32 -38.13 -13.66
C LEU A 43 -62.93 -37.35 -14.82
N GLY A 44 -62.14 -36.44 -15.39
CA GLY A 44 -62.64 -35.57 -16.45
C GLY A 44 -62.62 -36.25 -17.81
N LYS A 45 -62.98 -35.48 -18.84
CA LYS A 45 -63.11 -36.03 -20.19
C LYS A 45 -61.75 -36.46 -20.72
N ALA A 46 -61.75 -37.55 -21.51
CA ALA A 46 -60.50 -38.12 -21.96
C ALA A 46 -59.73 -37.04 -22.72
N PRO A 47 -58.48 -36.74 -22.33
CA PRO A 47 -57.72 -35.71 -23.03
C PRO A 47 -56.97 -36.27 -24.23
N ASP A 48 -56.55 -35.37 -25.12
CA ASP A 48 -55.64 -35.79 -26.18
C ASP A 48 -54.29 -36.08 -25.52
N LEU A 49 -53.82 -37.32 -25.66
CA LEU A 49 -52.60 -37.77 -24.99
C LEU A 49 -51.45 -36.79 -25.20
N ASN A 50 -51.19 -36.48 -26.48
CA ASN A 50 -50.09 -35.61 -26.86
C ASN A 50 -50.22 -34.21 -26.23
N LYS A 51 -51.41 -33.60 -26.31
CA LYS A 51 -51.57 -32.26 -25.77
C LYS A 51 -51.48 -32.28 -24.26
N ALA A 52 -52.11 -33.28 -23.64
CA ALA A 52 -52.03 -33.39 -22.19
C ALA A 52 -50.58 -33.58 -21.77
N TYR A 53 -49.82 -34.36 -22.56
CA TYR A 53 -48.41 -34.63 -22.26
C TYR A 53 -47.61 -33.33 -22.27
N LYS A 54 -47.93 -32.46 -23.24
CA LYS A 54 -47.25 -31.19 -23.39
C LYS A 54 -47.54 -30.25 -22.23
N SER A 55 -48.81 -30.18 -21.82
CA SER A 55 -49.19 -29.20 -20.81
C SER A 55 -48.52 -29.52 -19.47
N VAL A 56 -48.60 -30.80 -19.06
CA VAL A 56 -48.09 -31.25 -17.77
C VAL A 56 -46.56 -31.17 -17.74
N LEU A 57 -45.90 -31.48 -18.87
CA LEU A 57 -44.44 -31.40 -19.00
C LEU A 57 -43.92 -29.98 -18.77
N SER A 58 -44.59 -28.99 -19.36
CA SER A 58 -44.30 -27.59 -19.10
C SER A 58 -44.63 -27.22 -17.67
N GLY A 59 -45.76 -27.73 -17.17
CA GLY A 59 -46.14 -27.47 -15.80
C GLY A 59 -45.08 -28.00 -14.84
N MET A 60 -44.48 -29.14 -15.17
CA MET A 60 -43.42 -29.71 -14.34
C MET A 60 -42.23 -28.77 -14.19
N SER A 61 -41.73 -28.28 -15.34
CA SER A 61 -40.58 -27.39 -15.36
C SER A 61 -40.93 -26.02 -14.78
N ALA A 62 -42.18 -25.58 -14.94
CA ALA A 62 -42.66 -24.29 -14.47
C ALA A 62 -43.18 -24.34 -13.03
N ALA A 63 -43.22 -25.56 -12.44
CA ALA A 63 -43.71 -25.84 -11.08
C ALA A 63 -45.19 -25.53 -10.91
N LYS A 64 -45.96 -25.49 -11.99
CA LYS A 64 -47.41 -25.28 -11.89
C LYS A 64 -48.16 -26.46 -12.49
N LEU A 65 -48.93 -27.17 -11.64
CA LEU A 65 -49.64 -28.38 -12.04
C LEU A 65 -51.10 -28.33 -11.63
N ASP A 66 -51.97 -28.82 -12.52
CA ASP A 66 -53.39 -28.88 -12.22
C ASP A 66 -53.72 -30.31 -11.83
N PRO A 67 -54.20 -30.55 -10.60
CA PRO A 67 -54.38 -31.95 -10.17
C PRO A 67 -55.33 -32.75 -11.03
N ASP A 68 -56.51 -32.22 -11.36
CA ASP A 68 -57.47 -32.99 -12.15
C ASP A 68 -56.93 -33.33 -13.53
N ASP A 69 -56.17 -32.41 -14.12
CA ASP A 69 -55.61 -32.69 -15.43
C ASP A 69 -54.60 -33.84 -15.32
N VAL A 70 -53.73 -33.78 -14.31
CA VAL A 70 -52.71 -34.81 -14.17
C VAL A 70 -53.37 -36.19 -14.00
N CYS A 71 -54.46 -36.28 -13.23
CA CYS A 71 -55.15 -37.56 -13.04
C CYS A 71 -55.83 -38.07 -14.31
N SER A 72 -56.41 -37.17 -15.10
CA SER A 72 -57.02 -37.57 -16.35
C SER A 72 -55.99 -38.14 -17.31
N TYR A 73 -54.78 -37.55 -17.32
CA TYR A 73 -53.69 -38.05 -18.16
C TYR A 73 -53.22 -39.44 -17.75
N LEU A 74 -53.06 -39.65 -16.44
CA LEU A 74 -52.64 -40.95 -15.90
C LEU A 74 -53.68 -42.02 -16.20
N ALA A 75 -54.97 -41.66 -16.09
CA ALA A 75 -56.00 -42.62 -16.42
C ALA A 75 -55.97 -42.97 -17.91
N ALA A 76 -55.73 -41.96 -18.76
CA ALA A 76 -55.63 -42.21 -20.20
C ALA A 76 -54.41 -43.06 -20.54
N ALA A 77 -53.29 -42.81 -19.85
CA ALA A 77 -52.05 -43.53 -20.14
C ALA A 77 -52.10 -45.01 -19.78
N MET A 78 -53.11 -45.45 -19.02
CA MET A 78 -53.17 -46.83 -18.54
C MET A 78 -53.22 -47.85 -19.69
N GLN A 79 -53.80 -47.49 -20.83
CA GLN A 79 -53.86 -48.41 -21.95
C GLN A 79 -52.49 -48.74 -22.48
N PHE A 80 -51.53 -47.76 -22.37
CA PHE A 80 -50.17 -47.93 -22.87
C PHE A 80 -49.46 -49.12 -22.20
N PHE A 81 -49.68 -49.31 -20.90
CA PHE A 81 -49.00 -50.36 -20.14
C PHE A 81 -49.87 -51.62 -20.11
N GLU A 82 -49.45 -52.65 -20.82
CA GLU A 82 -50.18 -53.91 -20.87
C GLU A 82 -49.21 -55.07 -20.86
N GLY A 83 -49.65 -56.17 -20.27
CA GLY A 83 -48.83 -57.36 -20.25
C GLY A 83 -49.69 -58.57 -20.02
N THR A 84 -49.11 -59.74 -20.26
CA THR A 84 -49.77 -61.00 -19.97
C THR A 84 -49.78 -61.34 -18.46
N CYS A 85 -50.92 -61.89 -17.99
CA CYS A 85 -51.10 -62.27 -16.58
C CYS A 85 -50.55 -63.67 -16.27
N PRO A 86 -49.61 -63.82 -15.33
CA PRO A 86 -49.00 -65.14 -15.12
C PRO A 86 -49.98 -66.20 -14.63
N GLU A 87 -50.85 -65.85 -13.67
CA GLU A 87 -51.77 -66.80 -13.06
C GLU A 87 -53.13 -66.14 -12.91
N ASP A 88 -54.15 -66.94 -12.66
CA ASP A 88 -55.48 -66.39 -12.42
C ASP A 88 -55.48 -65.46 -11.21
N TRP A 89 -56.18 -64.32 -11.36
CA TRP A 89 -56.21 -63.25 -10.34
C TRP A 89 -57.59 -63.16 -9.68
N THR A 90 -57.70 -63.69 -8.45
CA THR A 90 -58.91 -63.65 -7.61
C THR A 90 -58.67 -62.77 -6.39
N SER A 91 -59.49 -61.72 -6.24
CA SER A 91 -59.49 -60.82 -5.09
C SER A 91 -60.78 -61.01 -4.30
N TYR A 92 -61.23 -59.95 -3.60
CA TYR A 92 -62.42 -60.01 -2.76
C TYR A 92 -63.66 -60.42 -3.58
N GLY A 93 -63.63 -61.60 -4.21
CA GLY A 93 -64.75 -62.07 -5.00
C GLY A 93 -64.79 -61.57 -6.43
N ILE A 94 -63.85 -60.71 -6.82
CA ILE A 94 -63.78 -60.23 -8.19
C ILE A 94 -62.60 -60.90 -8.85
N VAL A 95 -62.88 -61.52 -10.01
CA VAL A 95 -61.85 -62.10 -10.86
C VAL A 95 -61.63 -61.14 -12.02
N ILE A 96 -60.43 -60.57 -12.11
CA ILE A 96 -60.15 -59.62 -13.17
C ILE A 96 -59.23 -60.18 -14.25
N ALA A 97 -58.49 -61.26 -13.98
CA ALA A 97 -57.57 -61.77 -14.99
C ALA A 97 -57.53 -63.29 -14.96
N ARG A 98 -57.07 -63.85 -16.08
CA ARG A 98 -56.95 -65.28 -16.31
C ARG A 98 -55.56 -65.56 -16.89
N LYS A 99 -55.06 -66.77 -16.67
CA LYS A 99 -53.73 -67.13 -17.17
C LYS A 99 -53.68 -66.94 -18.69
N GLY A 100 -52.62 -66.27 -19.16
CA GLY A 100 -52.43 -66.01 -20.59
C GLY A 100 -53.19 -64.83 -21.13
N ASP A 101 -53.83 -64.02 -20.27
CA ASP A 101 -54.60 -62.86 -20.71
C ASP A 101 -53.79 -61.59 -20.53
N LYS A 102 -53.67 -60.79 -21.62
CA LYS A 102 -53.06 -59.46 -21.51
C LYS A 102 -54.01 -58.52 -20.78
N ILE A 103 -53.45 -57.68 -19.89
CA ILE A 103 -54.26 -56.78 -19.07
C ILE A 103 -53.54 -55.45 -18.94
N THR A 104 -54.30 -54.44 -18.54
CA THR A 104 -53.83 -53.09 -18.25
C THR A 104 -54.17 -52.68 -16.83
N PRO A 105 -53.58 -51.56 -16.36
CA PRO A 105 -54.09 -50.96 -15.12
C PRO A 105 -55.56 -50.64 -15.22
N GLY A 106 -56.02 -50.22 -16.40
CA GLY A 106 -57.43 -49.94 -16.63
C GLY A 106 -58.35 -51.12 -16.37
N SER A 107 -57.79 -52.35 -16.41
CA SER A 107 -58.59 -53.54 -16.13
C SER A 107 -58.83 -53.76 -14.64
N LEU A 108 -57.97 -53.22 -13.78
CA LEU A 108 -58.05 -53.49 -12.33
C LEU A 108 -59.13 -52.65 -11.63
N VAL A 109 -59.37 -51.42 -12.12
CA VAL A 109 -60.32 -50.48 -11.52
C VAL A 109 -61.35 -50.05 -12.58
N GLU A 110 -62.39 -49.33 -12.15
CA GLU A 110 -63.40 -48.73 -13.04
C GLU A 110 -63.21 -47.21 -13.02
N ILE A 111 -62.98 -46.60 -14.18
CA ILE A 111 -62.87 -45.14 -14.28
C ILE A 111 -64.15 -44.63 -14.94
N LYS A 112 -64.80 -43.65 -14.30
CA LYS A 112 -65.97 -42.96 -14.84
C LYS A 112 -65.49 -41.59 -15.31
N ARG A 113 -65.66 -41.27 -16.60
CA ARG A 113 -65.21 -39.98 -17.13
C ARG A 113 -66.42 -39.06 -17.29
N THR A 114 -66.26 -37.81 -16.86
CA THR A 114 -67.29 -36.80 -17.05
C THR A 114 -66.99 -36.02 -18.33
N ASP A 115 -68.05 -35.60 -19.03
CA ASP A 115 -67.90 -34.83 -20.27
C ASP A 115 -67.46 -33.39 -20.00
N VAL A 116 -66.28 -33.24 -19.40
CA VAL A 116 -65.75 -31.93 -19.04
C VAL A 116 -64.34 -31.82 -19.60
N GLU A 117 -64.05 -30.72 -20.29
CA GLU A 117 -62.74 -30.55 -20.87
C GLU A 117 -61.82 -29.95 -19.80
N GLY A 118 -60.59 -30.35 -19.84
CA GLY A 118 -59.62 -29.88 -18.90
C GLY A 118 -58.93 -28.65 -19.41
N ASN A 119 -58.27 -27.92 -18.50
CA ASN A 119 -57.60 -26.69 -18.91
C ASN A 119 -56.46 -26.97 -19.87
N TRP A 120 -55.85 -28.16 -19.78
CA TRP A 120 -54.72 -28.62 -20.60
C TRP A 120 -54.01 -27.43 -21.25
N ALA A 121 -53.56 -26.48 -20.46
CA ALA A 121 -52.91 -25.29 -21.01
C ALA A 121 -51.42 -25.28 -20.73
N LEU A 122 -50.66 -24.73 -21.67
CA LEU A 122 -49.20 -24.76 -21.58
C LEU A 122 -48.71 -23.64 -20.68
N THR A 123 -48.03 -23.95 -19.58
CA THR A 123 -47.59 -22.87 -18.71
C THR A 123 -46.18 -22.40 -19.01
N GLY A 124 -45.25 -23.32 -19.12
CA GLY A 124 -43.87 -22.96 -19.33
C GLY A 124 -43.43 -23.44 -20.69
N GLY A 125 -42.19 -23.10 -21.04
CA GLY A 125 -41.68 -23.48 -22.34
C GLY A 125 -41.50 -24.99 -22.43
N MET A 126 -42.10 -25.59 -23.46
CA MET A 126 -41.88 -27.00 -23.73
C MET A 126 -41.13 -27.09 -25.06
N GLU A 127 -39.98 -27.81 -25.05
CA GLU A 127 -39.08 -27.86 -26.20
C GLU A 127 -39.58 -28.79 -27.31
N LEU A 128 -40.31 -29.85 -26.98
CA LEU A 128 -40.72 -30.83 -27.99
C LEU A 128 -41.76 -30.21 -28.93
N THR A 129 -41.61 -30.49 -30.22
CA THR A 129 -42.53 -30.04 -31.26
C THR A 129 -43.38 -31.14 -31.87
N ARG A 130 -43.07 -32.41 -31.59
CA ARG A 130 -43.74 -33.54 -32.21
C ARG A 130 -44.44 -34.37 -31.13
N ASP A 131 -45.18 -35.36 -31.62
CA ASP A 131 -45.90 -36.33 -30.79
C ASP A 131 -44.96 -37.18 -29.95
N PRO A 132 -45.31 -37.44 -28.69
CA PRO A 132 -44.44 -38.22 -27.80
C PRO A 132 -44.55 -39.72 -28.06
N THR A 133 -43.43 -40.44 -27.82
CA THR A 133 -43.39 -41.89 -27.89
C THR A 133 -43.84 -42.50 -26.56
N VAL A 134 -44.19 -43.78 -26.58
CA VAL A 134 -44.61 -44.43 -25.35
C VAL A 134 -43.58 -44.25 -24.23
N PRO A 135 -42.27 -44.48 -24.44
CA PRO A 135 -41.30 -44.19 -23.34
C PRO A 135 -41.36 -42.77 -22.79
N GLU A 136 -41.51 -41.77 -23.64
CA GLU A 136 -41.72 -40.42 -23.14
C GLU A 136 -42.94 -40.36 -22.23
N HIS A 137 -44.05 -40.99 -22.69
CA HIS A 137 -45.28 -41.10 -21.87
C HIS A 137 -45.00 -41.82 -20.54
N ALA A 138 -44.28 -42.95 -20.58
CA ALA A 138 -43.98 -43.67 -19.34
C ALA A 138 -43.09 -42.83 -18.44
N SER A 139 -42.12 -42.11 -19.01
CA SER A 139 -41.21 -41.27 -18.23
C SER A 139 -41.98 -40.19 -17.48
N LEU A 140 -42.93 -39.57 -18.16
CA LEU A 140 -43.75 -38.55 -17.51
C LEU A 140 -44.66 -39.20 -16.47
N VAL A 141 -45.29 -40.32 -16.83
CA VAL A 141 -46.23 -41.01 -15.93
C VAL A 141 -45.54 -41.29 -14.62
N GLY A 142 -44.33 -41.84 -14.69
CA GLY A 142 -43.56 -42.14 -13.50
C GLY A 142 -43.15 -40.89 -12.74
N LEU A 143 -42.76 -39.84 -13.45
CA LEU A 143 -42.39 -38.59 -12.78
C LEU A 143 -43.58 -37.97 -12.06
N LEU A 144 -44.76 -38.03 -12.68
CA LEU A 144 -45.96 -37.51 -12.03
C LEU A 144 -46.30 -38.33 -10.78
N LEU A 145 -46.27 -39.65 -10.90
CA LEU A 145 -46.59 -40.48 -9.74
C LEU A 145 -45.58 -40.29 -8.61
N SER A 146 -44.30 -40.06 -8.93
CA SER A 146 -43.26 -39.88 -7.92
C SER A 146 -43.51 -38.66 -7.03
N LEU A 147 -44.37 -37.74 -7.46
CA LEU A 147 -44.72 -36.64 -6.58
C LEU A 147 -45.40 -37.14 -5.32
N TYR A 148 -46.19 -38.23 -5.46
CA TYR A 148 -46.92 -38.77 -4.32
C TYR A 148 -45.97 -39.20 -3.21
N ARG A 149 -44.96 -39.99 -3.56
CA ARG A 149 -43.96 -40.43 -2.59
C ARG A 149 -43.27 -39.23 -1.94
N LEU A 150 -42.93 -38.22 -2.73
CA LEU A 150 -42.29 -37.05 -2.15
C LEU A 150 -43.22 -36.37 -1.17
N SER A 151 -44.51 -36.25 -1.52
CA SER A 151 -45.45 -35.56 -0.65
C SER A 151 -45.59 -36.27 0.69
N LYS A 152 -45.63 -37.60 0.66
CA LYS A 152 -45.73 -38.41 1.87
C LYS A 152 -44.48 -38.25 2.73
N ILE A 153 -43.30 -38.14 2.12
CA ILE A 153 -42.08 -38.05 2.94
C ILE A 153 -41.86 -36.65 3.50
N SER A 154 -42.87 -35.78 3.43
CA SER A 154 -42.76 -34.45 4.02
C SER A 154 -42.93 -34.55 5.52
N GLY A 155 -42.17 -33.74 6.22
CA GLY A 155 -42.19 -33.82 7.66
C GLY A 155 -41.06 -32.98 8.21
N GLN A 156 -40.92 -33.00 9.53
CA GLN A 156 -39.84 -32.24 10.16
C GLN A 156 -38.51 -32.88 9.78
N ASN A 157 -37.47 -32.04 9.72
CA ASN A 157 -36.16 -32.48 9.24
C ASN A 157 -36.33 -33.08 7.84
N THR A 158 -35.99 -34.37 7.64
CA THR A 158 -36.05 -35.09 6.36
C THR A 158 -35.63 -34.27 5.14
N GLY A 159 -34.84 -33.21 5.32
CA GLY A 159 -34.52 -32.29 4.20
C GLY A 159 -33.70 -32.97 3.12
N ASN A 160 -32.51 -33.42 3.54
CA ASN A 160 -31.59 -34.13 2.66
C ASN A 160 -32.22 -35.38 2.09
N TYR A 161 -33.12 -36.03 2.85
CA TYR A 161 -33.71 -37.30 2.40
C TYR A 161 -34.59 -37.08 1.17
N LYS A 162 -35.38 -35.99 1.15
CA LYS A 162 -36.26 -35.73 0.01
C LYS A 162 -35.48 -35.55 -1.27
N THR A 163 -34.38 -34.80 -1.18
CA THR A 163 -33.52 -34.56 -2.33
C THR A 163 -32.86 -35.86 -2.81
N ASN A 164 -32.42 -36.71 -1.88
CA ASN A 164 -31.73 -37.94 -2.27
C ASN A 164 -32.64 -38.87 -3.06
N ILE A 165 -33.89 -39.04 -2.59
CA ILE A 165 -34.80 -39.93 -3.32
C ILE A 165 -35.20 -39.30 -4.65
N ALA A 166 -35.40 -37.98 -4.67
CA ALA A 166 -35.78 -37.32 -5.91
C ALA A 166 -34.71 -37.52 -6.96
N ASP A 167 -33.43 -37.39 -6.54
CA ASP A 167 -32.31 -37.62 -7.44
C ASP A 167 -32.34 -39.04 -8.00
N ARG A 168 -32.60 -40.03 -7.14
CA ARG A 168 -32.71 -41.42 -7.57
C ARG A 168 -33.84 -41.59 -8.57
N ILE A 169 -34.97 -40.93 -8.31
CA ILE A 169 -36.11 -41.04 -9.22
C ILE A 169 -35.74 -40.47 -10.58
N GLU A 170 -35.01 -39.35 -10.55
CA GLU A 170 -34.60 -38.70 -11.81
C GLU A 170 -33.74 -39.66 -12.64
N GLN A 171 -32.74 -40.29 -11.99
CA GLN A 171 -31.86 -41.21 -12.72
C GLN A 171 -32.65 -42.36 -13.30
N ILE A 172 -33.65 -42.86 -12.56
CA ILE A 172 -34.44 -43.98 -13.05
C ILE A 172 -35.15 -43.61 -14.35
N PHE A 173 -35.82 -42.46 -14.37
CA PHE A 173 -36.62 -42.01 -15.51
C PHE A 173 -35.85 -41.29 -16.63
N GLU A 174 -34.56 -40.95 -16.45
CA GLU A 174 -33.74 -40.47 -17.58
C GLU A 174 -32.90 -41.56 -18.22
N THR A 175 -32.81 -42.75 -17.63
CA THR A 175 -32.01 -43.82 -18.22
C THR A 175 -32.97 -44.85 -18.80
N ALA A 176 -32.44 -45.66 -19.72
CA ALA A 176 -33.29 -46.57 -20.47
C ALA A 176 -34.01 -47.53 -19.53
N PRO A 177 -35.28 -47.92 -19.80
CA PRO A 177 -36.09 -47.71 -21.03
C PRO A 177 -36.80 -46.35 -21.10
N PHE A 178 -36.54 -45.52 -20.09
CA PHE A 178 -37.15 -44.20 -20.02
C PHE A 178 -36.22 -43.17 -20.65
N VAL A 179 -36.82 -42.09 -21.13
CA VAL A 179 -36.05 -41.06 -21.82
C VAL A 179 -36.12 -39.76 -21.03
N LYS A 180 -35.00 -39.02 -21.03
CA LYS A 180 -34.94 -37.79 -20.26
C LYS A 180 -35.86 -36.76 -20.89
N ILE A 181 -36.88 -36.34 -20.15
CA ILE A 181 -37.79 -35.31 -20.65
C ILE A 181 -37.75 -34.04 -19.80
N VAL A 182 -37.17 -34.09 -18.60
CA VAL A 182 -37.02 -32.91 -17.76
C VAL A 182 -35.56 -32.73 -17.39
N GLU A 183 -35.20 -31.50 -16.98
CA GLU A 183 -33.85 -31.27 -16.52
C GLU A 183 -33.78 -31.59 -15.03
N HIS A 184 -32.57 -31.93 -14.57
CA HIS A 184 -32.39 -32.28 -13.16
C HIS A 184 -32.90 -31.14 -12.29
N HIS A 185 -33.30 -31.47 -11.06
CA HIS A 185 -33.79 -30.56 -10.05
C HIS A 185 -35.11 -29.88 -10.40
N THR A 186 -35.72 -30.17 -11.58
CA THR A 186 -37.08 -29.69 -11.87
C THR A 186 -38.14 -30.42 -11.03
N LEU A 187 -37.94 -31.72 -10.76
CA LEU A 187 -38.90 -32.51 -9.96
C LEU A 187 -38.97 -32.01 -8.52
N MET A 188 -37.81 -31.74 -7.90
CA MET A 188 -37.79 -31.22 -6.54
C MET A 188 -38.54 -29.88 -6.45
N THR A 189 -38.32 -29.00 -7.44
CA THR A 189 -38.93 -27.68 -7.45
C THR A 189 -40.45 -27.75 -7.72
N THR A 190 -40.88 -28.59 -8.67
CA THR A 190 -42.33 -28.76 -8.84
C THR A 190 -42.97 -29.33 -7.58
N HIS A 191 -42.25 -30.16 -6.84
CA HIS A 191 -42.80 -30.74 -5.61
C HIS A 191 -43.09 -29.68 -4.55
N LYS A 192 -42.25 -28.65 -4.44
CA LYS A 192 -42.45 -27.62 -3.42
C LYS A 192 -43.82 -26.96 -3.56
N MET A 193 -44.28 -26.78 -4.80
CA MET A 193 -45.63 -26.27 -5.02
C MET A 193 -46.71 -27.33 -4.86
N CYS A 194 -46.36 -28.61 -4.97
CA CYS A 194 -47.32 -29.72 -4.86
C CYS A 194 -46.98 -30.64 -3.67
N ALA A 195 -46.69 -30.05 -2.51
CA ALA A 195 -46.20 -30.77 -1.33
C ALA A 195 -47.28 -31.60 -0.64
N ASN A 196 -48.53 -31.19 -0.71
CA ASN A 196 -49.60 -31.94 -0.06
C ASN A 196 -50.44 -32.70 -1.08
N TRP A 197 -49.85 -33.06 -2.23
CA TRP A 197 -50.63 -33.77 -3.26
C TRP A 197 -51.05 -35.16 -2.84
N SER A 198 -50.39 -35.73 -1.82
CA SER A 198 -50.80 -37.02 -1.28
C SER A 198 -52.23 -36.96 -0.76
N THR A 199 -52.66 -35.81 -0.26
CA THR A 199 -54.03 -35.68 0.25
C THR A 199 -55.05 -35.84 -0.87
N ILE A 200 -54.70 -35.49 -2.10
CA ILE A 200 -55.66 -35.60 -3.21
C ILE A 200 -56.10 -37.05 -3.38
N PRO A 201 -57.41 -37.35 -3.33
CA PRO A 201 -57.84 -38.76 -3.39
C PRO A 201 -57.64 -39.45 -4.72
N ASN A 202 -57.98 -38.81 -5.83
CA ASN A 202 -57.82 -39.50 -7.10
C ASN A 202 -56.36 -39.72 -7.44
N PHE A 203 -55.51 -38.75 -7.09
CA PHE A 203 -54.08 -38.93 -7.33
C PHE A 203 -53.56 -40.14 -6.56
N ARG A 204 -53.90 -40.25 -5.27
CA ARG A 204 -53.50 -41.42 -4.48
C ARG A 204 -54.09 -42.71 -5.08
N PHE A 205 -55.36 -42.66 -5.50
CA PHE A 205 -55.98 -43.84 -6.09
C PHE A 205 -55.20 -44.29 -7.31
N LEU A 206 -54.82 -43.36 -8.18
CA LEU A 206 -54.09 -43.76 -9.39
C LEU A 206 -52.72 -44.33 -9.04
N ALA A 207 -52.02 -43.74 -8.07
CA ALA A 207 -50.73 -44.28 -7.66
C ALA A 207 -50.90 -45.71 -7.15
N GLY A 208 -51.94 -45.94 -6.37
CA GLY A 208 -52.20 -47.28 -5.90
C GLY A 208 -52.53 -48.22 -7.04
N THR A 209 -53.32 -47.75 -8.02
CA THR A 209 -53.68 -48.64 -9.12
C THR A 209 -52.42 -49.03 -9.89
N TYR A 210 -51.52 -48.05 -10.12
CA TYR A 210 -50.30 -48.36 -10.85
C TYR A 210 -49.44 -49.35 -10.07
N ASP A 211 -49.31 -49.13 -8.75
CA ASP A 211 -48.48 -50.00 -7.93
C ASP A 211 -49.01 -51.43 -7.88
N MET A 212 -50.33 -51.59 -7.74
CA MET A 212 -50.89 -52.94 -7.78
C MET A 212 -50.65 -53.59 -9.13
N PHE A 213 -50.84 -52.85 -10.22
CA PHE A 213 -50.64 -53.45 -11.54
C PHE A 213 -49.20 -53.92 -11.69
N PHE A 214 -48.24 -53.06 -11.40
CA PHE A 214 -46.85 -53.46 -11.60
C PHE A 214 -46.42 -54.53 -10.62
N SER A 215 -47.10 -54.65 -9.47
CA SER A 215 -46.75 -55.68 -8.51
C SER A 215 -46.98 -57.07 -9.07
N ARG A 216 -48.16 -57.32 -9.68
CA ARG A 216 -48.45 -58.61 -10.30
C ARG A 216 -47.82 -58.81 -11.66
N ILE A 217 -47.85 -57.80 -12.51
CA ILE A 217 -47.44 -57.96 -13.91
C ILE A 217 -46.08 -57.33 -14.06
N GLU A 218 -45.11 -58.14 -14.49
CA GLU A 218 -43.82 -57.59 -14.81
C GLU A 218 -43.96 -56.87 -16.16
N HIS A 219 -43.37 -55.69 -16.24
CA HIS A 219 -43.48 -54.87 -17.43
C HIS A 219 -42.12 -54.21 -17.65
N LEU A 220 -41.92 -53.72 -18.87
CA LEU A 220 -40.69 -53.00 -19.17
C LEU A 220 -40.55 -51.79 -18.29
N TYR A 221 -41.68 -51.15 -18.00
CA TYR A 221 -41.76 -49.93 -17.22
C TYR A 221 -42.15 -50.21 -15.76
N SER A 222 -41.78 -51.39 -15.25
CA SER A 222 -42.09 -51.67 -13.85
C SER A 222 -41.37 -50.72 -12.91
N ALA A 223 -40.35 -49.99 -13.41
CA ALA A 223 -39.59 -49.05 -12.57
C ALA A 223 -40.43 -47.86 -12.10
N ILE A 224 -41.63 -47.66 -12.68
CA ILE A 224 -42.55 -46.62 -12.25
C ILE A 224 -42.93 -46.78 -10.79
N ARG A 225 -42.83 -48.01 -10.27
CA ARG A 225 -43.21 -48.30 -8.89
C ARG A 225 -42.41 -47.49 -7.89
N VAL A 226 -41.25 -46.95 -8.27
CA VAL A 226 -40.43 -46.20 -7.31
C VAL A 226 -41.22 -45.02 -6.75
N GLY A 227 -42.11 -44.44 -7.57
CA GLY A 227 -43.02 -43.43 -7.04
C GLY A 227 -44.11 -44.01 -6.15
N THR A 228 -44.70 -45.14 -6.58
CA THR A 228 -45.91 -45.68 -5.96
C THR A 228 -45.69 -46.80 -4.95
N VAL A 229 -44.44 -47.17 -4.67
CA VAL A 229 -44.22 -48.30 -3.80
C VAL A 229 -44.85 -48.05 -2.44
N VAL A 230 -44.91 -46.78 -2.02
CA VAL A 230 -45.41 -46.43 -0.68
C VAL A 230 -46.87 -46.83 -0.48
N THR A 231 -47.66 -46.84 -1.55
CA THR A 231 -49.06 -47.21 -1.39
C THR A 231 -49.22 -48.65 -0.89
N ALA A 232 -48.23 -49.51 -1.14
CA ALA A 232 -48.31 -50.87 -0.65
C ALA A 232 -48.29 -50.91 0.88
N TYR A 233 -49.27 -51.63 1.46
CA TYR A 233 -49.50 -51.73 2.93
C TYR A 233 -49.52 -50.33 3.57
N GLU A 234 -50.13 -49.39 2.86
CA GLU A 234 -50.21 -48.02 3.33
C GLU A 234 -51.13 -47.88 4.54
N ASP A 235 -50.64 -47.17 5.57
CA ASP A 235 -51.36 -46.93 6.84
C ASP A 235 -51.63 -48.21 7.62
N CYS A 236 -50.76 -49.19 7.46
CA CYS A 236 -50.90 -50.45 8.15
C CYS A 236 -49.61 -50.82 8.88
N SER A 237 -48.86 -49.80 9.33
CA SER A 237 -47.57 -50.06 9.96
C SER A 237 -47.76 -50.96 11.16
N GLY A 238 -48.92 -50.88 11.82
CA GLY A 238 -49.14 -51.75 12.98
C GLY A 238 -49.11 -53.21 12.61
N LEU A 239 -49.92 -53.60 11.63
CA LEU A 239 -49.94 -54.97 11.17
C LEU A 239 -48.58 -55.41 10.62
N VAL A 240 -47.92 -54.53 9.88
CA VAL A 240 -46.61 -54.89 9.33
C VAL A 240 -45.59 -55.03 10.45
N SER A 241 -45.61 -54.12 11.42
CA SER A 241 -44.63 -54.23 12.51
C SER A 241 -44.78 -55.55 13.22
N PHE A 242 -46.03 -55.99 13.39
CA PHE A 242 -46.29 -57.25 14.07
C PHE A 242 -45.73 -58.42 13.29
N THR A 243 -45.95 -58.48 11.97
CA THR A 243 -45.39 -59.58 11.20
C THR A 243 -43.87 -59.54 11.24
N GLY A 244 -43.28 -58.35 11.16
CA GLY A 244 -41.84 -58.28 11.29
C GLY A 244 -41.38 -58.74 12.66
N PHE A 245 -42.12 -58.35 13.70
CA PHE A 245 -41.78 -58.73 15.07
C PHE A 245 -41.73 -60.24 15.23
N ILE A 246 -42.70 -60.91 14.64
CA ILE A 246 -42.78 -62.36 14.66
C ILE A 246 -41.55 -62.96 14.00
N LYS A 247 -41.20 -62.46 12.81
CA LYS A 247 -40.06 -63.04 12.09
C LYS A 247 -38.75 -62.73 12.80
N GLN A 248 -38.60 -61.50 13.28
CA GLN A 248 -37.37 -61.16 13.95
C GLN A 248 -37.21 -62.00 15.22
N ILE A 249 -38.29 -62.13 16.00
CA ILE A 249 -38.26 -62.85 17.28
C ILE A 249 -38.26 -64.36 17.08
N ASN A 250 -38.52 -64.83 15.87
CA ASN A 250 -38.51 -66.25 15.55
C ASN A 250 -39.60 -67.01 16.33
N LEU A 251 -40.80 -66.44 16.33
CA LEU A 251 -41.95 -67.05 16.97
C LEU A 251 -43.11 -67.24 16.01
N THR A 252 -44.04 -68.12 16.40
CA THR A 252 -45.27 -68.27 15.65
C THR A 252 -46.22 -67.15 16.01
N ALA A 253 -46.91 -66.65 14.99
CA ALA A 253 -47.90 -65.59 15.21
C ALA A 253 -48.74 -65.84 16.45
N ARG A 254 -49.27 -67.07 16.61
CA ARG A 254 -50.06 -67.36 17.81
C ARG A 254 -49.18 -67.30 19.06
N GLU A 255 -48.02 -67.97 19.00
CA GLU A 255 -47.11 -68.00 20.14
C GLU A 255 -46.74 -66.63 20.65
N ALA A 256 -46.48 -65.67 19.75
CA ALA A 256 -46.07 -64.36 20.21
C ALA A 256 -47.17 -63.66 20.98
N ILE A 257 -48.42 -63.75 20.51
CA ILE A 257 -49.51 -63.06 21.23
C ILE A 257 -49.67 -63.56 22.66
N LEU A 258 -49.29 -64.80 22.95
CA LEU A 258 -49.35 -65.31 24.32
C LEU A 258 -48.51 -64.47 25.28
N TYR A 259 -47.40 -63.90 24.80
CA TYR A 259 -46.54 -63.07 25.63
C TYR A 259 -47.15 -61.71 25.94
N PHE A 260 -48.23 -61.31 25.29
CA PHE A 260 -48.85 -60.01 25.56
C PHE A 260 -49.68 -60.07 26.84
N PHE A 261 -49.06 -59.78 27.98
CA PHE A 261 -49.76 -59.92 29.27
C PHE A 261 -50.47 -58.63 29.68
N HIS A 262 -51.44 -58.22 28.88
CA HIS A 262 -52.23 -57.08 29.32
C HIS A 262 -53.59 -57.06 28.68
N LYS A 263 -54.54 -56.53 29.45
CA LYS A 263 -55.91 -56.46 29.00
C LYS A 263 -56.02 -55.61 27.75
N ASN A 264 -55.22 -54.55 27.64
CA ASN A 264 -55.37 -53.59 26.56
C ASN A 264 -55.19 -54.26 25.22
N PHE A 265 -54.33 -55.26 25.13
CA PHE A 265 -54.07 -55.91 23.87
C PHE A 265 -55.33 -56.53 23.30
N GLU A 266 -56.32 -56.83 24.14
CA GLU A 266 -57.47 -57.61 23.68
C GLU A 266 -58.17 -56.92 22.52
N GLU A 267 -58.51 -55.64 22.68
CA GLU A 267 -59.19 -54.95 21.59
C GLU A 267 -58.31 -54.93 20.35
N GLU A 268 -57.02 -54.62 20.53
CA GLU A 268 -56.15 -54.45 19.37
C GLU A 268 -55.99 -55.75 18.61
N ILE A 269 -55.76 -56.84 19.34
CA ILE A 269 -55.56 -58.13 18.70
C ILE A 269 -56.81 -58.53 17.94
N ARG A 270 -57.97 -58.27 18.54
CA ARG A 270 -59.24 -58.51 17.84
C ARG A 270 -59.37 -57.60 16.63
N ARG A 271 -58.90 -56.36 16.75
CA ARG A 271 -59.08 -55.39 15.69
C ARG A 271 -58.26 -55.74 14.45
N MET A 272 -56.97 -56.04 14.63
CA MET A 272 -56.11 -56.23 13.46
C MET A 272 -56.23 -57.63 12.84
N PHE A 273 -56.79 -58.60 13.55
CA PHE A 273 -56.90 -59.95 13.02
C PHE A 273 -58.31 -60.33 12.64
N GLU A 274 -59.11 -59.35 12.29
CA GLU A 274 -60.46 -59.63 11.85
C GLU A 274 -60.39 -60.53 10.60
N PRO A 275 -61.12 -61.64 10.57
CA PRO A 275 -61.07 -62.54 9.42
C PRO A 275 -61.89 -62.00 8.25
N GLY A 276 -61.63 -62.56 7.07
CA GLY A 276 -62.26 -62.15 5.84
C GLY A 276 -61.53 -61.09 5.05
N GLN A 277 -60.56 -60.41 5.64
CA GLN A 277 -59.67 -59.55 4.88
C GLN A 277 -58.56 -60.43 4.36
N GLU A 278 -58.28 -60.31 3.06
CA GLU A 278 -57.27 -61.15 2.42
C GLU A 278 -55.86 -60.71 2.86
N THR A 279 -55.66 -60.74 4.17
CA THR A 279 -54.36 -60.38 4.75
C THR A 279 -53.26 -61.28 4.23
N ALA A 280 -53.57 -62.58 4.11
CA ALA A 280 -52.63 -63.58 3.63
C ALA A 280 -52.47 -63.64 2.10
N VAL A 281 -53.48 -63.22 1.34
CA VAL A 281 -53.46 -63.41 -0.12
C VAL A 281 -52.31 -62.59 -0.73
N PRO A 282 -51.54 -63.16 -1.67
CA PRO A 282 -50.37 -62.44 -2.18
C PRO A 282 -50.68 -61.18 -2.98
N HIS A 283 -51.60 -61.21 -3.94
CA HIS A 283 -51.79 -59.94 -4.64
C HIS A 283 -53.24 -59.51 -4.56
N SER A 284 -53.73 -59.28 -3.35
CA SER A 284 -55.14 -58.98 -3.21
C SER A 284 -55.34 -57.48 -3.13
N TYR A 285 -56.60 -57.08 -3.13
CA TYR A 285 -56.82 -55.66 -2.99
C TYR A 285 -56.29 -55.14 -1.65
N PHE A 286 -56.16 -56.02 -0.65
CA PHE A 286 -55.76 -55.57 0.66
C PHE A 286 -54.45 -54.79 0.62
N ILE A 287 -53.48 -55.28 -0.16
CA ILE A 287 -52.13 -54.72 -0.15
C ILE A 287 -52.14 -53.23 -0.46
N HIS A 288 -53.15 -52.77 -1.23
CA HIS A 288 -53.32 -51.37 -1.55
C HIS A 288 -54.67 -50.79 -1.11
N PHE A 289 -55.36 -51.41 -0.14
CA PHE A 289 -56.75 -51.00 0.13
C PHE A 289 -56.83 -49.54 0.54
N ARG A 290 -55.86 -49.04 1.31
CA ARG A 290 -55.94 -47.65 1.73
C ARG A 290 -55.79 -46.71 0.54
N SER A 291 -54.87 -47.01 -0.37
CA SER A 291 -54.69 -46.13 -1.53
C SER A 291 -55.96 -46.08 -2.37
N LEU A 292 -56.54 -47.24 -2.70
CA LEU A 292 -57.78 -47.30 -3.46
C LEU A 292 -58.94 -46.92 -2.54
N GLY A 293 -60.18 -47.29 -2.93
CA GLY A 293 -61.34 -47.06 -2.08
C GLY A 293 -61.53 -48.00 -0.92
N LEU A 294 -62.77 -48.43 -0.67
CA LEU A 294 -63.17 -49.34 0.43
C LEU A 294 -62.28 -49.33 1.68
N SER A 295 -61.77 -48.20 2.09
CA SER A 295 -60.82 -48.16 3.19
C SER A 295 -61.33 -47.51 4.46
N GLY A 296 -61.73 -46.23 4.38
CA GLY A 296 -62.05 -45.48 5.58
C GLY A 296 -60.75 -45.22 6.33
N LYS A 297 -60.82 -45.21 7.66
CA LYS A 297 -59.63 -45.17 8.48
C LYS A 297 -59.17 -46.61 8.65
N SER A 298 -57.87 -46.83 8.55
CA SER A 298 -57.41 -48.21 8.58
C SER A 298 -57.34 -48.71 10.01
N PRO A 299 -57.92 -49.87 10.31
CA PRO A 299 -57.77 -50.48 11.63
C PRO A 299 -56.42 -51.13 11.86
N TYR A 300 -55.50 -51.06 10.90
CA TYR A 300 -54.18 -51.65 11.02
C TYR A 300 -53.07 -50.63 11.26
N SER A 301 -53.43 -49.35 11.41
CA SER A 301 -52.44 -48.31 11.59
C SER A 301 -51.76 -48.43 12.94
N SER A 302 -50.57 -47.82 13.06
CA SER A 302 -49.83 -47.91 14.30
C SER A 302 -50.64 -47.33 15.45
N ASN A 303 -51.53 -46.38 15.16
CA ASN A 303 -52.40 -45.87 16.22
C ASN A 303 -53.52 -46.83 16.54
N ALA A 304 -54.10 -47.46 15.51
CA ALA A 304 -55.23 -48.36 15.73
C ALA A 304 -54.82 -49.51 16.63
N VAL A 305 -53.58 -49.94 16.57
CA VAL A 305 -53.11 -51.02 17.42
C VAL A 305 -51.97 -50.48 18.29
N GLY A 306 -52.18 -49.31 18.92
CA GLY A 306 -51.08 -48.60 19.55
C GLY A 306 -50.32 -49.41 20.60
N HIS A 307 -51.04 -50.12 21.48
CA HIS A 307 -50.36 -50.89 22.54
C HIS A 307 -49.48 -51.98 21.95
N VAL A 308 -49.99 -52.70 20.96
CA VAL A 308 -49.23 -53.74 20.30
C VAL A 308 -48.01 -53.13 19.60
N PHE A 309 -48.21 -51.98 18.95
CA PHE A 309 -47.11 -51.30 18.28
C PHE A 309 -46.05 -50.92 19.31
N ASN A 310 -46.48 -50.29 20.41
CA ASN A 310 -45.52 -49.87 21.43
C ASN A 310 -44.74 -51.06 21.98
N LEU A 311 -45.43 -52.15 22.32
CA LEU A 311 -44.71 -53.29 22.86
C LEU A 311 -43.70 -53.80 21.85
N ILE A 312 -44.10 -53.88 20.57
CA ILE A 312 -43.21 -54.47 19.57
C ILE A 312 -41.91 -53.69 19.49
N HIS A 313 -42.01 -52.36 19.41
CA HIS A 313 -40.81 -51.57 19.23
C HIS A 313 -40.02 -51.38 20.51
N PHE A 314 -40.68 -51.33 21.67
CA PHE A 314 -39.91 -51.30 22.89
C PHE A 314 -39.06 -52.54 22.97
N VAL A 315 -39.61 -53.69 22.58
CA VAL A 315 -38.79 -54.89 22.55
C VAL A 315 -37.70 -54.74 21.50
N GLY A 316 -38.04 -54.17 20.35
CA GLY A 316 -37.02 -53.90 19.36
C GLY A 316 -35.95 -52.97 19.88
N CYS A 317 -36.34 -51.91 20.58
CA CYS A 317 -35.30 -51.07 21.18
C CYS A 317 -34.45 -51.87 22.15
N TYR A 318 -35.05 -52.75 22.93
CA TYR A 318 -34.24 -53.53 23.86
C TYR A 318 -33.19 -54.35 23.14
N MET A 319 -33.51 -54.85 21.95
CA MET A 319 -32.58 -55.65 21.18
C MET A 319 -31.73 -54.84 20.21
N GLY A 320 -31.82 -53.53 20.26
CA GLY A 320 -31.01 -52.67 19.42
C GLY A 320 -31.49 -52.53 17.99
N GLN A 321 -32.75 -52.82 17.70
CA GLN A 321 -33.22 -52.69 16.33
C GLN A 321 -33.28 -51.21 15.96
N VAL A 322 -32.54 -50.82 14.91
CA VAL A 322 -32.56 -49.41 14.57
C VAL A 322 -33.93 -48.95 14.13
N ARG A 323 -34.67 -49.79 13.41
CA ARG A 323 -36.01 -49.41 12.97
C ARG A 323 -36.90 -49.01 14.13
N SER A 324 -36.84 -49.78 15.20
CA SER A 324 -37.65 -49.52 16.39
C SER A 324 -37.17 -48.27 17.12
N LEU A 325 -35.85 -48.07 17.17
CA LEU A 325 -35.33 -46.89 17.83
C LEU A 325 -35.91 -45.64 17.19
N ASN A 326 -36.08 -45.65 15.86
CA ASN A 326 -36.52 -44.49 15.09
C ASN A 326 -38.02 -44.46 14.80
N ALA A 327 -38.78 -45.47 15.21
CA ALA A 327 -40.24 -45.42 15.04
C ALA A 327 -40.81 -44.42 16.02
N THR A 328 -41.92 -43.79 15.64
CA THR A 328 -42.51 -42.81 16.53
C THR A 328 -43.51 -43.48 17.46
N VAL A 329 -43.33 -43.27 18.77
CA VAL A 329 -44.15 -43.94 19.77
C VAL A 329 -45.54 -43.32 19.77
N ILE A 330 -46.55 -44.17 19.98
CA ILE A 330 -47.92 -43.72 20.13
C ILE A 330 -48.09 -43.34 21.59
N ALA A 331 -48.05 -42.04 21.90
CA ALA A 331 -48.02 -41.62 23.29
C ALA A 331 -49.30 -41.97 24.02
N ALA A 332 -50.42 -42.01 23.31
CA ALA A 332 -51.68 -42.25 23.98
C ALA A 332 -51.71 -43.65 24.60
N CYS A 333 -51.20 -44.66 23.90
CA CYS A 333 -51.38 -46.05 24.30
C CYS A 333 -50.30 -46.49 25.29
N ALA A 334 -50.42 -45.94 26.50
CA ALA A 334 -49.74 -46.38 27.72
C ALA A 334 -48.30 -46.85 27.46
N PRO A 335 -47.45 -45.97 26.95
CA PRO A 335 -46.09 -46.40 26.58
C PRO A 335 -45.28 -46.85 27.77
N HIS A 336 -45.51 -46.26 28.95
CA HIS A 336 -44.70 -46.65 30.09
C HIS A 336 -44.96 -48.10 30.47
N GLU A 337 -46.24 -48.47 30.59
CA GLU A 337 -46.53 -49.86 30.92
C GLU A 337 -46.01 -50.75 29.81
N MET A 338 -46.21 -50.34 28.56
CA MET A 338 -45.71 -51.10 27.42
C MET A 338 -44.18 -51.24 27.46
N SER A 339 -43.46 -50.20 27.86
CA SER A 339 -42.01 -50.32 27.96
C SER A 339 -41.60 -51.35 29.02
N VAL A 340 -42.35 -51.43 30.13
CA VAL A 340 -42.04 -52.38 31.20
C VAL A 340 -42.15 -53.82 30.71
N LEU A 341 -43.28 -54.13 30.05
CA LEU A 341 -43.45 -55.45 29.47
C LEU A 341 -42.43 -55.72 28.39
N GLY A 342 -42.09 -54.68 27.62
CA GLY A 342 -41.12 -54.85 26.57
C GLY A 342 -39.73 -55.14 27.10
N GLY A 343 -39.39 -54.54 28.23
CA GLY A 343 -38.13 -54.84 28.88
C GLY A 343 -38.02 -56.29 29.31
N TYR A 344 -39.11 -56.82 29.87
CA TYR A 344 -39.12 -58.23 30.23
C TYR A 344 -39.07 -59.10 28.99
N LEU A 345 -39.89 -58.78 27.98
CA LEU A 345 -39.90 -59.59 26.77
C LEU A 345 -38.56 -59.52 26.04
N GLY A 346 -37.98 -58.32 25.94
CA GLY A 346 -36.66 -58.19 25.36
C GLY A 346 -35.61 -58.91 26.17
N GLU A 347 -35.73 -58.88 27.49
CA GLU A 347 -34.78 -59.64 28.31
C GLU A 347 -34.83 -61.11 27.91
N GLU A 348 -36.03 -61.64 27.70
CA GLU A 348 -36.18 -63.04 27.34
C GLU A 348 -35.57 -63.36 25.98
N PHE A 349 -35.75 -62.46 25.01
CA PHE A 349 -35.36 -62.74 23.64
C PHE A 349 -33.99 -62.21 23.25
N PHE A 350 -33.34 -61.39 24.07
CA PHE A 350 -32.07 -60.78 23.70
C PHE A 350 -30.92 -61.70 24.07
N GLY A 351 -30.13 -62.09 23.08
CA GLY A 351 -29.00 -62.94 23.36
C GLY A 351 -29.33 -64.39 23.60
N LYS A 352 -30.54 -64.83 23.26
CA LYS A 352 -30.94 -66.19 23.52
C LYS A 352 -31.59 -66.79 22.29
N GLY A 353 -31.34 -68.07 22.08
CA GLY A 353 -31.94 -68.76 20.97
C GLY A 353 -32.39 -70.15 21.37
N THR A 354 -33.37 -70.63 20.66
CA THR A 354 -33.88 -71.96 20.81
C THR A 354 -33.18 -72.81 19.76
N PHE A 355 -32.22 -73.63 20.19
CA PHE A 355 -31.39 -74.38 19.24
C PHE A 355 -31.61 -75.88 19.39
N GLU A 356 -31.69 -76.56 18.25
CA GLU A 356 -31.86 -78.00 18.20
C GLU A 356 -31.09 -78.60 17.03
N ARG A 357 -30.57 -79.81 17.25
CA ARG A 357 -29.90 -80.53 16.18
C ARG A 357 -30.92 -80.94 15.14
N ARG A 358 -30.64 -80.64 13.88
CA ARG A 358 -31.52 -81.04 12.80
C ARG A 358 -30.84 -81.80 11.70
N PHE A 359 -29.52 -81.75 11.61
CA PHE A 359 -28.78 -82.38 10.54
C PHE A 359 -27.81 -83.40 11.11
N PHE A 360 -27.86 -84.61 10.55
CA PHE A 360 -27.09 -85.72 11.05
C PHE A 360 -26.50 -86.49 9.86
N ARG A 361 -25.41 -87.23 10.13
CA ARG A 361 -24.73 -87.99 9.08
C ARG A 361 -25.57 -89.16 8.59
N ASP A 362 -26.24 -89.87 9.50
CA ASP A 362 -27.03 -91.06 9.20
C ASP A 362 -28.33 -91.03 9.99
N GLU A 363 -29.33 -91.79 9.51
CA GLU A 363 -30.62 -91.87 10.19
C GLU A 363 -30.48 -92.40 11.62
N LYS A 364 -29.54 -93.33 11.83
CA LYS A 364 -29.29 -93.89 13.16
C LYS A 364 -28.84 -92.81 14.14
N GLU A 365 -28.01 -91.87 13.69
CA GLU A 365 -27.58 -90.77 14.54
C GLU A 365 -28.77 -89.90 14.93
N LEU A 366 -29.73 -89.75 14.00
CA LEU A 366 -30.95 -88.97 14.26
C LEU A 366 -31.81 -89.62 15.35
N GLN A 367 -31.98 -90.95 15.27
CA GLN A 367 -32.75 -91.69 16.26
C GLN A 367 -32.07 -91.63 17.63
N GLU A 368 -30.73 -91.70 17.65
CA GLU A 368 -29.99 -91.67 18.90
C GLU A 368 -30.15 -90.33 19.62
N TYR A 369 -30.11 -89.23 18.85
CA TYR A 369 -30.32 -87.89 19.40
C TYR A 369 -31.77 -87.65 19.83
N GLU A 370 -32.74 -88.27 19.14
CA GLU A 370 -34.13 -88.10 19.55
C GLU A 370 -34.39 -88.82 20.86
N ALA A 371 -33.64 -89.90 21.09
CA ALA A 371 -33.76 -90.77 22.27
C ALA A 371 -33.21 -90.15 23.56
N ALA A 372 -32.05 -89.49 23.52
CA ALA A 372 -31.52 -88.88 24.77
C ALA A 372 -31.86 -87.38 24.86
N GLU A 398 -33.67 -69.78 31.32
CA GLU A 398 -33.27 -71.14 30.95
C GLU A 398 -34.32 -71.75 30.02
N THR A 399 -35.57 -71.78 30.48
CA THR A 399 -36.71 -72.25 29.70
C THR A 399 -37.49 -71.06 29.16
N ARG A 400 -37.75 -71.06 27.86
CA ARG A 400 -38.48 -69.98 27.20
C ARG A 400 -39.95 -70.35 27.07
N SER A 401 -40.81 -69.71 27.84
CA SER A 401 -42.22 -70.00 27.72
C SER A 401 -43.00 -68.78 28.18
N PRO A 402 -44.21 -68.57 27.66
CA PRO A 402 -45.03 -67.48 28.20
C PRO A 402 -45.19 -67.60 29.70
N GLU A 403 -45.43 -68.81 30.20
CA GLU A 403 -45.63 -69.02 31.63
C GLU A 403 -44.41 -68.61 32.43
N ALA A 404 -43.21 -68.97 31.96
CA ALA A 404 -42.00 -68.62 32.69
C ALA A 404 -41.81 -67.12 32.75
N VAL A 405 -42.03 -66.43 31.62
CA VAL A 405 -41.87 -64.98 31.61
C VAL A 405 -42.89 -64.31 32.50
N TYR A 406 -44.14 -64.77 32.46
CA TYR A 406 -45.15 -64.16 33.31
C TYR A 406 -44.80 -64.33 34.79
N THR A 407 -44.34 -65.53 35.18
CA THR A 407 -43.97 -65.72 36.59
C THR A 407 -42.78 -64.84 36.95
N ARG A 408 -41.82 -64.68 36.04
CA ARG A 408 -40.69 -63.80 36.30
C ARG A 408 -41.17 -62.39 36.56
N ILE A 409 -42.14 -61.91 35.76
CA ILE A 409 -42.67 -60.57 35.96
C ILE A 409 -43.33 -60.47 37.31
N MET A 410 -44.15 -61.47 37.65
CA MET A 410 -44.88 -61.44 38.91
C MET A 410 -43.93 -61.44 40.09
N MET A 411 -42.82 -62.18 39.98
CA MET A 411 -41.88 -62.20 41.09
C MET A 411 -41.35 -60.82 41.38
N ASN A 412 -41.11 -60.02 40.35
CA ASN A 412 -40.64 -58.65 40.57
C ASN A 412 -41.79 -57.65 40.69
N GLY A 413 -43.01 -58.14 40.92
CA GLY A 413 -44.13 -57.24 41.16
C GLY A 413 -44.50 -56.39 39.98
N GLY A 414 -44.23 -56.85 38.75
CA GLY A 414 -44.52 -56.04 37.59
C GLY A 414 -43.67 -54.79 37.49
N ARG A 415 -42.48 -54.82 38.08
CA ARG A 415 -41.55 -53.71 38.11
C ARG A 415 -40.29 -54.04 37.31
N LEU A 416 -39.78 -53.06 36.57
CA LEU A 416 -38.59 -53.29 35.76
C LEU A 416 -37.40 -53.64 36.64
N LYS A 417 -36.59 -54.59 36.17
CA LYS A 417 -35.31 -54.95 36.78
C LYS A 417 -34.28 -53.88 36.49
N ARG A 418 -33.25 -53.81 37.34
CA ARG A 418 -32.19 -52.82 37.14
C ARG A 418 -31.51 -53.04 35.81
N SER A 419 -31.26 -54.31 35.46
CA SER A 419 -30.62 -54.64 34.19
C SER A 419 -31.46 -54.16 33.03
N HIS A 420 -32.78 -54.31 33.14
CA HIS A 420 -33.66 -53.77 32.11
C HIS A 420 -33.42 -52.30 31.92
N ILE A 421 -33.35 -51.55 33.03
CA ILE A 421 -33.18 -50.11 32.83
C ILE A 421 -31.82 -49.81 32.23
N ARG A 422 -30.77 -50.46 32.73
CA ARG A 422 -29.41 -50.26 32.20
C ARG A 422 -29.36 -50.53 30.70
N ARG A 423 -29.94 -51.64 30.25
CA ARG A 423 -29.94 -51.96 28.82
C ARG A 423 -30.67 -50.87 28.03
N TYR A 424 -31.88 -50.50 28.47
CA TYR A 424 -32.65 -49.46 27.80
C TYR A 424 -31.88 -48.16 27.69
N VAL A 425 -31.19 -47.78 28.77
CA VAL A 425 -30.43 -46.54 28.72
C VAL A 425 -29.26 -46.68 27.76
N SER A 426 -28.57 -47.82 27.82
CA SER A 426 -27.41 -48.02 26.97
C SER A 426 -27.79 -47.92 25.50
N VAL A 427 -28.91 -48.52 25.14
CA VAL A 427 -29.35 -48.48 23.75
C VAL A 427 -29.76 -47.07 23.36
N SER A 428 -30.52 -46.40 24.22
CA SER A 428 -31.05 -45.10 23.86
C SER A 428 -29.96 -44.06 23.76
N SER A 429 -29.03 -44.07 24.69
CA SER A 429 -28.03 -43.03 24.73
C SER A 429 -27.08 -43.10 23.53
N ASN A 430 -26.65 -44.32 23.17
CA ASN A 430 -25.72 -44.53 22.06
C ASN A 430 -26.50 -44.60 20.74
N HIS A 431 -27.38 -43.61 20.56
CA HIS A 431 -28.17 -43.52 19.35
C HIS A 431 -28.58 -42.07 19.17
N GLN A 432 -28.67 -41.67 17.91
CA GLN A 432 -29.09 -40.31 17.55
C GLN A 432 -30.61 -40.31 17.68
N ALA A 433 -31.07 -39.90 18.86
CA ALA A 433 -32.49 -39.95 19.18
C ALA A 433 -33.29 -39.04 18.26
N ARG A 434 -34.25 -39.61 17.54
CA ARG A 434 -35.10 -38.80 16.67
C ARG A 434 -36.21 -38.13 17.49
N PRO A 435 -36.87 -37.08 16.91
CA PRO A 435 -37.78 -36.24 17.71
C PRO A 435 -38.73 -36.95 18.65
N ASN A 436 -39.66 -37.73 18.14
CA ASN A 436 -40.62 -38.39 19.02
C ASN A 436 -40.41 -39.89 19.05
N SER A 437 -39.16 -40.29 18.88
CA SER A 437 -38.93 -41.71 18.72
C SER A 437 -39.00 -42.44 20.05
N PHE A 438 -39.05 -43.77 19.91
CA PHE A 438 -38.91 -44.65 21.04
C PHE A 438 -37.58 -44.41 21.73
N ALA A 439 -36.54 -44.11 20.94
CA ALA A 439 -35.25 -43.77 21.52
C ALA A 439 -35.36 -42.53 22.38
N GLU A 440 -36.01 -41.49 21.87
CA GLU A 440 -36.16 -40.30 22.66
C GLU A 440 -36.94 -40.59 23.92
N PHE A 441 -38.02 -41.37 23.80
CA PHE A 441 -38.81 -41.74 24.98
C PHE A 441 -37.94 -42.50 25.99
N LEU A 442 -37.13 -43.45 25.52
CA LEU A 442 -36.31 -44.21 26.45
C LEU A 442 -35.30 -43.33 27.16
N ASN A 443 -34.69 -42.40 26.43
CA ASN A 443 -33.71 -41.52 27.07
C ASN A 443 -34.36 -40.64 28.12
N LYS A 444 -35.48 -40.00 27.75
CA LYS A 444 -36.15 -39.07 28.65
C LYS A 444 -36.70 -39.79 29.87
N THR A 445 -37.16 -41.02 29.71
CA THR A 445 -37.83 -41.72 30.80
C THR A 445 -36.85 -42.31 31.79
N TYR A 446 -35.88 -43.07 31.31
CA TYR A 446 -34.93 -43.79 32.15
C TYR A 446 -33.53 -43.22 31.98
N SER A 447 -33.03 -42.52 33.00
CA SER A 447 -31.68 -42.00 32.91
C SER A 447 -30.88 -42.25 34.18
N SER A 448 -30.29 -41.17 34.71
CA SER A 448 -29.52 -41.12 35.97
C SER A 448 -30.18 -41.89 37.11
N LYS B 5 -54.99 -76.05 18.34
CA LYS B 5 -54.84 -75.76 16.95
C LYS B 5 -53.80 -74.65 16.76
N ILE B 6 -53.81 -74.02 15.59
CA ILE B 6 -52.97 -72.87 15.30
C ILE B 6 -53.67 -71.55 15.65
N VAL B 7 -54.65 -71.60 16.53
CA VAL B 7 -55.49 -70.45 16.86
C VAL B 7 -55.33 -70.14 18.34
N PHE B 8 -55.33 -68.86 18.70
CA PHE B 8 -55.24 -68.40 20.09
C PHE B 8 -56.62 -67.91 20.52
N LYS B 9 -56.92 -68.00 21.80
CA LYS B 9 -58.22 -67.59 22.29
C LYS B 9 -58.19 -66.64 23.48
N VAL B 10 -58.94 -65.55 23.31
CA VAL B 10 -59.04 -64.37 24.17
C VAL B 10 -60.42 -64.41 24.82
N ASN B 11 -60.55 -63.81 26.00
CA ASN B 11 -61.83 -63.78 26.72
C ASN B 11 -62.35 -62.35 26.69
N ASN B 12 -63.42 -62.12 25.92
CA ASN B 12 -64.17 -60.86 25.89
C ASN B 12 -65.62 -61.11 26.37
N GLN B 13 -65.85 -60.99 27.68
CA GLN B 13 -67.10 -61.29 28.41
C GLN B 13 -67.52 -62.75 28.26
N VAL B 14 -67.44 -63.28 27.04
CA VAL B 14 -67.61 -64.70 26.74
C VAL B 14 -66.33 -65.09 26.02
N VAL B 15 -66.10 -66.41 25.93
CA VAL B 15 -64.84 -66.89 25.36
C VAL B 15 -64.86 -66.71 23.84
N SER B 16 -63.77 -66.16 23.30
CA SER B 16 -63.69 -65.87 21.88
C SER B 16 -62.44 -66.46 21.26
N LEU B 17 -62.60 -67.12 20.12
CA LEU B 17 -61.51 -67.75 19.38
C LEU B 17 -61.28 -67.00 18.08
N LYS B 18 -60.05 -66.52 17.89
CA LYS B 18 -59.70 -65.76 16.69
C LYS B 18 -58.44 -66.33 16.03
N PRO B 19 -58.46 -66.59 14.73
CA PRO B 19 -57.24 -66.98 14.02
C PRO B 19 -56.42 -65.77 13.59
N GLU B 20 -55.11 -65.86 13.75
CA GLU B 20 -54.22 -64.78 13.36
C GLU B 20 -53.76 -65.04 11.92
N ILE B 21 -53.85 -64.04 11.04
CA ILE B 21 -53.49 -64.20 9.62
C ILE B 21 -52.35 -63.24 9.29
N ILE B 22 -51.27 -63.78 8.69
CA ILE B 22 -50.10 -63.01 8.26
C ILE B 22 -49.66 -63.53 6.89
N VAL B 23 -49.00 -62.69 6.08
CA VAL B 23 -48.64 -63.06 4.70
C VAL B 23 -47.20 -63.57 4.65
N ASP B 24 -47.01 -64.82 4.15
CA ASP B 24 -45.66 -65.41 3.95
C ASP B 24 -45.71 -66.46 2.82
N GLN B 25 -45.72 -66.01 1.57
CA GLN B 25 -45.75 -66.91 0.43
C GLN B 25 -44.69 -66.47 -0.57
N HIS B 26 -43.92 -67.44 -1.09
CA HIS B 26 -42.87 -67.13 -2.07
C HIS B 26 -42.44 -68.41 -2.78
N GLU B 27 -42.17 -68.29 -4.09
CA GLU B 27 -41.70 -69.41 -4.93
C GLU B 27 -40.31 -69.12 -5.48
N TYR B 28 -39.54 -70.19 -5.75
CA TYR B 28 -38.20 -70.11 -6.31
C TYR B 28 -38.03 -71.14 -7.41
N LYS B 29 -37.50 -70.71 -8.55
CA LYS B 29 -37.27 -71.56 -9.71
C LYS B 29 -35.78 -71.92 -9.86
N TYR B 30 -35.50 -73.14 -10.17
CA TYR B 30 -34.10 -73.53 -10.31
C TYR B 30 -33.68 -73.53 -11.78
N PRO B 31 -32.35 -73.39 -12.05
CA PRO B 31 -31.83 -73.37 -13.43
C PRO B 31 -31.46 -74.73 -13.99
N ALA B 32 -32.10 -75.17 -15.05
CA ALA B 32 -31.70 -76.46 -15.57
C ALA B 32 -32.04 -76.50 -17.04
N ILE B 33 -31.16 -77.07 -17.84
CA ILE B 33 -31.52 -77.11 -19.25
C ILE B 33 -32.07 -78.50 -19.52
N LYS B 34 -33.41 -78.60 -19.42
CA LYS B 34 -34.14 -79.84 -19.67
C LYS B 34 -34.39 -80.05 -21.18
N ASP B 35 -34.80 -78.98 -21.90
CA ASP B 35 -35.08 -79.02 -23.34
C ASP B 35 -33.83 -79.29 -24.17
N LEU B 36 -32.65 -79.21 -23.56
CA LEU B 36 -31.36 -79.41 -24.24
C LEU B 36 -31.14 -78.37 -25.31
N LYS B 37 -31.70 -77.18 -25.11
CA LYS B 37 -31.59 -76.06 -26.03
C LYS B 37 -30.70 -74.98 -25.41
N LYS B 38 -29.69 -74.55 -26.16
CA LYS B 38 -28.77 -73.53 -25.71
C LYS B 38 -29.51 -72.21 -25.51
N PRO B 39 -29.08 -71.38 -24.56
CA PRO B 39 -29.80 -70.12 -24.30
C PRO B 39 -29.90 -69.26 -25.56
N CYS B 40 -31.07 -68.64 -25.80
CA CYS B 40 -31.28 -67.86 -27.03
C CYS B 40 -31.90 -66.50 -26.73
N ILE B 41 -31.47 -65.47 -27.48
CA ILE B 41 -32.06 -64.12 -27.47
C ILE B 41 -32.30 -63.67 -28.90
N THR B 42 -33.35 -62.84 -29.06
CA THR B 42 -33.71 -62.24 -30.36
C THR B 42 -33.17 -60.81 -30.42
N LEU B 43 -32.33 -60.54 -31.42
CA LEU B 43 -31.67 -59.26 -31.69
C LEU B 43 -32.11 -58.77 -33.06
N GLY B 44 -31.57 -57.63 -33.49
CA GLY B 44 -31.94 -57.05 -34.77
C GLY B 44 -31.21 -57.72 -35.92
N LYS B 45 -31.34 -57.09 -37.10
CA LYS B 45 -30.71 -57.63 -38.31
C LYS B 45 -29.19 -57.54 -38.25
N ALA B 46 -28.53 -58.52 -38.86
CA ALA B 46 -27.08 -58.61 -38.81
C ALA B 46 -26.45 -57.32 -39.33
N PRO B 47 -25.52 -56.71 -38.61
CA PRO B 47 -24.90 -55.46 -39.06
C PRO B 47 -23.66 -55.64 -39.93
N ASP B 48 -23.34 -54.57 -40.66
CA ASP B 48 -22.04 -54.46 -41.31
C ASP B 48 -21.01 -54.16 -40.24
N LEU B 49 -20.09 -55.11 -40.03
CA LEU B 49 -19.12 -55.00 -38.94
C LEU B 49 -18.44 -53.64 -38.92
N ASN B 50 -17.78 -53.27 -40.02
CA ASN B 50 -17.07 -51.99 -40.04
C ASN B 50 -17.98 -50.81 -39.75
N LYS B 51 -19.19 -50.79 -40.34
CA LYS B 51 -20.07 -49.66 -40.11
C LYS B 51 -20.59 -49.64 -38.68
N ALA B 52 -20.92 -50.83 -38.15
CA ALA B 52 -21.41 -50.92 -36.77
C ALA B 52 -20.33 -50.48 -35.79
N TYR B 53 -19.07 -50.88 -36.05
CA TYR B 53 -17.96 -50.49 -35.17
C TYR B 53 -17.84 -48.97 -35.08
N LYS B 54 -17.94 -48.30 -36.23
CA LYS B 54 -17.83 -46.84 -36.30
C LYS B 54 -18.98 -46.14 -35.60
N SER B 55 -20.19 -46.69 -35.71
CA SER B 55 -21.34 -46.08 -35.07
C SER B 55 -21.23 -46.14 -33.55
N VAL B 56 -20.91 -47.33 -33.03
CA VAL B 56 -20.87 -47.49 -31.58
C VAL B 56 -19.68 -46.73 -31.00
N LEU B 57 -18.55 -46.70 -31.72
CA LEU B 57 -17.42 -45.91 -31.29
C LEU B 57 -17.77 -44.45 -31.17
N SER B 58 -18.55 -43.94 -32.12
CA SER B 58 -19.07 -42.59 -32.00
C SER B 58 -20.01 -42.48 -30.80
N GLY B 59 -20.89 -43.47 -30.65
CA GLY B 59 -21.81 -43.44 -29.53
C GLY B 59 -21.08 -43.40 -28.21
N MET B 60 -19.99 -44.15 -28.13
CA MET B 60 -19.17 -44.17 -26.94
C MET B 60 -18.62 -42.81 -26.59
N SER B 61 -17.91 -42.21 -27.53
CA SER B 61 -17.34 -40.91 -27.20
C SER B 61 -18.46 -39.93 -26.92
N ALA B 62 -19.59 -40.10 -27.60
CA ALA B 62 -20.67 -39.15 -27.44
C ALA B 62 -21.49 -39.36 -26.19
N ALA B 63 -21.20 -40.43 -25.43
CA ALA B 63 -21.97 -40.77 -24.26
C ALA B 63 -23.43 -41.00 -24.58
N LYS B 64 -23.74 -41.27 -25.87
CA LYS B 64 -25.08 -41.65 -26.29
C LYS B 64 -24.97 -42.97 -27.05
N LEU B 65 -25.59 -44.03 -26.49
CA LEU B 65 -25.53 -45.37 -27.05
C LEU B 65 -26.92 -45.96 -27.11
N ASP B 66 -27.19 -46.73 -28.18
CA ASP B 66 -28.47 -47.39 -28.37
C ASP B 66 -28.33 -48.82 -27.91
N PRO B 67 -29.11 -49.25 -26.90
CA PRO B 67 -28.92 -50.60 -26.35
C PRO B 67 -29.08 -51.69 -27.38
N ASP B 68 -30.11 -51.61 -28.24
CA ASP B 68 -30.33 -52.66 -29.23
C ASP B 68 -29.17 -52.76 -30.20
N ASP B 69 -28.66 -51.61 -30.66
CA ASP B 69 -27.55 -51.60 -31.60
C ASP B 69 -26.28 -52.17 -30.94
N VAL B 70 -26.02 -51.75 -29.70
CA VAL B 70 -24.82 -52.22 -29.01
C VAL B 70 -24.85 -53.74 -28.93
N CYS B 71 -26.02 -54.29 -28.58
CA CYS B 71 -26.16 -55.75 -28.47
C CYS B 71 -25.92 -56.44 -29.79
N SER B 72 -26.44 -55.89 -30.88
CA SER B 72 -26.26 -56.51 -32.18
C SER B 72 -24.79 -56.53 -32.55
N TYR B 73 -24.07 -55.46 -32.21
CA TYR B 73 -22.64 -55.41 -32.51
C TYR B 73 -21.88 -56.47 -31.71
N LEU B 74 -22.21 -56.60 -30.43
CA LEU B 74 -21.52 -57.58 -29.58
C LEU B 74 -21.76 -58.99 -30.10
N ALA B 75 -22.98 -59.30 -30.52
CA ALA B 75 -23.28 -60.62 -31.04
C ALA B 75 -22.52 -60.88 -32.34
N ALA B 76 -22.42 -59.86 -33.21
CA ALA B 76 -21.66 -59.98 -34.45
C ALA B 76 -20.16 -60.16 -34.19
N ALA B 77 -19.64 -59.50 -33.16
CA ALA B 77 -18.23 -59.60 -32.81
C ALA B 77 -17.82 -60.97 -32.28
N MET B 78 -18.79 -61.83 -31.91
CA MET B 78 -18.47 -63.15 -31.35
C MET B 78 -17.68 -63.98 -32.34
N GLN B 79 -17.89 -63.75 -33.64
CA GLN B 79 -17.16 -64.51 -34.64
C GLN B 79 -15.66 -64.20 -34.58
N PHE B 80 -15.29 -62.97 -34.23
CA PHE B 80 -13.87 -62.61 -34.21
C PHE B 80 -13.07 -63.46 -33.22
N PHE B 81 -13.64 -63.76 -32.05
CA PHE B 81 -12.90 -64.46 -31.00
C PHE B 81 -13.03 -65.97 -31.21
N GLU B 82 -11.89 -66.63 -31.49
CA GLU B 82 -11.90 -68.06 -31.76
C GLU B 82 -10.77 -68.72 -31.01
N GLY B 83 -11.05 -69.91 -30.47
CA GLY B 83 -10.04 -70.67 -29.75
C GLY B 83 -10.35 -72.14 -29.80
N THR B 84 -9.28 -72.94 -29.67
CA THR B 84 -9.41 -74.39 -29.58
C THR B 84 -9.85 -74.83 -28.18
N CYS B 85 -10.72 -75.85 -28.13
CA CYS B 85 -11.29 -76.32 -26.87
C CYS B 85 -10.35 -77.34 -26.22
N PRO B 86 -9.85 -77.11 -24.98
CA PRO B 86 -8.83 -78.03 -24.43
C PRO B 86 -9.34 -79.43 -24.13
N GLU B 87 -10.56 -79.56 -23.59
CA GLU B 87 -11.12 -80.82 -23.15
C GLU B 87 -12.54 -80.87 -23.66
N ASP B 88 -13.14 -82.06 -23.64
CA ASP B 88 -14.54 -82.16 -24.04
C ASP B 88 -15.41 -81.31 -23.13
N TRP B 89 -16.28 -80.49 -23.73
CA TRP B 89 -17.07 -79.50 -22.99
C TRP B 89 -18.56 -79.85 -23.01
N THR B 90 -19.06 -80.41 -21.91
CA THR B 90 -20.48 -80.73 -21.78
C THR B 90 -21.12 -79.92 -20.66
N SER B 91 -22.30 -79.39 -20.93
CA SER B 91 -23.09 -78.60 -19.99
C SER B 91 -24.26 -79.44 -19.51
N TYR B 92 -25.29 -78.77 -18.97
CA TYR B 92 -26.47 -79.46 -18.46
C TYR B 92 -26.82 -80.69 -19.31
N GLY B 93 -26.86 -80.52 -20.62
CA GLY B 93 -27.12 -81.72 -21.39
C GLY B 93 -26.50 -81.59 -22.76
N ILE B 94 -25.84 -80.47 -23.00
CA ILE B 94 -25.31 -80.11 -24.32
C ILE B 94 -23.80 -80.28 -24.37
N VAL B 95 -23.32 -80.84 -25.49
CA VAL B 95 -21.88 -80.96 -25.79
C VAL B 95 -21.55 -79.75 -26.66
N ILE B 96 -21.03 -78.71 -26.00
CA ILE B 96 -20.74 -77.47 -26.69
C ILE B 96 -19.50 -77.61 -27.57
N ALA B 97 -18.57 -78.46 -27.15
CA ALA B 97 -17.32 -78.60 -27.89
C ALA B 97 -16.72 -79.95 -27.56
N ARG B 98 -15.83 -80.38 -28.42
CA ARG B 98 -15.09 -81.62 -28.25
C ARG B 98 -13.64 -81.20 -28.24
N LYS B 99 -12.80 -81.96 -27.53
CA LYS B 99 -11.41 -81.54 -27.40
C LYS B 99 -10.80 -81.38 -28.79
N GLY B 100 -10.13 -80.24 -29.00
CA GLY B 100 -9.57 -79.90 -30.29
C GLY B 100 -10.52 -79.27 -31.28
N ASP B 101 -11.74 -78.88 -30.88
CA ASP B 101 -12.66 -78.17 -31.79
C ASP B 101 -12.46 -76.69 -31.53
N LYS B 102 -12.15 -75.92 -32.59
CA LYS B 102 -12.02 -74.48 -32.36
C LYS B 102 -13.44 -73.94 -32.33
N ILE B 103 -13.71 -73.00 -31.41
CA ILE B 103 -15.05 -72.50 -31.14
C ILE B 103 -15.01 -70.99 -30.97
N THR B 104 -16.18 -70.37 -31.05
CA THR B 104 -16.42 -68.96 -30.79
C THR B 104 -17.38 -68.83 -29.64
N PRO B 105 -17.52 -67.63 -29.07
CA PRO B 105 -18.63 -67.42 -28.14
C PRO B 105 -19.97 -67.71 -28.77
N GLY B 106 -20.15 -67.49 -30.06
CA GLY B 106 -21.43 -67.81 -30.67
C GLY B 106 -21.83 -69.26 -30.51
N SER B 107 -20.83 -70.16 -30.34
CA SER B 107 -21.19 -71.58 -30.28
C SER B 107 -21.88 -71.96 -28.98
N LEU B 108 -21.73 -71.13 -27.92
CA LEU B 108 -22.29 -71.43 -26.60
C LEU B 108 -23.78 -71.13 -26.56
N VAL B 109 -24.22 -70.08 -27.25
CA VAL B 109 -25.63 -69.74 -27.20
C VAL B 109 -26.19 -69.58 -28.61
N GLU B 110 -27.52 -69.63 -28.70
CA GLU B 110 -28.19 -69.43 -29.98
C GLU B 110 -28.57 -67.94 -30.09
N ILE B 111 -28.11 -67.26 -31.16
CA ILE B 111 -28.47 -65.87 -31.41
C ILE B 111 -29.45 -65.82 -32.59
N LYS B 112 -30.64 -65.25 -32.35
CA LYS B 112 -31.73 -65.09 -33.32
C LYS B 112 -31.87 -63.63 -33.73
N ARG B 113 -31.77 -63.35 -35.03
CA ARG B 113 -31.83 -61.98 -35.53
C ARG B 113 -33.19 -61.74 -36.22
N THR B 114 -33.81 -60.58 -35.93
CA THR B 114 -35.07 -60.21 -36.55
C THR B 114 -34.78 -59.50 -37.86
N ASP B 115 -35.71 -59.60 -38.80
CA ASP B 115 -35.57 -58.89 -40.07
C ASP B 115 -35.57 -57.37 -39.89
N VAL B 116 -35.72 -56.86 -38.67
CA VAL B 116 -35.79 -55.41 -38.49
C VAL B 116 -34.37 -54.87 -38.56
N GLU B 117 -34.20 -53.78 -39.31
CA GLU B 117 -32.89 -53.22 -39.57
C GLU B 117 -32.48 -52.38 -38.36
N GLY B 118 -31.18 -52.23 -38.16
CA GLY B 118 -30.71 -51.47 -37.02
C GLY B 118 -30.64 -50.00 -37.32
N ASN B 119 -30.69 -49.20 -36.26
CA ASN B 119 -30.71 -47.75 -36.39
C ASN B 119 -29.35 -47.15 -36.10
N TRP B 120 -28.28 -47.82 -36.54
CA TRP B 120 -26.93 -47.35 -36.28
C TRP B 120 -26.72 -45.94 -36.82
N ALA B 121 -26.33 -45.02 -35.93
CA ALA B 121 -26.21 -43.60 -36.23
C ALA B 121 -24.92 -43.03 -35.69
N LEU B 122 -24.45 -41.97 -36.33
CA LEU B 122 -23.19 -41.35 -35.95
C LEU B 122 -23.55 -40.12 -35.11
N THR B 123 -23.14 -40.13 -33.86
CA THR B 123 -23.44 -39.03 -32.96
C THR B 123 -22.19 -38.43 -32.34
N GLY B 124 -21.14 -39.23 -32.17
CA GLY B 124 -19.94 -38.79 -31.48
C GLY B 124 -18.66 -39.00 -32.28
N GLY B 125 -17.56 -38.60 -31.66
CA GLY B 125 -16.32 -38.57 -32.40
C GLY B 125 -15.74 -39.86 -32.92
N MET B 126 -15.90 -40.18 -34.20
CA MET B 126 -15.20 -41.33 -34.76
C MET B 126 -14.34 -40.80 -35.92
N GLU B 127 -13.00 -40.97 -35.85
CA GLU B 127 -12.05 -40.42 -36.85
C GLU B 127 -11.46 -41.47 -37.80
N LEU B 128 -11.93 -42.71 -37.74
CA LEU B 128 -11.34 -43.77 -38.56
C LEU B 128 -11.70 -43.57 -40.02
N THR B 129 -10.67 -43.45 -40.84
CA THR B 129 -10.83 -43.35 -42.28
C THR B 129 -10.79 -44.71 -42.94
N ARG B 130 -10.43 -45.73 -42.19
CA ARG B 130 -10.33 -47.07 -42.73
C ARG B 130 -11.17 -48.03 -41.91
N ASP B 131 -11.36 -49.22 -42.48
CA ASP B 131 -12.08 -50.29 -41.79
C ASP B 131 -11.29 -50.73 -40.55
N PRO B 132 -11.96 -50.98 -39.43
CA PRO B 132 -11.27 -51.31 -38.18
C PRO B 132 -10.62 -52.71 -38.18
N THR B 133 -9.52 -52.82 -37.43
CA THR B 133 -8.80 -54.07 -37.18
C THR B 133 -9.44 -54.88 -36.08
N VAL B 134 -9.09 -56.17 -36.03
CA VAL B 134 -9.69 -57.04 -35.01
C VAL B 134 -9.46 -56.47 -33.61
N PRO B 135 -8.22 -56.17 -33.16
CA PRO B 135 -8.01 -55.53 -31.84
C PRO B 135 -8.90 -54.37 -31.57
N GLU B 136 -8.99 -53.47 -32.54
CA GLU B 136 -9.90 -52.34 -32.41
C GLU B 136 -11.29 -52.84 -32.09
N HIS B 137 -11.75 -53.84 -32.83
CA HIS B 137 -13.01 -54.43 -32.49
C HIS B 137 -12.99 -54.97 -31.06
N ALA B 138 -11.92 -55.70 -30.71
CA ALA B 138 -11.85 -56.29 -29.38
C ALA B 138 -11.82 -55.22 -28.31
N SER B 139 -11.07 -54.12 -28.54
CA SER B 139 -11.03 -53.04 -27.55
C SER B 139 -12.42 -52.44 -27.36
N LEU B 140 -13.18 -52.29 -28.45
CA LEU B 140 -14.54 -51.79 -28.31
C LEU B 140 -15.42 -52.80 -27.57
N VAL B 141 -15.30 -54.09 -27.90
CA VAL B 141 -16.15 -55.10 -27.28
C VAL B 141 -15.93 -55.12 -25.77
N GLY B 142 -14.66 -55.09 -25.33
CA GLY B 142 -14.37 -55.08 -23.92
C GLY B 142 -14.85 -53.83 -23.21
N LEU B 143 -14.70 -52.67 -23.87
CA LEU B 143 -15.13 -51.41 -23.28
C LEU B 143 -16.63 -51.38 -23.09
N LEU B 144 -17.37 -51.89 -24.08
CA LEU B 144 -18.83 -51.91 -23.96
C LEU B 144 -19.28 -52.83 -22.82
N LEU B 145 -18.73 -54.05 -22.77
CA LEU B 145 -19.08 -55.01 -21.72
C LEU B 145 -18.71 -54.48 -20.35
N SER B 146 -17.58 -53.77 -20.25
CA SER B 146 -17.18 -53.21 -18.98
C SER B 146 -18.23 -52.25 -18.45
N LEU B 147 -19.13 -51.77 -19.30
CA LEU B 147 -20.23 -50.93 -18.83
C LEU B 147 -21.14 -51.69 -17.87
N TYR B 148 -21.24 -53.01 -18.04
CA TYR B 148 -22.08 -53.82 -17.15
C TYR B 148 -21.57 -53.77 -15.72
N ARG B 149 -20.27 -54.00 -15.54
CA ARG B 149 -19.68 -54.00 -14.20
C ARG B 149 -19.87 -52.67 -13.49
N LEU B 150 -19.70 -51.58 -14.21
CA LEU B 150 -19.91 -50.24 -13.68
C LEU B 150 -21.37 -50.02 -13.30
N SER B 151 -22.29 -50.44 -14.16
CA SER B 151 -23.69 -50.19 -13.87
C SER B 151 -24.11 -50.93 -12.61
N LYS B 152 -23.59 -52.14 -12.42
CA LYS B 152 -23.91 -52.96 -11.25
C LYS B 152 -23.41 -52.31 -9.96
N ILE B 153 -22.22 -51.71 -9.98
CA ILE B 153 -21.65 -51.14 -8.76
C ILE B 153 -22.20 -49.76 -8.45
N SER B 154 -23.50 -49.67 -8.20
CA SER B 154 -24.12 -48.42 -7.78
C SER B 154 -24.63 -48.61 -6.36
N GLY B 155 -24.43 -47.58 -5.54
CA GLY B 155 -24.73 -47.64 -4.12
C GLY B 155 -24.08 -46.46 -3.43
N GLN B 156 -24.21 -46.43 -2.10
CA GLN B 156 -23.60 -45.34 -1.35
C GLN B 156 -22.08 -45.49 -1.25
N ASN B 157 -21.39 -44.34 -1.17
CA ASN B 157 -19.94 -44.28 -0.95
C ASN B 157 -19.17 -45.26 -1.85
N THR B 158 -19.61 -45.37 -3.11
CA THR B 158 -18.87 -46.22 -4.03
C THR B 158 -18.17 -45.42 -5.16
N GLY B 159 -17.90 -44.15 -4.86
CA GLY B 159 -17.34 -43.22 -5.82
C GLY B 159 -15.94 -43.54 -6.26
N ASN B 160 -14.98 -43.42 -5.32
CA ASN B 160 -13.57 -43.74 -5.63
C ASN B 160 -13.41 -45.15 -6.17
N TYR B 161 -14.30 -46.06 -5.77
CA TYR B 161 -14.19 -47.45 -6.21
C TYR B 161 -14.56 -47.60 -7.69
N LYS B 162 -15.67 -47.00 -8.15
CA LYS B 162 -16.03 -47.15 -9.57
C LYS B 162 -15.01 -46.46 -10.47
N THR B 163 -14.54 -45.27 -10.10
CA THR B 163 -13.54 -44.60 -10.92
C THR B 163 -12.26 -45.43 -10.96
N ASN B 164 -11.87 -46.02 -9.82
CA ASN B 164 -10.62 -46.77 -9.79
C ASN B 164 -10.71 -48.01 -10.70
N ILE B 165 -11.83 -48.74 -10.65
CA ILE B 165 -11.98 -49.91 -11.52
C ILE B 165 -12.07 -49.47 -12.98
N ALA B 166 -12.73 -48.33 -13.23
CA ALA B 166 -12.84 -47.83 -14.60
C ALA B 166 -11.46 -47.55 -15.16
N ASP B 167 -10.61 -46.92 -14.34
CA ASP B 167 -9.24 -46.61 -14.76
C ASP B 167 -8.46 -47.88 -15.07
N ARG B 168 -8.63 -48.92 -14.26
CA ARG B 168 -7.98 -50.19 -14.53
C ARG B 168 -8.50 -50.79 -15.84
N ILE B 169 -9.81 -50.68 -16.09
CA ILE B 169 -10.40 -51.21 -17.32
C ILE B 169 -9.82 -50.48 -18.53
N GLU B 170 -9.73 -49.14 -18.44
CA GLU B 170 -9.19 -48.35 -19.54
C GLU B 170 -7.74 -48.77 -19.83
N GLN B 171 -6.94 -48.96 -18.79
CA GLN B 171 -5.55 -49.37 -18.98
C GLN B 171 -5.46 -50.71 -19.68
N ILE B 172 -6.39 -51.62 -19.38
CA ILE B 172 -6.38 -52.94 -20.01
C ILE B 172 -6.56 -52.81 -21.53
N PHE B 173 -7.59 -52.08 -21.94
CA PHE B 173 -7.97 -51.96 -23.35
C PHE B 173 -7.19 -50.89 -24.13
N GLU B 174 -6.37 -50.08 -23.47
CA GLU B 174 -5.49 -49.15 -24.18
C GLU B 174 -4.09 -49.75 -24.37
N THR B 175 -3.82 -50.94 -23.81
CA THR B 175 -2.53 -51.62 -23.93
C THR B 175 -2.69 -52.92 -24.70
N ALA B 176 -1.58 -53.39 -25.27
CA ALA B 176 -1.59 -54.57 -26.13
C ALA B 176 -2.14 -55.76 -25.36
N PRO B 177 -2.93 -56.64 -26.00
CA PRO B 177 -3.25 -56.72 -27.44
C PRO B 177 -4.35 -55.77 -27.92
N PHE B 178 -4.83 -54.93 -27.03
CA PHE B 178 -5.89 -53.98 -27.34
C PHE B 178 -5.28 -52.65 -27.76
N VAL B 179 -6.08 -51.86 -28.48
CA VAL B 179 -5.62 -50.55 -28.94
C VAL B 179 -6.47 -49.44 -28.35
N LYS B 180 -5.84 -48.29 -28.07
CA LYS B 180 -6.54 -47.15 -27.47
C LYS B 180 -7.44 -46.52 -28.50
N ILE B 181 -8.75 -46.60 -28.29
CA ILE B 181 -9.70 -45.99 -29.22
C ILE B 181 -10.56 -44.94 -28.57
N VAL B 182 -10.62 -44.87 -27.24
CA VAL B 182 -11.54 -43.96 -26.56
C VAL B 182 -10.83 -42.95 -25.67
N GLU B 183 -9.52 -42.83 -25.77
CA GLU B 183 -8.79 -41.89 -24.91
C GLU B 183 -9.16 -42.13 -23.45
N HIS B 184 -9.16 -41.10 -22.60
CA HIS B 184 -9.39 -41.40 -21.19
C HIS B 184 -10.69 -40.77 -20.73
N HIS B 185 -11.25 -41.34 -19.66
CA HIS B 185 -12.44 -40.84 -18.96
C HIS B 185 -13.72 -40.87 -19.77
N THR B 186 -13.68 -41.29 -21.03
CA THR B 186 -14.93 -41.45 -21.78
C THR B 186 -15.77 -42.58 -21.20
N LEU B 187 -15.11 -43.63 -20.68
CA LEU B 187 -15.84 -44.76 -20.11
C LEU B 187 -16.65 -44.33 -18.89
N MET B 188 -16.07 -43.47 -18.05
CA MET B 188 -16.80 -43.00 -16.88
C MET B 188 -18.02 -42.16 -17.28
N THR B 189 -17.86 -41.29 -18.29
CA THR B 189 -18.96 -40.41 -18.71
C THR B 189 -20.11 -41.19 -19.35
N THR B 190 -19.80 -42.19 -20.18
CA THR B 190 -20.86 -43.03 -20.74
C THR B 190 -21.54 -43.84 -19.64
N HIS B 191 -20.79 -44.33 -18.63
CA HIS B 191 -21.42 -45.07 -17.53
C HIS B 191 -22.42 -44.19 -16.80
N LYS B 192 -22.11 -42.91 -16.63
CA LYS B 192 -23.05 -42.03 -15.98
C LYS B 192 -24.36 -41.97 -16.75
N MET B 193 -24.28 -42.00 -18.08
CA MET B 193 -25.49 -42.02 -18.90
C MET B 193 -26.12 -43.41 -18.97
N CYS B 194 -25.34 -44.46 -18.74
CA CYS B 194 -25.79 -45.83 -18.89
C CYS B 194 -25.69 -46.56 -17.56
N ALA B 195 -26.06 -45.88 -16.47
CA ALA B 195 -25.82 -46.44 -15.14
C ALA B 195 -26.77 -47.59 -14.83
N ASN B 196 -27.94 -47.61 -15.47
CA ASN B 196 -28.93 -48.67 -15.25
C ASN B 196 -28.93 -49.68 -16.40
N TRP B 197 -27.83 -49.77 -17.14
CA TRP B 197 -27.76 -50.69 -18.27
C TRP B 197 -27.73 -52.15 -17.83
N SER B 198 -27.44 -52.42 -16.56
CA SER B 198 -27.50 -53.78 -16.04
C SER B 198 -28.90 -54.37 -16.13
N THR B 199 -29.94 -53.52 -16.00
CA THR B 199 -31.31 -54.01 -16.07
C THR B 199 -31.64 -54.59 -17.44
N ILE B 200 -31.01 -54.06 -18.48
CA ILE B 200 -31.31 -54.51 -19.85
C ILE B 200 -31.02 -55.99 -20.01
N PRO B 201 -31.97 -56.79 -20.43
CA PRO B 201 -31.76 -58.23 -20.46
C PRO B 201 -30.72 -58.68 -21.47
N ASN B 202 -30.81 -58.22 -22.72
CA ASN B 202 -29.90 -58.79 -23.72
C ASN B 202 -28.46 -58.44 -23.41
N PHE B 203 -28.23 -57.24 -22.87
CA PHE B 203 -26.87 -56.84 -22.52
C PHE B 203 -26.30 -57.79 -21.46
N ARG B 204 -27.09 -58.06 -20.41
CA ARG B 204 -26.63 -58.98 -19.38
C ARG B 204 -26.32 -60.34 -19.99
N PHE B 205 -27.22 -60.82 -20.86
CA PHE B 205 -27.04 -62.12 -21.47
C PHE B 205 -25.73 -62.18 -22.26
N LEU B 206 -25.44 -61.13 -23.05
CA LEU B 206 -24.21 -61.13 -23.86
C LEU B 206 -22.98 -61.09 -22.98
N ALA B 207 -23.05 -60.32 -21.89
CA ALA B 207 -21.94 -60.25 -20.95
C ALA B 207 -21.64 -61.63 -20.42
N GLY B 208 -22.67 -62.37 -20.02
CA GLY B 208 -22.44 -63.71 -19.52
C GLY B 208 -21.85 -64.60 -20.58
N THR B 209 -22.37 -64.51 -21.81
CA THR B 209 -21.93 -65.41 -22.85
C THR B 209 -20.44 -65.30 -23.09
N TYR B 210 -19.96 -64.06 -23.15
CA TYR B 210 -18.55 -63.80 -23.36
C TYR B 210 -17.73 -64.34 -22.20
N ASP B 211 -18.20 -64.12 -20.97
CA ASP B 211 -17.43 -64.54 -19.80
C ASP B 211 -17.30 -66.06 -19.78
N MET B 212 -18.36 -66.78 -20.16
CA MET B 212 -18.25 -68.24 -20.20
C MET B 212 -17.20 -68.68 -21.21
N PHE B 213 -17.22 -68.07 -22.41
CA PHE B 213 -16.28 -68.47 -23.43
C PHE B 213 -14.83 -68.22 -22.98
N PHE B 214 -14.56 -67.03 -22.43
CA PHE B 214 -13.16 -66.72 -22.04
C PHE B 214 -12.68 -67.56 -20.84
N SER B 215 -13.58 -67.94 -19.93
CA SER B 215 -13.16 -68.75 -18.77
C SER B 215 -12.67 -70.12 -19.21
N ARG B 216 -13.41 -70.75 -20.13
CA ARG B 216 -13.02 -72.08 -20.61
C ARG B 216 -11.83 -72.02 -21.57
N ILE B 217 -11.81 -71.07 -22.50
CA ILE B 217 -10.81 -71.00 -23.57
C ILE B 217 -9.86 -69.85 -23.28
N GLU B 218 -8.56 -70.13 -23.17
CA GLU B 218 -7.61 -69.04 -23.07
C GLU B 218 -7.51 -68.35 -24.43
N HIS B 219 -7.49 -67.01 -24.43
CA HIS B 219 -7.52 -66.24 -25.67
C HIS B 219 -6.62 -65.02 -25.57
N LEU B 220 -6.26 -64.46 -26.72
CA LEU B 220 -5.45 -63.24 -26.67
C LEU B 220 -6.19 -62.12 -25.97
N TYR B 221 -7.49 -62.01 -26.25
CA TYR B 221 -8.33 -60.95 -25.71
C TYR B 221 -9.13 -61.43 -24.50
N SER B 222 -8.57 -62.38 -23.73
CA SER B 222 -9.27 -62.88 -22.56
C SER B 222 -9.44 -61.78 -21.53
N ALA B 223 -8.69 -60.70 -21.65
CA ALA B 223 -8.76 -59.60 -20.70
C ALA B 223 -10.12 -58.89 -20.73
N ILE B 224 -10.95 -59.18 -21.73
CA ILE B 224 -12.31 -58.63 -21.79
C ILE B 224 -13.08 -59.01 -20.54
N ARG B 225 -12.68 -60.08 -19.87
CA ARG B 225 -13.41 -60.57 -18.71
C ARG B 225 -13.46 -59.58 -17.56
N VAL B 226 -12.58 -58.58 -17.53
CA VAL B 226 -12.58 -57.65 -16.40
C VAL B 226 -13.92 -56.91 -16.32
N GLY B 227 -14.59 -56.74 -17.45
CA GLY B 227 -15.95 -56.22 -17.42
C GLY B 227 -16.98 -57.25 -17.00
N THR B 228 -16.83 -58.50 -17.47
CA THR B 228 -17.80 -59.58 -17.37
C THR B 228 -17.57 -60.55 -16.21
N VAL B 229 -16.54 -60.33 -15.40
CA VAL B 229 -16.30 -61.28 -14.31
C VAL B 229 -17.49 -61.30 -13.38
N VAL B 230 -18.18 -60.15 -13.22
CA VAL B 230 -19.28 -60.04 -12.26
C VAL B 230 -20.46 -60.93 -12.63
N THR B 231 -20.61 -61.27 -13.92
CA THR B 231 -21.73 -62.13 -14.33
C THR B 231 -21.61 -63.51 -13.71
N ALA B 232 -20.37 -63.98 -13.50
CA ALA B 232 -20.14 -65.28 -12.92
C ALA B 232 -20.63 -65.34 -11.48
N TYR B 233 -21.40 -66.39 -11.17
CA TYR B 233 -22.02 -66.59 -9.86
C TYR B 233 -22.83 -65.36 -9.46
N GLU B 234 -23.51 -64.75 -10.44
CA GLU B 234 -24.32 -63.59 -10.14
C GLU B 234 -25.56 -64.01 -9.38
N ASP B 235 -25.86 -63.26 -8.32
CA ASP B 235 -27.02 -63.52 -7.47
C ASP B 235 -26.98 -64.88 -6.80
N CYS B 236 -25.78 -65.36 -6.48
CA CYS B 236 -25.59 -66.65 -5.85
C CYS B 236 -24.77 -66.50 -4.58
N SER B 237 -24.91 -65.35 -3.92
CA SER B 237 -24.05 -65.04 -2.78
C SER B 237 -24.23 -66.00 -1.62
N GLY B 238 -25.42 -66.55 -1.42
CA GLY B 238 -25.56 -67.52 -0.35
C GLY B 238 -24.69 -68.74 -0.58
N LEU B 239 -24.75 -69.30 -1.79
CA LEU B 239 -23.94 -70.46 -2.11
C LEU B 239 -22.46 -70.15 -2.00
N VAL B 240 -22.04 -68.99 -2.50
CA VAL B 240 -20.64 -68.57 -2.48
C VAL B 240 -20.14 -68.34 -1.06
N SER B 241 -20.99 -67.76 -0.19
CA SER B 241 -20.57 -67.59 1.19
C SER B 241 -20.32 -68.93 1.83
N PHE B 242 -21.18 -69.91 1.50
CA PHE B 242 -21.08 -71.24 2.09
C PHE B 242 -19.77 -71.93 1.71
N THR B 243 -19.42 -71.91 0.43
CA THR B 243 -18.15 -72.51 0.05
C THR B 243 -16.98 -71.81 0.73
N GLY B 244 -17.05 -70.49 0.89
CA GLY B 244 -16.01 -69.80 1.61
C GLY B 244 -15.98 -70.20 3.07
N PHE B 245 -17.16 -70.29 3.68
CA PHE B 245 -17.25 -70.67 5.08
C PHE B 245 -16.59 -72.04 5.29
N ILE B 246 -16.85 -72.96 4.36
CA ILE B 246 -16.26 -74.29 4.40
C ILE B 246 -14.74 -74.23 4.42
N LYS B 247 -14.16 -73.44 3.51
CA LYS B 247 -12.70 -73.45 3.37
C LYS B 247 -12.00 -72.77 4.55
N GLN B 248 -12.56 -71.67 5.09
CA GLN B 248 -11.93 -71.02 6.24
C GLN B 248 -12.01 -71.90 7.47
N ILE B 249 -13.15 -72.56 7.68
CA ILE B 249 -13.34 -73.43 8.83
C ILE B 249 -12.54 -74.70 8.71
N ASN B 250 -12.12 -75.06 7.49
CA ASN B 250 -11.34 -76.26 7.20
C ASN B 250 -12.12 -77.52 7.56
N LEU B 251 -13.41 -77.51 7.22
CA LEU B 251 -14.32 -78.62 7.44
C LEU B 251 -14.91 -79.03 6.09
N THR B 252 -15.43 -80.24 6.00
CA THR B 252 -16.16 -80.65 4.80
C THR B 252 -17.57 -80.08 4.83
N ALA B 253 -18.08 -79.75 3.65
CA ALA B 253 -19.44 -79.22 3.56
C ALA B 253 -20.43 -79.96 4.46
N ARG B 254 -20.38 -81.29 4.48
CA ARG B 254 -21.32 -82.04 5.30
C ARG B 254 -21.09 -81.75 6.77
N GLU B 255 -19.85 -81.94 7.25
CA GLU B 255 -19.53 -81.70 8.66
C GLU B 255 -20.00 -80.32 9.10
N ALA B 256 -19.83 -79.32 8.23
CA ALA B 256 -20.22 -77.96 8.55
C ALA B 256 -21.74 -77.87 8.71
N ILE B 257 -22.50 -78.52 7.83
CA ILE B 257 -23.96 -78.41 7.93
C ILE B 257 -24.46 -79.02 9.24
N LEU B 258 -23.76 -80.02 9.79
CA LEU B 258 -24.16 -80.64 11.06
C LEU B 258 -24.18 -79.64 12.21
N TYR B 259 -23.29 -78.64 12.15
CA TYR B 259 -23.18 -77.60 13.17
C TYR B 259 -24.32 -76.59 13.09
N PHE B 260 -25.12 -76.60 12.03
CA PHE B 260 -26.18 -75.61 11.89
C PHE B 260 -27.36 -76.05 12.75
N PHE B 261 -27.38 -75.67 14.04
CA PHE B 261 -28.39 -76.25 14.95
C PHE B 261 -29.66 -75.41 15.05
N HIS B 262 -30.43 -75.37 13.96
CA HIS B 262 -31.68 -74.66 14.05
C HIS B 262 -32.68 -75.11 13.00
N LYS B 263 -33.97 -74.99 13.32
CA LYS B 263 -34.99 -75.45 12.39
C LYS B 263 -34.97 -74.65 11.10
N ASN B 264 -34.75 -73.34 11.19
CA ASN B 264 -34.89 -72.53 10.01
C ASN B 264 -33.92 -72.95 8.91
N PHE B 265 -32.75 -73.48 9.27
CA PHE B 265 -31.76 -73.81 8.25
C PHE B 265 -32.29 -74.87 7.28
N GLU B 266 -33.27 -75.69 7.70
CA GLU B 266 -33.68 -76.85 6.91
C GLU B 266 -34.15 -76.43 5.52
N GLU B 267 -35.04 -75.45 5.46
CA GLU B 267 -35.54 -75.02 4.16
C GLU B 267 -34.41 -74.48 3.31
N GLU B 268 -33.52 -73.70 3.92
CA GLU B 268 -32.46 -73.08 3.14
C GLU B 268 -31.47 -74.11 2.62
N ILE B 269 -31.05 -75.05 3.47
CA ILE B 269 -30.09 -76.08 3.06
C ILE B 269 -30.67 -76.90 1.92
N ARG B 270 -31.94 -77.26 2.03
CA ARG B 270 -32.61 -77.98 0.96
C ARG B 270 -32.61 -77.14 -0.30
N ARG B 271 -32.84 -75.83 -0.16
CA ARG B 271 -32.95 -74.97 -1.34
C ARG B 271 -31.64 -74.87 -2.09
N MET B 272 -30.53 -74.65 -1.38
CA MET B 272 -29.25 -74.44 -2.06
C MET B 272 -28.55 -75.73 -2.46
N PHE B 273 -28.92 -76.87 -1.89
CA PHE B 273 -28.28 -78.10 -2.32
C PHE B 273 -29.23 -79.00 -3.09
N GLU B 274 -30.24 -78.38 -3.73
CA GLU B 274 -31.17 -79.13 -4.57
C GLU B 274 -30.41 -79.78 -5.71
N PRO B 275 -30.59 -81.06 -5.93
CA PRO B 275 -29.83 -81.78 -6.95
C PRO B 275 -30.39 -81.48 -8.34
N GLY B 276 -29.62 -81.88 -9.35
CA GLY B 276 -29.98 -81.65 -10.74
C GLY B 276 -29.45 -80.39 -11.34
N GLN B 277 -28.95 -79.48 -10.53
CA GLN B 277 -28.20 -78.31 -10.95
C GLN B 277 -26.72 -78.54 -10.83
N GLU B 278 -25.97 -78.29 -11.90
CA GLU B 278 -24.55 -78.62 -11.91
C GLU B 278 -23.71 -77.67 -11.05
N THR B 279 -24.03 -77.65 -9.76
CA THR B 279 -23.25 -76.82 -8.85
C THR B 279 -21.77 -77.18 -8.87
N ALA B 280 -21.46 -78.48 -8.89
CA ALA B 280 -20.07 -78.96 -8.82
C ALA B 280 -19.32 -78.82 -10.15
N VAL B 281 -20.02 -78.83 -11.30
CA VAL B 281 -19.33 -78.83 -12.60
C VAL B 281 -18.58 -77.53 -12.80
N PRO B 282 -17.29 -77.56 -13.18
CA PRO B 282 -16.52 -76.31 -13.27
C PRO B 282 -16.98 -75.37 -14.37
N HIS B 283 -17.26 -75.85 -15.56
CA HIS B 283 -17.62 -74.84 -16.54
C HIS B 283 -19.05 -75.06 -16.99
N SER B 284 -20.00 -75.04 -16.07
CA SER B 284 -21.34 -75.37 -16.52
C SER B 284 -22.09 -74.07 -16.72
N TYR B 285 -23.28 -74.16 -17.31
CA TYR B 285 -24.09 -72.97 -17.44
C TYR B 285 -24.46 -72.39 -16.08
N PHE B 286 -24.37 -73.19 -15.01
CA PHE B 286 -24.80 -72.72 -13.71
C PHE B 286 -24.03 -71.48 -13.27
N ILE B 287 -22.72 -71.40 -13.56
CA ILE B 287 -21.96 -70.26 -13.05
C ILE B 287 -22.55 -68.96 -13.56
N HIS B 288 -23.12 -68.99 -14.77
CA HIS B 288 -23.69 -67.80 -15.38
C HIS B 288 -25.20 -67.90 -15.57
N PHE B 289 -25.88 -68.73 -14.77
CA PHE B 289 -27.30 -68.99 -15.02
C PHE B 289 -28.16 -67.74 -14.90
N ARG B 290 -27.86 -66.87 -13.93
CA ARG B 290 -28.67 -65.66 -13.75
C ARG B 290 -28.56 -64.73 -14.94
N SER B 291 -27.36 -64.61 -15.50
CA SER B 291 -27.16 -63.74 -16.65
C SER B 291 -27.99 -64.21 -17.84
N LEU B 292 -27.98 -65.53 -18.14
CA LEU B 292 -28.78 -66.09 -19.23
C LEU B 292 -30.26 -66.12 -18.83
N GLY B 293 -31.13 -66.50 -19.77
CA GLY B 293 -32.57 -66.45 -19.51
C GLY B 293 -33.13 -67.46 -18.52
N LEU B 294 -32.55 -68.64 -18.45
CA LEU B 294 -33.05 -69.78 -17.68
C LEU B 294 -33.22 -69.54 -16.17
N SER B 295 -32.53 -68.56 -15.61
CA SER B 295 -32.50 -68.37 -14.15
C SER B 295 -33.88 -68.24 -13.50
N GLY B 296 -34.65 -67.24 -13.91
CA GLY B 296 -35.76 -66.77 -13.07
C GLY B 296 -35.18 -65.97 -11.90
N LYS B 297 -35.77 -66.15 -10.72
CA LYS B 297 -35.22 -65.61 -9.49
C LYS B 297 -34.26 -66.63 -8.90
N SER B 298 -33.14 -66.19 -8.38
CA SER B 298 -32.15 -67.18 -7.95
C SER B 298 -32.47 -67.70 -6.55
N PRO B 299 -32.48 -69.03 -6.35
CA PRO B 299 -32.68 -69.57 -5.01
C PRO B 299 -31.42 -69.61 -4.16
N TYR B 300 -30.26 -69.27 -4.73
CA TYR B 300 -28.97 -69.25 -4.03
C TYR B 300 -28.57 -67.85 -3.60
N SER B 301 -29.46 -66.87 -3.78
CA SER B 301 -29.17 -65.49 -3.40
C SER B 301 -29.09 -65.38 -1.88
N SER B 302 -28.46 -64.31 -1.39
CA SER B 302 -28.26 -64.17 0.04
C SER B 302 -29.58 -64.08 0.79
N ASN B 303 -30.62 -63.55 0.15
CA ASN B 303 -31.92 -63.46 0.84
C ASN B 303 -32.59 -64.83 0.93
N ALA B 304 -32.48 -65.65 -0.12
CA ALA B 304 -33.09 -66.97 -0.10
C ALA B 304 -32.44 -67.86 0.96
N VAL B 305 -31.16 -67.67 1.21
CA VAL B 305 -30.48 -68.54 2.15
C VAL B 305 -30.08 -67.64 3.32
N GLY B 306 -31.05 -66.82 3.77
CA GLY B 306 -30.78 -65.74 4.71
C GLY B 306 -30.22 -66.17 6.05
N HIS B 307 -30.84 -67.18 6.65
CA HIS B 307 -30.39 -67.64 7.97
C HIS B 307 -28.99 -68.21 7.90
N VAL B 308 -28.72 -69.02 6.87
CA VAL B 308 -27.39 -69.57 6.64
C VAL B 308 -26.40 -68.46 6.37
N PHE B 309 -26.82 -67.51 5.55
CA PHE B 309 -25.93 -66.41 5.23
C PHE B 309 -25.57 -65.67 6.51
N ASN B 310 -26.59 -65.34 7.31
CA ASN B 310 -26.30 -64.59 8.52
C ASN B 310 -25.37 -65.39 9.45
N LEU B 311 -25.65 -66.69 9.63
CA LEU B 311 -24.78 -67.48 10.48
C LEU B 311 -23.37 -67.50 9.93
N ILE B 312 -23.22 -67.61 8.60
CA ILE B 312 -21.87 -67.68 8.07
C ILE B 312 -21.07 -66.44 8.42
N HIS B 313 -21.65 -65.25 8.22
CA HIS B 313 -20.87 -64.02 8.43
C HIS B 313 -20.72 -63.66 9.91
N PHE B 314 -21.71 -64.01 10.75
CA PHE B 314 -21.53 -63.81 12.19
C PHE B 314 -20.37 -64.64 12.68
N VAL B 315 -20.22 -65.85 12.16
CA VAL B 315 -19.04 -66.63 12.51
C VAL B 315 -17.80 -65.89 12.04
N GLY B 316 -17.85 -65.34 10.82
CA GLY B 316 -16.70 -64.62 10.30
C GLY B 316 -16.32 -63.42 11.14
N CYS B 317 -17.30 -62.64 11.59
CA CYS B 317 -16.96 -61.52 12.45
C CYS B 317 -16.29 -62.03 13.71
N TYR B 318 -16.78 -63.13 14.28
CA TYR B 318 -16.09 -63.65 15.45
C TYR B 318 -14.65 -63.98 15.12
N MET B 319 -14.38 -64.42 13.88
CA MET B 319 -13.02 -64.72 13.47
C MET B 319 -12.29 -63.53 12.83
N GLY B 320 -12.91 -62.35 12.81
CA GLY B 320 -12.25 -61.15 12.34
C GLY B 320 -12.16 -61.01 10.84
N GLN B 321 -13.00 -61.73 10.09
CA GLN B 321 -12.97 -61.68 8.63
C GLN B 321 -13.57 -60.39 8.11
N VAL B 322 -12.77 -59.65 7.34
CA VAL B 322 -13.24 -58.35 6.91
C VAL B 322 -14.45 -58.47 6.00
N ARG B 323 -14.43 -59.46 5.09
CA ARG B 323 -15.53 -59.61 4.14
C ARG B 323 -16.87 -59.75 4.87
N SER B 324 -16.88 -60.52 5.96
CA SER B 324 -18.11 -60.66 6.72
C SER B 324 -18.49 -59.36 7.42
N LEU B 325 -17.51 -58.62 7.95
CA LEU B 325 -17.82 -57.37 8.63
C LEU B 325 -18.58 -56.42 7.72
N ASN B 326 -18.25 -56.41 6.42
CA ASN B 326 -18.87 -55.51 5.44
C ASN B 326 -20.06 -56.10 4.71
N ALA B 327 -20.38 -57.37 4.92
CA ALA B 327 -21.56 -57.88 4.25
C ALA B 327 -22.79 -57.32 4.93
N THR B 328 -23.86 -57.15 4.15
CA THR B 328 -25.10 -56.59 4.67
C THR B 328 -25.95 -57.71 5.26
N VAL B 329 -26.35 -57.56 6.53
CA VAL B 329 -27.14 -58.58 7.22
C VAL B 329 -28.57 -58.58 6.72
N ILE B 330 -29.17 -59.77 6.59
CA ILE B 330 -30.57 -59.91 6.18
C ILE B 330 -31.44 -59.77 7.44
N ALA B 331 -32.14 -58.64 7.56
CA ALA B 331 -32.87 -58.35 8.78
C ALA B 331 -34.04 -59.31 9.00
N ALA B 332 -34.68 -59.74 7.92
CA ALA B 332 -35.85 -60.60 8.06
C ALA B 332 -35.46 -61.91 8.71
N CYS B 333 -34.29 -62.43 8.38
CA CYS B 333 -33.90 -63.75 8.82
C CYS B 333 -33.17 -63.74 10.17
N ALA B 334 -33.94 -63.37 11.18
CA ALA B 334 -33.63 -63.64 12.58
C ALA B 334 -32.17 -63.49 12.89
N PRO B 335 -31.60 -62.31 12.74
CA PRO B 335 -30.16 -62.17 12.93
C PRO B 335 -29.73 -62.44 14.35
N HIS B 336 -30.54 -62.06 15.34
CA HIS B 336 -30.07 -62.24 16.71
C HIS B 336 -29.85 -63.70 17.01
N GLU B 337 -30.83 -64.56 16.69
CA GLU B 337 -30.63 -65.97 17.03
C GLU B 337 -29.42 -66.52 16.27
N MET B 338 -29.30 -66.20 14.99
CA MET B 338 -28.14 -66.64 14.22
C MET B 338 -26.86 -66.15 14.86
N SER B 339 -26.88 -64.92 15.40
CA SER B 339 -25.69 -64.40 16.05
C SER B 339 -25.31 -65.23 17.26
N VAL B 340 -26.30 -65.73 18.03
CA VAL B 340 -25.98 -66.53 19.21
C VAL B 340 -25.30 -67.85 18.82
N LEU B 341 -25.89 -68.57 17.85
CA LEU B 341 -25.26 -69.78 17.34
C LEU B 341 -23.90 -69.49 16.75
N GLY B 342 -23.79 -68.35 16.06
CA GLY B 342 -22.52 -67.99 15.45
C GLY B 342 -21.45 -67.73 16.49
N GLY B 343 -21.85 -67.18 17.62
CA GLY B 343 -20.89 -66.97 18.69
C GLY B 343 -20.31 -68.28 19.19
N TYR B 344 -21.17 -69.28 19.41
CA TYR B 344 -20.66 -70.56 19.87
C TYR B 344 -19.79 -71.21 18.80
N LEU B 345 -20.28 -71.21 17.55
CA LEU B 345 -19.52 -71.83 16.47
C LEU B 345 -18.22 -71.10 16.24
N GLY B 346 -18.28 -69.75 16.24
CA GLY B 346 -17.06 -68.97 16.08
C GLY B 346 -16.08 -69.23 17.20
N GLU B 347 -16.58 -69.42 18.41
CA GLU B 347 -15.71 -69.80 19.50
C GLU B 347 -14.99 -71.09 19.17
N GLU B 348 -15.72 -72.09 18.66
CA GLU B 348 -15.11 -73.39 18.38
C GLU B 348 -14.05 -73.30 17.29
N PHE B 349 -14.28 -72.51 16.26
CA PHE B 349 -13.35 -72.50 15.15
C PHE B 349 -12.29 -71.40 15.25
N PHE B 350 -12.39 -70.49 16.21
CA PHE B 350 -11.45 -69.37 16.28
C PHE B 350 -10.29 -69.76 17.20
N GLY B 351 -9.07 -69.73 16.66
CA GLY B 351 -7.89 -70.02 17.44
C GLY B 351 -7.65 -71.49 17.71
N LYS B 352 -8.39 -72.38 17.05
CA LYS B 352 -8.28 -73.81 17.30
C LYS B 352 -8.17 -74.56 15.98
N GLY B 353 -7.39 -75.62 15.99
CA GLY B 353 -7.27 -76.45 14.81
C GLY B 353 -7.22 -77.92 15.22
N THR B 354 -7.68 -78.76 14.31
CA THR B 354 -7.63 -80.20 14.46
C THR B 354 -6.37 -80.68 13.74
N PHE B 355 -5.37 -81.10 14.50
CA PHE B 355 -4.08 -81.45 13.92
C PHE B 355 -3.80 -82.92 14.17
N GLU B 356 -3.28 -83.59 13.14
CA GLU B 356 -2.91 -85.00 13.24
C GLU B 356 -1.61 -85.21 12.51
N ARG B 357 -0.77 -86.10 13.03
CA ARG B 357 0.49 -86.41 12.37
C ARG B 357 0.24 -87.16 11.06
N ARG B 358 0.83 -86.65 9.99
CA ARG B 358 0.68 -87.27 8.69
C ARG B 358 2.02 -87.59 8.05
N PHE B 359 3.12 -87.10 8.58
CA PHE B 359 4.46 -87.29 8.05
C PHE B 359 5.38 -87.93 9.07
N PHE B 360 6.09 -88.99 8.67
CA PHE B 360 6.96 -89.77 9.56
C PHE B 360 8.30 -90.08 8.89
N ARG B 361 9.32 -90.31 9.72
CA ARG B 361 10.67 -90.52 9.18
C ARG B 361 10.77 -91.81 8.38
N ASP B 362 10.14 -92.89 8.88
CA ASP B 362 10.16 -94.23 8.26
C ASP B 362 8.74 -94.79 8.22
N GLU B 363 8.53 -95.79 7.34
CA GLU B 363 7.21 -96.41 7.22
C GLU B 363 6.77 -97.07 8.53
N LYS B 364 7.71 -97.71 9.23
CA LYS B 364 7.38 -98.41 10.47
C LYS B 364 6.84 -97.45 11.51
N GLU B 365 7.36 -96.23 11.54
CA GLU B 365 6.87 -95.21 12.46
C GLU B 365 5.40 -94.90 12.21
N LEU B 366 4.98 -94.94 10.93
CA LEU B 366 3.58 -94.68 10.59
C LEU B 366 2.66 -95.73 11.21
N GLN B 367 2.99 -97.01 11.08
CA GLN B 367 2.18 -98.09 11.66
C GLN B 367 2.20 -98.03 13.18
N GLU B 368 3.37 -97.73 13.79
CA GLU B 368 3.47 -97.64 15.24
C GLU B 368 2.67 -96.46 15.79
N TYR B 369 2.69 -95.32 15.08
CA TYR B 369 1.85 -94.21 15.51
C TYR B 369 0.36 -94.52 15.34
N GLU B 370 0.01 -95.42 14.40
CA GLU B 370 -1.40 -95.74 14.17
C GLU B 370 -1.94 -96.60 15.31
N ALA B 371 -1.08 -97.47 15.85
CA ALA B 371 -1.46 -98.32 16.97
C ALA B 371 -1.58 -97.51 18.26
N ALA B 372 -0.82 -96.41 18.36
CA ALA B 372 -0.86 -95.61 19.58
C ALA B 372 -1.84 -94.45 19.45
N GLU B 398 -11.90 -79.05 23.96
CA GLU B 398 -10.85 -80.04 23.77
C GLU B 398 -11.20 -80.93 22.53
N THR B 399 -12.41 -81.48 22.47
CA THR B 399 -12.85 -82.27 21.33
C THR B 399 -13.72 -81.44 20.38
N ARG B 400 -13.41 -81.50 19.08
CA ARG B 400 -14.20 -80.79 18.06
C ARG B 400 -15.26 -81.74 17.48
N SER B 401 -16.52 -81.52 17.85
CA SER B 401 -17.60 -82.35 17.34
C SER B 401 -18.90 -81.55 17.38
N PRO B 402 -19.83 -81.81 16.46
CA PRO B 402 -21.14 -81.15 16.58
C PRO B 402 -21.79 -81.43 17.91
N GLU B 403 -21.69 -82.68 18.37
CA GLU B 403 -22.31 -83.04 19.64
C GLU B 403 -21.72 -82.21 20.77
N ALA B 404 -20.40 -82.04 20.78
CA ALA B 404 -19.77 -81.27 21.83
C ALA B 404 -20.25 -79.82 21.83
N VAL B 405 -20.31 -79.20 20.66
CA VAL B 405 -20.76 -77.82 20.58
C VAL B 405 -22.21 -77.71 21.04
N TYR B 406 -23.05 -78.67 20.62
CA TYR B 406 -24.46 -78.58 20.98
C TYR B 406 -24.64 -78.66 22.49
N THR B 407 -23.99 -79.62 23.16
CA THR B 407 -24.14 -79.72 24.60
C THR B 407 -23.65 -78.44 25.28
N ARG B 408 -22.57 -77.84 24.74
CA ARG B 408 -22.06 -76.59 25.28
C ARG B 408 -23.10 -75.48 25.19
N ILE B 409 -23.78 -75.38 24.04
CA ILE B 409 -24.87 -74.42 23.91
C ILE B 409 -25.97 -74.75 24.89
N MET B 410 -26.35 -76.02 24.97
CA MET B 410 -27.44 -76.40 25.86
C MET B 410 -27.12 -76.10 27.30
N MET B 411 -25.87 -76.27 27.71
CA MET B 411 -25.52 -76.01 29.10
C MET B 411 -25.75 -74.53 29.49
N ASN B 412 -25.51 -73.60 28.58
CA ASN B 412 -25.72 -72.19 28.88
C ASN B 412 -27.10 -71.70 28.52
N GLY B 413 -28.03 -72.61 28.32
CA GLY B 413 -29.40 -72.23 28.05
C GLY B 413 -29.62 -71.55 26.72
N GLY B 414 -28.80 -71.84 25.73
CA GLY B 414 -28.96 -71.16 24.45
C GLY B 414 -28.65 -69.68 24.55
N ARG B 415 -27.84 -69.29 25.53
CA ARG B 415 -27.53 -67.89 25.78
C ARG B 415 -26.05 -67.61 25.55
N LEU B 416 -25.77 -66.46 24.95
CA LEU B 416 -24.40 -66.08 24.65
C LEU B 416 -23.58 -66.00 25.93
N LYS B 417 -22.34 -66.45 25.85
CA LYS B 417 -21.37 -66.29 26.92
C LYS B 417 -20.89 -64.84 26.95
N ARG B 418 -20.35 -64.44 28.09
CA ARG B 418 -19.78 -63.10 28.22
C ARG B 418 -18.59 -62.91 27.28
N SER B 419 -17.76 -63.96 27.14
CA SER B 419 -16.61 -63.90 26.24
C SER B 419 -17.07 -63.70 24.82
N HIS B 420 -18.17 -64.35 24.44
CA HIS B 420 -18.72 -64.18 23.10
C HIS B 420 -19.05 -62.72 22.82
N ILE B 421 -19.73 -62.08 23.78
CA ILE B 421 -20.10 -60.69 23.60
C ILE B 421 -18.86 -59.80 23.59
N ARG B 422 -17.90 -60.07 24.45
CA ARG B 422 -16.68 -59.28 24.44
C ARG B 422 -16.04 -59.31 23.06
N ARG B 423 -15.93 -60.51 22.51
CA ARG B 423 -15.29 -60.69 21.21
C ARG B 423 -16.05 -59.97 20.09
N TYR B 424 -17.38 -60.13 20.04
CA TYR B 424 -18.20 -59.46 19.02
C TYR B 424 -18.02 -57.95 19.09
N VAL B 425 -18.00 -57.40 20.31
CA VAL B 425 -17.85 -55.97 20.46
C VAL B 425 -16.46 -55.54 20.02
N SER B 426 -15.45 -56.31 20.42
CA SER B 426 -14.08 -55.98 20.05
C SER B 426 -13.90 -55.96 18.55
N VAL B 427 -14.53 -56.90 17.86
CA VAL B 427 -14.37 -56.92 16.42
C VAL B 427 -15.13 -55.78 15.80
N SER B 428 -16.37 -55.58 16.24
CA SER B 428 -17.22 -54.57 15.62
C SER B 428 -16.71 -53.16 15.89
N SER B 429 -16.25 -52.89 17.11
CA SER B 429 -15.86 -51.52 17.44
C SER B 429 -14.57 -51.10 16.71
N ASN B 430 -13.57 -51.99 16.61
CA ASN B 430 -12.30 -51.72 15.89
C ASN B 430 -12.42 -51.99 14.39
N HIS B 431 -13.47 -51.42 13.81
CA HIS B 431 -13.74 -51.55 12.38
C HIS B 431 -14.65 -50.41 11.97
N GLN B 432 -14.44 -49.92 10.75
CA GLN B 432 -15.21 -48.85 10.14
C GLN B 432 -16.50 -49.46 9.62
N ALA B 433 -17.51 -49.47 10.49
CA ALA B 433 -18.76 -50.16 10.19
C ALA B 433 -19.45 -49.52 8.99
N ARG B 434 -19.81 -50.35 8.02
CA ARG B 434 -20.53 -49.86 6.86
C ARG B 434 -22.01 -49.74 7.19
N PRO B 435 -22.80 -49.02 6.35
CA PRO B 435 -24.18 -48.67 6.71
C PRO B 435 -25.05 -49.78 7.31
N ASN B 436 -25.34 -50.84 6.57
CA ASN B 436 -26.17 -51.93 7.09
C ASN B 436 -25.39 -53.21 7.26
N SER B 437 -24.10 -53.08 7.52
CA SER B 437 -23.21 -54.22 7.58
C SER B 437 -23.42 -55.02 8.87
N PHE B 438 -22.87 -56.22 8.88
CA PHE B 438 -22.87 -57.03 10.10
C PHE B 438 -22.12 -56.35 11.22
N ALA B 439 -21.06 -55.62 10.88
CA ALA B 439 -20.34 -54.87 11.90
C ALA B 439 -21.26 -53.89 12.59
N GLU B 440 -22.06 -53.17 11.80
CA GLU B 440 -23.00 -52.21 12.35
C GLU B 440 -24.02 -52.89 13.24
N PHE B 441 -24.53 -54.04 12.79
CA PHE B 441 -25.45 -54.80 13.63
C PHE B 441 -24.78 -55.21 14.93
N LEU B 442 -23.54 -55.67 14.87
CA LEU B 442 -22.92 -56.04 16.12
C LEU B 442 -22.76 -54.82 17.02
N ASN B 443 -22.38 -53.68 16.45
CA ASN B 443 -22.16 -52.50 17.29
C ASN B 443 -23.44 -52.04 17.95
N LYS B 444 -24.54 -51.95 17.17
CA LYS B 444 -25.83 -51.52 17.72
C LYS B 444 -26.38 -52.54 18.71
N THR B 445 -26.12 -53.84 18.50
CA THR B 445 -26.78 -54.84 19.34
C THR B 445 -26.10 -55.05 20.69
N TYR B 446 -24.79 -55.33 20.70
CA TYR B 446 -24.04 -55.63 21.92
C TYR B 446 -23.03 -54.51 22.14
N SER B 447 -23.32 -53.57 23.05
CA SER B 447 -22.37 -52.48 23.27
C SER B 447 -22.07 -52.15 24.72
N SER B 448 -22.69 -52.80 25.68
CA SER B 448 -22.32 -52.51 27.05
C SER B 448 -22.20 -53.80 27.87
N ILE C 6 -20.02 -88.21 0.81
CA ILE C 6 -20.85 -88.34 2.01
C ILE C 6 -22.14 -87.53 1.87
N VAL C 7 -23.15 -87.94 2.66
CA VAL C 7 -24.46 -87.34 2.64
C VAL C 7 -24.85 -86.93 4.06
N PHE C 8 -25.84 -86.06 4.17
CA PHE C 8 -26.41 -85.67 5.45
C PHE C 8 -27.90 -85.98 5.37
N LYS C 9 -28.49 -86.28 6.52
CA LYS C 9 -29.89 -86.67 6.63
C LYS C 9 -30.61 -85.63 7.46
N VAL C 10 -31.64 -85.03 6.87
CA VAL C 10 -32.37 -83.91 7.45
C VAL C 10 -33.66 -84.44 8.03
N ASN C 11 -34.04 -83.92 9.18
CA ASN C 11 -35.29 -84.31 9.83
C ASN C 11 -36.46 -83.65 9.10
N ASN C 12 -37.53 -84.39 8.85
CA ASN C 12 -38.72 -83.81 8.24
C ASN C 12 -39.89 -84.74 8.55
N GLN C 13 -41.04 -84.47 7.92
CA GLN C 13 -42.17 -85.41 8.04
C GLN C 13 -41.73 -86.80 7.58
N VAL C 14 -40.97 -86.86 6.49
CA VAL C 14 -40.30 -88.07 6.01
C VAL C 14 -38.82 -87.72 5.94
N VAL C 15 -37.95 -88.68 6.29
CA VAL C 15 -36.52 -88.41 6.35
C VAL C 15 -35.94 -88.30 4.94
N SER C 16 -35.11 -87.27 4.72
CA SER C 16 -34.53 -87.00 3.41
C SER C 16 -33.02 -86.84 3.52
N LEU C 17 -32.32 -87.40 2.55
CA LEU C 17 -30.86 -87.38 2.43
C LEU C 17 -30.44 -86.58 1.21
N LYS C 18 -29.54 -85.61 1.40
CA LYS C 18 -29.04 -84.79 0.28
C LYS C 18 -27.52 -84.82 0.29
N PRO C 19 -26.90 -84.91 -0.89
CA PRO C 19 -25.45 -84.72 -1.00
C PRO C 19 -25.09 -83.25 -1.17
N GLU C 20 -24.06 -82.82 -0.46
CA GLU C 20 -23.59 -81.44 -0.50
C GLU C 20 -22.55 -81.30 -1.63
N ILE C 21 -22.78 -80.37 -2.54
CA ILE C 21 -21.91 -80.24 -3.71
C ILE C 21 -21.30 -78.84 -3.74
N ILE C 22 -19.97 -78.78 -3.84
CA ILE C 22 -19.24 -77.53 -3.97
C ILE C 22 -18.11 -77.78 -4.97
N VAL C 23 -17.63 -76.71 -5.61
CA VAL C 23 -16.63 -76.88 -6.64
C VAL C 23 -15.27 -77.00 -5.96
N ASP C 24 -14.51 -78.05 -6.32
CA ASP C 24 -13.16 -78.26 -5.79
C ASP C 24 -12.34 -78.97 -6.87
N GLN C 25 -11.97 -78.24 -7.91
CA GLN C 25 -11.25 -78.80 -9.04
C GLN C 25 -10.02 -77.96 -9.38
N HIS C 26 -8.90 -78.62 -9.65
CA HIS C 26 -7.67 -77.93 -10.02
C HIS C 26 -6.92 -78.68 -11.13
N GLU C 27 -6.33 -77.93 -12.07
CA GLU C 27 -5.53 -78.48 -13.17
C GLU C 27 -4.08 -78.04 -13.04
N TYR C 28 -3.15 -79.00 -13.10
CA TYR C 28 -1.70 -78.71 -12.99
C TYR C 28 -0.89 -79.48 -14.02
N LYS C 29 0.20 -78.85 -14.49
CA LYS C 29 1.12 -79.35 -15.51
C LYS C 29 2.56 -79.19 -15.04
N TYR C 30 3.40 -80.20 -15.32
CA TYR C 30 4.79 -80.21 -14.81
C TYR C 30 5.82 -79.79 -15.87
N PRO C 31 7.02 -79.33 -15.43
CA PRO C 31 8.09 -78.78 -16.30
C PRO C 31 9.00 -79.85 -16.88
N ALA C 32 8.43 -80.77 -17.66
CA ALA C 32 9.23 -81.80 -18.29
C ALA C 32 8.50 -82.22 -19.56
N ILE C 33 9.25 -82.44 -20.64
CA ILE C 33 8.69 -82.92 -21.90
C ILE C 33 9.04 -84.41 -22.05
N LYS C 34 8.02 -85.21 -22.40
CA LYS C 34 8.21 -86.64 -22.64
C LYS C 34 8.85 -86.86 -24.00
N ASP C 35 8.53 -86.01 -24.98
CA ASP C 35 9.15 -86.02 -26.30
C ASP C 35 10.59 -85.55 -26.27
N LEU C 36 10.95 -84.81 -25.23
CA LEU C 36 12.27 -84.19 -25.04
C LEU C 36 12.62 -83.23 -26.19
N LYS C 37 11.58 -82.71 -26.84
CA LYS C 37 11.76 -81.73 -27.90
C LYS C 37 12.09 -80.37 -27.29
N LYS C 38 13.09 -79.69 -27.85
CA LYS C 38 13.46 -78.36 -27.36
C LYS C 38 12.29 -77.40 -27.57
N PRO C 39 12.03 -76.49 -26.63
CA PRO C 39 10.94 -75.52 -26.79
C PRO C 39 11.26 -74.49 -27.84
N CYS C 40 10.27 -74.16 -28.65
CA CYS C 40 10.44 -73.27 -29.77
C CYS C 40 9.30 -72.26 -29.76
N ILE C 41 9.57 -71.06 -30.25
CA ILE C 41 8.52 -70.06 -30.39
C ILE C 41 8.49 -69.65 -31.85
N THR C 42 7.32 -69.25 -32.32
CA THR C 42 7.12 -68.85 -33.70
C THR C 42 7.31 -67.34 -33.77
N LEU C 43 8.12 -66.90 -34.73
CA LEU C 43 8.52 -65.51 -34.79
C LEU C 43 8.62 -65.10 -36.26
N GLY C 44 8.87 -63.81 -36.50
CA GLY C 44 8.85 -63.28 -37.86
C GLY C 44 10.17 -63.43 -38.61
N LYS C 45 10.18 -62.90 -39.83
CA LYS C 45 11.36 -63.07 -40.69
C LYS C 45 12.54 -62.29 -40.13
N ALA C 46 13.73 -62.88 -40.28
CA ALA C 46 14.92 -62.26 -39.73
C ALA C 46 15.14 -60.91 -40.43
N PRO C 47 15.41 -59.86 -39.69
CA PRO C 47 15.66 -58.55 -40.29
C PRO C 47 17.14 -58.39 -40.66
N ASP C 48 17.43 -57.26 -41.31
CA ASP C 48 18.82 -56.86 -41.57
C ASP C 48 19.57 -56.54 -40.29
N LEU C 49 18.88 -56.53 -39.15
CA LEU C 49 19.43 -56.28 -37.82
C LEU C 49 19.82 -54.81 -37.64
N ASN C 50 20.74 -54.29 -38.47
CA ASN C 50 21.03 -52.87 -38.37
C ASN C 50 19.78 -52.05 -38.63
N LYS C 51 18.99 -52.48 -39.62
CA LYS C 51 17.75 -51.77 -39.90
C LYS C 51 16.75 -51.98 -38.77
N ALA C 52 16.66 -53.20 -38.26
CA ALA C 52 15.74 -53.45 -37.17
C ALA C 52 16.14 -52.64 -35.93
N TYR C 53 17.45 -52.48 -35.68
CA TYR C 53 17.93 -51.73 -34.51
C TYR C 53 17.45 -50.27 -34.57
N LYS C 54 17.55 -49.65 -35.74
CA LYS C 54 17.12 -48.26 -35.88
C LYS C 54 15.61 -48.15 -35.67
N SER C 55 14.86 -49.17 -36.12
CA SER C 55 13.41 -49.16 -35.98
C SER C 55 13.00 -49.22 -34.51
N VAL C 56 13.55 -50.19 -33.76
CA VAL C 56 13.16 -50.34 -32.36
C VAL C 56 13.69 -49.16 -31.53
N LEU C 57 14.87 -48.64 -31.88
CA LEU C 57 15.38 -47.47 -31.16
C LEU C 57 14.45 -46.29 -31.33
N SER C 58 13.97 -46.10 -32.56
CA SER C 58 12.97 -45.08 -32.82
C SER C 58 11.69 -45.34 -32.01
N GLY C 59 11.25 -46.60 -31.96
CA GLY C 59 10.04 -46.93 -31.21
C GLY C 59 10.18 -46.62 -29.72
N MET C 60 11.36 -46.88 -29.15
CA MET C 60 11.60 -46.58 -27.74
C MET C 60 11.48 -45.09 -27.45
N SER C 61 12.24 -44.27 -28.21
CA SER C 61 12.18 -42.84 -27.93
C SER C 61 10.84 -42.24 -28.28
N ALA C 62 9.95 -43.02 -28.85
CA ALA C 62 8.61 -42.58 -29.18
C ALA C 62 7.50 -43.08 -28.29
N ALA C 63 7.78 -44.00 -27.36
CA ALA C 63 6.77 -44.63 -26.55
C ALA C 63 5.75 -45.44 -27.38
N LYS C 64 6.06 -45.78 -28.64
CA LYS C 64 5.21 -46.68 -29.42
C LYS C 64 6.05 -47.86 -29.96
N LEU C 65 5.70 -49.08 -29.56
CA LEU C 65 6.45 -50.26 -29.96
C LEU C 65 5.55 -51.35 -30.50
N ASP C 66 6.06 -52.07 -31.51
CA ASP C 66 5.34 -53.20 -32.10
C ASP C 66 5.88 -54.48 -31.50
N PRO C 67 5.04 -55.25 -30.82
CA PRO C 67 5.52 -56.43 -30.10
C PRO C 67 6.20 -57.44 -31.00
N ASP C 68 5.61 -57.74 -32.16
CA ASP C 68 6.19 -58.75 -33.04
C ASP C 68 7.55 -58.31 -33.56
N ASP C 69 7.68 -57.03 -33.93
CA ASP C 69 8.96 -56.56 -34.44
C ASP C 69 10.02 -56.60 -33.36
N VAL C 70 9.66 -56.17 -32.14
CA VAL C 70 10.62 -56.17 -31.04
C VAL C 70 11.07 -57.60 -30.75
N CYS C 71 10.13 -58.57 -30.78
CA CYS C 71 10.50 -59.96 -30.51
C CYS C 71 11.47 -60.49 -31.55
N SER C 72 11.23 -60.18 -32.83
CA SER C 72 12.10 -60.65 -33.91
C SER C 72 13.51 -60.07 -33.76
N TYR C 73 13.60 -58.81 -33.31
CA TYR C 73 14.90 -58.18 -33.07
C TYR C 73 15.68 -58.89 -31.97
N LEU C 74 14.98 -59.28 -30.90
CA LEU C 74 15.59 -59.99 -29.78
C LEU C 74 16.05 -61.39 -30.19
N ALA C 75 15.24 -62.10 -30.98
CA ALA C 75 15.69 -63.41 -31.47
C ALA C 75 16.88 -63.25 -32.43
N ALA C 76 16.87 -62.19 -33.25
CA ALA C 76 17.99 -61.91 -34.14
C ALA C 76 19.25 -61.61 -33.34
N ALA C 77 19.10 -60.88 -32.24
CA ALA C 77 20.23 -60.51 -31.40
C ALA C 77 20.85 -61.71 -30.66
N MET C 78 20.17 -62.88 -30.66
CA MET C 78 20.63 -64.08 -29.95
C MET C 78 21.96 -64.58 -30.47
N GLN C 79 22.23 -64.42 -31.75
CA GLN C 79 23.48 -64.93 -32.30
C GLN C 79 24.67 -64.16 -31.75
N PHE C 80 24.49 -62.85 -31.57
CA PHE C 80 25.55 -61.98 -31.07
C PHE C 80 25.90 -62.31 -29.61
N PHE C 81 24.92 -62.56 -28.75
CA PHE C 81 25.16 -62.76 -27.31
C PHE C 81 25.49 -64.23 -27.07
N GLU C 82 26.74 -64.60 -27.31
CA GLU C 82 27.12 -66.01 -27.17
C GLU C 82 28.51 -66.13 -26.55
N GLY C 83 28.74 -67.23 -25.83
CA GLY C 83 30.01 -67.49 -25.18
C GLY C 83 30.22 -68.98 -24.93
N THR C 84 31.48 -69.34 -24.67
CA THR C 84 31.75 -70.73 -24.34
C THR C 84 31.33 -71.03 -22.89
N CYS C 85 30.66 -72.22 -22.69
CA CYS C 85 30.16 -72.63 -21.38
C CYS C 85 31.27 -73.34 -20.59
N PRO C 86 31.38 -73.07 -19.28
CA PRO C 86 32.45 -73.76 -18.51
C PRO C 86 32.33 -75.29 -18.52
N GLU C 87 31.14 -75.83 -18.33
CA GLU C 87 30.85 -77.27 -18.30
C GLU C 87 29.49 -77.48 -18.93
N ASP C 88 29.13 -78.73 -19.24
CA ASP C 88 27.75 -78.95 -19.68
C ASP C 88 26.83 -78.54 -18.55
N TRP C 89 25.89 -77.63 -18.82
CA TRP C 89 24.99 -77.09 -17.80
C TRP C 89 23.53 -77.47 -18.02
N THR C 90 23.18 -78.08 -19.15
CA THR C 90 21.82 -78.56 -19.40
C THR C 90 21.90 -80.08 -19.40
N SER C 91 21.20 -80.72 -18.45
CA SER C 91 21.11 -82.18 -18.40
C SER C 91 19.69 -82.64 -18.73
N TYR C 92 18.82 -81.73 -19.19
CA TYR C 92 17.41 -82.03 -19.40
C TYR C 92 17.22 -82.63 -20.79
N GLY C 93 16.97 -83.94 -20.85
CA GLY C 93 16.73 -84.68 -22.09
C GLY C 93 17.66 -84.27 -23.24
N ILE C 94 17.10 -83.64 -24.27
CA ILE C 94 17.89 -83.09 -25.38
C ILE C 94 18.65 -81.91 -24.81
N VAL C 95 19.94 -82.13 -24.54
CA VAL C 95 20.74 -81.17 -23.84
C VAL C 95 21.56 -80.41 -24.86
N ILE C 96 22.00 -79.20 -24.48
CA ILE C 96 22.90 -78.49 -25.38
C ILE C 96 24.31 -79.10 -25.34
N ALA C 97 24.66 -79.79 -24.24
CA ALA C 97 26.00 -80.39 -23.97
C ALA C 97 27.06 -79.37 -24.37
N ARG C 98 27.99 -79.74 -25.27
CA ARG C 98 29.06 -78.86 -25.78
C ARG C 98 29.84 -78.20 -24.65
N LYS C 99 30.26 -79.02 -23.68
CA LYS C 99 31.02 -78.48 -22.56
C LYS C 99 32.32 -77.90 -23.11
N GLY C 100 32.62 -76.66 -22.73
CA GLY C 100 33.81 -75.96 -23.20
C GLY C 100 33.68 -75.41 -24.61
N ASP C 101 32.49 -75.54 -25.23
CA ASP C 101 32.18 -75.09 -26.58
C ASP C 101 31.21 -73.95 -26.54
N LYS C 102 31.50 -72.89 -27.32
CA LYS C 102 30.61 -71.73 -27.33
C LYS C 102 29.27 -72.13 -27.93
N ILE C 103 28.17 -71.65 -27.31
CA ILE C 103 26.81 -71.97 -27.71
C ILE C 103 26.00 -70.67 -27.71
N THR C 104 25.06 -70.50 -28.76
CA THR C 104 24.29 -69.26 -28.71
C THR C 104 23.01 -69.53 -27.91
N PRO C 105 22.33 -68.48 -27.47
CA PRO C 105 21.01 -68.69 -26.87
C PRO C 105 20.06 -69.33 -27.84
N GLY C 106 20.15 -68.99 -29.12
CA GLY C 106 19.28 -69.58 -30.11
C GLY C 106 19.42 -71.09 -30.28
N SER C 107 20.59 -71.63 -29.90
CA SER C 107 20.81 -73.07 -30.11
C SER C 107 19.96 -73.93 -29.18
N LEU C 108 19.68 -73.41 -27.98
CA LEU C 108 18.93 -74.14 -26.95
C LEU C 108 17.41 -74.02 -27.13
N VAL C 109 16.96 -72.89 -27.68
CA VAL C 109 15.53 -72.61 -27.84
C VAL C 109 15.05 -72.79 -29.29
N GLU C 110 15.96 -73.00 -30.24
CA GLU C 110 15.64 -73.31 -31.65
C GLU C 110 14.53 -72.38 -32.18
N ILE C 111 14.87 -71.08 -32.25
CA ILE C 111 13.91 -70.04 -32.67
C ILE C 111 13.47 -70.30 -34.12
N LYS C 112 12.16 -70.27 -34.36
CA LYS C 112 11.57 -70.52 -35.67
C LYS C 112 11.20 -69.21 -36.37
N ARG C 113 11.74 -69.02 -37.58
CA ARG C 113 11.54 -67.84 -38.40
C ARG C 113 10.52 -68.14 -39.50
N THR C 114 9.55 -67.23 -39.70
CA THR C 114 8.53 -67.30 -40.76
C THR C 114 8.99 -66.47 -41.95
N ASP C 115 8.36 -66.70 -43.10
CA ASP C 115 8.71 -65.89 -44.25
C ASP C 115 8.07 -64.50 -44.24
N VAL C 116 7.26 -64.16 -43.23
CA VAL C 116 6.62 -62.85 -43.19
C VAL C 116 7.53 -61.90 -42.43
N GLU C 117 7.83 -60.77 -43.04
CA GLU C 117 8.72 -59.79 -42.43
C GLU C 117 7.90 -58.82 -41.60
N GLY C 118 8.58 -58.18 -40.64
CA GLY C 118 7.92 -57.23 -39.78
C GLY C 118 7.89 -55.84 -40.37
N ASN C 119 6.98 -55.02 -39.84
CA ASN C 119 6.77 -53.68 -40.38
C ASN C 119 7.97 -52.77 -40.15
N TRP C 120 8.77 -53.03 -39.12
CA TRP C 120 9.95 -52.25 -38.74
C TRP C 120 9.84 -50.80 -39.21
N ALA C 121 8.89 -50.07 -38.62
CA ALA C 121 8.58 -48.71 -39.05
C ALA C 121 9.28 -47.69 -38.15
N LEU C 122 9.57 -46.52 -38.73
CA LEU C 122 10.34 -45.50 -38.05
C LEU C 122 9.40 -44.44 -37.49
N THR C 123 9.37 -44.31 -36.16
CA THR C 123 8.41 -43.41 -35.54
C THR C 123 9.04 -42.31 -34.72
N GLY C 124 9.94 -42.65 -33.81
CA GLY C 124 10.47 -41.70 -32.87
C GLY C 124 11.94 -41.45 -33.07
N GLY C 125 12.47 -40.57 -32.25
CA GLY C 125 13.76 -39.98 -32.57
C GLY C 125 14.96 -40.90 -32.66
N MET C 126 15.38 -41.25 -33.88
CA MET C 126 16.60 -42.02 -34.11
C MET C 126 17.57 -41.14 -34.90
N GLU C 127 18.73 -40.78 -34.30
CA GLU C 127 19.72 -39.89 -34.90
C GLU C 127 20.98 -40.59 -35.43
N LEU C 128 21.02 -41.93 -35.35
CA LEU C 128 22.20 -42.69 -35.77
C LEU C 128 22.32 -42.64 -37.28
N THR C 129 23.39 -42.00 -37.75
CA THR C 129 23.68 -41.92 -39.18
C THR C 129 24.62 -43.03 -39.61
N ARG C 130 25.13 -43.82 -38.67
CA ARG C 130 26.06 -44.91 -38.95
C ARG C 130 25.44 -46.25 -38.59
N ASP C 131 26.05 -47.33 -39.10
CA ASP C 131 25.63 -48.66 -38.70
C ASP C 131 25.92 -48.85 -37.20
N PRO C 132 24.99 -49.47 -36.45
CA PRO C 132 25.13 -49.53 -34.98
C PRO C 132 26.21 -50.51 -34.53
N THR C 133 26.84 -50.18 -33.40
CA THR C 133 27.83 -51.09 -32.83
C THR C 133 27.12 -52.15 -31.99
N VAL C 134 27.82 -53.24 -31.73
CA VAL C 134 27.24 -54.30 -30.91
C VAL C 134 26.84 -53.80 -29.50
N PRO C 135 27.68 -53.07 -28.71
CA PRO C 135 27.15 -52.49 -27.42
C PRO C 135 25.82 -51.74 -27.50
N GLU C 136 25.66 -50.85 -28.48
CA GLU C 136 24.40 -50.16 -28.72
C GLU C 136 23.26 -51.16 -28.86
N HIS C 137 23.51 -52.26 -29.60
CA HIS C 137 22.58 -53.38 -29.71
C HIS C 137 22.28 -53.99 -28.35
N ALA C 138 23.31 -54.23 -27.53
CA ALA C 138 23.11 -54.82 -26.21
C ALA C 138 22.34 -53.86 -25.29
N SER C 139 22.66 -52.55 -25.33
CA SER C 139 21.90 -51.57 -24.53
C SER C 139 20.43 -51.55 -24.92
N LEU C 140 20.14 -51.63 -26.23
CA LEU C 140 18.74 -51.69 -26.65
C LEU C 140 18.09 -53.00 -26.20
N VAL C 141 18.80 -54.13 -26.35
CA VAL C 141 18.23 -55.42 -25.94
C VAL C 141 17.91 -55.40 -24.45
N GLY C 142 18.82 -54.84 -23.64
CA GLY C 142 18.57 -54.78 -22.22
C GLY C 142 17.40 -53.88 -21.87
N LEU C 143 17.32 -52.71 -22.52
CA LEU C 143 16.24 -51.77 -22.24
C LEU C 143 14.88 -52.36 -22.60
N LEU C 144 14.81 -53.11 -23.71
CA LEU C 144 13.58 -53.78 -24.11
C LEU C 144 13.20 -54.87 -23.09
N LEU C 145 14.18 -55.68 -22.66
CA LEU C 145 13.94 -56.72 -21.66
C LEU C 145 13.56 -56.14 -20.31
N SER C 146 14.10 -54.96 -19.96
CA SER C 146 13.72 -54.32 -18.71
C SER C 146 12.24 -53.97 -18.67
N LEU C 147 11.60 -53.83 -19.83
CA LEU C 147 10.17 -53.57 -19.80
C LEU C 147 9.42 -54.72 -19.14
N TYR C 148 9.90 -55.95 -19.30
CA TYR C 148 9.20 -57.10 -18.75
C TYR C 148 9.12 -57.04 -17.23
N ARG C 149 10.24 -56.76 -16.57
CA ARG C 149 10.20 -56.61 -15.12
C ARG C 149 9.31 -55.45 -14.69
N LEU C 150 9.36 -54.34 -15.43
CA LEU C 150 8.54 -53.18 -15.08
C LEU C 150 7.05 -53.49 -15.19
N SER C 151 6.66 -54.24 -16.24
CA SER C 151 5.26 -54.63 -16.43
C SER C 151 4.77 -55.50 -15.31
N LYS C 152 5.61 -56.44 -14.87
CA LYS C 152 5.22 -57.33 -13.79
C LYS C 152 5.01 -56.55 -12.49
N ILE C 153 5.91 -55.59 -12.19
CA ILE C 153 5.87 -54.94 -10.89
C ILE C 153 4.79 -53.87 -10.79
N SER C 154 3.54 -54.22 -11.09
CA SER C 154 2.42 -53.29 -11.03
C SER C 154 1.48 -53.69 -9.88
N GLY C 155 0.97 -52.69 -9.16
CA GLY C 155 0.15 -52.90 -7.98
C GLY C 155 -0.01 -51.58 -7.24
N GLN C 156 -0.69 -51.64 -6.10
CA GLN C 156 -0.92 -50.40 -5.33
C GLN C 156 0.39 -49.97 -4.66
N ASN C 157 0.62 -48.66 -4.59
CA ASN C 157 1.81 -48.05 -3.97
C ASN C 157 3.13 -48.59 -4.51
N THR C 158 3.09 -49.34 -5.60
CA THR C 158 4.34 -49.79 -6.20
C THR C 158 4.87 -48.80 -7.22
N GLY C 159 4.31 -47.59 -7.22
CA GLY C 159 4.70 -46.57 -8.17
C GLY C 159 6.12 -46.12 -7.86
N ASN C 160 6.29 -45.56 -6.66
CA ASN C 160 7.60 -45.06 -6.25
C ASN C 160 8.65 -46.16 -6.32
N TYR C 161 8.26 -47.40 -6.04
CA TYR C 161 9.19 -48.52 -6.17
C TYR C 161 9.50 -48.78 -7.64
N LYS C 162 8.50 -48.64 -8.52
CA LYS C 162 8.69 -48.79 -9.96
C LYS C 162 9.65 -47.73 -10.48
N THR C 163 9.50 -46.48 -10.01
CA THR C 163 10.37 -45.40 -10.44
C THR C 163 11.83 -45.66 -10.03
N ASN C 164 12.04 -46.15 -8.80
CA ASN C 164 13.41 -46.43 -8.36
C ASN C 164 14.04 -47.54 -9.20
N ILE C 165 13.24 -48.56 -9.55
CA ILE C 165 13.72 -49.69 -10.35
C ILE C 165 14.07 -49.23 -11.77
N ALA C 166 13.22 -48.38 -12.36
CA ALA C 166 13.52 -47.91 -13.71
C ALA C 166 14.78 -47.06 -13.72
N ASP C 167 14.94 -46.19 -12.72
CA ASP C 167 16.14 -45.36 -12.65
C ASP C 167 17.39 -46.22 -12.58
N ARG C 168 17.36 -47.28 -11.75
CA ARG C 168 18.50 -48.20 -11.67
C ARG C 168 18.79 -48.85 -13.00
N ILE C 169 17.73 -49.23 -13.74
CA ILE C 169 17.94 -49.86 -15.04
C ILE C 169 18.60 -48.88 -16.00
N GLU C 170 18.14 -47.62 -15.99
CA GLU C 170 18.73 -46.63 -16.88
C GLU C 170 20.20 -46.41 -16.57
N GLN C 171 20.53 -46.37 -15.27
CA GLN C 171 21.91 -46.14 -14.85
C GLN C 171 22.82 -47.27 -15.34
N ILE C 172 22.31 -48.51 -15.35
CA ILE C 172 23.06 -49.68 -15.82
C ILE C 172 23.42 -49.54 -17.29
N PHE C 173 22.42 -49.19 -18.10
CA PHE C 173 22.63 -49.13 -19.54
C PHE C 173 23.18 -47.80 -20.04
N GLU C 174 23.34 -46.78 -19.20
CA GLU C 174 23.99 -45.55 -19.65
C GLU C 174 25.48 -45.50 -19.34
N THR C 175 26.00 -46.45 -18.56
CA THR C 175 27.41 -46.60 -18.14
C THR C 175 27.84 -48.03 -18.43
N ALA C 176 29.13 -48.36 -18.15
CA ALA C 176 29.63 -49.73 -18.37
C ALA C 176 29.68 -50.01 -19.87
N PRO C 177 29.92 -51.26 -20.36
CA PRO C 177 29.92 -51.44 -21.83
C PRO C 177 28.69 -50.91 -22.53
N PHE C 178 27.56 -50.82 -21.84
CA PHE C 178 26.35 -50.30 -22.47
C PHE C 178 26.52 -48.80 -22.69
N VAL C 179 25.96 -48.29 -23.79
CA VAL C 179 26.11 -46.90 -24.17
C VAL C 179 24.73 -46.24 -24.12
N LYS C 180 24.70 -44.97 -23.70
CA LYS C 180 23.43 -44.27 -23.55
C LYS C 180 22.79 -44.08 -24.91
N ILE C 181 21.63 -44.70 -25.13
CA ILE C 181 20.96 -44.54 -26.41
C ILE C 181 19.58 -43.93 -26.28
N VAL C 182 18.99 -43.92 -25.09
CA VAL C 182 17.61 -43.45 -24.95
C VAL C 182 17.50 -42.26 -23.99
N GLU C 183 18.60 -41.54 -23.73
CA GLU C 183 18.54 -40.48 -22.75
C GLU C 183 17.80 -40.93 -21.49
N HIS C 184 17.13 -40.00 -20.80
CA HIS C 184 16.50 -40.37 -19.53
C HIS C 184 14.99 -40.22 -19.65
N HIS C 185 14.31 -40.90 -18.71
CA HIS C 185 12.85 -40.93 -18.50
C HIS C 185 12.07 -41.54 -19.64
N THR C 186 12.73 -41.97 -20.71
CA THR C 186 12.09 -42.68 -21.80
C THR C 186 11.57 -44.05 -21.36
N LEU C 187 12.31 -44.74 -20.48
CA LEU C 187 11.92 -46.08 -20.05
C LEU C 187 10.59 -46.06 -19.30
N MET C 188 10.39 -45.02 -18.47
CA MET C 188 9.13 -44.89 -17.75
C MET C 188 7.96 -44.63 -18.70
N THR C 189 8.15 -43.76 -19.68
CA THR C 189 7.07 -43.45 -20.60
C THR C 189 6.73 -44.66 -21.49
N THR C 190 7.74 -45.41 -21.97
CA THR C 190 7.45 -46.62 -22.75
C THR C 190 6.71 -47.65 -21.90
N HIS C 191 7.05 -47.74 -20.59
CA HIS C 191 6.36 -48.68 -19.71
C HIS C 191 4.88 -48.35 -19.61
N LYS C 192 4.52 -47.06 -19.57
CA LYS C 192 3.10 -46.70 -19.48
C LYS C 192 2.30 -47.24 -20.66
N MET C 193 2.87 -47.18 -21.87
CA MET C 193 2.26 -47.80 -23.05
C MET C 193 2.43 -49.31 -23.11
N CYS C 194 3.45 -49.86 -22.46
CA CYS C 194 3.72 -51.29 -22.49
C CYS C 194 3.56 -51.93 -21.10
N ALA C 195 2.52 -51.50 -20.38
CA ALA C 195 2.34 -51.93 -19.00
C ALA C 195 1.94 -53.39 -18.88
N ASN C 196 1.22 -53.91 -19.88
CA ASN C 196 0.80 -55.29 -19.86
C ASN C 196 1.63 -56.14 -20.81
N TRP C 197 2.84 -55.66 -21.18
CA TRP C 197 3.67 -56.39 -22.15
C TRP C 197 4.15 -57.72 -21.60
N SER C 198 4.08 -57.89 -20.28
CA SER C 198 4.38 -59.17 -19.64
C SER C 198 3.43 -60.28 -20.10
N THR C 199 2.19 -59.93 -20.46
CA THR C 199 1.20 -60.93 -20.90
C THR C 199 1.60 -61.58 -22.23
N ILE C 200 2.32 -60.86 -23.10
CA ILE C 200 2.74 -61.37 -24.41
C ILE C 200 3.68 -62.58 -24.30
N PRO C 201 3.31 -63.74 -24.84
CA PRO C 201 4.10 -64.96 -24.57
C PRO C 201 5.49 -64.94 -25.17
N ASN C 202 5.65 -64.45 -26.40
CA ASN C 202 6.97 -64.47 -27.06
C ASN C 202 7.96 -63.57 -26.33
N PHE C 203 7.49 -62.43 -25.82
CA PHE C 203 8.33 -61.53 -25.05
C PHE C 203 8.85 -62.22 -23.78
N ARG C 204 7.95 -62.91 -23.08
CA ARG C 204 8.30 -63.69 -21.91
C ARG C 204 9.26 -64.82 -22.25
N PHE C 205 9.00 -65.52 -23.37
CA PHE C 205 9.87 -66.63 -23.76
C PHE C 205 11.28 -66.13 -24.02
N LEU C 206 11.40 -65.02 -24.74
CA LEU C 206 12.72 -64.49 -25.05
C LEU C 206 13.44 -64.04 -23.80
N ALA C 207 12.73 -63.35 -22.90
CA ALA C 207 13.35 -62.85 -21.68
C ALA C 207 13.89 -63.99 -20.84
N GLY C 208 13.12 -65.08 -20.73
CA GLY C 208 13.60 -66.26 -20.02
C GLY C 208 14.82 -66.85 -20.69
N THR C 209 14.84 -66.86 -22.03
CA THR C 209 15.97 -67.41 -22.76
C THR C 209 17.24 -66.64 -22.40
N TYR C 210 17.14 -65.31 -22.36
CA TYR C 210 18.29 -64.48 -22.03
C TYR C 210 18.79 -64.71 -20.60
N ASP C 211 17.88 -64.81 -19.62
CA ASP C 211 18.32 -64.96 -18.24
C ASP C 211 19.04 -66.28 -18.07
N MET C 212 18.52 -67.36 -18.67
CA MET C 212 19.11 -68.68 -18.46
C MET C 212 20.57 -68.73 -18.90
N PHE C 213 20.83 -68.24 -20.12
CA PHE C 213 22.17 -68.22 -20.68
C PHE C 213 23.08 -67.28 -19.91
N PHE C 214 22.60 -66.06 -19.59
CA PHE C 214 23.43 -65.08 -18.89
C PHE C 214 23.79 -65.54 -17.48
N SER C 215 22.90 -66.32 -16.84
CA SER C 215 23.17 -66.78 -15.49
C SER C 215 24.34 -67.77 -15.41
N ARG C 216 24.45 -68.68 -16.40
CA ARG C 216 25.51 -69.71 -16.40
C ARG C 216 26.89 -69.16 -16.78
N ILE C 217 26.95 -68.31 -17.80
CA ILE C 217 28.22 -67.77 -18.33
C ILE C 217 28.29 -66.27 -18.07
N GLU C 218 29.33 -65.84 -17.36
CA GLU C 218 29.55 -64.41 -17.15
C GLU C 218 29.92 -63.77 -18.49
N HIS C 219 29.36 -62.58 -18.75
CA HIS C 219 29.53 -61.94 -20.04
C HIS C 219 29.73 -60.45 -19.80
N LEU C 220 30.18 -59.75 -20.84
CA LEU C 220 30.30 -58.30 -20.76
C LEU C 220 28.93 -57.65 -20.58
N TYR C 221 27.91 -58.20 -21.25
CA TYR C 221 26.56 -57.68 -21.18
C TYR C 221 25.66 -58.55 -20.26
N SER C 222 26.25 -59.17 -19.22
CA SER C 222 25.45 -59.97 -18.29
C SER C 222 24.51 -59.10 -17.46
N ALA C 223 24.77 -57.78 -17.37
CA ALA C 223 23.95 -56.81 -16.63
C ALA C 223 22.57 -56.64 -17.24
N ILE C 224 22.37 -57.19 -18.44
CA ILE C 224 21.06 -57.23 -19.07
C ILE C 224 20.09 -58.02 -18.21
N ARG C 225 20.61 -58.88 -17.33
CA ARG C 225 19.76 -59.73 -16.49
C ARG C 225 18.83 -58.93 -15.59
N VAL C 226 19.10 -57.64 -15.37
CA VAL C 226 18.26 -56.85 -14.46
C VAL C 226 16.81 -56.88 -14.93
N GLY C 227 16.60 -56.87 -16.25
CA GLY C 227 15.26 -57.03 -16.79
C GLY C 227 14.73 -58.44 -16.64
N THR C 228 15.60 -59.44 -16.83
CA THR C 228 15.20 -60.85 -16.89
C THR C 228 15.30 -61.61 -15.58
N VAL C 229 15.73 -60.96 -14.49
CA VAL C 229 15.92 -61.69 -13.24
C VAL C 229 14.60 -62.28 -12.77
N VAL C 230 13.50 -61.56 -13.01
CA VAL C 230 12.16 -61.95 -12.56
C VAL C 230 11.69 -63.26 -13.22
N THR C 231 12.19 -63.56 -14.42
CA THR C 231 11.79 -64.80 -15.08
C THR C 231 12.25 -66.02 -14.29
N ALA C 232 13.40 -65.91 -13.61
CA ALA C 232 13.93 -67.02 -12.85
C ALA C 232 13.05 -67.34 -11.65
N TYR C 233 12.70 -68.61 -11.52
CA TYR C 233 11.79 -69.11 -10.48
C TYR C 233 10.46 -68.36 -10.48
N GLU C 234 9.97 -68.01 -11.66
CA GLU C 234 8.74 -67.24 -11.76
C GLU C 234 7.55 -68.16 -11.44
N ASP C 235 6.62 -67.65 -10.64
CA ASP C 235 5.39 -68.38 -10.27
C ASP C 235 5.68 -69.66 -9.48
N CYS C 236 6.81 -69.68 -8.78
CA CYS C 236 7.23 -70.81 -7.95
C CYS C 236 7.51 -70.35 -6.52
N SER C 237 6.83 -69.28 -6.07
CA SER C 237 7.11 -68.72 -4.75
C SER C 237 6.89 -69.74 -3.64
N GLY C 238 5.94 -70.65 -3.81
CA GLY C 238 5.75 -71.65 -2.78
C GLY C 238 7.01 -72.48 -2.57
N LEU C 239 7.60 -72.97 -3.66
CA LEU C 239 8.81 -73.74 -3.53
C LEU C 239 9.95 -72.91 -2.94
N VAL C 240 10.07 -71.65 -3.37
CA VAL C 240 11.13 -70.78 -2.88
C VAL C 240 10.95 -70.47 -1.40
N SER C 241 9.71 -70.21 -0.97
CA SER C 241 9.47 -69.95 0.44
C SER C 241 9.85 -71.15 1.28
N PHE C 242 9.53 -72.34 0.78
CA PHE C 242 9.87 -73.54 1.52
C PHE C 242 11.37 -73.69 1.69
N THR C 243 12.14 -73.48 0.64
CA THR C 243 13.59 -73.59 0.78
C THR C 243 14.12 -72.54 1.74
N GLY C 244 13.61 -71.31 1.65
CA GLY C 244 14.02 -70.29 2.58
C GLY C 244 13.63 -70.65 4.00
N PHE C 245 12.45 -71.24 4.16
CA PHE C 245 11.99 -71.64 5.48
C PHE C 245 12.96 -72.66 6.10
N ILE C 246 13.37 -73.64 5.30
CA ILE C 246 14.28 -74.70 5.74
C ILE C 246 15.58 -74.12 6.29
N LYS C 247 16.18 -73.15 5.58
CA LYS C 247 17.45 -72.58 6.01
C LYS C 247 17.31 -71.67 7.23
N GLN C 248 16.25 -70.85 7.27
CA GLN C 248 16.06 -69.97 8.43
C GLN C 248 15.72 -70.77 9.67
N ILE C 249 14.92 -71.82 9.51
CA ILE C 249 14.45 -72.62 10.63
C ILE C 249 15.55 -73.56 11.10
N ASN C 250 16.57 -73.70 10.26
CA ASN C 250 17.77 -74.48 10.48
C ASN C 250 17.45 -75.97 10.64
N LEU C 251 16.54 -76.48 9.80
CA LEU C 251 16.17 -77.89 9.75
C LEU C 251 16.35 -78.44 8.34
N THR C 252 16.46 -79.77 8.25
CA THR C 252 16.55 -80.45 6.98
C THR C 252 15.16 -80.56 6.38
N ALA C 253 15.08 -80.45 5.06
CA ALA C 253 13.81 -80.56 4.35
C ALA C 253 12.90 -81.65 4.91
N ARG C 254 13.44 -82.85 5.15
CA ARG C 254 12.62 -83.94 5.65
C ARG C 254 12.08 -83.63 7.04
N GLU C 255 12.99 -83.27 7.96
CA GLU C 255 12.61 -82.95 9.35
C GLU C 255 11.55 -81.86 9.39
N ALA C 256 11.66 -80.86 8.52
CA ALA C 256 10.70 -79.77 8.54
C ALA C 256 9.30 -80.28 8.19
N ILE C 257 9.18 -81.13 7.17
CA ILE C 257 7.84 -81.60 6.82
C ILE C 257 7.23 -82.42 7.97
N LEU C 258 8.07 -83.05 8.82
CA LEU C 258 7.55 -83.81 9.95
C LEU C 258 6.69 -82.96 10.85
N TYR C 259 7.05 -81.68 10.99
CA TYR C 259 6.32 -80.72 11.79
C TYR C 259 5.02 -80.25 11.14
N PHE C 260 4.75 -80.61 9.88
CA PHE C 260 3.50 -80.20 9.20
C PHE C 260 2.36 -81.14 9.63
N PHE C 261 1.69 -80.82 10.73
CA PHE C 261 0.71 -81.76 11.29
C PHE C 261 -0.68 -81.47 10.76
N HIS C 262 -0.90 -81.71 9.48
CA HIS C 262 -2.27 -81.57 9.00
C HIS C 262 -2.54 -82.38 7.73
N LYS C 263 -3.79 -82.82 7.59
CA LYS C 263 -4.15 -83.62 6.43
C LYS C 263 -3.98 -82.81 5.15
N ASN C 264 -4.30 -81.52 5.19
CA ASN C 264 -4.25 -80.75 3.96
C ASN C 264 -2.85 -80.72 3.36
N PHE C 265 -1.82 -80.74 4.20
CA PHE C 265 -0.45 -80.58 3.69
C PHE C 265 -0.08 -81.66 2.70
N GLU C 266 -0.66 -82.87 2.84
CA GLU C 266 -0.22 -84.01 2.06
C GLU C 266 -0.33 -83.73 0.56
N GLU C 267 -1.49 -83.25 0.11
CA GLU C 267 -1.70 -83.06 -1.32
C GLU C 267 -0.69 -82.08 -1.91
N GLU C 268 -0.45 -81.00 -1.16
CA GLU C 268 0.48 -79.95 -1.56
C GLU C 268 1.92 -80.45 -1.55
N ILE C 269 2.31 -81.21 -0.51
CA ILE C 269 3.67 -81.74 -0.41
C ILE C 269 3.96 -82.62 -1.61
N ARG C 270 3.01 -83.49 -1.96
CA ARG C 270 3.15 -84.34 -3.14
C ARG C 270 3.22 -83.48 -4.40
N ARG C 271 2.43 -82.40 -4.47
CA ARG C 271 2.38 -81.57 -5.67
C ARG C 271 3.72 -80.89 -5.92
N MET C 272 4.30 -80.30 -4.88
CA MET C 272 5.54 -79.56 -5.07
C MET C 272 6.76 -80.47 -5.14
N PHE C 273 6.65 -81.71 -4.69
CA PHE C 273 7.82 -82.57 -4.66
C PHE C 273 7.74 -83.70 -5.69
N GLU C 274 7.03 -83.45 -6.79
CA GLU C 274 6.92 -84.47 -7.84
C GLU C 274 8.30 -84.78 -8.42
N PRO C 275 8.65 -86.06 -8.56
CA PRO C 275 9.97 -86.42 -9.08
C PRO C 275 10.05 -86.20 -10.58
N GLY C 276 11.28 -86.18 -11.10
CA GLY C 276 11.47 -85.92 -12.51
C GLY C 276 11.70 -84.47 -12.86
N GLN C 277 11.53 -83.56 -11.92
CA GLN C 277 11.83 -82.16 -12.15
C GLN C 277 13.20 -81.81 -11.59
N GLU C 278 14.02 -81.16 -12.42
CA GLU C 278 15.40 -80.81 -12.05
C GLU C 278 15.44 -79.63 -11.09
N THR C 279 14.79 -79.80 -9.93
CA THR C 279 14.88 -78.79 -8.88
C THR C 279 16.29 -78.70 -8.32
N ALA C 280 16.95 -79.85 -8.17
CA ALA C 280 18.27 -79.87 -7.54
C ALA C 280 19.36 -79.31 -8.46
N VAL C 281 19.19 -79.41 -9.78
CA VAL C 281 20.25 -78.98 -10.72
C VAL C 281 20.41 -77.47 -10.66
N PRO C 282 21.63 -76.94 -10.51
CA PRO C 282 21.77 -75.48 -10.33
C PRO C 282 21.27 -74.71 -11.53
N HIS C 283 21.64 -75.14 -12.73
CA HIS C 283 21.21 -74.50 -13.95
C HIS C 283 20.42 -75.54 -14.71
N SER C 284 19.15 -75.25 -14.97
CA SER C 284 18.31 -76.26 -15.57
C SER C 284 17.14 -75.54 -16.21
N TYR C 285 16.40 -76.29 -17.02
CA TYR C 285 15.20 -75.76 -17.62
C TYR C 285 14.16 -75.43 -16.55
N PHE C 286 14.24 -76.10 -15.41
CA PHE C 286 13.23 -75.95 -14.37
C PHE C 286 13.14 -74.51 -13.85
N ILE C 287 14.30 -73.86 -13.68
CA ILE C 287 14.35 -72.52 -13.08
C ILE C 287 13.59 -71.49 -13.91
N HIS C 288 13.52 -71.68 -15.23
CA HIS C 288 12.81 -70.75 -16.08
C HIS C 288 11.63 -71.39 -16.77
N PHE C 289 11.12 -72.50 -16.22
CA PHE C 289 10.10 -73.27 -16.93
C PHE C 289 8.85 -72.43 -17.13
N ARG C 290 8.47 -71.62 -16.16
CA ARG C 290 7.27 -70.81 -16.36
C ARG C 290 7.47 -69.74 -17.44
N SER C 291 8.65 -69.10 -17.49
CA SER C 291 8.88 -68.08 -18.51
C SER C 291 8.89 -68.69 -19.91
N LEU C 292 9.57 -69.84 -20.09
CA LEU C 292 9.57 -70.58 -21.36
C LEU C 292 8.25 -71.32 -21.53
N GLY C 293 8.23 -72.35 -22.38
CA GLY C 293 7.04 -73.17 -22.54
C GLY C 293 6.89 -74.21 -21.44
N LEU C 294 6.51 -75.45 -21.80
CA LEU C 294 6.32 -76.58 -20.88
C LEU C 294 5.92 -76.25 -19.44
N SER C 295 5.04 -75.26 -19.27
CA SER C 295 4.68 -74.74 -17.96
C SER C 295 3.26 -75.10 -17.54
N GLY C 296 2.27 -74.65 -18.32
CA GLY C 296 0.87 -74.77 -17.91
C GLY C 296 0.64 -73.80 -16.77
N LYS C 297 -0.15 -74.24 -15.79
CA LYS C 297 -0.27 -73.53 -14.53
C LYS C 297 0.81 -74.13 -13.61
N SER C 298 1.49 -73.30 -12.79
CA SER C 298 2.62 -73.83 -11.99
C SER C 298 2.11 -74.55 -10.75
N PRO C 299 2.58 -75.77 -10.48
CA PRO C 299 2.19 -76.47 -9.25
C PRO C 299 2.98 -76.00 -8.05
N TYR C 300 3.96 -75.12 -8.26
CA TYR C 300 4.81 -74.56 -7.22
C TYR C 300 4.44 -73.13 -6.85
N SER C 301 3.36 -72.61 -7.44
CA SER C 301 2.90 -71.27 -7.13
C SER C 301 2.37 -71.23 -5.70
N SER C 302 2.37 -70.01 -5.11
CA SER C 302 1.94 -69.88 -3.72
C SER C 302 0.48 -70.27 -3.52
N ASN C 303 -0.36 -70.09 -4.55
CA ASN C 303 -1.76 -70.50 -4.38
C ASN C 303 -1.89 -72.03 -4.39
N ALA C 304 -1.11 -72.72 -5.22
CA ALA C 304 -1.19 -74.18 -5.32
C ALA C 304 -0.80 -74.85 -4.01
N VAL C 305 0.16 -74.26 -3.32
CA VAL C 305 0.70 -74.84 -2.10
C VAL C 305 0.36 -73.87 -0.97
N GLY C 306 -0.89 -73.39 -0.99
CA GLY C 306 -1.32 -72.31 -0.10
C GLY C 306 -1.17 -72.64 1.37
N HIS C 307 -1.53 -73.84 1.76
CA HIS C 307 -1.49 -74.23 3.17
C HIS C 307 -0.07 -74.20 3.70
N VAL C 308 0.86 -74.75 2.92
CA VAL C 308 2.25 -74.74 3.30
C VAL C 308 2.76 -73.32 3.30
N PHE C 309 2.37 -72.55 2.29
CA PHE C 309 2.81 -71.18 2.22
C PHE C 309 2.35 -70.41 3.45
N ASN C 310 1.05 -70.55 3.81
CA ASN C 310 0.53 -69.83 4.95
C ASN C 310 1.25 -70.25 6.22
N LEU C 311 1.46 -71.54 6.41
CA LEU C 311 2.15 -71.97 7.60
C LEU C 311 3.54 -71.37 7.67
N ILE C 312 4.24 -71.32 6.54
CA ILE C 312 5.62 -70.85 6.52
C ILE C 312 5.69 -69.40 7.00
N HIS C 313 4.82 -68.55 6.44
CA HIS C 313 4.90 -67.14 6.78
C HIS C 313 4.31 -66.83 8.15
N PHE C 314 3.30 -67.57 8.58
CA PHE C 314 2.85 -67.39 9.95
C PHE C 314 3.98 -67.70 10.91
N VAL C 315 4.73 -68.77 10.64
CA VAL C 315 5.93 -69.02 11.44
C VAL C 315 6.88 -67.85 11.29
N GLY C 316 7.02 -67.34 10.07
CA GLY C 316 7.88 -66.19 9.86
C GLY C 316 7.41 -64.97 10.62
N CYS C 317 6.11 -64.68 10.59
CA CYS C 317 5.61 -63.55 11.35
C CYS C 317 5.86 -63.73 12.84
N TYR C 318 5.66 -64.95 13.37
CA TYR C 318 5.98 -65.14 14.80
C TYR C 318 7.45 -64.83 15.06
N MET C 319 8.31 -65.14 14.12
CA MET C 319 9.73 -64.87 14.33
C MET C 319 10.08 -63.45 13.94
N GLY C 320 9.08 -62.69 13.49
CA GLY C 320 9.24 -61.29 13.13
C GLY C 320 9.89 -61.03 11.79
N GLN C 321 9.94 -62.03 10.91
CA GLN C 321 10.57 -61.86 9.61
C GLN C 321 9.76 -60.89 8.75
N VAL C 322 10.42 -59.88 8.20
CA VAL C 322 9.70 -58.85 7.45
C VAL C 322 9.04 -59.44 6.19
N ARG C 323 9.75 -60.34 5.48
CA ARG C 323 9.22 -60.88 4.23
C ARG C 323 7.88 -61.55 4.44
N SER C 324 7.77 -62.34 5.51
CA SER C 324 6.53 -63.03 5.79
C SER C 324 5.44 -62.02 6.14
N LEU C 325 5.78 -60.98 6.89
CA LEU C 325 4.76 -60.00 7.29
C LEU C 325 4.13 -59.36 6.07
N ASN C 326 4.91 -59.14 5.03
CA ASN C 326 4.43 -58.48 3.83
C ASN C 326 3.89 -59.46 2.81
N ALA C 327 4.00 -60.76 3.06
CA ALA C 327 3.50 -61.71 2.10
C ALA C 327 1.97 -61.72 2.13
N THR C 328 1.38 -62.01 0.99
CA THR C 328 -0.08 -62.01 0.83
C THR C 328 -0.62 -63.37 1.23
N VAL C 329 -1.56 -63.38 2.14
CA VAL C 329 -2.12 -64.62 2.62
C VAL C 329 -3.08 -65.21 1.60
N ILE C 330 -3.06 -66.53 1.45
CA ILE C 330 -4.00 -67.24 0.59
C ILE C 330 -5.27 -67.50 1.40
N ALA C 331 -6.33 -66.73 1.15
CA ALA C 331 -7.48 -66.79 2.06
C ALA C 331 -8.20 -68.13 1.99
N ALA C 332 -8.24 -68.78 0.83
CA ALA C 332 -8.94 -70.07 0.74
C ALA C 332 -8.27 -71.14 1.58
N CYS C 333 -6.94 -71.14 1.64
CA CYS C 333 -6.23 -72.28 2.21
C CYS C 333 -6.10 -72.15 3.74
N ALA C 334 -7.27 -72.15 4.37
CA ALA C 334 -7.47 -72.28 5.82
C ALA C 334 -6.41 -71.53 6.62
N PRO C 335 -6.38 -70.20 6.51
CA PRO C 335 -5.33 -69.41 7.17
C PRO C 335 -5.38 -69.50 8.68
N HIS C 336 -6.58 -69.55 9.25
CA HIS C 336 -6.71 -69.60 10.71
C HIS C 336 -6.08 -70.86 11.26
N GLU C 337 -6.41 -72.01 10.66
CA GLU C 337 -5.83 -73.25 11.16
C GLU C 337 -4.31 -73.22 11.01
N MET C 338 -3.82 -72.68 9.89
CA MET C 338 -2.38 -72.55 9.66
C MET C 338 -1.72 -71.66 10.69
N SER C 339 -2.40 -70.61 11.11
CA SER C 339 -1.85 -69.70 12.11
C SER C 339 -1.68 -70.40 13.45
N VAL C 340 -2.64 -71.26 13.84
CA VAL C 340 -2.52 -71.98 15.12
C VAL C 340 -1.29 -72.87 15.13
N LEU C 341 -1.17 -73.73 14.10
CA LEU C 341 0.04 -74.53 13.97
C LEU C 341 1.27 -73.66 13.87
N GLY C 342 1.12 -72.50 13.22
CA GLY C 342 2.23 -71.58 13.10
C GLY C 342 2.66 -71.01 14.44
N GLY C 343 1.71 -70.77 15.33
CA GLY C 343 2.07 -70.30 16.66
C GLY C 343 2.90 -71.29 17.45
N TYR C 344 2.50 -72.57 17.43
CA TYR C 344 3.23 -73.60 18.16
C TYR C 344 4.61 -73.81 17.56
N LEU C 345 4.68 -73.84 16.23
CA LEU C 345 5.94 -74.00 15.52
C LEU C 345 6.86 -72.80 15.72
N GLY C 346 6.30 -71.59 15.64
CA GLY C 346 7.12 -70.42 15.85
C GLY C 346 7.73 -70.40 17.23
N GLU C 347 6.95 -70.82 18.24
CA GLU C 347 7.42 -70.86 19.63
C GLU C 347 8.63 -71.76 19.79
N GLU C 348 8.58 -72.94 19.16
CA GLU C 348 9.69 -73.87 19.22
C GLU C 348 10.94 -73.29 18.57
N PHE C 349 10.76 -72.57 17.46
CA PHE C 349 11.88 -72.08 16.69
C PHE C 349 12.31 -70.64 16.99
N PHE C 350 11.50 -69.85 17.68
CA PHE C 350 11.86 -68.47 17.98
C PHE C 350 12.51 -68.41 19.36
N GLY C 351 13.73 -67.90 19.41
CA GLY C 351 14.41 -67.79 20.68
C GLY C 351 15.02 -69.08 21.17
N LYS C 352 15.05 -70.12 20.34
CA LYS C 352 15.60 -71.40 20.72
C LYS C 352 16.46 -71.90 19.57
N GLY C 353 17.52 -72.62 19.92
CA GLY C 353 18.36 -73.25 18.93
C GLY C 353 18.84 -74.60 19.44
N THR C 354 19.13 -75.50 18.50
CA THR C 354 19.66 -76.83 18.79
C THR C 354 21.19 -76.78 18.65
N PHE C 355 21.88 -76.77 19.79
CA PHE C 355 23.31 -76.55 19.84
C PHE C 355 24.03 -77.78 20.35
N GLU C 356 25.12 -78.18 19.69
CA GLU C 356 25.94 -79.31 20.11
C GLU C 356 27.38 -78.96 19.83
N ARG C 357 28.29 -79.44 20.68
CA ARG C 357 29.69 -79.18 20.41
C ARG C 357 30.13 -79.95 19.17
N ARG C 358 30.69 -79.25 18.19
CA ARG C 358 31.17 -79.93 17.00
C ARG C 358 32.66 -79.78 16.80
N PHE C 359 33.31 -78.87 17.54
CA PHE C 359 34.74 -78.59 17.38
C PHE C 359 35.49 -78.88 18.67
N PHE C 360 36.58 -79.63 18.57
CA PHE C 360 37.33 -80.08 19.73
C PHE C 360 38.82 -79.90 19.49
N ARG C 361 39.58 -79.79 20.58
CA ARG C 361 41.01 -79.55 20.46
C ARG C 361 41.75 -80.78 19.93
N ASP C 362 41.41 -81.97 20.43
CA ASP C 362 42.09 -83.20 20.05
C ASP C 362 41.04 -84.27 19.78
N GLU C 363 41.45 -85.35 19.12
CA GLU C 363 40.51 -86.44 18.86
C GLU C 363 39.97 -87.02 20.16
N LYS C 364 40.82 -87.05 21.20
CA LYS C 364 40.41 -87.61 22.49
C LYS C 364 39.22 -86.85 23.05
N GLU C 365 39.22 -85.52 22.88
CA GLU C 365 38.12 -84.69 23.37
C GLU C 365 36.82 -85.03 22.67
N LEU C 366 36.89 -85.37 21.38
CA LEU C 366 35.71 -85.79 20.65
C LEU C 366 35.19 -87.12 21.21
N GLN C 367 36.09 -88.07 21.47
CA GLN C 367 35.68 -89.34 22.07
C GLN C 367 35.09 -89.11 23.44
N GLU C 368 35.67 -88.19 24.21
CA GLU C 368 35.15 -87.95 25.56
C GLU C 368 33.73 -87.41 25.52
N TYR C 369 33.44 -86.50 24.60
CA TYR C 369 32.08 -85.99 24.48
C TYR C 369 31.18 -87.05 23.82
N GLU C 370 31.14 -88.26 24.39
CA GLU C 370 30.22 -89.30 23.93
C GLU C 370 29.50 -89.92 25.13
N ALA C 371 29.59 -89.28 26.30
CA ALA C 371 28.96 -89.77 27.52
C ALA C 371 27.44 -89.68 27.45
N ALA C 372 26.92 -88.52 27.06
CA ALA C 372 25.48 -88.35 26.89
C ALA C 372 25.05 -88.42 25.41
N GLU C 398 12.19 -78.97 26.71
CA GLU C 398 13.53 -78.47 26.38
C GLU C 398 14.16 -79.31 25.25
N THR C 399 13.46 -80.34 24.77
CA THR C 399 13.87 -81.17 23.63
C THR C 399 13.05 -80.82 22.39
N ARG C 400 13.72 -80.63 21.24
CA ARG C 400 13.04 -80.28 20.00
C ARG C 400 12.82 -81.54 19.17
N SER C 401 11.55 -81.93 19.02
CA SER C 401 11.19 -83.09 18.22
C SER C 401 9.78 -82.92 17.71
N PRO C 402 9.44 -83.52 16.54
CA PRO C 402 8.05 -83.43 16.08
C PRO C 402 7.07 -83.98 17.10
N GLU C 403 7.41 -85.09 17.76
CA GLU C 403 6.54 -85.70 18.76
C GLU C 403 6.29 -84.75 19.92
N ALA C 404 7.33 -84.01 20.33
CA ALA C 404 7.20 -83.08 21.46
C ALA C 404 6.23 -81.96 21.14
N VAL C 405 6.35 -81.38 19.95
CA VAL C 405 5.43 -80.29 19.60
C VAL C 405 4.02 -80.81 19.46
N TYR C 406 3.84 -81.96 18.80
CA TYR C 406 2.51 -82.50 18.60
C TYR C 406 1.80 -82.80 19.92
N THR C 407 2.51 -83.41 20.88
CA THR C 407 1.89 -83.69 22.18
C THR C 407 1.55 -82.40 22.91
N ARG C 408 2.39 -81.38 22.78
CA ARG C 408 2.10 -80.10 23.43
C ARG C 408 0.83 -79.50 22.84
N ILE C 409 0.67 -79.55 21.51
CA ILE C 409 -0.56 -79.08 20.88
C ILE C 409 -1.72 -79.90 21.41
N MET C 410 -1.54 -81.20 21.52
CA MET C 410 -2.63 -82.07 21.98
C MET C 410 -3.03 -81.72 23.40
N MET C 411 -2.04 -81.42 24.25
CA MET C 411 -2.34 -81.12 25.65
C MET C 411 -3.21 -79.86 25.78
N ASN C 412 -2.97 -78.85 24.93
CA ASN C 412 -3.81 -77.67 24.97
C ASN C 412 -4.98 -77.77 24.02
N GLY C 413 -5.23 -78.97 23.49
CA GLY C 413 -6.39 -79.18 22.66
C GLY C 413 -6.38 -78.46 21.35
N GLY C 414 -5.22 -78.20 20.76
CA GLY C 414 -5.13 -77.51 19.48
C GLY C 414 -5.54 -76.07 19.51
N ARG C 415 -5.40 -75.42 20.65
CA ARG C 415 -5.81 -74.05 20.85
C ARG C 415 -4.56 -73.19 21.03
N LEU C 416 -4.57 -72.01 20.44
CA LEU C 416 -3.43 -71.12 20.56
C LEU C 416 -3.23 -70.73 22.02
N LYS C 417 -1.99 -70.70 22.48
CA LYS C 417 -1.77 -70.21 23.82
C LYS C 417 -1.94 -68.70 23.80
N ARG C 418 -2.25 -68.12 24.97
CA ARG C 418 -2.34 -66.67 25.04
C ARG C 418 -1.02 -66.02 24.69
N SER C 419 0.09 -66.65 25.10
CA SER C 419 1.40 -66.10 24.76
C SER C 419 1.62 -66.06 23.24
N HIS C 420 1.18 -67.08 22.52
CA HIS C 420 1.28 -67.05 21.06
C HIS C 420 0.56 -65.85 20.51
N ILE C 421 -0.65 -65.61 21.00
CA ILE C 421 -1.43 -64.49 20.49
C ILE C 421 -0.75 -63.18 20.80
N ARG C 422 -0.19 -63.04 22.00
CA ARG C 422 0.50 -61.81 22.35
C ARG C 422 1.66 -61.53 21.41
N ARG C 423 2.49 -62.54 21.14
CA ARG C 423 3.62 -62.36 20.24
C ARG C 423 3.13 -61.96 18.86
N TYR C 424 2.11 -62.67 18.35
CA TYR C 424 1.52 -62.32 17.07
C TYR C 424 1.05 -60.87 17.07
N VAL C 425 0.36 -60.45 18.13
CA VAL C 425 -0.15 -59.08 18.22
C VAL C 425 1.00 -58.09 18.30
N SER C 426 2.04 -58.41 19.07
CA SER C 426 3.15 -57.48 19.19
C SER C 426 3.86 -57.26 17.86
N VAL C 427 4.01 -58.32 17.04
CA VAL C 427 4.68 -58.17 15.74
C VAL C 427 3.80 -57.43 14.73
N SER C 428 2.51 -57.77 14.67
CA SER C 428 1.62 -57.16 13.70
C SER C 428 1.38 -55.67 13.99
N SER C 429 1.22 -55.31 15.27
CA SER C 429 0.92 -53.91 15.59
C SER C 429 2.11 -52.99 15.28
N ASN C 430 3.33 -53.44 15.62
CA ASN C 430 4.56 -52.70 15.31
C ASN C 430 5.05 -52.98 13.89
N HIS C 431 4.14 -52.83 12.93
CA HIS C 431 4.48 -52.98 11.52
C HIS C 431 3.45 -52.28 10.66
N GLN C 432 3.90 -51.72 9.54
CA GLN C 432 3.01 -51.05 8.59
C GLN C 432 2.35 -52.14 7.75
N ALA C 433 1.19 -52.60 8.21
CA ALA C 433 0.55 -53.74 7.56
C ALA C 433 0.16 -53.40 6.13
N ARG C 434 0.56 -54.24 5.19
CA ARG C 434 0.15 -54.00 3.82
C ARG C 434 -1.28 -54.50 3.62
N PRO C 435 -1.94 -54.10 2.50
CA PRO C 435 -3.37 -54.42 2.29
C PRO C 435 -3.83 -55.84 2.59
N ASN C 436 -3.35 -56.88 1.90
CA ASN C 436 -3.84 -58.23 2.19
C ASN C 436 -2.76 -59.13 2.78
N SER C 437 -1.83 -58.52 3.50
CA SER C 437 -0.66 -59.19 4.05
C SER C 437 -1.01 -60.08 5.24
N PHE C 438 -0.03 -60.92 5.60
CA PHE C 438 -0.14 -61.72 6.82
C PHE C 438 -0.22 -60.83 8.06
N ALA C 439 0.49 -59.70 8.04
CA ALA C 439 0.41 -58.75 9.13
C ALA C 439 -1.01 -58.22 9.29
N GLU C 440 -1.67 -57.90 8.17
CA GLU C 440 -3.04 -57.42 8.22
C GLU C 440 -3.96 -58.50 8.78
N PHE C 441 -3.75 -59.74 8.33
CA PHE C 441 -4.54 -60.85 8.86
C PHE C 441 -4.34 -60.99 10.35
N LEU C 442 -3.09 -60.93 10.79
CA LEU C 442 -2.84 -61.09 12.22
C LEU C 442 -3.48 -59.97 13.02
N ASN C 443 -3.38 -58.73 12.52
CA ASN C 443 -3.96 -57.60 13.22
C ASN C 443 -5.48 -57.70 13.30
N LYS C 444 -6.13 -57.98 12.17
CA LYS C 444 -7.58 -58.06 12.18
C LYS C 444 -8.08 -59.24 13.01
N THR C 445 -7.34 -60.35 13.03
CA THR C 445 -7.87 -61.53 13.68
C THR C 445 -7.68 -61.53 15.19
N TYR C 446 -6.48 -61.25 15.68
CA TYR C 446 -6.24 -61.26 17.12
C TYR C 446 -5.87 -59.85 17.57
N SER C 447 -6.80 -59.11 18.14
CA SER C 447 -6.42 -57.76 18.54
C SER C 447 -6.82 -57.34 19.96
N SER C 448 -7.61 -58.12 20.69
CA SER C 448 -7.86 -57.77 22.08
C SER C 448 -7.17 -58.74 23.03
N ILE D 6 16.99 -88.70 4.98
CA ILE D 6 16.79 -87.83 3.82
C ILE D 6 15.49 -88.17 3.10
N VAL D 7 15.39 -89.41 2.61
CA VAL D 7 14.21 -89.83 1.87
C VAL D 7 13.00 -89.77 2.81
N PHE D 8 11.83 -89.50 2.23
CA PHE D 8 10.58 -89.35 2.96
C PHE D 8 9.54 -90.27 2.36
N LYS D 9 8.98 -91.17 3.16
CA LYS D 9 8.04 -92.14 2.63
C LYS D 9 6.80 -92.21 3.54
N VAL D 10 6.06 -91.11 3.63
CA VAL D 10 4.83 -91.15 4.42
C VAL D 10 3.69 -90.49 3.63
N ASN D 11 2.52 -91.11 3.67
CA ASN D 11 1.37 -90.56 2.94
C ASN D 11 0.15 -91.39 3.34
N ASN D 12 -1.05 -90.91 2.93
CA ASN D 12 -2.34 -91.56 3.15
C ASN D 12 -2.51 -92.77 2.22
N GLN D 13 -3.28 -93.78 2.69
CA GLN D 13 -3.47 -95.09 2.04
C GLN D 13 -2.15 -95.82 1.89
N VAL D 14 -2.10 -96.86 1.04
CA VAL D 14 -0.88 -97.66 0.87
C VAL D 14 0.28 -96.82 0.30
N VAL D 15 -0.01 -95.84 -0.56
CA VAL D 15 1.03 -95.08 -1.26
C VAL D 15 1.71 -94.09 -0.30
N SER D 16 3.04 -94.02 -0.39
CA SER D 16 3.81 -93.20 0.52
C SER D 16 5.24 -93.01 0.00
N LEU D 17 5.43 -92.16 -0.99
CA LEU D 17 6.78 -91.99 -1.50
C LEU D 17 6.99 -90.56 -1.94
N LYS D 18 7.98 -89.91 -1.35
CA LYS D 18 8.27 -88.52 -1.70
C LYS D 18 9.77 -88.24 -1.60
N PRO D 19 10.38 -87.69 -2.66
CA PRO D 19 11.77 -87.20 -2.62
C PRO D 19 11.91 -85.75 -2.13
N GLU D 20 13.03 -85.46 -1.45
CA GLU D 20 13.36 -84.08 -1.03
C GLU D 20 14.34 -83.44 -2.02
N ILE D 21 13.95 -82.34 -2.68
CA ILE D 21 14.80 -81.69 -3.69
C ILE D 21 15.00 -80.20 -3.35
N ILE D 22 16.25 -79.83 -3.12
CA ILE D 22 16.59 -78.43 -2.87
C ILE D 22 17.91 -78.14 -3.56
N VAL D 23 18.04 -76.95 -4.13
CA VAL D 23 19.26 -76.61 -4.86
C VAL D 23 20.16 -75.88 -3.89
N ASP D 24 21.34 -76.43 -3.64
CA ASP D 24 22.32 -75.82 -2.75
C ASP D 24 23.71 -76.11 -3.28
N GLN D 25 23.81 -76.52 -4.54
CA GLN D 25 25.09 -76.89 -5.15
C GLN D 25 25.72 -75.64 -5.73
N HIS D 26 26.73 -75.12 -5.04
CA HIS D 26 27.46 -73.95 -5.49
C HIS D 26 28.94 -74.29 -5.32
N GLU D 27 29.73 -73.94 -6.31
CA GLU D 27 31.14 -74.29 -6.31
C GLU D 27 31.94 -73.02 -6.10
N TYR D 28 32.85 -73.08 -5.12
CA TYR D 28 33.72 -71.98 -4.74
C TYR D 28 35.13 -72.25 -5.24
N LYS D 29 35.63 -71.35 -6.08
CA LYS D 29 36.98 -71.49 -6.63
C LYS D 29 37.96 -70.83 -5.69
N TYR D 30 39.12 -71.56 -5.39
CA TYR D 30 40.07 -70.99 -4.44
C TYR D 30 41.23 -70.31 -5.17
N PRO D 31 41.83 -69.34 -4.55
CA PRO D 31 42.78 -68.44 -5.25
C PRO D 31 44.21 -68.95 -5.29
N ALA D 32 44.44 -70.15 -5.77
CA ALA D 32 45.82 -70.59 -5.82
C ALA D 32 46.23 -70.61 -7.29
N ILE D 33 47.48 -70.29 -7.59
CA ILE D 33 47.94 -70.32 -8.97
C ILE D 33 48.77 -71.60 -9.08
N LYS D 34 48.14 -72.68 -9.58
CA LYS D 34 48.90 -73.92 -9.77
C LYS D 34 49.77 -73.84 -11.02
N ASP D 35 49.25 -73.25 -12.11
CA ASP D 35 50.07 -72.94 -13.28
C ASP D 35 51.02 -71.81 -12.91
N LEU D 36 52.30 -71.92 -13.28
CA LEU D 36 53.24 -70.89 -12.86
C LEU D 36 52.93 -69.49 -13.42
N LYS D 37 51.96 -69.38 -14.33
CA LYS D 37 51.65 -68.11 -14.98
C LYS D 37 51.06 -67.06 -14.03
N LYS D 38 51.67 -65.87 -14.01
CA LYS D 38 51.22 -64.70 -13.24
C LYS D 38 49.91 -64.17 -13.84
N PRO D 39 49.11 -63.44 -13.05
CA PRO D 39 47.87 -62.87 -13.59
C PRO D 39 48.12 -61.98 -14.80
N CYS D 40 47.27 -62.13 -15.83
CA CYS D 40 47.47 -61.36 -17.06
C CYS D 40 46.14 -60.79 -17.56
N ILE D 41 46.21 -59.64 -18.22
CA ILE D 41 45.08 -59.06 -18.94
C ILE D 41 45.52 -58.68 -20.33
N THR D 42 44.58 -58.70 -21.26
CA THR D 42 44.80 -58.31 -22.64
C THR D 42 44.35 -56.86 -22.83
N LEU D 43 45.25 -56.03 -23.31
CA LEU D 43 45.00 -54.61 -23.48
C LEU D 43 45.41 -54.19 -24.88
N GLY D 44 45.19 -52.93 -25.21
CA GLY D 44 45.50 -52.42 -26.53
C GLY D 44 46.95 -52.04 -26.70
N LYS D 45 47.25 -51.46 -27.86
CA LYS D 45 48.63 -51.11 -28.22
C LYS D 45 49.18 -50.00 -27.34
N ALA D 46 50.48 -50.03 -27.12
CA ALA D 46 51.11 -49.07 -26.22
C ALA D 46 50.91 -47.64 -26.71
N PRO D 47 50.55 -46.71 -25.84
CA PRO D 47 50.36 -45.32 -26.24
C PRO D 47 51.64 -44.49 -26.22
N ASP D 48 51.55 -43.30 -26.83
CA ASP D 48 52.66 -42.36 -26.76
C ASP D 48 52.86 -41.85 -25.35
N LEU D 49 51.87 -42.01 -24.47
CA LEU D 49 51.96 -41.60 -23.07
C LEU D 49 51.76 -40.10 -22.91
N ASN D 50 52.63 -39.29 -23.51
CA ASN D 50 52.35 -37.85 -23.54
C ASN D 50 51.05 -37.57 -24.23
N LYS D 51 50.83 -38.25 -25.35
CA LYS D 51 49.56 -38.05 -26.01
C LYS D 51 48.47 -38.67 -25.16
N ALA D 52 48.77 -39.83 -24.58
CA ALA D 52 47.79 -40.53 -23.76
C ALA D 52 47.38 -39.70 -22.55
N TYR D 53 48.35 -39.01 -21.94
CA TYR D 53 48.04 -38.17 -20.79
C TYR D 53 47.05 -37.07 -21.17
N LYS D 54 47.24 -36.48 -22.35
CA LYS D 54 46.36 -35.38 -22.73
C LYS D 54 44.93 -35.87 -22.96
N SER D 55 44.74 -37.00 -23.65
CA SER D 55 43.37 -37.40 -23.96
C SER D 55 42.59 -37.72 -22.70
N VAL D 56 43.21 -38.49 -21.79
CA VAL D 56 42.53 -38.90 -20.57
C VAL D 56 42.31 -37.69 -19.66
N LEU D 57 43.29 -36.77 -19.59
CA LEU D 57 43.08 -35.57 -18.80
C LEU D 57 41.90 -34.77 -19.33
N SER D 58 41.82 -34.65 -20.64
CA SER D 58 40.64 -34.04 -21.24
C SER D 58 39.41 -34.86 -20.86
N GLY D 59 39.52 -36.19 -20.93
CA GLY D 59 38.39 -37.04 -20.59
C GLY D 59 37.90 -36.82 -19.18
N MET D 60 38.85 -36.60 -18.26
CA MET D 60 38.48 -36.36 -16.88
C MET D 60 37.61 -35.14 -16.70
N SER D 61 38.07 -34.00 -17.24
CA SER D 61 37.31 -32.76 -17.09
C SER D 61 35.98 -32.83 -17.81
N ALA D 62 35.93 -33.54 -18.94
CA ALA D 62 34.71 -33.63 -19.74
C ALA D 62 33.79 -34.72 -19.24
N ALA D 63 34.20 -35.46 -18.22
CA ALA D 63 33.38 -36.52 -17.65
C ALA D 63 33.05 -37.56 -18.71
N LYS D 64 33.83 -37.60 -19.80
CA LYS D 64 33.68 -38.61 -20.83
C LYS D 64 35.00 -39.37 -20.95
N LEU D 65 34.98 -40.66 -20.58
CA LEU D 65 36.20 -41.47 -20.55
C LEU D 65 36.00 -42.80 -21.24
N ASP D 66 37.03 -43.24 -21.95
CA ASP D 66 36.96 -44.53 -22.62
C ASP D 66 37.68 -45.56 -21.78
N PRO D 67 37.00 -46.62 -21.35
CA PRO D 67 37.65 -47.56 -20.44
C PRO D 67 38.91 -48.18 -21.03
N ASP D 68 38.88 -48.64 -22.28
CA ASP D 68 40.04 -49.32 -22.88
C ASP D 68 41.25 -48.41 -22.96
N ASP D 69 41.03 -47.13 -23.29
CA ASP D 69 42.12 -46.15 -23.27
C ASP D 69 42.61 -45.91 -21.85
N VAL D 70 41.68 -45.75 -20.90
CA VAL D 70 42.09 -45.48 -19.52
C VAL D 70 42.97 -46.59 -19.00
N CYS D 71 42.58 -47.84 -19.27
CA CYS D 71 43.37 -49.00 -18.82
C CYS D 71 44.75 -49.03 -19.48
N SER D 72 44.81 -48.70 -20.77
CA SER D 72 46.10 -48.73 -21.45
C SER D 72 47.05 -47.72 -20.86
N TYR D 73 46.54 -46.54 -20.51
CA TYR D 73 47.37 -45.51 -19.88
C TYR D 73 47.87 -45.95 -18.52
N LEU D 74 47.00 -46.53 -17.70
CA LEU D 74 47.42 -46.98 -16.38
C LEU D 74 48.49 -48.04 -16.50
N ALA D 75 48.35 -48.93 -17.49
CA ALA D 75 49.36 -49.96 -17.69
C ALA D 75 50.69 -49.38 -18.14
N ALA D 76 50.67 -48.42 -19.07
CA ALA D 76 51.91 -47.81 -19.54
C ALA D 76 52.59 -46.99 -18.46
N ALA D 77 51.80 -46.35 -17.59
CA ALA D 77 52.31 -45.54 -16.50
C ALA D 77 52.99 -46.35 -15.40
N MET D 78 52.84 -47.67 -15.42
CA MET D 78 53.47 -48.50 -14.41
C MET D 78 54.98 -48.35 -14.41
N GLN D 79 55.56 -48.07 -15.58
CA GLN D 79 57.01 -47.93 -15.67
C GLN D 79 57.50 -46.77 -14.81
N PHE D 80 56.69 -45.72 -14.69
CA PHE D 80 57.11 -44.55 -13.94
C PHE D 80 57.40 -44.89 -12.49
N PHE D 81 56.58 -45.75 -11.90
CA PHE D 81 56.69 -46.09 -10.49
C PHE D 81 57.65 -47.27 -10.36
N GLU D 82 58.83 -47.02 -9.78
CA GLU D 82 59.84 -48.06 -9.65
C GLU D 82 60.46 -47.98 -8.27
N GLY D 83 60.73 -49.13 -7.68
CA GLY D 83 61.33 -49.20 -6.36
C GLY D 83 62.08 -50.50 -6.18
N THR D 84 63.04 -50.48 -5.25
CA THR D 84 63.77 -51.70 -4.91
C THR D 84 62.94 -52.58 -3.98
N CYS D 85 63.04 -53.89 -4.20
CA CYS D 85 62.26 -54.86 -3.45
C CYS D 85 62.99 -55.20 -2.14
N PRO D 86 62.34 -55.02 -0.98
CA PRO D 86 63.08 -55.20 0.30
C PRO D 86 63.51 -56.63 0.57
N GLU D 87 62.66 -57.62 0.27
CA GLU D 87 62.94 -59.03 0.57
C GLU D 87 62.62 -59.87 -0.65
N ASP D 88 63.11 -61.11 -0.67
CA ASP D 88 62.73 -61.98 -1.78
C ASP D 88 61.23 -62.22 -1.74
N TRP D 89 60.57 -61.99 -2.86
CA TRP D 89 59.11 -61.99 -2.96
C TRP D 89 58.62 -63.14 -3.85
N THR D 90 58.00 -64.17 -3.23
CA THR D 90 57.39 -65.32 -3.92
C THR D 90 55.98 -65.58 -3.39
N SER D 91 54.96 -65.62 -4.26
CA SER D 91 53.59 -66.01 -3.88
C SER D 91 53.02 -67.07 -4.83
N TYR D 92 52.27 -68.03 -4.27
CA TYR D 92 51.64 -69.16 -5.00
C TYR D 92 52.57 -69.79 -6.03
N GLY D 93 53.83 -70.01 -5.66
CA GLY D 93 54.79 -70.70 -6.51
C GLY D 93 55.50 -69.89 -7.56
N ILE D 94 55.21 -68.58 -7.69
CA ILE D 94 55.85 -67.71 -8.67
C ILE D 94 56.74 -66.73 -7.94
N VAL D 95 57.92 -66.42 -8.53
CA VAL D 95 58.85 -65.44 -7.96
C VAL D 95 58.58 -64.11 -8.62
N ILE D 96 58.01 -63.20 -7.83
CA ILE D 96 57.77 -61.91 -8.40
C ILE D 96 59.08 -61.11 -8.43
N ALA D 97 59.94 -61.28 -7.43
CA ALA D 97 61.15 -60.46 -7.34
C ALA D 97 62.15 -61.20 -6.46
N ARG D 98 63.39 -60.72 -6.48
CA ARG D 98 64.42 -61.19 -5.56
C ARG D 98 64.86 -59.95 -4.79
N LYS D 99 65.35 -60.12 -3.57
CA LYS D 99 65.71 -58.95 -2.79
C LYS D 99 66.79 -58.13 -3.49
N GLY D 100 66.63 -56.80 -3.48
CA GLY D 100 67.56 -55.85 -4.07
C GLY D 100 67.39 -55.62 -5.55
N ASP D 101 66.33 -56.19 -6.14
CA ASP D 101 66.01 -55.95 -7.54
C ASP D 101 64.97 -54.86 -7.58
N LYS D 102 65.22 -53.84 -8.39
CA LYS D 102 64.19 -52.83 -8.56
C LYS D 102 63.06 -53.38 -9.41
N ILE D 103 61.82 -53.03 -9.03
CA ILE D 103 60.63 -53.56 -9.68
C ILE D 103 59.64 -52.42 -9.90
N THR D 104 58.72 -52.66 -10.85
CA THR D 104 57.61 -51.82 -11.20
C THR D 104 56.34 -52.62 -10.99
N PRO D 105 55.18 -51.98 -10.99
CA PRO D 105 53.93 -52.74 -11.05
C PRO D 105 53.86 -53.67 -12.24
N GLY D 106 54.48 -53.34 -13.37
CA GLY D 106 54.45 -54.25 -14.50
C GLY D 106 55.07 -55.60 -14.19
N SER D 107 55.97 -55.64 -13.17
CA SER D 107 56.65 -56.89 -12.88
C SER D 107 55.77 -57.88 -12.14
N LEU D 108 54.71 -57.41 -11.45
CA LEU D 108 53.86 -58.29 -10.66
C LEU D 108 52.89 -59.08 -11.52
N VAL D 109 52.44 -58.47 -12.61
CA VAL D 109 51.43 -59.06 -13.48
C VAL D 109 52.01 -59.12 -14.88
N GLU D 110 51.22 -59.65 -15.80
CA GLU D 110 51.60 -59.66 -17.20
C GLU D 110 50.57 -58.85 -17.98
N ILE D 111 51.01 -57.84 -18.73
CA ILE D 111 50.11 -57.10 -19.58
C ILE D 111 50.34 -57.56 -21.00
N LYS D 112 49.29 -58.07 -21.64
CA LYS D 112 49.36 -58.52 -23.02
C LYS D 112 48.69 -57.45 -23.90
N ARG D 113 49.48 -56.84 -24.78
CA ARG D 113 49.05 -55.78 -25.69
C ARG D 113 48.89 -56.28 -27.13
N THR D 114 47.79 -55.88 -27.74
CA THR D 114 47.42 -56.24 -29.10
C THR D 114 47.80 -55.14 -30.08
N ASP D 115 48.03 -55.53 -31.35
CA ASP D 115 48.38 -54.57 -32.40
C ASP D 115 47.28 -53.56 -32.66
N VAL D 116 46.11 -53.71 -32.03
CA VAL D 116 45.00 -52.78 -32.26
C VAL D 116 45.22 -51.55 -31.41
N GLU D 117 45.06 -50.38 -32.00
CA GLU D 117 45.33 -49.11 -31.34
C GLU D 117 44.09 -48.60 -30.63
N GLY D 118 44.30 -47.69 -29.66
CA GLY D 118 43.23 -47.05 -28.93
C GLY D 118 42.80 -45.75 -29.59
N ASN D 119 41.60 -45.25 -29.24
CA ASN D 119 41.11 -44.01 -29.84
C ASN D 119 41.85 -42.76 -29.35
N TRP D 120 42.34 -42.78 -28.10
CA TRP D 120 42.98 -41.62 -27.44
C TRP D 120 42.52 -40.28 -28.06
N ALA D 121 41.23 -40.00 -27.89
CA ALA D 121 40.59 -38.84 -28.49
C ALA D 121 40.54 -37.69 -27.50
N LEU D 122 40.52 -36.46 -28.04
CA LEU D 122 40.55 -35.24 -27.22
C LEU D 122 39.13 -34.67 -27.13
N THR D 123 38.50 -34.81 -25.98
CA THR D 123 37.12 -34.34 -25.79
C THR D 123 37.02 -33.15 -24.87
N GLY D 124 37.76 -33.15 -23.77
CA GLY D 124 37.62 -32.15 -22.74
C GLY D 124 38.81 -31.22 -22.63
N GLY D 125 38.74 -30.34 -21.65
CA GLY D 125 39.76 -29.33 -21.48
C GLY D 125 41.17 -29.64 -21.02
N MET D 126 42.14 -29.74 -21.93
CA MET D 126 43.54 -29.85 -21.54
C MET D 126 44.32 -28.63 -22.06
N GLU D 127 44.92 -27.84 -21.14
CA GLU D 127 45.61 -26.60 -21.50
C GLU D 127 47.13 -26.70 -21.58
N LEU D 128 47.69 -27.87 -21.32
CA LEU D 128 49.14 -28.01 -21.33
C LEU D 128 49.68 -28.02 -22.74
N THR D 129 50.59 -27.10 -23.01
CA THR D 129 51.26 -27.01 -24.29
C THR D 129 52.57 -27.80 -24.30
N ARG D 130 52.97 -28.37 -23.16
CA ARG D 130 54.23 -29.09 -22.98
C ARG D 130 53.98 -30.55 -22.62
N ASP D 131 55.05 -31.37 -22.72
CA ASP D 131 55.00 -32.78 -22.30
C ASP D 131 54.82 -32.89 -20.79
N PRO D 132 53.98 -33.82 -20.31
CA PRO D 132 53.69 -33.89 -18.88
C PRO D 132 54.88 -34.47 -18.11
N THR D 133 55.07 -33.97 -16.88
CA THR D 133 56.08 -34.50 -15.97
C THR D 133 55.58 -35.73 -15.23
N VAL D 134 56.52 -36.47 -14.64
CA VAL D 134 56.13 -37.70 -13.96
C VAL D 134 55.08 -37.42 -12.88
N PRO D 135 55.29 -36.51 -11.89
CA PRO D 135 54.19 -36.23 -10.92
C PRO D 135 52.84 -35.98 -11.55
N GLU D 136 52.78 -35.19 -12.62
CA GLU D 136 51.54 -34.98 -13.33
C GLU D 136 50.91 -36.31 -13.74
N HIS D 137 51.71 -37.22 -14.33
CA HIS D 137 51.25 -38.57 -14.64
C HIS D 137 50.72 -39.24 -13.37
N ALA D 138 51.47 -39.17 -12.27
CA ALA D 138 51.05 -39.86 -11.05
C ALA D 138 49.72 -39.32 -10.53
N SER D 139 49.53 -38.00 -10.58
CA SER D 139 48.27 -37.41 -10.13
C SER D 139 47.12 -37.90 -10.97
N LEU D 140 47.31 -37.97 -12.28
CA LEU D 140 46.24 -38.50 -13.10
C LEU D 140 46.01 -39.94 -12.77
N VAL D 141 47.09 -40.70 -12.60
CA VAL D 141 46.97 -42.12 -12.33
C VAL D 141 46.17 -42.33 -11.07
N GLY D 142 46.49 -41.57 -10.02
CA GLY D 142 45.74 -41.69 -8.78
C GLY D 142 44.28 -41.30 -8.92
N LEU D 143 44.01 -40.22 -9.64
CA LEU D 143 42.62 -39.78 -9.83
C LEU D 143 41.82 -40.81 -10.61
N LEU D 144 42.42 -41.43 -11.64
CA LEU D 144 41.70 -42.43 -12.42
C LEU D 144 41.37 -43.64 -11.55
N LEU D 145 42.36 -44.12 -10.78
CA LEU D 145 42.12 -45.27 -9.93
C LEU D 145 41.10 -44.95 -8.84
N SER D 146 41.16 -43.75 -8.29
CA SER D 146 40.20 -43.37 -7.27
C SER D 146 38.77 -43.47 -7.77
N LEU D 147 38.55 -43.51 -9.09
CA LEU D 147 37.20 -43.73 -9.58
C LEU D 147 36.66 -45.08 -9.16
N TYR D 148 37.55 -46.05 -8.97
CA TYR D 148 37.12 -47.38 -8.56
C TYR D 148 36.49 -47.34 -7.17
N ARG D 149 37.15 -46.67 -6.22
CA ARG D 149 36.63 -46.64 -4.86
C ARG D 149 35.25 -45.99 -4.82
N LEU D 150 35.09 -44.90 -5.55
CA LEU D 150 33.82 -44.18 -5.60
C LEU D 150 32.71 -45.05 -6.20
N SER D 151 33.04 -45.84 -7.22
CA SER D 151 32.06 -46.69 -7.87
C SER D 151 31.53 -47.75 -6.93
N LYS D 152 32.43 -48.36 -6.17
CA LYS D 152 32.07 -49.35 -5.16
C LYS D 152 31.23 -48.71 -4.04
N ILE D 153 31.52 -47.44 -3.70
CA ILE D 153 30.88 -46.76 -2.55
C ILE D 153 29.43 -46.44 -2.81
N SER D 154 28.98 -46.52 -4.05
CA SER D 154 27.61 -46.15 -4.32
C SER D 154 26.67 -47.19 -3.71
N GLY D 155 25.57 -46.70 -3.18
CA GLY D 155 24.64 -47.51 -2.41
C GLY D 155 23.67 -46.57 -1.73
N GLN D 156 22.82 -47.12 -0.86
CA GLN D 156 21.81 -46.29 -0.19
C GLN D 156 22.48 -45.19 0.63
N ASN D 157 21.80 -44.05 0.78
CA ASN D 157 22.36 -42.89 1.47
C ASN D 157 23.71 -42.44 0.94
N THR D 158 24.79 -42.81 1.65
CA THR D 158 26.19 -42.48 1.33
C THR D 158 26.34 -41.09 0.69
N GLY D 159 25.42 -40.16 0.96
CA GLY D 159 25.48 -38.89 0.28
C GLY D 159 26.72 -38.11 0.58
N ASN D 160 26.88 -37.69 1.84
CA ASN D 160 28.09 -36.97 2.23
C ASN D 160 29.31 -37.85 2.23
N TYR D 161 29.13 -39.17 2.39
CA TYR D 161 30.29 -40.05 2.50
C TYR D 161 31.09 -40.05 1.19
N LYS D 162 30.42 -40.21 0.04
CA LYS D 162 31.18 -40.23 -1.22
C LYS D 162 31.84 -38.87 -1.46
N THR D 163 31.12 -37.79 -1.21
CA THR D 163 31.72 -36.48 -1.42
C THR D 163 32.93 -36.29 -0.51
N ASN D 164 32.85 -36.77 0.75
CA ASN D 164 33.96 -36.59 1.68
C ASN D 164 35.21 -37.33 1.22
N ILE D 165 35.08 -38.59 0.82
CA ILE D 165 36.25 -39.36 0.38
C ILE D 165 36.79 -38.75 -0.91
N ALA D 166 35.88 -38.24 -1.75
CA ALA D 166 36.30 -37.62 -3.00
C ALA D 166 37.16 -36.41 -2.72
N ASP D 167 36.72 -35.56 -1.79
CA ASP D 167 37.48 -34.38 -1.44
C ASP D 167 38.83 -34.79 -0.91
N ARG D 168 38.83 -35.79 -0.04
CA ARG D 168 40.07 -36.26 0.53
C ARG D 168 41.02 -36.71 -0.56
N ILE D 169 40.49 -37.39 -1.58
CA ILE D 169 41.30 -37.86 -2.70
C ILE D 169 41.88 -36.68 -3.47
N GLU D 170 41.05 -35.67 -3.71
CA GLU D 170 41.49 -34.49 -4.44
C GLU D 170 42.61 -33.77 -3.71
N GLN D 171 42.46 -33.61 -2.38
CA GLN D 171 43.49 -32.93 -1.62
C GLN D 171 44.81 -33.68 -1.67
N ILE D 172 44.76 -35.01 -1.66
CA ILE D 172 46.00 -35.78 -1.70
C ILE D 172 46.76 -35.44 -2.97
N PHE D 173 46.07 -35.47 -4.12
CA PHE D 173 46.64 -35.23 -5.44
C PHE D 173 46.76 -33.74 -5.80
N GLU D 174 46.27 -32.83 -4.97
CA GLU D 174 46.53 -31.40 -5.18
C GLU D 174 47.75 -30.93 -4.43
N THR D 175 48.35 -31.77 -3.58
CA THR D 175 49.51 -31.44 -2.77
C THR D 175 50.71 -32.27 -3.17
N ALA D 176 51.90 -31.76 -2.84
CA ALA D 176 53.15 -32.39 -3.25
C ALA D 176 53.25 -33.78 -2.63
N PRO D 177 53.84 -34.75 -3.33
CA PRO D 177 54.59 -34.65 -4.60
C PRO D 177 53.69 -34.63 -5.83
N PHE D 178 52.36 -34.61 -5.63
CA PHE D 178 51.41 -34.55 -6.72
C PHE D 178 51.07 -33.08 -7.02
N VAL D 179 50.67 -32.81 -8.27
CA VAL D 179 50.38 -31.46 -8.75
C VAL D 179 48.91 -31.33 -9.13
N LYS D 180 48.34 -30.17 -8.85
CA LYS D 180 46.92 -29.97 -9.10
C LYS D 180 46.68 -29.89 -10.59
N ILE D 181 45.98 -30.86 -11.16
CA ILE D 181 45.73 -30.84 -12.59
C ILE D 181 44.25 -30.75 -12.93
N VAL D 182 43.35 -31.00 -12.00
CA VAL D 182 41.94 -31.04 -12.36
C VAL D 182 41.09 -30.05 -11.59
N GLU D 183 41.71 -29.12 -10.87
CA GLU D 183 40.91 -28.17 -10.07
C GLU D 183 40.00 -28.98 -9.13
N HIS D 184 38.81 -28.48 -8.79
CA HIS D 184 37.98 -29.14 -7.80
C HIS D 184 36.70 -29.64 -8.43
N HIS D 185 36.10 -30.64 -7.78
CA HIS D 185 34.79 -31.23 -8.10
C HIS D 185 34.71 -31.93 -9.44
N THR D 186 35.79 -31.91 -10.21
CA THR D 186 35.85 -32.69 -11.44
C THR D 186 35.79 -34.19 -11.16
N LEU D 187 36.43 -34.64 -10.08
CA LEU D 187 36.43 -36.07 -9.77
C LEU D 187 35.02 -36.56 -9.50
N MET D 188 34.23 -35.76 -8.79
CA MET D 188 32.85 -36.12 -8.51
C MET D 188 32.01 -36.20 -9.78
N THR D 189 32.16 -35.23 -10.68
CA THR D 189 31.34 -35.20 -11.88
C THR D 189 31.67 -36.35 -12.84
N THR D 190 32.97 -36.64 -13.04
CA THR D 190 33.33 -37.78 -13.88
C THR D 190 32.86 -39.09 -13.25
N HIS D 191 32.89 -39.20 -11.91
CA HIS D 191 32.45 -40.45 -11.27
C HIS D 191 30.97 -40.71 -11.52
N LYS D 192 30.14 -39.65 -11.60
CA LYS D 192 28.71 -39.83 -11.86
C LYS D 192 28.47 -40.52 -13.21
N MET D 193 29.27 -40.14 -14.23
CA MET D 193 29.26 -40.78 -15.56
C MET D 193 29.95 -42.14 -15.59
N CYS D 194 30.82 -42.40 -14.63
CA CYS D 194 31.57 -43.65 -14.53
C CYS D 194 31.24 -44.37 -13.22
N ALA D 195 29.96 -44.38 -12.83
CA ALA D 195 29.56 -44.92 -11.53
C ALA D 195 29.63 -46.43 -11.47
N ASN D 196 29.55 -47.11 -12.61
CA ASN D 196 29.63 -48.56 -12.62
C ASN D 196 30.98 -49.03 -13.13
N TRP D 197 32.00 -48.16 -13.09
CA TRP D 197 33.31 -48.56 -13.62
C TRP D 197 33.96 -49.67 -12.82
N SER D 198 33.47 -49.89 -11.58
CA SER D 198 33.95 -51.00 -10.76
C SER D 198 33.73 -52.35 -11.44
N THR D 199 32.68 -52.47 -12.24
CA THR D 199 32.38 -53.75 -12.90
C THR D 199 33.43 -54.13 -13.94
N ILE D 200 34.06 -53.13 -14.57
CA ILE D 200 34.99 -53.42 -15.66
C ILE D 200 36.16 -54.23 -15.15
N PRO D 201 36.43 -55.41 -15.70
CA PRO D 201 37.47 -56.26 -15.13
C PRO D 201 38.86 -55.67 -15.24
N ASN D 202 39.23 -55.09 -16.38
CA ASN D 202 40.60 -54.59 -16.50
C ASN D 202 40.87 -53.46 -15.53
N PHE D 203 39.86 -52.63 -15.28
CA PHE D 203 40.07 -51.56 -14.32
C PHE D 203 40.35 -52.12 -12.92
N ARG D 204 39.54 -53.11 -12.50
CA ARG D 204 39.73 -53.73 -11.18
C ARG D 204 41.10 -54.36 -11.08
N PHE D 205 41.53 -55.05 -12.14
CA PHE D 205 42.83 -55.70 -12.18
C PHE D 205 43.94 -54.70 -11.98
N LEU D 206 43.85 -53.57 -12.69
CA LEU D 206 44.91 -52.57 -12.59
C LEU D 206 44.94 -51.93 -11.21
N ALA D 207 43.76 -51.65 -10.63
CA ALA D 207 43.71 -51.04 -9.30
C ALA D 207 44.33 -51.94 -8.24
N GLY D 208 44.04 -53.23 -8.32
CA GLY D 208 44.67 -54.16 -7.40
C GLY D 208 46.17 -54.23 -7.63
N THR D 209 46.59 -54.25 -8.89
CA THR D 209 48.02 -54.35 -9.17
C THR D 209 48.76 -53.16 -8.56
N TYR D 210 48.21 -51.96 -8.68
CA TYR D 210 48.86 -50.81 -8.07
C TYR D 210 48.91 -50.97 -6.55
N ASP D 211 47.79 -51.40 -5.91
CA ASP D 211 47.75 -51.53 -4.45
C ASP D 211 48.78 -52.53 -3.96
N MET D 212 48.91 -53.66 -4.66
CA MET D 212 49.93 -54.63 -4.25
C MET D 212 51.31 -54.03 -4.31
N PHE D 213 51.60 -53.30 -5.39
CA PHE D 213 52.93 -52.74 -5.56
C PHE D 213 53.23 -51.75 -4.43
N PHE D 214 52.29 -50.85 -4.13
CA PHE D 214 52.56 -49.82 -3.13
C PHE D 214 52.66 -50.37 -1.70
N SER D 215 51.92 -51.43 -1.39
CA SER D 215 52.00 -52.05 -0.07
C SER D 215 53.34 -52.69 0.18
N ARG D 216 53.90 -53.35 -0.84
CA ARG D 216 55.21 -53.96 -0.69
C ARG D 216 56.33 -52.93 -0.77
N ILE D 217 56.28 -52.00 -1.72
CA ILE D 217 57.38 -51.04 -1.97
C ILE D 217 56.96 -49.65 -1.54
N GLU D 218 57.71 -49.04 -0.63
CA GLU D 218 57.41 -47.65 -0.32
C GLU D 218 57.86 -46.80 -1.50
N HIS D 219 57.04 -45.82 -1.86
CA HIS D 219 57.29 -45.01 -3.03
C HIS D 219 56.89 -43.56 -2.73
N LEU D 220 57.38 -42.64 -3.57
CA LEU D 220 56.98 -41.26 -3.41
C LEU D 220 55.48 -41.09 -3.62
N TYR D 221 54.93 -41.77 -4.63
CA TYR D 221 53.52 -41.65 -5.01
C TYR D 221 52.68 -42.77 -4.41
N SER D 222 53.09 -43.31 -3.24
CA SER D 222 52.38 -44.40 -2.58
C SER D 222 51.00 -43.95 -2.11
N ALA D 223 50.77 -42.64 -2.04
CA ALA D 223 49.47 -42.13 -1.64
C ALA D 223 48.39 -42.47 -2.66
N ILE D 224 48.77 -42.96 -3.85
CA ILE D 224 47.81 -43.40 -4.85
C ILE D 224 46.90 -44.45 -4.26
N ARG D 225 47.35 -45.15 -3.21
CA ARG D 225 46.58 -46.24 -2.63
C ARG D 225 45.22 -45.80 -2.12
N VAL D 226 45.00 -44.51 -1.89
CA VAL D 226 43.72 -44.12 -1.33
C VAL D 226 42.58 -44.51 -2.25
N GLY D 227 42.85 -44.57 -3.56
CA GLY D 227 41.85 -45.10 -4.47
C GLY D 227 41.77 -46.62 -4.44
N THR D 228 42.91 -47.29 -4.36
CA THR D 228 42.97 -48.74 -4.52
C THR D 228 42.91 -49.51 -3.20
N VAL D 229 42.85 -48.81 -2.07
CA VAL D 229 42.91 -49.52 -0.80
C VAL D 229 41.75 -50.49 -0.70
N VAL D 230 40.61 -50.19 -1.32
CA VAL D 230 39.45 -51.07 -1.25
C VAL D 230 39.72 -52.42 -1.90
N THR D 231 40.66 -52.49 -2.85
CA THR D 231 40.92 -53.76 -3.53
C THR D 231 41.45 -54.84 -2.58
N ALA D 232 42.20 -54.45 -1.54
CA ALA D 232 42.77 -55.41 -0.60
C ALA D 232 41.70 -56.09 0.21
N TYR D 233 41.80 -57.41 0.32
CA TYR D 233 40.85 -58.27 1.03
C TYR D 233 39.43 -58.05 0.54
N GLU D 234 39.29 -57.77 -0.75
CA GLU D 234 37.96 -57.57 -1.34
C GLU D 234 37.19 -58.86 -1.38
N ASP D 235 35.91 -58.76 -1.04
CA ASP D 235 34.99 -59.90 -1.00
C ASP D 235 35.45 -60.96 -0.01
N CYS D 236 36.16 -60.54 1.03
CA CYS D 236 36.66 -61.45 2.04
C CYS D 236 36.24 -61.01 3.44
N SER D 237 35.09 -60.34 3.55
CA SER D 237 34.62 -59.79 4.82
C SER D 237 34.41 -60.86 5.88
N GLY D 238 34.05 -62.07 5.47
CA GLY D 238 33.89 -63.11 6.48
C GLY D 238 35.20 -63.37 7.19
N LEU D 239 36.26 -63.62 6.42
CA LEU D 239 37.54 -63.88 7.03
C LEU D 239 38.00 -62.70 7.87
N VAL D 240 37.78 -61.48 7.36
CA VAL D 240 38.19 -60.27 8.10
C VAL D 240 37.39 -60.09 9.38
N SER D 241 36.09 -60.39 9.33
CA SER D 241 35.29 -60.32 10.55
C SER D 241 35.80 -61.30 11.59
N PHE D 242 36.21 -62.48 11.14
CA PHE D 242 36.71 -63.46 12.08
C PHE D 242 37.97 -62.98 12.77
N THR D 243 38.93 -62.42 12.01
CA THR D 243 40.16 -61.97 12.66
C THR D 243 39.87 -60.86 13.67
N GLY D 244 38.98 -59.92 13.33
CA GLY D 244 38.61 -58.91 14.30
C GLY D 244 37.93 -59.51 15.53
N PHE D 245 37.04 -60.47 15.30
CA PHE D 245 36.37 -61.12 16.43
C PHE D 245 37.40 -61.72 17.37
N ILE D 246 38.38 -62.40 16.79
CA ILE D 246 39.43 -63.05 17.57
C ILE D 246 40.14 -62.02 18.44
N LYS D 247 40.51 -60.87 17.87
CA LYS D 247 41.26 -59.87 18.63
C LYS D 247 40.39 -59.18 19.68
N GLN D 248 39.14 -58.81 19.33
CA GLN D 248 38.29 -58.15 20.31
C GLN D 248 37.86 -59.08 21.41
N ILE D 249 37.56 -60.33 21.06
CA ILE D 249 37.09 -61.30 22.04
C ILE D 249 38.26 -61.74 22.89
N ASN D 250 39.46 -61.45 22.40
CA ASN D 250 40.74 -61.74 23.05
C ASN D 250 40.96 -63.23 23.25
N LEU D 251 40.62 -64.00 22.25
CA LEU D 251 40.87 -65.42 22.28
C LEU D 251 41.73 -65.74 21.06
N THR D 252 42.40 -66.86 21.10
CA THR D 252 43.11 -67.36 19.93
C THR D 252 42.11 -68.04 19.00
N ALA D 253 42.36 -67.95 17.70
CA ALA D 253 41.56 -68.60 16.66
C ALA D 253 41.09 -69.98 17.07
N ARG D 254 41.97 -70.75 17.72
CA ARG D 254 41.60 -72.07 18.16
C ARG D 254 40.49 -72.02 19.18
N GLU D 255 40.72 -71.29 20.28
CA GLU D 255 39.70 -71.20 21.33
C GLU D 255 38.37 -70.69 20.81
N ALA D 256 38.39 -69.71 19.91
CA ALA D 256 37.15 -69.14 19.44
C ALA D 256 36.31 -70.16 18.69
N ILE D 257 36.92 -70.93 17.77
CA ILE D 257 36.10 -71.89 17.03
C ILE D 257 35.46 -72.90 17.96
N LEU D 258 36.13 -73.24 19.08
CA LEU D 258 35.56 -74.18 20.04
C LEU D 258 34.21 -73.70 20.56
N TYR D 259 34.04 -72.39 20.70
CA TYR D 259 32.77 -71.88 21.19
C TYR D 259 31.66 -71.96 20.14
N PHE D 260 31.95 -72.26 18.88
CA PHE D 260 30.94 -72.31 17.83
C PHE D 260 30.17 -73.62 17.89
N PHE D 261 29.07 -73.64 18.66
CA PHE D 261 28.39 -74.92 18.94
C PHE D 261 27.25 -75.22 17.96
N HIS D 262 27.59 -75.45 16.71
CA HIS D 262 26.53 -75.85 15.78
C HIS D 262 27.09 -76.59 14.58
N LYS D 263 26.26 -77.49 14.05
CA LYS D 263 26.67 -78.25 12.87
C LYS D 263 26.90 -77.33 11.68
N ASN D 264 26.07 -76.30 11.51
CA ASN D 264 26.21 -75.51 10.29
C ASN D 264 27.59 -74.89 10.14
N PHE D 265 28.23 -74.58 11.26
CA PHE D 265 29.53 -73.94 11.22
C PHE D 265 30.59 -74.80 10.53
N GLU D 266 30.42 -76.13 10.54
CA GLU D 266 31.49 -77.01 10.08
C GLU D 266 31.87 -76.72 8.63
N GLU D 267 30.88 -76.67 7.73
CA GLU D 267 31.18 -76.44 6.33
C GLU D 267 31.90 -75.12 6.14
N GLU D 268 31.42 -74.08 6.81
CA GLU D 268 32.01 -72.75 6.68
C GLU D 268 33.41 -72.71 7.26
N ILE D 269 33.61 -73.32 8.43
CA ILE D 269 34.96 -73.36 9.00
C ILE D 269 35.89 -74.06 8.05
N ARG D 270 35.45 -75.17 7.48
CA ARG D 270 36.27 -75.89 6.53
C ARG D 270 36.50 -75.03 5.28
N ARG D 271 35.47 -74.31 4.82
CA ARG D 271 35.59 -73.53 3.59
C ARG D 271 36.61 -72.41 3.71
N MET D 272 36.55 -71.62 4.78
CA MET D 272 37.44 -70.47 4.88
C MET D 272 38.84 -70.81 5.34
N PHE D 273 39.05 -71.96 5.95
CA PHE D 273 40.39 -72.30 6.40
C PHE D 273 40.98 -73.42 5.58
N GLU D 274 40.57 -73.51 4.31
CA GLU D 274 41.10 -74.53 3.43
C GLU D 274 42.60 -74.28 3.24
N PRO D 275 43.44 -75.29 3.42
CA PRO D 275 44.88 -75.06 3.36
C PRO D 275 45.32 -74.85 1.92
N GLY D 276 46.54 -74.32 1.76
CA GLY D 276 47.12 -74.07 0.46
C GLY D 276 46.86 -72.69 -0.13
N GLN D 277 45.91 -71.95 0.41
CA GLN D 277 45.72 -70.55 0.08
C GLN D 277 46.52 -69.74 1.07
N GLU D 278 47.34 -68.81 0.57
CA GLU D 278 48.25 -68.08 1.44
C GLU D 278 47.54 -66.98 2.24
N THR D 279 46.58 -67.40 3.07
CA THR D 279 45.88 -66.44 3.93
C THR D 279 46.80 -65.74 4.90
N ALA D 280 47.75 -66.49 5.49
CA ALA D 280 48.65 -65.93 6.49
C ALA D 280 49.78 -65.09 5.89
N VAL D 281 50.17 -65.35 4.63
CA VAL D 281 51.35 -64.69 4.05
C VAL D 281 51.08 -63.20 3.91
N PRO D 282 51.97 -62.32 4.38
CA PRO D 282 51.64 -60.88 4.37
C PRO D 282 51.52 -60.23 2.99
N HIS D 283 52.41 -60.52 2.04
CA HIS D 283 52.31 -59.81 0.76
C HIS D 283 51.99 -60.75 -0.39
N SER D 284 51.03 -61.64 -0.19
CA SER D 284 50.81 -62.66 -1.21
C SER D 284 49.72 -62.18 -2.15
N TYR D 285 49.54 -62.96 -3.20
CA TYR D 285 48.48 -62.62 -4.10
C TYR D 285 47.14 -62.67 -3.41
N PHE D 286 47.03 -63.42 -2.31
CA PHE D 286 45.73 -63.62 -1.68
C PHE D 286 45.06 -62.30 -1.29
N ILE D 287 45.82 -61.33 -0.80
CA ILE D 287 45.21 -60.09 -0.32
C ILE D 287 44.49 -59.33 -1.43
N HIS D 288 44.93 -59.48 -2.69
CA HIS D 288 44.28 -58.84 -3.84
C HIS D 288 43.76 -59.86 -4.84
N PHE D 289 43.50 -61.09 -4.41
CA PHE D 289 43.12 -62.13 -5.37
C PHE D 289 41.80 -61.82 -6.05
N ARG D 290 40.84 -61.28 -5.31
CA ARG D 290 39.55 -61.02 -5.93
C ARG D 290 39.69 -59.91 -7.00
N SER D 291 40.47 -58.86 -6.71
CA SER D 291 40.64 -57.78 -7.70
C SER D 291 41.37 -58.26 -8.94
N LEU D 292 42.43 -59.07 -8.77
CA LEU D 292 43.18 -59.70 -9.89
C LEU D 292 42.36 -60.86 -10.45
N GLY D 293 42.97 -61.75 -11.25
CA GLY D 293 42.24 -62.92 -11.73
C GLY D 293 42.10 -64.05 -10.71
N LEU D 294 42.06 -65.31 -11.18
CA LEU D 294 41.97 -66.54 -10.37
C LEU D 294 41.10 -66.50 -9.12
N SER D 295 39.97 -65.80 -9.21
CA SER D 295 39.13 -65.62 -8.06
C SER D 295 37.85 -66.43 -8.21
N GLY D 296 37.07 -66.12 -9.24
CA GLY D 296 35.74 -66.66 -9.33
C GLY D 296 34.94 -65.93 -8.29
N LYS D 297 34.08 -66.68 -7.60
CA LYS D 297 33.37 -66.20 -6.42
C LYS D 297 34.28 -66.48 -5.22
N SER D 298 34.29 -65.56 -4.27
CA SER D 298 35.21 -65.70 -3.14
C SER D 298 34.60 -66.58 -2.06
N PRO D 299 35.30 -67.61 -1.57
CA PRO D 299 34.75 -68.45 -0.51
C PRO D 299 34.85 -67.84 0.87
N TYR D 300 35.49 -66.68 0.99
CA TYR D 300 35.67 -65.97 2.25
C TYR D 300 34.69 -64.80 2.43
N SER D 301 33.77 -64.62 1.48
CA SER D 301 32.77 -63.55 1.53
C SER D 301 31.78 -63.81 2.65
N SER D 302 31.11 -62.74 3.07
CA SER D 302 30.15 -62.86 4.18
C SER D 302 29.00 -63.80 3.85
N ASN D 303 28.58 -63.88 2.58
CA ASN D 303 27.50 -64.82 2.29
C ASN D 303 28.01 -66.24 2.40
N ALA D 304 29.22 -66.50 1.90
CA ALA D 304 29.78 -67.84 1.89
C ALA D 304 29.92 -68.36 3.30
N VAL D 305 30.21 -67.49 4.23
CA VAL D 305 30.43 -67.95 5.59
C VAL D 305 29.36 -67.30 6.44
N GLY D 306 28.12 -67.34 5.95
CA GLY D 306 27.03 -66.60 6.55
C GLY D 306 26.79 -66.88 8.03
N HIS D 307 26.83 -68.16 8.43
CA HIS D 307 26.54 -68.48 9.83
C HIS D 307 27.60 -67.92 10.77
N VAL D 308 28.88 -68.07 10.41
CA VAL D 308 29.95 -67.53 11.24
C VAL D 308 29.84 -66.02 11.32
N PHE D 309 29.60 -65.40 10.19
CA PHE D 309 29.50 -63.95 10.15
C PHE D 309 28.38 -63.48 11.07
N ASN D 310 27.20 -64.11 10.97
CA ASN D 310 26.08 -63.70 11.81
C ASN D 310 26.42 -63.88 13.27
N LEU D 311 27.01 -65.02 13.62
CA LEU D 311 27.36 -65.22 15.02
C LEU D 311 28.32 -64.13 15.47
N ILE D 312 29.32 -63.80 14.64
CA ILE D 312 30.31 -62.82 15.07
C ILE D 312 29.66 -61.49 15.39
N HIS D 313 28.79 -61.01 14.49
CA HIS D 313 28.22 -59.69 14.69
C HIS D 313 27.13 -59.66 15.75
N PHE D 314 26.36 -60.74 15.93
CA PHE D 314 25.44 -60.74 17.06
C PHE D 314 26.22 -60.59 18.36
N VAL D 315 27.33 -61.31 18.48
CA VAL D 315 28.19 -61.15 19.65
C VAL D 315 28.66 -59.72 19.77
N GLY D 316 29.02 -59.13 18.63
CA GLY D 316 29.38 -57.73 18.63
C GLY D 316 28.24 -56.83 19.06
N CYS D 317 27.02 -57.12 18.62
CA CYS D 317 25.93 -56.29 19.11
C CYS D 317 25.77 -56.44 20.60
N TYR D 318 25.92 -57.65 21.14
CA TYR D 318 25.79 -57.80 22.58
C TYR D 318 26.81 -56.96 23.31
N MET D 319 28.00 -56.82 22.74
CA MET D 319 29.07 -56.04 23.34
C MET D 319 29.05 -54.58 22.92
N GLY D 320 28.07 -54.18 22.13
CA GLY D 320 27.92 -52.78 21.75
C GLY D 320 28.86 -52.30 20.69
N GLN D 321 29.44 -53.19 19.89
CA GLN D 321 30.37 -52.79 18.83
C GLN D 321 29.61 -52.20 17.64
N VAL D 322 29.92 -50.97 17.27
CA VAL D 322 29.14 -50.32 16.22
C VAL D 322 29.30 -51.03 14.88
N ARG D 323 30.49 -51.54 14.57
CA ARG D 323 30.68 -52.17 13.26
C ARG D 323 29.64 -53.27 13.05
N SER D 324 29.44 -54.10 14.07
CA SER D 324 28.50 -55.20 13.99
C SER D 324 27.07 -54.67 13.88
N LEU D 325 26.77 -53.61 14.61
CA LEU D 325 25.43 -53.04 14.54
C LEU D 325 25.09 -52.59 13.13
N ASN D 326 26.08 -52.05 12.39
CA ASN D 326 25.87 -51.52 11.03
C ASN D 326 26.08 -52.53 9.92
N ALA D 327 26.55 -53.73 10.25
CA ALA D 327 26.75 -54.76 9.26
C ALA D 327 25.40 -55.30 8.80
N THR D 328 25.35 -55.73 7.55
CA THR D 328 24.12 -56.28 7.00
C THR D 328 24.07 -57.79 7.25
N VAL D 329 22.98 -58.24 7.88
CA VAL D 329 22.81 -59.64 8.28
C VAL D 329 22.50 -60.51 7.06
N ILE D 330 23.05 -61.72 7.05
CA ILE D 330 22.76 -62.70 5.98
C ILE D 330 21.48 -63.42 6.38
N ALA D 331 20.35 -63.05 5.76
CA ALA D 331 19.07 -63.58 6.22
C ALA D 331 18.95 -65.08 6.01
N ALA D 332 19.56 -65.62 4.97
CA ALA D 332 19.42 -67.05 4.70
C ALA D 332 20.07 -67.89 5.77
N CYS D 333 21.25 -67.49 6.27
CA CYS D 333 22.03 -68.37 7.14
C CYS D 333 21.56 -68.26 8.60
N ALA D 334 20.33 -68.76 8.80
CA ALA D 334 19.69 -69.03 10.09
C ALA D 334 20.02 -67.96 11.13
N PRO D 335 19.63 -66.72 10.90
CA PRO D 335 20.07 -65.65 11.79
C PRO D 335 19.55 -65.84 13.21
N HIS D 336 18.35 -66.38 13.36
CA HIS D 336 17.73 -66.46 14.68
C HIS D 336 18.49 -67.41 15.59
N GLU D 337 18.80 -68.62 15.11
CA GLU D 337 19.56 -69.52 15.97
C GLU D 337 20.92 -68.90 16.30
N MET D 338 21.55 -68.24 15.31
CA MET D 338 22.84 -67.58 15.55
C MET D 338 22.73 -66.52 16.61
N SER D 339 21.66 -65.74 16.61
CA SER D 339 21.51 -64.73 17.64
C SER D 339 21.40 -65.37 19.01
N VAL D 340 20.73 -66.54 19.11
CA VAL D 340 20.65 -67.20 20.42
C VAL D 340 22.03 -67.62 20.89
N LEU D 341 22.79 -68.32 20.04
CA LEU D 341 24.15 -68.66 20.41
C LEU D 341 24.95 -67.41 20.69
N GLY D 342 24.67 -66.35 19.92
CA GLY D 342 25.36 -65.08 20.11
C GLY D 342 25.06 -64.42 21.44
N GLY D 343 23.85 -64.62 21.95
CA GLY D 343 23.51 -64.12 23.27
C GLY D 343 24.29 -64.78 24.39
N TYR D 344 24.43 -66.11 24.34
CA TYR D 344 25.18 -66.81 25.37
C TYR D 344 26.65 -66.49 25.28
N LEU D 345 27.20 -66.53 24.06
CA LEU D 345 28.61 -66.25 23.89
C LEU D 345 28.93 -64.82 24.27
N GLY D 346 28.09 -63.88 23.83
CA GLY D 346 28.28 -62.48 24.16
C GLY D 346 28.16 -62.21 25.66
N GLU D 347 27.24 -62.91 26.33
CA GLU D 347 27.15 -62.79 27.77
C GLU D 347 28.49 -63.16 28.38
N GLU D 348 29.11 -64.26 27.91
CA GLU D 348 30.37 -64.71 28.50
C GLU D 348 31.51 -63.72 28.31
N PHE D 349 31.55 -63.06 27.16
CA PHE D 349 32.66 -62.15 26.85
C PHE D 349 32.41 -60.70 27.21
N PHE D 350 31.19 -60.33 27.59
CA PHE D 350 30.88 -58.93 27.87
C PHE D 350 31.06 -58.68 29.36
N GLY D 351 31.99 -57.79 29.70
CA GLY D 351 32.26 -57.45 31.09
C GLY D 351 33.13 -58.42 31.84
N LYS D 352 33.73 -59.39 31.17
CA LYS D 352 34.57 -60.38 31.85
C LYS D 352 35.86 -60.55 31.07
N GLY D 353 36.94 -60.84 31.78
CA GLY D 353 38.20 -61.12 31.13
C GLY D 353 38.97 -62.19 31.88
N THR D 354 39.87 -62.86 31.16
CA THR D 354 40.78 -63.83 31.75
C THR D 354 42.12 -63.13 31.98
N PHE D 355 42.46 -62.87 33.25
CA PHE D 355 43.65 -62.10 33.63
C PHE D 355 44.63 -62.98 34.37
N GLU D 356 45.93 -62.87 34.04
CA GLU D 356 46.96 -63.67 34.72
C GLU D 356 48.20 -62.81 34.92
N ARG D 357 48.84 -62.95 36.07
CA ARG D 357 50.04 -62.16 36.31
C ARG D 357 51.17 -62.64 35.42
N ARG D 358 51.75 -61.72 34.66
CA ARG D 358 52.83 -62.08 33.79
C ARG D 358 54.09 -61.32 34.13
N PHE D 359 54.01 -60.28 34.93
CA PHE D 359 55.15 -59.44 35.27
C PHE D 359 55.42 -59.51 36.78
N PHE D 360 56.67 -59.77 37.14
CA PHE D 360 57.07 -59.93 38.53
C PHE D 360 58.39 -59.21 38.78
N ARG D 361 58.63 -58.89 40.06
CA ARG D 361 59.86 -58.20 40.47
C ARG D 361 61.08 -59.10 40.36
N ASP D 362 60.95 -60.36 40.74
CA ASP D 362 62.09 -61.27 40.78
C ASP D 362 61.70 -62.57 40.10
N GLU D 363 62.71 -63.30 39.66
CA GLU D 363 62.43 -64.59 39.05
C GLU D 363 61.77 -65.50 40.07
N LYS D 364 62.16 -65.35 41.34
CA LYS D 364 61.61 -66.21 42.38
C LYS D 364 60.09 -66.04 42.48
N GLU D 365 59.63 -64.79 42.40
CA GLU D 365 58.20 -64.51 42.45
C GLU D 365 57.45 -65.19 41.31
N LEU D 366 58.06 -65.22 40.12
CA LEU D 366 57.44 -65.86 38.96
C LEU D 366 57.22 -67.35 39.22
N GLN D 367 58.24 -68.03 39.77
CA GLN D 367 58.13 -69.45 40.07
C GLN D 367 57.06 -69.71 41.13
N GLU D 368 57.00 -68.84 42.14
CA GLU D 368 56.04 -68.94 43.22
C GLU D 368 54.61 -68.77 42.71
N TYR D 369 54.40 -67.82 41.80
CA TYR D 369 53.09 -67.63 41.20
C TYR D 369 52.69 -68.84 40.38
N GLU D 370 53.67 -69.53 39.78
CA GLU D 370 53.36 -70.72 39.01
C GLU D 370 53.04 -71.87 39.94
N ALA D 371 53.65 -71.88 41.13
CA ALA D 371 53.38 -72.91 42.12
C ALA D 371 51.93 -72.83 42.59
N ALA D 372 51.41 -71.62 42.70
CA ALA D 372 50.02 -71.44 43.09
C ALA D 372 49.11 -71.74 41.89
N GLU D 398 32.52 -66.98 36.30
CA GLU D 398 33.50 -67.80 37.00
C GLU D 398 34.63 -68.25 36.06
N THR D 399 34.61 -69.52 35.66
CA THR D 399 35.63 -70.05 34.78
C THR D 399 35.14 -69.97 33.35
N ARG D 400 35.99 -69.45 32.49
CA ARG D 400 35.71 -69.29 31.06
C ARG D 400 36.17 -70.55 30.35
N SER D 401 35.22 -71.32 29.83
CA SER D 401 35.59 -72.52 29.08
C SER D 401 34.47 -72.82 28.12
N PRO D 402 34.76 -73.45 26.98
CA PRO D 402 33.67 -73.82 26.08
C PRO D 402 32.67 -74.71 26.77
N GLU D 403 33.15 -75.67 27.57
CA GLU D 403 32.27 -76.61 28.24
C GLU D 403 31.28 -75.86 29.14
N ALA D 404 31.77 -74.86 29.85
CA ALA D 404 30.92 -74.11 30.77
C ALA D 404 29.77 -73.43 30.03
N VAL D 405 30.08 -72.77 28.91
CA VAL D 405 29.03 -72.11 28.15
C VAL D 405 28.06 -73.16 27.63
N TYR D 406 28.59 -74.29 27.16
CA TYR D 406 27.72 -75.30 26.58
C TYR D 406 26.74 -75.84 27.61
N THR D 407 27.21 -76.15 28.82
CA THR D 407 26.31 -76.62 29.87
C THR D 407 25.28 -75.56 30.23
N ARG D 408 25.68 -74.28 30.24
CA ARG D 408 24.76 -73.20 30.59
C ARG D 408 23.61 -73.14 29.59
N ILE D 409 23.93 -73.28 28.29
CA ILE D 409 22.93 -73.31 27.23
C ILE D 409 22.01 -74.50 27.40
N MET D 410 22.58 -75.66 27.69
CA MET D 410 21.76 -76.85 27.86
C MET D 410 20.88 -76.70 29.10
N MET D 411 21.41 -76.12 30.19
CA MET D 411 20.61 -75.97 31.41
C MET D 411 19.40 -75.08 31.18
N ASN D 412 19.53 -74.03 30.36
CA ASN D 412 18.41 -73.17 30.03
C ASN D 412 17.65 -73.68 28.83
N GLY D 413 17.94 -74.91 28.40
CA GLY D 413 17.25 -75.55 27.29
C GLY D 413 17.50 -74.91 25.95
N GLY D 414 18.64 -74.24 25.78
CA GLY D 414 18.92 -73.58 24.50
C GLY D 414 18.02 -72.40 24.20
N ARG D 415 17.44 -71.78 25.21
CA ARG D 415 16.51 -70.68 25.02
C ARG D 415 17.21 -69.40 25.48
N LEU D 416 17.00 -68.31 24.75
CA LEU D 416 17.66 -67.07 25.12
C LEU D 416 17.21 -66.65 26.53
N LYS D 417 18.15 -66.20 27.36
CA LYS D 417 17.74 -65.70 28.68
C LYS D 417 17.00 -64.37 28.54
N ARG D 418 16.18 -64.05 29.54
CA ARG D 418 15.51 -62.76 29.50
C ARG D 418 16.52 -61.64 29.51
N SER D 419 17.60 -61.79 30.29
CA SER D 419 18.64 -60.79 30.31
C SER D 419 19.30 -60.66 28.94
N HIS D 420 19.55 -61.78 28.26
CA HIS D 420 20.10 -61.70 26.91
C HIS D 420 19.20 -60.86 26.03
N ILE D 421 17.90 -61.10 26.11
CA ILE D 421 16.98 -60.33 25.28
C ILE D 421 17.03 -58.87 25.69
N ARG D 422 17.06 -58.58 26.99
CA ARG D 422 17.09 -57.18 27.44
C ARG D 422 18.28 -56.44 26.85
N ARG D 423 19.46 -57.05 26.91
CA ARG D 423 20.66 -56.42 26.38
C ARG D 423 20.53 -56.18 24.88
N TYR D 424 20.06 -57.20 24.15
CA TYR D 424 19.93 -57.02 22.71
C TYR D 424 19.05 -55.83 22.40
N VAL D 425 17.90 -55.73 23.05
CA VAL D 425 16.99 -54.64 22.74
C VAL D 425 17.57 -53.30 23.16
N SER D 426 18.21 -53.26 24.32
CA SER D 426 18.82 -52.03 24.80
C SER D 426 19.90 -51.53 23.84
N VAL D 427 20.71 -52.44 23.29
CA VAL D 427 21.69 -52.02 22.29
C VAL D 427 20.99 -51.58 21.01
N SER D 428 20.04 -52.38 20.55
CA SER D 428 19.45 -52.08 19.26
C SER D 428 18.64 -50.79 19.31
N SER D 429 17.87 -50.60 20.37
CA SER D 429 16.97 -49.45 20.38
C SER D 429 17.73 -48.14 20.46
N ASN D 430 18.81 -48.09 21.25
CA ASN D 430 19.66 -46.90 21.40
C ASN D 430 20.74 -46.86 20.32
N HIS D 431 20.29 -47.03 19.08
CA HIS D 431 21.17 -47.02 17.92
C HIS D 431 20.34 -46.68 16.69
N GLN D 432 20.97 -45.92 15.80
CA GLN D 432 20.33 -45.49 14.55
C GLN D 432 20.38 -46.67 13.59
N ALA D 433 19.34 -47.50 13.63
CA ALA D 433 19.33 -48.75 12.88
C ALA D 433 19.36 -48.49 11.37
N ARG D 434 20.31 -49.12 10.70
CA ARG D 434 20.45 -49.04 9.26
C ARG D 434 19.50 -50.01 8.58
N PRO D 435 19.22 -49.82 7.25
CA PRO D 435 18.18 -50.62 6.58
C PRO D 435 18.15 -52.11 6.87
N ASN D 436 19.18 -52.86 6.50
CA ASN D 436 19.14 -54.30 6.72
C ASN D 436 20.18 -54.74 7.73
N SER D 437 20.48 -53.86 8.66
CA SER D 437 21.56 -54.09 9.60
C SER D 437 21.15 -55.14 10.65
N PHE D 438 22.17 -55.57 11.41
CA PHE D 438 21.95 -56.41 12.57
C PHE D 438 21.11 -55.70 13.62
N ALA D 439 21.33 -54.39 13.78
CA ALA D 439 20.54 -53.58 14.70
C ALA D 439 19.07 -53.61 14.33
N GLU D 440 18.78 -53.46 13.03
CA GLU D 440 17.40 -53.56 12.58
C GLU D 440 16.85 -54.94 12.87
N PHE D 441 17.65 -55.99 12.63
CA PHE D 441 17.18 -57.33 12.91
C PHE D 441 16.86 -57.51 14.39
N LEU D 442 17.74 -57.04 15.27
CA LEU D 442 17.50 -57.21 16.69
C LEU D 442 16.24 -56.47 17.11
N ASN D 443 16.06 -55.26 16.58
CA ASN D 443 14.90 -54.44 16.94
C ASN D 443 13.58 -55.10 16.52
N LYS D 444 13.51 -55.57 15.26
CA LYS D 444 12.30 -56.21 14.75
C LYS D 444 12.02 -57.53 15.45
N THR D 445 13.08 -58.27 15.84
CA THR D 445 12.85 -59.60 16.40
C THR D 445 12.46 -59.56 17.87
N TYR D 446 13.24 -58.87 18.72
CA TYR D 446 13.02 -58.82 20.17
C TYR D 446 12.65 -57.39 20.55
N SER D 447 11.39 -57.12 20.85
CA SER D 447 11.02 -55.76 21.19
C SER D 447 10.21 -55.59 22.47
N SER D 448 9.75 -56.68 23.10
CA SER D 448 9.09 -56.54 24.39
C SER D 448 9.93 -57.14 25.53
N ILE E 6 46.34 -74.27 18.25
CA ILE E 6 47.16 -75.05 17.35
C ILE E 6 46.31 -75.73 16.25
N VAL E 7 45.33 -76.56 16.61
CA VAL E 7 44.53 -77.33 15.66
C VAL E 7 43.17 -77.62 16.28
N PHE E 8 42.15 -77.78 15.43
CA PHE E 8 40.84 -78.17 15.91
C PHE E 8 40.36 -79.40 15.14
N LYS E 9 39.40 -80.10 15.73
CA LYS E 9 38.88 -81.34 15.20
C LYS E 9 37.42 -81.20 14.84
N VAL E 10 37.13 -81.42 13.57
CA VAL E 10 35.83 -81.27 12.99
C VAL E 10 35.39 -82.70 12.74
N ASN E 11 34.14 -83.00 13.02
CA ASN E 11 33.60 -84.31 12.69
C ASN E 11 32.53 -84.18 11.60
N ASN E 12 32.99 -83.98 10.34
CA ASN E 12 32.11 -83.96 9.15
C ASN E 12 32.15 -85.35 8.53
N GLN E 13 31.11 -86.17 8.80
CA GLN E 13 31.09 -87.63 8.64
C GLN E 13 32.06 -88.38 9.57
N VAL E 14 33.28 -88.72 9.11
CA VAL E 14 34.36 -89.20 10.00
C VAL E 14 35.17 -87.96 10.42
N VAL E 15 36.14 -88.13 11.31
CA VAL E 15 36.87 -86.99 11.90
C VAL E 15 37.96 -86.40 11.00
N SER E 16 37.99 -85.06 10.94
CA SER E 16 38.94 -84.27 10.15
C SER E 16 39.67 -83.24 11.02
N LEU E 17 40.93 -83.01 10.69
CA LEU E 17 41.82 -82.05 11.36
C LEU E 17 42.15 -80.90 10.41
N LYS E 18 41.89 -79.67 10.86
CA LYS E 18 42.21 -78.44 10.14
C LYS E 18 43.01 -77.54 11.07
N PRO E 19 44.09 -76.94 10.59
CA PRO E 19 44.75 -75.87 11.35
C PRO E 19 44.22 -74.52 10.88
N GLU E 20 43.97 -73.64 11.85
CA GLU E 20 43.42 -72.33 11.57
C GLU E 20 44.59 -71.40 11.22
N ILE E 21 44.44 -70.60 10.18
CA ILE E 21 45.51 -69.68 9.75
C ILE E 21 44.95 -68.25 9.72
N ILE E 22 45.61 -67.34 10.45
CA ILE E 22 45.28 -65.91 10.45
C ILE E 22 46.58 -65.13 10.41
N VAL E 23 46.56 -63.96 9.78
CA VAL E 23 47.75 -63.15 9.59
C VAL E 23 47.81 -62.10 10.70
N ASP E 24 48.96 -62.02 11.39
CA ASP E 24 49.25 -61.01 12.44
C ASP E 24 50.76 -60.77 12.49
N GLN E 25 51.30 -60.12 11.46
CA GLN E 25 52.74 -59.89 11.36
C GLN E 25 53.04 -58.42 11.08
N HIS E 26 53.95 -57.83 11.87
CA HIS E 26 54.35 -56.44 11.72
C HIS E 26 55.84 -56.30 12.02
N GLU E 27 56.50 -55.36 11.33
CA GLU E 27 57.93 -55.10 11.52
C GLU E 27 58.10 -53.70 12.09
N TYR E 28 58.93 -53.58 13.15
CA TYR E 28 59.19 -52.33 13.89
C TYR E 28 60.68 -51.96 13.93
N LYS E 29 61.05 -50.86 13.27
CA LYS E 29 62.42 -50.39 13.21
C LYS E 29 62.70 -49.42 14.37
N TYR E 30 63.87 -49.61 15.07
CA TYR E 30 64.22 -48.77 16.22
C TYR E 30 65.17 -47.65 15.80
N PRO E 31 65.15 -46.52 16.52
CA PRO E 31 65.87 -45.31 16.06
C PRO E 31 67.36 -45.21 16.37
N ALA E 32 68.00 -46.20 17.00
CA ALA E 32 69.42 -46.10 17.32
C ALA E 32 70.26 -45.79 16.07
N ILE E 33 71.35 -45.05 16.27
CA ILE E 33 72.30 -44.67 15.21
C ILE E 33 73.50 -45.62 15.29
N LYS E 34 73.50 -46.65 14.44
CA LYS E 34 74.60 -47.62 14.39
C LYS E 34 75.82 -47.10 13.62
N ASP E 35 75.62 -46.36 12.51
CA ASP E 35 76.75 -45.80 11.75
C ASP E 35 77.45 -44.64 12.47
N LEU E 36 76.85 -44.05 13.51
CA LEU E 36 77.44 -42.94 14.29
C LEU E 36 77.63 -41.67 13.43
N LYS E 37 76.76 -41.50 12.45
CA LYS E 37 76.75 -40.39 11.51
C LYS E 37 75.51 -39.53 11.72
N LYS E 38 75.67 -38.20 11.74
CA LYS E 38 74.55 -37.29 11.96
C LYS E 38 73.50 -37.41 10.84
N PRO E 39 72.21 -37.18 11.15
CA PRO E 39 71.16 -37.31 10.12
C PRO E 39 71.36 -36.36 8.96
N CYS E 40 71.07 -36.84 7.74
CA CYS E 40 71.30 -36.07 6.52
C CYS E 40 70.13 -36.16 5.55
N ILE E 41 69.88 -35.06 4.80
CA ILE E 41 68.92 -35.06 3.69
C ILE E 41 69.58 -34.44 2.47
N THR E 42 69.08 -34.81 1.28
CA THR E 42 69.55 -34.30 -0.01
C THR E 42 68.70 -33.11 -0.45
N LEU E 43 69.35 -32.01 -0.80
CA LEU E 43 68.64 -30.78 -1.14
C LEU E 43 69.41 -30.05 -2.23
N GLY E 44 68.83 -28.96 -2.74
CA GLY E 44 69.45 -28.26 -3.85
C GLY E 44 70.52 -27.28 -3.39
N LYS E 45 71.11 -26.57 -4.36
CA LYS E 45 72.21 -25.67 -4.05
C LYS E 45 71.72 -24.46 -3.25
N ALA E 46 72.59 -23.98 -2.36
CA ALA E 46 72.24 -22.89 -1.45
C ALA E 46 71.82 -21.65 -2.24
N PRO E 47 70.72 -20.99 -1.88
CA PRO E 47 70.27 -19.79 -2.61
C PRO E 47 70.98 -18.54 -2.09
N ASP E 48 70.63 -17.38 -2.66
CA ASP E 48 71.24 -16.11 -2.24
C ASP E 48 70.92 -15.75 -0.80
N LEU E 49 69.82 -16.29 -0.26
CA LEU E 49 69.26 -16.11 1.09
C LEU E 49 68.52 -14.78 1.21
N ASN E 50 68.82 -13.77 0.40
CA ASN E 50 68.12 -12.50 0.45
C ASN E 50 67.16 -12.38 -0.70
N LYS E 51 67.66 -12.61 -1.92
CA LYS E 51 66.84 -12.61 -3.11
C LYS E 51 65.94 -13.83 -3.07
N ALA E 52 66.49 -14.91 -2.51
CA ALA E 52 65.77 -16.16 -2.41
C ALA E 52 64.50 -16.00 -1.60
N TYR E 53 64.58 -15.36 -0.44
CA TYR E 53 63.38 -15.26 0.37
C TYR E 53 62.62 -13.95 0.23
N LYS E 54 63.01 -13.12 -0.73
CA LYS E 54 62.04 -12.21 -1.30
C LYS E 54 60.92 -12.99 -1.98
N SER E 55 61.27 -14.08 -2.69
CA SER E 55 60.29 -14.82 -3.49
C SER E 55 59.22 -15.50 -2.62
N VAL E 56 59.63 -16.20 -1.57
CA VAL E 56 58.67 -16.97 -0.77
C VAL E 56 57.70 -16.04 -0.06
N LEU E 57 58.19 -14.89 0.40
CA LEU E 57 57.33 -13.93 1.05
C LEU E 57 56.21 -13.55 0.09
N SER E 58 56.59 -13.38 -1.18
CA SER E 58 55.60 -13.23 -2.24
C SER E 58 54.76 -14.50 -2.38
N GLY E 59 55.41 -15.67 -2.29
CA GLY E 59 54.66 -16.92 -2.38
C GLY E 59 53.67 -17.11 -1.25
N MET E 60 54.08 -16.82 -0.02
CA MET E 60 53.14 -16.90 1.09
C MET E 60 51.98 -15.95 0.90
N SER E 61 52.34 -14.75 0.46
CA SER E 61 51.41 -13.67 0.30
C SER E 61 50.34 -14.01 -0.73
N ALA E 62 50.71 -14.81 -1.76
CA ALA E 62 49.83 -15.24 -2.85
C ALA E 62 49.04 -16.51 -2.55
N ALA E 63 49.66 -17.47 -1.82
CA ALA E 63 49.17 -18.79 -1.39
C ALA E 63 49.68 -19.88 -2.32
N LYS E 64 50.75 -19.63 -3.05
CA LYS E 64 51.37 -20.64 -3.90
C LYS E 64 52.83 -20.82 -3.47
N LEU E 65 53.19 -22.04 -3.07
CA LEU E 65 54.52 -22.29 -2.52
C LEU E 65 55.22 -23.46 -3.18
N ASP E 66 56.54 -23.33 -3.34
CA ASP E 66 57.31 -24.42 -3.88
C ASP E 66 58.02 -25.14 -2.74
N PRO E 67 57.70 -26.42 -2.52
CA PRO E 67 58.29 -27.14 -1.37
C PRO E 67 59.79 -27.24 -1.43
N ASP E 68 60.38 -27.54 -2.59
CA ASP E 68 61.83 -27.69 -2.65
C ASP E 68 62.53 -26.40 -2.28
N ASP E 69 62.00 -25.27 -2.79
CA ASP E 69 62.57 -23.97 -2.48
C ASP E 69 62.48 -23.67 -1.00
N VAL E 70 61.30 -23.92 -0.41
CA VAL E 70 61.13 -23.63 1.02
C VAL E 70 62.13 -24.44 1.83
N CYS E 71 62.37 -25.68 1.42
CA CYS E 71 63.29 -26.55 2.14
C CYS E 71 64.74 -26.07 2.10
N SER E 72 65.22 -25.65 0.93
CA SER E 72 66.63 -25.22 0.77
C SER E 72 66.94 -23.97 1.59
N TYR E 73 65.98 -23.04 1.64
CA TYR E 73 66.15 -21.83 2.44
C TYR E 73 66.26 -22.14 3.92
N LEU E 74 65.34 -22.97 4.42
CA LEU E 74 65.30 -23.26 5.84
C LEU E 74 66.62 -23.87 6.27
N ALA E 75 67.21 -24.72 5.42
CA ALA E 75 68.55 -25.23 5.71
C ALA E 75 69.56 -24.09 5.67
N ALA E 76 69.44 -23.21 4.67
CA ALA E 76 70.31 -22.05 4.54
C ALA E 76 70.11 -21.04 5.67
N ALA E 77 68.87 -20.83 6.11
CA ALA E 77 68.57 -19.88 7.18
C ALA E 77 69.05 -20.34 8.56
N MET E 78 69.40 -21.63 8.72
CA MET E 78 69.84 -22.19 10.00
C MET E 78 71.08 -21.50 10.52
N GLN E 79 71.88 -20.94 9.62
CA GLN E 79 73.09 -20.24 10.02
C GLN E 79 72.76 -18.97 10.79
N PHE E 80 71.63 -18.31 10.48
CA PHE E 80 71.29 -17.06 11.17
C PHE E 80 71.14 -17.30 12.68
N PHE E 81 70.57 -18.45 13.07
CA PHE E 81 70.27 -18.78 14.47
C PHE E 81 71.44 -19.52 15.11
N GLU E 82 72.10 -18.86 16.07
CA GLU E 82 73.25 -19.42 16.78
C GLU E 82 73.18 -19.05 18.25
N GLY E 83 73.61 -19.95 19.11
CA GLY E 83 73.65 -19.69 20.55
C GLY E 83 74.68 -20.57 21.20
N THR E 84 75.16 -20.13 22.38
CA THR E 84 76.14 -20.92 23.12
C THR E 84 75.47 -22.16 23.74
N CYS E 85 76.18 -23.31 23.71
CA CYS E 85 75.68 -24.58 24.27
C CYS E 85 75.99 -24.69 25.76
N PRO E 86 74.99 -24.86 26.63
CA PRO E 86 75.28 -24.94 28.08
C PRO E 86 76.07 -26.16 28.49
N GLU E 87 75.78 -27.34 27.94
CA GLU E 87 76.47 -28.54 28.36
C GLU E 87 76.82 -29.38 27.13
N ASP E 88 77.77 -30.30 27.29
CA ASP E 88 78.17 -31.20 26.21
C ASP E 88 77.03 -32.12 25.78
N TRP E 89 76.88 -32.26 24.45
CA TRP E 89 75.79 -33.03 23.87
C TRP E 89 76.10 -34.52 23.97
N THR E 90 75.13 -35.33 24.39
CA THR E 90 75.35 -36.77 24.44
C THR E 90 74.28 -37.47 23.60
N SER E 91 74.57 -37.71 22.32
CA SER E 91 73.57 -38.35 21.48
C SER E 91 73.95 -39.81 21.23
N TYR E 92 73.28 -40.44 20.27
CA TYR E 92 73.50 -41.87 19.99
C TYR E 92 74.91 -42.17 19.52
N GLY E 93 75.92 -41.94 20.35
CA GLY E 93 77.30 -42.21 19.99
C GLY E 93 77.96 -41.09 19.24
N ILE E 94 77.25 -39.99 19.00
CA ILE E 94 77.74 -38.85 18.25
C ILE E 94 77.53 -37.61 19.12
N VAL E 95 78.56 -36.74 19.14
CA VAL E 95 78.57 -35.44 19.85
C VAL E 95 78.99 -34.26 18.93
N ILE E 96 78.00 -33.51 18.46
CA ILE E 96 78.32 -32.39 17.58
C ILE E 96 78.67 -31.14 18.38
N ALA E 97 78.14 -31.02 19.60
CA ALA E 97 78.28 -29.83 20.41
C ALA E 97 79.07 -30.10 21.68
N ARG E 98 80.18 -29.36 21.88
CA ARG E 98 80.98 -29.45 23.11
C ARG E 98 80.46 -28.45 24.12
N LYS E 99 80.76 -28.67 25.39
CA LYS E 99 80.28 -27.74 26.41
C LYS E 99 80.81 -26.34 26.10
N GLY E 100 79.94 -25.34 26.15
CA GLY E 100 80.39 -23.96 25.97
C GLY E 100 80.58 -23.46 24.56
N ASP E 101 80.15 -24.21 23.54
CA ASP E 101 80.36 -23.82 22.16
C ASP E 101 79.13 -23.22 21.52
N LYS E 102 79.38 -22.22 20.68
CA LYS E 102 78.37 -21.63 19.80
C LYS E 102 78.00 -22.59 18.67
N ILE E 103 76.68 -22.79 18.45
CA ILE E 103 76.22 -23.76 17.46
C ILE E 103 75.00 -23.22 16.72
N THR E 104 74.71 -23.82 15.57
CA THR E 104 73.55 -23.54 14.75
C THR E 104 72.73 -24.80 14.60
N PRO E 105 71.47 -24.68 14.10
CA PRO E 105 70.66 -25.85 13.77
C PRO E 105 71.40 -26.73 12.79
N GLY E 106 72.20 -26.07 11.95
CA GLY E 106 73.07 -26.52 10.90
C GLY E 106 74.19 -27.45 11.38
N SER E 107 74.52 -27.48 12.69
CA SER E 107 75.54 -28.36 13.27
C SER E 107 75.12 -29.81 13.52
N LEU E 108 73.95 -30.06 14.16
CA LEU E 108 73.55 -31.42 14.57
C LEU E 108 73.02 -32.25 13.38
N VAL E 109 72.52 -31.56 12.36
CA VAL E 109 72.02 -32.14 11.12
C VAL E 109 72.85 -31.64 9.94
N GLU E 110 73.32 -32.57 9.12
CA GLU E 110 74.06 -32.25 7.89
C GLU E 110 73.10 -32.18 6.69
N ILE E 111 73.20 -31.12 5.88
CA ILE E 111 72.43 -30.98 4.64
C ILE E 111 73.35 -31.24 3.44
N LYS E 112 72.91 -32.13 2.54
CA LYS E 112 73.64 -32.44 1.31
C LYS E 112 73.24 -31.47 0.21
N ARG E 113 74.22 -30.79 -0.38
CA ARG E 113 73.95 -29.80 -1.42
C ARG E 113 74.30 -30.33 -2.81
N THR E 114 73.30 -30.31 -3.71
CA THR E 114 73.52 -30.68 -5.11
C THR E 114 73.52 -29.42 -5.96
N ASP E 115 74.36 -29.40 -7.00
CA ASP E 115 74.42 -28.26 -7.90
C ASP E 115 73.15 -28.06 -8.74
N VAL E 116 72.03 -27.74 -8.09
CA VAL E 116 70.78 -27.48 -8.79
C VAL E 116 70.31 -26.09 -8.39
N GLU E 117 69.94 -25.28 -9.37
CA GLU E 117 69.48 -23.95 -9.02
C GLU E 117 68.00 -24.04 -8.68
N GLY E 118 67.56 -23.19 -7.76
CA GLY E 118 66.18 -23.22 -7.36
C GLY E 118 65.32 -22.40 -8.29
N ASN E 119 64.07 -22.83 -8.42
CA ASN E 119 63.14 -22.16 -9.31
C ASN E 119 62.45 -20.99 -8.60
N TRP E 120 63.25 -20.10 -8.00
CA TRP E 120 62.75 -18.96 -7.24
C TRP E 120 61.92 -18.04 -8.11
N ALA E 121 60.69 -17.75 -7.70
CA ALA E 121 59.80 -17.00 -8.56
C ALA E 121 58.81 -16.22 -7.71
N LEU E 122 58.33 -15.10 -8.25
CA LEU E 122 57.40 -14.25 -7.52
C LEU E 122 55.98 -14.41 -8.02
N THR E 123 55.09 -14.87 -7.13
CA THR E 123 53.65 -14.95 -7.40
C THR E 123 52.86 -13.83 -6.76
N GLY E 124 53.21 -13.44 -5.53
CA GLY E 124 52.48 -12.43 -4.80
C GLY E 124 53.30 -11.17 -4.61
N GLY E 125 52.64 -10.17 -4.02
CA GLY E 125 53.25 -8.86 -3.83
C GLY E 125 54.35 -8.86 -2.76
N MET E 126 55.53 -8.36 -3.13
CA MET E 126 56.60 -8.05 -2.19
C MET E 126 57.00 -6.58 -2.30
N GLU E 127 56.90 -5.83 -1.20
CA GLU E 127 57.21 -4.40 -1.23
C GLU E 127 58.58 -4.01 -0.68
N LEU E 128 59.34 -4.95 -0.12
CA LEU E 128 60.63 -4.61 0.49
C LEU E 128 61.72 -4.51 -0.58
N THR E 129 62.31 -3.32 -0.72
CA THR E 129 63.43 -3.20 -1.65
C THR E 129 64.75 -3.51 -0.96
N ARG E 130 64.80 -3.30 0.35
CA ARG E 130 66.06 -3.53 1.05
C ARG E 130 66.28 -5.02 1.26
N ASP E 131 67.55 -5.38 1.46
CA ASP E 131 67.89 -6.75 1.82
C ASP E 131 67.34 -7.04 3.22
N PRO E 132 66.80 -8.24 3.44
CA PRO E 132 66.14 -8.51 4.73
C PRO E 132 67.11 -8.55 5.90
N THR E 133 66.63 -8.06 7.06
CA THR E 133 67.35 -8.14 8.33
C THR E 133 67.12 -9.48 8.99
N VAL E 134 68.00 -9.80 9.94
CA VAL E 134 67.90 -11.10 10.61
C VAL E 134 66.47 -11.25 11.16
N PRO E 135 65.92 -10.29 11.92
CA PRO E 135 64.49 -10.44 12.37
C PRO E 135 63.51 -10.83 11.28
N GLU E 136 63.55 -10.14 10.15
CA GLU E 136 62.71 -10.49 9.02
C GLU E 136 62.90 -11.95 8.64
N HIS E 137 64.16 -12.41 8.57
CA HIS E 137 64.44 -13.81 8.26
C HIS E 137 63.74 -14.75 9.26
N ALA E 138 63.84 -14.45 10.57
CA ALA E 138 63.25 -15.31 11.59
C ALA E 138 61.72 -15.32 11.51
N SER E 139 61.11 -14.16 11.24
CA SER E 139 59.64 -14.10 11.10
C SER E 139 59.16 -15.00 9.96
N LEU E 140 59.86 -14.95 8.82
CA LEU E 140 59.49 -15.82 7.70
C LEU E 140 59.69 -17.28 8.07
N VAL E 141 60.82 -17.59 8.74
CA VAL E 141 61.09 -18.98 9.12
C VAL E 141 59.97 -19.46 10.03
N GLY E 142 59.58 -18.62 10.99
CA GLY E 142 58.53 -19.00 11.92
C GLY E 142 57.20 -19.25 11.25
N LEU E 143 56.82 -18.38 10.30
CA LEU E 143 55.54 -18.58 9.61
C LEU E 143 55.58 -19.87 8.81
N LEU E 144 56.71 -20.13 8.14
CA LEU E 144 56.84 -21.31 7.31
C LEU E 144 56.76 -22.58 8.15
N LEU E 145 57.50 -22.64 9.26
CA LEU E 145 57.48 -23.83 10.08
C LEU E 145 56.08 -24.07 10.63
N SER E 146 55.35 -22.99 10.93
CA SER E 146 53.99 -23.12 11.48
C SER E 146 53.07 -23.85 10.52
N LEU E 147 53.40 -23.85 9.23
CA LEU E 147 52.55 -24.58 8.29
C LEU E 147 52.52 -26.07 8.64
N TYR E 148 53.65 -26.61 9.14
CA TYR E 148 53.69 -28.03 9.45
C TYR E 148 52.70 -28.39 10.54
N ARG E 149 52.67 -27.61 11.62
CA ARG E 149 51.69 -27.90 12.68
C ARG E 149 50.26 -27.77 12.17
N LEU E 150 50.00 -26.77 11.34
CA LEU E 150 48.66 -26.56 10.82
C LEU E 150 48.21 -27.73 9.93
N SER E 151 49.14 -28.24 9.11
CA SER E 151 48.83 -29.39 8.26
C SER E 151 48.55 -30.62 9.09
N LYS E 152 49.33 -30.82 10.17
CA LYS E 152 49.18 -31.98 11.03
C LYS E 152 47.86 -31.98 11.79
N ILE E 153 47.42 -30.80 12.27
CA ILE E 153 46.21 -30.76 13.10
C ILE E 153 44.96 -30.82 12.24
N SER E 154 44.86 -31.86 11.41
CA SER E 154 43.73 -32.08 10.52
C SER E 154 42.82 -33.14 11.12
N GLY E 155 41.53 -32.95 10.93
CA GLY E 155 40.56 -33.88 11.47
C GLY E 155 39.19 -33.27 11.35
N GLN E 156 38.20 -34.07 11.73
CA GLN E 156 36.81 -33.70 11.57
C GLN E 156 36.34 -32.80 12.72
N ASN E 157 35.00 -32.83 12.94
CA ASN E 157 34.28 -32.14 14.04
C ASN E 157 34.75 -30.68 14.03
N THR E 158 35.37 -30.20 15.10
CA THR E 158 35.74 -28.80 15.19
C THR E 158 37.00 -28.49 14.38
N GLY E 159 36.97 -27.36 13.68
CA GLY E 159 38.08 -26.90 12.86
C GLY E 159 38.44 -25.56 13.45
N ASN E 160 37.59 -25.10 14.37
CA ASN E 160 37.85 -23.83 15.03
C ASN E 160 39.21 -23.85 15.72
N TYR E 161 39.63 -25.03 16.21
CA TYR E 161 40.90 -25.12 16.93
C TYR E 161 42.06 -24.73 16.01
N LYS E 162 41.99 -25.10 14.73
CA LYS E 162 43.03 -24.72 13.77
C LYS E 162 43.14 -23.20 13.64
N THR E 163 42.00 -22.52 13.52
CA THR E 163 41.99 -21.07 13.36
C THR E 163 42.59 -20.38 14.57
N ASN E 164 42.25 -20.86 15.77
CA ASN E 164 42.80 -20.28 17.00
C ASN E 164 44.31 -20.47 17.06
N ILE E 165 44.78 -21.66 16.66
CA ILE E 165 46.21 -21.92 16.68
C ILE E 165 46.92 -21.00 15.70
N ALA E 166 46.33 -20.80 14.52
CA ALA E 166 46.94 -19.92 13.54
C ALA E 166 46.97 -18.48 14.04
N ASP E 167 45.86 -18.02 14.64
CA ASP E 167 45.81 -16.65 15.19
C ASP E 167 46.89 -16.44 16.22
N ARG E 168 47.06 -17.37 17.14
CA ARG E 168 48.14 -17.20 18.11
C ARG E 168 49.50 -17.14 17.40
N ILE E 169 49.70 -18.00 16.40
CA ILE E 169 51.00 -18.09 15.73
C ILE E 169 51.35 -16.82 14.97
N GLU E 170 50.39 -16.28 14.20
CA GLU E 170 50.68 -15.03 13.49
C GLU E 170 50.95 -13.90 14.50
N GLN E 171 50.18 -13.84 15.60
CA GLN E 171 50.39 -12.81 16.61
C GLN E 171 51.77 -12.92 17.25
N ILE E 172 52.27 -14.13 17.45
CA ILE E 172 53.61 -14.28 18.03
C ILE E 172 54.62 -13.56 17.13
N PHE E 173 54.59 -13.83 15.83
CA PHE E 173 55.60 -13.22 14.98
C PHE E 173 55.30 -11.79 14.58
N GLU E 174 54.04 -11.33 14.69
CA GLU E 174 53.78 -9.93 14.40
C GLU E 174 54.32 -9.04 15.51
N THR E 175 54.07 -9.42 16.75
CA THR E 175 54.43 -8.65 17.94
C THR E 175 55.38 -9.48 18.80
N ALA E 176 56.68 -9.19 18.74
CA ALA E 176 57.71 -9.91 19.50
C ALA E 176 59.03 -9.35 19.01
N PRO E 177 60.24 -10.04 19.26
CA PRO E 177 61.46 -9.67 18.54
C PRO E 177 61.41 -10.11 17.07
N PHE E 178 60.23 -9.94 16.47
CA PHE E 178 59.93 -10.37 15.12
C PHE E 178 59.23 -9.20 14.43
N VAL E 179 59.22 -9.22 13.12
CA VAL E 179 58.61 -8.15 12.34
C VAL E 179 57.35 -8.70 11.66
N LYS E 180 56.32 -7.84 11.53
CA LYS E 180 55.05 -8.21 10.88
C LYS E 180 55.26 -8.24 9.37
N ILE E 181 55.79 -9.36 8.86
CA ILE E 181 56.06 -9.48 7.43
C ILE E 181 54.76 -9.65 6.64
N VAL E 182 53.75 -10.31 7.20
CA VAL E 182 52.51 -10.59 6.47
C VAL E 182 51.29 -10.05 7.20
N GLU E 183 50.20 -9.95 6.44
CA GLU E 183 48.94 -9.48 7.00
C GLU E 183 48.23 -10.67 7.67
N HIS E 184 47.29 -10.37 8.58
CA HIS E 184 46.58 -11.44 9.28
C HIS E 184 45.84 -12.29 8.26
N HIS E 185 45.57 -13.54 8.63
CA HIS E 185 44.81 -14.52 7.86
C HIS E 185 45.49 -14.97 6.55
N THR E 186 46.70 -14.46 6.23
CA THR E 186 47.42 -14.99 5.07
C THR E 186 47.90 -16.41 5.35
N LEU E 187 48.26 -16.68 6.62
CA LEU E 187 48.70 -18.02 7.03
C LEU E 187 47.57 -19.04 6.90
N MET E 188 46.35 -18.66 7.30
CA MET E 188 45.22 -19.56 7.16
C MET E 188 44.97 -19.93 5.70
N THR E 189 45.03 -18.96 4.80
CA THR E 189 44.74 -19.26 3.40
C THR E 189 45.83 -20.13 2.76
N THR E 190 47.12 -19.82 3.01
CA THR E 190 48.19 -20.65 2.47
C THR E 190 48.12 -22.07 3.03
N HIS E 191 47.70 -22.21 4.28
CA HIS E 191 47.56 -23.54 4.86
C HIS E 191 46.52 -24.39 4.09
N LYS E 192 45.45 -23.76 3.61
CA LYS E 192 44.41 -24.50 2.88
C LYS E 192 44.98 -25.18 1.64
N MET E 193 45.90 -24.50 0.94
CA MET E 193 46.64 -25.08 -0.19
C MET E 193 47.71 -26.05 0.28
N CYS E 194 48.13 -25.92 1.53
CA CYS E 194 49.19 -26.74 2.10
C CYS E 194 48.67 -27.63 3.21
N ALA E 195 47.45 -28.15 3.03
CA ALA E 195 46.78 -28.90 4.08
C ALA E 195 47.46 -30.25 4.32
N ASN E 196 48.11 -30.80 3.29
CA ASN E 196 48.80 -32.07 3.42
C ASN E 196 50.32 -31.91 3.37
N TRP E 197 50.84 -30.69 3.65
CA TRP E 197 52.29 -30.45 3.57
C TRP E 197 53.05 -31.20 4.64
N SER E 198 52.36 -31.62 5.69
CA SER E 198 52.96 -32.42 6.75
C SER E 198 53.54 -33.73 6.19
N THR E 199 52.95 -34.25 5.11
CA THR E 199 53.41 -35.52 4.51
C THR E 199 54.82 -35.40 3.93
N ILE E 200 55.21 -34.21 3.48
CA ILE E 200 56.50 -33.98 2.81
C ILE E 200 57.66 -34.29 3.74
N PRO E 201 58.57 -35.20 3.39
CA PRO E 201 59.62 -35.62 4.33
C PRO E 201 60.64 -34.56 4.68
N ASN E 202 61.13 -33.79 3.71
CA ASN E 202 62.17 -32.81 4.04
C ASN E 202 61.63 -31.72 4.95
N PHE E 203 60.37 -31.33 4.76
CA PHE E 203 59.76 -30.31 5.60
C PHE E 203 59.70 -30.76 7.07
N ARG E 204 59.29 -32.01 7.30
CA ARG E 204 59.25 -32.59 8.65
C ARG E 204 60.65 -32.68 9.25
N PHE E 205 61.64 -33.06 8.41
CA PHE E 205 63.02 -33.18 8.86
C PHE E 205 63.55 -31.85 9.37
N LEU E 206 63.30 -30.78 8.62
CA LEU E 206 63.76 -29.46 9.02
C LEU E 206 63.05 -29.00 10.28
N ALA E 207 61.73 -29.27 10.38
CA ALA E 207 60.98 -28.86 11.56
C ALA E 207 61.53 -29.53 12.81
N GLY E 208 61.87 -30.81 12.71
CA GLY E 208 62.48 -31.51 13.83
C GLY E 208 63.84 -30.93 14.19
N THR E 209 64.64 -30.61 13.17
CA THR E 209 65.96 -30.06 13.43
C THR E 209 65.88 -28.74 14.18
N TYR E 210 64.97 -27.86 13.72
CA TYR E 210 64.81 -26.57 14.38
C TYR E 210 64.36 -26.73 15.83
N ASP E 211 63.39 -27.63 16.07
CA ASP E 211 62.89 -27.78 17.43
C ASP E 211 63.97 -28.30 18.36
N MET E 212 64.76 -29.27 17.88
CA MET E 212 65.82 -29.83 18.71
C MET E 212 66.84 -28.76 19.09
N PHE E 213 67.23 -27.93 18.11
CA PHE E 213 68.18 -26.86 18.39
C PHE E 213 67.59 -25.87 19.39
N PHE E 214 66.33 -25.45 19.18
CA PHE E 214 65.75 -24.47 20.08
C PHE E 214 65.48 -25.05 21.48
N SER E 215 65.21 -26.35 21.56
CA SER E 215 64.94 -26.97 22.86
C SER E 215 66.17 -26.96 23.76
N ARG E 216 67.34 -27.29 23.19
CA ARG E 216 68.57 -27.27 23.98
C ARG E 216 69.09 -25.86 24.21
N ILE E 217 69.06 -24.99 23.19
CA ILE E 217 69.67 -23.66 23.26
C ILE E 217 68.57 -22.61 23.28
N GLU E 218 68.51 -21.81 24.34
CA GLU E 218 67.56 -20.69 24.35
C GLU E 218 68.02 -19.61 23.38
N HIS E 219 67.08 -19.03 22.65
CA HIS E 219 67.45 -18.03 21.66
C HIS E 219 66.43 -16.90 21.69
N LEU E 220 66.80 -15.76 21.09
CA LEU E 220 65.87 -14.66 20.95
C LEU E 220 64.65 -15.07 20.14
N TYR E 221 64.85 -15.97 19.18
CA TYR E 221 63.81 -16.45 18.30
C TYR E 221 63.28 -17.85 18.69
N SER E 222 63.26 -18.18 19.99
CA SER E 222 62.78 -19.48 20.44
C SER E 222 61.28 -19.66 20.17
N ALA E 223 60.56 -18.57 19.89
CA ALA E 223 59.13 -18.57 19.60
C ALA E 223 58.80 -19.30 18.30
N ILE E 224 59.81 -19.61 17.47
CA ILE E 224 59.61 -20.41 16.27
C ILE E 224 59.13 -21.81 16.63
N ARG E 225 59.46 -22.28 17.84
CA ARG E 225 59.11 -23.63 18.27
C ARG E 225 57.62 -23.85 18.29
N VAL E 226 56.80 -22.78 18.32
CA VAL E 226 55.36 -22.96 18.40
C VAL E 226 54.86 -23.77 17.21
N GLY E 227 55.50 -23.59 16.05
CA GLY E 227 55.21 -24.44 14.90
C GLY E 227 55.78 -25.84 15.04
N THR E 228 57.00 -25.95 15.57
CA THR E 228 57.70 -27.23 15.58
C THR E 228 57.48 -28.03 16.85
N VAL E 229 56.66 -27.52 17.77
CA VAL E 229 56.47 -28.22 19.04
C VAL E 229 55.86 -29.60 18.81
N VAL E 230 55.02 -29.75 17.78
CA VAL E 230 54.38 -31.03 17.53
C VAL E 230 55.43 -32.09 17.19
N THR E 231 56.54 -31.69 16.57
CA THR E 231 57.58 -32.64 16.16
C THR E 231 58.16 -33.40 17.35
N ALA E 232 58.21 -32.75 18.51
CA ALA E 232 58.75 -33.39 19.71
C ALA E 232 57.87 -34.56 20.10
N TYR E 233 58.52 -35.69 20.37
CA TYR E 233 57.83 -36.91 20.76
C TYR E 233 56.71 -37.26 19.77
N GLU E 234 56.99 -37.03 18.48
CA GLU E 234 56.03 -37.35 17.43
C GLU E 234 55.87 -38.84 17.27
N ASP E 235 54.62 -39.27 17.19
CA ASP E 235 54.29 -40.68 17.01
C ASP E 235 54.75 -41.53 18.19
N CYS E 236 54.81 -40.92 19.37
CA CYS E 236 55.29 -41.62 20.57
C CYS E 236 54.27 -41.55 21.70
N SER E 237 52.99 -41.39 21.34
CA SER E 237 51.95 -41.16 22.33
C SER E 237 51.85 -42.31 23.31
N GLY E 238 52.12 -43.54 22.86
CA GLY E 238 52.07 -44.65 23.80
C GLY E 238 53.09 -44.48 24.91
N LEU E 239 54.34 -44.20 24.54
CA LEU E 239 55.36 -43.99 25.57
C LEU E 239 55.01 -42.79 26.44
N VAL E 240 54.53 -41.71 25.82
CA VAL E 240 54.21 -40.51 26.59
C VAL E 240 53.07 -40.79 27.55
N SER E 241 52.05 -41.53 27.10
CA SER E 241 50.92 -41.83 27.99
C SER E 241 51.37 -42.63 29.19
N PHE E 242 52.30 -43.57 28.99
CA PHE E 242 52.79 -44.36 30.09
C PHE E 242 53.48 -43.48 31.12
N THR E 243 54.33 -42.55 30.65
CA THR E 243 55.05 -41.69 31.59
C THR E 243 54.06 -40.83 32.38
N GLY E 244 53.05 -40.30 31.71
CA GLY E 244 52.02 -39.54 32.42
C GLY E 244 51.23 -40.42 33.37
N PHE E 245 50.94 -41.65 32.95
CA PHE E 245 50.21 -42.55 33.82
C PHE E 245 50.99 -42.75 35.12
N ILE E 246 52.31 -42.89 35.01
CA ILE E 246 53.18 -43.08 36.17
C ILE E 246 53.09 -41.90 37.14
N LYS E 247 53.20 -40.68 36.62
CA LYS E 247 53.19 -39.54 37.53
C LYS E 247 51.82 -39.33 38.14
N GLN E 248 50.76 -39.51 37.34
CA GLN E 248 49.42 -39.29 37.83
C GLN E 248 49.08 -40.30 38.93
N ILE E 249 49.48 -41.56 38.72
CA ILE E 249 49.14 -42.63 39.66
C ILE E 249 50.04 -42.61 40.87
N ASN E 250 51.14 -41.86 40.77
CA ASN E 250 52.14 -41.73 41.82
C ASN E 250 52.80 -43.07 42.13
N LEU E 251 53.07 -43.85 41.07
CA LEU E 251 53.78 -45.10 41.21
C LEU E 251 55.03 -45.08 40.33
N THR E 252 55.99 -45.93 40.67
CA THR E 252 57.18 -46.07 39.84
C THR E 252 56.93 -46.97 38.67
N ALA E 253 57.55 -46.62 37.54
CA ALA E 253 57.39 -47.39 36.31
C ALA E 253 57.28 -48.88 36.59
N ARG E 254 58.19 -49.39 37.43
CA ARG E 254 58.22 -50.82 37.73
C ARG E 254 56.93 -51.30 38.37
N GLU E 255 56.53 -50.68 39.48
CA GLU E 255 55.32 -51.11 40.19
C GLU E 255 54.12 -51.14 39.26
N ALA E 256 54.03 -50.14 38.38
CA ALA E 256 52.90 -50.06 37.48
C ALA E 256 52.82 -51.27 36.57
N ILE E 257 53.95 -51.68 35.98
CA ILE E 257 53.90 -52.80 35.05
C ILE E 257 53.46 -54.08 35.76
N LEU E 258 53.80 -54.23 37.06
CA LEU E 258 53.32 -55.39 37.81
C LEU E 258 51.82 -55.45 37.82
N TYR E 259 51.17 -54.29 37.81
CA TYR E 259 49.72 -54.27 37.84
C TYR E 259 49.10 -54.71 36.51
N PHE E 260 49.88 -54.77 35.42
CA PHE E 260 49.32 -55.14 34.10
C PHE E 260 49.20 -56.65 33.97
N PHE E 261 48.02 -57.19 34.30
CA PHE E 261 47.84 -58.65 34.37
C PHE E 261 47.29 -59.20 33.05
N HIS E 262 48.14 -59.21 32.02
CA HIS E 262 47.74 -59.90 30.80
C HIS E 262 48.91 -60.31 29.91
N LYS E 263 48.70 -61.43 29.19
CA LYS E 263 49.70 -61.92 28.25
C LYS E 263 49.99 -60.90 27.16
N ASN E 264 48.97 -60.18 26.71
CA ASN E 264 49.15 -59.25 25.60
C ASN E 264 50.18 -58.17 25.94
N PHE E 265 50.25 -57.78 27.22
CA PHE E 265 51.16 -56.71 27.59
C PHE E 265 52.62 -57.09 27.34
N GLU E 266 52.93 -58.39 27.30
CA GLU E 266 54.34 -58.77 27.24
C GLU E 266 55.03 -58.19 26.01
N GLU E 267 54.44 -58.41 24.82
CA GLU E 267 55.06 -57.98 23.58
C GLU E 267 55.24 -56.47 23.56
N GLU E 268 54.21 -55.76 24.03
CA GLU E 268 54.24 -54.31 24.04
C GLU E 268 55.27 -53.77 25.04
N ILE E 269 55.36 -54.37 26.23
CA ILE E 269 56.33 -53.90 27.22
C ILE E 269 57.75 -54.06 26.69
N ARG E 270 58.01 -55.19 26.03
CA ARG E 270 59.30 -55.38 25.38
C ARG E 270 59.53 -54.35 24.27
N ARG E 271 58.48 -54.03 23.50
CA ARG E 271 58.63 -53.15 22.35
C ARG E 271 59.01 -51.73 22.76
N MET E 272 58.33 -51.18 23.75
CA MET E 272 58.58 -49.79 24.14
C MET E 272 59.78 -49.63 25.06
N PHE E 273 60.22 -50.72 25.70
CA PHE E 273 61.31 -50.61 26.65
C PHE E 273 62.58 -51.26 26.13
N GLU E 274 62.70 -51.35 24.81
CA GLU E 274 63.91 -51.92 24.21
C GLU E 274 65.12 -51.06 24.59
N PRO E 275 66.20 -51.66 25.08
CA PRO E 275 67.36 -50.87 25.47
C PRO E 275 68.09 -50.34 24.24
N GLY E 276 69.01 -49.40 24.46
CA GLY E 276 69.75 -48.79 23.38
C GLY E 276 69.11 -47.54 22.82
N GLN E 277 67.87 -47.28 23.19
CA GLN E 277 67.19 -46.05 22.82
C GLN E 277 67.31 -45.08 23.98
N GLU E 278 67.79 -43.87 23.68
CA GLU E 278 68.04 -42.86 24.72
C GLU E 278 66.75 -42.21 25.21
N THR E 279 65.87 -43.05 25.75
CA THR E 279 64.66 -42.52 26.38
C THR E 279 65.02 -41.67 27.60
N ALA E 280 66.04 -42.08 28.35
CA ALA E 280 66.39 -41.34 29.56
C ALA E 280 67.10 -40.03 29.24
N VAL E 281 67.80 -39.92 28.11
CA VAL E 281 68.61 -38.71 27.84
C VAL E 281 67.69 -37.53 27.60
N PRO E 282 67.91 -36.37 28.26
CA PRO E 282 67.00 -35.23 28.14
C PRO E 282 66.97 -34.62 26.75
N HIS E 283 68.11 -34.37 26.13
CA HIS E 283 68.03 -33.76 24.82
C HIS E 283 68.70 -34.63 23.79
N SER E 284 68.16 -35.83 23.61
CA SER E 284 68.77 -36.78 22.71
C SER E 284 68.08 -36.71 21.36
N TYR E 285 68.64 -37.45 20.40
CA TYR E 285 67.95 -37.52 19.13
C TYR E 285 66.58 -38.18 19.26
N PHE E 286 66.36 -39.01 20.29
CA PHE E 286 65.12 -39.78 20.43
C PHE E 286 63.87 -38.89 20.45
N ILE E 287 63.96 -37.73 21.11
CA ILE E 287 62.80 -36.86 21.26
C ILE E 287 62.26 -36.39 19.91
N HIS E 288 63.11 -36.33 18.87
CA HIS E 288 62.68 -35.98 17.52
C HIS E 288 62.97 -37.05 16.48
N PHE E 289 63.07 -38.32 16.89
CA PHE E 289 63.53 -39.35 15.94
C PHE E 289 62.59 -39.52 14.76
N ARG E 290 61.27 -39.48 14.98
CA ARG E 290 60.35 -39.67 13.86
C ARG E 290 60.47 -38.54 12.83
N SER E 291 60.60 -37.28 13.29
CA SER E 291 60.73 -36.17 12.34
C SER E 291 62.01 -36.31 11.52
N LEU E 292 63.13 -36.61 12.18
CA LEU E 292 64.41 -36.84 11.51
C LEU E 292 64.46 -38.25 10.91
N GLY E 293 65.61 -38.61 10.34
CA GLY E 293 65.79 -39.93 9.74
C GLY E 293 65.82 -41.06 10.76
N LEU E 294 66.00 -42.29 10.25
CA LEU E 294 66.00 -43.53 11.03
C LEU E 294 64.69 -43.74 11.78
N SER E 295 63.60 -43.15 11.30
CA SER E 295 62.34 -43.24 12.01
C SER E 295 61.69 -44.59 11.76
N GLY E 296 61.49 -44.92 10.49
CA GLY E 296 60.75 -46.12 10.18
C GLY E 296 59.34 -45.86 10.66
N LYS E 297 58.74 -46.89 11.23
CA LYS E 297 57.46 -46.78 11.93
C LYS E 297 57.80 -46.77 13.42
N SER E 298 57.09 -45.97 14.19
CA SER E 298 57.47 -45.85 15.61
C SER E 298 56.91 -47.01 16.41
N PRO E 299 57.74 -47.70 17.20
CA PRO E 299 57.23 -48.73 18.09
C PRO E 299 56.58 -48.17 19.34
N TYR E 300 56.61 -46.85 19.51
CA TYR E 300 56.03 -46.19 20.67
C TYR E 300 54.71 -45.51 20.36
N SER E 301 54.17 -45.71 19.16
CA SER E 301 52.89 -45.12 18.80
C SER E 301 51.77 -45.80 19.58
N SER E 302 50.65 -45.10 19.71
CA SER E 302 49.54 -45.68 20.47
C SER E 302 49.10 -47.00 19.87
N ASN E 303 49.21 -47.16 18.56
CA ASN E 303 48.86 -48.45 17.96
C ASN E 303 49.88 -49.52 18.28
N ALA E 304 51.17 -49.17 18.30
CA ALA E 304 52.21 -50.14 18.55
C ALA E 304 52.06 -50.74 19.94
N VAL E 305 51.60 -49.95 20.88
CA VAL E 305 51.44 -50.37 22.26
C VAL E 305 49.96 -50.25 22.61
N GLY E 306 49.09 -50.80 21.75
CA GLY E 306 47.66 -50.57 21.88
C GLY E 306 47.07 -51.00 23.21
N HIS E 307 47.40 -52.22 23.66
CA HIS E 307 46.81 -52.74 24.91
C HIS E 307 47.16 -51.89 26.12
N VAL E 308 48.43 -51.51 26.25
CA VAL E 308 48.86 -50.63 27.32
C VAL E 308 48.16 -49.28 27.19
N PHE E 309 48.07 -48.76 25.97
CA PHE E 309 47.42 -47.48 25.78
C PHE E 309 45.97 -47.57 26.22
N ASN E 310 45.29 -48.62 25.81
CA ASN E 310 43.89 -48.76 26.18
C ASN E 310 43.74 -48.89 27.69
N LEU E 311 44.57 -49.69 28.34
CA LEU E 311 44.47 -49.79 29.79
C LEU E 311 44.69 -48.45 30.46
N ILE E 312 45.69 -47.69 30.00
CA ILE E 312 46.03 -46.44 30.67
C ILE E 312 44.84 -45.50 30.67
N HIS E 313 44.23 -45.32 29.49
CA HIS E 313 43.13 -44.37 29.39
C HIS E 313 41.82 -44.89 29.93
N PHE E 314 41.58 -46.19 29.88
CA PHE E 314 40.40 -46.68 30.58
C PHE E 314 40.52 -46.39 32.06
N VAL E 315 41.73 -46.56 32.60
CA VAL E 315 41.94 -46.17 33.99
C VAL E 315 41.74 -44.68 34.16
N GLY E 316 42.25 -43.89 33.21
CA GLY E 316 42.03 -42.46 33.28
C GLY E 316 40.56 -42.12 33.24
N CYS E 317 39.81 -42.79 32.36
CA CYS E 317 38.38 -42.52 32.29
C CYS E 317 37.71 -42.81 33.62
N TYR E 318 38.08 -43.92 34.25
CA TYR E 318 37.49 -44.24 35.54
C TYR E 318 37.79 -43.15 36.56
N MET E 319 38.94 -42.49 36.43
CA MET E 319 39.25 -41.44 37.38
C MET E 319 38.78 -40.07 36.93
N GLY E 320 38.12 -39.99 35.79
CA GLY E 320 37.62 -38.72 35.30
C GLY E 320 38.65 -37.84 34.61
N GLN E 321 39.74 -38.44 34.12
CA GLN E 321 40.75 -37.67 33.38
C GLN E 321 40.19 -37.30 32.03
N VAL E 322 40.05 -35.99 31.77
CA VAL E 322 39.46 -35.60 30.51
C VAL E 322 40.34 -36.05 29.34
N ARG E 323 41.66 -36.02 29.54
CA ARG E 323 42.58 -36.38 28.46
C ARG E 323 42.26 -37.78 27.98
N SER E 324 42.04 -38.69 28.92
CA SER E 324 41.69 -40.05 28.54
C SER E 324 40.33 -40.11 27.87
N LEU E 325 39.36 -39.32 28.36
CA LEU E 325 38.01 -39.37 27.82
C LEU E 325 37.99 -39.05 26.33
N ASN E 326 38.87 -38.17 25.89
CA ASN E 326 38.89 -37.74 24.51
C ASN E 326 39.93 -38.43 23.67
N ALA E 327 40.73 -39.29 24.29
CA ALA E 327 41.71 -40.03 23.51
C ALA E 327 40.99 -41.08 22.68
N THR E 328 41.54 -41.37 21.51
CA THR E 328 40.93 -42.32 20.59
C THR E 328 41.37 -43.73 20.94
N VAL E 329 40.39 -44.61 21.15
CA VAL E 329 40.66 -45.97 21.59
C VAL E 329 41.22 -46.78 20.42
N ILE E 330 42.18 -47.66 20.71
CA ILE E 330 42.73 -48.57 19.71
C ILE E 330 41.79 -49.76 19.65
N ALA E 331 40.91 -49.81 18.65
CA ALA E 331 39.85 -50.80 18.62
C ALA E 331 40.40 -52.21 18.51
N ALA E 332 41.52 -52.35 17.83
CA ALA E 332 42.06 -53.67 17.58
C ALA E 332 42.48 -54.38 18.88
N CYS E 333 43.05 -53.63 19.82
CA CYS E 333 43.72 -54.21 20.98
C CYS E 333 42.76 -54.47 22.16
N ALA E 334 41.82 -55.39 21.94
CA ALA E 334 40.93 -55.97 22.94
C ALA E 334 40.44 -54.93 23.96
N PRO E 335 39.68 -53.94 23.51
CA PRO E 335 39.30 -52.85 24.42
C PRO E 335 38.42 -53.33 25.56
N HIS E 336 37.56 -54.32 25.32
CA HIS E 336 36.66 -54.78 26.36
C HIS E 336 37.42 -55.40 27.51
N GLU E 337 38.38 -56.28 27.21
CA GLU E 337 39.15 -56.85 28.30
C GLU E 337 39.95 -55.77 29.01
N MET E 338 40.56 -54.85 28.25
CA MET E 338 41.31 -53.76 28.86
C MET E 338 40.42 -52.86 29.71
N SER E 339 39.18 -52.62 29.27
CA SER E 339 38.29 -51.81 30.10
C SER E 339 37.98 -52.54 31.41
N VAL E 340 37.87 -53.87 31.41
CA VAL E 340 37.61 -54.57 32.67
C VAL E 340 38.79 -54.42 33.61
N LEU E 341 39.99 -54.67 33.09
CA LEU E 341 41.19 -54.45 33.89
C LEU E 341 41.29 -53.01 34.35
N GLY E 342 40.94 -52.08 33.45
CA GLY E 342 40.99 -50.68 33.82
C GLY E 342 40.02 -50.34 34.94
N GLY E 343 38.91 -51.06 34.99
CA GLY E 343 37.96 -50.88 36.08
C GLY E 343 38.51 -51.24 37.45
N TYR E 344 39.18 -52.39 37.53
CA TYR E 344 39.74 -52.83 38.81
C TYR E 344 40.89 -51.93 39.22
N LEU E 345 41.76 -51.59 38.27
CA LEU E 345 42.90 -50.74 38.58
C LEU E 345 42.41 -49.36 39.00
N GLY E 346 41.46 -48.83 38.25
CA GLY E 346 40.88 -47.55 38.59
C GLY E 346 40.23 -47.55 39.95
N GLU E 347 39.59 -48.67 40.31
CA GLU E 347 38.97 -48.77 41.63
C GLU E 347 40.01 -48.60 42.73
N GLU E 348 41.15 -49.28 42.58
CA GLU E 348 42.23 -49.20 43.58
C GLU E 348 42.85 -47.83 43.65
N PHE E 349 43.00 -47.18 42.52
CA PHE E 349 43.70 -45.91 42.47
C PHE E 349 42.81 -44.68 42.58
N PHE E 350 41.50 -44.83 42.53
CA PHE E 350 40.60 -43.68 42.56
C PHE E 350 40.16 -43.48 44.01
N GLY E 351 40.38 -42.27 44.52
CA GLY E 351 39.95 -41.92 45.86
C GLY E 351 40.87 -42.42 46.95
N LYS E 352 42.03 -42.95 46.58
CA LYS E 352 42.91 -43.55 47.55
C LYS E 352 44.31 -42.98 47.32
N GLY E 353 45.03 -42.76 48.41
CA GLY E 353 46.41 -42.30 48.32
C GLY E 353 47.22 -42.97 49.41
N THR E 354 48.53 -43.07 49.18
CA THR E 354 49.47 -43.63 50.14
C THR E 354 50.15 -42.49 50.90
N PHE E 355 49.78 -42.28 52.17
CA PHE E 355 50.24 -41.14 52.96
C PHE E 355 51.13 -41.61 54.10
N GLU E 356 52.26 -40.93 54.29
CA GLU E 356 53.20 -41.22 55.36
C GLU E 356 53.70 -39.89 55.87
N ARG E 357 53.91 -39.80 57.18
CA ARG E 357 54.45 -38.58 57.72
C ARG E 357 55.91 -38.46 57.29
N ARG E 358 56.27 -37.32 56.69
CA ARG E 358 57.65 -37.09 56.28
C ARG E 358 58.25 -35.87 56.96
N PHE E 359 57.42 -35.06 57.61
CA PHE E 359 57.84 -33.82 58.25
C PHE E 359 57.60 -33.86 59.75
N PHE E 360 58.64 -33.55 60.54
CA PHE E 360 58.60 -33.60 61.99
C PHE E 360 59.29 -32.36 62.55
N ARG E 361 58.84 -31.95 63.76
CA ARG E 361 59.39 -30.76 64.42
C ARG E 361 60.81 -30.98 64.93
N ASP E 362 61.09 -32.15 65.52
CA ASP E 362 62.39 -32.48 66.13
C ASP E 362 62.83 -33.88 65.73
N GLU E 363 64.13 -34.13 65.86
CA GLU E 363 64.70 -35.42 65.49
C GLU E 363 64.06 -36.56 66.25
N LYS E 364 63.75 -36.32 67.53
CA LYS E 364 63.16 -37.36 68.37
C LYS E 364 61.82 -37.85 67.83
N GLU E 365 60.98 -36.92 67.32
CA GLU E 365 59.70 -37.33 66.74
C GLU E 365 59.94 -38.24 65.55
N LEU E 366 60.96 -37.92 64.73
CA LEU E 366 61.29 -38.73 63.56
C LEU E 366 61.74 -40.14 63.94
N GLN E 367 62.60 -40.24 64.95
CA GLN E 367 63.05 -41.55 65.41
C GLN E 367 61.89 -42.36 65.98
N GLU E 368 60.97 -41.69 66.69
CA GLU E 368 59.81 -42.39 67.24
C GLU E 368 58.89 -42.94 66.15
N TYR E 369 58.69 -42.16 65.08
CA TYR E 369 57.87 -42.62 63.96
C TYR E 369 58.56 -43.75 63.20
N GLU E 370 59.90 -43.81 63.21
CA GLU E 370 60.63 -44.86 62.49
C GLU E 370 60.51 -46.18 63.24
N ALA E 371 60.50 -46.12 64.57
CA ALA E 371 60.29 -47.27 65.45
C ALA E 371 58.80 -47.43 65.74
N ALA E 372 58.06 -47.89 64.73
CA ALA E 372 56.62 -48.19 64.85
C ALA E 372 56.19 -49.26 63.85
N GLU E 398 42.24 -52.37 50.66
CA GLU E 398 42.85 -52.28 51.99
C GLU E 398 44.31 -51.96 51.89
N THR E 399 45.03 -52.86 51.26
CA THR E 399 46.45 -52.69 51.04
C THR E 399 46.69 -52.52 49.55
N ARG E 400 47.57 -51.58 49.20
CA ARG E 400 47.89 -51.34 47.81
C ARG E 400 49.07 -52.23 47.45
N SER E 401 48.79 -53.27 46.66
CA SER E 401 49.80 -54.18 46.16
C SER E 401 49.29 -54.83 44.87
N PRO E 402 50.18 -55.20 43.94
CA PRO E 402 49.70 -55.94 42.77
C PRO E 402 49.00 -57.22 43.16
N GLU E 403 49.51 -57.92 44.15
CA GLU E 403 48.92 -59.18 44.57
C GLU E 403 47.48 -58.98 45.05
N ALA E 404 47.23 -57.89 45.80
CA ALA E 404 45.90 -57.65 46.36
C ALA E 404 44.87 -57.44 45.26
N VAL E 405 45.23 -56.66 44.26
CA VAL E 405 44.31 -56.40 43.16
C VAL E 405 44.05 -57.68 42.38
N TYR E 406 45.09 -58.47 42.10
CA TYR E 406 44.89 -59.68 41.31
C TYR E 406 43.92 -60.61 41.99
N THR E 407 44.10 -60.82 43.29
CA THR E 407 43.23 -61.70 44.04
C THR E 407 41.79 -61.19 44.05
N ARG E 408 41.61 -59.88 44.16
CA ARG E 408 40.27 -59.33 44.13
C ARG E 408 39.64 -59.62 42.76
N ILE E 409 40.40 -59.44 41.66
CA ILE E 409 39.88 -59.76 40.34
C ILE E 409 39.50 -61.22 40.27
N MET E 410 40.36 -62.08 40.80
CA MET E 410 40.08 -63.50 40.77
C MET E 410 38.81 -63.82 41.56
N MET E 411 38.58 -63.14 42.68
CA MET E 411 37.40 -63.46 43.49
C MET E 411 36.11 -63.27 42.70
N ASN E 412 36.07 -62.24 41.87
CA ASN E 412 34.92 -61.93 41.03
C ASN E 412 34.99 -62.62 39.67
N GLY E 413 35.92 -63.56 39.50
CA GLY E 413 36.01 -64.34 38.30
C GLY E 413 36.42 -63.54 37.10
N GLY E 414 37.21 -62.50 37.29
CA GLY E 414 37.59 -61.66 36.17
C GLY E 414 36.46 -60.86 35.57
N ARG E 415 35.44 -60.55 36.37
CA ARG E 415 34.26 -59.85 35.91
C ARG E 415 34.11 -58.48 36.56
N LEU E 416 33.67 -57.49 35.78
CA LEU E 416 33.49 -56.14 36.31
C LEU E 416 32.46 -56.12 37.41
N LYS E 417 32.74 -55.36 38.46
CA LYS E 417 31.74 -55.18 39.47
C LYS E 417 30.65 -54.25 38.94
N ARG E 418 29.46 -54.32 39.56
CA ARG E 418 28.38 -53.42 39.17
C ARG E 418 28.78 -51.96 39.41
N SER E 419 29.45 -51.67 40.53
CA SER E 419 29.90 -50.31 40.80
C SER E 419 30.86 -49.83 39.72
N HIS E 420 31.71 -50.72 39.24
CA HIS E 420 32.60 -50.37 38.15
C HIS E 420 31.80 -49.88 36.95
N ILE E 421 30.71 -50.57 36.64
CA ILE E 421 29.93 -50.15 35.49
C ILE E 421 29.21 -48.84 35.77
N ARG E 422 28.63 -48.68 36.96
CA ARG E 422 27.99 -47.42 37.31
C ARG E 422 28.95 -46.23 37.18
N ARG E 423 30.16 -46.39 37.72
CA ARG E 423 31.15 -45.33 37.59
C ARG E 423 31.43 -45.06 36.12
N TYR E 424 31.63 -46.13 35.35
CA TYR E 424 31.98 -45.98 33.93
C TYR E 424 30.90 -45.21 33.18
N VAL E 425 29.62 -45.55 33.42
CA VAL E 425 28.55 -44.84 32.72
C VAL E 425 28.45 -43.40 33.20
N SER E 426 28.59 -43.18 34.50
CA SER E 426 28.46 -41.82 35.00
C SER E 426 29.51 -40.92 34.37
N VAL E 427 30.74 -41.41 34.21
CA VAL E 427 31.79 -40.59 33.61
C VAL E 427 31.51 -40.35 32.14
N SER E 428 31.16 -41.41 31.39
CA SER E 428 30.99 -41.27 29.94
C SER E 428 29.76 -40.44 29.60
N SER E 429 28.66 -40.64 30.31
CA SER E 429 27.45 -39.91 29.98
C SER E 429 27.60 -38.42 30.25
N ASN E 430 28.21 -38.05 31.40
CA ASN E 430 28.41 -36.64 31.75
C ASN E 430 29.68 -36.08 31.11
N HIS E 431 29.77 -36.30 29.81
CA HIS E 431 30.88 -35.81 29.00
C HIS E 431 30.42 -35.81 27.57
N GLN E 432 30.85 -34.78 26.84
CA GLN E 432 30.54 -34.63 25.43
C GLN E 432 31.44 -35.60 24.70
N ALA E 433 30.92 -36.81 24.47
CA ALA E 433 31.69 -37.89 23.89
C ALA E 433 32.14 -37.58 22.46
N ARG E 434 33.45 -37.70 22.19
CA ARG E 434 34.00 -37.47 20.86
C ARG E 434 33.79 -38.67 19.95
N PRO E 435 33.94 -38.49 18.62
CA PRO E 435 33.58 -39.55 17.68
C PRO E 435 34.05 -40.95 18.03
N ASN E 436 35.36 -41.19 18.09
CA ASN E 436 35.86 -42.52 18.39
C ASN E 436 36.59 -42.60 19.71
N SER E 437 36.20 -41.74 20.64
CA SER E 437 36.92 -41.62 21.89
C SER E 437 36.60 -42.81 22.77
N PHE E 438 37.40 -42.88 23.85
CA PHE E 438 37.13 -43.83 24.92
C PHE E 438 35.78 -43.57 25.55
N ALA E 439 35.42 -42.31 25.70
CA ALA E 439 34.11 -41.95 26.24
C ALA E 439 32.99 -42.53 25.39
N GLU E 440 33.14 -42.46 24.07
CA GLU E 440 32.14 -43.04 23.18
C GLU E 440 32.07 -44.54 23.35
N PHE E 441 33.24 -45.17 23.45
CA PHE E 441 33.27 -46.61 23.66
C PHE E 441 32.55 -46.99 24.94
N LEU E 442 32.80 -46.24 26.03
CA LEU E 442 32.20 -46.57 27.31
C LEU E 442 30.71 -46.43 27.27
N ASN E 443 30.25 -45.32 26.71
CA ASN E 443 28.81 -45.12 26.65
C ASN E 443 28.16 -46.19 25.81
N LYS E 444 28.72 -46.46 24.63
CA LYS E 444 28.14 -47.46 23.76
C LYS E 444 28.17 -48.84 24.41
N THR E 445 29.22 -49.17 25.16
CA THR E 445 29.37 -50.54 25.67
C THR E 445 28.46 -50.76 26.87
N TYR E 446 28.57 -49.90 27.88
CA TYR E 446 27.84 -50.02 29.16
C TYR E 446 26.85 -48.88 29.31
N SER E 447 25.57 -49.12 29.01
CA SER E 447 24.61 -48.02 29.22
C SER E 447 23.30 -48.41 29.90
N SER E 448 22.89 -49.66 29.90
CA SER E 448 21.73 -50.04 30.69
C SER E 448 22.14 -51.11 31.69
N ILE F 6 65.23 -50.64 39.74
CA ILE F 6 64.71 -50.78 38.38
C ILE F 6 64.76 -52.21 37.87
N VAL F 7 64.06 -53.15 38.51
CA VAL F 7 64.12 -54.54 38.08
C VAL F 7 62.72 -54.97 37.64
N PHE F 8 62.67 -55.71 36.53
CA PHE F 8 61.44 -56.27 35.99
C PHE F 8 61.73 -57.66 35.42
N LYS F 9 60.79 -58.61 35.60
CA LYS F 9 60.94 -59.99 35.09
C LYS F 9 59.70 -60.43 34.31
N VAL F 10 59.88 -60.82 33.04
CA VAL F 10 58.79 -61.31 32.19
C VAL F 10 59.16 -62.69 31.63
N ASN F 11 58.15 -63.57 31.50
CA ASN F 11 58.36 -64.93 30.97
C ASN F 11 57.74 -65.02 29.58
N ASN F 12 58.60 -65.12 28.53
CA ASN F 12 58.20 -65.33 27.12
C ASN F 12 58.90 -66.59 26.57
N GLN F 13 58.47 -67.78 27.03
CA GLN F 13 59.05 -69.10 26.75
C GLN F 13 60.41 -69.23 27.41
N VAL F 14 60.88 -68.18 28.08
CA VAL F 14 62.11 -68.18 28.88
C VAL F 14 62.03 -66.93 29.75
N VAL F 15 62.91 -66.83 30.77
CA VAL F 15 62.90 -65.69 31.70
C VAL F 15 63.64 -64.50 31.06
N SER F 16 63.03 -63.30 31.15
CA SER F 16 63.56 -62.08 30.52
C SER F 16 63.60 -60.91 31.50
N LEU F 17 64.71 -60.15 31.47
CA LEU F 17 64.95 -58.98 32.31
C LEU F 17 64.94 -57.71 31.46
N LYS F 18 64.10 -56.74 31.83
CA LYS F 18 64.01 -55.48 31.11
C LYS F 18 64.10 -54.32 32.10
N PRO F 19 64.90 -53.30 31.80
CA PRO F 19 64.88 -52.03 32.56
C PRO F 19 63.88 -51.01 32.01
N GLU F 20 63.36 -50.14 32.89
CA GLU F 20 62.43 -49.08 32.49
C GLU F 20 63.06 -47.72 32.81
N ILE F 21 63.16 -46.84 31.80
CA ILE F 21 63.82 -45.53 31.95
C ILE F 21 62.86 -44.41 31.54
N ILE F 22 62.72 -43.38 32.39
CA ILE F 22 61.91 -42.20 32.08
C ILE F 22 62.75 -40.97 32.45
N VAL F 23 62.61 -39.88 31.67
CA VAL F 23 63.43 -38.69 31.83
C VAL F 23 62.68 -37.64 32.67
N ASP F 24 63.36 -37.11 33.70
CA ASP F 24 62.76 -36.10 34.58
C ASP F 24 63.82 -35.20 35.24
N GLN F 25 64.02 -34.00 34.69
CA GLN F 25 65.00 -33.10 35.28
C GLN F 25 64.68 -31.66 34.90
N HIS F 26 64.80 -30.75 35.86
CA HIS F 26 64.58 -29.32 35.66
C HIS F 26 65.63 -28.56 36.45
N GLU F 27 66.14 -27.45 35.89
CA GLU F 27 67.21 -26.71 36.57
C GLU F 27 66.71 -26.02 37.84
N TYR F 28 65.65 -25.21 37.73
CA TYR F 28 65.08 -24.47 38.87
C TYR F 28 66.16 -23.65 39.58
N LYS F 29 66.82 -22.80 38.82
CA LYS F 29 67.88 -21.97 39.41
C LYS F 29 67.27 -20.88 40.29
N TYR F 30 67.96 -20.58 41.46
CA TYR F 30 67.55 -19.63 42.49
C TYR F 30 68.16 -18.26 42.19
N PRO F 31 67.54 -17.18 42.68
CA PRO F 31 68.04 -15.84 42.33
C PRO F 31 69.30 -15.60 43.16
N ALA F 32 70.37 -15.17 42.50
CA ALA F 32 71.63 -14.94 43.19
C ALA F 32 71.94 -13.46 43.26
N ILE F 33 72.32 -12.99 44.46
CA ILE F 33 72.82 -11.63 44.69
C ILE F 33 74.31 -11.70 45.11
N LYS F 34 75.03 -12.75 44.66
CA LYS F 34 76.45 -12.91 45.02
C LYS F 34 77.38 -11.98 44.23
N ASP F 35 77.03 -11.60 42.99
CA ASP F 35 77.85 -10.70 42.16
C ASP F 35 77.97 -9.28 42.73
N LEU F 36 77.06 -8.90 43.62
CA LEU F 36 77.01 -7.59 44.29
C LEU F 36 76.83 -6.45 43.28
N LYS F 37 76.30 -6.77 42.09
CA LYS F 37 76.00 -5.83 41.01
C LYS F 37 74.51 -5.77 40.70
N LYS F 38 73.98 -4.55 40.58
CA LYS F 38 72.58 -4.36 40.20
C LYS F 38 72.34 -4.89 38.78
N PRO F 39 71.14 -5.41 38.49
CA PRO F 39 70.83 -5.91 37.13
C PRO F 39 70.88 -4.80 36.07
N CYS F 40 71.37 -5.14 34.88
CA CYS F 40 71.56 -4.13 33.85
C CYS F 40 70.96 -4.56 32.52
N ILE F 41 70.43 -3.57 31.77
CA ILE F 41 69.95 -3.76 30.40
C ILE F 41 70.54 -2.65 29.53
N THR F 42 70.72 -2.93 28.24
CA THR F 42 71.17 -1.93 27.28
C THR F 42 69.94 -1.40 26.52
N LEU F 43 69.94 -0.10 26.17
CA LEU F 43 68.84 0.55 25.45
C LEU F 43 69.43 1.60 24.51
N GLY F 44 68.58 2.26 23.71
CA GLY F 44 69.09 3.18 22.71
C GLY F 44 69.45 4.55 23.28
N LYS F 45 69.84 5.46 22.39
CA LYS F 45 70.28 6.80 22.80
C LYS F 45 69.13 7.58 23.42
N ALA F 46 69.48 8.44 24.39
CA ALA F 46 68.45 9.15 25.13
C ALA F 46 67.57 9.93 24.15
N PRO F 47 66.26 9.81 24.24
CA PRO F 47 65.40 10.45 23.23
C PRO F 47 65.15 11.92 23.52
N ASP F 48 64.70 12.60 22.47
CA ASP F 48 64.25 13.97 22.61
C ASP F 48 63.01 13.94 23.48
N LEU F 49 63.01 14.73 24.55
CA LEU F 49 61.88 14.69 25.47
C LEU F 49 60.57 14.97 24.74
N ASN F 50 60.50 16.13 24.06
CA ASN F 50 59.29 16.50 23.31
C ASN F 50 58.97 15.51 22.19
N LYS F 51 59.98 15.06 21.44
CA LYS F 51 59.73 14.18 20.29
C LYS F 51 59.27 12.79 20.72
N ALA F 52 59.89 12.24 21.77
CA ALA F 52 59.51 10.92 22.23
C ALA F 52 58.06 10.92 22.70
N TYR F 53 57.65 11.99 23.40
CA TYR F 53 56.28 12.08 23.93
C TYR F 53 55.24 12.21 22.79
N LYS F 54 55.51 13.08 21.78
CA LYS F 54 54.59 13.27 20.65
C LYS F 54 54.54 12.03 19.75
N SER F 55 55.68 11.36 19.54
CA SER F 55 55.73 10.16 18.69
C SER F 55 54.92 9.02 19.31
N VAL F 56 55.13 8.75 20.61
CA VAL F 56 54.46 7.61 21.22
C VAL F 56 52.95 7.88 21.29
N LEU F 57 52.56 9.13 21.55
CA LEU F 57 51.15 9.53 21.64
C LEU F 57 50.43 9.39 20.30
N SER F 58 51.09 9.81 19.20
CA SER F 58 50.56 9.57 17.87
C SER F 58 50.48 8.09 17.58
N GLY F 59 51.54 7.36 17.98
CA GLY F 59 51.54 5.93 17.77
C GLY F 59 50.43 5.24 18.53
N MET F 60 50.16 5.71 19.76
CA MET F 60 49.08 5.12 20.55
C MET F 60 47.72 5.29 19.89
N SER F 61 47.41 6.50 19.40
CA SER F 61 46.12 6.68 18.75
C SER F 61 46.05 5.88 17.48
N ALA F 62 47.18 5.73 16.78
CA ALA F 62 47.29 4.98 15.53
C ALA F 62 47.58 3.50 15.73
N ALA F 63 47.75 3.06 16.99
CA ALA F 63 48.02 1.66 17.34
C ALA F 63 49.35 1.15 16.77
N LYS F 64 50.30 2.04 16.53
CA LYS F 64 51.61 1.65 16.04
C LYS F 64 52.65 2.09 17.07
N LEU F 65 53.40 1.14 17.63
CA LEU F 65 54.39 1.47 18.65
C LEU F 65 55.70 0.75 18.39
N ASP F 66 56.82 1.42 18.68
CA ASP F 66 58.12 0.78 18.52
C ASP F 66 58.65 0.35 19.87
N PRO F 67 58.95 -0.94 20.07
CA PRO F 67 59.39 -1.40 21.40
C PRO F 67 60.70 -0.81 21.90
N ASP F 68 61.74 -0.76 21.07
CA ASP F 68 62.99 -0.19 21.56
C ASP F 68 62.83 1.29 21.88
N ASP F 69 62.08 2.02 21.04
CA ASP F 69 61.83 3.43 21.29
C ASP F 69 61.04 3.64 22.57
N VAL F 70 59.99 2.84 22.79
CA VAL F 70 59.18 3.01 24.00
C VAL F 70 60.04 2.74 25.26
N CYS F 71 60.92 1.72 25.20
CA CYS F 71 61.78 1.37 26.34
C CYS F 71 62.78 2.45 26.72
N SER F 72 63.39 3.10 25.71
CA SER F 72 64.34 4.19 25.96
C SER F 72 63.65 5.41 26.59
N TYR F 73 62.43 5.74 26.12
CA TYR F 73 61.65 6.86 26.66
C TYR F 73 61.32 6.66 28.13
N LEU F 74 60.91 5.45 28.47
CA LEU F 74 60.62 5.11 29.85
C LEU F 74 61.92 5.18 30.67
N ALA F 75 63.03 4.70 30.11
CA ALA F 75 64.32 4.81 30.79
C ALA F 75 64.72 6.27 30.95
N ALA F 76 64.37 7.13 29.97
CA ALA F 76 64.64 8.55 30.14
C ALA F 76 63.75 9.14 31.24
N ALA F 77 62.46 8.78 31.25
CA ALA F 77 61.54 9.35 32.22
C ALA F 77 61.70 8.81 33.66
N MET F 78 62.32 7.63 33.85
CA MET F 78 62.56 7.09 35.19
C MET F 78 63.53 7.94 36.01
N GLN F 79 64.40 8.69 35.35
CA GLN F 79 65.28 9.62 36.07
C GLN F 79 64.48 10.75 36.73
N PHE F 80 63.37 11.16 36.10
CA PHE F 80 62.51 12.25 36.61
C PHE F 80 61.98 11.94 38.02
N PHE F 81 61.68 10.66 38.31
CA PHE F 81 61.03 10.24 39.55
C PHE F 81 62.06 10.04 40.65
N GLU F 82 61.98 10.87 41.69
CA GLU F 82 62.91 10.88 42.80
C GLU F 82 62.15 11.10 44.10
N GLY F 83 62.63 10.48 45.16
CA GLY F 83 62.03 10.66 46.47
C GLY F 83 63.03 10.31 47.55
N THR F 84 62.79 10.82 48.74
CA THR F 84 63.61 10.48 49.91
C THR F 84 63.30 9.07 50.44
N CYS F 85 64.35 8.35 50.88
CA CYS F 85 64.18 7.00 51.40
C CYS F 85 63.85 7.05 52.90
N PRO F 86 62.72 6.50 53.36
CA PRO F 86 62.35 6.69 54.79
C PRO F 86 63.30 6.02 55.76
N GLU F 87 63.76 4.81 55.47
CA GLU F 87 64.60 4.06 56.39
C GLU F 87 65.74 3.46 55.57
N ASP F 88 66.78 3.01 56.27
CA ASP F 88 67.94 2.42 55.59
C ASP F 88 67.52 1.17 54.80
N TRP F 89 67.89 1.14 53.51
CA TRP F 89 67.47 0.12 52.55
C TRP F 89 68.64 -0.72 52.06
N THR F 90 68.70 -1.98 52.49
CA THR F 90 69.76 -2.91 52.11
C THR F 90 69.21 -4.09 51.31
N SER F 91 69.73 -4.31 50.08
CA SER F 91 69.38 -5.51 49.31
C SER F 91 70.10 -6.71 49.91
N TYR F 92 70.09 -7.85 49.19
CA TYR F 92 70.68 -9.06 49.79
C TYR F 92 72.21 -8.94 49.87
N GLY F 93 72.86 -8.41 48.84
CA GLY F 93 74.29 -8.22 48.89
C GLY F 93 74.68 -6.79 48.52
N ILE F 94 73.72 -5.95 48.15
CA ILE F 94 73.98 -4.57 47.74
C ILE F 94 73.36 -3.57 48.73
N VAL F 95 74.11 -2.54 49.11
CA VAL F 95 73.53 -1.40 49.87
C VAL F 95 72.94 -0.46 48.82
N ILE F 96 71.63 -0.62 48.60
CA ILE F 96 70.93 0.11 47.56
C ILE F 96 70.66 1.56 47.97
N ALA F 97 70.56 1.84 49.27
CA ALA F 97 70.20 3.19 49.71
C ALA F 97 70.68 3.42 51.13
N ARG F 98 70.66 4.70 51.51
CA ARG F 98 70.98 5.16 52.85
C ARG F 98 69.82 6.01 53.33
N LYS F 99 69.50 5.89 54.62
CA LYS F 99 68.31 6.57 55.15
C LYS F 99 68.47 8.08 55.03
N GLY F 100 67.42 8.74 54.56
CA GLY F 100 67.45 10.18 54.36
C GLY F 100 68.11 10.61 53.08
N ASP F 101 68.44 9.66 52.22
CA ASP F 101 69.04 9.94 50.92
C ASP F 101 67.96 9.80 49.85
N LYS F 102 67.80 10.85 49.02
CA LYS F 102 66.84 10.78 47.91
C LYS F 102 67.37 9.83 46.85
N ILE F 103 66.47 9.06 46.24
CA ILE F 103 66.87 8.04 45.27
C ILE F 103 65.91 8.08 44.09
N THR F 104 66.34 7.52 42.97
CA THR F 104 65.55 7.40 41.76
C THR F 104 65.42 5.93 41.43
N PRO F 105 64.54 5.59 40.49
CA PRO F 105 64.60 4.25 39.93
C PRO F 105 65.96 3.97 39.34
N GLY F 106 66.64 5.00 38.84
CA GLY F 106 67.97 4.86 38.26
C GLY F 106 69.00 4.42 39.26
N SER F 107 68.73 4.73 40.55
CA SER F 107 69.59 4.34 41.65
C SER F 107 69.47 2.86 41.95
N LEU F 108 68.35 2.21 41.53
CA LEU F 108 68.07 0.79 41.74
C LEU F 108 68.81 -0.14 40.78
N VAL F 109 68.82 0.20 39.48
CA VAL F 109 69.47 -0.60 38.43
C VAL F 109 70.23 0.28 37.44
N GLU F 110 71.26 -0.30 36.81
CA GLU F 110 72.09 0.38 35.80
C GLU F 110 71.61 0.10 34.38
N ILE F 111 71.35 1.16 33.61
CA ILE F 111 71.00 1.07 32.18
C ILE F 111 72.12 1.69 31.34
N LYS F 112 72.63 0.95 30.34
CA LYS F 112 73.69 1.42 29.46
C LYS F 112 73.10 1.86 28.11
N ARG F 113 73.39 3.10 27.69
CA ARG F 113 72.90 3.68 26.43
C ARG F 113 73.80 3.28 25.26
N THR F 114 73.22 3.24 24.06
CA THR F 114 73.93 2.87 22.83
C THR F 114 73.81 3.97 21.79
N ASP F 115 74.78 4.00 20.87
CA ASP F 115 74.80 4.99 19.79
C ASP F 115 73.60 4.90 18.85
N VAL F 116 72.71 3.91 19.02
CA VAL F 116 71.62 3.78 18.05
C VAL F 116 70.52 4.75 18.45
N GLU F 117 70.07 5.55 17.50
CA GLU F 117 69.05 6.54 17.76
C GLU F 117 67.68 5.94 17.42
N GLY F 118 66.63 6.42 18.10
CA GLY F 118 65.29 5.94 17.82
C GLY F 118 64.62 6.75 16.72
N ASN F 119 63.66 6.12 16.03
CA ASN F 119 63.06 6.77 14.86
C ASN F 119 62.14 7.93 15.24
N TRP F 120 61.53 7.86 16.42
CA TRP F 120 60.54 8.81 16.93
C TRP F 120 59.78 9.46 15.76
N ALA F 121 59.01 8.65 15.05
CA ALA F 121 58.26 9.15 13.91
C ALA F 121 56.84 9.38 14.36
N LEU F 122 56.19 10.29 13.69
CA LEU F 122 54.88 10.75 14.13
C LEU F 122 53.83 10.04 13.29
N THR F 123 53.00 9.17 13.91
CA THR F 123 52.11 8.37 13.07
C THR F 123 50.90 9.19 12.62
N GLY F 124 50.28 9.95 13.54
CA GLY F 124 49.20 10.84 13.19
C GLY F 124 49.39 12.22 13.80
N GLY F 125 48.58 13.18 13.35
CA GLY F 125 48.63 14.55 13.87
C GLY F 125 48.01 14.71 15.26
N MET F 126 48.73 15.43 16.16
CA MET F 126 48.19 15.83 17.47
C MET F 126 48.15 17.36 17.61
N GLU F 127 47.35 17.84 18.58
CA GLU F 127 47.21 19.28 18.80
C GLU F 127 48.44 19.88 19.50
N LEU F 128 49.19 19.06 20.23
CA LEU F 128 50.27 19.55 21.09
C LEU F 128 51.48 19.99 20.27
N THR F 129 51.85 21.26 20.44
CA THR F 129 53.00 21.87 19.77
C THR F 129 54.11 22.34 20.70
N ARG F 130 53.95 22.24 22.01
CA ARG F 130 54.91 22.78 22.95
C ARG F 130 55.60 21.66 23.72
N ASP F 131 56.68 22.04 24.40
CA ASP F 131 57.44 21.09 25.20
C ASP F 131 56.59 20.54 26.35
N PRO F 132 56.62 19.22 26.62
CA PRO F 132 55.82 18.61 27.70
C PRO F 132 56.32 18.81 29.12
N THR F 133 55.37 18.89 30.06
CA THR F 133 55.63 18.99 31.50
C THR F 133 55.83 17.62 32.12
N VAL F 134 56.45 17.60 33.31
CA VAL F 134 56.65 16.32 34.00
C VAL F 134 55.34 15.54 34.09
N PRO F 135 54.15 16.15 34.57
CA PRO F 135 52.89 15.35 34.67
C PRO F 135 52.53 14.58 33.40
N GLU F 136 52.58 15.25 32.25
CA GLU F 136 52.36 14.62 30.96
C GLU F 136 53.30 13.43 30.78
N HIS F 137 54.60 13.63 31.07
CA HIS F 137 55.59 12.56 30.96
C HIS F 137 55.20 11.35 31.84
N ALA F 138 54.81 11.61 33.10
CA ALA F 138 54.41 10.53 34.01
C ALA F 138 53.11 9.87 33.55
N SER F 139 52.13 10.66 33.07
CA SER F 139 50.88 10.07 32.59
C SER F 139 51.15 9.10 31.46
N LEU F 140 52.01 9.48 30.51
CA LEU F 140 52.32 8.59 29.40
C LEU F 140 53.10 7.36 29.89
N VAL F 141 54.06 7.56 30.82
CA VAL F 141 54.86 6.44 31.34
C VAL F 141 53.94 5.39 31.93
N GLY F 142 52.93 5.83 32.69
CA GLY F 142 51.98 4.90 33.27
C GLY F 142 51.15 4.17 32.23
N LEU F 143 50.65 4.91 31.22
CA LEU F 143 49.86 4.27 30.17
C LEU F 143 50.68 3.23 29.43
N LEU F 144 51.96 3.54 29.16
CA LEU F 144 52.85 2.59 28.52
C LEU F 144 53.13 1.38 29.42
N LEU F 145 53.40 1.63 30.70
CA LEU F 145 53.64 0.52 31.61
C LEU F 145 52.39 -0.36 31.76
N SER F 146 51.19 0.23 31.71
CA SER F 146 49.96 -0.55 31.85
C SER F 146 49.78 -1.57 30.72
N LEU F 147 50.41 -1.34 29.56
CA LEU F 147 50.28 -2.32 28.51
C LEU F 147 50.81 -3.69 28.95
N TYR F 148 51.85 -3.70 29.78
CA TYR F 148 52.46 -4.95 30.23
C TYR F 148 51.45 -5.81 31.00
N ARG F 149 50.72 -5.20 31.94
CA ARG F 149 49.67 -5.94 32.64
C ARG F 149 48.62 -6.45 31.67
N LEU F 150 48.23 -5.62 30.71
CA LEU F 150 47.21 -6.00 29.75
C LEU F 150 47.64 -7.18 28.87
N SER F 151 48.92 -7.24 28.45
CA SER F 151 49.38 -8.38 27.66
C SER F 151 49.38 -9.66 28.49
N LYS F 152 49.78 -9.57 29.75
CA LYS F 152 49.75 -10.73 30.63
C LYS F 152 48.33 -11.24 30.84
N ILE F 153 47.35 -10.32 30.83
CA ILE F 153 45.96 -10.66 31.14
C ILE F 153 45.37 -11.48 30.01
N SER F 154 46.08 -11.52 28.88
CA SER F 154 45.54 -12.25 27.74
C SER F 154 45.48 -13.73 28.10
N GLY F 155 44.41 -14.35 27.64
CA GLY F 155 44.13 -15.69 27.95
C GLY F 155 42.79 -16.04 27.38
N GLN F 156 42.47 -17.34 27.59
CA GLN F 156 41.42 -17.97 26.76
C GLN F 156 39.99 -17.55 26.98
N ASN F 157 39.52 -17.23 28.16
CA ASN F 157 38.16 -16.70 28.23
C ASN F 157 38.26 -15.58 29.23
N THR F 158 38.40 -14.32 28.77
CA THR F 158 38.63 -13.19 29.65
C THR F 158 37.51 -12.16 29.62
N GLY F 159 36.30 -12.59 29.22
CA GLY F 159 35.15 -11.73 29.04
C GLY F 159 35.52 -10.30 28.71
N ASN F 160 34.90 -9.35 29.41
CA ASN F 160 35.24 -7.94 29.29
C ASN F 160 36.14 -7.49 30.43
N TYR F 161 36.80 -8.45 31.11
CA TYR F 161 37.64 -8.09 32.26
C TYR F 161 38.81 -7.24 31.79
N LYS F 162 39.39 -7.58 30.64
CA LYS F 162 40.47 -6.77 30.08
C LYS F 162 40.00 -5.34 29.80
N THR F 163 38.79 -5.19 29.25
CA THR F 163 38.29 -3.86 28.91
C THR F 163 38.06 -3.00 30.15
N ASN F 164 37.46 -3.57 31.20
CA ASN F 164 37.21 -2.79 32.43
C ASN F 164 38.50 -2.39 33.13
N ILE F 165 39.50 -3.28 33.15
CA ILE F 165 40.77 -2.95 33.81
C ILE F 165 41.50 -1.86 33.04
N ALA F 166 41.38 -1.89 31.71
CA ALA F 166 41.96 -0.84 30.90
C ALA F 166 41.26 0.50 31.14
N ASP F 167 39.92 0.47 31.28
CA ASP F 167 39.17 1.70 31.56
C ASP F 167 39.62 2.33 32.85
N ARG F 168 39.91 1.51 33.87
CA ARG F 168 40.43 2.04 35.13
C ARG F 168 41.76 2.73 34.91
N ILE F 169 42.63 2.14 34.09
CA ILE F 169 43.95 2.72 33.81
C ILE F 169 43.80 4.08 33.15
N GLU F 170 42.83 4.20 32.25
CA GLU F 170 42.61 5.46 31.57
C GLU F 170 42.21 6.51 32.59
N GLN F 171 41.33 6.14 33.52
CA GLN F 171 40.88 7.07 34.54
C GLN F 171 42.02 7.51 35.45
N ILE F 172 42.96 6.60 35.81
CA ILE F 172 44.08 6.96 36.70
C ILE F 172 44.89 8.11 36.09
N PHE F 173 45.31 7.94 34.83
CA PHE F 173 46.20 8.86 34.15
C PHE F 173 45.53 10.06 33.47
N GLU F 174 44.20 10.13 33.48
CA GLU F 174 43.50 11.33 33.00
C GLU F 174 43.12 12.27 34.14
N THR F 175 43.31 11.87 35.41
CA THR F 175 42.96 12.65 36.59
C THR F 175 44.23 13.05 37.34
N ALA F 176 44.13 14.14 38.10
CA ALA F 176 45.30 14.68 38.79
C ALA F 176 45.85 13.68 39.80
N PRO F 177 47.17 13.54 39.94
CA PRO F 177 48.25 14.45 39.49
C PRO F 177 48.68 14.29 38.03
N PHE F 178 48.02 13.35 37.35
CA PHE F 178 48.34 13.09 35.96
C PHE F 178 47.43 13.94 35.07
N VAL F 179 47.89 14.19 33.85
CA VAL F 179 47.12 14.98 32.90
C VAL F 179 46.74 14.07 31.73
N LYS F 180 45.52 14.27 31.22
CA LYS F 180 44.97 13.47 30.13
C LYS F 180 45.73 13.73 28.83
N ILE F 181 46.30 12.68 28.25
CA ILE F 181 47.02 12.84 26.99
C ILE F 181 46.31 12.07 25.87
N VAL F 182 45.52 11.05 26.22
CA VAL F 182 44.89 10.24 25.18
C VAL F 182 43.38 10.22 25.37
N GLU F 183 42.65 10.08 24.26
CA GLU F 183 41.21 9.96 24.37
C GLU F 183 40.86 8.54 24.83
N HIS F 184 39.64 8.35 25.31
CA HIS F 184 39.27 7.04 25.85
C HIS F 184 39.41 5.95 24.79
N HIS F 185 39.62 4.71 25.24
CA HIS F 185 39.74 3.51 24.42
C HIS F 185 40.98 3.47 23.51
N THR F 186 41.86 4.50 23.53
CA THR F 186 43.12 4.44 22.76
C THR F 186 44.00 3.31 23.28
N LEU F 187 43.97 3.07 24.60
CA LEU F 187 44.76 2.01 25.23
C LEU F 187 44.31 0.62 24.75
N MET F 188 43.00 0.42 24.56
CA MET F 188 42.51 -0.86 24.08
C MET F 188 43.04 -1.18 22.69
N THR F 189 43.05 -0.18 21.79
CA THR F 189 43.53 -0.39 20.42
C THR F 189 45.03 -0.67 20.37
N THR F 190 45.83 0.06 21.15
CA THR F 190 47.26 -0.25 21.20
C THR F 190 47.48 -1.65 21.80
N HIS F 191 46.67 -2.04 22.80
CA HIS F 191 46.79 -3.36 23.45
C HIS F 191 46.57 -4.49 22.45
N LYS F 192 45.64 -4.29 21.51
CA LYS F 192 45.43 -5.28 20.47
C LYS F 192 46.71 -5.50 19.68
N MET F 193 47.46 -4.44 19.40
CA MET F 193 48.77 -4.56 18.77
C MET F 193 49.87 -4.94 19.76
N CYS F 194 49.63 -4.79 21.05
CA CYS F 194 50.61 -5.10 22.07
C CYS F 194 50.13 -6.25 22.95
N ALA F 195 49.53 -7.26 22.32
CA ALA F 195 48.97 -8.36 23.08
C ALA F 195 50.09 -9.24 23.63
N ASN F 196 51.20 -9.34 22.90
CA ASN F 196 52.30 -10.14 23.38
C ASN F 196 53.42 -9.25 23.86
N TRP F 197 53.10 -8.00 24.18
CA TRP F 197 54.19 -7.11 24.56
C TRP F 197 54.83 -7.56 25.85
N SER F 198 54.11 -8.37 26.64
CA SER F 198 54.64 -8.88 27.91
C SER F 198 55.93 -9.68 27.73
N THR F 199 56.10 -10.35 26.58
CA THR F 199 57.28 -11.19 26.38
C THR F 199 58.59 -10.38 26.31
N ILE F 200 58.54 -9.12 25.90
CA ILE F 200 59.74 -8.31 25.67
C ILE F 200 60.54 -8.16 26.97
N PRO F 201 61.82 -8.57 27.00
CA PRO F 201 62.55 -8.61 28.29
C PRO F 201 62.80 -7.23 28.90
N ASN F 202 63.21 -6.23 28.10
CA ASN F 202 63.50 -4.91 28.67
C ASN F 202 62.26 -4.27 29.26
N PHE F 203 61.12 -4.39 28.57
CA PHE F 203 59.87 -3.85 29.05
C PHE F 203 59.51 -4.48 30.41
N ARG F 204 59.74 -5.80 30.52
CA ARG F 204 59.54 -6.51 31.78
C ARG F 204 60.49 -5.99 32.86
N PHE F 205 61.75 -5.80 32.50
CA PHE F 205 62.77 -5.37 33.45
C PHE F 205 62.46 -4.00 34.04
N LEU F 206 62.10 -3.06 33.17
CA LEU F 206 61.82 -1.72 33.66
C LEU F 206 60.55 -1.69 34.50
N ALA F 207 59.51 -2.43 34.09
CA ALA F 207 58.26 -2.43 34.84
C ALA F 207 58.48 -2.89 36.28
N GLY F 208 59.34 -3.90 36.45
CA GLY F 208 59.72 -4.32 37.78
C GLY F 208 60.51 -3.26 38.52
N THR F 209 61.40 -2.55 37.81
CA THR F 209 62.21 -1.52 38.46
C THR F 209 61.32 -0.43 39.02
N TYR F 210 60.34 -0.01 38.21
CA TYR F 210 59.42 1.03 38.63
C TYR F 210 58.64 0.61 39.87
N ASP F 211 58.15 -0.64 39.86
CA ASP F 211 57.31 -1.11 40.96
C ASP F 211 58.13 -1.14 42.25
N MET F 212 59.37 -1.63 42.18
CA MET F 212 60.21 -1.68 43.37
C MET F 212 60.46 -0.29 43.93
N PHE F 213 60.77 0.67 43.04
CA PHE F 213 61.03 2.04 43.47
C PHE F 213 59.79 2.65 44.12
N PHE F 214 58.63 2.51 43.46
CA PHE F 214 57.42 3.12 44.02
C PHE F 214 56.95 2.44 45.30
N SER F 215 57.24 1.14 45.46
CA SER F 215 56.84 0.44 46.70
C SER F 215 57.62 0.94 47.91
N ARG F 216 58.93 1.14 47.77
CA ARG F 216 59.73 1.64 48.89
C ARG F 216 59.45 3.12 49.17
N ILE F 217 59.37 3.95 48.14
CA ILE F 217 59.24 5.41 48.29
C ILE F 217 57.87 5.88 47.82
N GLU F 218 57.13 6.54 48.72
CA GLU F 218 55.85 7.12 48.31
C GLU F 218 56.11 8.30 47.40
N HIS F 219 55.30 8.41 46.34
CA HIS F 219 55.51 9.47 45.37
C HIS F 219 54.15 10.01 44.94
N LEU F 220 54.17 11.22 44.34
CA LEU F 220 52.95 11.78 43.77
C LEU F 220 52.43 10.91 42.63
N TYR F 221 53.34 10.32 41.85
CA TYR F 221 52.98 9.48 40.72
C TYR F 221 53.07 7.98 41.07
N SER F 222 52.82 7.64 42.34
CA SER F 222 52.85 6.24 42.75
C SER F 222 51.76 5.42 42.10
N ALA F 223 50.71 6.06 41.60
CA ALA F 223 49.63 5.34 40.94
C ALA F 223 50.09 4.62 39.68
N ILE F 224 51.31 4.91 39.22
CA ILE F 224 51.92 4.21 38.08
C ILE F 224 52.03 2.72 38.35
N ARG F 225 52.03 2.33 39.62
CA ARG F 225 52.15 0.93 40.00
C ARG F 225 51.00 0.07 39.49
N VAL F 226 49.87 0.65 39.07
CA VAL F 226 48.74 -0.17 38.65
C VAL F 226 49.12 -1.05 37.47
N GLY F 227 49.98 -0.56 36.59
CA GLY F 227 50.52 -1.39 35.52
C GLY F 227 51.56 -2.39 35.99
N THR F 228 52.42 -1.98 36.93
CA THR F 228 53.58 -2.76 37.36
C THR F 228 53.29 -3.65 38.56
N VAL F 229 52.07 -3.60 39.10
CA VAL F 229 51.73 -4.40 40.27
C VAL F 229 51.90 -5.87 39.98
N VAL F 230 51.66 -6.29 38.72
CA VAL F 230 51.77 -7.69 38.36
C VAL F 230 53.19 -8.21 38.54
N THR F 231 54.19 -7.34 38.37
CA THR F 231 55.58 -7.78 38.53
C THR F 231 55.85 -8.29 39.94
N ALA F 232 55.07 -7.81 40.92
CA ALA F 232 55.26 -8.20 42.31
C ALA F 232 54.93 -9.67 42.52
N TYR F 233 55.87 -10.38 43.12
CA TYR F 233 55.77 -11.81 43.36
C TYR F 233 55.37 -12.55 42.08
N GLU F 234 55.91 -12.09 40.96
CA GLU F 234 55.59 -12.68 39.67
C GLU F 234 56.13 -14.08 39.59
N ASP F 235 55.30 -14.99 39.08
CA ASP F 235 55.70 -16.37 38.88
C ASP F 235 56.09 -17.03 40.20
N CYS F 236 55.51 -16.58 41.31
CA CYS F 236 55.82 -17.18 42.60
C CYS F 236 54.53 -17.62 43.28
N SER F 237 53.51 -17.96 42.50
CA SER F 237 52.19 -18.20 43.07
C SER F 237 52.20 -19.31 44.10
N GLY F 238 53.06 -20.30 43.95
CA GLY F 238 53.08 -21.33 44.96
C GLY F 238 53.41 -20.75 46.32
N LEU F 239 54.46 -19.93 46.38
CA LEU F 239 54.84 -19.33 47.66
C LEU F 239 53.73 -18.44 48.18
N VAL F 240 53.15 -17.62 47.31
CA VAL F 240 52.07 -16.73 47.72
C VAL F 240 50.88 -17.54 48.20
N SER F 241 50.55 -18.62 47.49
CA SER F 241 49.43 -19.46 47.94
C SER F 241 49.73 -20.09 49.29
N PHE F 242 51.00 -20.44 49.55
CA PHE F 242 51.34 -21.01 50.85
C PHE F 242 51.10 -20.01 51.98
N THR F 243 51.49 -18.74 51.75
CA THR F 243 51.32 -17.70 52.78
C THR F 243 49.84 -17.43 53.06
N GLY F 244 49.02 -17.38 52.02
CA GLY F 244 47.59 -17.23 52.23
C GLY F 244 46.99 -18.43 52.94
N PHE F 245 47.46 -19.62 52.59
CA PHE F 245 46.95 -20.83 53.20
C PHE F 245 47.16 -20.83 54.71
N ILE F 246 48.36 -20.50 55.17
CA ILE F 246 48.61 -20.49 56.62
C ILE F 246 47.73 -19.46 57.31
N LYS F 247 47.58 -18.25 56.73
CA LYS F 247 46.79 -17.20 57.37
C LYS F 247 45.29 -17.52 57.40
N GLN F 248 44.77 -18.07 56.31
CA GLN F 248 43.37 -18.46 56.30
C GLN F 248 43.12 -19.62 57.26
N ILE F 249 44.06 -20.58 57.27
CA ILE F 249 43.94 -21.75 58.13
C ILE F 249 44.25 -21.43 59.58
N ASN F 250 44.89 -20.27 59.82
CA ASN F 250 45.26 -19.79 61.15
C ASN F 250 46.27 -20.69 61.85
N LEU F 251 47.23 -21.22 61.09
CA LEU F 251 48.33 -22.01 61.63
C LEU F 251 49.64 -21.35 61.26
N THR F 252 50.67 -21.72 62.02
CA THR F 252 52.02 -21.26 61.74
C THR F 252 52.64 -22.10 60.63
N ALA F 253 53.39 -21.44 59.74
CA ALA F 253 54.07 -22.10 58.63
C ALA F 253 54.65 -23.45 59.03
N ARG F 254 55.32 -23.51 60.18
CA ARG F 254 55.90 -24.77 60.63
C ARG F 254 54.82 -25.81 60.93
N GLU F 255 53.85 -25.45 61.78
CA GLU F 255 52.77 -26.37 62.12
C GLU F 255 52.02 -26.84 60.87
N ALA F 256 51.84 -25.95 59.88
CA ALA F 256 51.11 -26.32 58.69
C ALA F 256 51.81 -27.42 57.89
N ILE F 257 53.14 -27.29 57.70
CA ILE F 257 53.83 -28.29 56.88
C ILE F 257 53.79 -29.67 57.51
N LEU F 258 53.64 -29.76 58.83
CA LEU F 258 53.54 -31.06 59.49
C LEU F 258 52.37 -31.88 58.95
N TYR F 259 51.26 -31.23 58.62
CA TYR F 259 50.07 -31.92 58.13
C TYR F 259 50.26 -32.46 56.72
N PHE F 260 51.32 -32.05 56.02
CA PHE F 260 51.60 -32.48 54.64
C PHE F 260 52.21 -33.87 54.71
N PHE F 261 51.35 -34.90 54.72
CA PHE F 261 51.84 -36.26 54.92
C PHE F 261 52.12 -36.96 53.59
N HIS F 262 53.12 -36.47 52.86
CA HIS F 262 53.50 -37.20 51.64
C HIS F 262 54.95 -36.99 51.25
N LYS F 263 55.52 -38.06 50.67
CA LYS F 263 56.91 -38.03 50.29
C LYS F 263 57.20 -36.99 49.23
N ASN F 264 56.25 -36.79 48.30
CA ASN F 264 56.51 -35.85 47.20
C ASN F 264 56.74 -34.43 47.70
N PHE F 265 56.08 -34.06 48.81
CA PHE F 265 56.19 -32.69 49.30
C PHE F 265 57.63 -32.33 49.62
N GLU F 266 58.44 -33.32 49.98
CA GLU F 266 59.77 -33.01 50.53
C GLU F 266 60.58 -32.17 49.56
N GLU F 267 60.69 -32.62 48.30
CA GLU F 267 61.51 -31.88 47.34
C GLU F 267 61.00 -30.45 47.15
N GLU F 268 59.68 -30.29 47.06
CA GLU F 268 59.09 -28.97 46.84
C GLU F 268 59.31 -28.07 48.05
N ILE F 269 59.09 -28.60 49.25
CA ILE F 269 59.27 -27.81 50.46
C ILE F 269 60.71 -27.31 50.55
N ARG F 270 61.68 -28.19 50.27
CA ARG F 270 63.06 -27.75 50.28
C ARG F 270 63.30 -26.69 49.22
N ARG F 271 62.69 -26.88 48.05
CA ARG F 271 62.92 -25.98 46.92
C ARG F 271 62.43 -24.57 47.23
N MET F 272 61.21 -24.44 47.79
CA MET F 272 60.64 -23.12 48.06
C MET F 272 61.19 -22.48 49.33
N PHE F 273 61.74 -23.26 50.25
CA PHE F 273 62.26 -22.67 51.47
C PHE F 273 63.78 -22.77 51.51
N GLU F 274 64.42 -22.78 50.34
CA GLU F 274 65.88 -22.82 50.25
C GLU F 274 66.48 -21.54 50.84
N PRO F 275 67.47 -21.65 51.73
CA PRO F 275 68.03 -20.45 52.38
C PRO F 275 68.85 -19.62 51.41
N GLY F 276 69.15 -18.40 51.85
CA GLY F 276 69.88 -17.47 51.02
C GLY F 276 69.03 -16.54 50.18
N GLN F 277 67.72 -16.75 50.10
CA GLN F 277 66.82 -15.82 49.43
C GLN F 277 66.01 -15.00 50.44
N GLU F 278 66.05 -13.67 50.29
CA GLU F 278 65.41 -12.76 51.25
C GLU F 278 63.89 -12.64 51.08
N THR F 279 63.19 -13.77 51.24
CA THR F 279 61.72 -13.73 51.22
C THR F 279 61.17 -12.95 52.42
N ALA F 280 61.85 -13.03 53.56
CA ALA F 280 61.32 -12.34 54.73
C ALA F 280 61.49 -10.82 54.61
N VAL F 281 62.49 -10.34 53.87
CA VAL F 281 62.71 -8.89 53.80
C VAL F 281 61.60 -8.24 52.96
N PRO F 282 60.94 -7.20 53.48
CA PRO F 282 59.78 -6.64 52.77
C PRO F 282 60.10 -6.04 51.41
N HIS F 283 61.20 -5.30 51.26
CA HIS F 283 61.48 -4.64 49.99
C HIS F 283 62.74 -5.18 49.32
N SER F 284 63.07 -6.44 49.59
CA SER F 284 64.25 -7.07 49.02
C SER F 284 64.08 -7.22 47.51
N TYR F 285 65.18 -7.57 46.84
CA TYR F 285 65.10 -7.83 45.40
C TYR F 285 64.18 -9.01 45.10
N PHE F 286 63.97 -9.89 46.09
CA PHE F 286 63.19 -11.09 45.89
C PHE F 286 61.77 -10.81 45.38
N ILE F 287 61.14 -9.75 45.89
CA ILE F 287 59.74 -9.49 45.52
C ILE F 287 59.57 -9.25 44.03
N HIS F 288 60.57 -8.68 43.36
CA HIS F 288 60.49 -8.44 41.92
C HIS F 288 61.57 -9.19 41.15
N PHE F 289 62.09 -10.27 41.72
CA PHE F 289 63.24 -10.92 41.10
C PHE F 289 62.91 -11.43 39.70
N ARG F 290 61.70 -11.96 39.51
CA ARG F 290 61.39 -12.54 38.21
C ARG F 290 61.40 -11.48 37.10
N SER F 291 60.83 -10.30 37.38
CA SER F 291 60.76 -9.22 36.38
C SER F 291 62.14 -8.66 36.03
N LEU F 292 63.01 -8.49 37.03
CA LEU F 292 64.35 -7.98 36.78
C LEU F 292 65.24 -8.99 36.08
N GLY F 293 65.31 -10.20 36.59
CA GLY F 293 66.18 -11.20 35.99
C GLY F 293 66.85 -12.07 37.04
N LEU F 294 67.97 -12.71 36.68
CA LEU F 294 68.74 -13.60 37.54
C LEU F 294 68.06 -14.93 37.84
N SER F 295 67.01 -15.29 37.10
CA SER F 295 66.33 -16.57 37.35
C SER F 295 65.69 -17.02 36.05
N GLY F 296 66.20 -18.11 35.49
CA GLY F 296 65.62 -18.61 34.27
C GLY F 296 64.22 -19.16 34.50
N LYS F 297 64.01 -19.81 35.64
CA LYS F 297 62.71 -20.35 35.98
C LYS F 297 62.53 -20.24 37.48
N SER F 298 61.35 -19.88 37.91
CA SER F 298 61.18 -19.66 39.31
C SER F 298 60.96 -21.00 40.02
N PRO F 299 61.69 -21.28 41.10
CA PRO F 299 61.39 -22.48 41.90
C PRO F 299 60.15 -22.28 42.77
N TYR F 300 59.62 -21.07 42.86
CA TYR F 300 58.44 -20.76 43.66
C TYR F 300 57.20 -20.67 42.80
N SER F 301 57.32 -21.04 41.53
CA SER F 301 56.20 -21.07 40.60
C SER F 301 55.27 -22.22 40.95
N SER F 302 54.01 -22.07 40.57
CA SER F 302 53.03 -23.08 40.94
C SER F 302 53.40 -24.44 40.38
N ASN F 303 53.99 -24.49 39.18
CA ASN F 303 54.33 -25.78 38.61
C ASN F 303 55.48 -26.43 39.38
N ALA F 304 56.46 -25.63 39.81
CA ALA F 304 57.61 -26.20 40.51
C ALA F 304 57.19 -26.80 41.84
N VAL F 305 56.21 -26.20 42.47
CA VAL F 305 55.77 -26.65 43.78
C VAL F 305 54.34 -27.16 43.63
N GLY F 306 54.11 -27.90 42.55
CA GLY F 306 52.75 -28.30 42.18
C GLY F 306 52.04 -29.11 43.25
N HIS F 307 52.72 -30.09 43.86
CA HIS F 307 52.04 -30.94 44.84
C HIS F 307 51.50 -30.10 45.99
N VAL F 308 52.34 -29.19 46.48
CA VAL F 308 51.90 -28.29 47.52
C VAL F 308 50.78 -27.42 47.02
N PHE F 309 50.93 -26.90 45.79
CA PHE F 309 49.93 -25.99 45.25
C PHE F 309 48.58 -26.67 45.18
N ASN F 310 48.55 -27.90 44.65
CA ASN F 310 47.28 -28.61 44.51
C ASN F 310 46.65 -28.87 45.88
N LEU F 311 47.43 -29.36 46.84
CA LEU F 311 46.87 -29.63 48.16
C LEU F 311 46.27 -28.37 48.77
N ILE F 312 46.94 -27.22 48.58
CA ILE F 312 46.44 -25.98 49.19
C ILE F 312 45.07 -25.60 48.64
N HIS F 313 44.91 -25.61 47.31
CA HIS F 313 43.63 -25.15 46.76
C HIS F 313 42.55 -26.20 46.93
N PHE F 314 42.92 -27.49 46.94
CA PHE F 314 41.93 -28.51 47.24
C PHE F 314 41.36 -28.30 48.64
N VAL F 315 42.21 -27.96 49.61
CA VAL F 315 41.68 -27.64 50.92
C VAL F 315 40.78 -26.41 50.84
N GLY F 316 41.21 -25.41 50.07
CA GLY F 316 40.39 -24.23 49.88
C GLY F 316 39.05 -24.53 49.22
N CYS F 317 39.05 -25.40 48.22
CA CYS F 317 37.77 -25.79 47.65
C CYS F 317 36.92 -26.47 48.70
N TYR F 318 37.51 -27.32 49.53
CA TYR F 318 36.72 -27.97 50.58
C TYR F 318 36.06 -26.94 51.48
N MET F 319 36.73 -25.83 51.69
CA MET F 319 36.22 -24.76 52.52
C MET F 319 35.40 -23.75 51.73
N GLY F 320 35.26 -23.96 50.42
CA GLY F 320 34.48 -23.07 49.60
C GLY F 320 35.15 -21.77 49.22
N GLN F 321 36.48 -21.67 49.31
CA GLN F 321 37.21 -20.45 48.92
C GLN F 321 37.18 -20.30 47.42
N VAL F 322 36.63 -19.18 46.94
CA VAL F 322 36.44 -18.99 45.51
C VAL F 322 37.76 -18.96 44.76
N ARG F 323 38.81 -18.37 45.35
CA ARG F 323 40.08 -18.31 44.65
C ARG F 323 40.56 -19.72 44.32
N SER F 324 40.47 -20.62 45.30
CA SER F 324 40.94 -21.98 45.03
C SER F 324 40.08 -22.64 43.96
N LEU F 325 38.76 -22.38 43.97
CA LEU F 325 37.88 -22.99 42.99
C LEU F 325 38.27 -22.62 41.56
N ASN F 326 38.76 -21.40 41.36
CA ASN F 326 39.08 -20.97 40.00
C ASN F 326 40.53 -21.19 39.64
N ALA F 327 41.36 -21.62 40.58
CA ALA F 327 42.76 -21.81 40.27
C ALA F 327 42.90 -23.00 39.32
N THR F 328 43.93 -22.96 38.47
CA THR F 328 44.16 -24.03 37.50
C THR F 328 45.01 -25.12 38.12
N VAL F 329 44.50 -26.36 38.11
CA VAL F 329 45.16 -27.48 38.78
C VAL F 329 46.41 -27.91 38.00
N ILE F 330 47.45 -28.34 38.72
CA ILE F 330 48.64 -28.88 38.08
C ILE F 330 48.42 -30.38 37.87
N ALA F 331 48.18 -30.77 36.61
CA ALA F 331 47.83 -32.17 36.35
C ALA F 331 48.98 -33.12 36.64
N ALA F 332 50.21 -32.68 36.40
CA ALA F 332 51.35 -33.60 36.52
C ALA F 332 51.52 -34.06 37.95
N CYS F 333 51.32 -33.17 38.90
CA CYS F 333 51.69 -33.43 40.29
C CYS F 333 50.54 -34.09 41.07
N ALA F 334 50.23 -35.32 40.67
CA ALA F 334 49.32 -36.25 41.36
C ALA F 334 48.10 -35.58 42.00
N PRO F 335 47.24 -34.96 41.19
CA PRO F 335 46.12 -34.21 41.78
C PRO F 335 45.18 -35.07 42.59
N HIS F 336 44.94 -36.31 42.18
CA HIS F 336 43.97 -37.11 42.91
C HIS F 336 44.48 -37.36 44.31
N GLU F 337 45.75 -37.76 44.43
CA GLU F 337 46.27 -38.04 45.76
C GLU F 337 46.24 -36.77 46.61
N MET F 338 46.58 -35.63 46.01
CA MET F 338 46.51 -34.37 46.73
C MET F 338 45.08 -34.07 47.18
N SER F 339 44.10 -34.37 46.33
CA SER F 339 42.71 -34.09 46.69
C SER F 339 42.28 -34.91 47.89
N VAL F 340 42.76 -36.16 47.98
CA VAL F 340 42.41 -37.00 49.12
C VAL F 340 42.95 -36.41 50.42
N LEU F 341 44.24 -36.07 50.45
CA LEU F 341 44.82 -35.45 51.63
C LEU F 341 44.09 -34.17 51.95
N GLY F 342 43.72 -33.43 50.91
CA GLY F 342 43.01 -32.17 51.08
C GLY F 342 41.63 -32.36 51.67
N GLY F 343 40.97 -33.45 51.33
CA GLY F 343 39.68 -33.72 51.95
C GLY F 343 39.81 -33.90 53.45
N TYR F 344 40.80 -34.69 53.89
CA TYR F 344 41.02 -34.89 55.32
C TYR F 344 41.48 -33.59 55.99
N LEU F 345 42.43 -32.89 55.38
CA LEU F 345 42.91 -31.64 55.96
C LEU F 345 41.79 -30.61 55.99
N GLY F 346 41.04 -30.52 54.90
CA GLY F 346 39.90 -29.62 54.88
C GLY F 346 38.87 -30.00 55.92
N GLU F 347 38.66 -31.30 56.13
CA GLU F 347 37.72 -31.74 57.16
C GLU F 347 38.14 -31.22 58.53
N GLU F 348 39.44 -31.28 58.84
CA GLU F 348 39.95 -30.82 60.13
C GLU F 348 39.79 -29.31 60.33
N PHE F 349 39.98 -28.53 59.26
CA PHE F 349 39.96 -27.07 59.36
C PHE F 349 38.64 -26.41 58.98
N PHE F 350 37.68 -27.14 58.44
CA PHE F 350 36.42 -26.56 57.99
C PHE F 350 35.38 -26.62 59.10
N GLY F 351 34.87 -25.45 59.51
CA GLY F 351 33.84 -25.40 60.53
C GLY F 351 34.34 -25.54 61.96
N LYS F 352 35.66 -25.51 62.15
CA LYS F 352 36.26 -25.72 63.45
C LYS F 352 37.26 -24.60 63.70
N GLY F 353 37.33 -24.15 64.93
CA GLY F 353 38.30 -23.14 65.30
C GLY F 353 38.84 -23.43 66.68
N THR F 354 40.08 -23.01 66.90
CA THR F 354 40.74 -23.16 68.19
C THR F 354 40.52 -21.87 68.96
N PHE F 355 39.66 -21.92 69.97
CA PHE F 355 39.26 -20.73 70.70
C PHE F 355 39.78 -20.81 72.14
N GLU F 356 40.31 -19.70 72.63
CA GLU F 356 40.78 -19.58 73.99
C GLU F 356 40.40 -18.20 74.50
N ARG F 357 40.04 -18.09 75.77
CA ARG F 357 39.74 -16.79 76.32
C ARG F 357 41.02 -15.95 76.43
N ARG F 358 41.01 -14.75 75.88
CA ARG F 358 42.18 -13.91 76.00
C ARG F 358 41.88 -12.61 76.74
N PHE F 359 40.61 -12.27 76.95
CA PHE F 359 40.21 -11.02 77.58
C PHE F 359 39.37 -11.29 78.83
N PHE F 360 39.75 -10.67 79.96
CA PHE F 360 39.06 -10.88 81.22
C PHE F 360 38.82 -9.53 81.91
N ARG F 361 37.85 -9.49 82.82
CA ARG F 361 37.41 -8.21 83.38
C ARG F 361 38.46 -7.52 84.27
N ASP F 362 39.11 -8.27 85.16
CA ASP F 362 40.06 -7.69 86.11
C ASP F 362 41.31 -8.57 86.21
N GLU F 363 42.42 -7.97 86.68
CA GLU F 363 43.70 -8.70 86.77
C GLU F 363 43.53 -9.98 87.53
N LYS F 364 42.62 -9.97 88.51
CA LYS F 364 42.39 -11.17 89.28
C LYS F 364 41.86 -12.29 88.38
N GLU F 365 41.02 -11.96 87.40
CA GLU F 365 40.42 -13.00 86.57
C GLU F 365 41.46 -13.83 85.79
N LEU F 366 42.60 -13.25 85.37
CA LEU F 366 43.60 -14.08 84.70
C LEU F 366 44.12 -15.20 85.58
N GLN F 367 44.44 -14.92 86.85
CA GLN F 367 44.95 -16.00 87.68
C GLN F 367 43.89 -17.08 87.82
N GLU F 368 42.62 -16.68 87.96
CA GLU F 368 41.56 -17.67 88.08
C GLU F 368 41.46 -18.52 86.81
N TYR F 369 41.54 -17.88 85.64
CA TYR F 369 41.53 -18.62 84.39
C TYR F 369 42.81 -19.41 84.20
N GLU F 370 43.91 -19.01 84.85
CA GLU F 370 45.14 -19.75 84.66
C GLU F 370 45.06 -21.11 85.34
N ALA F 371 44.26 -21.20 86.40
CA ALA F 371 44.07 -22.47 87.08
C ALA F 371 43.25 -23.41 86.19
N ALA F 372 43.80 -24.60 85.89
CA ALA F 372 43.10 -25.60 85.09
C ALA F 372 42.90 -26.92 85.88
N GLU F 398 37.88 -33.75 67.64
CA GLU F 398 38.42 -33.65 68.98
C GLU F 398 39.59 -32.69 69.05
N THR F 399 40.80 -33.25 69.17
CA THR F 399 42.01 -32.45 69.29
C THR F 399 42.59 -32.15 67.92
N ARG F 400 43.02 -30.91 67.73
CA ARG F 400 43.60 -30.49 66.45
C ARG F 400 45.10 -30.75 66.53
N SER F 401 45.55 -31.78 65.84
CA SER F 401 46.95 -32.15 65.85
C SER F 401 47.27 -32.87 64.55
N PRO F 402 48.50 -32.78 64.06
CA PRO F 402 48.87 -33.58 62.88
C PRO F 402 48.68 -35.06 63.10
N GLU F 403 49.01 -35.52 64.29
CA GLU F 403 48.95 -36.95 64.58
C GLU F 403 47.51 -37.47 64.46
N ALA F 404 46.54 -36.71 64.99
CA ALA F 404 45.15 -37.18 64.97
C ALA F 404 44.65 -37.32 63.54
N VAL F 405 44.97 -36.37 62.69
CA VAL F 405 44.57 -36.47 61.29
C VAL F 405 45.24 -37.67 60.65
N TYR F 406 46.55 -37.82 60.87
CA TYR F 406 47.27 -38.91 60.22
C TYR F 406 46.69 -40.26 60.62
N THR F 407 46.38 -40.42 61.90
CA THR F 407 45.73 -41.64 62.36
C THR F 407 44.35 -41.80 61.72
N ARG F 408 43.59 -40.71 61.59
CA ARG F 408 42.26 -40.79 60.99
C ARG F 408 42.35 -41.27 59.55
N ILE F 409 43.38 -40.82 58.82
CA ILE F 409 43.63 -41.29 57.45
C ILE F 409 43.99 -42.77 57.47
N MET F 410 44.86 -43.20 58.40
CA MET F 410 45.28 -44.59 58.41
C MET F 410 44.12 -45.51 58.67
N MET F 411 43.19 -45.08 59.54
CA MET F 411 42.02 -45.90 59.86
C MET F 411 41.17 -46.16 58.62
N ASN F 412 41.01 -45.16 57.74
CA ASN F 412 40.24 -45.36 56.52
C ASN F 412 41.12 -45.81 55.37
N GLY F 413 42.38 -46.17 55.66
CA GLY F 413 43.29 -46.73 54.67
C GLY F 413 43.69 -45.81 53.53
N GLY F 414 43.70 -44.50 53.76
CA GLY F 414 43.97 -43.51 52.74
C GLY F 414 42.86 -43.35 51.73
N ARG F 415 41.63 -43.68 52.11
CA ARG F 415 40.51 -43.62 51.20
C ARG F 415 39.59 -42.48 51.66
N LEU F 416 39.15 -41.65 50.71
CA LEU F 416 38.30 -40.52 51.03
C LEU F 416 37.03 -41.01 51.70
N LYS F 417 36.56 -40.30 52.72
CA LYS F 417 35.28 -40.69 53.29
C LYS F 417 34.17 -40.30 52.32
N ARG F 418 33.03 -40.95 52.43
CA ARG F 418 31.93 -40.56 51.56
C ARG F 418 31.54 -39.11 51.78
N SER F 419 31.56 -38.67 53.04
CA SER F 419 31.20 -37.30 53.35
C SER F 419 32.16 -36.30 52.69
N HIS F 420 33.45 -36.63 52.64
CA HIS F 420 34.40 -35.79 51.93
C HIS F 420 34.00 -35.64 50.48
N ILE F 421 33.61 -36.73 49.84
CA ILE F 421 33.24 -36.65 48.44
C ILE F 421 32.02 -35.78 48.26
N ARG F 422 31.02 -35.93 49.14
CA ARG F 422 29.82 -35.11 49.04
C ARG F 422 30.17 -33.62 49.12
N ARG F 423 31.03 -33.25 50.07
CA ARG F 423 31.40 -31.85 50.23
C ARG F 423 32.06 -31.33 48.96
N TYR F 424 33.04 -32.07 48.44
CA TYR F 424 33.68 -31.67 47.19
C TYR F 424 32.63 -31.49 46.12
N VAL F 425 31.70 -32.45 46.04
CA VAL F 425 30.71 -32.39 44.97
C VAL F 425 29.79 -31.20 45.17
N SER F 426 29.39 -30.95 46.43
CA SER F 426 28.49 -29.83 46.66
C SER F 426 29.11 -28.51 46.26
N VAL F 427 30.42 -28.35 46.52
CA VAL F 427 31.09 -27.11 46.17
C VAL F 427 31.21 -26.95 44.65
N SER F 428 31.60 -28.02 43.94
CA SER F 428 31.84 -27.91 42.52
C SER F 428 30.54 -27.64 41.73
N SER F 429 29.45 -28.32 42.11
CA SER F 429 28.21 -28.20 41.34
C SER F 429 27.61 -26.79 41.44
N ASN F 430 27.62 -26.19 42.64
CA ASN F 430 27.17 -24.81 42.85
C ASN F 430 28.29 -23.81 42.59
N HIS F 431 28.91 -23.94 41.42
CA HIS F 431 29.97 -23.02 40.99
C HIS F 431 30.11 -23.05 39.47
N GLN F 432 30.44 -21.88 38.90
CA GLN F 432 30.66 -21.76 37.46
C GLN F 432 32.08 -22.22 37.19
N ALA F 433 32.24 -23.52 36.97
CA ALA F 433 33.56 -24.10 36.86
C ALA F 433 34.29 -23.52 35.66
N ARG F 434 35.46 -23.00 35.89
CA ARG F 434 36.29 -22.50 34.82
C ARG F 434 37.01 -23.64 34.12
N PRO F 435 37.59 -23.40 32.92
CA PRO F 435 38.12 -24.49 32.09
C PRO F 435 38.97 -25.58 32.76
N ASN F 436 40.15 -25.26 33.27
CA ASN F 436 41.03 -26.26 33.86
C ASN F 436 41.15 -26.08 35.36
N SER F 437 40.09 -25.56 35.97
CA SER F 437 40.11 -25.19 37.36
C SER F 437 40.05 -26.42 38.26
N PHE F 438 40.34 -26.17 39.54
CA PHE F 438 40.13 -27.17 40.56
C PHE F 438 38.65 -27.52 40.64
N ALA F 439 37.77 -26.54 40.43
CA ALA F 439 36.35 -26.84 40.39
C ALA F 439 36.05 -27.82 39.29
N GLU F 440 36.63 -27.61 38.11
CA GLU F 440 36.37 -28.54 37.02
C GLU F 440 36.90 -29.92 37.34
N PHE F 441 38.11 -30.02 37.89
CA PHE F 441 38.65 -31.32 38.27
C PHE F 441 37.74 -32.01 39.26
N LEU F 442 37.26 -31.29 40.25
CA LEU F 442 36.40 -31.91 41.26
C LEU F 442 35.11 -32.41 40.63
N ASN F 443 34.53 -31.62 39.74
CA ASN F 443 33.26 -32.03 39.14
C ASN F 443 33.43 -33.26 38.27
N LYS F 444 34.48 -33.26 37.45
CA LYS F 444 34.77 -34.37 36.56
C LYS F 444 35.16 -35.61 37.35
N THR F 445 35.84 -35.44 38.48
CA THR F 445 36.33 -36.63 39.19
C THR F 445 35.25 -37.28 40.04
N TYR F 446 34.60 -36.52 40.92
CA TYR F 446 33.60 -37.05 41.86
C TYR F 446 32.25 -36.47 41.45
N SER F 447 31.42 -37.26 40.77
CA SER F 447 30.12 -36.71 40.37
C SER F 447 28.90 -37.59 40.66
N SER F 448 29.05 -38.85 41.04
CA SER F 448 27.84 -39.60 41.36
C SER F 448 27.65 -39.93 42.84
N ILE G 6 60.93 -21.19 64.25
CA ILE G 6 60.92 -21.77 62.92
C ILE G 6 61.70 -23.07 62.92
N VAL G 7 61.13 -24.11 63.54
CA VAL G 7 61.81 -25.38 63.68
C VAL G 7 61.16 -26.38 62.73
N PHE G 8 61.99 -27.10 61.97
CA PHE G 8 61.48 -28.08 61.02
C PHE G 8 62.52 -29.11 60.62
N LYS G 9 62.10 -30.38 60.52
CA LYS G 9 62.97 -31.51 60.19
C LYS G 9 62.39 -32.37 59.06
N VAL G 10 63.18 -32.53 57.98
CA VAL G 10 62.82 -33.33 56.82
C VAL G 10 63.83 -34.47 56.74
N ASN G 11 63.37 -35.64 56.28
CA ASN G 11 64.21 -36.83 56.22
C ASN G 11 64.48 -37.27 54.78
N ASN G 12 65.73 -37.12 54.32
CA ASN G 12 66.22 -37.69 53.05
C ASN G 12 66.98 -38.97 53.41
N GLN G 13 68.12 -39.26 52.77
CA GLN G 13 68.93 -40.41 53.21
C GLN G 13 69.46 -40.15 54.63
N VAL G 14 69.80 -38.89 54.91
CA VAL G 14 70.17 -38.39 56.23
C VAL G 14 69.17 -37.27 56.54
N VAL G 15 69.02 -36.95 57.83
CA VAL G 15 68.01 -35.97 58.24
C VAL G 15 68.53 -34.55 58.06
N SER G 16 67.67 -33.68 57.53
CA SER G 16 67.97 -32.28 57.23
C SER G 16 66.92 -31.37 57.89
N LEU G 17 67.38 -30.19 58.33
CA LEU G 17 66.58 -29.13 58.95
C LEU G 17 66.52 -27.86 58.11
N LYS G 18 65.30 -27.37 57.84
CA LYS G 18 65.14 -26.12 57.09
C LYS G 18 64.16 -25.23 57.86
N PRO G 19 64.46 -23.93 57.98
CA PRO G 19 63.49 -22.95 58.52
C PRO G 19 62.63 -22.26 57.46
N GLU G 20 61.40 -21.90 57.85
CA GLU G 20 60.43 -21.18 57.01
C GLU G 20 60.54 -19.65 57.16
N ILE G 21 60.22 -18.93 56.06
CA ILE G 21 60.26 -17.47 56.08
C ILE G 21 59.02 -16.82 55.43
N ILE G 22 58.37 -15.90 56.18
CA ILE G 22 57.18 -15.17 55.75
C ILE G 22 57.27 -13.71 56.21
N VAL G 23 56.66 -12.78 55.45
CA VAL G 23 56.80 -11.35 55.72
C VAL G 23 55.43 -10.66 55.89
N ASP G 24 55.28 -9.89 57.00
CA ASP G 24 54.10 -9.06 57.27
C ASP G 24 54.42 -7.92 58.24
N GLN G 25 54.02 -6.68 57.89
CA GLN G 25 54.30 -5.55 58.78
C GLN G 25 53.59 -4.30 58.28
N HIS G 26 53.03 -3.52 59.20
CA HIS G 26 52.37 -2.27 58.86
C HIS G 26 52.74 -1.20 59.88
N GLU G 27 52.36 0.04 59.58
CA GLU G 27 52.76 1.16 60.44
C GLU G 27 51.60 1.60 61.33
N TYR G 28 50.48 2.01 60.73
CA TYR G 28 49.28 2.41 61.47
C TYR G 28 49.55 3.60 62.39
N LYS G 29 49.94 4.71 61.76
CA LYS G 29 50.09 5.97 62.46
C LYS G 29 48.73 6.50 62.93
N TYR G 30 48.67 7.10 64.11
CA TYR G 30 47.42 7.59 64.70
C TYR G 30 47.20 9.08 64.47
N PRO G 31 45.91 9.56 64.57
CA PRO G 31 45.56 10.93 64.15
C PRO G 31 45.89 12.10 65.07
N ALA G 32 45.88 11.90 66.39
CA ALA G 32 46.09 13.00 67.33
C ALA G 32 47.34 13.79 66.97
N ILE G 33 47.22 15.11 67.04
CA ILE G 33 48.34 16.01 66.72
C ILE G 33 48.91 16.62 67.99
N LYS G 34 50.23 16.50 68.18
CA LYS G 34 50.88 17.16 69.32
C LYS G 34 51.20 18.64 69.08
N ASP G 35 51.50 19.06 67.84
CA ASP G 35 51.84 20.46 67.55
C ASP G 35 50.65 21.41 67.68
N LEU G 36 49.43 20.88 67.73
CA LEU G 36 48.17 21.65 67.85
C LEU G 36 48.04 22.68 66.72
N LYS G 37 48.46 22.29 65.51
CA LYS G 37 48.40 23.13 64.33
C LYS G 37 47.25 22.65 63.44
N LYS G 38 46.35 23.58 63.10
CA LYS G 38 45.17 23.22 62.34
C LYS G 38 45.62 22.61 61.02
N PRO G 39 44.84 21.68 60.46
CA PRO G 39 45.24 21.06 59.21
C PRO G 39 45.46 22.11 58.13
N CYS G 40 46.51 21.91 57.33
CA CYS G 40 46.96 22.89 56.37
C CYS G 40 46.87 22.30 54.96
N ILE G 41 46.32 23.08 54.01
CA ILE G 41 46.28 22.75 52.59
C ILE G 41 46.84 23.95 51.85
N THR G 42 47.64 23.70 50.80
CA THR G 42 48.26 24.73 49.97
C THR G 42 47.51 24.90 48.66
N LEU G 43 47.14 26.14 48.33
CA LEU G 43 46.34 26.42 47.15
C LEU G 43 46.92 27.64 46.44
N GLY G 44 46.31 27.99 45.32
CA GLY G 44 46.80 29.07 44.50
C GLY G 44 46.32 30.43 44.96
N LYS G 45 46.54 31.41 44.09
CA LYS G 45 46.19 32.79 44.36
C LYS G 45 44.68 32.94 44.52
N ALA G 46 44.29 33.89 45.38
CA ALA G 46 42.90 34.09 45.70
C ALA G 46 42.10 34.27 44.42
N PRO G 47 40.92 33.66 44.33
CA PRO G 47 40.16 33.76 43.07
C PRO G 47 39.43 35.09 42.92
N ASP G 48 39.21 35.42 41.66
CA ASP G 48 38.51 36.64 41.29
C ASP G 48 37.00 36.60 41.59
N LEU G 49 36.62 36.18 42.79
CA LEU G 49 35.21 36.21 43.18
C LEU G 49 34.25 35.60 42.14
N ASN G 50 33.42 36.45 41.52
CA ASN G 50 32.46 36.05 40.48
C ASN G 50 33.13 35.36 39.29
N LYS G 51 34.36 35.78 38.94
CA LYS G 51 35.00 35.18 37.78
C LYS G 51 35.30 33.70 38.02
N ALA G 52 35.75 33.34 39.22
CA ALA G 52 35.97 31.93 39.49
C ALA G 52 34.65 31.17 39.43
N TYR G 53 33.55 31.80 39.87
CA TYR G 53 32.24 31.14 39.84
C TYR G 53 31.80 30.83 38.40
N LYS G 54 31.93 31.81 37.49
CA LYS G 54 31.49 31.61 36.10
C LYS G 54 32.32 30.53 35.40
N SER G 55 33.63 30.51 35.65
CA SER G 55 34.51 29.54 34.99
C SER G 55 34.14 28.11 35.40
N VAL G 56 33.95 27.88 36.69
CA VAL G 56 33.69 26.52 37.14
C VAL G 56 32.30 26.06 36.72
N LEU G 57 31.30 26.96 36.77
CA LEU G 57 29.93 26.63 36.33
C LEU G 57 29.86 26.29 34.85
N SER G 58 30.56 27.05 34.02
CA SER G 58 30.66 26.73 32.61
C SER G 58 31.36 25.40 32.44
N GLY G 59 32.41 25.17 33.21
CA GLY G 59 33.12 23.91 33.15
C GLY G 59 32.21 22.75 33.50
N MET G 60 31.31 22.97 34.47
CA MET G 60 30.32 21.95 34.86
C MET G 60 29.41 21.56 33.72
N SER G 61 28.80 22.56 33.06
CA SER G 61 27.91 22.26 31.95
C SER G 61 28.68 21.64 30.80
N ALA G 62 29.97 21.98 30.68
CA ALA G 62 30.84 21.43 29.66
C ALA G 62 31.55 20.14 30.08
N ALA G 63 31.38 19.71 31.35
CA ALA G 63 32.00 18.53 31.92
C ALA G 63 33.52 18.58 31.89
N LYS G 64 34.12 19.77 31.85
CA LYS G 64 35.56 19.94 31.94
C LYS G 64 35.88 20.85 33.12
N LEU G 65 36.62 20.33 34.10
CA LEU G 65 36.91 21.07 35.30
C LEU G 65 38.39 20.94 35.64
N ASP G 66 38.96 22.02 36.15
CA ASP G 66 40.35 21.98 36.59
C ASP G 66 40.38 21.81 38.08
N PRO G 67 41.04 20.77 38.58
CA PRO G 67 41.05 20.52 40.02
C PRO G 67 41.59 21.68 40.85
N ASP G 68 42.71 22.29 40.47
CA ASP G 68 43.28 23.35 41.31
C ASP G 68 42.35 24.54 41.39
N ASP G 69 41.74 24.92 40.26
CA ASP G 69 40.82 26.04 40.28
C ASP G 69 39.60 25.74 41.14
N VAL G 70 39.04 24.52 41.04
CA VAL G 70 37.83 24.21 41.81
C VAL G 70 38.13 24.32 43.30
N CYS G 71 39.31 23.88 43.72
CA CYS G 71 39.72 23.93 45.12
C CYS G 71 39.85 25.36 45.62
N SER G 72 40.43 26.25 44.81
CA SER G 72 40.55 27.65 45.20
C SER G 72 39.17 28.30 45.33
N TYR G 73 38.24 27.95 44.43
CA TYR G 73 36.88 28.49 44.48
C TYR G 73 36.16 28.03 45.73
N LEU G 74 36.31 26.74 46.08
CA LEU G 74 35.68 26.22 47.29
C LEU G 74 36.26 26.85 48.54
N ALA G 75 37.58 27.11 48.55
CA ALA G 75 38.18 27.79 49.69
C ALA G 75 37.68 29.22 49.83
N ALA G 76 37.55 29.94 48.70
CA ALA G 76 36.99 31.28 48.77
C ALA G 76 35.51 31.25 49.17
N ALA G 77 34.73 30.26 48.69
CA ALA G 77 33.31 30.25 49.02
C ALA G 77 33.05 29.97 50.50
N MET G 78 34.05 29.49 51.26
CA MET G 78 33.88 29.22 52.69
C MET G 78 33.54 30.48 53.46
N GLN G 79 34.02 31.64 53.02
CA GLN G 79 33.69 32.88 53.70
C GLN G 79 32.20 33.19 53.59
N PHE G 80 31.55 32.77 52.50
CA PHE G 80 30.10 33.01 52.32
C PHE G 80 29.27 32.34 53.42
N PHE G 81 29.66 31.13 53.83
CA PHE G 81 28.91 30.34 54.81
C PHE G 81 29.39 30.65 56.22
N GLU G 82 28.49 31.20 57.04
CA GLU G 82 28.79 31.58 58.42
C GLU G 82 27.61 31.24 59.32
N GLY G 83 27.91 30.85 60.54
CA GLY G 83 26.87 30.57 61.51
C GLY G 83 27.43 30.80 62.90
N THR G 84 26.54 31.09 63.84
CA THR G 84 26.93 31.23 65.24
C THR G 84 27.16 29.85 65.87
N CYS G 85 28.19 29.73 66.74
CA CYS G 85 28.53 28.44 67.35
C CYS G 85 27.69 28.19 68.61
N PRO G 86 26.91 27.10 68.69
CA PRO G 86 26.03 26.92 69.86
C PRO G 86 26.78 26.73 71.15
N GLU G 87 27.91 26.01 71.10
CA GLU G 87 28.64 25.66 72.31
C GLU G 87 30.12 25.96 72.10
N ASP G 88 30.83 26.15 73.20
CA ASP G 88 32.28 26.35 73.10
C ASP G 88 32.91 25.09 72.49
N TRP G 89 33.82 25.29 71.54
CA TRP G 89 34.39 24.21 70.73
C TRP G 89 35.90 24.04 70.89
N THR G 90 36.34 22.87 71.36
CA THR G 90 37.76 22.57 71.42
C THR G 90 38.03 21.11 71.04
N SER G 91 38.91 20.91 70.05
CA SER G 91 39.34 19.57 69.63
C SER G 91 40.87 19.52 69.62
N TYR G 92 41.45 18.50 70.26
CA TYR G 92 42.91 18.35 70.41
C TYR G 92 43.39 19.65 71.04
N GLY G 93 44.42 20.30 70.52
CA GLY G 93 44.72 21.66 70.97
C GLY G 93 43.48 22.53 70.85
N ILE G 94 43.23 23.35 71.85
CA ILE G 94 41.97 24.11 71.96
C ILE G 94 41.55 24.74 70.63
N VAL G 95 40.26 24.50 70.15
CA VAL G 95 39.77 25.19 68.94
C VAL G 95 39.39 26.58 69.38
N ILE G 96 39.55 27.52 68.46
CA ILE G 96 39.31 28.92 68.79
C ILE G 96 37.82 29.14 69.03
N ALA G 97 36.96 28.38 68.31
CA ALA G 97 35.52 28.60 68.37
C ALA G 97 35.02 28.54 69.82
N ARG G 98 34.22 29.53 70.21
CA ARG G 98 33.65 29.63 71.56
C ARG G 98 32.15 29.76 71.43
N LYS G 99 31.45 29.50 72.54
CA LYS G 99 30.00 29.59 72.48
C LYS G 99 29.59 30.98 72.02
N GLY G 100 28.64 31.04 71.07
CA GLY G 100 28.06 32.28 70.58
C GLY G 100 28.88 33.03 69.58
N ASP G 101 29.98 32.45 69.08
CA ASP G 101 30.88 33.11 68.15
C ASP G 101 30.55 32.68 66.75
N LYS G 102 30.34 33.67 65.85
CA LYS G 102 30.09 33.34 64.45
C LYS G 102 31.43 32.92 63.87
N ILE G 103 31.40 31.88 63.02
CA ILE G 103 32.64 31.33 62.48
C ILE G 103 32.40 30.95 61.02
N THR G 104 33.49 30.74 60.29
CA THR G 104 33.41 30.22 58.92
C THR G 104 34.11 28.88 58.88
N PRO G 105 33.93 28.14 57.80
CA PRO G 105 34.77 26.96 57.59
C PRO G 105 36.24 27.28 57.54
N GLY G 106 36.63 28.45 57.00
CA GLY G 106 38.02 28.83 56.95
C GLY G 106 38.64 28.87 58.32
N SER G 107 37.81 29.09 59.35
CA SER G 107 38.32 29.19 60.71
C SER G 107 38.76 27.85 61.28
N LEU G 108 38.19 26.73 60.75
CA LEU G 108 38.45 25.35 61.20
C LEU G 108 39.77 24.79 60.68
N VAL G 109 40.14 25.08 59.44
CA VAL G 109 41.40 24.56 58.93
C VAL G 109 42.20 25.77 58.46
N GLU G 110 43.52 25.58 58.35
CA GLU G 110 44.39 26.63 57.83
C GLU G 110 44.57 26.43 56.31
N ILE G 111 44.26 27.48 55.52
CA ILE G 111 44.40 27.47 54.04
C ILE G 111 45.60 28.34 53.63
N LYS G 112 46.56 27.76 52.89
CA LYS G 112 47.78 28.45 52.45
C LYS G 112 47.77 28.79 50.96
N ARG G 113 47.93 30.08 50.62
CA ARG G 113 47.87 30.59 49.25
C ARG G 113 49.24 31.04 48.73
N THR G 114 49.51 30.71 47.46
CA THR G 114 50.73 31.08 46.71
C THR G 114 50.47 32.15 45.65
N ASP G 115 51.57 32.73 45.14
CA ASP G 115 51.48 33.77 44.10
C ASP G 115 50.92 33.29 42.76
N VAL G 116 50.96 31.98 42.46
CA VAL G 116 50.54 31.54 41.12
C VAL G 116 49.03 31.60 41.01
N GLU G 117 48.55 32.22 39.94
CA GLU G 117 47.13 32.43 39.69
C GLU G 117 46.55 31.30 38.84
N GLY G 118 45.25 31.07 39.01
CA GLY G 118 44.56 30.01 38.31
C GLY G 118 44.05 30.44 36.96
N ASN G 119 43.79 29.43 36.13
CA ASN G 119 43.42 29.69 34.74
C ASN G 119 42.03 30.32 34.61
N TRP G 120 41.14 30.00 35.54
CA TRP G 120 39.74 30.47 35.55
C TRP G 120 39.27 30.74 34.13
N ALA G 121 39.15 29.67 33.36
CA ALA G 121 38.76 29.84 31.98
C ALA G 121 37.28 29.53 31.86
N LEU G 122 36.62 30.18 30.90
CA LEU G 122 35.19 30.00 30.70
C LEU G 122 34.99 29.02 29.55
N THR G 123 35.25 27.73 29.84
CA THR G 123 35.21 26.70 28.80
C THR G 123 33.83 26.56 28.19
N GLY G 124 32.77 26.56 29.01
CA GLY G 124 31.44 26.37 28.49
C GLY G 124 30.87 27.65 27.91
N GLY G 125 30.02 27.51 26.90
CA GLY G 125 29.40 28.67 26.26
C GLY G 125 28.34 29.35 27.12
N MET G 126 27.97 28.70 28.25
CA MET G 126 27.01 29.22 29.23
C MET G 126 27.42 30.59 29.79
N GLU G 127 26.46 31.52 29.79
CA GLU G 127 26.77 32.89 30.16
C GLU G 127 25.82 33.42 31.24
N LEU G 128 26.38 34.27 32.11
CA LEU G 128 25.65 34.90 33.20
C LEU G 128 25.88 36.40 33.07
N THR G 129 24.78 37.14 32.82
CA THR G 129 24.84 38.58 32.60
C THR G 129 25.33 39.36 33.83
N ARG G 130 24.92 38.95 35.01
CA ARG G 130 25.23 39.66 36.25
C ARG G 130 26.08 38.81 37.20
N ASP G 131 26.61 39.46 38.24
CA ASP G 131 27.37 38.77 39.29
C ASP G 131 26.45 37.82 40.08
N PRO G 132 26.90 36.61 40.42
CA PRO G 132 26.00 35.62 41.03
C PRO G 132 25.62 35.97 42.47
N THR G 133 24.44 35.51 42.88
CA THR G 133 24.00 35.66 44.26
C THR G 133 24.53 34.52 45.15
N VAL G 134 24.49 34.70 46.47
CA VAL G 134 25.01 33.67 47.38
C VAL G 134 24.37 32.30 47.15
N PRO G 135 23.02 32.14 47.07
CA PRO G 135 22.41 30.80 46.75
C PRO G 135 23.01 30.09 45.56
N GLU G 136 23.23 30.82 44.47
CA GLU G 136 23.91 30.30 43.31
C GLU G 136 25.28 29.75 43.70
N HIS G 137 26.07 30.55 44.46
CA HIS G 137 27.37 30.08 44.96
C HIS G 137 27.18 28.79 45.78
N ALA G 138 26.17 28.77 46.65
CA ALA G 138 25.90 27.60 47.49
C ALA G 138 25.51 26.40 46.63
N SER G 139 24.69 26.65 45.61
CA SER G 139 24.29 25.56 44.72
C SER G 139 25.50 24.95 44.01
N LEU G 140 26.41 25.80 43.54
CA LEU G 140 27.62 25.31 42.88
C LEU G 140 28.54 24.59 43.86
N VAL G 141 28.73 25.15 45.06
CA VAL G 141 29.60 24.52 46.05
C VAL G 141 29.08 23.12 46.37
N GLY G 142 27.78 22.98 46.56
CA GLY G 142 27.20 21.68 46.86
C GLY G 142 27.34 20.68 45.73
N LEU G 143 27.10 21.13 44.50
CA LEU G 143 27.23 20.25 43.32
C LEU G 143 28.67 19.82 43.11
N LEU G 144 29.62 20.73 43.35
CA LEU G 144 31.02 20.36 43.23
C LEU G 144 31.40 19.34 44.31
N LEU G 145 30.95 19.58 45.55
CA LEU G 145 31.29 18.67 46.62
C LEU G 145 30.69 17.29 46.39
N SER G 146 29.47 17.24 45.85
CA SER G 146 28.80 15.95 45.62
C SER G 146 29.57 15.04 44.64
N LEU G 147 30.41 15.60 43.78
CA LEU G 147 31.26 14.76 42.93
C LEU G 147 32.15 13.88 43.77
N TYR G 148 32.56 14.38 44.92
CA TYR G 148 33.41 13.57 45.78
C TYR G 148 32.67 12.31 46.17
N ARG G 149 31.42 12.46 46.61
CA ARG G 149 30.66 11.29 47.01
C ARG G 149 30.48 10.32 45.85
N LEU G 150 30.16 10.85 44.66
CA LEU G 150 29.99 9.98 43.51
C LEU G 150 31.31 9.31 43.15
N SER G 151 32.42 10.01 43.34
CA SER G 151 33.71 9.41 43.02
C SER G 151 34.00 8.20 43.91
N LYS G 152 33.60 8.29 45.20
CA LYS G 152 33.80 7.20 46.17
C LYS G 152 32.96 5.97 45.85
N ILE G 153 31.71 6.16 45.40
CA ILE G 153 30.81 5.03 45.18
C ILE G 153 31.03 4.34 43.83
N SER G 154 32.24 3.81 43.61
CA SER G 154 32.57 3.09 42.38
C SER G 154 32.67 1.60 42.67
N GLY G 155 32.14 0.79 41.76
CA GLY G 155 32.12 -0.65 41.97
C GLY G 155 31.23 -1.34 40.97
N GLN G 156 31.12 -2.66 41.14
CA GLN G 156 30.33 -3.48 40.23
C GLN G 156 28.85 -3.22 40.48
N ASN G 157 28.09 -3.06 39.41
CA ASN G 157 26.63 -2.99 39.53
C ASN G 157 26.19 -1.86 40.47
N THR G 158 26.66 -0.71 40.15
CA THR G 158 26.17 0.37 40.97
C THR G 158 25.67 1.52 40.12
N GLY G 159 25.32 1.20 38.87
CA GLY G 159 24.92 2.20 37.91
C GLY G 159 23.60 2.86 38.24
N ASN G 160 22.52 2.08 38.30
CA ASN G 160 21.21 2.65 38.62
C ASN G 160 21.24 3.37 39.97
N TYR G 161 22.02 2.85 40.90
CA TYR G 161 22.09 3.47 42.21
C TYR G 161 22.83 4.81 42.17
N LYS G 162 23.93 4.92 41.40
CA LYS G 162 24.62 6.21 41.28
C LYS G 162 23.69 7.28 40.71
N THR G 163 22.91 6.91 39.70
CA THR G 163 21.98 7.86 39.09
C THR G 163 20.91 8.29 40.09
N ASN G 164 20.45 7.37 40.93
CA ASN G 164 19.41 7.71 41.89
C ASN G 164 19.91 8.71 42.93
N ILE G 165 21.14 8.51 43.44
CA ILE G 165 21.71 9.46 44.40
C ILE G 165 22.01 10.79 43.73
N ALA G 166 22.45 10.74 42.47
CA ALA G 166 22.72 11.94 41.71
C ALA G 166 21.44 12.75 41.50
N ASP G 167 20.33 12.05 41.19
CA ASP G 167 19.03 12.73 41.05
C ASP G 167 18.59 13.37 42.36
N ARG G 168 18.82 12.67 43.47
CA ARG G 168 18.51 13.24 44.77
C ARG G 168 19.39 14.45 45.02
N ILE G 169 20.67 14.37 44.62
CA ILE G 169 21.59 15.48 44.79
C ILE G 169 21.11 16.68 43.98
N GLU G 170 20.76 16.42 42.71
CA GLU G 170 20.35 17.48 41.80
C GLU G 170 19.07 18.17 42.28
N GLN G 171 18.07 17.39 42.70
CA GLN G 171 16.81 18.01 43.16
C GLN G 171 17.02 18.85 44.41
N ILE G 172 17.94 18.46 45.29
CA ILE G 172 18.24 19.26 46.49
C ILE G 172 18.78 20.61 46.09
N PHE G 173 19.76 20.63 45.18
CA PHE G 173 20.43 21.85 44.75
C PHE G 173 19.69 22.63 43.65
N GLU G 174 18.64 22.07 43.08
CA GLU G 174 17.79 22.79 42.12
C GLU G 174 16.57 23.44 42.77
N THR G 175 16.28 23.14 44.04
CA THR G 175 15.15 23.68 44.79
C THR G 175 15.66 24.52 45.95
N ALA G 176 14.81 25.38 46.49
CA ALA G 176 15.23 26.33 47.53
C ALA G 176 15.74 25.59 48.76
N PRO G 177 16.76 26.13 49.44
CA PRO G 177 17.25 27.52 49.32
C PRO G 177 18.21 27.66 48.15
N PHE G 178 18.45 26.56 47.42
CA PHE G 178 19.35 26.52 46.28
C PHE G 178 18.58 26.79 44.98
N VAL G 179 19.29 27.27 43.98
CA VAL G 179 18.67 27.58 42.70
C VAL G 179 19.26 26.71 41.60
N LYS G 180 18.41 26.30 40.65
CA LYS G 180 18.89 25.44 39.57
C LYS G 180 19.80 26.22 38.65
N ILE G 181 21.08 25.83 38.62
CA ILE G 181 22.03 26.50 37.75
C ILE G 181 22.62 25.56 36.70
N VAL G 182 22.45 24.24 36.85
CA VAL G 182 23.05 23.27 35.93
C VAL G 182 21.99 22.41 35.26
N GLU G 183 20.73 22.81 35.32
CA GLU G 183 19.68 22.00 34.74
C GLU G 183 19.85 20.55 35.22
N HIS G 184 19.54 19.55 34.38
CA HIS G 184 19.56 18.16 34.81
C HIS G 184 20.65 17.37 34.07
N HIS G 185 21.08 16.28 34.70
CA HIS G 185 22.04 15.29 34.18
C HIS G 185 23.46 15.81 33.97
N THR G 186 23.72 17.10 34.25
CA THR G 186 25.07 17.63 34.21
C THR G 186 25.94 16.99 35.29
N LEU G 187 25.36 16.73 36.46
CA LEU G 187 26.11 16.16 37.57
C LEU G 187 26.65 14.77 37.22
N MET G 188 25.84 13.95 36.53
CA MET G 188 26.29 12.62 36.16
C MET G 188 27.44 12.66 35.14
N THR G 189 27.33 13.54 34.14
CA THR G 189 28.32 13.66 33.07
C THR G 189 29.68 14.21 33.56
N THR G 190 29.64 15.18 34.48
CA THR G 190 30.88 15.64 35.11
C THR G 190 31.48 14.53 35.96
N HIS G 191 30.64 13.74 36.64
CA HIS G 191 31.14 12.60 37.42
C HIS G 191 31.83 11.59 36.52
N LYS G 192 31.35 11.42 35.27
CA LYS G 192 32.00 10.49 34.33
C LYS G 192 33.44 10.90 34.06
N MET G 193 33.69 12.20 33.89
CA MET G 193 35.03 12.76 33.74
C MET G 193 35.73 13.02 35.07
N CYS G 194 34.98 13.08 36.17
CA CYS G 194 35.49 13.37 37.51
C CYS G 194 35.28 12.18 38.47
N ALA G 195 35.53 10.96 37.98
CA ALA G 195 35.29 9.75 38.78
C ALA G 195 36.38 9.53 39.82
N ASN G 196 37.61 9.93 39.54
CA ASN G 196 38.68 9.73 40.50
C ASN G 196 39.00 11.01 41.23
N TRP G 197 38.05 11.94 41.30
CA TRP G 197 38.32 13.18 42.00
C TRP G 197 38.50 12.93 43.49
N SER G 198 37.95 11.83 44.01
CA SER G 198 38.15 11.52 45.41
C SER G 198 39.62 11.35 45.76
N THR G 199 40.44 10.84 44.83
CA THR G 199 41.85 10.65 45.16
C THR G 199 42.56 11.98 45.39
N ILE G 200 42.08 13.06 44.77
CA ILE G 200 42.75 14.36 44.89
C ILE G 200 42.78 14.83 46.34
N PRO G 201 43.96 15.09 46.90
CA PRO G 201 44.03 15.38 48.34
C PRO G 201 43.35 16.68 48.73
N ASN G 202 43.55 17.75 47.98
CA ASN G 202 42.93 19.02 48.37
C ASN G 202 41.43 18.95 48.31
N PHE G 203 40.90 18.27 47.29
CA PHE G 203 39.45 18.13 47.17
C PHE G 203 38.85 17.41 48.37
N ARG G 204 39.49 16.31 48.81
CA ARG G 204 39.05 15.59 50.02
C ARG G 204 39.18 16.46 51.27
N PHE G 205 40.27 17.22 51.38
CA PHE G 205 40.49 18.09 52.54
C PHE G 205 39.36 19.11 52.69
N LEU G 206 38.97 19.74 51.58
CA LEU G 206 37.92 20.77 51.62
C LEU G 206 36.57 20.16 51.93
N ALA G 207 36.27 18.99 51.35
CA ALA G 207 34.99 18.37 51.63
C ALA G 207 34.85 18.06 53.11
N GLY G 208 35.94 17.56 53.72
CA GLY G 208 35.93 17.26 55.15
C GLY G 208 35.75 18.50 55.99
N THR G 209 36.40 19.60 55.59
CA THR G 209 36.24 20.84 56.31
C THR G 209 34.79 21.32 56.26
N TYR G 210 34.18 21.24 55.07
CA TYR G 210 32.80 21.68 54.94
C TYR G 210 31.87 20.87 55.83
N ASP G 211 32.09 19.54 55.87
CA ASP G 211 31.26 18.64 56.66
C ASP G 211 31.42 18.91 58.14
N MET G 212 32.65 19.20 58.58
CA MET G 212 32.85 19.54 59.98
C MET G 212 32.09 20.80 60.36
N PHE G 213 32.16 21.82 59.51
CA PHE G 213 31.49 23.09 59.79
C PHE G 213 29.97 22.93 59.85
N PHE G 214 29.40 22.21 58.86
CA PHE G 214 27.94 22.03 58.78
C PHE G 214 27.38 21.13 59.89
N SER G 215 28.17 20.17 60.37
CA SER G 215 27.72 19.30 61.44
C SER G 215 27.53 20.07 62.76
N ARG G 216 28.50 20.94 63.09
CA ARG G 216 28.42 21.72 64.34
C ARG G 216 27.42 22.87 64.23
N ILE G 217 27.41 23.64 63.13
CA ILE G 217 26.58 24.83 62.98
C ILE G 217 25.45 24.52 62.01
N GLU G 218 24.20 24.70 62.45
CA GLU G 218 23.07 24.59 61.54
C GLU G 218 23.04 25.76 60.56
N HIS G 219 22.75 25.49 59.28
CA HIS G 219 22.78 26.53 58.26
C HIS G 219 21.63 26.31 57.29
N LEU G 220 21.28 27.38 56.56
CA LEU G 220 20.25 27.24 55.54
C LEU G 220 20.71 26.26 54.48
N TYR G 221 21.99 26.33 54.13
CA TYR G 221 22.57 25.48 53.10
C TYR G 221 23.20 24.24 53.72
N SER G 222 22.64 23.78 54.84
CA SER G 222 23.14 22.57 55.47
C SER G 222 22.97 21.38 54.56
N ALA G 223 22.13 21.49 53.53
CA ALA G 223 21.91 20.39 52.59
C ALA G 223 23.17 20.04 51.78
N ILE G 224 24.17 20.94 51.76
CA ILE G 224 25.45 20.70 51.10
C ILE G 224 26.14 19.49 51.72
N ARG G 225 25.80 19.16 52.96
CA ARG G 225 26.40 18.03 53.65
C ARG G 225 26.17 16.74 52.91
N VAL G 226 25.16 16.69 52.02
CA VAL G 226 24.81 15.43 51.36
C VAL G 226 25.96 14.91 50.51
N GLY G 227 26.74 15.82 49.92
CA GLY G 227 27.96 15.40 49.26
C GLY G 227 29.06 14.98 50.24
N THR G 228 29.21 15.71 51.37
CA THR G 228 30.32 15.57 52.31
C THR G 228 30.04 14.61 53.47
N VAL G 229 28.87 13.98 53.53
CA VAL G 229 28.54 13.06 54.61
C VAL G 229 29.50 11.87 54.61
N VAL G 230 29.97 11.45 53.44
CA VAL G 230 30.86 10.30 53.36
C VAL G 230 32.18 10.57 54.06
N THR G 231 32.57 11.86 54.18
CA THR G 231 33.85 12.18 54.81
C THR G 231 33.86 11.83 56.28
N ALA G 232 32.70 11.94 56.95
CA ALA G 232 32.62 11.66 58.38
C ALA G 232 32.84 10.17 58.66
N TYR G 233 33.70 9.90 59.64
CA TYR G 233 34.12 8.55 60.02
C TYR G 233 34.65 7.79 58.80
N GLU G 234 35.36 8.50 57.94
CA GLU G 234 35.94 7.88 56.76
C GLU G 234 37.06 6.94 57.16
N ASP G 235 37.04 5.75 56.57
CA ASP G 235 38.05 4.70 56.79
C ASP G 235 38.09 4.25 58.25
N CYS G 236 36.96 4.32 58.94
CA CYS G 236 36.88 3.92 60.33
C CYS G 236 35.76 2.93 60.51
N SER G 237 35.45 2.20 59.44
CA SER G 237 34.32 1.28 59.45
C SER G 237 34.48 0.28 60.54
N GLY G 238 35.72 -0.13 60.82
CA GLY G 238 35.90 -1.10 61.88
C GLY G 238 35.35 -0.55 63.18
N LEU G 239 35.83 0.62 63.58
CA LEU G 239 35.35 1.25 64.80
C LEU G 239 33.85 1.51 64.75
N VAL G 240 33.33 1.95 63.60
CA VAL G 240 31.90 2.19 63.46
C VAL G 240 31.12 0.89 63.61
N SER G 241 31.63 -0.19 63.02
CA SER G 241 30.95 -1.46 63.16
C SER G 241 30.94 -1.92 64.61
N PHE G 242 32.05 -1.71 65.32
CA PHE G 242 32.09 -2.13 66.73
C PHE G 242 31.07 -1.41 67.58
N THR G 243 31.00 -0.08 67.46
CA THR G 243 30.06 0.71 68.26
C THR G 243 28.61 0.35 67.98
N GLY G 244 28.26 0.10 66.72
CA GLY G 244 26.93 -0.39 66.44
C GLY G 244 26.69 -1.76 67.02
N PHE G 245 27.70 -2.63 66.93
CA PHE G 245 27.56 -3.99 67.44
C PHE G 245 27.25 -3.98 68.92
N ILE G 246 27.94 -3.14 69.67
CA ILE G 246 27.69 -2.97 71.10
C ILE G 246 26.24 -2.55 71.34
N LYS G 247 25.75 -1.58 70.55
CA LYS G 247 24.40 -1.07 70.75
C LYS G 247 23.34 -2.08 70.31
N GLN G 248 23.54 -2.74 69.17
CA GLN G 248 22.53 -3.66 68.68
C GLN G 248 22.38 -4.85 69.59
N ILE G 249 23.51 -5.35 70.11
CA ILE G 249 23.60 -6.52 70.98
C ILE G 249 23.23 -6.21 72.42
N ASN G 250 23.18 -4.93 72.77
CA ASN G 250 22.84 -4.47 74.11
C ASN G 250 23.92 -4.88 75.12
N LEU G 251 25.18 -4.63 74.77
CA LEU G 251 26.32 -4.90 75.65
C LEU G 251 27.05 -3.60 75.97
N THR G 252 27.80 -3.62 77.07
CA THR G 252 28.56 -2.46 77.53
C THR G 252 29.90 -2.30 76.87
N ALA G 253 30.10 -2.85 75.68
CA ALA G 253 31.38 -2.72 75.00
C ALA G 253 32.50 -3.49 75.69
N ARG G 254 32.68 -3.24 76.98
CA ARG G 254 33.68 -4.01 77.71
C ARG G 254 33.23 -5.46 77.71
N GLU G 255 31.98 -5.68 78.11
CA GLU G 255 31.44 -7.03 78.10
C GLU G 255 31.56 -7.66 76.72
N ALA G 256 31.34 -6.87 75.67
CA ALA G 256 31.39 -7.41 74.31
C ALA G 256 32.77 -7.95 73.98
N ILE G 257 33.82 -7.26 74.41
CA ILE G 257 35.17 -7.74 74.13
C ILE G 257 35.44 -9.07 74.83
N LEU G 258 34.78 -9.32 75.97
CA LEU G 258 34.96 -10.59 76.68
C LEU G 258 34.57 -11.77 75.83
N TYR G 259 33.59 -11.59 74.95
CA TYR G 259 33.14 -12.67 74.09
C TYR G 259 34.10 -12.95 72.95
N PHE G 260 35.11 -12.11 72.70
CA PHE G 260 36.04 -12.31 71.57
C PHE G 260 37.08 -13.35 71.95
N PHE G 261 36.78 -14.64 71.78
CA PHE G 261 37.65 -15.69 72.33
C PHE G 261 38.70 -16.13 71.31
N HIS G 262 39.59 -15.21 70.97
CA HIS G 262 40.66 -15.68 70.11
C HIS G 262 41.89 -14.83 70.23
N LYS G 263 43.04 -15.46 70.05
CA LYS G 263 44.28 -14.73 70.19
C LYS G 263 44.37 -13.59 69.17
N ASN G 264 43.83 -13.79 67.96
CA ASN G 264 44.00 -12.78 66.92
C ASN G 264 43.37 -11.45 67.28
N PHE G 265 42.28 -11.45 68.04
CA PHE G 265 41.60 -10.21 68.40
C PHE G 265 42.49 -9.28 69.21
N GLU G 266 43.51 -9.82 69.90
CA GLU G 266 44.31 -8.99 70.82
C GLU G 266 44.94 -7.81 70.09
N GLU G 267 45.64 -8.08 69.00
CA GLU G 267 46.32 -6.98 68.31
C GLU G 267 45.33 -5.94 67.85
N GLU G 268 44.18 -6.39 67.33
CA GLU G 268 43.18 -5.46 66.83
C GLU G 268 42.57 -4.64 67.95
N ILE G 269 42.27 -5.27 69.09
CA ILE G 269 41.70 -4.55 70.23
C ILE G 269 42.64 -3.44 70.70
N ARG G 270 43.94 -3.72 70.78
CA ARG G 270 44.89 -2.65 71.10
C ARG G 270 44.92 -1.60 70.02
N ARG G 271 44.84 -2.03 68.77
CA ARG G 271 44.96 -1.09 67.67
C ARG G 271 43.82 -0.08 67.70
N MET G 272 42.59 -0.54 67.86
CA MET G 272 41.52 0.43 67.77
C MET G 272 41.28 1.21 69.05
N PHE G 273 41.84 0.78 70.18
CA PHE G 273 41.53 1.47 71.42
C PHE G 273 42.71 2.24 71.98
N GLU G 274 43.62 2.63 71.12
CA GLU G 274 44.78 3.39 71.57
C GLU G 274 44.32 4.71 72.20
N PRO G 275 44.84 5.07 73.36
CA PRO G 275 44.44 6.31 74.02
C PRO G 275 45.07 7.51 73.35
N GLY G 276 44.54 8.68 73.70
CA GLY G 276 45.03 9.95 73.20
C GLY G 276 44.38 10.44 71.96
N GLN G 277 43.64 9.59 71.27
CA GLN G 277 42.84 9.94 70.11
C GLN G 277 41.44 10.27 70.55
N GLU G 278 40.88 11.35 70.02
CA GLU G 278 39.59 11.83 70.51
C GLU G 278 38.42 10.98 70.03
N THR G 279 38.54 9.67 70.21
CA THR G 279 37.44 8.77 69.95
C THR G 279 36.29 8.98 70.91
N ALA G 280 36.51 9.87 71.87
CA ALA G 280 35.56 10.11 72.93
C ALA G 280 34.94 11.51 72.88
N VAL G 281 35.19 12.31 71.84
CA VAL G 281 34.77 13.71 71.78
C VAL G 281 33.71 13.83 70.70
N PRO G 282 32.60 14.57 70.91
CA PRO G 282 31.51 14.55 69.94
C PRO G 282 31.87 15.21 68.62
N HIS G 283 32.45 16.41 68.64
CA HIS G 283 32.69 17.03 67.34
C HIS G 283 34.16 17.32 67.14
N SER G 284 34.99 16.29 67.17
CA SER G 284 36.41 16.54 67.13
C SER G 284 36.93 16.34 65.73
N TYR G 285 38.19 16.69 65.57
CA TYR G 285 38.82 16.42 64.31
C TYR G 285 38.82 14.94 63.97
N PHE G 286 38.66 14.06 64.95
CA PHE G 286 38.76 12.64 64.66
C PHE G 286 37.73 12.20 63.62
N ILE G 287 36.51 12.73 63.69
CA ILE G 287 35.43 12.24 62.82
C ILE G 287 35.77 12.41 61.34
N HIS G 288 36.57 13.44 61.03
CA HIS G 288 37.03 13.78 59.69
C HIS G 288 38.53 13.66 59.59
N PHE G 289 39.15 12.83 60.44
CA PHE G 289 40.60 12.80 60.48
C PHE G 289 41.18 12.32 59.16
N ARG G 290 40.60 11.28 58.55
CA ARG G 290 41.16 10.77 57.29
C ARG G 290 41.02 11.81 56.17
N SER G 291 39.86 12.47 56.10
CA SER G 291 39.67 13.50 55.07
C SER G 291 40.66 14.65 55.26
N LEU G 292 40.85 15.11 56.49
CA LEU G 292 41.82 16.16 56.78
C LEU G 292 43.23 15.62 56.70
N GLY G 293 44.21 16.53 56.77
CA GLY G 293 45.59 16.13 56.58
C GLY G 293 46.14 15.22 57.66
N LEU G 294 45.68 15.36 58.89
CA LEU G 294 46.21 14.67 60.08
C LEU G 294 45.76 13.22 60.09
N SER G 295 46.47 12.40 59.32
CA SER G 295 46.06 11.01 59.17
C SER G 295 47.19 10.19 58.56
N GLY G 296 46.95 8.90 58.49
CA GLY G 296 47.87 7.93 57.94
C GLY G 296 46.93 6.85 57.46
N LYS G 297 47.41 5.63 57.20
CA LYS G 297 46.47 4.57 56.91
C LYS G 297 45.70 4.38 58.20
N SER G 298 44.40 4.19 58.10
CA SER G 298 43.60 4.24 59.30
C SER G 298 43.76 2.94 60.07
N PRO G 299 44.11 2.99 61.35
CA PRO G 299 44.09 1.80 62.19
C PRO G 299 42.68 1.38 62.56
N TYR G 300 41.67 2.11 62.13
CA TYR G 300 40.28 1.82 62.41
C TYR G 300 39.54 1.24 61.22
N SER G 301 40.22 1.05 60.11
CA SER G 301 39.58 0.55 58.90
C SER G 301 39.18 -0.91 59.08
N SER G 302 38.23 -1.36 58.25
CA SER G 302 37.77 -2.74 58.38
C SER G 302 38.93 -3.71 58.21
N ASN G 303 39.93 -3.38 57.39
CA ASN G 303 41.09 -4.25 57.25
C ASN G 303 42.00 -4.19 58.48
N ALA G 304 42.21 -3.01 59.04
CA ALA G 304 43.12 -2.91 60.19
C ALA G 304 42.61 -3.71 61.37
N VAL G 305 41.31 -3.87 61.48
CA VAL G 305 40.68 -4.58 62.57
C VAL G 305 39.90 -5.75 61.94
N GLY G 306 40.58 -6.47 61.06
CA GLY G 306 39.89 -7.44 60.20
C GLY G 306 39.12 -8.52 60.94
N HIS G 307 39.73 -9.13 61.94
CA HIS G 307 39.06 -10.19 62.67
C HIS G 307 37.83 -9.66 63.41
N VAL G 308 37.95 -8.49 64.06
CA VAL G 308 36.82 -7.98 64.81
C VAL G 308 35.69 -7.64 63.87
N PHE G 309 36.03 -7.04 62.74
CA PHE G 309 35.03 -6.70 61.73
C PHE G 309 34.33 -7.96 61.24
N ASN G 310 35.10 -9.01 60.93
CA ASN G 310 34.45 -10.22 60.46
C ASN G 310 33.52 -10.79 61.49
N LEU G 311 33.98 -10.86 62.74
CA LEU G 311 33.14 -11.42 63.79
C LEU G 311 31.86 -10.63 63.93
N ILE G 312 31.94 -9.31 63.88
CA ILE G 312 30.78 -8.46 64.11
C ILE G 312 29.71 -8.72 63.06
N HIS G 313 30.10 -8.71 61.79
CA HIS G 313 29.10 -8.87 60.74
C HIS G 313 28.67 -10.32 60.62
N PHE G 314 29.55 -11.28 60.93
CA PHE G 314 29.07 -12.66 60.96
C PHE G 314 27.96 -12.82 62.00
N VAL G 315 28.13 -12.20 63.18
CA VAL G 315 27.03 -12.19 64.15
C VAL G 315 25.85 -11.44 63.57
N GLY G 316 26.13 -10.33 62.90
CA GLY G 316 25.05 -9.59 62.27
C GLY G 316 24.32 -10.42 61.22
N CYS G 317 25.04 -11.16 60.41
CA CYS G 317 24.34 -12.01 59.44
C CYS G 317 23.46 -13.03 60.14
N TYR G 318 23.94 -13.66 61.21
CA TYR G 318 23.13 -14.64 61.92
C TYR G 318 21.86 -14.02 62.47
N MET G 319 21.91 -12.76 62.85
CA MET G 319 20.73 -12.04 63.29
C MET G 319 19.99 -11.36 62.16
N GLY G 320 20.43 -11.57 60.91
CA GLY G 320 19.70 -11.02 59.78
C GLY G 320 19.93 -9.57 59.52
N GLN G 321 21.03 -9.00 60.00
CA GLN G 321 21.32 -7.60 59.75
C GLN G 321 21.72 -7.43 58.29
N VAL G 322 20.93 -6.68 57.52
CA VAL G 322 21.22 -6.56 56.11
C VAL G 322 22.56 -5.87 55.90
N ARG G 323 22.87 -4.89 56.74
CA ARG G 323 24.15 -4.20 56.62
C ARG G 323 25.29 -5.21 56.64
N SER G 324 25.23 -6.14 57.58
CA SER G 324 26.26 -7.17 57.63
C SER G 324 26.17 -8.09 56.43
N LEU G 325 24.96 -8.40 55.95
CA LEU G 325 24.85 -9.30 54.81
C LEU G 325 25.57 -8.75 53.61
N ASN G 326 25.50 -7.44 53.40
CA ASN G 326 26.11 -6.80 52.24
C ASN G 326 27.51 -6.27 52.50
N ALA G 327 28.02 -6.31 53.74
CA ALA G 327 29.40 -5.86 53.93
C ALA G 327 30.35 -6.85 53.28
N THR G 328 31.49 -6.34 52.83
CA THR G 328 32.48 -7.18 52.17
C THR G 328 33.43 -7.77 53.21
N VAL G 329 33.56 -9.10 53.19
CA VAL G 329 34.35 -9.83 54.18
C VAL G 329 35.83 -9.61 53.92
N ILE G 330 36.61 -9.47 54.99
CA ILE G 330 38.06 -9.34 54.90
C ILE G 330 38.60 -10.76 54.81
N ALA G 331 38.96 -11.18 53.61
CA ALA G 331 39.30 -12.59 53.44
C ALA G 331 40.57 -12.99 54.17
N ALA G 332 41.50 -12.06 54.38
CA ALA G 332 42.78 -12.44 54.98
C ALA G 332 42.60 -12.91 56.43
N CYS G 333 41.72 -12.25 57.18
CA CYS G 333 41.60 -12.43 58.62
C CYS G 333 40.66 -13.59 58.98
N ALA G 334 41.13 -14.81 58.65
CA ALA G 334 40.58 -16.09 59.09
C ALA G 334 39.05 -16.05 59.18
N PRO G 335 38.35 -15.87 58.06
CA PRO G 335 36.90 -15.70 58.11
C PRO G 335 36.19 -16.93 58.62
N HIS G 336 36.74 -18.11 58.33
CA HIS G 336 36.08 -19.35 58.73
C HIS G 336 36.04 -19.46 60.23
N GLU G 337 37.18 -19.24 60.88
CA GLU G 337 37.16 -19.29 62.33
C GLU G 337 36.22 -18.20 62.85
N MET G 338 36.27 -17.01 62.24
CA MET G 338 35.37 -15.92 62.65
C MET G 338 33.92 -16.32 62.51
N SER G 339 33.58 -17.04 61.45
CA SER G 339 32.20 -17.44 61.25
C SER G 339 31.77 -18.41 62.33
N VAL G 340 32.66 -19.33 62.73
CA VAL G 340 32.29 -20.30 63.75
C VAL G 340 31.99 -19.59 65.07
N LEU G 341 32.92 -18.75 65.52
CA LEU G 341 32.69 -17.95 66.73
C LEU G 341 31.50 -17.04 66.56
N GLY G 342 31.34 -16.45 65.38
CA GLY G 342 30.17 -15.63 65.15
C GLY G 342 28.89 -16.45 65.21
N GLY G 343 28.96 -17.71 64.78
CA GLY G 343 27.80 -18.57 64.88
C GLY G 343 27.34 -18.78 66.32
N TYR G 344 28.28 -19.06 67.22
CA TYR G 344 27.91 -19.28 68.60
C TYR G 344 27.39 -18.00 69.24
N LEU G 345 28.05 -16.87 68.96
CA LEU G 345 27.66 -15.61 69.57
C LEU G 345 26.29 -15.19 69.10
N GLY G 346 26.02 -15.33 67.80
CA GLY G 346 24.71 -15.04 67.29
C GLY G 346 23.65 -15.94 67.88
N GLU G 347 23.98 -17.22 68.04
CA GLU G 347 23.04 -18.13 68.70
C GLU G 347 22.68 -17.57 70.06
N GLU G 348 23.66 -17.08 70.80
CA GLU G 348 23.40 -16.52 72.11
C GLU G 348 22.55 -15.25 72.03
N PHE G 349 22.77 -14.43 71.01
CA PHE G 349 22.12 -13.14 70.95
C PHE G 349 20.88 -13.06 70.06
N PHE G 350 20.55 -14.09 69.31
CA PHE G 350 19.41 -14.01 68.42
C PHE G 350 18.17 -14.55 69.12
N GLY G 351 17.13 -13.72 69.23
CA GLY G 351 15.89 -14.20 69.80
C GLY G 351 15.85 -14.32 71.30
N LYS G 352 16.81 -13.74 71.99
CA LYS G 352 16.94 -13.82 73.43
C LYS G 352 17.19 -12.44 73.99
N GLY G 353 16.65 -12.17 75.16
CA GLY G 353 16.88 -10.92 75.84
C GLY G 353 17.08 -11.17 77.32
N THR G 354 17.79 -10.25 77.97
CA THR G 354 17.99 -10.28 79.40
C THR G 354 16.96 -9.34 80.04
N PHE G 355 15.89 -9.91 80.59
CA PHE G 355 14.76 -9.11 81.07
C PHE G 355 14.64 -9.22 82.58
N GLU G 356 14.42 -8.06 83.22
CA GLU G 356 14.24 -7.99 84.65
C GLU G 356 13.21 -6.91 84.96
N ARG G 357 12.41 -7.15 85.98
CA ARG G 357 11.40 -6.16 86.36
C ARG G 357 12.12 -4.92 86.85
N ARG G 358 11.81 -3.76 86.26
CA ARG G 358 12.48 -2.54 86.66
C ARG G 358 11.59 -1.46 87.21
N PHE G 359 10.28 -1.52 86.96
CA PHE G 359 9.34 -0.48 87.36
C PHE G 359 8.30 -1.05 88.29
N PHE G 360 8.08 -0.38 89.42
CA PHE G 360 7.17 -0.87 90.44
C PHE G 360 6.30 0.27 90.94
N ARG G 361 5.12 -0.11 91.44
CA ARG G 361 4.24 0.87 92.03
C ARG G 361 4.77 1.33 93.37
N ASP G 362 5.38 0.43 94.13
CA ASP G 362 5.83 0.77 95.47
C ASP G 362 7.29 0.42 95.67
N GLU G 363 7.92 1.18 96.57
CA GLU G 363 9.28 0.86 96.94
C GLU G 363 9.32 -0.50 97.61
N LYS G 364 8.29 -0.81 98.40
CA LYS G 364 8.22 -2.12 99.05
C LYS G 364 8.18 -3.22 98.00
N GLU G 365 7.43 -2.98 96.91
CA GLU G 365 7.34 -3.94 95.82
C GLU G 365 8.71 -4.17 95.21
N LEU G 366 9.48 -3.08 95.05
CA LEU G 366 10.83 -3.17 94.52
C LEU G 366 11.71 -4.04 95.41
N GLN G 367 11.63 -3.81 96.73
CA GLN G 367 12.42 -4.57 97.68
C GLN G 367 12.05 -6.05 97.66
N GLU G 368 10.76 -6.35 97.51
CA GLU G 368 10.36 -7.76 97.45
C GLU G 368 10.91 -8.42 96.18
N TYR G 369 10.87 -7.73 95.04
CA TYR G 369 11.44 -8.29 93.82
C TYR G 369 12.94 -8.48 93.94
N GLU G 370 13.58 -7.70 94.80
CA GLU G 370 15.01 -7.83 95.01
C GLU G 370 15.30 -9.09 95.82
N ALA G 371 14.37 -9.49 96.71
CA ALA G 371 14.58 -10.67 97.53
C ALA G 371 14.61 -11.93 96.68
N ALA G 372 13.80 -11.99 95.64
CA ALA G 372 13.90 -13.08 94.69
C ALA G 372 15.35 -13.28 94.22
N GLU G 398 20.70 -20.89 79.45
CA GLU G 398 19.62 -20.27 80.23
C GLU G 398 20.08 -18.90 80.72
N THR G 399 21.39 -18.76 80.98
CA THR G 399 21.96 -17.51 81.46
C THR G 399 23.00 -17.01 80.46
N ARG G 400 22.99 -15.70 80.22
CA ARG G 400 23.89 -15.06 79.25
C ARG G 400 25.16 -14.62 79.95
N SER G 401 26.29 -15.27 79.63
CA SER G 401 27.56 -14.88 80.20
C SER G 401 28.64 -15.30 79.24
N PRO G 402 29.80 -14.63 79.26
CA PRO G 402 30.90 -15.08 78.41
C PRO G 402 31.36 -16.49 78.75
N GLU G 403 31.43 -16.81 80.04
CA GLU G 403 31.91 -18.12 80.48
C GLU G 403 31.03 -19.24 79.97
N ALA G 404 29.72 -19.05 80.02
CA ALA G 404 28.80 -20.08 79.53
C ALA G 404 29.02 -20.31 78.03
N VAL G 405 29.19 -19.23 77.27
CA VAL G 405 29.39 -19.40 75.84
C VAL G 405 30.70 -20.13 75.57
N TYR G 406 31.76 -19.75 76.27
CA TYR G 406 33.05 -20.38 76.03
C TYR G 406 33.00 -21.87 76.31
N THR G 407 32.32 -22.25 77.39
CA THR G 407 32.18 -23.68 77.72
C THR G 407 31.36 -24.40 76.65
N ARG G 408 30.28 -23.78 76.17
CA ARG G 408 29.46 -24.42 75.15
C ARG G 408 30.30 -24.69 73.90
N ILE G 409 31.12 -23.71 73.50
CA ILE G 409 32.03 -23.90 72.37
C ILE G 409 33.00 -25.01 72.66
N MET G 410 33.55 -25.02 73.88
CA MET G 410 34.52 -26.04 74.22
C MET G 410 33.91 -27.43 74.18
N MET G 411 32.66 -27.56 74.62
CA MET G 411 32.01 -28.88 74.63
C MET G 411 31.85 -29.44 73.23
N ASN G 412 31.50 -28.60 72.25
CA ASN G 412 31.34 -29.08 70.89
C ASN G 412 32.65 -29.03 70.13
N GLY G 413 33.77 -28.88 70.84
CA GLY G 413 35.11 -28.92 70.29
C GLY G 413 35.46 -27.78 69.36
N GLY G 414 34.87 -26.61 69.58
CA GLY G 414 35.11 -25.49 68.68
C GLY G 414 34.51 -25.68 67.31
N ARG G 415 33.46 -26.49 67.20
CA ARG G 415 32.80 -26.80 65.92
C ARG G 415 31.39 -26.23 65.87
N LEU G 416 30.98 -25.73 64.69
CA LEU G 416 29.64 -25.18 64.53
C LEU G 416 28.55 -26.22 64.77
N LYS G 417 27.48 -25.81 65.45
CA LYS G 417 26.34 -26.71 65.63
C LYS G 417 25.54 -26.79 64.34
N ARG G 418 24.76 -27.88 64.19
CA ARG G 418 23.93 -27.98 63.00
C ARG G 418 22.99 -26.79 62.91
N SER G 419 22.43 -26.36 64.04
CA SER G 419 21.53 -25.21 64.04
C SER G 419 22.23 -23.96 63.56
N HIS G 420 23.50 -23.78 63.94
CA HIS G 420 24.24 -22.64 63.41
C HIS G 420 24.24 -22.69 61.91
N ILE G 421 24.53 -23.85 61.36
CA ILE G 421 24.61 -23.91 59.91
C ILE G 421 23.26 -23.62 59.28
N ARG G 422 22.18 -24.21 59.80
CA ARG G 422 20.84 -23.98 59.23
C ARG G 422 20.50 -22.50 59.21
N ARG G 423 20.73 -21.82 60.33
CA ARG G 423 20.41 -20.39 60.40
C ARG G 423 21.21 -19.61 59.38
N TYR G 424 22.51 -19.88 59.32
CA TYR G 424 23.38 -19.18 58.39
C TYR G 424 22.87 -19.35 56.97
N VAL G 425 22.56 -20.60 56.58
CA VAL G 425 22.12 -20.88 55.22
C VAL G 425 20.76 -20.23 54.96
N SER G 426 19.86 -20.29 55.94
CA SER G 426 18.56 -19.67 55.77
C SER G 426 18.68 -18.16 55.54
N VAL G 427 19.61 -17.51 56.24
CA VAL G 427 19.77 -16.07 56.06
C VAL G 427 20.37 -15.78 54.70
N SER G 428 21.44 -16.50 54.36
CA SER G 428 22.19 -16.18 53.16
C SER G 428 21.40 -16.46 51.89
N SER G 429 20.71 -17.61 51.83
CA SER G 429 20.01 -18.02 50.61
C SER G 429 18.87 -17.07 50.28
N ASN G 430 18.09 -16.68 51.29
CA ASN G 430 16.97 -15.77 51.07
C ASN G 430 17.45 -14.34 51.09
N HIS G 431 18.52 -14.08 50.34
CA HIS G 431 19.09 -12.74 50.22
C HIS G 431 19.85 -12.64 48.91
N GLN G 432 19.78 -11.46 48.32
CA GLN G 432 20.48 -11.22 47.06
C GLN G 432 21.94 -11.02 47.43
N ALA G 433 22.70 -12.12 47.38
CA ALA G 433 24.10 -12.10 47.80
C ALA G 433 24.93 -11.20 46.87
N ARG G 434 25.62 -10.20 47.44
CA ARG G 434 26.47 -9.29 46.67
C ARG G 434 27.84 -9.93 46.39
N PRO G 435 28.63 -9.35 45.41
CA PRO G 435 29.86 -10.00 44.93
C PRO G 435 30.80 -10.59 45.99
N ASN G 436 31.36 -9.78 46.89
CA ASN G 436 32.24 -10.29 47.92
C ASN G 436 31.69 -10.14 49.33
N SER G 437 30.36 -10.16 49.47
CA SER G 437 29.71 -9.89 50.75
C SER G 437 29.83 -11.08 51.70
N PHE G 438 29.45 -10.82 52.95
CA PHE G 438 29.36 -11.89 53.94
C PHE G 438 28.29 -12.91 53.54
N ALA G 439 27.19 -12.43 52.95
CA ALA G 439 26.16 -13.35 52.47
C ALA G 439 26.75 -14.32 51.46
N GLU G 440 27.56 -13.81 50.54
CA GLU G 440 28.21 -14.68 49.57
C GLU G 440 29.14 -15.66 50.25
N PHE G 441 29.93 -15.19 51.22
CA PHE G 441 30.82 -16.10 51.94
C PHE G 441 30.03 -17.18 52.66
N LEU G 442 28.90 -16.83 53.28
CA LEU G 442 28.11 -17.86 53.95
C LEU G 442 27.55 -18.88 52.95
N ASN G 443 27.03 -18.41 51.82
CA ASN G 443 26.41 -19.31 50.84
C ASN G 443 27.42 -20.29 50.27
N LYS G 444 28.58 -19.76 49.84
CA LYS G 444 29.59 -20.62 49.26
C LYS G 444 30.10 -21.61 50.29
N THR G 445 30.15 -21.22 51.57
CA THR G 445 30.82 -22.08 52.55
C THR G 445 29.93 -23.20 53.08
N TYR G 446 28.71 -22.88 53.52
CA TYR G 446 27.78 -23.87 54.09
C TYR G 446 26.57 -23.93 53.17
N SER G 447 26.48 -24.94 52.30
CA SER G 447 25.33 -24.98 51.40
C SER G 447 24.58 -26.30 51.38
N SER G 448 25.11 -27.36 51.95
CA SER G 448 24.37 -28.61 52.12
C SER G 448 24.04 -28.91 53.58
N ILE H 6 35.73 -0.98 84.95
CA ILE H 6 35.44 -0.53 83.59
C ILE H 6 36.56 -0.89 82.60
N VAL H 7 37.82 -0.73 83.00
CA VAL H 7 38.91 -1.13 82.11
C VAL H 7 38.90 -2.65 82.04
N PHE H 8 39.17 -3.21 80.86
CA PHE H 8 39.20 -4.65 80.73
C PHE H 8 40.56 -5.05 80.14
N LYS H 9 41.17 -6.11 80.68
CA LYS H 9 42.60 -6.39 80.48
C LYS H 9 42.89 -7.73 79.83
N VAL H 10 43.86 -7.64 78.95
CA VAL H 10 44.39 -8.69 78.11
C VAL H 10 45.88 -8.74 78.43
N ASN H 11 46.50 -9.87 78.18
CA ASN H 11 47.96 -9.97 78.32
C ASN H 11 48.60 -10.28 76.98
N ASN H 12 49.67 -9.57 76.66
CA ASN H 12 50.54 -9.96 75.54
C ASN H 12 51.74 -10.75 76.05
N GLN H 13 52.68 -10.10 76.71
CA GLN H 13 53.73 -10.74 77.51
C GLN H 13 53.55 -10.41 78.98
N VAL H 14 53.08 -9.19 79.28
CA VAL H 14 52.63 -8.68 80.58
C VAL H 14 51.16 -8.22 80.42
N VAL H 15 50.54 -7.82 81.54
CA VAL H 15 49.13 -7.39 81.54
C VAL H 15 48.98 -5.99 80.95
N SER H 16 47.98 -5.80 80.08
CA SER H 16 47.86 -4.52 79.40
C SER H 16 46.77 -3.58 79.91
N LEU H 17 45.63 -4.08 80.40
CA LEU H 17 44.60 -3.21 81.00
C LEU H 17 44.20 -2.00 80.12
N LYS H 18 43.72 -2.29 78.89
CA LYS H 18 43.26 -1.21 77.98
C LYS H 18 41.84 -0.78 78.35
N PRO H 19 41.57 0.52 78.42
CA PRO H 19 40.20 1.02 78.63
C PRO H 19 39.42 1.10 77.32
N GLU H 20 38.11 0.90 77.37
CA GLU H 20 37.26 0.95 76.19
C GLU H 20 36.56 2.30 76.05
N ILE H 21 36.78 3.01 74.94
CA ILE H 21 36.18 4.33 74.74
C ILE H 21 35.41 4.36 73.41
N ILE H 22 34.13 4.70 73.49
CA ILE H 22 33.24 4.84 72.34
C ILE H 22 32.42 6.10 72.56
N VAL H 23 31.98 6.70 71.47
CA VAL H 23 31.25 7.97 71.58
C VAL H 23 29.77 7.62 71.72
N ASP H 24 29.11 8.20 72.74
CA ASP H 24 27.68 8.03 72.97
C ASP H 24 27.11 9.30 73.60
N GLN H 25 27.58 10.46 73.13
CA GLN H 25 27.09 11.74 73.64
C GLN H 25 25.57 11.88 73.51
N HIS H 26 24.92 12.34 74.58
CA HIS H 26 23.47 12.55 74.61
C HIS H 26 23.15 13.83 75.38
N GLU H 27 22.88 14.92 74.65
CA GLU H 27 22.48 16.22 75.22
C GLU H 27 21.10 16.61 74.71
N TYR H 28 20.11 16.72 75.62
CA TYR H 28 18.73 17.07 75.32
C TYR H 28 18.24 18.23 76.19
N LYS H 29 17.76 19.30 75.55
CA LYS H 29 17.25 20.47 76.25
C LYS H 29 15.73 20.37 76.43
N TYR H 30 15.21 20.64 77.74
CA TYR H 30 13.78 20.51 78.01
C TYR H 30 13.07 21.85 77.85
N PRO H 31 11.82 21.84 77.50
CA PRO H 31 11.12 23.10 77.21
C PRO H 31 10.47 23.65 78.47
N ALA H 32 10.86 24.85 78.88
CA ALA H 32 10.27 25.46 80.06
C ALA H 32 10.64 26.93 80.01
N ILE H 33 9.74 27.80 80.45
CA ILE H 33 9.97 29.24 80.47
C ILE H 33 10.20 29.65 81.92
N LYS H 34 11.47 29.69 82.36
CA LYS H 34 11.78 30.19 83.70
C LYS H 34 11.99 31.70 83.74
N ASP H 35 12.53 32.31 82.65
CA ASP H 35 12.73 33.76 82.56
C ASP H 35 11.42 34.54 82.37
N LEU H 36 10.29 33.84 82.11
CA LEU H 36 8.97 34.46 81.84
C LEU H 36 8.99 35.27 80.56
N LYS H 37 9.78 34.85 79.56
CA LYS H 37 9.96 35.57 78.31
C LYS H 37 9.23 34.88 77.17
N LYS H 38 8.45 35.65 76.40
CA LYS H 38 7.78 35.13 75.22
C LYS H 38 8.81 34.82 74.13
N PRO H 39 8.56 33.80 73.29
CA PRO H 39 9.56 33.40 72.28
C PRO H 39 9.86 34.55 71.35
N CYS H 40 11.12 34.68 70.95
CA CYS H 40 11.49 35.87 70.20
C CYS H 40 12.19 35.48 68.90
N ILE H 41 11.82 36.15 67.80
CA ILE H 41 12.51 36.02 66.51
C ILE H 41 12.72 37.43 65.97
N THR H 42 13.72 37.56 65.11
CA THR H 42 14.08 38.82 64.45
C THR H 42 13.44 38.92 63.06
N LEU H 43 12.77 40.05 62.78
CA LEU H 43 12.04 40.25 61.53
C LEU H 43 12.43 41.57 60.87
N GLY H 44 11.94 41.78 59.63
CA GLY H 44 12.27 42.96 58.84
C GLY H 44 11.33 44.13 59.08
N LYS H 45 11.49 45.18 58.25
CA LYS H 45 10.65 46.36 58.41
C LYS H 45 9.20 46.06 58.09
N ALA H 46 8.29 46.60 58.90
CA ALA H 46 6.87 46.36 58.70
C ALA H 46 6.47 46.97 57.36
N PRO H 47 5.84 46.23 56.45
CA PRO H 47 5.36 46.82 55.19
C PRO H 47 3.92 47.32 55.36
N ASP H 48 3.46 48.09 54.36
CA ASP H 48 2.05 48.46 54.33
C ASP H 48 1.23 47.20 54.05
N LEU H 49 0.28 46.91 54.96
CA LEU H 49 -0.53 45.69 54.88
C LEU H 49 -0.94 45.39 53.44
N ASN H 50 -1.64 46.36 52.82
CA ASN H 50 -2.10 46.25 51.44
C ASN H 50 -0.94 46.04 50.47
N LYS H 51 0.15 46.80 50.64
CA LYS H 51 1.30 46.65 49.75
C LYS H 51 1.96 45.30 49.95
N ALA H 52 2.04 44.86 51.21
CA ALA H 52 2.62 43.57 51.48
C ALA H 52 1.81 42.46 50.83
N TYR H 53 0.47 42.53 50.94
CA TYR H 53 -0.37 41.51 50.32
C TYR H 53 -0.15 41.49 48.82
N LYS H 54 -0.04 42.68 48.23
CA LYS H 54 0.16 42.77 46.79
C LYS H 54 1.49 42.15 46.38
N SER H 55 2.55 42.43 47.14
CA SER H 55 3.87 41.92 46.77
C SER H 55 3.91 40.39 46.84
N VAL H 56 3.41 39.82 47.96
CA VAL H 56 3.50 38.37 48.16
C VAL H 56 2.61 37.63 47.17
N LEU H 57 1.44 38.18 46.85
CA LEU H 57 0.56 37.51 45.90
C LEU H 57 1.21 37.36 44.52
N SER H 58 1.80 38.44 44.01
CA SER H 58 2.52 38.41 42.75
C SER H 58 3.74 37.50 42.84
N GLY H 59 4.48 37.59 43.95
CA GLY H 59 5.63 36.72 44.13
C GLY H 59 5.25 35.26 44.14
N MET H 60 4.18 34.90 44.83
CA MET H 60 3.72 33.51 44.82
C MET H 60 3.26 33.07 43.43
N SER H 61 2.46 33.92 42.76
CA SER H 61 2.00 33.58 41.42
C SER H 61 3.20 33.42 40.52
N ALA H 62 4.23 34.21 40.80
CA ALA H 62 5.47 34.27 40.06
C ALA H 62 6.43 33.15 40.45
N ALA H 63 6.06 32.29 41.41
CA ALA H 63 6.92 31.14 41.78
C ALA H 63 8.28 31.62 42.31
N LYS H 64 8.28 32.85 42.83
CA LYS H 64 9.45 33.52 43.39
C LYS H 64 9.32 33.54 44.89
N LEU H 65 10.31 32.97 45.56
CA LEU H 65 10.35 32.76 47.00
C LEU H 65 11.25 33.77 47.71
N ASP H 66 10.66 34.58 48.58
CA ASP H 66 11.48 35.48 49.37
C ASP H 66 11.22 35.17 50.83
N PRO H 67 12.23 34.69 51.56
CA PRO H 67 11.99 34.32 52.96
C PRO H 67 11.60 35.52 53.80
N ASP H 68 12.36 36.62 53.68
CA ASP H 68 12.14 37.79 54.52
C ASP H 68 10.77 38.42 54.26
N ASP H 69 10.38 38.52 52.98
CA ASP H 69 9.10 39.12 52.65
C ASP H 69 7.94 38.29 53.18
N VAL H 70 8.01 36.96 53.00
CA VAL H 70 6.89 36.13 53.40
C VAL H 70 6.65 36.22 54.91
N CYS H 71 7.71 36.12 55.72
CA CYS H 71 7.58 36.15 57.18
C CYS H 71 7.11 37.50 57.70
N SER H 72 7.61 38.59 57.10
CA SER H 72 7.21 39.94 57.47
C SER H 72 5.72 40.13 57.18
N TYR H 73 5.25 39.59 56.04
CA TYR H 73 3.83 39.66 55.70
C TYR H 73 2.98 38.92 56.71
N LEU H 74 3.44 37.73 57.11
CA LEU H 74 2.71 36.91 58.07
C LEU H 74 2.61 37.61 59.41
N ALA H 75 3.70 38.28 59.84
CA ALA H 75 3.64 39.02 61.09
C ALA H 75 2.64 40.17 61.02
N ALA H 76 2.61 40.89 59.89
CA ALA H 76 1.63 41.97 59.74
C ALA H 76 0.22 41.42 59.77
N ALA H 77 0.02 40.26 59.14
CA ALA H 77 -1.30 39.67 59.06
C ALA H 77 -1.78 39.16 60.43
N MET H 78 -0.88 38.99 61.41
CA MET H 78 -1.30 38.49 62.73
C MET H 78 -2.29 39.42 63.40
N GLN H 79 -2.24 40.71 63.04
CA GLN H 79 -3.16 41.70 63.58
C GLN H 79 -4.60 41.47 63.08
N PHE H 80 -4.76 40.95 61.86
CA PHE H 80 -6.09 40.71 61.32
C PHE H 80 -6.87 39.69 62.16
N PHE H 81 -6.20 38.59 62.59
CA PHE H 81 -6.86 37.49 63.29
C PHE H 81 -6.76 37.69 64.80
N GLU H 82 -7.90 37.93 65.46
CA GLU H 82 -7.93 38.14 66.91
C GLU H 82 -9.25 37.64 67.47
N GLY H 83 -9.22 37.17 68.72
CA GLY H 83 -10.44 36.73 69.37
C GLY H 83 -10.33 36.86 70.88
N THR H 84 -11.47 36.98 71.55
CA THR H 84 -11.47 37.01 73.02
C THR H 84 -11.23 35.61 73.57
N CYS H 85 -10.46 35.54 74.68
CA CYS H 85 -10.09 34.24 75.25
C CYS H 85 -11.23 33.67 76.10
N PRO H 86 -11.65 32.41 75.85
CA PRO H 86 -12.80 31.86 76.60
C PRO H 86 -12.54 31.71 78.08
N GLU H 87 -11.34 31.27 78.47
CA GLU H 87 -11.03 31.04 79.87
C GLU H 87 -9.62 31.56 80.12
N ASP H 88 -9.31 31.77 81.40
CA ASP H 88 -7.97 32.18 81.81
C ASP H 88 -6.96 31.13 81.37
N TRP H 89 -5.86 31.59 80.78
CA TRP H 89 -4.86 30.75 80.15
C TRP H 89 -3.62 30.67 81.03
N THR H 90 -3.34 29.50 81.59
CA THR H 90 -2.16 29.30 82.42
C THR H 90 -1.14 28.47 81.64
N SER H 91 0.01 29.07 81.32
CA SER H 91 1.14 28.39 80.66
C SER H 91 2.36 28.27 81.56
N TYR H 92 3.55 28.32 80.96
CA TYR H 92 4.82 28.22 81.69
C TYR H 92 5.15 29.53 82.41
N GLY H 93 4.27 29.90 83.34
CA GLY H 93 4.46 31.10 84.13
C GLY H 93 4.00 32.36 83.46
N ILE H 94 3.57 32.26 82.19
CA ILE H 94 3.05 33.35 81.38
C ILE H 94 1.55 33.15 81.23
N VAL H 95 0.81 34.27 81.35
CA VAL H 95 -0.65 34.23 81.30
C VAL H 95 -1.17 35.35 80.39
N ILE H 96 -0.68 35.38 79.12
CA ILE H 96 -1.00 36.44 78.15
C ILE H 96 -2.50 36.52 77.84
N ALA H 97 -3.23 35.42 78.05
CA ALA H 97 -4.66 35.35 77.77
C ALA H 97 -5.40 35.09 79.07
N ARG H 98 -6.44 35.90 79.34
CA ARG H 98 -7.32 35.74 80.50
C ARG H 98 -8.77 35.80 80.00
N LYS H 99 -9.68 35.17 80.75
CA LYS H 99 -11.07 35.11 80.31
C LYS H 99 -11.65 36.52 80.15
N GLY H 100 -12.36 36.72 79.04
CA GLY H 100 -12.94 38.00 78.72
C GLY H 100 -11.96 39.00 78.18
N ASP H 101 -10.71 38.59 77.94
CA ASP H 101 -9.68 39.43 77.35
C ASP H 101 -9.51 39.02 75.90
N LYS H 102 -9.61 40.02 75.01
CA LYS H 102 -9.39 39.77 73.59
C LYS H 102 -7.88 39.57 73.38
N ILE H 103 -7.51 38.58 72.53
CA ILE H 103 -6.10 38.23 72.30
C ILE H 103 -5.90 38.08 70.79
N THR H 104 -4.63 38.18 70.35
CA THR H 104 -4.20 38.02 68.97
C THR H 104 -2.92 37.19 68.90
N PRO H 105 -2.50 36.72 67.70
CA PRO H 105 -1.17 36.11 67.60
C PRO H 105 -0.07 37.07 68.01
N GLY H 106 -0.22 38.39 67.75
CA GLY H 106 0.77 39.38 68.15
C GLY H 106 0.99 39.45 69.65
N SER H 107 -0.06 39.16 70.45
CA SER H 107 0.09 39.17 71.90
C SER H 107 0.70 37.89 72.46
N LEU H 108 0.60 36.76 71.76
CA LEU H 108 1.05 35.50 72.36
C LEU H 108 2.58 35.38 72.35
N VAL H 109 3.24 35.91 71.33
CA VAL H 109 4.69 35.85 71.23
C VAL H 109 5.23 37.27 71.05
N GLU H 110 6.52 37.41 71.32
CA GLU H 110 7.22 38.68 71.11
C GLU H 110 7.99 38.59 69.79
N ILE H 111 7.69 39.49 68.85
CA ILE H 111 8.41 39.55 67.58
C ILE H 111 9.25 40.83 67.57
N LYS H 112 10.55 40.67 67.27
CA LYS H 112 11.46 41.81 67.17
C LYS H 112 11.44 42.31 65.74
N ARG H 113 11.01 43.55 65.53
CA ARG H 113 10.95 44.16 64.21
C ARG H 113 12.12 45.14 64.09
N THR H 114 12.93 44.97 63.03
CA THR H 114 14.04 45.86 62.73
C THR H 114 13.57 46.86 61.69
N ASP H 115 14.07 48.08 61.79
CA ASP H 115 13.68 49.06 60.78
C ASP H 115 14.36 48.82 59.43
N VAL H 116 15.09 47.71 59.23
CA VAL H 116 15.79 47.49 57.97
C VAL H 116 14.75 47.21 56.90
N GLU H 117 14.87 47.89 55.76
CA GLU H 117 13.80 47.81 54.78
C GLU H 117 13.76 46.44 54.13
N GLY H 118 12.55 45.99 53.81
CA GLY H 118 12.37 44.71 53.16
C GLY H 118 12.43 44.91 51.66
N ASN H 119 12.74 43.84 50.92
CA ASN H 119 12.88 43.96 49.48
C ASN H 119 11.52 44.13 48.79
N TRP H 120 10.45 43.59 49.39
CA TRP H 120 9.06 43.56 48.85
C TRP H 120 9.05 43.66 47.33
N ALA H 121 9.78 42.75 46.70
CA ALA H 121 9.92 42.79 45.25
C ALA H 121 9.00 41.73 44.68
N LEU H 122 8.48 42.02 43.50
CA LEU H 122 7.46 41.16 42.93
C LEU H 122 7.79 40.89 41.47
N THR H 123 7.97 39.61 41.14
CA THR H 123 8.21 39.28 39.73
C THR H 123 7.04 39.68 38.85
N GLY H 124 5.81 39.46 39.33
CA GLY H 124 4.67 39.74 38.48
C GLY H 124 3.58 38.69 38.51
N GLY H 125 2.56 38.91 37.69
CA GLY H 125 1.43 38.01 37.62
C GLY H 125 0.25 38.42 38.47
N MET H 126 0.27 39.62 39.07
CA MET H 126 -0.83 40.14 39.86
C MET H 126 -1.46 41.32 39.13
N GLU H 127 -2.77 41.22 38.82
CA GLU H 127 -3.53 42.22 38.08
C GLU H 127 -4.48 43.05 38.95
N LEU H 128 -4.52 42.78 40.25
CA LEU H 128 -5.45 43.43 41.17
C LEU H 128 -5.02 44.87 41.44
N THR H 129 -5.89 45.80 41.07
CA THR H 129 -5.65 47.23 41.23
C THR H 129 -6.19 47.81 42.53
N ARG H 130 -6.89 47.03 43.35
CA ARG H 130 -7.50 47.57 44.56
C ARG H 130 -6.94 46.95 45.83
N ASP H 131 -7.21 47.63 46.96
CA ASP H 131 -6.77 47.18 48.27
C ASP H 131 -7.46 45.85 48.64
N PRO H 132 -6.72 44.88 49.18
CA PRO H 132 -7.30 43.55 49.49
C PRO H 132 -8.26 43.54 50.68
N THR H 133 -9.23 42.63 50.61
CA THR H 133 -10.16 42.42 51.72
C THR H 133 -9.54 41.49 52.75
N VAL H 134 -10.10 41.47 53.97
CA VAL H 134 -9.55 40.60 55.03
C VAL H 134 -9.53 39.13 54.63
N PRO H 135 -10.63 38.52 54.16
CA PRO H 135 -10.55 37.13 53.61
C PRO H 135 -9.41 36.84 52.61
N GLU H 136 -9.21 37.69 51.59
CA GLU H 136 -8.09 37.54 50.68
C GLU H 136 -6.78 37.44 51.45
N HIS H 137 -6.61 38.31 52.46
CA HIS H 137 -5.46 38.23 53.38
C HIS H 137 -5.39 36.86 54.05
N ALA H 138 -6.52 36.37 54.58
CA ALA H 138 -6.51 35.08 55.26
C ALA H 138 -6.18 33.94 54.30
N SER H 139 -6.68 34.00 53.04
CA SER H 139 -6.42 32.97 52.01
C SER H 139 -4.93 32.88 51.68
N LEU H 140 -4.26 34.04 51.53
CA LEU H 140 -2.83 34.03 51.24
C LEU H 140 -2.04 33.51 52.45
N VAL H 141 -2.42 33.94 53.66
CA VAL H 141 -1.74 33.54 54.89
C VAL H 141 -1.75 32.03 55.03
N GLY H 142 -2.92 31.42 54.78
CA GLY H 142 -3.06 29.98 54.89
C GLY H 142 -2.22 29.21 53.88
N LEU H 143 -2.11 29.73 52.66
CA LEU H 143 -1.34 29.06 51.59
C LEU H 143 0.14 28.93 51.93
N LEU H 144 0.73 29.97 52.53
CA LEU H 144 2.13 29.89 52.92
C LEU H 144 2.33 28.83 53.99
N LEU H 145 1.45 28.82 55.00
CA LEU H 145 1.58 27.82 56.03
C LEU H 145 1.48 26.43 55.41
N SER H 146 0.66 26.28 54.36
CA SER H 146 0.62 24.99 53.67
C SER H 146 1.90 24.68 52.91
N LEU H 147 2.64 25.70 52.50
CA LEU H 147 3.92 25.43 51.88
C LEU H 147 4.85 24.74 52.87
N TYR H 148 4.75 25.14 54.14
CA TYR H 148 5.58 24.56 55.19
C TYR H 148 5.28 23.08 55.39
N ARG H 149 3.99 22.76 55.49
CA ARG H 149 3.59 21.36 55.59
C ARG H 149 4.04 20.58 54.36
N LEU H 150 3.98 21.21 53.19
CA LEU H 150 4.41 20.53 51.96
C LEU H 150 5.90 20.19 52.00
N SER H 151 6.71 21.09 52.58
CA SER H 151 8.14 20.87 52.71
C SER H 151 8.45 19.65 53.57
N LYS H 152 7.68 19.48 54.66
CA LYS H 152 7.85 18.36 55.57
C LYS H 152 7.58 17.02 54.89
N ILE H 153 6.77 17.00 53.81
CA ILE H 153 6.32 15.74 53.21
C ILE H 153 7.52 15.00 52.66
N SER H 154 8.01 15.37 51.48
CA SER H 154 9.21 14.74 50.90
C SER H 154 8.97 13.23 50.84
N GLY H 155 9.89 12.42 51.32
CA GLY H 155 9.78 10.98 51.24
C GLY H 155 10.04 10.40 49.85
N GLN H 156 9.90 9.09 49.77
CA GLN H 156 10.02 8.34 48.54
C GLN H 156 8.73 7.58 48.33
N ASN H 157 8.39 7.28 47.07
CA ASN H 157 7.13 6.65 46.72
C ASN H 157 5.97 7.49 47.27
N THR H 158 6.14 8.82 47.28
CA THR H 158 5.09 9.71 47.72
C THR H 158 4.36 10.36 46.54
N GLY H 159 4.45 9.73 45.37
CA GLY H 159 3.76 10.24 44.20
C GLY H 159 2.26 10.02 44.36
N ASN H 160 1.48 11.00 43.88
CA ASN H 160 0.02 10.95 44.03
C ASN H 160 -0.37 10.99 45.52
N TYR H 161 0.51 11.54 46.36
CA TYR H 161 0.22 11.71 47.79
C TYR H 161 0.64 13.13 48.15
N LYS H 162 1.86 13.50 47.77
CA LYS H 162 2.31 14.87 47.93
C LYS H 162 1.46 15.81 47.09
N THR H 163 1.06 15.37 45.89
CA THR H 163 0.12 16.12 45.07
C THR H 163 -1.24 16.20 45.74
N ASN H 164 -1.69 15.09 46.35
CA ASN H 164 -3.01 15.04 46.98
C ASN H 164 -3.15 16.04 48.13
N ILE H 165 -2.14 16.11 49.00
CA ILE H 165 -2.22 17.02 50.13
C ILE H 165 -2.27 18.47 49.64
N ALA H 166 -1.50 18.77 48.59
CA ALA H 166 -1.53 20.11 48.01
C ALA H 166 -2.91 20.45 47.45
N ASP H 167 -3.56 19.47 46.79
CA ASP H 167 -4.92 19.66 46.25
C ASP H 167 -5.92 19.96 47.37
N ARG H 168 -5.80 19.27 48.50
CA ARG H 168 -6.69 19.52 49.62
C ARG H 168 -6.57 20.97 50.10
N ILE H 169 -5.32 21.47 50.15
CA ILE H 169 -5.04 22.82 50.63
C ILE H 169 -5.69 23.88 49.74
N GLU H 170 -5.52 23.74 48.43
CA GLU H 170 -6.10 24.69 47.47
C GLU H 170 -7.62 24.69 47.58
N GLN H 171 -8.23 23.51 47.75
CA GLN H 171 -9.69 23.40 47.84
C GLN H 171 -10.25 24.17 49.04
N ILE H 172 -9.56 24.12 50.19
CA ILE H 172 -10.03 24.83 51.38
C ILE H 172 -10.10 26.33 51.13
N PHE H 173 -9.01 26.90 50.59
CA PHE H 173 -8.84 28.35 50.36
C PHE H 173 -9.50 28.87 49.08
N GLU H 174 -10.09 28.02 48.24
CA GLU H 174 -10.92 28.40 47.09
C GLU H 174 -12.41 28.46 47.45
N THR H 175 -12.80 28.02 48.63
CA THR H 175 -14.18 27.99 49.07
C THR H 175 -14.33 28.89 50.30
N ALA H 176 -15.56 29.30 50.58
CA ALA H 176 -15.81 30.24 51.68
C ALA H 176 -15.39 29.58 53.00
N PRO H 177 -14.83 30.36 53.95
CA PRO H 177 -14.75 31.84 53.96
C PRO H 177 -13.57 32.42 53.19
N PHE H 178 -12.77 31.57 52.54
CA PHE H 178 -11.62 32.03 51.80
C PHE H 178 -11.98 32.23 50.32
N VAL H 179 -11.24 33.10 49.65
CA VAL H 179 -11.48 33.41 48.25
C VAL H 179 -10.28 32.94 47.44
N LYS H 180 -10.52 32.38 46.24
CA LYS H 180 -9.45 31.83 45.40
C LYS H 180 -8.62 32.94 44.78
N ILE H 181 -7.35 32.99 45.14
CA ILE H 181 -6.42 33.98 44.62
C ILE H 181 -5.25 33.37 43.86
N VAL H 182 -5.02 32.07 43.99
CA VAL H 182 -3.83 31.48 43.40
C VAL H 182 -4.17 30.42 42.37
N GLU H 183 -5.20 30.66 41.56
CA GLU H 183 -5.62 29.67 40.57
C GLU H 183 -5.42 28.24 41.08
N HIS H 184 -5.09 27.28 40.20
CA HIS H 184 -4.87 25.90 40.62
C HIS H 184 -3.42 25.50 40.36
N HIS H 185 -2.93 24.54 41.15
CA HIS H 185 -1.62 23.90 41.02
C HIS H 185 -0.44 24.86 41.16
N THR H 186 -0.67 26.16 41.41
CA THR H 186 0.41 27.11 41.72
C THR H 186 1.09 26.79 43.05
N LEU H 187 0.30 26.31 44.02
CA LEU H 187 0.83 25.95 45.32
C LEU H 187 1.75 24.73 45.22
N MET H 188 1.37 23.73 44.41
CA MET H 188 2.21 22.55 44.20
C MET H 188 3.53 22.87 43.51
N THR H 189 3.46 23.69 42.45
CA THR H 189 4.63 24.08 41.67
C THR H 189 5.53 25.05 42.44
N THR H 190 4.93 25.95 43.24
CA THR H 190 5.75 26.80 44.12
C THR H 190 6.50 25.94 45.15
N HIS H 191 5.85 24.87 45.67
CA HIS H 191 6.51 23.95 46.60
C HIS H 191 7.69 23.24 45.95
N LYS H 192 7.57 22.89 44.67
CA LYS H 192 8.71 22.34 43.96
C LYS H 192 9.86 23.35 44.00
N MET H 193 9.54 24.65 43.87
CA MET H 193 10.55 25.72 43.99
C MET H 193 10.99 25.94 45.43
N CYS H 194 10.11 25.64 46.40
CA CYS H 194 10.40 25.87 47.82
C CYS H 194 10.14 24.65 48.74
N ALA H 195 10.70 23.47 48.38
CA ALA H 195 10.55 22.21 49.12
C ALA H 195 11.27 22.17 50.46
N ASN H 196 12.35 22.95 50.65
CA ASN H 196 13.12 22.92 51.89
C ASN H 196 12.87 24.12 52.80
N TRP H 197 11.72 24.80 52.64
CA TRP H 197 11.40 25.97 53.46
C TRP H 197 11.15 25.63 54.91
N SER H 198 10.94 24.35 55.22
CA SER H 198 10.82 23.92 56.61
C SER H 198 12.08 24.30 57.42
N THR H 199 13.26 24.33 56.76
CA THR H 199 14.54 24.62 57.44
C THR H 199 14.56 26.02 58.05
N ILE H 200 13.91 26.99 57.41
CA ILE H 200 13.95 28.38 57.87
C ILE H 200 13.33 28.49 59.25
N PRO H 201 14.04 29.04 60.24
CA PRO H 201 13.49 29.10 61.60
C PRO H 201 12.30 30.03 61.76
N ASN H 202 12.35 31.25 61.18
CA ASN H 202 11.26 32.22 61.35
C ASN H 202 9.96 31.72 60.73
N PHE H 203 10.05 31.05 59.58
CA PHE H 203 8.87 30.47 58.95
C PHE H 203 8.22 29.42 59.84
N ARG H 204 9.05 28.53 60.41
CA ARG H 204 8.57 27.50 61.34
C ARG H 204 7.98 28.13 62.59
N PHE H 205 8.65 29.15 63.14
CA PHE H 205 8.17 29.77 64.37
C PHE H 205 6.79 30.36 64.14
N LEU H 206 6.62 31.05 63.02
CA LEU H 206 5.35 31.71 62.74
C LEU H 206 4.23 30.68 62.57
N ALA H 207 4.50 29.57 61.85
CA ALA H 207 3.49 28.53 61.67
C ALA H 207 3.04 27.98 63.02
N GLY H 208 4.00 27.79 63.93
CA GLY H 208 3.66 27.33 65.25
C GLY H 208 2.80 28.31 66.03
N THR H 209 3.09 29.61 65.87
CA THR H 209 2.30 30.63 66.57
C THR H 209 0.86 30.62 66.05
N TYR H 210 0.70 30.49 64.72
CA TYR H 210 -0.62 30.47 64.11
C TYR H 210 -1.39 29.26 64.58
N ASP H 211 -0.73 28.11 64.61
CA ASP H 211 -1.43 26.90 65.00
C ASP H 211 -1.89 27.00 66.45
N MET H 212 -1.04 27.54 67.33
CA MET H 212 -1.40 27.65 68.75
C MET H 212 -2.60 28.58 68.98
N PHE H 213 -2.60 29.74 68.31
CA PHE H 213 -3.70 30.69 68.47
C PHE H 213 -5.03 30.11 67.95
N PHE H 214 -5.01 29.53 66.73
CA PHE H 214 -6.25 29.01 66.14
C PHE H 214 -6.78 27.79 66.86
N SER H 215 -5.90 26.97 67.44
CA SER H 215 -6.32 25.84 68.27
C SER H 215 -6.99 26.33 69.55
N ARG H 216 -6.45 27.39 70.17
CA ARG H 216 -7.03 27.90 71.41
C ARG H 216 -8.36 28.64 71.16
N ILE H 217 -8.41 29.50 70.14
CA ILE H 217 -9.57 30.37 69.85
C ILE H 217 -10.24 29.92 68.55
N GLU H 218 -11.54 29.64 68.60
CA GLU H 218 -12.28 29.33 67.37
C GLU H 218 -12.36 30.59 66.52
N HIS H 219 -12.10 30.46 65.22
CA HIS H 219 -12.04 31.62 64.36
C HIS H 219 -12.72 31.29 63.04
N LEU H 220 -13.09 32.34 62.31
CA LEU H 220 -13.65 32.15 60.98
C LEU H 220 -12.65 31.50 60.03
N TYR H 221 -11.37 31.87 60.16
CA TYR H 221 -10.33 31.37 59.28
C TYR H 221 -9.49 30.28 59.96
N SER H 222 -10.10 29.47 60.86
CA SER H 222 -9.35 28.44 61.56
C SER H 222 -8.83 27.36 60.62
N ALA H 223 -9.40 27.25 59.43
CA ALA H 223 -8.98 26.24 58.46
C ALA H 223 -7.55 26.44 58.00
N ILE H 224 -6.97 27.62 58.26
CA ILE H 224 -5.56 27.84 57.94
C ILE H 224 -4.72 26.84 58.70
N ARG H 225 -5.25 26.25 59.78
CA ARG H 225 -4.49 25.29 60.57
C ARG H 225 -4.05 24.07 59.76
N VAL H 226 -4.65 23.81 58.58
CA VAL H 226 -4.28 22.62 57.79
C VAL H 226 -2.80 22.63 57.43
N GLY H 227 -2.24 23.82 57.18
CA GLY H 227 -0.81 23.95 56.98
C GLY H 227 0.00 23.83 58.26
N THR H 228 -0.53 24.38 59.37
CA THR H 228 0.20 24.47 60.63
C THR H 228 -0.05 23.29 61.56
N VAL H 229 -0.86 22.32 61.17
CA VAL H 229 -1.14 21.20 62.06
C VAL H 229 0.13 20.42 62.35
N VAL H 230 1.07 20.36 61.40
CA VAL H 230 2.27 19.58 61.61
C VAL H 230 3.07 20.10 62.80
N THR H 231 3.00 21.42 63.05
CA THR H 231 3.77 22.04 64.13
C THR H 231 3.41 21.48 65.51
N ALA H 232 2.18 21.02 65.70
CA ALA H 232 1.79 20.46 66.98
C ALA H 232 2.54 19.15 67.23
N TYR H 233 3.05 19.00 68.45
CA TYR H 233 3.85 17.83 68.86
C TYR H 233 4.99 17.59 67.87
N GLU H 234 5.67 18.67 67.50
CA GLU H 234 6.76 18.55 66.54
C GLU H 234 7.92 17.80 67.17
N ASP H 235 8.43 16.82 66.43
CA ASP H 235 9.60 16.06 66.87
C ASP H 235 9.35 15.40 68.23
N CYS H 236 8.11 14.97 68.47
CA CYS H 236 7.72 14.34 69.73
C CYS H 236 7.04 12.99 69.51
N SER H 237 7.39 12.32 68.42
CA SER H 237 6.70 11.10 68.07
C SER H 237 6.84 10.06 69.18
N GLY H 238 7.96 10.06 69.90
CA GLY H 238 8.10 9.10 70.98
C GLY H 238 7.05 9.29 72.05
N LEU H 239 6.87 10.53 72.51
CA LEU H 239 5.82 10.79 73.48
C LEU H 239 4.46 10.51 72.88
N VAL H 240 4.25 10.89 71.61
CA VAL H 240 2.96 10.64 70.98
C VAL H 240 2.71 9.14 70.85
N SER H 241 3.73 8.38 70.43
CA SER H 241 3.55 6.93 70.32
C SER H 241 3.21 6.32 71.66
N PHE H 242 3.84 6.80 72.74
CA PHE H 242 3.54 6.24 74.04
C PHE H 242 2.09 6.52 74.42
N THR H 243 1.61 7.75 74.22
CA THR H 243 0.22 8.03 74.57
C THR H 243 -0.72 7.16 73.76
N GLY H 244 -0.45 6.99 72.47
CA GLY H 244 -1.26 6.08 71.66
C GLY H 244 -1.15 4.64 72.13
N PHE H 245 0.06 4.21 72.48
CA PHE H 245 0.22 2.84 72.95
C PHE H 245 -0.67 2.63 74.18
N ILE H 246 -0.71 3.63 75.07
CA ILE H 246 -1.53 3.51 76.28
C ILE H 246 -2.99 3.31 75.93
N LYS H 247 -3.50 4.08 74.96
CA LYS H 247 -4.91 3.99 74.57
C LYS H 247 -5.23 2.70 73.81
N GLN H 248 -4.36 2.29 72.87
CA GLN H 248 -4.63 1.07 72.08
C GLN H 248 -4.65 -0.15 72.98
N ILE H 249 -3.72 -0.22 73.94
CA ILE H 249 -3.59 -1.35 74.87
C ILE H 249 -4.61 -1.31 75.98
N ASN H 250 -5.28 -0.17 76.17
CA ASN H 250 -6.32 0.00 77.18
C ASN H 250 -5.78 -0.15 78.61
N LEU H 251 -4.65 0.49 78.87
CA LEU H 251 -4.02 0.52 80.17
C LEU H 251 -3.84 1.97 80.60
N THR H 252 -3.62 2.17 81.90
CA THR H 252 -3.16 3.47 82.40
C THR H 252 -1.68 3.61 82.19
N ALA H 253 -1.24 4.84 81.94
CA ALA H 253 0.18 5.10 81.78
C ALA H 253 1.02 4.30 82.80
N ARG H 254 0.61 4.31 84.09
CA ARG H 254 1.41 3.62 85.11
C ARG H 254 1.51 2.13 84.85
N GLU H 255 0.35 1.44 84.80
CA GLU H 255 0.35 0.01 84.53
C GLU H 255 1.11 -0.31 83.25
N ALA H 256 1.03 0.58 82.27
CA ALA H 256 1.75 0.31 81.04
C ALA H 256 3.24 0.22 81.33
N ILE H 257 3.79 1.17 82.07
CA ILE H 257 5.23 1.16 82.26
C ILE H 257 5.68 -0.09 83.04
N LEU H 258 4.82 -0.64 83.91
CA LEU H 258 5.17 -1.83 84.70
C LEU H 258 5.64 -2.99 83.84
N TYR H 259 5.07 -3.13 82.63
CA TYR H 259 5.41 -4.20 81.70
C TYR H 259 6.76 -4.04 81.04
N PHE H 260 7.43 -2.89 81.22
CA PHE H 260 8.73 -2.61 80.58
C PHE H 260 9.85 -3.30 81.36
N PHE H 261 10.13 -4.57 81.04
CA PHE H 261 11.07 -5.38 81.84
C PHE H 261 12.48 -5.30 81.28
N HIS H 262 13.04 -4.11 81.29
CA HIS H 262 14.43 -3.98 80.89
C HIS H 262 15.06 -2.75 81.51
N LYS H 263 16.37 -2.85 81.72
CA LYS H 263 17.10 -1.72 82.28
C LYS H 263 17.12 -0.50 81.35
N ASN H 264 17.21 -0.71 80.02
CA ASN H 264 17.36 0.40 79.08
C ASN H 264 16.22 1.38 79.14
N PHE H 265 15.03 0.90 79.52
CA PHE H 265 13.86 1.77 79.58
C PHE H 265 14.04 2.85 80.64
N GLU H 266 14.86 2.61 81.67
CA GLU H 266 14.92 3.55 82.79
C GLU H 266 15.29 4.94 82.30
N GLU H 267 16.37 5.03 81.51
CA GLU H 267 16.83 6.34 81.04
C GLU H 267 15.74 7.04 80.25
N GLU H 268 15.08 6.29 79.37
CA GLU H 268 14.04 6.86 78.52
C GLU H 268 12.81 7.26 79.33
N ILE H 269 12.39 6.43 80.29
CA ILE H 269 11.23 6.81 81.07
C ILE H 269 11.48 8.11 81.81
N ARG H 270 12.67 8.24 82.41
CA ARG H 270 13.03 9.47 83.08
C ARG H 270 13.08 10.64 82.08
N ARG H 271 13.61 10.39 80.89
CA ARG H 271 13.78 11.45 79.92
C ARG H 271 12.44 12.02 79.51
N MET H 272 11.47 11.14 79.23
CA MET H 272 10.20 11.62 78.73
C MET H 272 9.29 12.16 79.84
N PHE H 273 9.56 11.81 81.09
CA PHE H 273 8.74 12.40 82.13
C PHE H 273 9.48 13.35 83.07
N GLU H 274 10.09 14.41 82.53
CA GLU H 274 10.74 15.41 83.39
C GLU H 274 9.71 16.01 84.35
N PRO H 275 10.15 16.49 85.52
CA PRO H 275 9.16 17.00 86.49
C PRO H 275 8.52 18.29 85.98
N GLY H 276 7.19 18.34 86.05
CA GLY H 276 6.47 19.50 85.58
C GLY H 276 6.20 19.34 84.10
N GLN H 277 6.76 20.28 83.33
CA GLN H 277 6.83 20.28 81.87
C GLN H 277 5.49 20.41 81.17
N GLU H 278 4.39 20.52 81.91
CA GLU H 278 3.04 20.74 81.37
C GLU H 278 2.70 19.76 80.24
N THR H 279 3.05 18.50 80.42
CA THR H 279 2.63 17.49 79.47
C THR H 279 1.13 17.27 79.55
N ALA H 280 0.62 17.27 80.78
CA ALA H 280 -0.79 17.02 81.06
C ALA H 280 -1.66 18.22 80.70
N VAL H 281 -1.09 19.43 80.61
CA VAL H 281 -1.87 20.66 80.41
C VAL H 281 -2.52 20.64 79.03
N PRO H 282 -3.83 20.90 78.94
CA PRO H 282 -4.50 20.74 77.65
C PRO H 282 -4.00 21.69 76.58
N HIS H 283 -3.87 22.98 76.88
CA HIS H 283 -3.38 23.98 75.93
C HIS H 283 -2.14 24.63 76.56
N SER H 284 -0.99 24.47 75.92
CA SER H 284 0.24 24.96 76.52
C SER H 284 1.28 25.18 75.45
N TYR H 285 2.36 25.86 75.83
CA TYR H 285 3.47 26.05 74.91
C TYR H 285 4.08 24.71 74.52
N PHE H 286 3.91 23.72 75.40
CA PHE H 286 4.53 22.41 75.22
C PHE H 286 4.17 21.78 73.89
N ILE H 287 2.92 21.88 73.48
CA ILE H 287 2.48 21.22 72.25
C ILE H 287 3.30 21.72 71.08
N HIS H 288 3.76 22.98 71.11
CA HIS H 288 4.54 23.56 70.03
C HIS H 288 5.96 23.92 70.46
N PHE H 289 6.52 23.22 71.47
CA PHE H 289 7.84 23.62 71.96
C PHE H 289 8.92 23.50 70.88
N ARG H 290 8.87 22.45 70.03
CA ARG H 290 9.89 22.30 68.99
C ARG H 290 9.84 23.43 67.97
N SER H 291 8.65 23.83 67.55
CA SER H 291 8.46 25.10 66.86
C SER H 291 8.69 26.19 67.89
N LEU H 292 8.51 27.44 67.51
CA LEU H 292 8.66 28.53 68.50
C LEU H 292 10.09 28.46 69.04
N GLY H 293 10.29 28.53 70.37
CA GLY H 293 11.61 28.48 70.96
C GLY H 293 11.66 27.47 72.10
N LEU H 294 12.85 27.41 72.71
CA LEU H 294 13.20 26.44 73.74
C LEU H 294 13.23 25.02 73.21
N SER H 295 13.46 24.90 71.90
CA SER H 295 13.42 23.60 71.27
C SER H 295 14.63 22.77 71.69
N GLY H 296 15.81 23.23 71.33
CA GLY H 296 16.96 22.40 71.55
C GLY H 296 16.80 21.22 70.61
N LYS H 297 17.17 20.05 71.11
CA LYS H 297 16.88 18.77 70.47
C LYS H 297 15.79 18.18 71.33
N SER H 298 14.82 17.52 70.72
CA SER H 298 13.67 17.11 71.52
C SER H 298 14.01 15.84 72.28
N PRO H 299 13.80 15.82 73.60
CA PRO H 299 14.01 14.59 74.38
C PRO H 299 12.87 13.60 74.22
N TYR H 300 11.86 13.98 73.43
CA TYR H 300 10.68 13.19 73.18
C TYR H 300 10.71 12.55 71.79
N SER H 301 11.77 12.73 71.02
CA SER H 301 11.80 12.19 69.68
C SER H 301 11.90 10.68 69.72
N SER H 302 11.57 10.05 68.60
CA SER H 302 11.65 8.60 68.54
C SER H 302 13.06 8.13 68.82
N ASN H 303 14.06 8.92 68.46
CA ASN H 303 15.43 8.50 68.78
C ASN H 303 15.72 8.62 70.27
N ALA H 304 15.29 9.71 70.92
CA ALA H 304 15.58 9.97 72.33
C ALA H 304 14.98 8.91 73.23
N VAL H 305 13.89 8.33 72.79
CA VAL H 305 13.19 7.33 73.56
C VAL H 305 13.14 6.02 72.75
N GLY H 306 14.28 5.68 72.13
CA GLY H 306 14.33 4.61 71.14
C GLY H 306 13.86 3.24 71.62
N HIS H 307 14.30 2.81 72.81
CA HIS H 307 13.87 1.50 73.29
C HIS H 307 12.37 1.44 73.53
N VAL H 308 11.80 2.49 74.14
CA VAL H 308 10.34 2.49 74.36
C VAL H 308 9.63 2.53 73.01
N PHE H 309 10.13 3.32 72.09
CA PHE H 309 9.52 3.41 70.77
C PHE H 309 9.52 2.05 70.10
N ASN H 310 10.68 1.38 70.07
CA ASN H 310 10.74 0.09 69.41
C ASN H 310 9.80 -0.91 70.05
N LEU H 311 9.78 -0.96 71.39
CA LEU H 311 8.87 -1.89 72.06
C LEU H 311 7.42 -1.58 71.70
N ILE H 312 7.04 -0.30 71.69
CA ILE H 312 5.65 0.03 71.39
C ILE H 312 5.26 -0.50 70.02
N HIS H 313 6.08 -0.22 69.01
CA HIS H 313 5.70 -0.62 67.67
C HIS H 313 5.91 -2.10 67.43
N PHE H 314 6.86 -2.74 68.11
CA PHE H 314 6.92 -4.18 68.01
C PHE H 314 5.65 -4.80 68.55
N VAL H 315 5.14 -4.27 69.67
CA VAL H 315 3.85 -4.71 70.20
C VAL H 315 2.76 -4.44 69.19
N GLY H 316 2.79 -3.25 68.56
CA GLY H 316 1.80 -2.92 67.57
C GLY H 316 1.79 -3.87 66.39
N CYS H 317 2.96 -4.22 65.89
CA CYS H 317 3.00 -5.19 64.79
C CYS H 317 2.41 -6.52 65.21
N TYR H 318 2.68 -6.95 66.44
CA TYR H 318 2.08 -8.19 66.90
C TYR H 318 0.56 -8.11 66.84
N MET H 319 0.01 -6.93 67.09
CA MET H 319 -1.44 -6.72 67.04
C MET H 319 -1.94 -6.28 65.66
N GLY H 320 -1.07 -6.20 64.66
CA GLY H 320 -1.48 -5.85 63.32
C GLY H 320 -1.74 -4.39 63.08
N GLN H 321 -1.24 -3.51 63.95
CA GLN H 321 -1.41 -2.08 63.76
C GLN H 321 -0.59 -1.63 62.57
N VAL H 322 -1.25 -1.08 61.56
CA VAL H 322 -0.50 -0.70 60.38
C VAL H 322 0.46 0.42 60.70
N ARG H 323 0.07 1.35 61.58
CA ARG H 323 0.94 2.45 61.95
C ARG H 323 2.29 1.94 62.42
N SER H 324 2.28 0.92 63.26
CA SER H 324 3.53 0.35 63.75
C SER H 324 4.27 -0.36 62.62
N LEU H 325 3.54 -1.02 61.71
CA LEU H 325 4.18 -1.73 60.61
C LEU H 325 4.98 -0.77 59.73
N ASN H 326 4.51 0.47 59.53
CA ASN H 326 5.17 1.45 58.67
C ASN H 326 6.10 2.39 59.41
N ALA H 327 6.18 2.31 60.74
CA ALA H 327 7.12 3.16 61.45
C ALA H 327 8.54 2.67 61.19
N THR H 328 9.48 3.60 61.19
CA THR H 328 10.89 3.30 60.92
C THR H 328 11.58 2.95 62.24
N VAL H 329 12.23 1.78 62.28
CA VAL H 329 12.81 1.27 63.52
C VAL H 329 14.06 2.05 63.90
N ILE H 330 14.23 2.29 65.21
CA ILE H 330 15.42 2.94 65.73
C ILE H 330 16.48 1.85 65.81
N ALA H 331 17.39 1.80 64.84
CA ALA H 331 18.31 0.66 64.74
C ALA H 331 19.29 0.59 65.90
N ALA H 332 19.65 1.74 66.45
CA ALA H 332 20.64 1.76 67.54
C ALA H 332 20.11 1.07 68.78
N CYS H 333 18.83 1.24 69.09
CA CYS H 333 18.29 0.89 70.40
C CYS H 333 17.79 -0.56 70.46
N ALA H 334 18.75 -1.47 70.33
CA ALA H 334 18.62 -2.91 70.57
C ALA H 334 17.28 -3.45 70.09
N PRO H 335 17.00 -3.36 68.79
CA PRO H 335 15.67 -3.76 68.33
C PRO H 335 15.42 -5.23 68.58
N HIS H 336 16.45 -6.07 68.55
CA HIS H 336 16.20 -7.49 68.71
C HIS H 336 15.61 -7.77 70.08
N GLU H 337 16.24 -7.25 71.13
CA GLU H 337 15.70 -7.49 72.47
C GLU H 337 14.31 -6.89 72.60
N MET H 338 14.09 -5.70 72.04
CA MET H 338 12.78 -5.08 72.10
C MET H 338 11.72 -5.93 71.40
N SER H 339 12.08 -6.59 70.29
CA SER H 339 11.10 -7.44 69.62
C SER H 339 10.72 -8.64 70.47
N VAL H 340 11.68 -9.22 71.21
CA VAL H 340 11.38 -10.35 72.09
C VAL H 340 10.42 -9.93 73.18
N LEU H 341 10.73 -8.81 73.87
CA LEU H 341 9.80 -8.33 74.89
C LEU H 341 8.48 -7.99 74.26
N GLY H 342 8.53 -7.46 73.05
CA GLY H 342 7.32 -7.13 72.34
C GLY H 342 6.50 -8.36 72.02
N GLY H 343 7.16 -9.47 71.72
CA GLY H 343 6.44 -10.70 71.49
C GLY H 343 5.64 -11.16 72.70
N TYR H 344 6.27 -11.15 73.87
CA TYR H 344 5.58 -11.55 75.10
C TYR H 344 4.48 -10.58 75.46
N LEU H 345 4.75 -9.28 75.34
CA LEU H 345 3.72 -8.27 75.61
C LEU H 345 2.60 -8.36 74.58
N GLY H 346 2.96 -8.56 73.31
CA GLY H 346 1.94 -8.68 72.28
C GLY H 346 1.05 -9.89 72.46
N GLU H 347 1.65 -11.05 72.76
CA GLU H 347 0.81 -12.22 73.03
C GLU H 347 -0.14 -11.96 74.19
N GLU H 348 0.33 -11.30 75.24
CA GLU H 348 -0.54 -11.05 76.37
C GLU H 348 -1.71 -10.17 75.97
N PHE H 349 -1.47 -9.18 75.12
CA PHE H 349 -2.48 -8.19 74.82
C PHE H 349 -3.28 -8.44 73.55
N PHE H 350 -2.89 -9.38 72.73
CA PHE H 350 -3.58 -9.61 71.48
C PHE H 350 -4.71 -10.58 71.74
N GLY H 351 -5.94 -10.15 71.47
CA GLY H 351 -7.05 -11.07 71.64
C GLY H 351 -7.52 -11.28 73.06
N LYS H 352 -7.12 -10.45 73.99
CA LYS H 352 -7.49 -10.64 75.37
C LYS H 352 -7.96 -9.30 75.95
N GLY H 353 -8.94 -9.35 76.83
CA GLY H 353 -9.41 -8.16 77.48
C GLY H 353 -9.80 -8.44 78.91
N THR H 354 -9.71 -7.41 79.72
CA THR H 354 -10.07 -7.45 81.13
C THR H 354 -11.48 -6.89 81.30
N PHE H 355 -12.45 -7.77 81.54
CA PHE H 355 -13.87 -7.40 81.60
C PHE H 355 -14.45 -7.62 82.99
N GLU H 356 -15.29 -6.69 83.41
CA GLU H 356 -15.97 -6.75 84.69
C GLU H 356 -17.37 -6.18 84.54
N ARG H 357 -18.32 -6.73 85.29
CA ARG H 357 -19.66 -6.18 85.26
C ARG H 357 -19.66 -4.80 85.92
N ARG H 358 -20.11 -3.78 85.21
CA ARG H 358 -20.19 -2.43 85.74
C ARG H 358 -21.61 -1.85 85.75
N PHE H 359 -22.55 -2.50 85.06
CA PHE H 359 -23.92 -2.01 84.94
C PHE H 359 -24.86 -3.04 85.55
N PHE H 360 -25.76 -2.58 86.41
CA PHE H 360 -26.68 -3.46 87.10
C PHE H 360 -28.08 -2.88 87.05
N ARG H 361 -29.07 -3.77 87.15
CA ARG H 361 -30.47 -3.33 87.07
C ARG H 361 -30.85 -2.49 88.28
N ASP H 362 -30.47 -2.94 89.47
CA ASP H 362 -30.90 -2.27 90.68
C ASP H 362 -29.71 -2.17 91.64
N GLU H 363 -29.85 -1.27 92.61
CA GLU H 363 -28.77 -1.06 93.56
C GLU H 363 -28.43 -2.34 94.33
N LYS H 364 -29.44 -3.13 94.70
CA LYS H 364 -29.17 -4.36 95.43
C LYS H 364 -28.29 -5.33 94.63
N GLU H 365 -28.52 -5.43 93.31
CA GLU H 365 -27.70 -6.30 92.47
C GLU H 365 -26.24 -5.86 92.46
N LEU H 366 -26.00 -4.55 92.44
CA LEU H 366 -24.65 -4.00 92.51
C LEU H 366 -23.98 -4.39 93.80
N GLN H 367 -24.72 -4.33 94.91
CA GLN H 367 -24.22 -4.73 96.23
C GLN H 367 -23.84 -6.20 96.25
N GLU H 368 -24.66 -7.06 95.61
CA GLU H 368 -24.35 -8.49 95.55
C GLU H 368 -23.08 -8.75 94.76
N TYR H 369 -22.91 -8.07 93.62
CA TYR H 369 -21.68 -8.22 92.88
C TYR H 369 -20.51 -7.59 93.64
N GLU H 370 -20.77 -6.60 94.50
CA GLU H 370 -19.70 -5.98 95.27
C GLU H 370 -19.25 -6.87 96.44
N ALA H 371 -20.17 -7.66 97.01
CA ALA H 371 -19.78 -8.56 98.09
C ALA H 371 -18.98 -9.76 97.57
N ALA H 372 -19.28 -10.22 96.34
CA ALA H 372 -18.57 -11.34 95.69
C ALA H 372 -17.12 -10.99 95.36
N GLU H 398 -3.83 -16.57 81.85
CA GLU H 398 -5.16 -16.56 82.46
C GLU H 398 -5.40 -15.24 83.21
N THR H 399 -4.50 -14.86 84.12
CA THR H 399 -4.57 -13.58 84.82
C THR H 399 -3.62 -12.57 84.19
N ARG H 400 -4.09 -11.35 83.97
CA ARG H 400 -3.28 -10.31 83.35
C ARG H 400 -2.62 -9.51 84.46
N SER H 401 -1.30 -9.61 84.53
CA SER H 401 -0.51 -8.89 85.51
C SER H 401 0.91 -8.76 85.02
N PRO H 402 1.66 -7.74 85.44
CA PRO H 402 3.09 -7.70 85.08
C PRO H 402 3.82 -8.92 85.58
N GLU H 403 3.53 -9.37 86.81
CA GLU H 403 4.26 -10.48 87.40
C GLU H 403 4.07 -11.74 86.57
N ALA H 404 2.84 -11.98 86.11
CA ALA H 404 2.55 -13.17 85.32
C ALA H 404 3.34 -13.18 84.04
N VAL H 405 3.43 -12.02 83.37
CA VAL H 405 4.17 -11.98 82.12
C VAL H 405 5.65 -12.24 82.37
N TYR H 406 6.20 -11.61 83.41
CA TYR H 406 7.63 -11.73 83.70
C TYR H 406 8.02 -13.18 83.95
N THR H 407 7.24 -13.89 84.77
CA THR H 407 7.50 -15.29 85.04
C THR H 407 7.40 -16.11 83.77
N ARG H 408 6.45 -15.77 82.89
CA ARG H 408 6.32 -16.48 81.63
C ARG H 408 7.58 -16.33 80.80
N ILE H 409 8.13 -15.11 80.74
CA ILE H 409 9.37 -14.84 80.03
C ILE H 409 10.52 -15.63 80.66
N MET H 410 10.55 -15.65 82.00
CA MET H 410 11.63 -16.36 82.68
C MET H 410 11.53 -17.86 82.44
N MET H 411 10.32 -18.42 82.38
CA MET H 411 10.20 -19.85 82.14
C MET H 411 10.83 -20.27 80.82
N ASN H 412 10.70 -19.42 79.80
CA ASN H 412 11.29 -19.70 78.49
C ASN H 412 12.73 -19.20 78.37
N GLY H 413 13.37 -18.82 79.48
CA GLY H 413 14.76 -18.42 79.42
C GLY H 413 15.00 -17.14 78.67
N GLY H 414 14.01 -16.24 78.66
CA GLY H 414 14.15 -14.98 77.95
C GLY H 414 14.20 -15.11 76.44
N ARG H 415 13.66 -16.19 75.89
CA ARG H 415 13.67 -16.47 74.46
C ARG H 415 12.27 -16.40 73.87
N LEU H 416 12.16 -15.92 72.64
CA LEU H 416 10.87 -15.87 71.98
C LEU H 416 10.24 -17.25 71.87
N LYS H 417 8.92 -17.33 72.06
CA LYS H 417 8.23 -18.59 71.76
C LYS H 417 8.12 -18.77 70.25
N ARG H 418 8.01 -20.02 69.80
CA ARG H 418 7.90 -20.23 68.35
C ARG H 418 6.65 -19.56 67.80
N SER H 419 5.57 -19.54 68.60
CA SER H 419 4.32 -18.88 68.19
C SER H 419 4.52 -17.39 67.98
N HIS H 420 5.30 -16.75 68.86
CA HIS H 420 5.62 -15.34 68.64
C HIS H 420 6.24 -15.18 67.28
N ILE H 421 7.17 -16.07 66.93
CA ILE H 421 7.86 -15.96 65.65
C ILE H 421 6.90 -16.14 64.50
N ARG H 422 5.99 -17.11 64.63
CA ARG H 422 5.03 -17.34 63.57
C ARG H 422 4.17 -16.09 63.36
N ARG H 423 3.63 -15.54 64.45
CA ARG H 423 2.75 -14.37 64.35
C ARG H 423 3.47 -13.21 63.71
N TYR H 424 4.70 -12.95 64.17
CA TYR H 424 5.48 -11.88 63.60
C TYR H 424 5.65 -12.11 62.11
N VAL H 425 5.95 -13.36 61.73
CA VAL H 425 6.21 -13.65 60.32
C VAL H 425 4.94 -13.47 59.50
N SER H 426 3.81 -13.93 60.03
CA SER H 426 2.55 -13.78 59.32
C SER H 426 2.18 -12.31 59.11
N VAL H 427 2.41 -11.45 60.11
CA VAL H 427 2.03 -10.03 59.94
C VAL H 427 2.92 -9.34 58.92
N SER H 428 4.23 -9.60 58.96
CA SER H 428 5.16 -8.93 58.06
C SER H 428 4.97 -9.38 56.61
N SER H 429 4.75 -10.68 56.39
CA SER H 429 4.68 -11.20 55.03
C SER H 429 3.45 -10.70 54.28
N ASN H 430 2.30 -10.58 54.96
CA ASN H 430 1.08 -10.15 54.26
C ASN H 430 1.12 -8.65 53.99
N HIS H 431 1.70 -7.87 54.89
CA HIS H 431 1.80 -6.43 54.70
C HIS H 431 2.99 -6.07 53.82
N GLN H 432 2.82 -5.01 53.01
CA GLN H 432 3.89 -4.49 52.16
C GLN H 432 4.86 -3.75 53.03
N ALA H 433 6.13 -4.07 52.88
CA ALA H 433 7.15 -3.61 53.80
C ALA H 433 7.86 -2.39 53.22
N ARG H 434 7.92 -1.31 54.00
CA ARG H 434 8.69 -0.14 53.58
C ARG H 434 10.16 -0.42 53.92
N PRO H 435 11.13 0.32 53.30
CA PRO H 435 12.56 -0.01 53.47
C PRO H 435 13.09 -0.16 54.90
N ASN H 436 12.86 0.86 55.73
CA ASN H 436 13.35 0.86 57.10
C ASN H 436 12.24 0.64 58.11
N SER H 437 11.15 -0.03 57.69
CA SER H 437 10.04 -0.20 58.61
C SER H 437 10.33 -1.35 59.57
N PHE H 438 9.49 -1.40 60.61
CA PHE H 438 9.48 -2.53 61.53
C PHE H 438 9.13 -3.82 60.79
N ALA H 439 8.23 -3.72 59.81
CA ALA H 439 7.84 -4.89 59.03
C ALA H 439 9.02 -5.49 58.30
N GLU H 440 9.86 -4.64 57.73
CA GLU H 440 11.01 -5.13 56.99
C GLU H 440 11.97 -5.86 57.92
N PHE H 441 12.19 -5.27 59.11
CA PHE H 441 13.01 -5.90 60.14
C PHE H 441 12.44 -7.25 60.56
N LEU H 442 11.13 -7.32 60.76
CA LEU H 442 10.54 -8.59 61.13
C LEU H 442 10.73 -9.62 60.03
N ASN H 443 10.59 -9.21 58.76
CA ASN H 443 10.76 -10.15 57.65
C ASN H 443 12.20 -10.65 57.54
N LYS H 444 13.16 -9.74 57.65
CA LYS H 444 14.56 -10.11 57.54
C LYS H 444 15.02 -10.95 58.74
N THR H 445 14.50 -10.65 59.92
CA THR H 445 15.02 -11.31 61.11
C THR H 445 14.53 -12.73 61.22
N TYR H 446 13.23 -12.94 61.00
CA TYR H 446 12.57 -14.25 61.05
C TYR H 446 12.01 -14.58 59.68
N SER H 447 12.68 -15.46 58.94
CA SER H 447 12.22 -15.87 57.63
C SER H 447 11.60 -17.25 57.64
N SER H 448 11.74 -17.99 58.75
CA SER H 448 11.08 -19.28 58.89
C SER H 448 10.20 -19.34 60.16
N ILE I 6 0.26 6.98 88.61
CA ILE I 6 0.25 7.57 89.93
C ILE I 6 1.68 7.61 90.48
N VAL I 7 2.24 6.45 90.78
CA VAL I 7 3.54 6.36 91.43
C VAL I 7 4.44 5.38 90.68
N PHE I 8 5.75 5.66 90.70
CA PHE I 8 6.76 4.79 90.11
C PHE I 8 8.03 4.68 90.93
N LYS I 9 8.70 3.54 90.83
CA LYS I 9 9.97 3.39 91.53
C LYS I 9 10.96 2.86 90.47
N VAL I 10 11.99 3.64 90.15
CA VAL I 10 12.87 3.25 89.06
C VAL I 10 13.94 4.32 88.86
N ASN I 11 15.19 3.89 88.71
CA ASN I 11 16.31 4.74 88.26
C ASN I 11 17.51 3.84 87.97
N ASN I 12 18.58 4.46 87.42
CA ASN I 12 19.81 3.74 87.13
C ASN I 12 20.41 3.14 88.40
N GLN I 13 20.54 3.97 89.43
CA GLN I 13 21.01 3.43 90.69
C GLN I 13 20.28 4.01 91.89
N VAL I 14 19.23 4.81 91.68
CA VAL I 14 18.45 5.39 92.77
C VAL I 14 16.99 4.96 92.65
N VAL I 15 16.24 5.07 93.77
CA VAL I 15 14.80 4.77 93.76
C VAL I 15 14.01 6.05 93.43
N SER I 16 14.10 6.51 92.19
CA SER I 16 13.38 7.72 91.77
C SER I 16 11.89 7.48 91.71
N LEU I 17 11.12 8.43 92.24
CA LEU I 17 9.66 8.38 92.23
C LEU I 17 9.16 9.43 91.26
N LYS I 18 8.44 8.98 90.23
CA LYS I 18 7.97 9.89 89.20
C LYS I 18 6.47 9.68 89.02
N PRO I 19 5.68 10.75 89.05
CA PRO I 19 4.27 10.65 88.64
C PRO I 19 4.21 10.88 87.13
N GLU I 20 3.59 9.96 86.42
CA GLU I 20 3.53 10.02 84.96
C GLU I 20 2.30 10.84 84.56
N ILE I 21 2.47 11.74 83.62
CA ILE I 21 1.41 12.67 83.21
C ILE I 21 1.11 12.49 81.73
N ILE I 22 -0.15 12.27 81.40
CA ILE I 22 -0.61 12.16 80.01
C ILE I 22 -1.79 13.13 79.85
N VAL I 23 -1.92 13.72 78.65
CA VAL I 23 -2.93 14.75 78.39
C VAL I 23 -4.16 14.11 77.76
N ASP I 24 -5.34 14.37 78.35
CA ASP I 24 -6.62 13.88 77.80
C ASP I 24 -7.79 14.71 78.38
N GLN I 25 -8.28 15.69 77.60
CA GLN I 25 -9.38 16.58 77.99
C GLN I 25 -10.41 16.71 76.87
N HIS I 26 -11.69 16.86 77.24
CA HIS I 26 -12.74 17.15 76.26
C HIS I 26 -13.77 18.09 76.89
N GLU I 27 -14.70 18.60 76.08
CA GLU I 27 -15.72 19.56 76.52
C GLU I 27 -17.11 18.92 76.54
N TYR I 28 -17.63 18.53 75.38
CA TYR I 28 -18.92 17.85 75.23
C TYR I 28 -20.04 18.67 75.89
N LYS I 29 -20.45 19.72 75.19
CA LYS I 29 -21.50 20.58 75.72
C LYS I 29 -22.84 20.06 75.22
N TYR I 30 -23.91 20.09 76.17
CA TYR I 30 -25.21 19.51 75.83
C TYR I 30 -26.19 20.59 75.35
N PRO I 31 -27.11 20.21 74.46
CA PRO I 31 -28.08 21.15 73.86
C PRO I 31 -29.29 21.35 74.77
N ALA I 32 -29.56 22.60 75.12
CA ALA I 32 -30.67 22.85 76.03
C ALA I 32 -31.05 24.32 75.93
N ILE I 33 -32.36 24.59 75.97
CA ILE I 33 -32.83 25.98 75.97
C ILE I 33 -33.38 26.33 77.35
N LYS I 34 -32.51 26.79 78.28
CA LYS I 34 -33.01 27.28 79.56
C LYS I 34 -33.51 28.72 79.44
N ASP I 35 -32.91 29.49 78.51
CA ASP I 35 -33.33 30.86 78.25
C ASP I 35 -34.71 30.94 77.62
N LEU I 36 -35.17 29.85 77.02
CA LEU I 36 -36.47 29.78 76.32
C LEU I 36 -36.50 30.71 75.09
N LYS I 37 -35.35 30.96 74.48
CA LYS I 37 -35.25 31.76 73.28
C LYS I 37 -34.99 30.81 72.12
N LYS I 38 -35.77 30.95 71.07
CA LYS I 38 -35.61 30.11 69.90
C LYS I 38 -34.28 30.42 69.20
N PRO I 39 -33.66 29.42 68.55
CA PRO I 39 -32.34 29.63 67.95
C PRO I 39 -32.33 30.76 66.94
N CYS I 40 -31.28 31.58 66.98
CA CYS I 40 -31.23 32.80 66.18
C CYS I 40 -29.94 32.93 65.39
N ILE I 41 -30.06 33.46 64.16
CA ILE I 41 -28.92 33.84 63.33
C ILE I 41 -29.20 35.22 62.77
N THR I 42 -28.14 36.01 62.58
CA THR I 42 -28.17 37.37 62.05
C THR I 42 -27.69 37.39 60.58
N LEU I 43 -28.44 38.08 59.73
CA LEU I 43 -28.12 38.16 58.30
C LEU I 43 -28.60 39.52 57.78
N GLY I 44 -28.43 39.77 56.48
CA GLY I 44 -28.68 41.10 55.91
C GLY I 44 -30.15 41.42 55.65
N LYS I 45 -30.37 42.58 55.00
CA LYS I 45 -31.72 43.09 54.77
C LYS I 45 -32.47 42.20 53.79
N ALA I 46 -33.76 42.01 54.07
CA ALA I 46 -34.58 41.11 53.26
C ALA I 46 -34.64 41.67 51.83
N PRO I 47 -34.35 40.87 50.82
CA PRO I 47 -34.40 41.35 49.44
C PRO I 47 -35.79 41.21 48.85
N ASP I 48 -36.00 41.88 47.71
CA ASP I 48 -37.23 41.59 46.99
C ASP I 48 -37.08 40.18 46.45
N LEU I 49 -38.03 39.31 46.78
CA LEU I 49 -37.95 37.90 46.42
C LEU I 49 -37.62 37.71 44.93
N ASN I 50 -38.40 38.36 44.05
CA ASN I 50 -38.21 38.26 42.60
C ASN I 50 -36.80 38.70 42.16
N LYS I 51 -36.32 39.80 42.74
CA LYS I 51 -34.98 40.23 42.38
C LYS I 51 -33.96 39.25 42.92
N ALA I 52 -34.17 38.81 44.17
CA ALA I 52 -33.22 37.87 44.75
C ALA I 52 -33.22 36.58 43.95
N TYR I 53 -34.40 36.14 43.48
CA TYR I 53 -34.52 34.91 42.69
C TYR I 53 -33.70 35.01 41.40
N LYS I 54 -33.71 36.16 40.73
CA LYS I 54 -32.93 36.30 39.50
C LYS I 54 -31.43 36.14 39.77
N SER I 55 -30.96 36.71 40.89
CA SER I 55 -29.54 36.74 41.26
C SER I 55 -29.01 35.34 41.56
N VAL I 56 -29.71 34.61 42.43
CA VAL I 56 -29.24 33.29 42.83
C VAL I 56 -29.36 32.31 41.65
N LEU I 57 -30.40 32.45 40.82
CA LEU I 57 -30.44 31.55 39.65
C LEU I 57 -29.29 31.81 38.69
N SER I 58 -29.05 33.08 38.44
CA SER I 58 -27.95 33.42 37.57
C SER I 58 -26.68 32.87 38.17
N GLY I 59 -26.56 33.02 39.50
CA GLY I 59 -25.41 32.50 40.20
C GLY I 59 -25.29 30.99 40.08
N MET I 60 -26.42 30.29 40.14
CA MET I 60 -26.39 28.84 40.01
C MET I 60 -25.85 28.42 38.66
N SER I 61 -26.40 28.99 37.59
CA SER I 61 -25.99 28.54 36.28
C SER I 61 -24.53 28.86 36.02
N ALA I 62 -24.02 29.93 36.64
CA ALA I 62 -22.64 30.39 36.50
C ALA I 62 -21.64 29.71 37.44
N ALA I 63 -22.11 28.85 38.34
CA ALA I 63 -21.28 28.17 39.32
C ALA I 63 -20.61 29.11 40.30
N LYS I 64 -21.09 30.36 40.41
CA LYS I 64 -20.56 31.30 41.38
C LYS I 64 -21.68 31.76 42.31
N LEU I 65 -21.56 31.46 43.59
CA LEU I 65 -22.62 31.82 44.53
C LEU I 65 -22.08 32.57 45.73
N ASP I 66 -22.86 33.56 46.15
CA ASP I 66 -22.48 34.32 47.30
C ASP I 66 -23.20 33.75 48.50
N PRO I 67 -22.47 33.27 49.50
CA PRO I 67 -23.11 32.59 50.62
C PRO I 67 -24.10 33.48 51.36
N ASP I 68 -23.73 34.75 51.62
CA ASP I 68 -24.61 35.65 52.35
C ASP I 68 -25.90 35.94 51.60
N ASP I 69 -25.81 36.14 50.28
CA ASP I 69 -26.98 36.38 49.43
C ASP I 69 -27.87 35.14 49.36
N VAL I 70 -27.26 33.97 49.23
CA VAL I 70 -28.01 32.71 49.19
C VAL I 70 -28.76 32.51 50.51
N CYS I 71 -28.10 32.80 51.63
CA CYS I 71 -28.75 32.65 52.94
C CYS I 71 -29.92 33.62 53.13
N SER I 72 -29.78 34.87 52.69
CA SER I 72 -30.89 35.82 52.84
C SER I 72 -32.10 35.39 52.02
N TYR I 73 -31.86 34.86 50.81
CA TYR I 73 -32.95 34.39 49.97
C TYR I 73 -33.68 33.21 50.62
N LEU I 74 -32.92 32.28 51.22
CA LEU I 74 -33.54 31.13 51.87
C LEU I 74 -34.37 31.55 53.08
N ALA I 75 -33.87 32.51 53.88
CA ALA I 75 -34.65 33.01 55.01
C ALA I 75 -35.87 33.78 54.54
N ALA I 76 -35.74 34.54 53.44
CA ALA I 76 -36.90 35.24 52.88
C ALA I 76 -37.93 34.26 52.31
N ALA I 77 -37.47 33.17 51.68
CA ALA I 77 -38.37 32.20 51.07
C ALA I 77 -39.18 31.39 52.08
N MET I 78 -38.80 31.40 53.37
CA MET I 78 -39.48 30.59 54.40
C MET I 78 -40.96 30.92 54.54
N GLN I 79 -41.34 32.16 54.23
CA GLN I 79 -42.75 32.56 54.32
C GLN I 79 -43.60 31.81 53.30
N PHE I 80 -42.98 31.43 52.16
CA PHE I 80 -43.74 30.75 51.11
C PHE I 80 -44.33 29.43 51.64
N PHE I 81 -43.56 28.69 52.44
CA PHE I 81 -43.96 27.36 52.91
C PHE I 81 -44.74 27.48 54.22
N GLU I 82 -46.04 27.17 54.17
CA GLU I 82 -46.92 27.30 55.33
C GLU I 82 -47.84 26.09 55.39
N GLY I 83 -48.13 25.64 56.62
CA GLY I 83 -49.01 24.50 56.81
C GLY I 83 -49.61 24.49 58.20
N THR I 84 -50.69 23.73 58.34
CA THR I 84 -51.31 23.55 59.65
C THR I 84 -50.51 22.59 60.56
N CYS I 85 -50.45 22.91 61.86
CA CYS I 85 -49.76 22.03 62.79
C CYS I 85 -50.73 20.96 63.31
N PRO I 86 -50.42 19.66 63.17
CA PRO I 86 -51.42 18.63 63.52
C PRO I 86 -51.74 18.56 65.00
N GLU I 87 -50.74 18.73 65.88
CA GLU I 87 -50.90 18.62 67.32
C GLU I 87 -50.14 19.80 67.94
N ASP I 88 -50.41 20.08 69.23
CA ASP I 88 -49.66 21.14 69.93
C ASP I 88 -48.17 20.80 69.98
N TRP I 89 -47.33 21.76 69.59
CA TRP I 89 -45.89 21.58 69.40
C TRP I 89 -45.06 22.31 70.46
N THR I 90 -44.54 21.58 71.44
CA THR I 90 -43.65 22.14 72.46
C THR I 90 -42.26 21.50 72.38
N SER I 91 -41.24 22.30 72.08
CA SER I 91 -39.84 21.88 72.04
C SER I 91 -39.10 22.56 73.18
N TYR I 92 -38.59 21.78 74.13
CA TYR I 92 -37.93 22.30 75.35
C TYR I 92 -38.95 23.20 76.05
N GLY I 93 -38.55 24.33 76.65
CA GLY I 93 -39.53 25.20 77.30
C GLY I 93 -40.43 25.93 76.33
N ILE I 94 -39.92 26.19 75.12
CA ILE I 94 -40.66 26.93 74.09
C ILE I 94 -41.77 26.08 73.48
N VAL I 95 -42.98 26.67 73.36
CA VAL I 95 -44.14 26.08 72.67
C VAL I 95 -44.14 26.78 71.30
N ILE I 96 -43.63 26.08 70.27
CA ILE I 96 -43.46 26.74 68.98
C ILE I 96 -44.80 27.06 68.35
N ALA I 97 -45.79 26.18 68.54
CA ALA I 97 -47.09 26.45 67.90
C ALA I 97 -48.18 25.70 68.64
N ARG I 98 -49.40 26.16 68.43
CA ARG I 98 -50.59 25.53 69.00
C ARG I 98 -51.24 24.65 67.93
N LYS I 99 -51.96 23.62 68.40
CA LYS I 99 -52.62 22.71 67.47
C LYS I 99 -53.59 23.49 66.57
N GLY I 100 -53.55 23.21 65.28
CA GLY I 100 -54.43 23.87 64.35
C GLY I 100 -53.98 25.25 63.93
N ASP I 101 -52.76 25.66 64.29
CA ASP I 101 -52.23 26.95 63.92
C ASP I 101 -51.38 26.80 62.69
N LYS I 102 -51.64 27.66 61.70
CA LYS I 102 -50.76 27.70 60.54
C LYS I 102 -49.38 28.20 60.94
N ILE I 103 -48.33 27.57 60.37
CA ILE I 103 -46.96 27.90 60.72
C ILE I 103 -46.09 27.88 59.47
N THR I 104 -44.94 28.55 59.56
CA THR I 104 -43.92 28.56 58.54
C THR I 104 -42.62 28.10 59.17
N PRO I 105 -41.60 27.78 58.35
CA PRO I 105 -40.26 27.62 58.90
C PRO I 105 -39.79 28.85 59.65
N GLY I 106 -40.27 30.05 59.25
CA GLY I 106 -39.93 31.32 59.88
C GLY I 106 -40.33 31.42 61.34
N SER I 107 -41.35 30.64 61.78
CA SER I 107 -41.69 30.60 63.19
C SER I 107 -40.81 29.67 64.01
N LEU I 108 -40.13 28.68 63.40
CA LEU I 108 -39.49 27.63 64.22
C LEU I 108 -38.27 28.16 64.95
N VAL I 109 -37.56 29.11 64.32
CA VAL I 109 -36.38 29.77 64.86
C VAL I 109 -36.63 31.27 64.84
N GLU I 110 -35.69 32.03 65.38
CA GLU I 110 -35.75 33.50 65.35
C GLU I 110 -34.78 34.04 64.30
N ILE I 111 -35.27 34.80 63.32
CA ILE I 111 -34.39 35.39 62.31
C ILE I 111 -34.26 36.89 62.55
N LYS I 112 -33.04 37.38 62.72
CA LYS I 112 -32.75 38.81 62.92
C LYS I 112 -32.05 39.36 61.68
N ARG I 113 -32.65 40.36 61.03
CA ARG I 113 -32.09 40.95 59.82
C ARG I 113 -31.51 42.35 60.12
N THR I 114 -30.33 42.62 59.58
CA THR I 114 -29.64 43.91 59.68
C THR I 114 -29.98 44.74 58.45
N ASP I 115 -29.93 46.05 58.59
CA ASP I 115 -30.18 46.96 57.47
C ASP I 115 -29.13 46.87 56.34
N VAL I 116 -28.21 45.89 56.35
CA VAL I 116 -27.12 45.86 55.36
C VAL I 116 -27.63 45.31 54.03
N GLU I 117 -27.21 45.95 52.95
CA GLU I 117 -27.66 45.56 51.62
C GLU I 117 -26.77 44.44 51.06
N GLY I 118 -27.40 43.50 50.31
CA GLY I 118 -26.69 42.42 49.67
C GLY I 118 -26.23 42.78 48.27
N ASN I 119 -25.23 42.04 47.75
CA ASN I 119 -24.74 42.33 46.41
C ASN I 119 -25.76 41.98 45.33
N TRP I 120 -26.56 40.94 45.57
CA TRP I 120 -27.55 40.39 44.63
C TRP I 120 -27.19 40.78 43.19
N ALA I 121 -26.06 40.23 42.74
CA ALA I 121 -25.49 40.56 41.43
C ALA I 121 -25.76 39.44 40.41
N LEU I 122 -25.81 39.81 39.15
CA LEU I 122 -26.15 38.88 38.09
C LEU I 122 -24.86 38.36 37.46
N THR I 123 -24.61 37.08 37.62
CA THR I 123 -23.41 36.49 37.08
C THR I 123 -23.65 35.51 35.92
N GLY I 124 -24.67 34.64 36.00
CA GLY I 124 -24.88 33.63 34.99
C GLY I 124 -26.26 33.68 34.34
N GLY I 125 -26.41 32.84 33.33
CA GLY I 125 -27.57 32.98 32.48
C GLY I 125 -28.90 32.77 33.17
N MET I 126 -29.64 33.85 33.44
CA MET I 126 -31.02 33.74 33.91
C MET I 126 -31.91 34.35 32.79
N GLU I 127 -32.92 33.60 32.33
CA GLU I 127 -33.77 34.04 31.21
C GLU I 127 -35.17 34.53 31.59
N LEU I 128 -35.50 34.60 32.89
CA LEU I 128 -36.86 34.93 33.30
C LEU I 128 -37.12 36.42 33.06
N THR I 129 -38.03 36.69 32.13
CA THR I 129 -38.46 38.04 31.82
C THR I 129 -39.68 38.43 32.63
N ARG I 130 -40.30 37.46 33.31
CA ARG I 130 -41.47 37.69 34.12
C ARG I 130 -41.18 37.30 35.56
N ASP I 131 -42.08 37.69 36.46
CA ASP I 131 -41.96 37.36 37.87
C ASP I 131 -41.99 35.85 38.11
N PRO I 132 -41.14 35.33 39.00
CA PRO I 132 -41.12 33.89 39.25
C PRO I 132 -42.31 33.44 40.07
N THR I 133 -42.79 32.24 39.77
CA THR I 133 -43.88 31.63 40.53
C THR I 133 -43.34 30.89 41.74
N VAL I 134 -44.24 30.58 42.68
CA VAL I 134 -43.84 29.86 43.89
C VAL I 134 -43.14 28.53 43.57
N PRO I 135 -43.68 27.67 42.69
CA PRO I 135 -42.87 26.47 42.27
C PRO I 135 -41.42 26.75 41.84
N GLU I 136 -41.18 27.75 40.97
CA GLU I 136 -39.82 28.13 40.58
C GLU I 136 -38.98 28.47 41.81
N HIS I 137 -39.57 29.24 42.74
CA HIS I 137 -38.93 29.55 44.03
C HIS I 137 -38.63 28.26 44.82
N ALA I 138 -39.61 27.35 44.95
CA ALA I 138 -39.38 26.11 45.69
C ALA I 138 -38.36 25.20 44.98
N SER I 139 -38.36 25.18 43.64
CA SER I 139 -37.33 24.42 42.92
C SER I 139 -35.94 24.96 43.21
N LEU I 140 -35.79 26.29 43.18
CA LEU I 140 -34.48 26.89 43.48
C LEU I 140 -34.09 26.70 44.95
N VAL I 141 -35.05 26.87 45.89
CA VAL I 141 -34.78 26.68 47.32
C VAL I 141 -34.28 25.26 47.58
N GLY I 142 -34.91 24.27 46.94
CA GLY I 142 -34.47 22.88 47.07
C GLY I 142 -33.11 22.63 46.45
N LEU I 143 -32.87 23.21 45.27
CA LEU I 143 -31.58 23.06 44.62
C LEU I 143 -30.45 23.64 45.47
N LEU I 144 -30.70 24.79 46.10
CA LEU I 144 -29.69 25.42 46.95
C LEU I 144 -29.40 24.59 48.19
N LEU I 145 -30.44 24.14 48.90
CA LEU I 145 -30.22 23.33 50.08
C LEU I 145 -29.55 22.01 49.72
N SER I 146 -29.79 21.46 48.52
CA SER I 146 -29.16 20.19 48.15
C SER I 146 -27.64 20.27 48.08
N LEU I 147 -27.06 21.46 47.94
CA LEU I 147 -25.61 21.61 47.95
C LEU I 147 -25.01 21.17 49.29
N TYR I 148 -25.76 21.36 50.39
CA TYR I 148 -25.27 20.96 51.71
C TYR I 148 -24.99 19.46 51.77
N ARG I 149 -25.97 18.65 51.35
CA ARG I 149 -25.76 17.21 51.30
C ARG I 149 -24.64 16.84 50.34
N LEU I 150 -24.56 17.49 49.19
CA LEU I 150 -23.48 17.20 48.26
C LEU I 150 -22.13 17.53 48.87
N SER I 151 -22.08 18.60 49.68
CA SER I 151 -20.85 19.00 50.36
C SER I 151 -20.39 17.95 51.38
N LYS I 152 -21.31 17.43 52.19
CA LYS I 152 -20.96 16.47 53.24
C LYS I 152 -20.50 15.12 52.67
N ILE I 153 -21.12 14.65 51.57
CA ILE I 153 -20.86 13.29 51.08
C ILE I 153 -19.53 13.23 50.36
N SER I 154 -18.70 14.28 50.54
CA SER I 154 -17.37 14.25 49.98
C SER I 154 -16.47 13.42 50.89
N GLY I 155 -15.58 12.66 50.26
CA GLY I 155 -14.80 11.70 51.01
C GLY I 155 -14.01 10.82 50.05
N GLN I 156 -13.37 9.80 50.61
CA GLN I 156 -12.48 8.96 49.81
C GLN I 156 -13.27 8.09 48.85
N ASN I 157 -12.64 7.83 47.70
CA ASN I 157 -13.20 7.01 46.60
C ASN I 157 -14.53 7.60 46.12
N THR I 158 -15.62 6.83 46.17
CA THR I 158 -16.99 7.18 45.79
C THR I 158 -17.05 7.76 44.39
N GLY I 159 -17.26 9.07 44.33
CA GLY I 159 -17.44 9.81 43.08
C GLY I 159 -18.74 9.40 42.45
N ASN I 160 -18.84 8.14 42.02
CA ASN I 160 -20.10 7.69 41.43
C ASN I 160 -21.25 7.89 42.41
N TYR I 161 -20.97 7.75 43.71
CA TYR I 161 -22.04 7.91 44.69
C TYR I 161 -22.55 9.36 44.71
N LYS I 162 -21.63 10.34 44.71
CA LYS I 162 -22.02 11.75 44.70
C LYS I 162 -22.73 12.12 43.39
N THR I 163 -22.22 11.58 42.27
CA THR I 163 -22.86 11.81 40.96
C THR I 163 -24.26 11.24 40.93
N ASN I 164 -24.44 10.05 41.48
CA ASN I 164 -25.78 9.48 41.45
C ASN I 164 -26.74 10.30 42.31
N ILE I 165 -26.31 10.74 43.49
CA ILE I 165 -27.24 11.51 44.31
C ILE I 165 -27.61 12.83 43.65
N ALA I 166 -26.66 13.48 42.98
CA ALA I 166 -26.97 14.76 42.37
C ALA I 166 -28.05 14.60 41.30
N ASP I 167 -27.89 13.63 40.38
CA ASP I 167 -28.87 13.46 39.31
C ASP I 167 -30.25 13.09 39.87
N ARG I 168 -30.29 12.29 40.95
CA ARG I 168 -31.55 11.99 41.61
C ARG I 168 -32.21 13.27 42.13
N ILE I 169 -31.41 14.17 42.72
CA ILE I 169 -31.94 15.44 43.25
C ILE I 169 -32.49 16.31 42.11
N GLU I 170 -31.78 16.33 40.97
CA GLU I 170 -32.24 17.09 39.82
C GLU I 170 -33.58 16.55 39.32
N GLN I 171 -33.72 15.22 39.32
CA GLN I 171 -34.95 14.60 38.86
C GLN I 171 -36.14 15.02 39.72
N ILE I 172 -35.95 15.14 41.04
CA ILE I 172 -37.04 15.53 41.93
C ILE I 172 -37.55 16.94 41.58
N PHE I 173 -36.65 17.91 41.51
CA PHE I 173 -37.03 19.31 41.29
C PHE I 173 -37.35 19.64 39.84
N GLU I 174 -37.17 18.71 38.89
CA GLU I 174 -37.60 18.86 37.51
C GLU I 174 -38.97 18.21 37.29
N THR I 175 -39.51 17.54 38.31
CA THR I 175 -40.81 16.88 38.25
C THR I 175 -41.76 17.63 39.18
N ALA I 176 -43.08 17.56 38.89
CA ALA I 176 -44.07 18.32 39.64
C ALA I 176 -44.11 17.88 41.11
N PRO I 177 -44.30 18.80 42.06
CA PRO I 177 -44.77 20.20 41.97
C PRO I 177 -43.71 21.23 41.61
N PHE I 178 -42.50 20.77 41.36
CA PHE I 178 -41.38 21.64 41.02
C PHE I 178 -41.23 21.74 39.49
N VAL I 179 -40.60 22.83 39.04
CA VAL I 179 -40.34 23.06 37.62
C VAL I 179 -38.85 23.14 37.35
N LYS I 180 -38.45 22.61 36.18
CA LYS I 180 -37.05 22.57 35.81
C LYS I 180 -36.57 23.99 35.50
N ILE I 181 -35.62 24.46 36.31
CA ILE I 181 -35.04 25.80 36.14
C ILE I 181 -33.57 25.75 35.82
N VAL I 182 -32.90 24.62 36.00
CA VAL I 182 -31.46 24.59 35.89
C VAL I 182 -30.96 23.60 34.85
N GLU I 183 -31.74 23.29 33.82
CA GLU I 183 -31.33 22.29 32.85
C GLU I 183 -30.65 21.11 33.55
N HIS I 184 -29.70 20.40 32.92
CA HIS I 184 -29.11 19.24 33.57
C HIS I 184 -27.62 19.45 33.87
N HIS I 185 -27.12 18.68 34.84
CA HIS I 185 -25.72 18.60 35.25
C HIS I 185 -25.13 19.87 35.82
N THR I 186 -25.92 20.95 35.91
CA THR I 186 -25.50 22.18 36.56
C THR I 186 -25.30 22.03 38.08
N LEU I 187 -26.13 21.20 38.73
CA LEU I 187 -25.98 21.05 40.18
C LEU I 187 -24.62 20.46 40.54
N MET I 188 -24.18 19.44 39.79
CA MET I 188 -22.88 18.82 40.08
C MET I 188 -21.72 19.79 39.83
N THR I 189 -21.75 20.51 38.71
CA THR I 189 -20.61 21.37 38.38
C THR I 189 -20.50 22.55 39.35
N THR I 190 -21.63 23.15 39.76
CA THR I 190 -21.57 24.24 40.74
C THR I 190 -21.09 23.76 42.12
N HIS I 191 -21.42 22.51 42.48
CA HIS I 191 -20.95 21.93 43.74
C HIS I 191 -19.43 21.84 43.79
N LYS I 192 -18.78 21.62 42.64
CA LYS I 192 -17.33 21.60 42.62
C LYS I 192 -16.78 22.92 43.11
N MET I 193 -17.45 24.03 42.77
CA MET I 193 -17.07 25.35 43.29
C MET I 193 -17.56 25.61 44.71
N CYS I 194 -18.57 24.88 45.19
CA CYS I 194 -19.09 25.10 46.53
C CYS I 194 -18.91 23.86 47.40
N ALA I 195 -17.73 23.23 47.33
CA ALA I 195 -17.57 21.91 47.94
C ALA I 195 -17.60 21.93 49.45
N ASN I 196 -17.18 23.03 50.07
CA ASN I 196 -17.13 23.04 51.52
C ASN I 196 -18.24 23.90 52.11
N TRP I 197 -19.32 24.11 51.38
CA TRP I 197 -20.34 25.01 51.89
C TRP I 197 -20.99 24.47 53.15
N SER I 198 -20.87 23.17 53.37
CA SER I 198 -21.39 22.55 54.58
C SER I 198 -20.77 23.20 55.82
N THR I 199 -19.52 23.67 55.72
CA THR I 199 -18.87 24.35 56.84
C THR I 199 -19.57 25.66 57.21
N ILE I 200 -20.20 26.34 56.25
CA ILE I 200 -20.83 27.63 56.52
C ILE I 200 -21.89 27.52 57.61
N PRO I 201 -21.79 28.25 58.72
CA PRO I 201 -22.76 28.01 59.81
C PRO I 201 -24.17 28.45 59.46
N ASN I 202 -24.36 29.61 58.82
CA ASN I 202 -25.72 30.05 58.52
C ASN I 202 -26.39 29.13 57.51
N PHE I 203 -25.64 28.68 56.51
CA PHE I 203 -26.20 27.75 55.53
C PHE I 203 -26.68 26.46 56.19
N ARG I 204 -25.87 25.90 57.10
CA ARG I 204 -26.24 24.73 57.88
C ARG I 204 -27.46 25.00 58.75
N PHE I 205 -27.52 26.18 59.37
CA PHE I 205 -28.66 26.52 60.20
C PHE I 205 -29.95 26.52 59.38
N LEU I 206 -29.90 27.08 58.18
CA LEU I 206 -31.10 27.15 57.35
C LEU I 206 -31.53 25.78 56.85
N ALA I 207 -30.56 24.94 56.45
CA ALA I 207 -30.91 23.60 56.01
C ALA I 207 -31.58 22.84 57.14
N GLY I 208 -31.05 22.97 58.35
CA GLY I 208 -31.63 22.33 59.52
C GLY I 208 -33.01 22.85 59.85
N THR I 209 -33.22 24.17 59.71
CA THR I 209 -34.54 24.75 59.95
C THR I 209 -35.56 24.24 58.95
N TYR I 210 -35.17 24.19 57.67
CA TYR I 210 -36.08 23.66 56.69
C TYR I 210 -36.40 22.21 56.98
N ASP I 211 -35.38 21.43 57.32
CA ASP I 211 -35.60 20.02 57.59
C ASP I 211 -36.52 19.83 58.77
N MET I 212 -36.31 20.59 59.85
CA MET I 212 -37.17 20.43 61.01
C MET I 212 -38.60 20.78 60.66
N PHE I 213 -38.80 21.85 59.89
CA PHE I 213 -40.14 22.23 59.50
C PHE I 213 -40.82 21.11 58.72
N PHE I 214 -40.18 20.61 57.66
CA PHE I 214 -40.79 19.58 56.79
C PHE I 214 -40.94 18.25 57.50
N SER I 215 -40.21 18.03 58.59
CA SER I 215 -40.37 16.82 59.37
C SER I 215 -41.74 16.76 60.01
N ARG I 216 -42.16 17.86 60.66
CA ARG I 216 -43.45 17.87 61.34
C ARG I 216 -44.62 18.19 60.41
N ILE I 217 -44.46 19.16 59.52
CA ILE I 217 -45.57 19.69 58.73
C ILE I 217 -45.51 19.14 57.31
N GLU I 218 -46.55 18.40 56.93
CA GLU I 218 -46.58 17.93 55.55
C GLU I 218 -46.87 19.12 54.64
N HIS I 219 -46.15 19.20 53.53
CA HIS I 219 -46.33 20.33 52.64
C HIS I 219 -46.26 19.83 51.21
N LEU I 220 -46.71 20.69 50.28
CA LEU I 220 -46.63 20.36 48.86
C LEU I 220 -45.20 20.18 48.38
N TYR I 221 -44.29 20.99 48.91
CA TYR I 221 -42.87 20.94 48.58
C TYR I 221 -42.04 20.26 49.68
N SER I 222 -42.60 19.27 50.39
CA SER I 222 -41.83 18.60 51.45
C SER I 222 -40.63 17.84 50.88
N ALA I 223 -40.58 17.65 49.56
CA ALA I 223 -39.49 16.97 48.87
C ALA I 223 -38.16 17.72 48.96
N ILE I 224 -38.15 18.95 49.46
CA ILE I 224 -36.88 19.66 49.68
C ILE I 224 -35.97 18.92 50.66
N ARG I 225 -36.55 18.04 51.50
CA ARG I 225 -35.81 17.31 52.52
C ARG I 225 -34.70 16.46 51.92
N VAL I 226 -34.76 16.20 50.61
CA VAL I 226 -33.76 15.39 49.91
C VAL I 226 -32.39 15.99 50.07
N GLY I 227 -32.30 17.30 50.27
CA GLY I 227 -31.02 17.91 50.57
C GLY I 227 -30.79 18.04 52.06
N THR I 228 -31.84 18.39 52.81
CA THR I 228 -31.66 18.72 54.22
C THR I 228 -31.81 17.53 55.15
N VAL I 229 -32.07 16.33 54.61
CA VAL I 229 -32.31 15.16 55.46
C VAL I 229 -31.10 14.83 56.32
N VAL I 230 -29.89 15.10 55.82
CA VAL I 230 -28.67 14.76 56.56
C VAL I 230 -28.61 15.50 57.90
N THR I 231 -29.22 16.69 58.00
CA THR I 231 -29.15 17.47 59.25
C THR I 231 -29.81 16.75 60.42
N ALA I 232 -30.79 15.88 60.14
CA ALA I 232 -31.47 15.15 61.20
C ALA I 232 -30.50 14.18 61.87
N TYR I 233 -30.43 14.26 63.20
CA TYR I 233 -29.50 13.48 64.01
C TYR I 233 -28.07 13.64 63.53
N GLU I 234 -27.74 14.85 63.08
CA GLU I 234 -26.41 15.11 62.54
C GLU I 234 -25.36 14.99 63.63
N ASP I 235 -24.26 14.30 63.29
CA ASP I 235 -23.14 14.12 64.19
C ASP I 235 -23.55 13.36 65.47
N CYS I 236 -24.52 12.47 65.35
CA CYS I 236 -24.99 11.68 66.49
C CYS I 236 -24.98 10.19 66.19
N SER I 237 -24.06 9.75 65.29
CA SER I 237 -24.04 8.37 64.81
C SER I 237 -23.90 7.38 65.96
N GLY I 238 -23.24 7.78 67.04
CA GLY I 238 -23.16 6.88 68.18
C GLY I 238 -24.53 6.56 68.74
N LEU I 239 -25.34 7.59 69.02
CA LEU I 239 -26.68 7.34 69.55
C LEU I 239 -27.54 6.58 68.55
N VAL I 240 -27.46 6.93 67.26
CA VAL I 240 -28.22 6.21 66.24
C VAL I 240 -27.76 4.76 66.16
N SER I 241 -26.45 4.52 66.23
CA SER I 241 -25.96 3.15 66.19
C SER I 241 -26.48 2.34 67.37
N PHE I 242 -26.56 2.97 68.53
CA PHE I 242 -27.04 2.29 69.73
C PHE I 242 -28.50 1.90 69.61
N THR I 243 -29.33 2.79 69.09
CA THR I 243 -30.73 2.44 68.91
C THR I 243 -30.89 1.32 67.88
N GLY I 244 -30.14 1.40 66.78
CA GLY I 244 -30.18 0.32 65.79
C GLY I 244 -29.65 -0.99 66.33
N PHE I 245 -28.57 -0.92 67.10
CA PHE I 245 -28.04 -2.12 67.73
C PHE I 245 -29.13 -2.77 68.57
N ILE I 246 -29.89 -1.95 69.30
CA ILE I 246 -30.99 -2.44 70.14
C ILE I 246 -32.06 -3.16 69.32
N LYS I 247 -32.47 -2.55 68.19
CA LYS I 247 -33.55 -3.14 67.39
C LYS I 247 -33.12 -4.42 66.67
N GLN I 248 -31.94 -4.45 66.02
CA GLN I 248 -31.55 -5.68 65.31
C GLN I 248 -31.31 -6.82 66.26
N ILE I 249 -30.71 -6.53 67.42
CA ILE I 249 -30.42 -7.55 68.44
C ILE I 249 -31.65 -7.97 69.21
N ASN I 250 -32.73 -7.20 69.11
CA ASN I 250 -34.00 -7.54 69.74
C ASN I 250 -33.89 -7.54 71.27
N LEU I 251 -33.32 -6.48 71.81
CA LEU I 251 -33.22 -6.24 73.25
C LEU I 251 -33.78 -4.86 73.59
N THR I 252 -34.09 -4.67 74.88
CA THR I 252 -34.42 -3.38 75.46
C THR I 252 -33.17 -2.58 75.77
N ALA I 253 -33.28 -1.26 75.61
CA ALA I 253 -32.20 -0.34 75.94
C ALA I 253 -31.44 -0.74 77.21
N ARG I 254 -32.17 -0.98 78.31
CA ARG I 254 -31.51 -1.32 79.56
C ARG I 254 -30.76 -2.62 79.48
N GLU I 255 -31.45 -3.70 79.10
CA GLU I 255 -30.81 -5.01 79.03
C GLU I 255 -29.55 -4.99 78.19
N ALA I 256 -29.55 -4.24 77.08
CA ALA I 256 -28.36 -4.21 76.25
C ALA I 256 -27.18 -3.63 77.03
N ILE I 257 -27.40 -2.56 77.81
CA ILE I 257 -26.28 -1.95 78.53
C ILE I 257 -25.67 -2.91 79.55
N LEU I 258 -26.46 -3.83 80.12
CA LEU I 258 -25.92 -4.79 81.09
C LEU I 258 -24.80 -5.63 80.48
N TYR I 259 -24.88 -5.93 79.17
CA TYR I 259 -23.88 -6.72 78.44
C TYR I 259 -22.55 -5.98 78.24
N PHE I 260 -22.51 -4.68 78.53
CA PHE I 260 -21.31 -3.84 78.38
C PHE I 260 -20.43 -4.07 79.61
N PHE I 261 -19.57 -5.10 79.54
CA PHE I 261 -18.78 -5.49 80.71
C PHE I 261 -17.41 -4.82 80.70
N HIS I 262 -17.41 -3.50 80.79
CA HIS I 262 -16.14 -2.81 80.88
C HIS I 262 -16.30 -1.46 81.52
N LYS I 263 -15.24 -1.04 82.21
CA LYS I 263 -15.31 0.23 82.89
C LYS I 263 -15.45 1.37 81.90
N ASN I 264 -14.83 1.26 80.73
CA ASN I 264 -14.81 2.38 79.79
C ASN I 264 -16.21 2.82 79.42
N PHE I 265 -17.15 1.87 79.37
CA PHE I 265 -18.50 2.20 78.93
C PHE I 265 -19.18 3.20 79.86
N GLU I 266 -18.77 3.24 81.14
CA GLU I 266 -19.50 4.05 82.12
C GLU I 266 -19.58 5.50 81.68
N GLU I 267 -18.43 6.09 81.37
CA GLU I 267 -18.41 7.49 80.99
C GLU I 267 -19.27 7.73 79.76
N GLU I 268 -19.14 6.85 78.75
CA GLU I 268 -19.89 7.03 77.52
C GLU I 268 -21.39 6.85 77.75
N ILE I 269 -21.79 5.83 78.53
CA ILE I 269 -23.21 5.64 78.78
C ILE I 269 -23.79 6.87 79.48
N ARG I 270 -23.06 7.39 80.47
CA ARG I 270 -23.50 8.60 81.17
C ARG I 270 -23.58 9.76 80.19
N ARG I 271 -22.61 9.86 79.29
CA ARG I 271 -22.56 11.01 78.39
C ARG I 271 -23.76 11.02 77.44
N MET I 272 -24.08 9.87 76.85
CA MET I 272 -25.12 9.83 75.83
C MET I 272 -26.52 9.79 76.40
N PHE I 273 -26.67 9.46 77.68
CA PHE I 273 -28.01 9.39 78.26
C PHE I 273 -28.23 10.50 79.28
N GLU I 274 -27.55 11.64 79.08
CA GLU I 274 -27.73 12.76 79.99
C GLU I 274 -29.19 13.21 79.94
N PRO I 275 -29.86 13.33 81.10
CA PRO I 275 -31.28 13.68 81.11
C PRO I 275 -31.49 15.14 80.80
N GLY I 276 -32.74 15.47 80.50
CA GLY I 276 -33.11 16.82 80.16
C GLY I 276 -32.99 17.12 78.69
N GLN I 277 -32.31 16.27 77.94
CA GLN I 277 -32.19 16.41 76.49
C GLN I 277 -33.32 15.63 75.86
N GLU I 278 -34.05 16.27 74.95
CA GLU I 278 -35.24 15.64 74.39
C GLU I 278 -34.90 14.54 73.38
N THR I 279 -34.20 13.52 73.88
CA THR I 279 -33.86 12.37 73.06
C THR I 279 -35.09 11.58 72.65
N ALA I 280 -36.00 11.39 73.59
CA ALA I 280 -37.21 10.61 73.36
C ALA I 280 -38.27 11.37 72.59
N VAL I 281 -38.25 12.69 72.62
CA VAL I 281 -39.35 13.50 72.04
C VAL I 281 -39.34 13.39 70.51
N PRO I 282 -40.49 13.15 69.87
CA PRO I 282 -40.47 12.92 68.41
C PRO I 282 -40.03 14.12 67.59
N HIS I 283 -40.57 15.31 67.84
CA HIS I 283 -40.17 16.45 67.00
C HIS I 283 -39.56 17.57 67.82
N SER I 284 -38.45 17.29 68.48
CA SER I 284 -37.84 18.25 69.37
C SER I 284 -36.68 18.97 68.69
N TYR I 285 -36.16 19.99 69.35
CA TYR I 285 -34.96 20.64 68.80
C TYR I 285 -33.79 19.68 68.71
N PHE I 286 -33.79 18.64 69.55
CA PHE I 286 -32.67 17.70 69.65
C PHE I 286 -32.37 16.99 68.33
N ILE I 287 -33.42 16.68 67.55
CA ILE I 287 -33.20 15.95 66.29
C ILE I 287 -32.35 16.78 65.34
N HIS I 288 -32.44 18.12 65.40
CA HIS I 288 -31.64 19.00 64.55
C HIS I 288 -30.74 19.93 65.34
N PHE I 289 -30.40 19.57 66.59
CA PHE I 289 -29.65 20.50 67.43
C PHE I 289 -28.30 20.82 66.82
N ARG I 290 -27.62 19.81 66.28
CA ARG I 290 -26.28 20.05 65.75
C ARG I 290 -26.34 21.02 64.56
N SER I 291 -27.36 20.89 63.69
CA SER I 291 -27.54 21.79 62.54
C SER I 291 -27.81 23.23 62.98
N LEU I 292 -28.69 23.43 63.98
CA LEU I 292 -28.97 24.74 64.57
C LEU I 292 -27.85 25.13 65.54
N GLY I 293 -28.13 26.11 66.40
CA GLY I 293 -27.20 26.52 67.45
C GLY I 293 -27.03 25.51 68.57
N LEU I 294 -27.11 25.98 69.82
CA LEU I 294 -27.05 25.20 71.06
C LEU I 294 -26.30 23.86 71.08
N SER I 295 -25.22 23.72 70.31
CA SER I 295 -24.52 22.44 70.19
C SER I 295 -23.10 22.42 70.75
N GLY I 296 -22.18 23.18 70.16
CA GLY I 296 -20.76 22.97 70.40
C GLY I 296 -20.36 21.69 69.71
N LYS I 297 -19.52 20.90 70.37
CA LYS I 297 -19.22 19.56 69.91
C LYS I 297 -20.32 18.65 70.42
N SER I 298 -20.75 17.71 69.58
CA SER I 298 -21.84 16.83 69.98
C SER I 298 -21.33 15.71 70.88
N PRO I 299 -21.96 15.47 72.02
CA PRO I 299 -21.58 14.34 72.87
C PRO I 299 -22.08 12.98 72.39
N TYR I 300 -22.84 12.94 71.30
CA TYR I 300 -23.40 11.71 70.76
C TYR I 300 -22.69 11.23 69.50
N SER I 301 -21.61 11.91 69.10
CA SER I 301 -20.88 11.50 67.90
C SER I 301 -20.19 10.17 68.15
N SER I 302 -19.83 9.49 67.05
CA SER I 302 -19.20 8.18 67.18
C SER I 302 -17.89 8.25 67.96
N ASN I 303 -17.15 9.35 67.85
CA ASN I 303 -15.93 9.49 68.65
C ASN I 303 -16.25 9.68 70.11
N ALA I 304 -17.33 10.42 70.40
CA ALA I 304 -17.71 10.73 71.78
C ALA I 304 -18.08 9.47 72.54
N VAL I 305 -18.66 8.51 71.85
CA VAL I 305 -19.08 7.28 72.48
C VAL I 305 -18.33 6.14 71.79
N GLY I 306 -17.02 6.34 71.60
CA GLY I 306 -16.22 5.45 70.75
C GLY I 306 -16.26 3.98 71.13
N HIS I 307 -16.15 3.69 72.42
CA HIS I 307 -16.12 2.30 72.89
C HIS I 307 -17.44 1.59 72.60
N VAL I 308 -18.56 2.26 72.90
CA VAL I 308 -19.88 1.69 72.62
C VAL I 308 -20.03 1.47 71.14
N PHE I 309 -19.65 2.48 70.36
CA PHE I 309 -19.76 2.39 68.91
C PHE I 309 -18.95 1.21 68.41
N ASN I 310 -17.71 1.08 68.88
CA ASN I 310 -16.88 -0.03 68.42
C ASN I 310 -17.47 -1.38 68.79
N LEU I 311 -18.01 -1.51 70.01
CA LEU I 311 -18.62 -2.78 70.39
C LEU I 311 -19.84 -3.07 69.51
N ILE I 312 -20.70 -2.06 69.29
CA ILE I 312 -21.90 -2.28 68.51
C ILE I 312 -21.52 -2.84 67.15
N HIS I 313 -20.57 -2.21 66.48
CA HIS I 313 -20.27 -2.67 65.13
C HIS I 313 -19.43 -3.94 65.08
N PHE I 314 -18.63 -4.23 66.11
CA PHE I 314 -17.92 -5.51 66.18
C PHE I 314 -18.89 -6.68 66.33
N VAL I 315 -19.96 -6.49 67.11
CA VAL I 315 -21.03 -7.48 67.20
C VAL I 315 -21.70 -7.63 65.84
N GLY I 316 -21.98 -6.50 65.17
CA GLY I 316 -22.57 -6.55 63.86
C GLY I 316 -21.70 -7.27 62.85
N CYS I 317 -20.39 -6.99 62.86
CA CYS I 317 -19.53 -7.73 61.93
C CYS I 317 -19.60 -9.20 62.22
N TYR I 318 -19.60 -9.58 63.49
CA TYR I 318 -19.72 -10.99 63.84
C TYR I 318 -21.00 -11.56 63.25
N MET I 319 -22.05 -10.76 63.20
CA MET I 319 -23.32 -11.18 62.62
C MET I 319 -23.47 -10.88 61.13
N GLY I 320 -22.43 -10.38 60.48
CA GLY I 320 -22.44 -10.17 59.03
C GLY I 320 -23.20 -8.97 58.53
N GLN I 321 -23.45 -7.99 59.40
CA GLN I 321 -24.15 -6.76 59.03
C GLN I 321 -23.23 -5.90 58.17
N VAL I 322 -23.67 -5.59 56.96
CA VAL I 322 -22.79 -4.83 56.07
C VAL I 322 -22.54 -3.42 56.58
N ARG I 323 -23.54 -2.82 57.22
CA ARG I 323 -23.39 -1.47 57.77
C ARG I 323 -22.20 -1.42 58.69
N SER I 324 -22.09 -2.42 59.57
CA SER I 324 -21.00 -2.51 60.53
C SER I 324 -19.67 -2.80 59.86
N LEU I 325 -19.68 -3.70 58.87
CA LEU I 325 -18.44 -4.03 58.17
C LEU I 325 -17.82 -2.77 57.58
N ASN I 326 -18.66 -1.84 57.13
CA ASN I 326 -18.24 -0.64 56.42
C ASN I 326 -18.09 0.60 57.29
N ALA I 327 -18.47 0.54 58.56
CA ALA I 327 -18.30 1.69 59.42
C ALA I 327 -16.80 1.90 59.67
N THR I 328 -16.42 3.15 59.91
CA THR I 328 -15.02 3.48 60.19
C THR I 328 -14.77 3.39 61.69
N VAL I 329 -13.76 2.58 62.07
CA VAL I 329 -13.51 2.26 63.48
C VAL I 329 -12.88 3.46 64.19
N ILE I 330 -13.25 3.67 65.44
CA ILE I 330 -12.62 4.70 66.26
C ILE I 330 -11.38 4.05 66.88
N ALA I 331 -10.20 4.35 66.31
CA ALA I 331 -8.97 3.68 66.70
C ALA I 331 -8.56 3.98 68.14
N ALA I 332 -8.89 5.18 68.63
CA ALA I 332 -8.49 5.57 69.97
C ALA I 332 -9.19 4.72 71.02
N CYS I 333 -10.43 4.33 70.76
CA CYS I 333 -11.27 3.69 71.77
C CYS I 333 -11.09 2.16 71.79
N ALA I 334 -9.87 1.76 72.18
CA ALA I 334 -9.49 0.40 72.53
C ALA I 334 -10.19 -0.62 71.63
N PRO I 335 -9.89 -0.60 70.33
CA PRO I 335 -10.59 -1.50 69.42
C PRO I 335 -10.36 -2.95 69.78
N HIS I 336 -9.13 -3.33 70.17
CA HIS I 336 -8.89 -4.75 70.37
C HIS I 336 -9.72 -5.29 71.50
N GLU I 337 -9.75 -4.60 72.63
CA GLU I 337 -10.59 -5.06 73.72
C GLU I 337 -12.06 -5.06 73.29
N MET I 338 -12.48 -4.05 72.54
CA MET I 338 -13.86 -4.04 72.06
C MET I 338 -14.14 -5.21 71.14
N SER I 339 -13.18 -5.59 70.30
CA SER I 339 -13.43 -6.71 69.40
C SER I 339 -13.63 -8.02 70.15
N VAL I 340 -12.93 -8.20 71.28
CA VAL I 340 -13.06 -9.43 72.08
C VAL I 340 -14.43 -9.53 72.72
N LEU I 341 -14.86 -8.46 73.39
CA LEU I 341 -16.22 -8.41 73.94
C LEU I 341 -17.23 -8.58 72.85
N GLY I 342 -16.97 -7.99 71.68
CA GLY I 342 -17.88 -8.13 70.58
C GLY I 342 -17.97 -9.57 70.09
N GLY I 343 -16.84 -10.28 70.11
CA GLY I 343 -16.86 -11.69 69.73
C GLY I 343 -17.74 -12.55 70.62
N TYR I 344 -17.65 -12.33 71.93
CA TYR I 344 -18.48 -13.08 72.87
C TYR I 344 -19.95 -12.70 72.73
N LEU I 345 -20.23 -11.41 72.62
CA LEU I 345 -21.61 -10.96 72.49
C LEU I 345 -22.22 -11.44 71.17
N GLY I 346 -21.46 -11.34 70.07
CA GLY I 346 -21.95 -11.81 68.79
C GLY I 346 -22.19 -13.31 68.81
N GLU I 347 -21.31 -14.07 69.45
CA GLU I 347 -21.55 -15.49 69.58
C GLU I 347 -22.89 -15.74 70.24
N GLU I 348 -23.20 -14.99 71.31
CA GLU I 348 -24.47 -15.17 72.01
C GLU I 348 -25.65 -14.83 71.12
N PHE I 349 -25.54 -13.76 70.33
CA PHE I 349 -26.68 -13.30 69.53
C PHE I 349 -26.71 -13.81 68.10
N PHE I 350 -25.69 -14.52 67.63
CA PHE I 350 -25.67 -15.00 66.26
C PHE I 350 -26.28 -16.41 66.20
N GLY I 351 -27.35 -16.56 65.41
CA GLY I 351 -27.96 -17.87 65.27
C GLY I 351 -28.88 -18.27 66.41
N LYS I 352 -29.24 -17.35 67.26
CA LYS I 352 -30.05 -17.64 68.43
C LYS I 352 -31.17 -16.62 68.55
N GLY I 353 -32.34 -17.06 69.02
CA GLY I 353 -33.45 -16.16 69.26
C GLY I 353 -34.22 -16.58 70.50
N THR I 354 -34.89 -15.59 71.11
CA THR I 354 -35.75 -15.84 72.28
C THR I 354 -37.19 -15.97 71.81
N PHE I 355 -37.69 -17.20 71.77
CA PHE I 355 -39.00 -17.45 71.18
C PHE I 355 -39.95 -17.92 72.26
N GLU I 356 -41.17 -17.41 72.21
CA GLU I 356 -42.21 -17.81 73.13
C GLU I 356 -43.53 -17.88 72.37
N ARG I 357 -44.41 -18.78 72.80
CA ARG I 357 -45.74 -18.83 72.20
C ARG I 357 -46.51 -17.60 72.61
N ARG I 358 -47.02 -16.86 71.64
CA ARG I 358 -47.81 -15.66 71.91
C ARG I 358 -49.19 -15.71 71.27
N PHE I 359 -49.40 -16.62 70.34
CA PHE I 359 -50.61 -16.73 69.56
C PHE I 359 -51.27 -18.07 69.78
N PHE I 360 -52.56 -18.06 70.12
CA PHE I 360 -53.27 -19.27 70.50
C PHE I 360 -54.64 -19.34 69.85
N ARG I 361 -55.16 -20.58 69.77
CA ARG I 361 -56.47 -20.85 69.20
C ARG I 361 -57.63 -20.35 70.07
N ASP I 362 -57.54 -20.53 71.38
CA ASP I 362 -58.63 -20.20 72.29
C ASP I 362 -58.08 -19.48 73.52
N GLU I 363 -58.96 -18.75 74.22
CA GLU I 363 -58.54 -18.08 75.45
C GLU I 363 -58.10 -19.11 76.49
N LYS I 364 -58.82 -20.25 76.54
CA LYS I 364 -58.48 -21.31 77.47
C LYS I 364 -57.09 -21.84 77.22
N GLU I 365 -56.70 -21.95 75.93
CA GLU I 365 -55.35 -22.39 75.56
C GLU I 365 -54.29 -21.39 76.01
N LEU I 366 -54.59 -20.08 75.96
CA LEU I 366 -53.68 -19.06 76.48
C LEU I 366 -53.49 -19.20 77.98
N GLN I 367 -54.58 -19.40 78.71
CA GLN I 367 -54.51 -19.64 80.15
C GLN I 367 -53.79 -20.95 80.45
N GLU I 368 -53.97 -21.97 79.60
CA GLU I 368 -53.27 -23.22 79.82
C GLU I 368 -51.76 -23.00 79.74
N TYR I 369 -51.30 -22.22 78.77
CA TYR I 369 -49.89 -21.85 78.64
C TYR I 369 -49.51 -20.81 79.71
N GLU I 370 -49.64 -21.22 80.99
CA GLU I 370 -49.23 -20.40 82.13
C GLU I 370 -48.11 -21.04 82.93
N ALA I 371 -48.01 -22.37 82.92
CA ALA I 371 -46.89 -23.03 83.59
C ALA I 371 -45.56 -22.77 82.87
N ALA I 372 -45.55 -22.81 81.53
CA ALA I 372 -44.34 -22.51 80.73
C ALA I 372 -44.38 -21.08 80.26
N GLU I 398 -27.53 -21.67 75.73
CA GLU I 398 -28.81 -22.21 76.20
C GLU I 398 -29.60 -21.13 76.89
N THR I 399 -29.03 -20.50 77.92
CA THR I 399 -29.66 -19.39 78.61
C THR I 399 -29.03 -18.07 78.19
N ARG I 400 -29.88 -17.12 77.82
CA ARG I 400 -29.45 -15.77 77.42
C ARG I 400 -29.62 -14.81 78.60
N SER I 401 -28.50 -14.39 79.21
CA SER I 401 -28.52 -13.47 80.34
C SER I 401 -27.16 -12.78 80.43
N PRO I 402 -27.09 -11.57 80.99
CA PRO I 402 -25.76 -10.96 81.18
C PRO I 402 -24.84 -11.83 82.00
N GLU I 403 -25.36 -12.46 83.07
CA GLU I 403 -24.56 -13.29 83.98
C GLU I 403 -23.94 -14.50 83.28
N ALA I 404 -24.71 -15.13 82.37
CA ALA I 404 -24.22 -16.29 81.63
C ALA I 404 -23.09 -15.91 80.68
N VAL I 405 -23.25 -14.80 79.98
CA VAL I 405 -22.21 -14.36 79.06
C VAL I 405 -20.97 -13.96 79.83
N TYR I 406 -21.15 -13.21 80.92
CA TYR I 406 -20.01 -12.74 81.69
C TYR I 406 -19.19 -13.91 82.23
N THR I 407 -19.89 -14.90 82.83
CA THR I 407 -19.21 -16.08 83.34
C THR I 407 -18.55 -16.87 82.21
N ARG I 408 -19.19 -16.92 81.04
CA ARG I 408 -18.55 -17.58 79.89
C ARG I 408 -17.24 -16.86 79.57
N ILE I 409 -17.28 -15.53 79.59
CA ILE I 409 -16.07 -14.74 79.34
C ILE I 409 -15.02 -15.05 80.38
N MET I 410 -15.41 -15.06 81.65
CA MET I 410 -14.45 -15.27 82.73
C MET I 410 -13.81 -16.64 82.62
N MET I 411 -14.58 -17.66 82.20
CA MET I 411 -14.03 -19.01 82.12
C MET I 411 -12.87 -19.10 81.13
N ASN I 412 -12.94 -18.35 80.04
CA ASN I 412 -11.84 -18.35 79.10
C ASN I 412 -10.82 -17.25 79.40
N GLY I 413 -10.88 -16.65 80.58
CA GLY I 413 -9.89 -15.67 80.99
C GLY I 413 -9.93 -14.37 80.21
N GLY I 414 -11.11 -13.98 79.73
CA GLY I 414 -11.28 -12.78 78.92
C GLY I 414 -10.66 -12.85 77.55
N ARG I 415 -10.46 -14.06 77.03
CA ARG I 415 -9.79 -14.28 75.76
C ARG I 415 -10.72 -14.83 74.68
N LEU I 416 -10.55 -14.35 73.45
CA LEU I 416 -11.38 -14.80 72.35
C LEU I 416 -11.25 -16.31 72.20
N LYS I 417 -12.36 -16.98 71.91
CA LYS I 417 -12.36 -18.40 71.55
C LYS I 417 -11.86 -18.57 70.12
N ARG I 418 -11.37 -19.77 69.81
CA ARG I 418 -10.91 -20.05 68.45
C ARG I 418 -12.04 -19.88 67.44
N SER I 419 -13.26 -20.28 67.80
CA SER I 419 -14.39 -20.07 66.91
C SER I 419 -14.64 -18.58 66.70
N HIS I 420 -14.46 -17.77 67.74
CA HIS I 420 -14.65 -16.33 67.56
C HIS I 420 -13.76 -15.82 66.44
N ILE I 421 -12.47 -16.18 66.46
CA ILE I 421 -11.54 -15.70 65.45
C ILE I 421 -11.87 -16.28 64.07
N ARG I 422 -12.22 -17.57 64.00
CA ARG I 422 -12.61 -18.12 62.71
C ARG I 422 -13.74 -17.30 62.10
N ARG I 423 -14.77 -17.00 62.91
CA ARG I 423 -15.93 -16.24 62.44
C ARG I 423 -15.54 -14.85 61.99
N TYR I 424 -14.78 -14.13 62.82
CA TYR I 424 -14.35 -12.79 62.46
C TYR I 424 -13.58 -12.78 61.14
N VAL I 425 -12.68 -13.75 60.97
CA VAL I 425 -11.88 -13.78 59.76
C VAL I 425 -12.74 -14.11 58.55
N SER I 426 -13.67 -15.06 58.70
CA SER I 426 -14.52 -15.44 57.58
C SER I 426 -15.34 -14.24 57.12
N VAL I 427 -15.88 -13.47 58.06
CA VAL I 427 -16.67 -12.29 57.69
C VAL I 427 -15.81 -11.22 57.04
N SER I 428 -14.65 -10.92 57.63
CA SER I 428 -13.86 -9.82 57.08
C SER I 428 -13.29 -10.19 55.72
N SER I 429 -12.80 -11.41 55.56
CA SER I 429 -12.13 -11.73 54.32
C SER I 429 -13.12 -11.73 53.14
N ASN I 430 -14.32 -12.29 53.34
CA ASN I 430 -15.37 -12.35 52.31
C ASN I 430 -16.18 -11.04 52.31
N HIS I 431 -15.44 -9.94 52.24
CA HIS I 431 -16.01 -8.60 52.17
C HIS I 431 -14.93 -7.70 51.59
N GLN I 432 -15.37 -6.72 50.79
CA GLN I 432 -14.47 -5.75 50.18
C GLN I 432 -14.17 -4.70 51.24
N ALA I 433 -13.06 -4.88 51.95
CA ALA I 433 -12.75 -4.03 53.09
C ALA I 433 -12.53 -2.59 52.68
N ARG I 434 -13.22 -1.69 53.34
CA ARG I 434 -13.04 -0.28 53.06
C ARG I 434 -11.80 0.24 53.76
N PRO I 435 -11.31 1.44 53.37
CA PRO I 435 -10.04 1.94 53.92
C PRO I 435 -9.84 1.78 55.42
N ASN I 436 -10.61 2.46 56.26
CA ASN I 436 -10.45 2.36 57.71
C ASN I 436 -11.63 1.67 58.38
N SER I 437 -12.26 0.76 57.65
CA SER I 437 -13.46 0.10 58.07
C SER I 437 -13.17 -0.95 59.14
N PHE I 438 -14.24 -1.36 59.82
CA PHE I 438 -14.14 -2.47 60.74
C PHE I 438 -13.68 -3.72 59.99
N ALA I 439 -14.11 -3.89 58.75
CA ALA I 439 -13.65 -5.04 57.98
C ALA I 439 -12.14 -5.03 57.83
N GLU I 440 -11.58 -3.85 57.57
CA GLU I 440 -10.13 -3.73 57.43
C GLU I 440 -9.41 -4.04 58.72
N PHE I 441 -9.91 -3.50 59.84
CA PHE I 441 -9.28 -3.80 61.12
C PHE I 441 -9.29 -5.29 61.39
N LEU I 442 -10.44 -5.95 61.15
CA LEU I 442 -10.55 -7.36 61.44
C LEU I 442 -9.58 -8.18 60.59
N ASN I 443 -9.44 -7.81 59.32
CA ASN I 443 -8.53 -8.53 58.45
C ASN I 443 -7.09 -8.38 58.94
N LYS I 444 -6.69 -7.14 59.25
CA LYS I 444 -5.31 -6.91 59.66
C LYS I 444 -5.04 -7.61 60.98
N THR I 445 -6.02 -7.63 61.88
CA THR I 445 -5.70 -8.11 63.21
C THR I 445 -5.68 -9.62 63.31
N TYR I 446 -6.72 -10.32 62.82
CA TYR I 446 -6.81 -11.80 62.89
C TYR I 446 -6.70 -12.34 61.46
N SER I 447 -5.53 -12.80 61.06
CA SER I 447 -5.39 -13.25 59.69
C SER I 447 -4.74 -14.61 59.52
N SER I 448 -4.21 -15.23 60.58
CA SER I 448 -3.66 -16.57 60.44
C SER I 448 -4.54 -17.63 61.07
N ILE J 6 -37.29 -2.28 83.85
CA ILE J 6 -37.96 -1.83 85.06
C ILE J 6 -37.12 -0.74 85.76
N VAL J 7 -35.81 -0.99 85.94
CA VAL J 7 -34.88 -0.07 86.60
C VAL J 7 -33.48 -0.21 85.97
N PHE J 8 -32.69 0.92 85.94
CA PHE J 8 -31.29 0.85 85.53
C PHE J 8 -30.35 1.63 86.46
N LYS J 9 -29.21 1.01 86.83
CA LYS J 9 -28.20 1.56 87.75
C LYS J 9 -26.78 1.42 87.18
N VAL J 10 -26.02 2.51 87.22
CA VAL J 10 -24.64 2.53 86.72
C VAL J 10 -23.73 2.78 87.91
N ASN J 11 -22.60 2.08 87.93
CA ASN J 11 -21.65 2.20 89.03
C ASN J 11 -20.86 3.49 88.91
N ASN J 12 -20.47 4.07 90.06
CA ASN J 12 -19.64 5.27 90.11
C ASN J 12 -19.13 5.43 91.55
N GLN J 13 -18.25 6.43 91.78
CA GLN J 13 -17.75 6.69 93.13
C GLN J 13 -18.90 6.94 94.09
N VAL J 14 -19.94 7.59 93.58
CA VAL J 14 -21.24 7.78 94.21
C VAL J 14 -22.23 7.12 93.26
N VAL J 15 -23.11 6.25 93.78
CA VAL J 15 -23.99 5.45 92.92
C VAL J 15 -24.92 6.37 92.14
N SER J 16 -25.05 6.08 90.83
CA SER J 16 -25.81 6.91 89.89
C SER J 16 -26.85 6.07 89.15
N LEU J 17 -28.07 6.61 89.05
CA LEU J 17 -29.18 5.97 88.36
C LEU J 17 -29.52 6.79 87.11
N LYS J 18 -29.57 6.14 85.95
CA LYS J 18 -29.92 6.86 84.73
C LYS J 18 -31.09 6.13 84.05
N PRO J 19 -32.15 6.85 83.65
CA PRO J 19 -33.19 6.24 82.80
C PRO J 19 -32.92 6.48 81.31
N GLU J 20 -32.66 5.45 80.52
CA GLU J 20 -32.32 5.63 79.10
C GLU J 20 -33.58 5.73 78.27
N ILE J 21 -33.62 6.71 77.38
CA ILE J 21 -34.82 7.02 76.60
C ILE J 21 -34.54 6.95 75.09
N ILE J 22 -35.45 6.32 74.34
CA ILE J 22 -35.40 6.17 72.88
C ILE J 22 -36.76 6.55 72.29
N VAL J 23 -36.75 7.11 71.06
CA VAL J 23 -37.96 7.63 70.40
C VAL J 23 -38.52 6.64 69.37
N ASP J 24 -39.85 6.34 69.44
CA ASP J 24 -40.54 5.55 68.39
C ASP J 24 -42.08 5.68 68.34
N GLN J 25 -42.65 6.44 67.38
CA GLN J 25 -44.11 6.55 67.23
C GLN J 25 -44.52 6.52 65.75
N HIS J 26 -45.61 5.80 65.43
CA HIS J 26 -46.18 5.73 64.07
C HIS J 26 -47.71 5.78 64.14
N GLU J 27 -48.32 6.56 63.24
CA GLU J 27 -49.77 6.75 63.18
C GLU J 27 -50.52 5.57 62.55
N TYR J 28 -50.05 5.09 61.39
CA TYR J 28 -50.67 4.04 60.59
C TYR J 28 -52.20 4.18 60.56
N LYS J 29 -52.68 5.03 59.64
CA LYS J 29 -54.11 5.21 59.47
C LYS J 29 -54.62 4.25 58.40
N TYR J 30 -55.91 3.65 58.64
CA TYR J 30 -56.47 2.61 57.77
C TYR J 30 -57.39 3.22 56.72
N PRO J 31 -57.51 2.56 55.58
CA PRO J 31 -58.30 3.09 54.46
C PRO J 31 -59.76 2.69 54.52
N ALA J 32 -60.64 3.65 54.51
CA ALA J 32 -62.03 3.28 54.60
C ALA J 32 -62.77 4.51 54.13
N ILE J 33 -63.86 4.31 53.43
CA ILE J 33 -64.65 5.45 52.98
C ILE J 33 -65.77 5.59 54.00
N LYS J 34 -65.53 6.42 55.03
CA LYS J 34 -66.54 6.70 56.06
C LYS J 34 -67.58 7.74 55.62
N ASP J 35 -67.19 8.76 54.82
CA ASP J 35 -68.10 9.80 54.30
C ASP J 35 -69.03 9.30 53.18
N LEU J 36 -68.77 8.11 52.63
CA LEU J 36 -69.49 7.50 51.50
C LEU J 36 -69.35 8.30 50.21
N LYS J 37 -68.24 9.02 50.11
CA LYS J 37 -67.96 9.88 48.96
C LYS J 37 -66.82 9.28 48.14
N LYS J 38 -67.03 9.17 46.83
CA LYS J 38 -65.98 8.62 46.00
C LYS J 38 -64.76 9.54 46.04
N PRO J 39 -63.56 8.98 45.83
CA PRO J 39 -62.34 9.81 45.80
C PRO J 39 -62.39 10.84 44.70
N CYS J 40 -61.90 12.06 44.96
CA CYS J 40 -62.00 13.13 43.97
C CYS J 40 -60.66 13.81 43.74
N ILE J 41 -60.45 14.30 42.52
CA ILE J 41 -59.30 15.12 42.18
C ILE J 41 -59.86 16.36 41.51
N THR J 42 -59.11 17.48 41.61
CA THR J 42 -59.62 18.73 41.08
C THR J 42 -59.30 18.91 39.59
N LEU J 43 -58.10 18.54 39.13
CA LEU J 43 -57.82 18.62 37.68
C LEU J 43 -58.05 20.02 37.10
N GLY J 44 -58.65 20.13 35.91
CA GLY J 44 -58.77 21.41 35.24
C GLY J 44 -59.85 21.33 34.19
N LYS J 45 -59.94 22.39 33.39
CA LYS J 45 -61.02 22.50 32.40
C LYS J 45 -60.91 21.46 31.31
N ALA J 46 -62.07 21.02 30.85
CA ALA J 46 -62.18 19.98 29.85
C ALA J 46 -61.54 20.41 28.53
N PRO J 47 -60.82 19.52 27.86
CA PRO J 47 -60.21 19.81 26.55
C PRO J 47 -61.13 19.46 25.37
N ASP J 48 -60.68 19.88 24.18
CA ASP J 48 -61.36 19.48 22.96
C ASP J 48 -61.18 17.99 22.63
N LEU J 49 -60.40 17.24 23.41
CA LEU J 49 -60.13 15.82 23.11
C LEU J 49 -59.31 15.60 21.82
N ASN J 50 -59.82 16.01 20.66
CA ASN J 50 -59.02 15.93 19.43
C ASN J 50 -57.78 16.79 19.54
N LYS J 51 -57.96 18.00 20.09
CA LYS J 51 -56.83 18.86 20.25
C LYS J 51 -55.89 18.31 21.30
N ALA J 52 -56.46 17.85 22.42
CA ALA J 52 -55.63 17.31 23.50
C ALA J 52 -54.84 16.09 23.02
N TYR J 53 -55.44 15.26 22.16
CA TYR J 53 -54.71 14.10 21.64
C TYR J 53 -53.51 14.52 20.82
N LYS J 54 -53.67 15.55 19.97
CA LYS J 54 -52.57 16.01 19.14
C LYS J 54 -51.45 16.60 20.00
N SER J 55 -51.84 17.37 21.03
CA SER J 55 -50.85 18.01 21.90
C SER J 55 -49.99 17.00 22.62
N VAL J 56 -50.64 16.04 23.31
CA VAL J 56 -49.91 15.09 24.14
C VAL J 56 -49.13 14.12 23.26
N LEU J 57 -49.67 13.77 22.09
CA LEU J 57 -48.92 12.92 21.16
C LEU J 57 -47.65 13.61 20.71
N SER J 58 -47.75 14.89 20.36
CA SER J 58 -46.57 15.67 20.01
C SER J 58 -45.61 15.72 21.17
N GLY J 59 -46.14 15.91 22.38
CA GLY J 59 -45.31 15.95 23.57
C GLY J 59 -44.56 14.65 23.80
N MET J 60 -45.22 13.52 23.55
CA MET J 60 -44.58 12.23 23.72
C MET J 60 -43.39 12.06 22.80
N SER J 61 -43.63 12.26 21.51
CA SER J 61 -42.55 12.09 20.55
C SER J 61 -41.45 13.13 20.74
N ALA J 62 -41.77 14.30 21.30
CA ALA J 62 -40.73 15.27 21.65
C ALA J 62 -40.14 15.12 23.05
N ALA J 63 -40.62 14.16 23.85
CA ALA J 63 -40.16 13.91 25.21
C ALA J 63 -40.39 15.08 26.15
N LYS J 64 -41.36 15.96 25.86
CA LYS J 64 -41.75 17.04 26.76
C LYS J 64 -43.26 16.93 27.01
N LEU J 65 -43.65 16.69 28.27
CA LEU J 65 -45.06 16.51 28.60
C LEU J 65 -45.44 17.39 29.79
N ASP J 66 -46.67 17.91 29.80
CA ASP J 66 -47.09 18.68 30.95
C ASP J 66 -47.97 17.81 31.82
N PRO J 67 -47.60 17.55 33.09
CA PRO J 67 -48.42 16.66 33.93
C PRO J 67 -49.88 17.06 34.03
N ASP J 68 -50.18 18.35 34.25
CA ASP J 68 -51.58 18.76 34.37
C ASP J 68 -52.33 18.52 33.08
N ASP J 69 -51.73 18.87 31.94
CA ASP J 69 -52.43 18.58 30.70
C ASP J 69 -52.61 17.09 30.55
N VAL J 70 -51.57 16.30 30.86
CA VAL J 70 -51.70 14.86 30.64
C VAL J 70 -52.85 14.28 31.49
N CYS J 71 -53.00 14.74 32.75
CA CYS J 71 -54.09 14.24 33.58
C CYS J 71 -55.48 14.62 33.04
N SER J 72 -55.65 15.86 32.55
CA SER J 72 -56.97 16.24 32.04
C SER J 72 -57.38 15.40 30.81
N TYR J 73 -56.41 15.06 29.94
CA TYR J 73 -56.72 14.21 28.80
C TYR J 73 -57.14 12.83 29.24
N LEU J 74 -56.44 12.28 30.23
CA LEU J 74 -56.74 10.94 30.71
C LEU J 74 -58.11 10.88 31.35
N ALA J 75 -58.48 11.91 32.11
CA ALA J 75 -59.83 11.90 32.65
C ALA J 75 -60.86 12.09 31.53
N ALA J 76 -60.60 12.95 30.56
CA ALA J 76 -61.57 13.13 29.48
C ALA J 76 -61.70 11.88 28.61
N ALA J 77 -60.59 11.18 28.36
CA ALA J 77 -60.60 9.99 27.51
C ALA J 77 -61.32 8.80 28.13
N MET J 78 -61.62 8.87 29.44
CA MET J 78 -62.31 7.80 30.13
C MET J 78 -63.67 7.50 29.49
N GLN J 79 -64.29 8.51 28.89
CA GLN J 79 -65.57 8.29 28.26
C GLN J 79 -65.45 7.29 27.12
N PHE J 80 -64.31 7.25 26.44
CA PHE J 80 -64.20 6.33 25.30
C PHE J 80 -64.37 4.88 25.76
N PHE J 81 -63.88 4.56 26.96
CA PHE J 81 -63.93 3.19 27.49
C PHE J 81 -65.21 2.98 28.29
N GLU J 82 -66.12 2.14 27.78
CA GLU J 82 -67.37 1.81 28.46
C GLU J 82 -67.72 0.34 28.24
N GLY J 83 -68.33 -0.27 29.26
CA GLY J 83 -68.77 -1.65 29.17
C GLY J 83 -69.90 -1.85 30.17
N THR J 84 -70.65 -2.93 29.98
CA THR J 84 -71.69 -3.28 30.95
C THR J 84 -71.11 -3.94 32.23
N CYS J 85 -71.70 -3.58 33.39
CA CYS J 85 -71.25 -4.10 34.68
C CYS J 85 -71.75 -5.52 34.90
N PRO J 86 -70.85 -6.49 35.07
CA PRO J 86 -71.30 -7.89 35.10
C PRO J 86 -72.23 -8.18 36.26
N GLU J 87 -71.96 -7.61 37.44
CA GLU J 87 -72.75 -7.86 38.63
C GLU J 87 -72.91 -6.55 39.38
N ASP J 88 -73.79 -6.54 40.39
CA ASP J 88 -73.90 -5.36 41.24
C ASP J 88 -72.58 -5.08 41.94
N TRP J 89 -72.13 -3.80 41.87
CA TRP J 89 -70.80 -3.37 42.34
C TRP J 89 -70.90 -2.42 43.53
N THR J 90 -70.61 -2.93 44.74
CA THR J 90 -70.62 -2.13 45.98
C THR J 90 -69.32 -2.18 46.74
N SER J 91 -68.75 -1.02 47.08
CA SER J 91 -67.57 -1.02 47.92
C SER J 91 -67.68 0.10 48.96
N TYR J 92 -67.20 -0.20 50.18
CA TYR J 92 -67.23 0.72 51.31
C TYR J 92 -68.54 1.52 51.42
N GLY J 93 -69.66 0.85 51.19
CA GLY J 93 -70.94 1.51 51.32
C GLY J 93 -71.39 2.29 50.11
N ILE J 94 -70.59 2.32 49.05
CA ILE J 94 -70.88 3.07 47.84
C ILE J 94 -71.30 2.12 46.73
N VAL J 95 -72.33 2.51 45.96
CA VAL J 95 -72.80 1.69 44.84
C VAL J 95 -72.17 2.24 43.56
N ILE J 96 -71.15 1.54 43.10
CA ILE J 96 -70.45 2.01 41.92
C ILE J 96 -71.31 1.77 40.67
N ALA J 97 -72.03 0.65 40.66
CA ALA J 97 -72.77 0.23 39.48
C ALA J 97 -73.76 -0.83 39.88
N ARG J 98 -74.66 -1.13 38.96
CA ARG J 98 -75.64 -2.18 39.16
C ARG J 98 -75.53 -3.11 37.97
N LYS J 99 -75.97 -4.36 38.15
CA LYS J 99 -75.86 -5.34 37.08
C LYS J 99 -76.55 -4.84 35.81
N GLY J 100 -75.86 -5.02 34.67
CA GLY J 100 -76.38 -4.64 33.36
C GLY J 100 -76.25 -3.19 33.00
N ASP J 101 -75.59 -2.38 33.84
CA ASP J 101 -75.46 -0.96 33.59
C ASP J 101 -74.14 -0.73 32.88
N LYS J 102 -74.19 0.00 31.74
CA LYS J 102 -72.95 0.37 31.08
C LYS J 102 -72.30 1.40 31.99
N ILE J 103 -70.98 1.30 32.15
CA ILE J 103 -70.25 2.20 33.03
C ILE J 103 -68.95 2.56 32.34
N THR J 104 -68.34 3.66 32.79
CA THR J 104 -67.04 4.12 32.39
C THR J 104 -66.16 4.20 33.61
N PRO J 105 -64.88 4.43 33.41
CA PRO J 105 -64.05 4.78 34.55
C PRO J 105 -64.62 6.00 35.27
N GLY J 106 -65.25 6.94 34.55
CA GLY J 106 -65.83 8.13 35.16
C GLY J 106 -66.87 7.82 36.23
N SER J 107 -67.47 6.60 36.17
CA SER J 107 -68.50 6.11 37.08
C SER J 107 -67.97 5.73 38.46
N LEU J 108 -66.65 5.43 38.58
CA LEU J 108 -65.91 5.02 39.78
C LEU J 108 -65.53 6.16 40.72
N VAL J 109 -64.98 7.26 40.19
CA VAL J 109 -64.51 8.40 40.98
C VAL J 109 -65.13 9.72 40.49
N GLU J 110 -64.93 10.79 41.27
CA GLU J 110 -65.41 12.13 40.93
C GLU J 110 -64.27 13.06 40.51
N ILE J 111 -64.34 13.65 39.31
CA ILE J 111 -63.33 14.63 38.88
C ILE J 111 -63.95 16.02 38.87
N LYS J 112 -63.33 16.94 39.60
CA LYS J 112 -63.87 18.29 39.77
C LYS J 112 -63.21 19.30 38.84
N ARG J 113 -63.51 19.23 37.54
CA ARG J 113 -62.87 20.13 36.57
C ARG J 113 -62.93 21.59 37.03
N THR J 114 -61.81 22.28 36.90
CA THR J 114 -61.63 23.67 37.25
C THR J 114 -61.84 24.56 36.05
N ASP J 115 -62.15 25.83 36.32
CA ASP J 115 -62.30 26.83 35.25
C ASP J 115 -61.00 27.13 34.49
N VAL J 116 -59.83 26.81 35.05
CA VAL J 116 -58.58 27.19 34.40
C VAL J 116 -58.22 26.16 33.32
N GLU J 117 -57.97 26.64 32.11
CA GLU J 117 -57.69 25.77 30.98
C GLU J 117 -56.20 25.51 30.82
N GLY J 118 -55.87 24.35 30.24
CA GLY J 118 -54.47 23.92 30.10
C GLY J 118 -53.79 24.50 28.88
N ASN J 119 -52.45 24.42 28.90
CA ASN J 119 -51.65 25.03 27.82
C ASN J 119 -51.83 24.35 26.48
N TRP J 120 -52.16 23.06 26.49
CA TRP J 120 -52.33 22.22 25.30
C TRP J 120 -51.54 22.77 24.12
N ALA J 121 -50.22 22.75 24.28
CA ALA J 121 -49.30 23.27 23.28
C ALA J 121 -48.70 22.12 22.50
N LEU J 122 -48.41 22.34 21.20
CA LEU J 122 -47.85 21.30 20.34
C LEU J 122 -46.34 21.42 20.24
N THR J 123 -45.63 20.49 20.89
CA THR J 123 -44.18 20.58 20.99
C THR J 123 -43.48 19.78 19.89
N GLY J 124 -44.17 18.88 19.24
CA GLY J 124 -43.60 18.15 18.13
C GLY J 124 -44.48 18.26 16.91
N GLY J 125 -43.98 17.70 15.81
CA GLY J 125 -44.80 17.62 14.61
C GLY J 125 -45.89 16.57 14.80
N MET J 126 -47.10 16.93 14.36
CA MET J 126 -48.26 16.06 14.41
C MET J 126 -48.58 15.61 13.00
N GLU J 127 -48.58 14.29 12.78
CA GLU J 127 -48.77 13.77 11.42
C GLU J 127 -50.24 13.81 11.04
N LEU J 128 -51.12 13.61 12.03
CA LEU J 128 -52.55 13.58 11.79
C LEU J 128 -53.13 14.98 11.60
N THR J 129 -53.73 15.21 10.43
CA THR J 129 -54.40 16.45 10.12
C THR J 129 -55.89 16.39 10.47
N ARG J 130 -56.39 15.21 10.82
CA ARG J 130 -57.78 14.94 11.12
C ARG J 130 -57.96 14.48 12.57
N ASP J 131 -59.21 14.51 13.04
CA ASP J 131 -59.51 14.09 14.41
C ASP J 131 -59.15 12.62 14.61
N PRO J 132 -58.61 12.27 15.77
CA PRO J 132 -58.14 10.90 16.01
C PRO J 132 -59.26 9.87 16.28
N THR J 133 -59.01 8.62 15.86
CA THR J 133 -59.97 7.54 16.14
C THR J 133 -59.81 7.04 17.55
N VAL J 134 -60.85 6.38 18.03
CA VAL J 134 -60.81 5.83 19.37
C VAL J 134 -59.62 4.87 19.57
N PRO J 135 -59.35 3.90 18.64
CA PRO J 135 -58.16 2.99 18.85
C PRO J 135 -56.86 3.71 19.11
N GLU J 136 -56.52 4.69 18.25
CA GLU J 136 -55.34 5.52 18.51
C GLU J 136 -55.48 6.29 19.83
N HIS J 137 -56.67 6.89 20.08
CA HIS J 137 -56.89 7.52 21.38
C HIS J 137 -56.52 6.58 22.51
N ALA J 138 -56.95 5.32 22.41
CA ALA J 138 -56.67 4.34 23.45
C ALA J 138 -55.19 4.01 23.50
N SER J 139 -54.52 3.92 22.34
CA SER J 139 -53.08 3.64 22.36
C SER J 139 -52.31 4.72 23.11
N LEU J 140 -52.68 5.98 22.89
CA LEU J 140 -52.03 7.05 23.65
C LEU J 140 -52.33 6.92 25.13
N VAL J 141 -53.58 6.66 25.48
CA VAL J 141 -53.93 6.56 26.89
C VAL J 141 -53.11 5.46 27.55
N GLY J 142 -52.96 4.32 26.86
CA GLY J 142 -52.16 3.25 27.42
C GLY J 142 -50.70 3.64 27.58
N LEU J 143 -50.14 4.32 26.57
CA LEU J 143 -48.74 4.73 26.63
C LEU J 143 -48.49 5.71 27.76
N LEU J 144 -49.39 6.66 27.94
CA LEU J 144 -49.22 7.62 29.02
C LEU J 144 -49.25 6.90 30.36
N LEU J 145 -50.24 6.02 30.55
CA LEU J 145 -50.34 5.30 31.80
C LEU J 145 -49.12 4.41 32.02
N SER J 146 -48.58 3.82 30.95
CA SER J 146 -47.41 2.95 31.09
C SER J 146 -46.19 3.71 31.61
N LEU J 147 -46.18 5.04 31.49
CA LEU J 147 -45.08 5.81 32.10
C LEU J 147 -45.04 5.62 33.60
N TYR J 148 -46.21 5.36 34.22
CA TYR J 148 -46.31 5.12 35.66
C TYR J 148 -45.58 3.84 36.04
N ARG J 149 -45.80 2.75 35.29
CA ARG J 149 -45.09 1.52 35.58
C ARG J 149 -43.57 1.68 35.44
N LEU J 150 -43.12 2.40 34.42
CA LEU J 150 -41.70 2.68 34.25
C LEU J 150 -41.13 3.61 35.34
N SER J 151 -41.89 4.64 35.75
CA SER J 151 -41.36 5.52 36.80
C SER J 151 -41.24 4.78 38.11
N LYS J 152 -42.22 3.92 38.40
CA LYS J 152 -42.22 3.15 39.65
C LYS J 152 -40.99 2.27 39.68
N ILE J 153 -40.67 1.68 38.55
CA ILE J 153 -39.46 0.92 38.53
C ILE J 153 -38.17 1.72 38.44
N SER J 154 -37.61 1.96 39.59
CA SER J 154 -36.32 2.62 39.67
C SER J 154 -35.54 1.88 40.71
N GLY J 155 -34.26 1.70 40.43
CA GLY J 155 -33.43 0.94 41.34
C GLY J 155 -32.09 0.63 40.72
N GLN J 156 -31.29 -0.08 41.49
CA GLN J 156 -29.96 -0.42 41.00
C GLN J 156 -30.17 -1.43 39.90
N ASN J 157 -29.28 -1.40 38.92
CA ASN J 157 -29.35 -2.30 37.76
C ASN J 157 -30.71 -2.07 37.11
N THR J 158 -31.67 -3.00 37.23
CA THR J 158 -32.97 -2.89 36.58
C THR J 158 -32.97 -2.28 35.17
N GLY J 159 -31.77 -2.10 34.58
CA GLY J 159 -31.70 -1.43 33.29
C GLY J 159 -32.34 -2.26 32.19
N ASN J 160 -31.79 -3.45 31.96
CA ASN J 160 -32.31 -4.37 30.96
C ASN J 160 -33.77 -4.73 31.23
N TYR J 161 -34.17 -4.84 32.51
CA TYR J 161 -35.56 -5.24 32.74
C TYR J 161 -36.48 -4.09 32.31
N LYS J 162 -36.08 -2.84 32.61
CA LYS J 162 -36.89 -1.66 32.23
C LYS J 162 -37.02 -1.52 30.72
N THR J 163 -35.92 -1.71 29.98
CA THR J 163 -36.04 -1.65 28.53
C THR J 163 -36.90 -2.82 28.02
N ASN J 164 -36.78 -4.00 28.64
CA ASN J 164 -37.61 -5.14 28.18
C ASN J 164 -39.10 -4.89 28.37
N ILE J 165 -39.52 -4.37 29.52
CA ILE J 165 -40.95 -4.14 29.70
C ILE J 165 -41.42 -3.02 28.80
N ALA J 166 -40.55 -2.02 28.58
CA ALA J 166 -40.93 -0.93 27.69
C ALA J 166 -41.16 -1.44 26.27
N ASP J 167 -40.28 -2.34 25.79
CA ASP J 167 -40.43 -2.92 24.46
C ASP J 167 -41.72 -3.72 24.35
N ARG J 168 -42.02 -4.51 25.39
CA ARG J 168 -43.25 -5.28 25.39
C ARG J 168 -44.45 -4.34 25.36
N ILE J 169 -44.37 -3.22 26.11
CA ILE J 169 -45.46 -2.26 26.14
C ILE J 169 -45.64 -1.64 24.77
N GLU J 170 -44.54 -1.28 24.12
CA GLU J 170 -44.64 -0.68 22.81
C GLU J 170 -45.27 -1.64 21.83
N GLN J 171 -44.85 -2.91 21.86
CA GLN J 171 -45.43 -3.89 20.95
C GLN J 171 -46.93 -4.05 21.20
N ILE J 172 -47.34 -4.00 22.46
CA ILE J 172 -48.75 -4.16 22.81
C ILE J 172 -49.58 -3.09 22.11
N PHE J 173 -49.19 -1.83 22.29
CA PHE J 173 -49.95 -0.70 21.77
C PHE J 173 -49.70 -0.36 20.31
N GLU J 174 -48.74 -1.01 19.65
CA GLU J 174 -48.54 -0.84 18.21
C GLU J 174 -49.23 -1.91 17.39
N THR J 175 -49.86 -2.90 18.02
CA THR J 175 -50.57 -4.00 17.35
C THR J 175 -52.04 -3.95 17.71
N ALA J 176 -52.85 -4.69 16.95
CA ALA J 176 -54.29 -4.64 17.16
C ALA J 176 -54.62 -5.03 18.59
N PRO J 177 -55.65 -4.45 19.19
CA PRO J 177 -56.58 -3.47 18.63
C PRO J 177 -56.06 -2.04 18.80
N PHE J 178 -54.73 -1.83 18.81
CA PHE J 178 -54.13 -0.50 18.99
C PHE J 178 -53.37 -0.08 17.72
N VAL J 179 -53.20 1.23 17.52
CA VAL J 179 -52.60 1.78 16.31
C VAL J 179 -51.22 2.38 16.63
N LYS J 180 -50.23 2.16 15.76
CA LYS J 180 -48.88 2.64 16.08
C LYS J 180 -48.80 4.14 15.88
N ILE J 181 -48.57 4.87 16.98
CA ILE J 181 -48.52 6.33 16.89
C ILE J 181 -47.16 6.89 17.31
N VAL J 182 -46.29 6.13 17.99
CA VAL J 182 -45.06 6.68 18.57
C VAL J 182 -43.80 6.04 18.03
N GLU J 183 -43.89 5.26 16.96
CA GLU J 183 -42.68 4.60 16.45
C GLU J 183 -41.99 3.87 17.62
N HIS J 184 -40.68 3.71 17.58
CA HIS J 184 -39.99 2.91 18.58
C HIS J 184 -39.12 3.77 19.46
N HIS J 185 -38.79 3.22 20.62
CA HIS J 185 -37.90 3.78 21.62
C HIS J 185 -38.39 5.15 22.13
N THR J 186 -39.55 5.63 21.66
CA THR J 186 -40.08 6.85 22.24
C THR J 186 -40.49 6.65 23.70
N LEU J 187 -41.01 5.47 24.04
CA LEU J 187 -41.47 5.26 25.40
C LEU J 187 -40.32 5.40 26.39
N MET J 188 -39.16 4.81 26.08
CA MET J 188 -38.02 4.93 26.97
C MET J 188 -37.58 6.38 27.14
N THR J 189 -37.50 7.14 26.04
CA THR J 189 -36.98 8.49 26.13
C THR J 189 -37.92 9.41 26.92
N THR J 190 -39.23 9.30 26.75
CA THR J 190 -40.14 10.09 27.57
C THR J 190 -40.03 9.67 29.03
N HIS J 191 -39.82 8.35 29.29
CA HIS J 191 -39.67 7.89 30.68
C HIS J 191 -38.47 8.54 31.35
N LYS J 192 -37.38 8.76 30.59
CA LYS J 192 -36.21 9.38 31.19
C LYS J 192 -36.52 10.77 31.74
N MET J 193 -37.37 11.52 31.02
CA MET J 193 -37.81 12.84 31.48
C MET J 193 -38.90 12.75 32.55
N CYS J 194 -39.66 11.66 32.56
CA CYS J 194 -40.77 11.47 33.50
C CYS J 194 -40.48 10.29 34.43
N ALA J 195 -39.24 10.22 34.93
CA ALA J 195 -38.86 9.10 35.78
C ALA J 195 -39.51 9.19 37.13
N ASN J 196 -39.82 10.39 37.59
CA ASN J 196 -40.42 10.48 38.91
C ASN J 196 -41.91 10.74 38.81
N TRP J 197 -42.53 10.36 37.68
CA TRP J 197 -43.94 10.67 37.49
C TRP J 197 -44.84 9.86 38.42
N SER J 198 -44.33 8.76 38.97
CA SER J 198 -45.07 8.05 40.02
C SER J 198 -45.37 8.98 41.19
N THR J 199 -44.53 9.99 41.44
CA THR J 199 -44.75 10.88 42.59
C THR J 199 -46.00 11.73 42.42
N ILE J 200 -46.34 12.09 41.18
CA ILE J 200 -47.46 13.00 40.92
C ILE J 200 -48.78 12.36 41.29
N PRO J 201 -49.51 12.92 42.23
CA PRO J 201 -50.68 12.22 42.77
C PRO J 201 -51.80 12.00 41.78
N ASN J 202 -52.16 13.01 40.99
CA ASN J 202 -53.30 12.83 40.10
C ASN J 202 -53.01 11.76 39.05
N PHE J 203 -51.76 11.68 38.58
CA PHE J 203 -51.39 10.68 37.60
C PHE J 203 -51.55 9.28 38.17
N ARG J 204 -51.07 9.08 39.41
CA ARG J 204 -51.26 7.79 40.08
C ARG J 204 -52.73 7.49 40.28
N PHE J 205 -53.51 8.49 40.71
CA PHE J 205 -54.94 8.31 40.92
C PHE J 205 -55.62 7.87 39.65
N LEU J 206 -55.28 8.49 38.54
CA LEU J 206 -55.95 8.14 37.29
C LEU J 206 -55.62 6.72 36.90
N ALA J 207 -54.36 6.30 37.11
CA ALA J 207 -53.95 4.94 36.79
C ALA J 207 -54.67 3.93 37.66
N GLY J 208 -54.83 4.23 38.95
CA GLY J 208 -55.60 3.35 39.79
C GLY J 208 -57.02 3.25 39.26
N THR J 209 -57.61 4.39 38.90
CA THR J 209 -58.98 4.40 38.40
C THR J 209 -59.14 3.58 37.13
N TYR J 210 -58.19 3.67 36.23
CA TYR J 210 -58.25 2.84 35.03
C TYR J 210 -58.14 1.37 35.37
N ASP J 211 -57.24 1.01 36.30
CA ASP J 211 -57.04 -0.40 36.65
C ASP J 211 -58.30 -0.98 37.31
N MET J 212 -58.92 -0.22 38.21
CA MET J 212 -60.13 -0.72 38.85
C MET J 212 -61.21 -1.01 37.81
N PHE J 213 -61.44 -0.05 36.90
CA PHE J 213 -62.45 -0.24 35.88
C PHE J 213 -62.13 -1.46 35.00
N PHE J 214 -60.88 -1.56 34.50
CA PHE J 214 -60.54 -2.69 33.64
C PHE J 214 -60.54 -4.04 34.35
N SER J 215 -60.22 -4.09 35.66
CA SER J 215 -60.30 -5.38 36.35
C SER J 215 -61.74 -5.88 36.49
N ARG J 216 -62.65 -4.96 36.80
CA ARG J 216 -64.06 -5.33 36.91
C ARG J 216 -64.70 -5.59 35.54
N ILE J 217 -64.48 -4.72 34.54
CA ILE J 217 -65.21 -4.77 33.27
C ILE J 217 -64.30 -5.27 32.15
N GLU J 218 -64.68 -6.36 31.47
CA GLU J 218 -63.88 -6.78 30.33
C GLU J 218 -64.11 -5.79 29.18
N HIS J 219 -63.03 -5.44 28.48
CA HIS J 219 -63.11 -4.45 27.42
C HIS J 219 -62.19 -4.82 26.27
N LEU J 220 -62.36 -4.18 25.12
CA LEU J 220 -61.45 -4.43 24.02
C LEU J 220 -60.03 -3.99 24.35
N TYR J 221 -59.89 -2.85 25.00
CA TYR J 221 -58.59 -2.30 25.37
C TYR J 221 -58.27 -2.63 26.84
N SER J 222 -58.38 -3.92 27.18
CA SER J 222 -57.97 -4.33 28.52
C SER J 222 -56.46 -4.24 28.67
N ALA J 223 -55.70 -4.21 27.57
CA ALA J 223 -54.23 -4.21 27.68
C ALA J 223 -53.67 -2.94 28.33
N ILE J 224 -54.48 -1.87 28.45
CA ILE J 224 -54.07 -0.65 29.12
C ILE J 224 -53.56 -0.97 30.51
N ARG J 225 -54.06 -2.07 31.08
CA ARG J 225 -53.69 -2.48 32.42
C ARG J 225 -52.21 -2.78 32.54
N VAL J 226 -51.53 -3.06 31.43
CA VAL J 226 -50.11 -3.40 31.52
C VAL J 226 -49.35 -2.25 32.15
N GLY J 227 -49.83 -1.01 31.93
CA GLY J 227 -49.28 0.11 32.66
C GLY J 227 -49.76 0.15 34.10
N THR J 228 -51.04 -0.12 34.34
CA THR J 228 -51.64 0.13 35.65
C THR J 228 -51.69 -1.07 36.57
N VAL J 229 -51.19 -2.24 36.14
CA VAL J 229 -51.28 -3.41 36.99
C VAL J 229 -50.55 -3.16 38.29
N VAL J 230 -49.50 -2.32 38.25
CA VAL J 230 -48.70 -2.04 39.44
C VAL J 230 -49.53 -1.37 40.52
N THR J 231 -50.58 -0.62 40.14
CA THR J 231 -51.40 0.07 41.14
C THR J 231 -52.15 -0.92 42.04
N ALA J 232 -52.47 -2.09 41.51
CA ALA J 232 -53.21 -3.11 42.26
C ALA J 232 -52.41 -3.65 43.41
N TYR J 233 -53.02 -3.62 44.60
CA TYR J 233 -52.41 -4.04 45.86
C TYR J 233 -51.08 -3.36 46.05
N GLU J 234 -51.01 -2.09 45.61
CA GLU J 234 -49.80 -1.30 45.72
C GLU J 234 -49.48 -0.94 47.16
N ASP J 235 -48.21 -1.10 47.52
CA ASP J 235 -47.73 -0.80 48.87
C ASP J 235 -48.40 -1.68 49.90
N CYS J 236 -48.76 -2.89 49.49
CA CYS J 236 -49.36 -3.84 50.40
C CYS J 236 -48.62 -5.17 50.37
N SER J 237 -47.31 -5.14 50.13
CA SER J 237 -46.55 -6.37 49.94
C SER J 237 -46.66 -7.31 51.15
N GLY J 238 -46.76 -6.77 52.35
CA GLY J 238 -46.85 -7.64 53.51
C GLY J 238 -48.09 -8.50 53.50
N LEU J 239 -49.24 -7.88 53.26
CA LEU J 239 -50.46 -8.65 53.20
C LEU J 239 -50.43 -9.67 52.06
N VAL J 240 -49.90 -9.28 50.90
CA VAL J 240 -49.85 -10.20 49.76
C VAL J 240 -48.92 -11.38 50.06
N SER J 241 -47.79 -11.08 50.70
CA SER J 241 -46.87 -12.13 51.06
C SER J 241 -47.50 -13.08 52.05
N PHE J 242 -48.30 -12.52 52.98
CA PHE J 242 -48.95 -13.37 53.95
C PHE J 242 -49.94 -14.34 53.31
N THR J 243 -50.77 -13.87 52.38
CA THR J 243 -51.70 -14.79 51.72
C THR J 243 -50.95 -15.84 50.91
N GLY J 244 -49.89 -15.44 50.21
CA GLY J 244 -49.09 -16.41 49.49
C GLY J 244 -48.46 -17.44 50.40
N PHE J 245 -47.95 -16.98 51.55
CA PHE J 245 -47.35 -17.91 52.51
C PHE J 245 -48.38 -18.95 52.92
N ILE J 246 -49.59 -18.50 53.24
CA ILE J 246 -50.68 -19.39 53.63
C ILE J 246 -50.93 -20.44 52.56
N LYS J 247 -51.00 -20.02 51.29
CA LYS J 247 -51.35 -20.97 50.23
C LYS J 247 -50.19 -21.95 49.93
N GLN J 248 -48.93 -21.47 49.89
CA GLN J 248 -47.82 -22.38 49.58
C GLN J 248 -47.62 -23.43 50.66
N ILE J 249 -47.68 -23.01 51.94
CA ILE J 249 -47.51 -23.88 53.12
C ILE J 249 -48.72 -24.76 53.34
N ASN J 250 -49.85 -24.42 52.69
CA ASN J 250 -51.09 -25.18 52.75
C ASN J 250 -51.69 -25.19 54.16
N LEU J 251 -51.69 -24.03 54.82
CA LEU J 251 -52.29 -23.90 56.14
C LEU J 251 -53.33 -22.78 56.14
N THR J 252 -54.22 -22.80 57.12
CA THR J 252 -55.22 -21.77 57.28
C THR J 252 -54.59 -20.57 57.94
N ALA J 253 -55.06 -19.38 57.59
CA ALA J 253 -54.53 -18.15 58.18
C ALA J 253 -54.25 -18.31 59.68
N ARG J 254 -55.21 -18.84 60.43
CA ARG J 254 -55.04 -18.94 61.88
C ARG J 254 -53.85 -19.80 62.20
N GLU J 255 -53.89 -21.02 61.66
CA GLU J 255 -52.84 -22.00 61.88
C GLU J 255 -51.47 -21.43 61.57
N ALA J 256 -51.35 -20.61 60.52
CA ALA J 256 -50.03 -20.10 60.19
C ALA J 256 -49.50 -19.22 61.31
N ILE J 257 -50.29 -18.26 61.79
CA ILE J 257 -49.82 -17.38 62.86
C ILE J 257 -49.56 -18.14 64.15
N LEU J 258 -50.19 -19.29 64.36
CA LEU J 258 -49.82 -20.05 65.54
C LEU J 258 -48.33 -20.38 65.54
N TYR J 259 -47.75 -20.61 64.37
CA TYR J 259 -46.32 -20.95 64.28
C TYR J 259 -45.42 -19.73 64.49
N PHE J 260 -45.96 -18.52 64.54
CA PHE J 260 -45.19 -17.29 64.72
C PHE J 260 -44.85 -17.15 66.20
N PHE J 261 -43.72 -17.72 66.64
CA PHE J 261 -43.44 -17.74 68.10
C PHE J 261 -42.57 -16.56 68.54
N HIS J 262 -43.14 -15.36 68.46
CA HIS J 262 -42.40 -14.22 68.99
C HIS J 262 -43.33 -13.09 69.36
N LYS J 263 -42.93 -12.33 70.39
CA LYS J 263 -43.74 -11.22 70.87
C LYS J 263 -43.88 -10.12 69.82
N ASN J 264 -42.83 -9.90 69.00
CA ASN J 264 -42.84 -8.80 68.05
C ASN J 264 -43.98 -8.91 67.05
N PHE J 265 -44.35 -10.14 66.70
CA PHE J 265 -45.38 -10.33 65.69
C PHE J 265 -46.72 -9.72 66.12
N GLU J 266 -46.94 -9.59 67.44
CA GLU J 266 -48.26 -9.18 67.93
C GLU J 266 -48.70 -7.84 67.37
N GLU J 267 -47.84 -6.83 67.43
CA GLU J 267 -48.25 -5.52 66.94
C GLU J 267 -48.58 -5.57 65.45
N GLU J 268 -47.78 -6.32 64.69
CA GLU J 268 -47.99 -6.37 63.26
C GLU J 268 -49.31 -7.06 62.93
N ILE J 269 -49.59 -8.17 63.60
CA ILE J 269 -50.79 -8.95 63.31
C ILE J 269 -52.03 -8.11 63.53
N ARG J 270 -52.09 -7.36 64.64
CA ARG J 270 -53.20 -6.45 64.86
C ARG J 270 -53.24 -5.37 63.80
N ARG J 271 -52.07 -4.89 63.41
CA ARG J 271 -52.01 -3.78 62.48
C ARG J 271 -52.56 -4.19 61.11
N MET J 272 -52.17 -5.35 60.61
CA MET J 272 -52.56 -5.72 59.26
C MET J 272 -53.95 -6.35 59.16
N PHE J 273 -54.52 -6.80 60.26
CA PHE J 273 -55.81 -7.48 60.20
C PHE J 273 -56.91 -6.67 60.85
N GLU J 274 -56.81 -5.36 60.77
CA GLU J 274 -57.85 -4.52 61.31
C GLU J 274 -59.14 -4.78 60.55
N PRO J 275 -60.26 -4.98 61.23
CA PRO J 275 -61.53 -5.22 60.54
C PRO J 275 -62.06 -3.94 59.94
N GLY J 276 -63.02 -4.09 59.06
CA GLY J 276 -63.65 -2.95 58.41
C GLY J 276 -63.07 -2.50 57.10
N GLN J 277 -61.90 -2.98 56.73
CA GLN J 277 -61.32 -2.79 55.40
C GLN J 277 -61.71 -3.98 54.56
N GLU J 278 -62.24 -3.74 53.38
CA GLU J 278 -62.74 -4.84 52.58
C GLU J 278 -61.64 -5.69 51.93
N THR J 279 -60.79 -6.31 52.75
CA THR J 279 -59.74 -7.18 52.20
C THR J 279 -60.32 -8.35 51.42
N ALA J 280 -61.39 -8.95 51.93
CA ALA J 280 -61.98 -10.13 51.30
C ALA J 280 -62.80 -9.78 50.04
N VAL J 281 -63.31 -8.55 49.93
CA VAL J 281 -64.19 -8.20 48.80
C VAL J 281 -63.38 -8.21 47.51
N PRO J 282 -63.86 -8.87 46.45
CA PRO J 282 -63.03 -9.02 45.24
C PRO J 282 -62.75 -7.72 44.53
N HIS J 283 -63.74 -6.85 44.36
CA HIS J 283 -63.36 -5.66 43.60
C HIS J 283 -63.60 -4.42 44.41
N SER J 284 -62.90 -4.32 45.54
CA SER J 284 -63.20 -3.21 46.42
C SER J 284 -62.17 -2.12 46.21
N TYR J 285 -62.49 -0.97 46.77
CA TYR J 285 -61.56 0.12 46.69
C TYR J 285 -60.25 -0.26 47.38
N PHE J 286 -60.29 -1.23 48.28
CA PHE J 286 -59.09 -1.58 48.99
C PHE J 286 -57.96 -1.96 48.04
N ILE J 287 -58.25 -2.70 46.96
CA ILE J 287 -57.19 -3.17 46.07
C ILE J 287 -56.38 -2.01 45.49
N HIS J 288 -57.02 -0.84 45.31
CA HIS J 288 -56.37 0.34 44.76
C HIS J 288 -56.37 1.52 45.71
N PHE J 289 -56.50 1.28 47.01
CA PHE J 289 -56.65 2.38 47.95
C PHE J 289 -55.43 3.28 47.94
N ARG J 290 -54.22 2.72 47.88
CA ARG J 290 -53.04 3.56 47.87
C ARG J 290 -52.98 4.39 46.58
N SER J 291 -53.35 3.79 45.44
CA SER J 291 -53.36 4.53 44.17
C SER J 291 -54.33 5.69 44.24
N LEU J 292 -55.53 5.45 44.76
CA LEU J 292 -56.52 6.50 44.91
C LEU J 292 -56.20 7.24 46.21
N GLY J 293 -57.10 8.11 46.67
CA GLY J 293 -56.89 8.79 47.94
C GLY J 293 -57.13 7.96 49.19
N LEU J 294 -57.58 8.61 50.28
CA LEU J 294 -57.83 7.95 51.56
C LEU J 294 -56.86 6.84 51.94
N SER J 295 -55.57 7.05 51.65
CA SER J 295 -54.58 6.02 51.85
C SER J 295 -53.65 6.30 53.01
N GLY J 296 -52.94 7.42 52.97
CA GLY J 296 -51.92 7.63 53.96
C GLY J 296 -50.80 6.65 53.72
N LYS J 297 -50.19 6.20 54.80
CA LYS J 297 -49.17 5.18 54.71
C LYS J 297 -49.86 3.84 54.95
N SER J 298 -49.49 2.86 54.16
CA SER J 298 -50.19 1.59 54.25
C SER J 298 -49.72 0.82 55.47
N PRO J 299 -50.63 0.33 56.30
CA PRO J 299 -50.26 -0.56 57.39
C PRO J 299 -49.97 -1.97 56.92
N TYR J 300 -50.17 -2.27 55.64
CA TYR J 300 -49.91 -3.55 55.01
C TYR J 300 -48.62 -3.54 54.20
N SER J 301 -47.80 -2.49 54.35
CA SER J 301 -46.52 -2.36 53.64
C SER J 301 -45.49 -3.33 54.22
N SER J 302 -44.47 -3.65 53.43
CA SER J 302 -43.46 -4.57 53.93
C SER J 302 -42.70 -3.97 55.11
N ASN J 303 -42.55 -2.63 55.15
CA ASN J 303 -41.81 -2.04 56.27
C ASN J 303 -42.63 -2.13 57.54
N ALA J 304 -43.91 -1.77 57.48
CA ALA J 304 -44.79 -2.18 58.56
C ALA J 304 -44.88 -3.68 58.46
N VAL J 305 -45.32 -4.34 59.53
CA VAL J 305 -45.38 -5.80 59.48
C VAL J 305 -44.05 -6.41 59.04
N GLY J 306 -42.93 -5.80 59.45
CA GLY J 306 -41.63 -6.22 58.93
C GLY J 306 -41.28 -7.64 59.30
N HIS J 307 -41.51 -7.99 60.56
CA HIS J 307 -41.13 -9.30 61.07
C HIS J 307 -41.89 -10.40 60.32
N VAL J 308 -43.18 -10.20 60.11
CA VAL J 308 -43.95 -11.17 59.35
C VAL J 308 -43.40 -11.29 57.94
N PHE J 309 -43.07 -10.16 57.32
CA PHE J 309 -42.56 -10.21 55.96
C PHE J 309 -41.25 -10.99 55.94
N ASN J 310 -40.34 -10.67 56.87
CA ASN J 310 -39.05 -11.32 56.94
C ASN J 310 -39.20 -12.81 57.22
N LEU J 311 -40.03 -13.17 58.20
CA LEU J 311 -40.23 -14.59 58.48
C LEU J 311 -40.74 -15.30 57.25
N ILE J 312 -41.70 -14.69 56.55
CA ILE J 312 -42.29 -15.36 55.39
C ILE J 312 -41.23 -15.65 54.34
N HIS J 313 -40.41 -14.68 54.02
CA HIS J 313 -39.44 -14.94 52.97
C HIS J 313 -38.29 -15.84 53.41
N PHE J 314 -37.87 -15.77 54.69
CA PHE J 314 -36.86 -16.73 55.14
C PHE J 314 -37.34 -18.15 54.97
N VAL J 315 -38.61 -18.41 55.31
CA VAL J 315 -39.17 -19.73 55.06
C VAL J 315 -39.13 -20.04 53.57
N GLY J 316 -39.51 -19.05 52.75
CA GLY J 316 -39.48 -19.24 51.32
C GLY J 316 -38.07 -19.54 50.83
N CYS J 317 -37.06 -18.85 51.36
CA CYS J 317 -35.71 -19.18 50.93
C CYS J 317 -35.36 -20.61 51.32
N TYR J 318 -35.79 -21.04 52.50
CA TYR J 318 -35.55 -22.42 52.90
C TYR J 318 -36.18 -23.37 51.91
N MET J 319 -37.30 -22.98 51.34
CA MET J 319 -38.01 -23.82 50.40
C MET J 319 -37.60 -23.54 48.97
N GLY J 320 -36.69 -22.62 48.76
CA GLY J 320 -36.20 -22.31 47.43
C GLY J 320 -37.10 -21.44 46.59
N GLN J 321 -38.07 -20.73 47.17
CA GLN J 321 -38.91 -19.87 46.37
C GLN J 321 -38.13 -18.67 45.90
N VAL J 322 -38.05 -18.49 44.59
CA VAL J 322 -37.25 -17.40 44.04
C VAL J 322 -37.77 -16.04 44.50
N ARG J 323 -39.10 -15.87 44.61
CA ARG J 323 -39.65 -14.57 44.98
C ARG J 323 -39.06 -14.10 46.30
N SER J 324 -38.94 -15.02 47.27
CA SER J 324 -38.34 -14.71 48.56
C SER J 324 -36.84 -14.47 48.44
N LEU J 325 -36.15 -15.24 47.60
CA LEU J 325 -34.71 -15.04 47.42
C LEU J 325 -34.41 -13.61 46.95
N ASN J 326 -35.27 -13.05 46.12
CA ASN J 326 -34.98 -11.73 45.59
C ASN J 326 -35.63 -10.61 46.38
N ALA J 327 -36.45 -10.91 47.38
CA ALA J 327 -37.08 -9.86 48.15
C ALA J 327 -36.05 -9.12 49.02
N THR J 328 -36.31 -7.84 49.28
CA THR J 328 -35.39 -7.01 50.07
C THR J 328 -35.73 -7.12 51.55
N VAL J 329 -34.74 -7.52 52.36
CA VAL J 329 -34.97 -7.77 53.78
C VAL J 329 -35.15 -6.45 54.54
N ILE J 330 -36.03 -6.46 55.55
CA ILE J 330 -36.22 -5.29 56.40
C ILE J 330 -35.19 -5.37 57.53
N ALA J 331 -34.14 -4.56 57.43
CA ALA J 331 -33.02 -4.69 58.37
C ALA J 331 -33.44 -4.37 59.79
N ALA J 332 -34.34 -3.41 59.96
CA ALA J 332 -34.69 -3.01 61.32
C ALA J 332 -35.39 -4.14 62.07
N CYS J 333 -36.21 -4.93 61.37
CA CYS J 333 -37.13 -5.85 62.03
C CYS J 333 -36.45 -7.22 62.24
N ALA J 334 -35.48 -7.20 63.17
CA ALA J 334 -34.81 -8.36 63.77
C ALA J 334 -34.61 -9.51 62.77
N PRO J 335 -33.89 -9.29 61.68
CA PRO J 335 -33.79 -10.33 60.65
C PRO J 335 -33.15 -11.62 61.16
N HIS J 336 -32.18 -11.53 62.08
CA HIS J 336 -31.53 -12.76 62.52
C HIS J 336 -32.49 -13.63 63.31
N GLU J 337 -33.26 -13.02 64.21
CA GLU J 337 -34.20 -13.82 64.97
C GLU J 337 -35.22 -14.46 64.04
N MET J 338 -35.71 -13.69 63.04
CA MET J 338 -36.67 -14.24 62.09
C MET J 338 -36.07 -15.39 61.30
N SER J 339 -34.78 -15.29 60.93
CA SER J 339 -34.17 -16.38 60.16
C SER J 339 -34.09 -17.67 60.98
N VAL J 340 -33.88 -17.56 62.29
CA VAL J 340 -33.86 -18.76 63.12
C VAL J 340 -35.25 -19.39 63.11
N LEU J 341 -36.30 -18.60 63.37
CA LEU J 341 -37.66 -19.13 63.34
C LEU J 341 -38.01 -19.68 61.97
N GLY J 342 -37.55 -19.02 60.92
CA GLY J 342 -37.81 -19.48 59.57
C GLY J 342 -37.15 -20.81 59.27
N GLY J 343 -35.98 -21.03 59.87
CA GLY J 343 -35.29 -22.31 59.68
C GLY J 343 -36.07 -23.49 60.21
N TYR J 344 -36.57 -23.37 61.46
CA TYR J 344 -37.36 -24.45 62.03
C TYR J 344 -38.67 -24.62 61.28
N LEU J 345 -39.37 -23.49 61.03
CA LEU J 345 -40.63 -23.56 60.32
C LEU J 345 -40.43 -24.14 58.94
N GLY J 346 -39.39 -23.69 58.24
CA GLY J 346 -39.09 -24.23 56.93
C GLY J 346 -38.77 -25.72 56.96
N GLU J 347 -38.07 -26.17 57.99
CA GLU J 347 -37.82 -27.60 58.12
C GLU J 347 -39.13 -28.38 58.18
N GLU J 348 -40.09 -27.88 58.98
CA GLU J 348 -41.38 -28.57 59.12
C GLU J 348 -42.17 -28.61 57.82
N PHE J 349 -42.16 -27.55 57.03
CA PHE J 349 -42.99 -27.49 55.83
C PHE J 349 -42.26 -27.88 54.56
N PHE J 350 -40.96 -28.09 54.58
CA PHE J 350 -40.23 -28.40 53.35
C PHE J 350 -40.16 -29.91 53.19
N GLY J 351 -40.72 -30.41 52.08
CA GLY J 351 -40.65 -31.83 51.76
C GLY J 351 -41.63 -32.72 52.50
N LYS J 352 -42.58 -32.14 53.22
CA LYS J 352 -43.52 -32.87 54.06
C LYS J 352 -44.91 -32.38 53.76
N GLY J 353 -45.86 -33.31 53.79
CA GLY J 353 -47.25 -32.94 53.61
C GLY J 353 -48.11 -33.81 54.51
N THR J 354 -49.23 -33.24 54.91
CA THR J 354 -50.22 -33.92 55.73
C THR J 354 -51.25 -34.52 54.77
N PHE J 355 -51.21 -35.85 54.62
CA PHE J 355 -52.02 -36.57 53.65
C PHE J 355 -52.99 -37.49 54.38
N GLU J 356 -54.23 -37.53 53.90
CA GLU J 356 -55.29 -38.39 54.44
C GLU J 356 -56.14 -38.89 53.28
N ARG J 357 -56.57 -40.15 53.34
CA ARG J 357 -57.40 -40.64 52.25
C ARG J 357 -58.78 -40.00 52.33
N ARG J 358 -59.22 -39.36 51.24
CA ARG J 358 -60.53 -38.73 51.24
C ARG J 358 -61.47 -39.35 50.22
N PHE J 359 -60.97 -40.15 49.26
CA PHE J 359 -61.80 -40.72 48.21
C PHE J 359 -61.77 -42.24 48.28
N PHE J 360 -62.95 -42.86 48.31
CA PHE J 360 -63.10 -44.30 48.44
C PHE J 360 -64.14 -44.80 47.47
N ARG J 361 -63.99 -46.06 47.03
CA ARG J 361 -64.96 -46.61 46.07
C ARG J 361 -66.30 -46.90 46.72
N ASP J 362 -66.32 -47.42 47.95
CA ASP J 362 -67.57 -47.78 48.63
C ASP J 362 -67.62 -47.16 50.02
N GLU J 363 -68.84 -47.00 50.52
CA GLU J 363 -69.00 -46.46 51.87
C GLU J 363 -68.35 -47.39 52.88
N LYS J 364 -68.47 -48.69 52.67
CA LYS J 364 -67.91 -49.65 53.62
C LYS J 364 -66.41 -49.47 53.72
N GLU J 365 -65.75 -49.26 52.57
CA GLU J 365 -64.31 -49.05 52.53
C GLU J 365 -63.92 -47.83 53.33
N LEU J 366 -64.73 -46.78 53.24
CA LEU J 366 -64.45 -45.56 53.98
C LEU J 366 -64.48 -45.83 55.49
N GLN J 367 -65.50 -46.57 55.94
CA GLN J 367 -65.63 -46.90 57.36
C GLN J 367 -64.48 -47.77 57.85
N GLU J 368 -64.01 -48.69 57.00
CA GLU J 368 -62.85 -49.48 57.38
C GLU J 368 -61.63 -48.58 57.54
N TYR J 369 -61.46 -47.59 56.65
CA TYR J 369 -60.32 -46.68 56.78
C TYR J 369 -60.44 -45.81 58.02
N GLU J 370 -61.66 -45.52 58.48
CA GLU J 370 -61.79 -44.68 59.67
C GLU J 370 -61.37 -45.48 60.90
N ALA J 371 -61.59 -46.80 60.86
CA ALA J 371 -61.12 -47.75 61.86
C ALA J 371 -59.63 -48.03 61.66
N ALA J 372 -58.80 -47.07 62.08
CA ALA J 372 -57.34 -47.15 61.97
C ALA J 372 -56.65 -46.67 63.26
N GLU J 398 -42.27 -35.66 63.86
CA GLU J 398 -43.07 -36.64 63.11
C GLU J 398 -44.48 -36.05 62.87
N THR J 399 -45.08 -35.51 63.93
CA THR J 399 -46.41 -34.89 63.89
C THR J 399 -46.25 -33.39 63.65
N ARG J 400 -47.14 -32.83 62.82
CA ARG J 400 -47.13 -31.41 62.49
C ARG J 400 -48.05 -30.66 63.43
N SER J 401 -47.47 -29.88 64.35
CA SER J 401 -48.29 -29.06 65.22
C SER J 401 -47.46 -27.86 65.64
N PRO J 402 -48.08 -26.73 65.99
CA PRO J 402 -47.28 -25.63 66.55
C PRO J 402 -46.54 -26.03 67.80
N GLU J 403 -47.18 -26.81 68.66
CA GLU J 403 -46.58 -27.23 69.93
C GLU J 403 -45.32 -28.05 69.69
N ALA J 404 -45.35 -28.94 68.70
CA ALA J 404 -44.17 -29.77 68.38
C ALA J 404 -42.99 -28.93 67.94
N VAL J 405 -43.25 -27.95 67.08
CA VAL J 405 -42.17 -27.09 66.60
C VAL J 405 -41.61 -26.27 67.74
N TYR J 406 -42.49 -25.73 68.58
CA TYR J 406 -42.02 -24.89 69.68
C TYR J 406 -41.12 -25.70 70.62
N THR J 407 -41.53 -26.92 70.96
CA THR J 407 -40.71 -27.74 71.84
C THR J 407 -39.36 -28.05 71.18
N ARG J 408 -39.36 -28.30 69.87
CA ARG J 408 -38.12 -28.59 69.17
C ARG J 408 -37.15 -27.41 69.24
N ILE J 409 -37.67 -26.19 69.07
CA ILE J 409 -36.83 -25.00 69.20
C ILE J 409 -36.26 -24.92 70.60
N MET J 410 -37.13 -25.13 71.59
CA MET J 410 -36.70 -25.04 72.97
C MET J 410 -35.61 -26.08 73.28
N MET J 411 -35.75 -27.29 72.74
CA MET J 411 -34.74 -28.33 72.98
C MET J 411 -33.37 -27.92 72.46
N ASN J 412 -33.33 -27.21 71.33
CA ASN J 412 -32.05 -26.73 70.83
C ASN J 412 -31.73 -25.32 71.33
N GLY J 413 -32.46 -24.84 72.33
CA GLY J 413 -32.16 -23.56 72.93
C GLY J 413 -32.38 -22.36 72.05
N GLY J 414 -33.32 -22.43 71.10
CA GLY J 414 -33.55 -21.32 70.21
C GLY J 414 -32.41 -21.07 69.25
N ARG J 415 -31.59 -22.08 68.98
CA ARG J 415 -30.44 -21.91 68.11
C ARG J 415 -30.63 -22.72 66.83
N LEU J 416 -30.25 -22.13 65.71
CA LEU J 416 -30.44 -22.79 64.42
C LEU J 416 -29.69 -24.12 64.42
N LYS J 417 -30.29 -25.16 63.82
CA LYS J 417 -29.58 -26.43 63.64
C LYS J 417 -28.58 -26.30 62.50
N ARG J 418 -27.53 -27.13 62.52
CA ARG J 418 -26.54 -27.07 61.45
C ARG J 418 -27.18 -27.38 60.11
N SER J 419 -28.12 -28.32 60.11
CA SER J 419 -28.85 -28.66 58.89
C SER J 419 -29.63 -27.46 58.35
N HIS J 420 -30.26 -26.68 59.26
CA HIS J 420 -30.92 -25.45 58.85
C HIS J 420 -29.91 -24.53 58.18
N ILE J 421 -28.75 -24.35 58.79
CA ILE J 421 -27.77 -23.48 58.17
C ILE J 421 -27.32 -24.07 56.84
N ARG J 422 -27.12 -25.39 56.76
CA ARG J 422 -26.69 -25.94 55.47
C ARG J 422 -27.68 -25.62 54.36
N ARG J 423 -28.97 -25.80 54.61
CA ARG J 423 -30.00 -25.54 53.60
C ARG J 423 -29.99 -24.08 53.16
N TYR J 424 -29.95 -23.15 54.12
CA TYR J 424 -29.91 -21.74 53.77
C TYR J 424 -28.70 -21.44 52.89
N VAL J 425 -27.53 -21.98 53.25
CA VAL J 425 -26.32 -21.69 52.48
C VAL J 425 -26.39 -22.30 51.09
N SER J 426 -26.90 -23.53 50.98
CA SER J 426 -26.98 -24.16 49.67
C SER J 426 -27.91 -23.39 48.74
N VAL J 427 -29.02 -22.85 49.26
CA VAL J 427 -29.95 -22.09 48.42
C VAL J 427 -29.37 -20.74 48.00
N SER J 428 -28.76 -20.04 48.95
CA SER J 428 -28.20 -18.73 48.64
C SER J 428 -26.99 -18.83 47.72
N SER J 429 -26.12 -19.82 47.94
CA SER J 429 -24.90 -19.89 47.14
C SER J 429 -25.20 -20.21 45.69
N ASN J 430 -26.15 -21.13 45.44
CA ASN J 430 -26.55 -21.43 44.07
C ASN J 430 -27.62 -20.46 43.59
N HIS J 431 -27.34 -19.16 43.79
CA HIS J 431 -28.28 -18.13 43.41
C HIS J 431 -27.53 -16.82 43.21
N GLN J 432 -28.01 -16.03 42.25
CA GLN J 432 -27.49 -14.70 41.93
C GLN J 432 -27.99 -13.71 42.96
N ALA J 433 -27.20 -13.48 44.01
CA ALA J 433 -27.68 -12.66 45.12
C ALA J 433 -27.88 -11.21 44.70
N ARG J 434 -29.07 -10.68 44.98
CA ARG J 434 -29.33 -9.26 44.75
C ARG J 434 -28.72 -8.43 45.87
N PRO J 435 -28.50 -7.14 45.66
CA PRO J 435 -27.80 -6.32 46.66
C PRO J 435 -28.37 -6.45 48.07
N ASN J 436 -29.64 -6.11 48.29
CA ASN J 436 -30.22 -6.19 49.63
C ASN J 436 -31.17 -7.37 49.78
N SER J 437 -30.96 -8.44 49.02
CA SER J 437 -31.89 -9.55 49.04
C SER J 437 -31.73 -10.40 50.32
N PHE J 438 -32.73 -11.25 50.54
CA PHE J 438 -32.63 -12.26 51.56
C PHE J 438 -31.50 -13.24 51.21
N ALA J 439 -31.29 -13.49 49.92
CA ALA J 439 -30.18 -14.36 49.51
C ALA J 439 -28.86 -13.77 49.97
N GLU J 440 -28.66 -12.48 49.74
CA GLU J 440 -27.43 -11.86 50.16
C GLU J 440 -27.32 -11.91 51.68
N PHE J 441 -28.43 -11.66 52.40
CA PHE J 441 -28.40 -11.73 53.86
C PHE J 441 -28.00 -13.12 54.34
N LEU J 442 -28.57 -14.17 53.75
CA LEU J 442 -28.18 -15.51 54.17
C LEU J 442 -26.71 -15.78 53.83
N ASN J 443 -26.26 -15.37 52.65
CA ASN J 443 -24.88 -15.64 52.28
C ASN J 443 -23.90 -14.93 53.20
N LYS J 444 -24.13 -13.65 53.47
CA LYS J 444 -23.24 -12.89 54.36
C LYS J 444 -23.29 -13.40 55.78
N THR J 445 -24.46 -13.87 56.22
CA THR J 445 -24.61 -14.25 57.61
C THR J 445 -24.05 -15.64 57.87
N TYR J 446 -24.39 -16.63 57.04
CA TYR J 446 -23.89 -17.99 57.16
C TYR J 446 -23.03 -18.30 55.93
N SER J 447 -21.72 -18.28 56.07
CA SER J 447 -20.88 -18.56 54.92
C SER J 447 -19.94 -19.72 55.14
N SER J 448 -19.78 -20.17 56.37
CA SER J 448 -19.00 -21.36 56.66
C SER J 448 -19.94 -22.49 57.06
N ASP K 4 -66.43 -19.79 66.50
CA ASP K 4 -65.87 -20.27 65.24
C ASP K 4 -64.37 -20.54 65.42
N LYS K 5 -63.83 -21.45 64.60
CA LYS K 5 -62.44 -21.86 64.65
C LYS K 5 -61.58 -21.09 63.65
N ILE K 6 -62.17 -20.15 62.93
CA ILE K 6 -61.44 -19.30 62.01
C ILE K 6 -61.04 -17.97 62.69
N VAL K 7 -60.90 -17.98 64.04
CA VAL K 7 -60.60 -16.78 64.82
C VAL K 7 -59.26 -16.98 65.53
N PHE K 8 -58.80 -15.89 66.18
CA PHE K 8 -57.47 -15.89 66.78
C PHE K 8 -57.38 -15.11 68.09
N LYS K 9 -56.53 -15.55 69.04
CA LYS K 9 -56.39 -14.90 70.35
C LYS K 9 -54.96 -14.46 70.65
N VAL K 10 -54.75 -13.14 70.72
CA VAL K 10 -53.48 -12.49 70.96
C VAL K 10 -53.66 -11.72 72.26
N ASN K 11 -52.60 -11.67 73.06
CA ASN K 11 -52.57 -10.93 74.33
C ASN K 11 -51.51 -9.82 74.32
N ASN K 12 -51.96 -8.55 74.45
CA ASN K 12 -51.05 -7.46 74.81
C ASN K 12 -51.24 -7.11 76.28
N GLN K 13 -51.63 -5.87 76.58
CA GLN K 13 -51.99 -5.52 77.94
C GLN K 13 -53.18 -6.34 78.39
N VAL K 14 -54.18 -6.46 77.50
CA VAL K 14 -55.38 -7.30 77.63
C VAL K 14 -55.47 -8.22 76.41
N VAL K 15 -56.41 -9.18 76.48
CA VAL K 15 -56.59 -10.19 75.43
C VAL K 15 -57.39 -9.61 74.26
N SER K 16 -56.98 -9.97 73.05
CA SER K 16 -57.60 -9.47 71.84
C SER K 16 -57.99 -10.64 70.94
N LEU K 17 -59.18 -10.55 70.35
CA LEU K 17 -59.70 -11.54 69.41
C LEU K 17 -59.77 -10.89 68.03
N LYS K 18 -59.02 -11.42 67.06
CA LYS K 18 -58.97 -10.87 65.70
C LYS K 18 -59.17 -11.98 64.67
N PRO K 19 -59.99 -11.76 63.66
CA PRO K 19 -60.05 -12.68 62.53
C PRO K 19 -59.32 -12.09 61.32
N GLU K 20 -58.28 -12.75 60.81
CA GLU K 20 -57.50 -12.26 59.67
C GLU K 20 -58.25 -12.43 58.36
N ILE K 21 -58.12 -11.46 57.48
CA ILE K 21 -58.90 -11.45 56.25
C ILE K 21 -57.97 -11.56 55.05
N ILE K 22 -58.30 -12.50 54.14
CA ILE K 22 -57.59 -12.72 52.88
C ILE K 22 -58.65 -12.94 51.78
N VAL K 23 -58.34 -12.61 50.53
CA VAL K 23 -59.33 -12.71 49.42
C VAL K 23 -59.15 -14.01 48.64
N ASP K 24 -60.27 -14.81 48.49
CA ASP K 24 -60.30 -16.03 47.63
C ASP K 24 -61.75 -16.31 47.19
N GLN K 25 -62.22 -15.59 46.17
CA GLN K 25 -63.61 -15.71 45.71
C GLN K 25 -63.67 -15.97 44.21
N HIS K 26 -64.46 -16.97 43.83
CA HIS K 26 -64.60 -17.38 42.43
C HIS K 26 -66.04 -17.76 42.13
N GLU K 27 -66.51 -17.39 40.94
CA GLU K 27 -67.85 -17.73 40.50
C GLU K 27 -67.81 -18.56 39.21
N TYR K 28 -67.55 -19.86 39.31
CA TYR K 28 -67.48 -20.69 38.11
C TYR K 28 -68.88 -20.98 37.56
N LYS K 29 -69.03 -20.87 36.24
CA LYS K 29 -70.31 -21.09 35.54
C LYS K 29 -70.32 -22.35 34.67
N TYR K 30 -71.41 -23.10 34.74
CA TYR K 30 -71.38 -24.36 34.00
C TYR K 30 -72.04 -24.23 32.62
N PRO K 31 -71.66 -25.07 31.67
CA PRO K 31 -72.12 -24.92 30.28
C PRO K 31 -73.49 -25.49 29.96
N ALA K 32 -74.23 -26.08 30.88
CA ALA K 32 -75.51 -26.68 30.48
C ALA K 32 -76.42 -25.66 29.80
N ILE K 33 -77.22 -26.12 28.84
CA ILE K 33 -78.20 -25.29 28.15
C ILE K 33 -79.57 -25.61 28.73
N LYS K 34 -80.06 -24.78 29.67
CA LYS K 34 -81.40 -24.96 30.24
C LYS K 34 -82.53 -24.44 29.33
N ASP K 35 -82.28 -23.36 28.56
CA ASP K 35 -83.30 -22.74 27.71
C ASP K 35 -83.73 -23.63 26.55
N LEU K 36 -82.94 -24.66 26.23
CA LEU K 36 -83.20 -25.54 25.10
C LEU K 36 -83.20 -24.76 23.78
N LYS K 37 -82.43 -23.66 23.74
CA LYS K 37 -82.24 -22.79 22.58
C LYS K 37 -80.78 -22.80 22.15
N LYS K 38 -80.56 -22.86 20.83
CA LYS K 38 -79.21 -22.84 20.24
C LYS K 38 -78.53 -21.51 20.57
N PRO K 39 -77.20 -21.49 20.65
CA PRO K 39 -76.49 -20.26 21.04
C PRO K 39 -76.76 -19.14 20.03
N CYS K 40 -76.72 -17.91 20.51
CA CYS K 40 -77.19 -16.77 19.73
C CYS K 40 -76.07 -15.76 19.52
N ILE K 41 -76.05 -15.15 18.33
CA ILE K 41 -75.10 -14.10 18.01
C ILE K 41 -75.89 -12.95 17.41
N THR K 42 -75.34 -11.75 17.55
CA THR K 42 -75.88 -10.55 16.91
C THR K 42 -74.97 -10.17 15.74
N LEU K 43 -75.53 -10.08 14.53
CA LEU K 43 -74.71 -9.80 13.37
C LEU K 43 -75.52 -8.97 12.39
N GLY K 44 -74.88 -8.51 11.31
CA GLY K 44 -75.54 -7.62 10.37
C GLY K 44 -76.31 -8.35 9.29
N LYS K 45 -76.94 -7.57 8.40
CA LYS K 45 -77.77 -8.16 7.36
C LYS K 45 -76.90 -8.92 6.36
N ALA K 46 -77.43 -10.02 5.85
CA ALA K 46 -76.64 -10.90 5.01
C ALA K 46 -76.19 -10.16 3.74
N PRO K 47 -74.91 -10.17 3.42
CA PRO K 47 -74.44 -9.52 2.20
C PRO K 47 -74.53 -10.45 1.01
N ASP K 48 -74.41 -9.86 -0.17
CA ASP K 48 -74.26 -10.66 -1.37
C ASP K 48 -72.89 -11.32 -1.27
N LEU K 49 -72.86 -12.64 -1.38
CA LEU K 49 -71.63 -13.43 -1.21
C LEU K 49 -70.49 -12.92 -2.09
N ASN K 50 -70.74 -12.81 -3.40
CA ASN K 50 -69.72 -12.39 -4.36
C ASN K 50 -69.09 -11.05 -4.01
N LYS K 51 -69.91 -10.06 -3.63
CA LYS K 51 -69.38 -8.75 -3.27
C LYS K 51 -68.65 -8.83 -1.95
N ALA K 52 -69.21 -9.57 -1.01
CA ALA K 52 -68.58 -9.71 0.29
C ALA K 52 -67.23 -10.41 0.14
N TYR K 53 -67.14 -11.45 -0.70
CA TYR K 53 -65.85 -12.14 -0.89
C TYR K 53 -64.81 -11.17 -1.43
N LYS K 54 -65.20 -10.35 -2.40
CA LYS K 54 -64.29 -9.39 -3.02
C LYS K 54 -63.78 -8.38 -2.02
N SER K 55 -64.68 -7.91 -1.15
CA SER K 55 -64.25 -6.95 -0.13
C SER K 55 -63.28 -7.58 0.84
N VAL K 56 -63.63 -8.77 1.38
CA VAL K 56 -62.81 -9.42 2.38
C VAL K 56 -61.47 -9.80 1.78
N LEU K 57 -61.47 -10.28 0.53
CA LEU K 57 -60.22 -10.66 -0.10
C LEU K 57 -59.31 -9.44 -0.25
N SER K 58 -59.89 -8.30 -0.62
CA SER K 58 -59.15 -7.05 -0.63
C SER K 58 -58.65 -6.69 0.77
N GLY K 59 -59.52 -6.79 1.76
CA GLY K 59 -59.13 -6.42 3.11
C GLY K 59 -57.96 -7.22 3.65
N MET K 60 -57.93 -8.51 3.33
CA MET K 60 -56.83 -9.35 3.79
C MET K 60 -55.53 -8.86 3.25
N SER K 61 -55.52 -8.56 1.95
CA SER K 61 -54.30 -8.13 1.33
C SER K 61 -53.81 -6.82 1.93
N ALA K 62 -54.75 -5.97 2.40
CA ALA K 62 -54.47 -4.67 3.01
C ALA K 62 -54.19 -4.75 4.51
N ALA K 63 -54.31 -5.92 5.12
CA ALA K 63 -54.04 -6.09 6.53
C ALA K 63 -54.97 -5.20 7.33
N LYS K 64 -55.98 -4.64 6.64
CA LYS K 64 -57.04 -3.85 7.25
C LYS K 64 -58.38 -4.45 6.85
N LEU K 65 -59.10 -5.01 7.82
CA LEU K 65 -60.39 -5.66 7.59
C LEU K 65 -61.27 -5.33 8.78
N ASP K 66 -62.58 -5.33 8.51
CA ASP K 66 -63.56 -4.98 9.53
C ASP K 66 -64.09 -6.24 10.20
N PRO K 67 -64.01 -6.34 11.53
CA PRO K 67 -64.45 -7.57 12.20
C PRO K 67 -65.90 -7.92 11.92
N ASP K 68 -66.83 -6.94 11.96
CA ASP K 68 -68.26 -7.21 11.73
C ASP K 68 -68.51 -7.72 10.33
N ASP K 69 -67.86 -7.11 9.33
CA ASP K 69 -67.97 -7.59 7.97
C ASP K 69 -67.39 -9.01 7.87
N VAL K 70 -66.25 -9.25 8.52
CA VAL K 70 -65.64 -10.56 8.41
C VAL K 70 -66.58 -11.63 8.96
N CYS K 71 -67.22 -11.36 10.12
CA CYS K 71 -68.14 -12.33 10.73
C CYS K 71 -69.40 -12.56 9.91
N SER K 72 -70.03 -11.49 9.41
CA SER K 72 -71.23 -11.68 8.62
C SER K 72 -70.91 -12.51 7.37
N TYR K 73 -69.71 -12.30 6.77
CA TYR K 73 -69.26 -13.12 5.64
C TYR K 73 -69.05 -14.58 6.05
N LEU K 74 -68.44 -14.80 7.21
CA LEU K 74 -68.22 -16.14 7.70
C LEU K 74 -69.56 -16.83 7.95
N ALA K 75 -70.52 -16.09 8.48
CA ALA K 75 -71.85 -16.67 8.71
C ALA K 75 -72.54 -16.98 7.39
N ALA K 76 -72.39 -16.09 6.40
CA ALA K 76 -72.98 -16.32 5.08
C ALA K 76 -72.31 -17.49 4.35
N ALA K 77 -71.01 -17.68 4.56
CA ALA K 77 -70.28 -18.74 3.87
C ALA K 77 -70.72 -20.14 4.33
N MET K 78 -71.38 -20.23 5.49
CA MET K 78 -71.76 -21.51 6.08
C MET K 78 -72.71 -22.30 5.17
N GLN K 79 -73.45 -21.61 4.30
CA GLN K 79 -74.36 -22.27 3.37
C GLN K 79 -73.60 -23.14 2.37
N PHE K 80 -72.37 -22.75 2.05
CA PHE K 80 -71.56 -23.50 1.10
C PHE K 80 -71.23 -24.89 1.63
N PHE K 81 -70.94 -25.00 2.93
CA PHE K 81 -70.48 -26.24 3.55
C PHE K 81 -71.66 -27.07 4.02
N GLU K 82 -71.89 -28.22 3.36
CA GLU K 82 -73.02 -29.08 3.66
C GLU K 82 -72.61 -30.54 3.64
N GLY K 83 -73.15 -31.31 4.58
CA GLY K 83 -72.90 -32.73 4.62
C GLY K 83 -74.02 -33.42 5.35
N THR K 84 -74.20 -34.70 5.04
CA THR K 84 -75.18 -35.49 5.75
C THR K 84 -74.69 -35.85 7.15
N CYS K 85 -75.62 -35.81 8.10
CA CYS K 85 -75.34 -36.13 9.50
C CYS K 85 -75.32 -37.65 9.68
N PRO K 86 -74.23 -38.25 10.20
CA PRO K 86 -74.18 -39.72 10.26
C PRO K 86 -75.19 -40.36 11.21
N GLU K 87 -75.36 -39.79 12.39
CA GLU K 87 -76.28 -40.33 13.38
C GLU K 87 -77.06 -39.16 13.95
N ASP K 88 -78.16 -39.48 14.63
CA ASP K 88 -78.98 -38.44 15.24
C ASP K 88 -78.13 -37.66 16.22
N TRP K 89 -78.23 -36.33 16.13
CA TRP K 89 -77.40 -35.42 16.91
C TRP K 89 -78.22 -34.70 17.97
N THR K 90 -78.07 -35.11 19.23
CA THR K 90 -78.73 -34.47 20.36
C THR K 90 -77.71 -33.92 21.34
N SER K 91 -77.77 -32.62 21.63
CA SER K 91 -76.92 -32.00 22.65
C SER K 91 -77.73 -31.09 23.57
N TYR K 92 -77.59 -31.30 24.88
CA TYR K 92 -78.25 -30.49 25.92
C TYR K 92 -79.74 -30.27 25.64
N GLY K 93 -80.43 -31.32 25.22
CA GLY K 93 -81.85 -31.22 25.01
C GLY K 93 -82.26 -30.67 23.68
N ILE K 94 -81.29 -30.28 22.82
CA ILE K 94 -81.51 -29.68 21.52
C ILE K 94 -81.23 -30.73 20.46
N VAL K 95 -82.13 -30.83 19.44
CA VAL K 95 -81.93 -31.76 18.32
C VAL K 95 -81.27 -30.89 17.23
N ILE K 96 -79.93 -31.00 17.19
CA ILE K 96 -79.15 -30.15 16.32
C ILE K 96 -79.29 -30.64 14.88
N ALA K 97 -79.57 -31.94 14.70
CA ALA K 97 -79.67 -32.57 13.41
C ALA K 97 -80.30 -33.94 13.63
N ARG K 98 -80.74 -34.56 12.54
CA ARG K 98 -81.30 -35.90 12.59
C ARG K 98 -80.56 -36.78 11.59
N LYS K 99 -80.50 -38.09 11.87
CA LYS K 99 -79.77 -39.04 11.02
C LYS K 99 -80.35 -39.04 9.61
N GLY K 100 -79.46 -38.98 8.63
CA GLY K 100 -79.82 -38.95 7.22
C GLY K 100 -80.23 -37.60 6.75
N ASP K 101 -80.08 -36.57 7.59
CA ASP K 101 -80.40 -35.19 7.24
C ASP K 101 -79.14 -34.46 6.84
N LYS K 102 -79.15 -33.83 5.64
CA LYS K 102 -78.00 -33.02 5.26
C LYS K 102 -78.05 -31.75 6.08
N ILE K 103 -76.88 -31.29 6.56
CA ILE K 103 -76.83 -30.16 7.48
C ILE K 103 -75.69 -29.24 7.10
N THR K 104 -75.76 -28.00 7.59
CA THR K 104 -74.71 -27.00 7.44
C THR K 104 -74.35 -26.52 8.83
N PRO K 105 -73.29 -25.72 8.94
CA PRO K 105 -73.06 -24.98 10.20
C PRO K 105 -74.26 -24.12 10.63
N GLY K 106 -75.09 -23.61 9.73
CA GLY K 106 -76.26 -22.86 10.17
C GLY K 106 -77.18 -23.65 11.07
N SER K 107 -77.17 -25.01 10.94
CA SER K 107 -78.07 -25.88 11.68
C SER K 107 -77.73 -25.99 13.16
N LEU K 108 -76.49 -25.63 13.54
CA LEU K 108 -75.94 -25.64 14.91
C LEU K 108 -76.21 -24.38 15.73
N VAL K 109 -76.25 -23.20 15.12
CA VAL K 109 -76.36 -21.96 15.87
C VAL K 109 -77.59 -21.20 15.35
N GLU K 110 -77.94 -20.08 16.03
CA GLU K 110 -79.14 -19.28 15.68
C GLU K 110 -78.82 -18.12 14.72
N ILE K 111 -79.80 -17.80 13.85
CA ILE K 111 -79.67 -16.70 12.90
C ILE K 111 -79.49 -15.38 13.65
N LYS K 112 -78.42 -14.69 13.32
CA LYS K 112 -78.04 -13.46 13.99
C LYS K 112 -78.34 -12.18 13.22
N ARG K 113 -78.97 -12.27 12.04
CA ARG K 113 -79.19 -11.15 11.13
C ARG K 113 -80.19 -10.10 11.64
N THR K 114 -79.83 -8.82 11.36
CA THR K 114 -80.69 -7.67 11.62
C THR K 114 -81.07 -6.93 10.33
N ASP K 115 -81.12 -5.59 10.41
CA ASP K 115 -81.38 -4.74 9.26
C ASP K 115 -80.18 -3.86 8.88
N VAL K 116 -79.27 -3.59 9.83
CA VAL K 116 -78.14 -2.69 9.55
C VAL K 116 -77.10 -3.45 8.73
N GLU K 117 -76.67 -2.82 7.66
CA GLU K 117 -75.72 -3.44 6.75
C GLU K 117 -74.32 -2.88 7.00
N GLY K 118 -73.32 -3.72 6.74
CA GLY K 118 -71.93 -3.36 6.92
C GLY K 118 -71.37 -2.70 5.69
N ASN K 119 -70.20 -2.10 5.86
CA ASN K 119 -69.61 -1.32 4.78
C ASN K 119 -69.19 -2.16 3.57
N TRP K 120 -68.87 -3.44 3.77
CA TRP K 120 -68.35 -4.37 2.75
C TRP K 120 -67.61 -3.65 1.62
N ALA K 121 -66.51 -3.00 1.98
CA ALA K 121 -65.62 -2.33 1.03
C ALA K 121 -64.30 -2.15 1.74
N LEU K 122 -63.19 -2.28 1.02
CA LEU K 122 -61.92 -2.26 1.73
C LEU K 122 -60.80 -1.69 0.86
N THR K 123 -59.74 -1.34 1.59
CA THR K 123 -58.55 -0.67 1.08
C THR K 123 -57.71 -1.53 0.17
N GLY K 124 -57.51 -2.78 0.52
CA GLY K 124 -56.63 -3.67 -0.24
C GLY K 124 -57.05 -3.87 -1.68
N GLY K 125 -56.24 -4.66 -2.37
CA GLY K 125 -56.53 -4.87 -3.76
C GLY K 125 -56.80 -6.29 -4.17
N MET K 126 -57.95 -6.48 -4.82
CA MET K 126 -58.33 -7.71 -5.49
C MET K 126 -58.52 -7.45 -6.99
N GLU K 127 -57.93 -8.32 -7.82
CA GLU K 127 -57.96 -8.17 -9.27
C GLU K 127 -59.08 -8.97 -9.93
N LEU K 128 -59.92 -9.66 -9.15
CA LEU K 128 -60.91 -10.53 -9.76
C LEU K 128 -62.00 -9.73 -10.45
N THR K 129 -62.17 -10.01 -11.72
CA THR K 129 -63.24 -9.46 -12.51
C THR K 129 -64.47 -10.36 -12.51
N ARG K 130 -64.35 -11.56 -11.95
CA ARG K 130 -65.43 -12.54 -11.95
C ARG K 130 -65.90 -12.88 -10.54
N ASP K 131 -67.09 -13.47 -10.47
CA ASP K 131 -67.64 -13.97 -9.22
C ASP K 131 -66.81 -15.16 -8.71
N PRO K 132 -66.55 -15.21 -7.40
CA PRO K 132 -65.68 -16.25 -6.85
C PRO K 132 -66.33 -17.64 -6.82
N THR K 133 -65.46 -18.66 -6.95
CA THR K 133 -65.84 -20.06 -6.82
C THR K 133 -65.85 -20.49 -5.36
N VAL K 134 -66.55 -21.58 -5.10
CA VAL K 134 -66.74 -22.04 -3.71
C VAL K 134 -65.38 -22.22 -3.04
N PRO K 135 -64.44 -23.05 -3.57
CA PRO K 135 -63.06 -23.12 -3.00
C PRO K 135 -62.39 -21.81 -2.74
N GLU K 136 -62.50 -20.85 -3.63
CA GLU K 136 -61.99 -19.53 -3.31
C GLU K 136 -62.62 -19.05 -2.00
N HIS K 137 -63.96 -19.17 -1.89
CA HIS K 137 -64.63 -18.82 -0.64
C HIS K 137 -64.02 -19.62 0.51
N ALA K 138 -63.87 -20.94 0.33
CA ALA K 138 -63.38 -21.82 1.40
C ALA K 138 -61.96 -21.46 1.80
N SER K 139 -61.11 -21.13 0.83
CA SER K 139 -59.75 -20.72 1.14
C SER K 139 -59.75 -19.46 1.99
N LEU K 140 -60.62 -18.50 1.66
CA LEU K 140 -60.71 -17.27 2.48
C LEU K 140 -61.25 -17.58 3.86
N VAL K 141 -62.30 -18.41 3.93
CA VAL K 141 -62.89 -18.77 5.21
C VAL K 141 -61.82 -19.41 6.09
N GLY K 142 -61.03 -20.32 5.51
CA GLY K 142 -59.96 -20.96 6.25
C GLY K 142 -58.88 -20.00 6.71
N LEU K 143 -58.53 -19.03 5.87
CA LEU K 143 -57.51 -18.04 6.22
C LEU K 143 -57.97 -17.12 7.35
N LEU K 144 -59.24 -16.73 7.33
CA LEU K 144 -59.79 -15.88 8.38
C LEU K 144 -59.85 -16.62 9.73
N LEU K 145 -60.35 -17.84 9.73
CA LEU K 145 -60.44 -18.60 10.96
C LEU K 145 -59.05 -18.87 11.53
N SER K 146 -58.08 -19.18 10.65
CA SER K 146 -56.73 -19.45 11.14
C SER K 146 -56.15 -18.24 11.85
N LEU K 147 -56.74 -17.06 11.60
CA LEU K 147 -56.31 -15.89 12.34
C LEU K 147 -56.56 -16.10 13.83
N TYR K 148 -57.67 -16.78 14.17
CA TYR K 148 -58.00 -17.05 15.57
C TYR K 148 -56.92 -17.91 16.22
N ARG K 149 -56.45 -18.96 15.54
CA ARG K 149 -55.37 -19.76 16.07
C ARG K 149 -54.11 -18.92 16.26
N LEU K 150 -53.89 -17.96 15.36
CA LEU K 150 -52.74 -17.08 15.47
C LEU K 150 -52.83 -16.18 16.71
N SER K 151 -54.03 -15.68 17.04
CA SER K 151 -54.15 -14.80 18.21
C SER K 151 -53.83 -15.51 19.52
N LYS K 152 -54.28 -16.77 19.65
CA LYS K 152 -54.05 -17.56 20.87
C LYS K 152 -52.57 -17.90 21.08
N ILE K 153 -51.85 -18.29 20.02
CA ILE K 153 -50.46 -18.72 20.19
C ILE K 153 -49.52 -17.55 20.43
N SER K 154 -50.08 -16.34 20.54
CA SER K 154 -49.28 -15.14 20.81
C SER K 154 -48.89 -15.13 22.29
N GLY K 155 -47.64 -14.75 22.53
CA GLY K 155 -47.06 -14.83 23.87
C GLY K 155 -45.55 -14.67 23.76
N GLN K 156 -44.85 -14.92 24.87
CA GLN K 156 -43.38 -14.83 24.88
C GLN K 156 -42.80 -15.97 24.05
N ASN K 157 -41.66 -15.72 23.40
CA ASN K 157 -41.00 -16.70 22.48
C ASN K 157 -41.99 -17.12 21.41
N THR K 158 -42.11 -18.42 21.13
CA THR K 158 -43.05 -18.95 20.13
C THR K 158 -42.87 -18.26 18.76
N GLY K 159 -41.69 -17.65 18.55
CA GLY K 159 -41.44 -16.93 17.30
C GLY K 159 -41.37 -17.92 16.16
N ASN K 160 -40.34 -18.78 16.20
CA ASN K 160 -40.17 -19.82 15.18
C ASN K 160 -41.38 -20.74 15.11
N TYR K 161 -42.02 -21.00 16.27
CA TYR K 161 -43.19 -21.88 16.26
C TYR K 161 -44.34 -21.21 15.54
N LYS K 162 -44.58 -19.92 15.84
CA LYS K 162 -45.69 -19.20 15.23
C LYS K 162 -45.57 -19.15 13.70
N THR K 163 -44.36 -18.85 13.22
CA THR K 163 -44.10 -18.80 11.78
C THR K 163 -44.26 -20.18 11.15
N ASN K 164 -43.81 -21.22 11.85
CA ASN K 164 -43.91 -22.57 11.31
C ASN K 164 -45.36 -22.98 11.10
N ILE K 165 -46.22 -22.70 12.08
CA ILE K 165 -47.61 -23.09 11.88
C ILE K 165 -48.26 -22.23 10.80
N ALA K 166 -47.91 -20.94 10.75
CA ALA K 166 -48.48 -20.07 9.73
C ALA K 166 -48.12 -20.57 8.34
N ASP K 167 -46.87 -21.01 8.17
CA ASP K 167 -46.44 -21.55 6.88
C ASP K 167 -47.24 -22.81 6.52
N ARG K 168 -47.45 -23.70 7.51
CA ARG K 168 -48.18 -24.93 7.28
C ARG K 168 -49.62 -24.66 6.86
N ILE K 169 -50.29 -23.69 7.51
CA ILE K 169 -51.68 -23.34 7.15
C ILE K 169 -51.75 -22.72 5.75
N GLU K 170 -50.78 -21.85 5.41
CA GLU K 170 -50.80 -21.30 4.05
C GLU K 170 -50.68 -22.43 3.04
N GLN K 171 -49.78 -23.40 3.30
CA GLN K 171 -49.62 -24.54 2.41
C GLN K 171 -50.90 -25.34 2.29
N ILE K 172 -51.65 -25.47 3.38
CA ILE K 172 -52.92 -26.20 3.31
C ILE K 172 -53.85 -25.53 2.31
N PHE K 173 -54.03 -24.22 2.44
CA PHE K 173 -54.97 -23.43 1.64
C PHE K 173 -54.44 -23.05 0.24
N GLU K 174 -53.17 -23.35 -0.08
CA GLU K 174 -52.61 -23.19 -1.43
C GLU K 174 -52.70 -24.49 -2.23
N THR K 175 -53.10 -25.59 -1.58
CA THR K 175 -53.19 -26.91 -2.21
C THR K 175 -54.63 -27.41 -2.21
N ALA K 176 -54.88 -28.36 -3.11
CA ALA K 176 -56.23 -28.84 -3.37
C ALA K 176 -56.84 -29.35 -2.08
N PRO K 177 -58.14 -29.16 -1.87
CA PRO K 177 -59.18 -28.64 -2.74
C PRO K 177 -59.25 -27.10 -2.72
N PHE K 178 -58.31 -26.46 -2.02
CA PHE K 178 -58.26 -25.02 -1.90
C PHE K 178 -57.36 -24.42 -2.99
N VAL K 179 -57.56 -23.13 -3.26
CA VAL K 179 -56.81 -22.40 -4.28
C VAL K 179 -56.02 -21.27 -3.64
N LYS K 180 -54.83 -20.99 -4.19
CA LYS K 180 -53.97 -19.95 -3.61
C LYS K 180 -54.51 -18.57 -3.95
N ILE K 181 -54.97 -17.81 -2.95
CA ILE K 181 -55.51 -16.48 -3.21
C ILE K 181 -54.73 -15.38 -2.53
N VAL K 182 -53.81 -15.70 -1.62
CA VAL K 182 -53.14 -14.65 -0.87
C VAL K 182 -51.62 -14.71 -1.00
N GLU K 183 -51.10 -15.45 -1.97
CA GLU K 183 -49.66 -15.59 -2.11
C GLU K 183 -49.04 -16.00 -0.79
N HIS K 184 -47.79 -15.65 -0.50
CA HIS K 184 -47.22 -16.14 0.75
C HIS K 184 -46.98 -14.97 1.70
N HIS K 185 -46.95 -15.30 2.99
CA HIS K 185 -46.61 -14.44 4.13
C HIS K 185 -47.55 -13.27 4.35
N THR K 186 -48.57 -13.11 3.49
CA THR K 186 -49.58 -12.07 3.67
C THR K 186 -50.42 -12.30 4.92
N LEU K 187 -50.70 -13.58 5.24
CA LEU K 187 -51.52 -13.88 6.41
C LEU K 187 -50.83 -13.39 7.68
N MET K 188 -49.51 -13.56 7.77
CA MET K 188 -48.83 -13.11 8.98
C MET K 188 -48.99 -11.60 9.19
N THR K 189 -48.89 -10.83 8.11
CA THR K 189 -48.98 -9.37 8.20
C THR K 189 -50.38 -8.87 8.59
N THR K 190 -51.44 -9.55 8.12
CA THR K 190 -52.78 -9.18 8.56
C THR K 190 -52.97 -9.49 10.04
N HIS K 191 -52.33 -10.58 10.53
CA HIS K 191 -52.41 -10.94 11.95
C HIS K 191 -51.72 -9.92 12.85
N LYS K 192 -50.57 -9.40 12.44
CA LYS K 192 -49.87 -8.40 13.26
C LYS K 192 -50.78 -7.18 13.47
N MET K 193 -51.51 -6.78 12.42
CA MET K 193 -52.54 -5.73 12.47
C MET K 193 -53.87 -6.22 13.05
N CYS K 194 -54.06 -7.56 13.19
CA CYS K 194 -55.29 -8.18 13.71
C CYS K 194 -54.97 -9.28 14.74
N ALA K 195 -54.02 -8.99 15.65
CA ALA K 195 -53.51 -10.00 16.59
C ALA K 195 -54.50 -10.33 17.69
N ASN K 196 -55.31 -9.37 18.11
CA ASN K 196 -56.22 -9.64 19.21
C ASN K 196 -57.63 -9.80 18.67
N TRP K 197 -57.79 -10.85 17.88
CA TRP K 197 -59.11 -11.19 17.38
C TRP K 197 -59.78 -12.22 18.29
N SER K 198 -58.99 -12.84 19.16
CA SER K 198 -59.47 -13.80 20.16
C SER K 198 -60.49 -13.16 21.08
N THR K 199 -60.26 -11.90 21.44
CA THR K 199 -61.18 -11.21 22.33
C THR K 199 -62.56 -11.02 21.69
N ILE K 200 -62.61 -10.86 20.35
CA ILE K 200 -63.91 -10.60 19.71
C ILE K 200 -64.87 -11.76 19.89
N PRO K 201 -66.07 -11.51 20.44
CA PRO K 201 -66.95 -12.64 20.76
C PRO K 201 -67.47 -13.33 19.53
N ASN K 202 -67.99 -12.57 18.54
CA ASN K 202 -68.61 -13.21 17.38
C ASN K 202 -67.60 -13.99 16.56
N PHE K 203 -66.35 -13.50 16.49
CA PHE K 203 -65.31 -14.25 15.78
C PHE K 203 -65.00 -15.58 16.46
N ARG K 204 -64.83 -15.55 17.78
CA ARG K 204 -64.62 -16.78 18.54
C ARG K 204 -65.80 -17.73 18.34
N PHE K 205 -67.02 -17.18 18.39
CA PHE K 205 -68.26 -17.94 18.19
C PHE K 205 -68.29 -18.69 16.86
N LEU K 206 -67.91 -18.03 15.78
CA LEU K 206 -67.93 -18.70 14.50
C LEU K 206 -66.87 -19.80 14.44
N ALA K 207 -65.66 -19.53 14.97
CA ALA K 207 -64.57 -20.50 14.92
C ALA K 207 -64.96 -21.81 15.58
N GLY K 208 -65.59 -21.73 16.75
CA GLY K 208 -66.09 -22.92 17.40
C GLY K 208 -67.19 -23.61 16.61
N THR K 209 -68.12 -22.82 16.03
CA THR K 209 -69.25 -23.42 15.29
C THR K 209 -68.70 -24.25 14.13
N TYR K 210 -67.73 -23.69 13.40
CA TYR K 210 -67.14 -24.38 12.27
C TYR K 210 -66.46 -25.66 12.73
N ASP K 211 -65.73 -25.58 13.86
CA ASP K 211 -65.03 -26.74 14.39
C ASP K 211 -66.02 -27.84 14.77
N MET K 212 -67.13 -27.46 15.38
CA MET K 212 -68.11 -28.49 15.72
C MET K 212 -68.63 -29.17 14.47
N PHE K 213 -68.98 -28.37 13.45
CA PHE K 213 -69.56 -28.92 12.24
C PHE K 213 -68.58 -29.84 11.54
N PHE K 214 -67.31 -29.39 11.43
CA PHE K 214 -66.32 -30.19 10.73
C PHE K 214 -65.96 -31.45 11.52
N SER K 215 -66.05 -31.38 12.85
CA SER K 215 -65.73 -32.54 13.67
C SER K 215 -66.73 -33.65 13.47
N ARG K 216 -68.01 -33.32 13.44
CA ARG K 216 -69.03 -34.34 13.22
C ARG K 216 -69.14 -34.74 11.75
N ILE K 217 -69.10 -33.78 10.82
CA ILE K 217 -69.39 -34.06 9.41
C ILE K 217 -68.11 -33.99 8.58
N GLU K 218 -67.78 -35.10 7.92
CA GLU K 218 -66.63 -35.07 7.02
C GLU K 218 -66.98 -34.20 5.82
N HIS K 219 -66.05 -33.34 5.40
CA HIS K 219 -66.31 -32.40 4.31
C HIS K 219 -65.04 -32.22 3.48
N LEU K 220 -65.22 -31.73 2.24
CA LEU K 220 -64.08 -31.48 1.39
C LEU K 220 -63.14 -30.46 2.01
N TYR K 221 -63.71 -29.42 2.63
CA TYR K 221 -62.91 -28.35 3.21
C TYR K 221 -62.72 -28.51 4.70
N SER K 222 -62.75 -29.76 5.19
CA SER K 222 -62.58 -30.02 6.62
C SER K 222 -61.23 -29.54 7.11
N ALA K 223 -60.29 -29.31 6.20
CA ALA K 223 -58.96 -28.85 6.58
C ALA K 223 -59.00 -27.48 7.23
N ILE K 224 -60.10 -26.75 7.08
CA ILE K 224 -60.30 -25.44 7.69
C ILE K 224 -60.12 -25.54 9.19
N ARG K 225 -60.28 -26.75 9.72
CA ARG K 225 -60.18 -26.98 11.16
C ARG K 225 -58.80 -26.64 11.71
N VAL K 226 -57.77 -26.51 10.87
CA VAL K 226 -56.45 -26.21 11.41
C VAL K 226 -56.46 -24.89 12.16
N GLY K 227 -57.32 -23.98 11.74
CA GLY K 227 -57.50 -22.75 12.50
C GLY K 227 -58.30 -22.93 13.76
N THR K 228 -59.37 -23.72 13.71
CA THR K 228 -60.36 -23.80 14.79
C THR K 228 -60.10 -24.94 15.79
N VAL K 229 -59.03 -25.72 15.62
CA VAL K 229 -58.78 -26.82 16.54
C VAL K 229 -58.55 -26.30 17.94
N VAL K 230 -58.01 -25.09 18.07
CA VAL K 230 -57.74 -24.56 19.40
C VAL K 230 -59.04 -24.33 20.15
N THR K 231 -60.16 -24.06 19.46
CA THR K 231 -61.41 -23.74 20.15
C THR K 231 -61.92 -24.91 21.01
N ALA K 232 -61.68 -26.14 20.56
CA ALA K 232 -62.13 -27.31 21.30
C ALA K 232 -61.38 -27.46 22.62
N TYR K 233 -62.14 -27.72 23.69
CA TYR K 233 -61.61 -27.87 25.05
C TYR K 233 -60.83 -26.64 25.48
N GLU K 234 -61.34 -25.47 25.10
CA GLU K 234 -60.69 -24.23 25.46
C GLU K 234 -60.91 -23.89 26.92
N ASP K 235 -59.82 -23.49 27.59
CA ASP K 235 -59.87 -23.14 29.02
C ASP K 235 -60.30 -24.33 29.86
N CYS K 236 -59.97 -25.54 29.41
CA CYS K 236 -60.31 -26.72 30.17
C CYS K 236 -59.08 -27.61 30.40
N SER K 237 -57.90 -26.99 30.51
CA SER K 237 -56.67 -27.75 30.65
C SER K 237 -56.69 -28.64 31.86
N GLY K 238 -57.40 -28.25 32.92
CA GLY K 238 -57.48 -29.13 34.07
C GLY K 238 -58.15 -30.44 33.70
N LEU K 239 -59.29 -30.37 33.03
CA LEU K 239 -59.95 -31.59 32.64
C LEU K 239 -59.11 -32.42 31.69
N VAL K 240 -58.48 -31.77 30.70
CA VAL K 240 -57.67 -32.47 29.71
C VAL K 240 -56.46 -33.13 30.37
N SER K 241 -55.82 -32.41 31.30
CA SER K 241 -54.67 -32.99 31.95
C SER K 241 -55.05 -34.25 32.70
N PHE K 242 -56.22 -34.22 33.34
CA PHE K 242 -56.69 -35.38 34.08
C PHE K 242 -56.89 -36.57 33.15
N THR K 243 -57.42 -36.31 31.96
CA THR K 243 -57.62 -37.39 31.00
C THR K 243 -56.30 -38.00 30.58
N GLY K 244 -55.31 -37.14 30.34
CA GLY K 244 -54.00 -37.63 30.00
C GLY K 244 -53.38 -38.39 31.15
N PHE K 245 -53.56 -37.88 32.37
CA PHE K 245 -53.01 -38.54 33.53
C PHE K 245 -53.54 -39.96 33.60
N ILE K 246 -54.85 -40.10 33.42
CA ILE K 246 -55.53 -41.39 33.46
C ILE K 246 -54.89 -42.37 32.48
N LYS K 247 -54.66 -41.91 31.23
CA LYS K 247 -54.11 -42.78 30.18
C LYS K 247 -52.63 -43.14 30.41
N GLN K 248 -51.81 -42.18 30.88
CA GLN K 248 -50.40 -42.49 31.10
C GLN K 248 -50.25 -43.49 32.23
N ILE K 249 -51.03 -43.31 33.30
CA ILE K 249 -51.01 -44.19 34.47
C ILE K 249 -51.71 -45.51 34.18
N ASN K 250 -52.51 -45.54 33.11
CA ASN K 250 -53.22 -46.75 32.68
C ASN K 250 -54.18 -47.26 33.76
N LEU K 251 -54.90 -46.35 34.38
CA LEU K 251 -55.90 -46.66 35.38
C LEU K 251 -57.23 -46.01 34.95
N THR K 252 -58.32 -46.47 35.55
CA THR K 252 -59.63 -45.89 35.28
C THR K 252 -59.78 -44.59 36.04
N ALA K 253 -60.52 -43.65 35.45
CA ALA K 253 -60.76 -42.36 36.10
C ALA K 253 -61.05 -42.50 37.59
N ARG K 254 -61.91 -43.45 37.97
CA ARG K 254 -62.22 -43.64 39.40
C ARG K 254 -60.99 -44.11 40.17
N GLU K 255 -60.38 -45.20 39.71
CA GLU K 255 -59.19 -45.71 40.37
C GLU K 255 -58.13 -44.63 40.57
N ALA K 256 -57.97 -43.77 39.57
CA ALA K 256 -56.99 -42.71 39.70
C ALA K 256 -57.36 -41.78 40.85
N ILE K 257 -58.64 -41.41 40.95
CA ILE K 257 -59.01 -40.48 42.01
C ILE K 257 -58.76 -41.06 43.42
N LEU K 258 -58.83 -42.38 43.56
CA LEU K 258 -58.56 -43.01 44.86
C LEU K 258 -57.16 -42.70 45.37
N TYR K 259 -56.20 -42.55 44.44
CA TYR K 259 -54.81 -42.28 44.79
C TYR K 259 -54.58 -40.84 45.24
N PHE K 260 -55.56 -39.94 45.07
CA PHE K 260 -55.41 -38.52 45.44
C PHE K 260 -55.64 -38.33 46.93
N PHE K 261 -54.58 -38.47 47.73
CA PHE K 261 -54.72 -38.47 49.20
C PHE K 261 -54.61 -37.08 49.82
N HIS K 262 -55.60 -36.23 49.55
CA HIS K 262 -55.60 -34.96 50.24
C HIS K 262 -56.97 -34.29 50.26
N LYS K 263 -57.25 -33.58 51.34
CA LYS K 263 -58.55 -32.92 51.47
C LYS K 263 -58.74 -31.87 50.37
N ASN K 264 -57.67 -31.19 49.96
CA ASN K 264 -57.89 -30.13 48.98
C ASN K 264 -58.51 -30.70 47.72
N PHE K 265 -58.17 -31.93 47.37
CA PHE K 265 -58.64 -32.45 46.10
C PHE K 265 -60.16 -32.48 46.06
N GLU K 266 -60.86 -32.53 47.20
CA GLU K 266 -62.31 -32.75 47.20
C GLU K 266 -63.06 -31.69 46.38
N GLU K 267 -62.81 -30.41 46.66
CA GLU K 267 -63.56 -29.35 45.97
C GLU K 267 -63.36 -29.43 44.47
N GLU K 268 -62.12 -29.67 44.05
CA GLU K 268 -61.76 -29.71 42.64
C GLU K 268 -62.39 -30.92 41.94
N ILE K 269 -62.36 -32.10 42.57
CA ILE K 269 -62.94 -33.28 41.96
C ILE K 269 -64.44 -33.10 41.76
N ARG K 270 -65.11 -32.54 42.77
CA ARG K 270 -66.51 -32.23 42.65
C ARG K 270 -66.74 -31.19 41.56
N ARG K 271 -65.84 -30.22 41.46
CA ARG K 271 -66.02 -29.11 40.52
C ARG K 271 -66.01 -29.59 39.07
N MET K 272 -65.04 -30.41 38.70
CA MET K 272 -64.93 -30.82 37.29
C MET K 272 -65.85 -31.98 36.92
N PHE K 273 -66.35 -32.73 37.90
CA PHE K 273 -67.17 -33.87 37.57
C PHE K 273 -68.63 -33.65 37.90
N GLU K 274 -69.06 -32.39 37.93
CA GLU K 274 -70.44 -32.08 38.22
C GLU K 274 -71.32 -32.76 37.19
N PRO K 275 -72.39 -33.44 37.60
CA PRO K 275 -73.28 -34.09 36.62
C PRO K 275 -74.11 -33.05 35.90
N GLY K 276 -74.69 -33.47 34.78
CA GLY K 276 -75.50 -32.58 33.97
C GLY K 276 -74.73 -31.84 32.91
N GLN K 277 -73.40 -31.86 32.98
CA GLN K 277 -72.52 -31.35 31.94
C GLN K 277 -72.12 -32.48 31.03
N GLU K 278 -72.30 -32.29 29.73
CA GLU K 278 -72.05 -33.37 28.77
C GLU K 278 -70.56 -33.59 28.48
N THR K 279 -69.79 -33.85 29.55
CA THR K 279 -68.36 -34.17 29.38
C THR K 279 -68.15 -35.46 28.61
N ALA K 280 -69.00 -36.45 28.85
CA ALA K 280 -68.85 -37.74 28.20
C ALA K 280 -69.33 -37.71 26.76
N VAL K 281 -70.25 -36.81 26.41
CA VAL K 281 -70.86 -36.87 25.07
C VAL K 281 -69.83 -36.46 24.03
N PRO K 282 -69.63 -37.27 22.97
CA PRO K 282 -68.55 -36.97 22.03
C PRO K 282 -68.77 -35.68 21.30
N HIS K 283 -69.95 -35.45 20.76
CA HIS K 283 -70.01 -34.21 19.99
C HIS K 283 -70.97 -33.24 20.63
N SER K 284 -70.77 -32.93 21.88
CA SER K 284 -71.76 -32.08 22.53
C SER K 284 -71.27 -30.63 22.46
N TYR K 285 -72.18 -29.72 22.79
CA TYR K 285 -71.81 -28.32 22.85
C TYR K 285 -70.70 -28.11 23.85
N PHE K 286 -70.52 -29.05 24.76
CA PHE K 286 -69.53 -28.87 25.82
C PHE K 286 -68.12 -28.72 25.23
N ILE K 287 -67.77 -29.50 24.19
CA ILE K 287 -66.39 -29.50 23.68
C ILE K 287 -65.97 -28.11 23.23
N HIS K 288 -66.92 -27.31 22.75
CA HIS K 288 -66.67 -25.92 22.30
C HIS K 288 -67.46 -24.91 23.13
N PHE K 289 -67.84 -25.27 24.36
CA PHE K 289 -68.71 -24.40 25.16
C PHE K 289 -68.06 -23.04 25.43
N ARG K 290 -66.76 -23.00 25.68
CA ARG K 290 -66.12 -21.73 25.98
C ARG K 290 -66.24 -20.78 24.80
N SER K 291 -65.90 -21.28 23.62
CA SER K 291 -65.96 -20.49 22.41
C SER K 291 -67.39 -20.11 22.04
N LEU K 292 -68.30 -21.10 22.04
CA LEU K 292 -69.68 -20.87 21.59
C LEU K 292 -70.49 -19.99 22.54
N GLY K 293 -70.11 -19.94 23.84
CA GLY K 293 -70.78 -19.11 24.81
C GLY K 293 -71.40 -19.88 25.99
N LEU K 294 -72.14 -19.14 26.82
CA LEU K 294 -72.76 -19.62 28.04
C LEU K 294 -71.71 -20.35 28.86
N SER K 295 -70.50 -19.80 28.84
CA SER K 295 -69.35 -20.37 29.53
C SER K 295 -68.95 -19.50 30.70
N GLY K 296 -68.54 -18.25 30.46
CA GLY K 296 -68.12 -17.41 31.57
C GLY K 296 -66.80 -17.87 32.13
N LYS K 297 -66.73 -17.94 33.47
CA LYS K 297 -65.56 -18.54 34.12
C LYS K 297 -65.67 -20.06 33.97
N SER K 298 -64.55 -20.71 33.53
CA SER K 298 -64.59 -22.15 33.27
C SER K 298 -64.28 -22.92 34.55
N PRO K 299 -65.11 -23.90 34.95
CA PRO K 299 -64.78 -24.68 36.15
C PRO K 299 -63.71 -25.72 35.93
N TYR K 300 -63.36 -26.01 34.68
CA TYR K 300 -62.40 -27.03 34.31
C TYR K 300 -61.04 -26.46 33.96
N SER K 301 -60.83 -25.15 34.16
CA SER K 301 -59.54 -24.52 33.85
C SER K 301 -58.48 -25.02 34.82
N SER K 302 -57.21 -24.89 34.43
CA SER K 302 -56.13 -25.37 35.28
C SER K 302 -56.07 -24.64 36.62
N ASN K 303 -56.48 -23.37 36.67
CA ASN K 303 -56.45 -22.72 37.98
C ASN K 303 -57.53 -23.28 38.87
N ALA K 304 -58.71 -23.53 38.29
CA ALA K 304 -59.84 -24.02 39.06
C ALA K 304 -59.54 -25.39 39.68
N VAL K 305 -58.75 -26.18 38.99
CA VAL K 305 -58.44 -27.54 39.44
C VAL K 305 -56.95 -27.57 39.71
N GLY K 306 -56.49 -26.49 40.37
CA GLY K 306 -55.06 -26.26 40.52
C GLY K 306 -54.32 -27.38 41.21
N HIS K 307 -54.89 -27.90 42.30
CA HIS K 307 -54.22 -28.94 43.11
C HIS K 307 -54.06 -30.24 42.34
N VAL K 308 -55.12 -30.64 41.63
CA VAL K 308 -55.07 -31.81 40.78
C VAL K 308 -54.06 -31.59 39.67
N PHE K 309 -54.10 -30.39 39.09
CA PHE K 309 -53.24 -30.07 37.96
C PHE K 309 -51.78 -30.18 38.38
N ASN K 310 -51.43 -29.60 39.52
CA ASN K 310 -50.06 -29.72 39.98
C ASN K 310 -49.68 -31.17 40.25
N LEU K 311 -50.58 -31.93 40.90
CA LEU K 311 -50.23 -33.32 41.21
C LEU K 311 -50.01 -34.11 39.94
N ILE K 312 -50.86 -33.92 38.95
CA ILE K 312 -50.75 -34.68 37.71
C ILE K 312 -49.37 -34.45 37.09
N HIS K 313 -48.99 -33.18 36.97
CA HIS K 313 -47.73 -32.86 36.30
C HIS K 313 -46.50 -33.18 37.14
N PHE K 314 -46.57 -33.05 38.47
CA PHE K 314 -45.45 -33.56 39.27
C PHE K 314 -45.26 -35.05 39.02
N VAL K 315 -46.35 -35.80 38.95
CA VAL K 315 -46.20 -37.21 38.62
C VAL K 315 -45.60 -37.35 37.24
N GLY K 316 -46.11 -36.58 36.27
CA GLY K 316 -45.54 -36.66 34.94
C GLY K 316 -44.07 -36.33 34.92
N CYS K 317 -43.67 -35.29 35.67
CA CYS K 317 -42.25 -34.98 35.76
C CYS K 317 -41.47 -36.15 36.34
N TYR K 318 -42.00 -36.80 37.38
CA TYR K 318 -41.31 -37.98 37.91
C TYR K 318 -41.19 -39.05 36.85
N MET K 319 -42.16 -39.14 35.96
CA MET K 319 -42.11 -40.14 34.92
C MET K 319 -41.41 -39.65 33.66
N GLY K 320 -40.92 -38.41 33.69
CA GLY K 320 -40.21 -37.80 32.58
C GLY K 320 -41.05 -37.28 31.43
N GLN K 321 -42.35 -37.08 31.63
CA GLN K 321 -43.17 -36.57 30.54
C GLN K 321 -42.79 -35.12 30.25
N VAL K 322 -42.45 -34.83 29.00
CA VAL K 322 -42.03 -33.48 28.66
C VAL K 322 -43.16 -32.49 28.86
N ARG K 323 -44.39 -32.86 28.51
CA ARG K 323 -45.50 -31.91 28.58
C ARG K 323 -45.63 -31.34 29.97
N SER K 324 -45.50 -32.19 30.98
CA SER K 324 -45.56 -31.72 32.34
C SER K 324 -44.37 -30.83 32.65
N LEU K 325 -43.17 -31.22 32.19
CA LEU K 325 -41.99 -30.39 32.47
C LEU K 325 -42.19 -28.96 31.99
N ASN K 326 -42.94 -28.78 30.88
CA ASN K 326 -43.16 -27.47 30.30
C ASN K 326 -44.43 -26.78 30.82
N ALA K 327 -45.24 -27.47 31.61
CA ALA K 327 -46.47 -26.88 32.13
C ALA K 327 -46.13 -25.80 33.14
N THR K 328 -47.05 -24.84 33.29
CA THR K 328 -46.84 -23.72 34.21
C THR K 328 -47.40 -24.11 35.57
N VAL K 329 -46.56 -24.03 36.60
CA VAL K 329 -46.97 -24.44 37.95
C VAL K 329 -47.92 -23.41 38.55
N ILE K 330 -48.94 -23.89 39.25
CA ILE K 330 -49.89 -23.04 39.98
C ILE K 330 -49.31 -22.82 41.38
N ALA K 331 -48.75 -21.62 41.65
CA ALA K 331 -48.11 -21.35 42.94
C ALA K 331 -49.11 -21.27 44.07
N ALA K 332 -50.33 -20.81 43.75
CA ALA K 332 -51.36 -20.68 44.77
C ALA K 332 -51.73 -22.05 45.32
N CYS K 333 -51.83 -23.07 44.46
CA CYS K 333 -52.33 -24.39 44.84
C CYS K 333 -51.22 -25.33 45.34
N ALA K 334 -50.69 -24.97 46.50
CA ALA K 334 -49.84 -25.79 47.36
C ALA K 334 -48.89 -26.69 46.55
N PRO K 335 -48.02 -26.09 45.75
CA PRO K 335 -47.14 -26.87 44.89
C PRO K 335 -46.21 -27.75 45.67
N HIS K 336 -45.71 -27.30 46.81
CA HIS K 336 -44.79 -28.18 47.53
C HIS K 336 -45.48 -29.47 47.94
N GLU K 337 -46.63 -29.36 48.64
CA GLU K 337 -47.30 -30.56 49.15
C GLU K 337 -47.71 -31.47 48.00
N MET K 338 -48.23 -30.90 46.91
CA MET K 338 -48.54 -31.69 45.72
C MET K 338 -47.30 -32.38 45.17
N SER K 339 -46.14 -31.73 45.25
CA SER K 339 -44.92 -32.35 44.78
C SER K 339 -44.54 -33.57 45.64
N VAL K 340 -44.76 -33.54 46.96
CA VAL K 340 -44.48 -34.73 47.79
C VAL K 340 -45.38 -35.89 47.39
N LEU K 341 -46.71 -35.66 47.38
CA LEU K 341 -47.65 -36.69 46.95
C LEU K 341 -47.31 -37.20 45.57
N GLY K 342 -46.93 -36.29 44.68
CA GLY K 342 -46.56 -36.70 43.33
C GLY K 342 -45.35 -37.59 43.30
N GLY K 343 -44.42 -37.37 44.22
CA GLY K 343 -43.25 -38.24 44.30
C GLY K 343 -43.62 -39.67 44.67
N TYR K 344 -44.50 -39.83 45.66
CA TYR K 344 -44.93 -41.17 46.05
C TYR K 344 -45.76 -41.80 44.95
N LEU K 345 -46.73 -41.05 44.40
CA LEU K 345 -47.57 -41.60 43.35
C LEU K 345 -46.76 -41.91 42.11
N GLY K 346 -45.83 -41.01 41.76
CA GLY K 346 -44.97 -41.23 40.60
C GLY K 346 -44.05 -42.42 40.78
N GLU K 347 -43.54 -42.62 41.99
CA GLU K 347 -42.69 -43.78 42.23
C GLU K 347 -43.44 -45.08 41.95
N GLU K 348 -44.70 -45.14 42.40
CA GLU K 348 -45.54 -46.32 42.17
C GLU K 348 -45.80 -46.57 40.69
N PHE K 349 -46.01 -45.51 39.92
CA PHE K 349 -46.35 -45.72 38.53
C PHE K 349 -45.15 -45.70 37.59
N PHE K 350 -43.94 -45.40 38.08
CA PHE K 350 -42.76 -45.31 37.22
C PHE K 350 -42.02 -46.64 37.18
N GLY K 351 -41.90 -47.24 36.00
CA GLY K 351 -41.17 -48.49 35.91
C GLY K 351 -41.91 -49.73 36.36
N LYS K 352 -43.24 -49.64 36.58
CA LYS K 352 -44.09 -50.73 37.05
C LYS K 352 -45.40 -50.82 36.27
N GLY K 353 -45.85 -52.04 36.01
CA GLY K 353 -47.14 -52.25 35.37
C GLY K 353 -47.83 -53.44 36.00
N THR K 354 -49.17 -53.41 35.97
CA THR K 354 -50.00 -54.49 36.49
C THR K 354 -50.33 -55.36 35.28
N PHE K 355 -49.77 -56.58 35.22
CA PHE K 355 -49.85 -57.46 34.05
C PHE K 355 -50.62 -58.75 34.36
N GLU K 356 -51.49 -59.18 33.43
CA GLU K 356 -52.28 -60.40 33.62
C GLU K 356 -52.31 -61.19 32.33
N ARG K 357 -52.35 -62.52 32.42
CA ARG K 357 -52.47 -63.29 31.20
C ARG K 357 -53.86 -63.15 30.61
N ARG K 358 -53.97 -62.70 29.36
CA ARG K 358 -55.26 -62.60 28.70
C ARG K 358 -55.34 -63.50 27.49
N PHE K 359 -54.23 -64.03 26.99
CA PHE K 359 -54.28 -64.88 25.80
C PHE K 359 -53.77 -66.28 26.14
N PHE K 360 -54.54 -67.30 25.73
CA PHE K 360 -54.25 -68.70 26.04
C PHE K 360 -54.44 -69.54 24.77
N ARG K 361 -53.70 -70.67 24.70
CA ARG K 361 -53.76 -71.55 23.53
C ARG K 361 -55.09 -72.27 23.42
N ASP K 362 -55.63 -72.81 24.51
CA ASP K 362 -56.89 -73.56 24.47
C ASP K 362 -57.81 -73.11 25.59
N GLU K 363 -59.11 -73.41 25.43
CA GLU K 363 -60.08 -72.95 26.41
C GLU K 363 -59.78 -73.52 27.78
N LYS K 364 -59.31 -74.76 27.84
CA LYS K 364 -59.00 -75.37 29.13
C LYS K 364 -57.93 -74.59 29.87
N GLU K 365 -56.89 -74.13 29.15
CA GLU K 365 -55.84 -73.35 29.78
C GLU K 365 -56.40 -72.07 30.39
N LEU K 366 -57.36 -71.43 29.71
CA LEU K 366 -57.97 -70.22 30.26
C LEU K 366 -58.62 -70.51 31.59
N GLN K 367 -59.36 -71.64 31.67
CA GLN K 367 -60.03 -72.03 32.89
C GLN K 367 -59.04 -72.29 34.02
N GLU K 368 -57.91 -72.90 33.68
CA GLU K 368 -56.88 -73.14 34.68
C GLU K 368 -56.35 -71.82 35.22
N TYR K 369 -56.12 -70.84 34.33
CA TYR K 369 -55.65 -69.54 34.79
C TYR K 369 -56.71 -68.80 35.61
N GLU K 370 -57.98 -69.14 35.44
CA GLU K 370 -59.04 -68.48 36.21
C GLU K 370 -59.04 -68.97 37.66
N ALA K 371 -58.54 -70.19 37.87
CA ALA K 371 -58.35 -70.72 39.22
C ALA K 371 -57.25 -69.94 39.92
N ALA K 372 -57.58 -69.31 41.04
CA ALA K 372 -56.61 -68.52 41.81
C ALA K 372 -56.92 -68.56 43.31
N GLU K 398 -44.84 -53.88 47.14
CA GLU K 398 -44.77 -54.72 45.93
C GLU K 398 -46.15 -54.65 45.22
N THR K 399 -47.24 -54.78 45.98
CA THR K 399 -48.59 -54.72 45.43
C THR K 399 -49.00 -53.28 45.12
N ARG K 400 -49.71 -53.12 44.01
CA ARG K 400 -50.19 -51.82 43.57
C ARG K 400 -51.61 -51.60 44.09
N SER K 401 -51.76 -50.75 45.10
CA SER K 401 -53.06 -50.43 45.68
C SER K 401 -53.03 -49.04 46.30
N PRO K 402 -54.17 -48.34 46.36
CA PRO K 402 -54.18 -47.07 47.11
C PRO K 402 -53.77 -47.26 48.55
N GLU K 403 -54.22 -48.35 49.18
CA GLU K 403 -53.90 -48.61 50.58
C GLU K 403 -52.39 -48.73 50.78
N ALA K 404 -51.72 -49.43 49.86
CA ALA K 404 -50.29 -49.63 50.01
C ALA K 404 -49.54 -48.32 49.95
N VAL K 405 -49.92 -47.46 49.01
CA VAL K 405 -49.22 -46.19 48.89
C VAL K 405 -49.49 -45.31 50.11
N TYR K 406 -50.74 -45.27 50.58
CA TYR K 406 -51.04 -44.43 51.73
C TYR K 406 -50.26 -44.86 52.97
N THR K 407 -50.21 -46.16 53.23
CA THR K 407 -49.40 -46.61 54.35
C THR K 407 -47.93 -46.30 54.14
N ARG K 408 -47.43 -46.38 52.89
CA ARG K 408 -46.02 -46.11 52.65
C ARG K 408 -45.69 -44.65 52.97
N ILE K 409 -46.59 -43.73 52.59
CA ILE K 409 -46.42 -42.32 52.96
C ILE K 409 -46.45 -42.17 54.47
N MET K 410 -47.39 -42.85 55.11
CA MET K 410 -47.50 -42.71 56.56
C MET K 410 -46.23 -43.22 57.26
N MET K 411 -45.62 -44.28 56.74
CA MET K 411 -44.41 -44.83 57.36
C MET K 411 -43.24 -43.87 57.29
N ASN K 412 -43.10 -43.12 56.19
CA ASN K 412 -42.00 -42.17 56.04
C ASN K 412 -42.34 -40.79 56.60
N GLY K 413 -43.43 -40.70 57.35
CA GLY K 413 -43.84 -39.46 57.95
C GLY K 413 -44.29 -38.41 56.97
N GLY K 414 -44.80 -38.81 55.80
CA GLY K 414 -45.25 -37.83 54.83
C GLY K 414 -44.14 -36.98 54.27
N ARG K 415 -42.90 -37.45 54.36
CA ARG K 415 -41.75 -36.70 53.89
C ARG K 415 -41.23 -37.45 52.67
N LEU K 416 -40.74 -36.70 51.69
CA LEU K 416 -40.23 -37.28 50.45
C LEU K 416 -39.06 -38.23 50.72
N LYS K 417 -38.99 -39.35 49.99
CA LYS K 417 -37.83 -40.21 50.13
C LYS K 417 -36.65 -39.55 49.45
N ARG K 418 -35.44 -39.91 49.89
CA ARG K 418 -34.28 -39.35 49.22
C ARG K 418 -34.26 -39.74 47.74
N SER K 419 -34.63 -40.98 47.45
CA SER K 419 -34.68 -41.44 46.06
C SER K 419 -35.66 -40.59 45.25
N HIS K 420 -36.81 -40.23 45.84
CA HIS K 420 -37.74 -39.35 45.17
C HIS K 420 -37.05 -38.04 44.79
N ILE K 421 -36.32 -37.45 45.73
CA ILE K 421 -35.69 -36.18 45.47
C ILE K 421 -34.63 -36.35 44.40
N ARG K 422 -33.83 -37.41 44.50
CA ARG K 422 -32.82 -37.64 43.49
C ARG K 422 -33.45 -37.73 42.09
N ARG K 423 -34.53 -38.49 41.96
CA ARG K 423 -35.17 -38.64 40.66
C ARG K 423 -35.66 -37.29 40.16
N TYR K 424 -36.34 -36.53 41.04
CA TYR K 424 -36.82 -35.20 40.69
C TYR K 424 -35.71 -34.30 40.19
N VAL K 425 -34.55 -34.36 40.85
CA VAL K 425 -33.41 -33.54 40.47
C VAL K 425 -32.93 -33.93 39.08
N SER K 426 -32.82 -35.24 38.82
CA SER K 426 -32.30 -35.73 37.54
C SER K 426 -33.18 -35.29 36.37
N VAL K 427 -34.48 -35.34 36.54
CA VAL K 427 -35.35 -34.95 35.44
C VAL K 427 -35.22 -33.46 35.17
N SER K 428 -35.20 -32.65 36.23
CA SER K 428 -35.17 -31.19 36.07
C SER K 428 -33.84 -30.71 35.49
N SER K 429 -32.72 -31.26 35.97
CA SER K 429 -31.44 -30.74 35.51
C SER K 429 -31.24 -31.02 34.02
N ASN K 430 -31.61 -32.22 33.55
CA ASN K 430 -31.47 -32.62 32.14
C ASN K 430 -32.65 -32.12 31.30
N HIS K 431 -32.95 -30.83 31.42
CA HIS K 431 -34.06 -30.25 30.68
C HIS K 431 -33.91 -28.74 30.60
N GLN K 432 -34.47 -28.19 29.52
CA GLN K 432 -34.48 -26.76 29.25
C GLN K 432 -35.61 -26.07 30.04
N ALA K 433 -35.26 -25.59 31.23
CA ALA K 433 -36.25 -25.04 32.16
C ALA K 433 -36.94 -23.80 31.59
N ARG K 434 -38.28 -23.82 31.50
CA ARG K 434 -39.02 -22.64 31.08
C ARG K 434 -39.27 -21.73 32.27
N PRO K 435 -39.65 -20.45 32.08
CA PRO K 435 -39.80 -19.51 33.21
C PRO K 435 -40.64 -20.00 34.39
N ASN K 436 -41.90 -20.37 34.13
CA ASN K 436 -42.79 -20.80 35.20
C ASN K 436 -43.04 -22.30 35.17
N SER K 437 -42.07 -23.04 34.68
CA SER K 437 -42.31 -24.46 34.48
C SER K 437 -42.24 -25.21 35.81
N PHE K 438 -42.80 -26.43 35.77
CA PHE K 438 -42.68 -27.37 36.88
C PHE K 438 -41.24 -27.78 37.06
N ALA K 439 -40.53 -27.98 35.95
CA ALA K 439 -39.12 -28.35 36.03
C ALA K 439 -38.32 -27.29 36.75
N GLU K 440 -38.59 -26.02 36.44
CA GLU K 440 -37.90 -24.93 37.11
C GLU K 440 -38.21 -24.98 38.60
N PHE K 441 -39.48 -25.19 38.94
CA PHE K 441 -39.84 -25.31 40.36
C PHE K 441 -39.08 -26.46 41.00
N LEU K 442 -38.99 -27.61 40.34
CA LEU K 442 -38.26 -28.71 40.93
C LEU K 442 -36.78 -28.38 41.09
N ASN K 443 -36.17 -27.71 40.10
CA ASN K 443 -34.75 -27.41 40.23
C ASN K 443 -34.48 -26.44 41.38
N LYS K 444 -35.28 -25.38 41.46
CA LYS K 444 -35.10 -24.41 42.54
C LYS K 444 -35.41 -25.04 43.90
N THR K 445 -36.38 -25.95 43.94
CA THR K 445 -36.78 -26.46 45.25
C THR K 445 -35.76 -27.45 45.77
N TYR K 446 -35.33 -28.41 44.95
CA TYR K 446 -34.33 -29.40 45.29
C TYR K 446 -33.13 -29.19 44.36
N SER K 447 -31.94 -28.95 44.94
CA SER K 447 -30.69 -28.81 44.19
C SER K 447 -29.63 -29.73 44.75
N SER K 448 -29.88 -30.32 45.91
CA SER K 448 -29.01 -31.31 46.52
C SER K 448 -29.87 -32.41 47.12
N LYS L 5 10.72 -4.54 -93.00
CA LYS L 5 10.94 -5.89 -92.47
C LYS L 5 11.47 -5.84 -91.00
N ILE L 6 11.37 -6.95 -90.26
CA ILE L 6 11.75 -6.96 -88.83
C ILE L 6 13.27 -6.87 -88.64
N VAL L 7 14.07 -7.19 -89.66
CA VAL L 7 15.52 -7.18 -89.52
C VAL L 7 16.04 -5.73 -89.39
N PHE L 8 17.05 -5.51 -88.54
CA PHE L 8 17.69 -4.20 -88.45
C PHE L 8 19.19 -4.44 -88.33
N LYS L 9 20.00 -3.42 -88.62
CA LYS L 9 21.45 -3.58 -88.66
C LYS L 9 22.27 -2.63 -87.77
N VAL L 10 23.31 -3.22 -87.18
CA VAL L 10 24.22 -2.65 -86.20
C VAL L 10 25.57 -2.53 -86.90
N ASN L 11 26.32 -1.48 -86.59
CA ASN L 11 27.69 -1.31 -87.10
C ASN L 11 28.71 -1.51 -86.00
N ASN L 12 28.94 -2.76 -85.58
CA ASN L 12 29.98 -3.04 -84.59
C ASN L 12 31.23 -3.46 -85.39
N GLN L 13 32.23 -2.56 -85.49
CA GLN L 13 33.40 -2.76 -86.37
C GLN L 13 33.02 -3.07 -87.83
N VAL L 14 32.74 -4.37 -88.15
CA VAL L 14 32.15 -4.85 -89.43
C VAL L 14 30.64 -4.61 -89.35
N VAL L 15 29.99 -4.43 -90.50
CA VAL L 15 28.55 -4.18 -90.48
C VAL L 15 27.82 -5.50 -90.29
N SER L 16 26.85 -5.53 -89.36
CA SER L 16 26.09 -6.72 -89.01
C SER L 16 24.58 -6.46 -89.06
N LEU L 17 23.82 -7.46 -89.53
CA LEU L 17 22.34 -7.44 -89.58
C LEU L 17 21.82 -8.56 -88.67
N LYS L 18 20.94 -8.23 -87.74
CA LYS L 18 20.34 -9.18 -86.79
C LYS L 18 18.83 -9.07 -86.84
N PRO L 19 18.12 -10.20 -86.85
CA PRO L 19 16.67 -10.20 -86.61
C PRO L 19 16.37 -10.26 -85.13
N GLU L 20 15.34 -9.50 -84.73
CA GLU L 20 14.91 -9.44 -83.34
C GLU L 20 13.87 -10.49 -82.99
N ILE L 21 14.13 -11.25 -81.94
CA ILE L 21 13.22 -12.33 -81.59
C ILE L 21 12.72 -12.13 -80.15
N ILE L 22 11.40 -12.17 -79.98
CA ILE L 22 10.76 -12.12 -78.66
C ILE L 22 9.68 -13.21 -78.61
N VAL L 23 9.49 -13.81 -77.45
CA VAL L 23 8.63 -14.99 -77.37
C VAL L 23 7.19 -14.53 -77.17
N ASP L 24 6.26 -15.12 -77.93
CA ASP L 24 4.84 -14.84 -77.84
C ASP L 24 4.02 -16.09 -78.17
N GLN L 25 2.87 -16.23 -77.49
CA GLN L 25 1.98 -17.37 -77.72
C GLN L 25 0.58 -17.01 -77.26
N HIS L 26 -0.42 -17.69 -77.85
CA HIS L 26 -1.85 -17.46 -77.55
C HIS L 26 -2.54 -18.80 -77.33
N GLU L 27 -3.37 -18.88 -76.27
CA GLU L 27 -4.04 -20.11 -75.84
C GLU L 27 -5.51 -19.86 -75.44
N TYR L 28 -6.42 -19.52 -76.38
CA TYR L 28 -7.81 -19.20 -75.99
C TYR L 28 -8.81 -20.16 -76.62
N LYS L 29 -9.64 -20.77 -75.76
CA LYS L 29 -10.71 -21.73 -76.07
C LYS L 29 -12.03 -21.13 -75.61
N TYR L 30 -13.10 -21.34 -76.39
CA TYR L 30 -14.41 -20.74 -76.08
C TYR L 30 -15.41 -21.71 -75.44
N PRO L 31 -16.39 -21.17 -74.71
CA PRO L 31 -17.28 -21.99 -73.88
C PRO L 31 -18.43 -22.66 -74.61
N ALA L 32 -18.62 -22.48 -75.91
CA ALA L 32 -19.79 -23.10 -76.52
C ALA L 32 -19.72 -24.62 -76.44
N ILE L 33 -20.87 -25.23 -76.17
CA ILE L 33 -21.02 -26.68 -76.03
C ILE L 33 -21.61 -27.26 -77.31
N LYS L 34 -20.75 -27.88 -78.12
CA LYS L 34 -21.19 -28.57 -79.32
C LYS L 34 -21.73 -30.00 -79.11
N ASP L 35 -21.17 -30.79 -78.17
CA ASP L 35 -21.62 -32.19 -78.00
C ASP L 35 -23.05 -32.33 -77.50
N LEU L 36 -23.64 -31.24 -77.02
CA LEU L 36 -25.00 -31.22 -76.46
C LEU L 36 -25.12 -32.07 -75.20
N LYS L 37 -24.00 -32.26 -74.48
CA LYS L 37 -23.95 -33.02 -73.23
C LYS L 37 -23.75 -32.05 -72.07
N LYS L 38 -24.60 -32.17 -71.05
CA LYS L 38 -24.55 -31.27 -69.90
C LYS L 38 -23.20 -31.45 -69.18
N PRO L 39 -22.70 -30.41 -68.51
CA PRO L 39 -21.40 -30.51 -67.82
C PRO L 39 -21.43 -31.58 -66.73
N CYS L 40 -20.35 -32.38 -66.62
CA CYS L 40 -20.33 -33.48 -65.65
C CYS L 40 -19.06 -33.44 -64.80
N ILE L 41 -19.20 -33.89 -63.54
CA ILE L 41 -18.09 -34.13 -62.64
C ILE L 41 -18.30 -35.51 -62.05
N THR L 42 -17.19 -36.17 -61.71
CA THR L 42 -17.19 -37.47 -61.05
C THR L 42 -16.93 -37.34 -59.54
N LEU L 43 -17.86 -37.83 -58.74
CA LEU L 43 -17.79 -37.72 -57.30
C LEU L 43 -17.80 -39.10 -56.65
N GLY L 44 -17.85 -39.14 -55.32
CA GLY L 44 -17.85 -40.41 -54.62
C GLY L 44 -19.24 -41.02 -54.51
N LYS L 45 -19.30 -42.16 -53.82
CA LYS L 45 -20.54 -42.94 -53.74
C LYS L 45 -21.59 -42.18 -52.96
N ALA L 46 -22.84 -42.47 -53.26
CA ALA L 46 -23.94 -41.77 -52.64
C ALA L 46 -23.82 -41.84 -51.13
N PRO L 47 -24.01 -40.72 -50.44
CA PRO L 47 -23.87 -40.67 -48.98
C PRO L 47 -25.14 -41.09 -48.26
N ASP L 48 -24.97 -41.31 -46.95
CA ASP L 48 -26.07 -41.59 -46.05
C ASP L 48 -26.96 -40.36 -45.86
N LEU L 49 -26.49 -39.20 -46.31
CA LEU L 49 -27.15 -37.89 -46.24
C LEU L 49 -27.37 -37.40 -44.80
N ASN L 50 -28.17 -38.08 -44.00
CA ASN L 50 -28.30 -37.67 -42.60
C ASN L 50 -26.96 -37.84 -41.85
N LYS L 51 -26.25 -38.95 -42.09
CA LYS L 51 -24.94 -39.12 -41.47
C LYS L 51 -23.92 -38.21 -42.13
N ALA L 52 -24.03 -38.04 -43.46
CA ALA L 52 -23.13 -37.13 -44.18
C ALA L 52 -23.29 -35.71 -43.67
N TYR L 53 -24.52 -35.31 -43.31
CA TYR L 53 -24.73 -34.02 -42.67
C TYR L 53 -24.01 -33.95 -41.31
N LYS L 54 -24.08 -35.03 -40.54
CA LYS L 54 -23.43 -35.05 -39.24
C LYS L 54 -21.91 -34.91 -39.38
N SER L 55 -21.33 -35.67 -40.32
CA SER L 55 -19.88 -35.68 -40.44
C SER L 55 -19.36 -34.28 -40.78
N VAL L 56 -19.98 -33.62 -41.77
CA VAL L 56 -19.52 -32.29 -42.19
C VAL L 56 -19.80 -31.22 -41.12
N LEU L 57 -20.90 -31.30 -40.38
CA LEU L 57 -21.03 -30.29 -39.32
C LEU L 57 -19.93 -30.39 -38.28
N SER L 58 -19.63 -31.61 -37.87
CA SER L 58 -18.58 -31.77 -36.91
C SER L 58 -17.29 -31.24 -37.48
N GLY L 59 -17.02 -31.59 -38.75
CA GLY L 59 -15.80 -31.11 -39.39
C GLY L 59 -15.76 -29.60 -39.45
N MET L 60 -16.91 -28.99 -39.72
CA MET L 60 -17.00 -27.53 -39.78
C MET L 60 -16.64 -26.89 -38.46
N SER L 61 -17.27 -27.35 -37.37
CA SER L 61 -16.94 -26.74 -36.08
C SER L 61 -15.47 -26.96 -35.75
N ALA L 62 -14.87 -28.05 -36.24
CA ALA L 62 -13.48 -28.38 -35.98
C ALA L 62 -12.50 -27.77 -36.98
N ALA L 63 -13.01 -27.07 -38.00
CA ALA L 63 -12.21 -26.45 -39.04
C ALA L 63 -11.37 -27.48 -39.83
N LYS L 64 -11.78 -28.75 -39.85
CA LYS L 64 -11.17 -29.71 -40.73
C LYS L 64 -12.29 -30.40 -41.53
N LEU L 65 -12.22 -30.27 -42.85
CA LEU L 65 -13.22 -30.78 -43.78
C LEU L 65 -12.53 -31.54 -44.90
N ASP L 66 -13.15 -32.62 -45.37
CA ASP L 66 -12.57 -33.36 -46.47
C ASP L 66 -13.20 -32.87 -47.76
N PRO L 67 -12.42 -32.35 -48.70
CA PRO L 67 -13.05 -31.79 -49.91
C PRO L 67 -13.91 -32.80 -50.64
N ASP L 68 -13.44 -34.05 -50.79
CA ASP L 68 -14.20 -35.03 -51.56
C ASP L 68 -15.52 -35.39 -50.89
N ASP L 69 -15.51 -35.55 -49.57
CA ASP L 69 -16.78 -35.82 -48.90
C ASP L 69 -17.71 -34.62 -49.02
N VAL L 70 -17.18 -33.40 -48.81
CA VAL L 70 -18.04 -32.22 -48.84
C VAL L 70 -18.71 -32.09 -50.20
N CYS L 71 -17.97 -32.39 -51.28
CA CYS L 71 -18.54 -32.33 -52.62
C CYS L 71 -19.66 -33.34 -52.76
N SER L 72 -19.42 -34.55 -52.25
CA SER L 72 -20.39 -35.63 -52.36
C SER L 72 -21.69 -35.29 -51.64
N TYR L 73 -21.59 -34.63 -50.48
CA TYR L 73 -22.77 -34.20 -49.74
C TYR L 73 -23.54 -33.15 -50.50
N LEU L 74 -22.81 -32.23 -51.11
CA LEU L 74 -23.44 -31.16 -51.88
C LEU L 74 -24.17 -31.74 -53.09
N ALA L 75 -23.59 -32.73 -53.75
CA ALA L 75 -24.31 -33.34 -54.86
C ALA L 75 -25.56 -34.07 -54.37
N ALA L 76 -25.49 -34.77 -53.24
CA ALA L 76 -26.69 -35.41 -52.72
C ALA L 76 -27.71 -34.37 -52.25
N ALA L 77 -27.26 -33.26 -51.65
CA ALA L 77 -28.19 -32.26 -51.11
C ALA L 77 -28.92 -31.45 -52.18
N MET L 78 -28.45 -31.44 -53.43
CA MET L 78 -29.20 -30.72 -54.46
C MET L 78 -30.51 -31.40 -54.87
N GLN L 79 -31.18 -32.03 -53.93
CA GLN L 79 -32.48 -32.64 -54.15
C GLN L 79 -33.53 -32.00 -53.29
N PHE L 80 -33.12 -31.47 -52.14
CA PHE L 80 -34.04 -30.78 -51.25
C PHE L 80 -34.58 -29.53 -51.94
N PHE L 81 -33.75 -28.88 -52.75
CA PHE L 81 -34.15 -27.64 -53.41
C PHE L 81 -34.85 -27.97 -54.73
N GLU L 82 -36.15 -27.67 -54.79
CA GLU L 82 -36.99 -27.98 -55.93
C GLU L 82 -37.92 -26.81 -56.16
N GLY L 83 -38.14 -26.47 -57.44
CA GLY L 83 -39.04 -25.40 -57.82
C GLY L 83 -39.50 -25.65 -59.24
N THR L 84 -40.64 -25.06 -59.60
CA THR L 84 -41.13 -25.19 -60.97
C THR L 84 -40.39 -24.22 -61.91
N CYS L 85 -40.12 -24.68 -63.14
CA CYS L 85 -39.38 -23.89 -64.14
C CYS L 85 -40.32 -22.91 -64.86
N PRO L 86 -40.06 -21.59 -64.78
CA PRO L 86 -41.05 -20.63 -65.30
C PRO L 86 -41.28 -20.72 -66.79
N GLU L 87 -40.23 -20.91 -67.57
CA GLU L 87 -40.31 -20.95 -69.02
C GLU L 87 -39.44 -22.09 -69.50
N ASP L 88 -39.58 -22.46 -70.76
CA ASP L 88 -38.64 -23.42 -71.32
C ASP L 88 -37.23 -22.85 -71.17
N TRP L 89 -36.32 -23.67 -70.62
CA TRP L 89 -34.95 -23.25 -70.29
C TRP L 89 -33.94 -24.00 -71.14
N THR L 90 -33.47 -23.37 -72.21
CA THR L 90 -32.49 -23.98 -73.10
C THR L 90 -31.22 -23.15 -73.19
N SER L 91 -30.07 -23.82 -73.17
CA SER L 91 -28.76 -23.19 -73.37
C SER L 91 -27.88 -24.13 -74.20
N TYR L 92 -27.12 -23.55 -75.14
CA TYR L 92 -26.20 -24.27 -76.05
C TYR L 92 -26.79 -25.52 -76.69
N GLY L 93 -28.10 -25.48 -76.99
CA GLY L 93 -28.78 -26.58 -77.64
C GLY L 93 -29.34 -27.64 -76.74
N ILE L 94 -29.26 -27.45 -75.45
CA ILE L 94 -29.71 -28.44 -74.48
C ILE L 94 -31.06 -28.03 -73.91
N VAL L 95 -31.98 -28.99 -73.82
CA VAL L 95 -33.32 -28.61 -73.36
C VAL L 95 -33.44 -28.42 -71.85
N ILE L 96 -32.47 -28.88 -71.05
CA ILE L 96 -32.54 -28.72 -69.60
C ILE L 96 -33.93 -28.98 -69.02
N ALA L 97 -34.82 -27.98 -69.08
CA ALA L 97 -36.07 -28.07 -68.36
C ALA L 97 -37.17 -27.37 -69.14
N ARG L 98 -38.25 -28.10 -69.38
CA ARG L 98 -39.43 -27.55 -70.05
C ARG L 98 -40.27 -26.77 -69.05
N LYS L 99 -40.99 -25.78 -69.56
CA LYS L 99 -41.83 -24.95 -68.73
C LYS L 99 -42.83 -25.79 -67.96
N GLY L 100 -43.00 -25.46 -66.69
CA GLY L 100 -43.93 -26.11 -65.76
C GLY L 100 -43.43 -27.37 -65.10
N ASP L 101 -42.18 -27.77 -65.39
CA ASP L 101 -41.60 -28.98 -64.84
C ASP L 101 -40.83 -28.58 -63.60
N LYS L 102 -41.10 -29.29 -62.48
CA LYS L 102 -40.32 -29.04 -61.27
C LYS L 102 -38.93 -29.60 -61.48
N ILE L 103 -37.91 -28.84 -61.03
CA ILE L 103 -36.52 -29.16 -61.32
C ILE L 103 -35.69 -28.86 -60.09
N THR L 104 -34.52 -29.50 -60.03
CA THR L 104 -33.50 -29.32 -58.99
C THR L 104 -32.21 -28.86 -59.63
N PRO L 105 -31.24 -28.46 -58.82
CA PRO L 105 -29.88 -28.30 -59.35
C PRO L 105 -29.38 -29.56 -60.04
N GLY L 106 -29.81 -30.73 -59.60
CA GLY L 106 -29.38 -31.98 -60.22
C GLY L 106 -29.70 -32.03 -61.70
N SER L 107 -30.70 -31.22 -62.13
CA SER L 107 -31.18 -31.15 -63.50
C SER L 107 -30.26 -30.38 -64.44
N LEU L 108 -29.49 -29.42 -63.93
CA LEU L 108 -28.65 -28.61 -64.80
C LEU L 108 -27.39 -29.36 -65.21
N VAL L 109 -26.85 -30.20 -64.31
CA VAL L 109 -25.58 -30.90 -64.58
C VAL L 109 -25.71 -32.41 -64.46
N GLU L 110 -24.64 -33.11 -64.83
CA GLU L 110 -24.53 -34.54 -64.67
C GLU L 110 -23.53 -34.87 -63.55
N ILE L 111 -24.00 -35.53 -62.50
CA ILE L 111 -23.11 -35.98 -61.42
C ILE L 111 -22.90 -37.48 -61.58
N LYS L 112 -21.64 -37.88 -61.67
CA LYS L 112 -21.22 -39.26 -61.85
C LYS L 112 -20.73 -39.78 -60.50
N ARG L 113 -21.34 -40.85 -60.01
CA ARG L 113 -21.01 -41.41 -58.71
C ARG L 113 -20.07 -42.59 -58.91
N THR L 114 -19.02 -42.65 -58.10
CA THR L 114 -18.06 -43.75 -58.12
C THR L 114 -18.46 -44.77 -57.06
N ASP L 115 -18.10 -46.03 -57.30
CA ASP L 115 -18.39 -47.06 -56.31
C ASP L 115 -17.65 -46.86 -54.98
N VAL L 116 -16.64 -46.00 -54.94
CA VAL L 116 -15.81 -45.87 -53.74
C VAL L 116 -16.56 -45.04 -52.70
N GLU L 117 -16.57 -45.51 -51.46
CA GLU L 117 -17.35 -44.88 -50.41
C GLU L 117 -16.50 -43.78 -49.79
N GLY L 118 -17.16 -42.73 -49.29
CA GLY L 118 -16.42 -41.63 -48.68
C GLY L 118 -16.09 -41.88 -47.22
N ASN L 119 -15.13 -41.13 -46.67
CA ASN L 119 -14.72 -41.38 -45.28
C ASN L 119 -15.79 -41.01 -44.25
N TRP L 120 -16.63 -40.03 -44.57
CA TRP L 120 -17.69 -39.52 -43.69
C TRP L 120 -17.38 -39.78 -42.19
N ALA L 121 -16.33 -39.13 -41.72
CA ALA L 121 -15.94 -39.35 -40.34
C ALA L 121 -16.30 -38.13 -39.51
N LEU L 122 -16.65 -38.36 -38.25
CA LEU L 122 -17.08 -37.31 -37.34
C LEU L 122 -15.91 -36.83 -36.51
N THR L 123 -15.87 -35.52 -36.20
CA THR L 123 -14.74 -34.98 -35.45
C THR L 123 -15.16 -34.78 -34.00
N GLY L 124 -15.76 -33.64 -33.65
CA GLY L 124 -16.08 -33.41 -32.24
C GLY L 124 -17.10 -32.34 -31.98
N GLY L 125 -17.65 -31.78 -33.07
CA GLY L 125 -18.63 -30.71 -32.98
C GLY L 125 -20.05 -31.10 -33.30
N MET L 126 -20.42 -32.40 -33.18
CA MET L 126 -21.80 -32.89 -33.39
C MET L 126 -22.52 -33.06 -32.08
N GLU L 127 -23.60 -32.29 -31.93
CA GLU L 127 -24.45 -32.26 -30.75
C GLU L 127 -25.83 -32.85 -31.02
N LEU L 128 -26.09 -33.30 -32.24
CA LEU L 128 -27.41 -33.79 -32.64
C LEU L 128 -27.42 -35.32 -32.73
N THR L 129 -28.30 -35.94 -31.95
CA THR L 129 -28.50 -37.37 -31.96
C THR L 129 -29.58 -37.81 -32.94
N ARG L 130 -30.31 -36.87 -33.54
CA ARG L 130 -31.42 -37.15 -34.43
C ARG L 130 -31.11 -36.68 -35.86
N ASP L 131 -31.91 -37.18 -36.83
CA ASP L 131 -31.77 -36.79 -38.23
C ASP L 131 -32.09 -35.32 -38.44
N PRO L 132 -31.32 -34.61 -39.27
CA PRO L 132 -31.47 -33.15 -39.39
C PRO L 132 -32.70 -32.75 -40.20
N THR L 133 -33.24 -31.57 -39.87
CA THR L 133 -34.33 -31.04 -40.67
C THR L 133 -33.78 -30.39 -41.92
N VAL L 134 -34.66 -30.22 -42.91
CA VAL L 134 -34.26 -29.58 -44.17
C VAL L 134 -33.66 -28.19 -43.93
N PRO L 135 -34.31 -27.23 -43.18
CA PRO L 135 -33.63 -25.91 -42.98
C PRO L 135 -32.19 -26.09 -42.54
N GLU L 136 -31.94 -27.01 -41.62
CA GLU L 136 -30.58 -27.32 -41.19
C GLU L 136 -29.68 -27.70 -42.36
N HIS L 137 -30.13 -28.67 -43.18
CA HIS L 137 -29.39 -29.09 -44.37
C HIS L 137 -29.07 -27.87 -45.24
N ALA L 138 -30.05 -26.98 -45.44
CA ALA L 138 -29.83 -25.80 -46.26
C ALA L 138 -28.82 -24.88 -45.62
N SER L 139 -28.90 -24.71 -44.28
CA SER L 139 -27.93 -23.84 -43.60
C SER L 139 -26.49 -24.34 -43.80
N LEU L 140 -26.29 -25.65 -43.70
CA LEU L 140 -24.97 -26.21 -43.93
C LEU L 140 -24.55 -26.03 -45.37
N VAL L 141 -25.49 -26.29 -46.28
CA VAL L 141 -25.19 -26.18 -47.70
C VAL L 141 -24.75 -24.76 -48.02
N GLY L 142 -25.47 -23.77 -47.48
CA GLY L 142 -25.10 -22.39 -47.70
C GLY L 142 -23.75 -22.03 -47.10
N LEU L 143 -23.49 -22.52 -45.88
CA LEU L 143 -22.21 -22.23 -45.24
C LEU L 143 -21.06 -22.84 -46.00
N LEU L 144 -21.21 -24.07 -46.46
CA LEU L 144 -20.12 -24.72 -47.19
C LEU L 144 -19.80 -23.95 -48.47
N LEU L 145 -20.83 -23.60 -49.25
CA LEU L 145 -20.59 -22.86 -50.48
C LEU L 145 -19.97 -21.50 -50.19
N SER L 146 -20.40 -20.85 -49.11
CA SER L 146 -19.84 -19.56 -48.75
C SER L 146 -18.34 -19.64 -48.51
N LEU L 147 -17.79 -20.83 -48.29
CA LEU L 147 -16.35 -20.92 -48.23
C LEU L 147 -15.75 -20.48 -49.54
N TYR L 148 -16.44 -20.77 -50.65
CA TYR L 148 -15.92 -20.45 -51.97
C TYR L 148 -15.75 -18.95 -52.13
N ARG L 149 -16.75 -18.20 -51.71
CA ARG L 149 -16.62 -16.76 -51.77
C ARG L 149 -15.43 -16.26 -50.95
N LEU L 150 -15.26 -16.78 -49.74
CA LEU L 150 -14.14 -16.35 -48.89
C LEU L 150 -12.79 -16.75 -49.50
N SER L 151 -12.67 -17.95 -50.07
CA SER L 151 -11.35 -18.34 -50.58
C SER L 151 -10.92 -17.42 -51.69
N LYS L 152 -11.87 -17.04 -52.55
CA LYS L 152 -11.59 -16.15 -53.67
C LYS L 152 -11.13 -14.77 -53.18
N ILE L 153 -11.76 -14.28 -52.11
CA ILE L 153 -11.57 -12.93 -51.64
C ILE L 153 -10.22 -12.70 -51.00
N SER L 154 -9.43 -13.75 -50.84
CA SER L 154 -8.20 -13.52 -50.11
C SER L 154 -7.25 -12.71 -50.98
N GLY L 155 -6.53 -11.84 -50.30
CA GLY L 155 -5.65 -10.90 -50.93
C GLY L 155 -5.11 -9.98 -49.85
N GLN L 156 -4.22 -9.10 -50.26
CA GLN L 156 -3.57 -8.20 -49.29
C GLN L 156 -4.49 -7.04 -48.98
N ASN L 157 -4.40 -6.53 -47.76
CA ASN L 157 -5.24 -5.47 -47.22
C ASN L 157 -6.74 -5.76 -47.30
N THR L 158 -7.16 -6.99 -47.57
CA THR L 158 -8.58 -7.36 -47.60
C THR L 158 -8.91 -8.12 -46.33
N GLY L 159 -9.01 -7.38 -45.23
CA GLY L 159 -9.16 -8.07 -43.96
C GLY L 159 -10.49 -7.81 -43.30
N ASN L 160 -10.71 -6.55 -42.91
CA ASN L 160 -11.98 -6.16 -42.31
C ASN L 160 -13.12 -6.45 -43.25
N TYR L 161 -12.88 -6.35 -44.55
CA TYR L 161 -13.97 -6.62 -45.47
C TYR L 161 -14.26 -8.13 -45.46
N LYS L 162 -13.22 -8.98 -45.38
CA LYS L 162 -13.46 -10.42 -45.39
C LYS L 162 -14.28 -10.83 -44.18
N THR L 163 -13.94 -10.30 -43.01
CA THR L 163 -14.70 -10.63 -41.80
C THR L 163 -16.13 -10.08 -41.90
N ASN L 164 -16.32 -8.87 -42.46
CA ASN L 164 -17.67 -8.32 -42.61
C ASN L 164 -18.54 -9.22 -43.48
N ILE L 165 -17.99 -9.75 -44.58
CA ILE L 165 -18.77 -10.66 -45.43
C ILE L 165 -19.06 -11.95 -44.68
N ALA L 166 -18.07 -12.43 -43.91
CA ALA L 166 -18.27 -13.64 -43.13
C ALA L 166 -19.37 -13.42 -42.08
N ASP L 167 -19.36 -12.28 -41.40
CA ASP L 167 -20.45 -11.96 -40.48
C ASP L 167 -21.78 -11.88 -41.20
N ARG L 168 -21.81 -11.26 -42.39
CA ARG L 168 -23.06 -11.18 -43.13
C ARG L 168 -23.58 -12.58 -43.47
N ILE L 169 -22.67 -13.48 -43.86
CA ILE L 169 -23.05 -14.86 -44.18
C ILE L 169 -23.55 -15.56 -42.92
N GLU L 170 -22.86 -15.35 -41.79
CA GLU L 170 -23.28 -15.94 -40.53
C GLU L 170 -24.66 -15.44 -40.12
N GLN L 171 -24.97 -14.15 -40.35
CA GLN L 171 -26.31 -13.67 -39.99
C GLN L 171 -27.38 -14.41 -40.79
N ILE L 172 -27.14 -14.61 -42.09
CA ILE L 172 -27.98 -15.52 -42.83
C ILE L 172 -27.72 -16.90 -42.28
N PHE L 173 -28.59 -17.83 -42.60
CA PHE L 173 -28.37 -19.21 -42.18
C PHE L 173 -28.48 -19.44 -40.66
N GLU L 174 -28.49 -18.35 -39.88
CA GLU L 174 -28.88 -18.44 -38.50
C GLU L 174 -30.32 -17.95 -38.26
N THR L 175 -30.93 -17.31 -39.25
CA THR L 175 -32.31 -16.82 -39.11
C THR L 175 -33.20 -17.53 -40.12
N ALA L 176 -34.49 -17.51 -39.85
CA ALA L 176 -35.41 -18.25 -40.70
C ALA L 176 -35.31 -17.69 -42.11
N PRO L 177 -35.42 -18.53 -43.15
CA PRO L 177 -35.86 -19.93 -43.17
C PRO L 177 -34.73 -20.89 -42.80
N PHE L 178 -33.65 -20.40 -42.16
CA PHE L 178 -32.51 -21.22 -41.79
C PHE L 178 -32.36 -21.30 -40.28
N VAL L 179 -31.69 -22.34 -39.80
CA VAL L 179 -31.47 -22.52 -38.36
C VAL L 179 -29.98 -22.50 -38.05
N LYS L 180 -29.64 -21.90 -36.91
CA LYS L 180 -28.23 -21.77 -36.57
C LYS L 180 -27.64 -23.11 -36.19
N ILE L 181 -26.66 -23.58 -36.95
CA ILE L 181 -26.02 -24.84 -36.62
C ILE L 181 -24.56 -24.68 -36.22
N VAL L 182 -23.92 -23.52 -36.44
CA VAL L 182 -22.49 -23.37 -36.21
C VAL L 182 -22.13 -22.27 -35.23
N GLU L 183 -23.10 -21.69 -34.53
CA GLU L 183 -22.78 -20.61 -33.57
C GLU L 183 -22.08 -19.48 -34.34
N HIS L 184 -21.19 -18.70 -33.71
CA HIS L 184 -20.55 -17.57 -34.37
C HIS L 184 -19.05 -17.83 -34.50
N HIS L 185 -18.43 -17.11 -35.44
CA HIS L 185 -16.99 -17.10 -35.69
C HIS L 185 -16.42 -18.45 -36.19
N THR L 186 -17.26 -19.48 -36.34
CA THR L 186 -16.80 -20.72 -36.93
C THR L 186 -16.44 -20.59 -38.42
N LEU L 187 -17.18 -19.76 -39.17
CA LEU L 187 -16.94 -19.68 -40.62
C LEU L 187 -15.56 -19.09 -40.91
N MET L 188 -15.18 -18.03 -40.20
CA MET L 188 -13.86 -17.45 -40.43
C MET L 188 -12.74 -18.45 -40.13
N THR L 189 -12.88 -19.22 -39.03
CA THR L 189 -11.84 -20.16 -38.62
C THR L 189 -11.69 -21.36 -39.57
N THR L 190 -12.81 -21.88 -40.10
CA THR L 190 -12.73 -22.91 -41.14
C THR L 190 -12.16 -22.34 -42.44
N HIS L 191 -12.49 -21.08 -42.75
CA HIS L 191 -11.94 -20.46 -43.94
C HIS L 191 -10.42 -20.39 -43.88
N LYS L 192 -9.86 -20.19 -42.69
CA LYS L 192 -8.41 -20.12 -42.56
C LYS L 192 -7.73 -21.43 -42.97
N MET L 193 -8.37 -22.57 -42.68
CA MET L 193 -7.88 -23.88 -43.12
C MET L 193 -8.25 -24.19 -44.55
N CYS L 194 -9.30 -23.54 -45.06
CA CYS L 194 -9.82 -23.80 -46.39
C CYS L 194 -9.75 -22.55 -47.26
N ALA L 195 -8.65 -21.80 -47.17
CA ALA L 195 -8.53 -20.50 -47.85
C ALA L 195 -8.34 -20.64 -49.35
N ASN L 196 -7.80 -21.77 -49.80
CA ASN L 196 -7.59 -22.06 -51.20
C ASN L 196 -8.59 -23.07 -51.71
N TRP L 197 -9.79 -23.12 -51.11
CA TRP L 197 -10.76 -24.09 -51.54
C TRP L 197 -11.31 -23.77 -52.92
N SER L 198 -11.22 -22.49 -53.36
CA SER L 198 -11.65 -22.14 -54.71
C SER L 198 -10.91 -22.93 -55.77
N THR L 199 -9.61 -23.20 -55.58
CA THR L 199 -8.91 -23.91 -56.65
C THR L 199 -9.47 -25.33 -56.83
N ILE L 200 -10.09 -25.90 -55.80
CA ILE L 200 -10.64 -27.24 -55.99
C ILE L 200 -11.71 -27.22 -57.08
N PRO L 201 -11.54 -27.96 -58.17
CA PRO L 201 -12.46 -27.85 -59.30
C PRO L 201 -13.88 -28.30 -59.00
N ASN L 202 -14.07 -29.44 -58.35
CA ASN L 202 -15.44 -29.90 -58.14
C ASN L 202 -16.21 -28.97 -57.21
N PHE L 203 -15.53 -28.37 -56.25
CA PHE L 203 -16.21 -27.46 -55.36
C PHE L 203 -16.72 -26.25 -56.14
N ARG L 204 -15.87 -25.69 -57.04
CA ARG L 204 -16.30 -24.56 -57.87
C ARG L 204 -17.48 -24.96 -58.76
N PHE L 205 -17.38 -26.13 -59.40
CA PHE L 205 -18.46 -26.62 -60.24
C PHE L 205 -19.78 -26.70 -59.47
N LEU L 206 -19.73 -27.20 -58.24
CA LEU L 206 -20.97 -27.29 -57.48
C LEU L 206 -21.53 -25.90 -57.17
N ALA L 207 -20.65 -24.95 -56.82
CA ALA L 207 -21.09 -23.61 -56.52
C ALA L 207 -21.80 -22.96 -57.70
N GLY L 208 -21.23 -23.16 -58.91
CA GLY L 208 -21.88 -22.64 -60.09
C GLY L 208 -23.23 -23.28 -60.31
N THR L 209 -23.31 -24.60 -60.11
CA THR L 209 -24.58 -25.29 -60.32
C THR L 209 -25.67 -24.78 -59.40
N TYR L 210 -25.33 -24.55 -58.13
CA TYR L 210 -26.29 -23.97 -57.20
C TYR L 210 -26.68 -22.57 -57.63
N ASP L 211 -25.69 -21.77 -58.07
CA ASP L 211 -26.00 -20.40 -58.44
C ASP L 211 -26.91 -20.37 -59.67
N MET L 212 -26.62 -21.21 -60.68
CA MET L 212 -27.49 -21.21 -61.84
C MET L 212 -28.93 -21.53 -61.45
N PHE L 213 -29.13 -22.60 -60.68
CA PHE L 213 -30.48 -22.99 -60.30
C PHE L 213 -31.18 -21.85 -59.53
N PHE L 214 -30.49 -21.22 -58.57
CA PHE L 214 -31.16 -20.19 -57.76
C PHE L 214 -31.46 -18.89 -58.52
N SER L 215 -30.68 -18.56 -59.54
CA SER L 215 -30.96 -17.36 -60.34
C SER L 215 -32.25 -17.50 -61.14
N ARG L 216 -32.44 -18.66 -61.77
CA ARG L 216 -33.63 -18.90 -62.57
C ARG L 216 -34.87 -19.16 -61.73
N ILE L 217 -34.75 -19.98 -60.68
CA ILE L 217 -35.90 -20.47 -59.92
C ILE L 217 -35.94 -19.80 -58.57
N GLU L 218 -37.03 -19.10 -58.26
CA GLU L 218 -37.13 -18.52 -56.93
C GLU L 218 -37.37 -19.63 -55.90
N HIS L 219 -36.68 -19.54 -54.77
CA HIS L 219 -36.79 -20.58 -53.77
C HIS L 219 -36.74 -19.96 -52.38
N LEU L 220 -37.17 -20.73 -51.37
CA LEU L 220 -37.07 -20.25 -50.00
C LEU L 220 -35.63 -20.03 -49.58
N TYR L 221 -34.75 -20.93 -49.99
CA TYR L 221 -33.36 -20.90 -49.57
C TYR L 221 -32.46 -20.27 -50.63
N SER L 222 -32.99 -19.27 -51.38
CA SER L 222 -32.23 -18.57 -52.40
C SER L 222 -31.07 -17.80 -51.79
N ALA L 223 -31.07 -17.60 -50.47
CA ALA L 223 -29.98 -16.85 -49.87
C ALA L 223 -28.64 -17.54 -49.99
N ILE L 224 -28.64 -18.85 -50.28
CA ILE L 224 -27.43 -19.61 -50.50
C ILE L 224 -26.59 -18.98 -51.58
N ARG L 225 -27.21 -18.15 -52.42
CA ARG L 225 -26.48 -17.51 -53.51
C ARG L 225 -25.38 -16.61 -52.99
N VAL L 226 -25.48 -16.17 -51.73
CA VAL L 226 -24.50 -15.23 -51.19
C VAL L 226 -23.10 -15.83 -51.23
N GLY L 227 -23.01 -17.15 -51.08
CA GLY L 227 -21.74 -17.82 -51.31
C GLY L 227 -21.42 -17.89 -52.78
N THR L 228 -22.43 -18.16 -53.62
CA THR L 228 -22.22 -18.48 -55.03
C THR L 228 -22.38 -17.29 -55.98
N VAL L 229 -22.69 -16.11 -55.47
CA VAL L 229 -22.85 -14.98 -56.38
C VAL L 229 -21.57 -14.76 -57.16
N VAL L 230 -20.41 -15.03 -56.55
CA VAL L 230 -19.15 -14.76 -57.22
C VAL L 230 -19.00 -15.64 -58.46
N THR L 231 -19.58 -16.85 -58.46
CA THR L 231 -19.42 -17.71 -59.62
C THR L 231 -20.01 -17.07 -60.87
N ALA L 232 -21.03 -16.22 -60.69
CA ALA L 232 -21.72 -15.59 -61.83
C ALA L 232 -20.80 -14.63 -62.58
N TYR L 233 -20.71 -14.82 -63.90
CA TYR L 233 -19.84 -14.04 -64.77
C TYR L 233 -18.38 -14.05 -64.27
N GLU L 234 -17.95 -15.19 -63.73
CA GLU L 234 -16.59 -15.32 -63.21
C GLU L 234 -15.57 -15.29 -64.31
N ASP L 235 -14.50 -14.54 -64.10
CA ASP L 235 -13.40 -14.43 -65.04
C ASP L 235 -13.84 -13.80 -66.38
N CYS L 236 -14.88 -12.98 -66.34
CA CYS L 236 -15.33 -12.30 -67.54
C CYS L 236 -15.39 -10.81 -67.29
N SER L 237 -14.51 -10.28 -66.42
CA SER L 237 -14.56 -8.87 -66.08
C SER L 237 -14.37 -7.97 -67.29
N GLY L 238 -13.58 -8.39 -68.29
CA GLY L 238 -13.46 -7.54 -69.46
C GLY L 238 -14.81 -7.33 -70.14
N LEU L 239 -15.51 -8.43 -70.39
CA LEU L 239 -16.81 -8.33 -71.04
C LEU L 239 -17.80 -7.51 -70.21
N VAL L 240 -17.81 -7.71 -68.90
CA VAL L 240 -18.75 -7.00 -68.04
C VAL L 240 -18.45 -5.53 -67.98
N SER L 241 -17.16 -5.17 -67.89
CA SER L 241 -16.86 -3.75 -67.87
C SER L 241 -17.33 -3.10 -69.15
N PHE L 242 -17.11 -3.79 -70.27
CA PHE L 242 -17.49 -3.24 -71.54
C PHE L 242 -18.98 -2.95 -71.55
N THR L 243 -19.81 -3.88 -71.04
CA THR L 243 -21.25 -3.61 -71.05
C THR L 243 -21.58 -2.43 -70.13
N GLY L 244 -20.89 -2.32 -69.00
CA GLY L 244 -21.10 -1.18 -68.14
C GLY L 244 -20.65 0.11 -68.79
N PHE L 245 -19.49 0.05 -69.45
CA PHE L 245 -18.97 1.24 -70.10
C PHE L 245 -19.97 1.77 -71.12
N ILE L 246 -20.53 0.86 -71.91
CA ILE L 246 -21.48 1.18 -72.96
C ILE L 246 -22.69 1.88 -72.37
N LYS L 247 -23.19 1.35 -71.26
CA LYS L 247 -24.42 1.88 -70.70
C LYS L 247 -24.17 3.22 -69.98
N GLN L 248 -23.03 3.37 -69.28
CA GLN L 248 -22.77 4.62 -68.55
C GLN L 248 -22.61 5.78 -69.51
N ILE L 249 -21.89 5.53 -70.63
CA ILE L 249 -21.64 6.51 -71.69
C ILE L 249 -22.85 6.70 -72.57
N ASN L 250 -23.82 5.78 -72.52
CA ASN L 250 -25.04 5.92 -73.31
C ASN L 250 -24.71 5.92 -74.79
N LEU L 251 -23.87 4.97 -75.19
CA LEU L 251 -23.49 4.76 -76.57
C LEU L 251 -23.89 3.35 -76.96
N THR L 252 -24.08 3.11 -78.26
CA THR L 252 -24.39 1.76 -78.68
C THR L 252 -23.08 1.02 -78.66
N ALA L 253 -23.14 -0.25 -78.28
CA ALA L 253 -21.95 -1.10 -78.25
C ALA L 253 -21.08 -0.90 -79.47
N ARG L 254 -21.68 -0.76 -80.67
CA ARG L 254 -20.85 -0.52 -81.87
C ARG L 254 -20.23 0.86 -81.81
N GLU L 255 -21.07 1.90 -81.68
CA GLU L 255 -20.58 3.27 -81.68
C GLU L 255 -19.41 3.46 -80.71
N ALA L 256 -19.44 2.77 -79.57
CA ALA L 256 -18.38 2.91 -78.59
C ALA L 256 -17.06 2.45 -79.16
N ILE L 257 -17.04 1.29 -79.82
CA ILE L 257 -15.79 0.77 -80.34
C ILE L 257 -15.16 1.72 -81.37
N LEU L 258 -15.99 2.50 -82.09
CA LEU L 258 -15.47 3.48 -83.05
C LEU L 258 -14.52 4.48 -82.40
N TYR L 259 -14.71 4.76 -81.11
CA TYR L 259 -13.83 5.65 -80.35
C TYR L 259 -12.49 4.99 -79.96
N PHE L 260 -12.34 3.67 -80.13
CA PHE L 260 -11.11 2.98 -79.72
C PHE L 260 -10.06 3.21 -80.79
N PHE L 261 -9.26 4.26 -80.69
CA PHE L 261 -8.34 4.56 -81.81
C PHE L 261 -6.97 3.92 -81.60
N HIS L 262 -6.92 2.59 -81.65
CA HIS L 262 -5.60 2.01 -81.58
C HIS L 262 -5.54 0.62 -82.19
N LYS L 263 -4.36 0.29 -82.71
CA LYS L 263 -4.22 -1.00 -83.38
C LYS L 263 -4.43 -2.16 -82.42
N ASN L 264 -3.96 -2.02 -81.17
CA ASN L 264 -3.97 -3.14 -80.23
C ASN L 264 -5.37 -3.64 -79.95
N PHE L 265 -6.35 -2.74 -80.00
CA PHE L 265 -7.71 -3.15 -79.68
C PHE L 265 -8.19 -4.25 -80.62
N GLU L 266 -7.60 -4.36 -81.81
CA GLU L 266 -8.15 -5.26 -82.85
C GLU L 266 -8.22 -6.70 -82.36
N GLU L 267 -7.11 -7.24 -81.87
CA GLU L 267 -7.13 -8.63 -81.42
C GLU L 267 -8.12 -8.81 -80.29
N GLU L 268 -8.12 -7.85 -79.36
CA GLU L 268 -8.96 -7.96 -78.18
C GLU L 268 -10.43 -7.88 -78.59
N ILE L 269 -10.78 -6.99 -79.52
CA ILE L 269 -12.18 -6.84 -79.91
C ILE L 269 -12.70 -8.11 -80.56
N ARG L 270 -11.88 -8.74 -81.40
CA ARG L 270 -12.27 -10.02 -81.99
C ARG L 270 -12.44 -11.10 -80.93
N ARG L 271 -11.55 -11.12 -79.93
CA ARG L 271 -11.56 -12.14 -78.89
C ARG L 271 -12.82 -12.10 -78.05
N MET L 272 -13.19 -10.93 -77.56
CA MET L 272 -14.33 -10.86 -76.66
C MET L 272 -15.69 -10.88 -77.35
N PHE L 273 -15.75 -10.62 -78.66
CA PHE L 273 -17.03 -10.63 -79.36
C PHE L 273 -17.19 -11.79 -80.32
N GLU L 274 -16.48 -12.89 -80.06
CA GLU L 274 -16.59 -14.05 -80.92
C GLU L 274 -18.03 -14.55 -80.91
N PRO L 275 -18.59 -14.84 -82.07
CA PRO L 275 -19.98 -15.33 -82.15
C PRO L 275 -20.08 -16.77 -81.71
N GLY L 276 -21.30 -17.20 -81.41
CA GLY L 276 -21.61 -18.57 -81.02
C GLY L 276 -21.63 -18.87 -79.53
N GLN L 277 -21.09 -17.98 -78.69
CA GLN L 277 -21.25 -18.06 -77.25
C GLN L 277 -22.44 -17.25 -76.83
N GLU L 278 -23.29 -17.84 -76.01
CA GLU L 278 -24.58 -17.22 -75.72
C GLU L 278 -24.46 -16.05 -74.73
N THR L 279 -23.70 -15.03 -75.13
CA THR L 279 -23.56 -13.84 -74.30
C THR L 279 -24.89 -13.13 -74.04
N ALA L 280 -25.76 -13.05 -75.06
CA ALA L 280 -27.03 -12.33 -74.93
C ALA L 280 -28.09 -13.13 -74.17
N VAL L 281 -27.96 -14.45 -74.14
CA VAL L 281 -28.99 -15.33 -73.58
C VAL L 281 -29.07 -15.12 -72.07
N PRO L 282 -30.27 -14.92 -71.52
CA PRO L 282 -30.37 -14.61 -70.09
C PRO L 282 -29.96 -15.74 -69.17
N HIS L 283 -30.39 -16.97 -69.42
CA HIS L 283 -29.96 -17.91 -68.38
C HIS L 283 -29.13 -19.00 -69.00
N SER L 284 -28.02 -18.67 -69.63
CA SER L 284 -27.30 -19.71 -70.34
C SER L 284 -26.16 -20.18 -69.47
N TYR L 285 -25.54 -21.27 -69.93
CA TYR L 285 -24.37 -21.77 -69.23
C TYR L 285 -23.27 -20.71 -69.28
N PHE L 286 -23.39 -19.75 -70.20
CA PHE L 286 -22.34 -18.77 -70.33
C PHE L 286 -22.11 -18.04 -69.01
N ILE L 287 -23.19 -17.73 -68.30
CA ILE L 287 -23.04 -16.93 -67.09
C ILE L 287 -22.13 -17.63 -66.09
N HIS L 288 -22.18 -18.97 -66.03
CA HIS L 288 -21.32 -19.73 -65.12
C HIS L 288 -20.37 -20.65 -65.86
N PHE L 289 -19.99 -20.32 -67.08
CA PHE L 289 -19.19 -21.23 -67.87
C PHE L 289 -17.84 -21.50 -67.20
N ARG L 290 -17.26 -20.50 -66.54
CA ARG L 290 -16.00 -20.77 -65.88
C ARG L 290 -16.19 -21.69 -64.68
N SER L 291 -17.27 -21.47 -63.91
CA SER L 291 -17.50 -22.30 -62.74
C SER L 291 -17.67 -23.74 -63.17
N LEU L 292 -18.56 -23.99 -64.14
CA LEU L 292 -18.74 -25.34 -64.66
C LEU L 292 -17.54 -25.69 -65.49
N GLY L 293 -17.40 -26.97 -65.79
CA GLY L 293 -16.23 -27.43 -66.51
C GLY L 293 -16.04 -27.12 -67.98
N LEU L 294 -16.22 -25.86 -68.42
CA LEU L 294 -16.18 -25.50 -69.83
C LEU L 294 -15.18 -24.40 -70.17
N SER L 295 -14.43 -24.55 -71.26
CA SER L 295 -13.54 -23.52 -71.85
C SER L 295 -12.18 -23.32 -71.15
N GLY L 296 -12.00 -23.66 -69.91
CA GLY L 296 -10.64 -23.42 -69.39
C GLY L 296 -10.38 -21.96 -69.13
N LYS L 297 -9.26 -21.44 -69.67
CA LYS L 297 -8.98 -20.00 -69.54
C LYS L 297 -9.97 -19.15 -70.34
N SER L 298 -10.47 -18.09 -69.69
CA SER L 298 -11.52 -17.24 -70.26
C SER L 298 -10.90 -16.20 -71.17
N PRO L 299 -11.43 -16.07 -72.39
CA PRO L 299 -10.98 -14.99 -73.28
C PRO L 299 -11.58 -13.65 -72.93
N TYR L 300 -12.54 -13.60 -72.01
CA TYR L 300 -13.20 -12.38 -71.61
C TYR L 300 -12.63 -11.82 -70.32
N SER L 301 -11.53 -12.39 -69.83
CA SER L 301 -10.93 -11.91 -68.60
C SER L 301 -10.32 -10.53 -68.82
N SER L 302 -10.13 -9.77 -67.75
CA SER L 302 -9.57 -8.43 -67.94
C SER L 302 -8.17 -8.50 -68.51
N ASN L 303 -7.40 -9.55 -68.17
CA ASN L 303 -6.05 -9.63 -68.76
C ASN L 303 -6.15 -9.96 -70.24
N ALA L 304 -7.14 -10.76 -70.61
CA ALA L 304 -7.36 -11.14 -71.98
C ALA L 304 -7.73 -9.93 -72.82
N VAL L 305 -8.43 -9.00 -72.22
CA VAL L 305 -8.91 -7.86 -72.96
C VAL L 305 -8.29 -6.60 -72.35
N GLY L 306 -6.99 -6.70 -72.09
CA GLY L 306 -6.30 -5.73 -71.27
C GLY L 306 -6.39 -4.31 -71.77
N HIS L 307 -6.21 -4.10 -73.07
CA HIS L 307 -6.24 -2.75 -73.62
C HIS L 307 -7.63 -2.14 -73.48
N VAL L 308 -8.65 -2.92 -73.83
CA VAL L 308 -10.02 -2.46 -73.67
C VAL L 308 -10.31 -2.17 -72.22
N PHE L 309 -9.91 -3.08 -71.34
CA PHE L 309 -10.18 -2.90 -69.92
C PHE L 309 -9.53 -1.62 -69.42
N ASN L 310 -8.27 -1.41 -69.77
CA ASN L 310 -7.59 -0.22 -69.27
C ASN L 310 -8.27 1.05 -69.76
N LEU L 311 -8.65 1.10 -71.03
CA LEU L 311 -9.30 2.30 -71.56
C LEU L 311 -10.63 2.53 -70.84
N ILE L 312 -11.40 1.46 -70.59
CA ILE L 312 -12.69 1.65 -69.91
C ILE L 312 -12.48 2.31 -68.56
N HIS L 313 -11.55 1.81 -67.76
CA HIS L 313 -11.47 2.35 -66.41
C HIS L 313 -10.76 3.70 -66.34
N PHE L 314 -9.77 3.94 -67.21
CA PHE L 314 -9.18 5.26 -67.26
C PHE L 314 -10.23 6.30 -67.57
N VAL L 315 -11.14 6.00 -68.51
CA VAL L 315 -12.28 6.87 -68.74
C VAL L 315 -13.14 6.95 -67.49
N GLY L 316 -13.29 5.81 -66.79
CA GLY L 316 -14.02 5.82 -65.54
C GLY L 316 -13.40 6.71 -64.47
N CYS L 317 -12.08 6.67 -64.31
CA CYS L 317 -11.49 7.63 -63.37
C CYS L 317 -11.73 9.04 -63.84
N TYR L 318 -11.57 9.31 -65.12
CA TYR L 318 -11.82 10.68 -65.54
C TYR L 318 -13.23 11.11 -65.17
N MET L 319 -14.18 10.19 -65.19
CA MET L 319 -15.54 10.55 -64.86
C MET L 319 -15.89 10.40 -63.39
N GLY L 320 -14.88 10.09 -62.58
CA GLY L 320 -15.03 9.96 -61.14
C GLY L 320 -15.65 8.66 -60.65
N GLN L 321 -15.70 7.62 -61.48
CA GLN L 321 -16.31 6.36 -61.06
C GLN L 321 -15.45 5.64 -60.04
N VAL L 322 -16.04 5.29 -58.90
CA VAL L 322 -15.23 4.64 -57.89
C VAL L 322 -14.77 3.26 -58.37
N ARG L 323 -15.64 2.52 -59.06
CA ARG L 323 -15.30 1.16 -59.49
C ARG L 323 -14.02 1.15 -60.32
N SER L 324 -13.89 2.10 -61.23
CA SER L 324 -12.70 2.19 -62.05
C SER L 324 -11.50 2.59 -61.22
N LEU L 325 -11.72 3.47 -60.25
CA LEU L 325 -10.62 3.99 -59.48
C LEU L 325 -9.93 2.88 -58.68
N ASN L 326 -10.68 1.87 -58.23
CA ASN L 326 -10.11 0.77 -57.45
C ASN L 326 -9.74 -0.46 -58.27
N ALA L 327 -10.07 -0.49 -59.56
CA ALA L 327 -9.75 -1.66 -60.37
C ALA L 327 -8.24 -1.74 -60.61
N THR L 328 -7.74 -2.95 -60.80
CA THR L 328 -6.31 -3.14 -60.99
C THR L 328 -5.93 -3.03 -62.47
N VAL L 329 -4.99 -2.14 -62.79
CA VAL L 329 -4.58 -1.92 -64.16
C VAL L 329 -3.72 -3.08 -64.66
N ILE L 330 -3.88 -3.45 -65.92
CA ILE L 330 -3.02 -4.44 -66.55
C ILE L 330 -1.78 -3.77 -67.11
N ALA L 331 -0.66 -3.96 -66.44
CA ALA L 331 0.56 -3.22 -66.80
C ALA L 331 1.10 -3.60 -68.16
N ALA L 332 0.96 -4.87 -68.54
CA ALA L 332 1.51 -5.31 -69.82
C ALA L 332 0.84 -4.56 -70.95
N CYS L 333 -0.46 -4.33 -70.81
CA CYS L 333 -1.28 -3.79 -71.87
C CYS L 333 -1.28 -2.26 -71.86
N ALA L 334 -0.09 -1.73 -72.17
CA ALA L 334 0.16 -0.33 -72.54
C ALA L 334 -0.73 0.64 -71.78
N PRO L 335 -0.55 0.75 -70.46
CA PRO L 335 -1.44 1.58 -69.66
C PRO L 335 -1.30 3.04 -69.98
N HIS L 336 -0.08 3.50 -70.28
CA HIS L 336 0.09 4.93 -70.55
C HIS L 336 -0.67 5.33 -71.78
N GLU L 337 -0.51 4.58 -72.86
CA GLU L 337 -1.20 4.94 -74.09
C GLU L 337 -2.71 4.88 -73.88
N MET L 338 -3.21 3.85 -73.19
CA MET L 338 -4.64 3.80 -72.86
C MET L 338 -5.07 5.00 -72.04
N SER L 339 -4.22 5.45 -71.13
CA SER L 339 -4.61 6.59 -70.31
C SER L 339 -4.80 7.84 -71.16
N VAL L 340 -3.94 8.07 -72.16
CA VAL L 340 -4.07 9.26 -73.00
C VAL L 340 -5.39 9.26 -73.76
N LEU L 341 -5.68 8.13 -74.45
CA LEU L 341 -6.96 8.02 -75.13
C LEU L 341 -8.10 8.22 -74.16
N GLY L 342 -7.96 7.66 -72.95
CA GLY L 342 -9.03 7.77 -71.98
C GLY L 342 -9.31 9.20 -71.59
N GLY L 343 -8.25 10.02 -71.51
CA GLY L 343 -8.45 11.44 -71.24
C GLY L 343 -9.23 12.14 -72.34
N TYR L 344 -8.90 11.87 -73.62
CA TYR L 344 -9.65 12.52 -74.69
C TYR L 344 -11.09 12.01 -74.70
N LEU L 345 -11.27 10.69 -74.56
CA LEU L 345 -12.60 10.14 -74.52
C LEU L 345 -13.38 10.62 -73.31
N GLY L 346 -12.72 10.69 -72.15
CA GLY L 346 -13.39 11.16 -70.95
C GLY L 346 -13.85 12.59 -71.04
N GLU L 347 -13.01 13.45 -71.62
CA GLU L 347 -13.39 14.84 -71.83
C GLU L 347 -14.71 14.92 -72.59
N GLU L 348 -14.83 14.11 -73.65
CA GLU L 348 -16.03 14.13 -74.50
C GLU L 348 -17.28 13.69 -73.76
N PHE L 349 -17.18 12.64 -72.95
CA PHE L 349 -18.35 12.06 -72.27
C PHE L 349 -18.62 12.58 -70.89
N PHE L 350 -17.74 13.40 -70.32
CA PHE L 350 -17.94 13.92 -68.95
C PHE L 350 -18.64 15.26 -68.98
N GLY L 351 -19.81 15.35 -68.35
CA GLY L 351 -20.48 16.62 -68.29
C GLY L 351 -21.23 17.02 -69.53
N LYS L 352 -21.43 16.10 -70.47
CA LYS L 352 -22.07 16.40 -71.73
C LYS L 352 -23.11 15.32 -72.00
N GLY L 353 -24.24 15.72 -72.59
CA GLY L 353 -25.26 14.77 -73.00
C GLY L 353 -25.84 15.19 -74.32
N THR L 354 -26.34 14.19 -75.08
CA THR L 354 -27.00 14.42 -76.37
C THR L 354 -28.49 14.43 -76.09
N PHE L 355 -29.12 15.62 -76.15
CA PHE L 355 -30.51 15.75 -75.74
C PHE L 355 -31.37 16.15 -76.93
N GLU L 356 -32.55 15.54 -77.04
CA GLU L 356 -33.46 15.86 -78.13
C GLU L 356 -34.89 15.83 -77.60
N ARG L 357 -35.74 16.73 -78.06
CA ARG L 357 -37.13 16.65 -77.63
C ARG L 357 -37.81 15.43 -78.23
N ARG L 358 -38.42 14.57 -77.40
CA ARG L 358 -39.10 13.39 -77.90
C ARG L 358 -40.60 13.37 -77.57
N PHE L 359 -41.06 14.17 -76.59
CA PHE L 359 -42.46 14.18 -76.15
C PHE L 359 -43.06 15.56 -76.35
N PHE L 360 -44.22 15.60 -77.00
CA PHE L 360 -44.92 16.83 -77.35
C PHE L 360 -46.39 16.69 -77.00
N ARG L 361 -47.06 17.85 -76.80
CA ARG L 361 -48.50 17.86 -76.48
C ARG L 361 -49.34 17.42 -77.68
N ASP L 362 -48.98 17.90 -78.89
CA ASP L 362 -49.76 17.68 -80.11
C ASP L 362 -48.89 17.14 -81.22
N GLU L 363 -49.55 16.49 -82.19
CA GLU L 363 -48.79 16.05 -83.35
C GLU L 363 -48.23 17.25 -84.10
N LYS L 364 -48.98 18.35 -84.12
CA LYS L 364 -48.53 19.57 -84.81
C LYS L 364 -47.25 20.09 -84.19
N GLU L 365 -47.16 20.06 -82.85
CA GLU L 365 -45.97 20.50 -82.14
C GLU L 365 -44.77 19.64 -82.54
N LEU L 366 -45.02 18.35 -82.72
CA LEU L 366 -43.95 17.46 -83.18
C LEU L 366 -43.46 17.92 -84.54
N GLN L 367 -44.40 18.27 -85.45
CA GLN L 367 -44.07 18.75 -86.78
C GLN L 367 -43.32 20.08 -86.70
N GLU L 368 -43.77 20.96 -85.81
CA GLU L 368 -43.09 22.24 -85.67
C GLU L 368 -41.64 22.01 -85.26
N TYR L 369 -41.38 21.07 -84.33
CA TYR L 369 -40.02 20.75 -83.89
C TYR L 369 -39.19 20.05 -84.98
N GLU L 370 -39.84 19.36 -85.92
CA GLU L 370 -39.10 18.66 -86.95
C GLU L 370 -38.48 19.65 -87.94
N ALA L 371 -39.17 20.77 -88.14
CA ALA L 371 -38.74 21.91 -88.94
C ALA L 371 -37.71 22.73 -88.17
N ALA L 372 -36.48 22.23 -88.11
CA ALA L 372 -35.44 22.94 -87.36
C ALA L 372 -34.04 22.55 -87.83
N GLU L 398 -17.53 20.24 -79.69
CA GLU L 398 -18.86 20.82 -79.83
C GLU L 398 -19.88 19.76 -80.23
N THR L 399 -19.55 19.06 -81.30
CA THR L 399 -20.33 17.92 -81.76
C THR L 399 -19.64 16.62 -81.33
N ARG L 400 -20.42 15.67 -80.84
CA ARG L 400 -19.92 14.39 -80.38
C ARG L 400 -19.90 13.38 -81.52
N SER L 401 -18.70 13.00 -81.96
CA SER L 401 -18.54 12.03 -83.03
C SER L 401 -17.16 11.38 -82.92
N PRO L 402 -16.99 10.16 -83.40
CA PRO L 402 -15.63 9.60 -83.40
C PRO L 402 -14.66 10.46 -84.18
N GLU L 403 -15.10 10.97 -85.32
CA GLU L 403 -14.24 11.74 -86.20
C GLU L 403 -13.74 13.01 -85.51
N ALA L 404 -14.61 13.66 -84.72
CA ALA L 404 -14.24 14.88 -84.01
C ALA L 404 -13.19 14.62 -82.96
N VAL L 405 -13.38 13.55 -82.19
CA VAL L 405 -12.41 13.28 -81.15
C VAL L 405 -11.07 12.97 -81.80
N TYR L 406 -11.08 12.12 -82.84
CA TYR L 406 -9.83 11.71 -83.46
C TYR L 406 -9.04 12.89 -83.96
N THR L 407 -9.70 13.83 -84.64
CA THR L 407 -9.00 15.01 -85.16
C THR L 407 -8.46 15.84 -84.00
N ARG L 408 -9.22 15.98 -82.92
CA ARG L 408 -8.77 16.77 -81.78
C ARG L 408 -7.49 16.16 -81.18
N ILE L 409 -7.42 14.82 -81.08
CA ILE L 409 -6.20 14.15 -80.61
C ILE L 409 -5.04 14.41 -81.56
N MET L 410 -5.30 14.34 -82.87
CA MET L 410 -4.27 14.58 -83.86
C MET L 410 -3.76 16.02 -83.78
N MET L 411 -4.68 16.98 -83.56
CA MET L 411 -4.26 18.38 -83.45
C MET L 411 -3.30 18.58 -82.28
N ASN L 412 -3.54 17.90 -81.16
CA ASN L 412 -2.63 18.04 -80.03
C ASN L 412 -1.48 17.08 -80.09
N GLY L 413 -1.27 16.45 -81.24
CA GLY L 413 -0.14 15.57 -81.44
C GLY L 413 -0.19 14.29 -80.66
N GLY L 414 -1.39 13.82 -80.31
CA GLY L 414 -1.52 12.60 -79.53
C GLY L 414 -1.01 12.71 -78.13
N ARG L 415 -0.93 13.94 -77.61
CA ARG L 415 -0.41 14.17 -76.28
C ARG L 415 -1.55 14.67 -75.40
N LEU L 416 -1.56 14.22 -74.14
CA LEU L 416 -2.62 14.61 -73.21
C LEU L 416 -2.67 16.12 -73.04
N LYS L 417 -3.88 16.68 -72.95
CA LYS L 417 -3.96 18.11 -72.64
C LYS L 417 -3.67 18.35 -71.15
N ARG L 418 -3.22 19.57 -70.84
CA ARG L 418 -2.96 19.88 -69.43
C ARG L 418 -4.22 19.68 -68.61
N SER L 419 -5.38 20.08 -69.17
CA SER L 419 -6.64 19.90 -68.46
C SER L 419 -6.93 18.43 -68.20
N HIS L 420 -6.67 17.56 -69.18
CA HIS L 420 -6.81 16.13 -68.95
C HIS L 420 -5.99 15.71 -67.75
N ILE L 421 -4.73 16.15 -67.71
CA ILE L 421 -3.88 15.82 -66.57
C ILE L 421 -4.42 16.42 -65.29
N ARG L 422 -4.89 17.68 -65.34
CA ARG L 422 -5.46 18.24 -64.12
C ARG L 422 -6.61 17.40 -63.62
N ARG L 423 -7.50 17.01 -64.52
CA ARG L 423 -8.64 16.20 -64.11
C ARG L 423 -8.21 14.87 -63.52
N TYR L 424 -7.27 14.17 -64.18
CA TYR L 424 -6.83 12.88 -63.67
C TYR L 424 -6.28 12.98 -62.26
N VAL L 425 -5.42 13.96 -62.02
CA VAL L 425 -4.78 14.10 -60.72
C VAL L 425 -5.78 14.46 -59.64
N SER L 426 -6.70 15.37 -59.95
CA SER L 426 -7.68 15.78 -58.96
C SER L 426 -8.52 14.58 -58.55
N VAL L 427 -8.90 13.73 -59.50
CA VAL L 427 -9.66 12.55 -59.12
C VAL L 427 -8.80 11.60 -58.32
N SER L 428 -7.59 11.33 -58.80
CA SER L 428 -6.79 10.31 -58.14
C SER L 428 -6.36 10.76 -56.75
N SER L 429 -5.99 12.02 -56.60
CA SER L 429 -5.47 12.51 -55.32
C SER L 429 -6.55 12.52 -54.25
N ASN L 430 -7.80 12.87 -54.61
CA ASN L 430 -8.93 12.88 -53.67
C ASN L 430 -9.57 11.49 -53.58
N HIS L 431 -8.69 10.52 -53.36
CA HIS L 431 -9.12 9.14 -53.24
C HIS L 431 -8.06 8.33 -52.51
N GLN L 432 -8.54 7.37 -51.72
CA GLN L 432 -7.71 6.44 -50.98
C GLN L 432 -7.24 5.41 -51.98
N ALA L 433 -6.12 5.73 -52.63
CA ALA L 433 -5.58 4.93 -53.72
C ALA L 433 -5.17 3.54 -53.23
N ARG L 434 -5.72 2.48 -53.84
CA ARG L 434 -5.37 1.10 -53.50
C ARG L 434 -4.03 0.70 -54.12
N PRO L 435 -3.41 -0.40 -53.64
CA PRO L 435 -2.06 -0.77 -54.09
C PRO L 435 -1.79 -0.73 -55.59
N ASN L 436 -2.46 -1.55 -56.42
CA ASN L 436 -2.19 -1.55 -57.86
C ASN L 436 -3.36 -1.00 -58.66
N SER L 437 -4.12 -0.12 -58.06
CA SER L 437 -5.32 0.39 -58.70
C SER L 437 -4.98 1.38 -59.81
N PHE L 438 -6.01 1.70 -60.58
CA PHE L 438 -5.91 2.77 -61.56
C PHE L 438 -5.63 4.10 -60.88
N ALA L 439 -6.19 4.32 -59.69
CA ALA L 439 -5.91 5.55 -58.95
C ALA L 439 -4.43 5.63 -58.61
N GLU L 440 -3.85 4.53 -58.14
CA GLU L 440 -2.43 4.57 -57.83
C GLU L 440 -1.61 4.84 -59.08
N PHE L 441 -1.97 4.21 -60.20
CA PHE L 441 -1.26 4.48 -61.44
C PHE L 441 -1.36 5.94 -61.81
N LEU L 442 -2.56 6.50 -61.75
CA LEU L 442 -2.73 7.89 -62.14
C LEU L 442 -1.90 8.79 -61.24
N ASN L 443 -1.90 8.50 -59.95
CA ASN L 443 -1.16 9.30 -58.98
C ASN L 443 0.34 9.21 -59.22
N LYS L 444 0.87 7.98 -59.38
CA LYS L 444 2.29 7.78 -59.58
C LYS L 444 2.75 8.37 -60.91
N THR L 445 1.87 8.37 -61.91
CA THR L 445 2.29 8.82 -63.23
C THR L 445 2.26 10.34 -63.35
N TYR L 446 1.12 11.00 -63.04
CA TYR L 446 1.00 12.46 -63.21
C TYR L 446 0.83 13.17 -61.86
N SER L 447 1.90 13.69 -61.26
CA SER L 447 1.77 14.34 -59.95
C SER L 447 2.46 15.68 -59.76
N SER L 448 3.28 16.15 -60.69
CA SER L 448 3.84 17.47 -60.49
C SER L 448 3.23 18.49 -61.42
N ASP M 4 -25.92 -6.59 -88.70
CA ASP M 4 -26.63 -5.54 -89.44
C ASP M 4 -26.63 -4.10 -88.87
N LYS M 5 -26.12 -3.08 -89.59
CA LYS M 5 -26.14 -1.68 -89.11
C LYS M 5 -25.28 -1.51 -87.87
N ILE M 6 -25.59 -2.35 -86.89
CA ILE M 6 -24.86 -2.40 -85.60
C ILE M 6 -23.74 -3.43 -85.79
N VAL M 7 -22.64 -2.97 -86.40
CA VAL M 7 -21.55 -3.83 -86.83
C VAL M 7 -20.32 -2.96 -87.03
N PHE M 8 -19.12 -3.55 -86.95
CA PHE M 8 -17.92 -2.78 -87.20
C PHE M 8 -16.95 -3.53 -88.11
N LYS M 9 -15.92 -2.82 -88.59
CA LYS M 9 -14.87 -3.38 -89.44
C LYS M 9 -13.55 -3.41 -88.69
N VAL M 10 -13.05 -4.62 -88.40
CA VAL M 10 -12.15 -4.80 -87.27
C VAL M 10 -10.79 -5.36 -87.70
N ASN M 11 -10.56 -5.59 -89.01
CA ASN M 11 -9.29 -6.23 -89.42
C ASN M 11 -8.41 -5.47 -90.40
N ASN M 12 -7.13 -5.87 -90.37
CA ASN M 12 -6.07 -5.44 -91.29
C ASN M 12 -5.60 -6.69 -92.07
N GLN M 13 -5.26 -6.48 -93.35
CA GLN M 13 -4.91 -7.44 -94.41
C GLN M 13 -6.08 -8.35 -94.77
N VAL M 14 -7.21 -8.20 -94.09
CA VAL M 14 -8.50 -8.83 -94.35
C VAL M 14 -9.57 -7.90 -93.78
N VAL M 15 -10.84 -8.13 -94.11
CA VAL M 15 -11.90 -7.29 -93.58
C VAL M 15 -12.82 -8.19 -92.77
N SER M 16 -13.11 -7.77 -91.54
CA SER M 16 -13.95 -8.57 -90.67
C SER M 16 -15.08 -7.71 -90.11
N LEU M 17 -16.31 -8.20 -90.18
CA LEU M 17 -17.48 -7.50 -89.65
C LEU M 17 -18.04 -8.32 -88.50
N LYS M 18 -18.15 -7.72 -87.32
CA LYS M 18 -18.65 -8.42 -86.17
C LYS M 18 -19.71 -7.59 -85.45
N PRO M 19 -20.83 -8.18 -85.00
CA PRO M 19 -21.74 -7.46 -84.10
C PRO M 19 -21.26 -7.78 -82.69
N GLU M 20 -20.93 -6.77 -81.95
CA GLU M 20 -20.49 -6.98 -80.58
C GLU M 20 -21.72 -7.44 -79.79
N ILE M 21 -21.58 -8.52 -79.01
CA ILE M 21 -22.68 -9.13 -78.25
C ILE M 21 -22.46 -8.79 -76.79
N ILE M 22 -23.49 -8.32 -76.11
CA ILE M 22 -23.33 -7.90 -74.72
C ILE M 22 -24.36 -8.59 -73.81
N VAL M 23 -23.99 -8.71 -72.54
CA VAL M 23 -24.81 -9.47 -71.60
C VAL M 23 -26.20 -8.84 -71.47
N ASP M 24 -27.26 -9.66 -71.51
CA ASP M 24 -28.61 -9.15 -71.32
C ASP M 24 -29.47 -10.20 -70.60
N GLN M 25 -30.46 -9.76 -69.80
CA GLN M 25 -31.31 -10.71 -69.05
C GLN M 25 -32.65 -10.15 -68.54
N HIS M 26 -33.38 -9.34 -69.31
CA HIS M 26 -34.58 -8.73 -68.74
C HIS M 26 -35.77 -8.71 -69.71
N GLU M 27 -36.95 -8.94 -69.14
CA GLU M 27 -38.27 -8.87 -69.75
C GLU M 27 -39.25 -8.55 -68.61
N TYR M 28 -40.35 -7.83 -68.87
CA TYR M 28 -41.26 -7.38 -67.79
C TYR M 28 -42.69 -7.88 -67.97
N LYS M 29 -43.24 -8.48 -66.92
CA LYS M 29 -44.62 -8.96 -66.83
C LYS M 29 -45.52 -7.89 -66.20
N TYR M 30 -46.73 -7.78 -66.72
CA TYR M 30 -47.67 -6.75 -66.31
C TYR M 30 -48.70 -7.29 -65.33
N PRO M 31 -49.27 -6.41 -64.50
CA PRO M 31 -50.12 -6.83 -63.36
C PRO M 31 -51.59 -7.05 -63.68
N ALA M 32 -52.05 -6.71 -64.87
CA ALA M 32 -53.47 -6.80 -65.18
C ALA M 32 -54.03 -8.19 -64.90
N ILE M 33 -55.29 -8.25 -64.47
CA ILE M 33 -55.97 -9.52 -64.20
C ILE M 33 -56.93 -9.83 -65.33
N LYS M 34 -56.50 -10.69 -66.27
CA LYS M 34 -57.40 -11.11 -67.34
C LYS M 34 -58.24 -12.35 -67.03
N ASP M 35 -57.74 -13.33 -66.24
CA ASP M 35 -58.47 -14.59 -65.98
C ASP M 35 -59.76 -14.42 -65.17
N LEU M 36 -59.96 -13.25 -64.56
CA LEU M 36 -61.12 -12.94 -63.71
C LEU M 36 -61.10 -13.75 -62.41
N LYS M 37 -59.92 -14.19 -62.00
CA LYS M 37 -59.73 -14.99 -60.80
C LYS M 37 -59.01 -14.16 -59.75
N LYS M 38 -59.56 -14.10 -58.54
CA LYS M 38 -58.91 -13.39 -57.45
C LYS M 38 -57.59 -14.11 -57.13
N PRO M 39 -56.54 -13.38 -56.72
CA PRO M 39 -55.26 -14.05 -56.44
C PRO M 39 -55.49 -15.09 -55.35
N CYS M 40 -54.93 -16.29 -55.49
CA CYS M 40 -55.26 -17.30 -54.46
C CYS M 40 -54.00 -18.03 -54.01
N ILE M 41 -53.92 -18.36 -52.71
CA ILE M 41 -52.98 -19.37 -52.24
C ILE M 41 -53.87 -20.34 -51.46
N THR M 42 -53.90 -21.60 -51.89
CA THR M 42 -54.72 -22.60 -51.25
C THR M 42 -54.09 -22.97 -49.92
N LEU M 43 -54.94 -23.13 -48.90
CA LEU M 43 -54.48 -23.32 -47.53
C LEU M 43 -54.69 -24.74 -47.03
N GLY M 44 -53.74 -25.17 -46.18
CA GLY M 44 -53.64 -26.51 -45.61
C GLY M 44 -54.88 -27.09 -44.98
N LYS M 45 -55.33 -26.59 -43.80
CA LYS M 45 -56.51 -27.15 -43.13
C LYS M 45 -57.42 -26.10 -42.55
N ALA M 46 -58.73 -26.38 -42.58
CA ALA M 46 -59.74 -25.52 -41.94
C ALA M 46 -59.54 -25.52 -40.43
N PRO M 47 -59.47 -24.34 -39.76
CA PRO M 47 -59.21 -24.32 -38.31
C PRO M 47 -60.35 -23.92 -37.39
N ASP M 48 -60.44 -24.59 -36.25
CA ASP M 48 -61.32 -24.11 -35.20
C ASP M 48 -60.67 -22.87 -34.60
N LEU M 49 -61.42 -21.76 -34.56
CA LEU M 49 -60.85 -20.46 -34.19
C LEU M 49 -60.14 -20.49 -32.83
N ASN M 50 -60.87 -20.80 -31.74
CA ASN M 50 -60.30 -20.78 -30.39
C ASN M 50 -59.07 -21.70 -30.26
N LYS M 51 -59.13 -22.90 -30.87
CA LYS M 51 -58.00 -23.81 -30.78
C LYS M 51 -56.82 -23.26 -31.56
N ALA M 52 -57.12 -22.71 -32.74
CA ALA M 52 -56.06 -22.15 -33.55
C ALA M 52 -55.35 -21.01 -32.84
N TYR M 53 -56.12 -20.14 -32.16
CA TYR M 53 -55.47 -19.00 -31.50
C TYR M 53 -54.45 -19.44 -30.47
N LYS M 54 -54.80 -20.48 -29.70
CA LYS M 54 -53.96 -20.93 -28.59
C LYS M 54 -52.59 -21.39 -29.07
N SER M 55 -52.55 -22.15 -30.16
CA SER M 55 -51.25 -22.62 -30.66
C SER M 55 -50.39 -21.46 -31.14
N VAL M 56 -50.99 -20.56 -31.93
CA VAL M 56 -50.27 -19.44 -32.57
C VAL M 56 -49.82 -18.45 -31.51
N LEU M 57 -50.63 -18.24 -30.47
CA LEU M 57 -50.17 -17.41 -29.36
C LEU M 57 -48.95 -18.05 -28.70
N SER M 58 -48.98 -19.38 -28.57
CA SER M 58 -47.85 -20.15 -28.05
C SER M 58 -46.64 -20.06 -28.93
N GLY M 59 -46.83 -20.27 -30.23
CA GLY M 59 -45.71 -20.14 -31.14
C GLY M 59 -45.11 -18.75 -31.06
N MET M 60 -45.94 -17.71 -30.93
CA MET M 60 -45.37 -16.37 -30.86
C MET M 60 -44.46 -16.21 -29.67
N SER M 61 -44.95 -16.65 -28.51
CA SER M 61 -44.22 -16.47 -27.28
C SER M 61 -42.95 -17.30 -27.29
N ALA M 62 -42.99 -18.43 -27.99
CA ALA M 62 -41.86 -19.35 -28.12
C ALA M 62 -40.86 -18.90 -29.17
N ALA M 63 -41.13 -17.83 -29.93
CA ALA M 63 -40.19 -17.37 -30.96
C ALA M 63 -39.98 -18.49 -31.98
N LYS M 64 -40.90 -19.46 -31.93
CA LYS M 64 -40.94 -20.57 -32.85
C LYS M 64 -41.64 -20.13 -34.13
N LEU M 65 -40.98 -20.35 -35.25
CA LEU M 65 -41.47 -19.90 -36.55
C LEU M 65 -42.28 -21.03 -37.20
N ASP M 66 -43.61 -20.82 -37.31
CA ASP M 66 -44.51 -21.73 -38.03
C ASP M 66 -45.28 -21.03 -39.14
N PRO M 67 -44.61 -20.72 -40.26
CA PRO M 67 -45.23 -19.86 -41.28
C PRO M 67 -46.51 -20.42 -41.90
N ASP M 68 -46.56 -21.70 -42.26
CA ASP M 68 -47.75 -22.24 -42.91
C ASP M 68 -48.97 -22.20 -42.00
N ASP M 69 -48.78 -22.50 -40.73
CA ASP M 69 -49.91 -22.48 -39.81
C ASP M 69 -50.36 -21.04 -39.56
N VAL M 70 -49.38 -20.14 -39.39
CA VAL M 70 -49.66 -18.72 -39.17
C VAL M 70 -50.57 -18.22 -40.28
N CYS M 71 -50.28 -18.66 -41.51
CA CYS M 71 -51.07 -18.27 -42.68
C CYS M 71 -52.52 -18.76 -42.59
N SER M 72 -52.77 -20.04 -42.20
CA SER M 72 -54.14 -20.57 -42.07
C SER M 72 -54.92 -19.85 -40.99
N TYR M 73 -54.23 -19.52 -39.89
CA TYR M 73 -54.81 -18.76 -38.79
C TYR M 73 -55.23 -17.37 -39.23
N LEU M 74 -54.35 -16.71 -39.99
CA LEU M 74 -54.63 -15.38 -40.51
C LEU M 74 -55.86 -15.41 -41.39
N ALA M 75 -56.04 -16.51 -42.14
CA ALA M 75 -57.23 -16.69 -42.96
C ALA M 75 -58.48 -16.83 -42.10
N ALA M 76 -58.39 -17.59 -41.01
CA ALA M 76 -59.52 -17.72 -40.12
C ALA M 76 -59.82 -16.37 -39.47
N ALA M 77 -58.76 -15.63 -39.11
CA ALA M 77 -58.96 -14.35 -38.44
C ALA M 77 -59.61 -13.34 -39.39
N MET M 78 -59.48 -13.55 -40.70
CA MET M 78 -60.10 -12.64 -41.66
C MET M 78 -61.61 -12.67 -41.51
N GLN M 79 -62.14 -13.79 -40.99
CA GLN M 79 -63.56 -13.89 -40.72
C GLN M 79 -63.96 -12.90 -39.62
N PHE M 80 -63.05 -12.64 -38.68
CA PHE M 80 -63.35 -11.77 -37.53
C PHE M 80 -63.59 -10.32 -37.94
N PHE M 81 -62.81 -9.79 -38.90
CA PHE M 81 -62.86 -8.38 -39.32
C PHE M 81 -63.93 -8.19 -40.39
N GLU M 82 -64.99 -7.46 -40.08
CA GLU M 82 -66.09 -7.33 -41.03
C GLU M 82 -66.56 -5.88 -41.06
N GLY M 83 -66.90 -5.40 -42.25
CA GLY M 83 -67.41 -4.05 -42.40
C GLY M 83 -68.21 -3.91 -43.67
N THR M 84 -69.08 -2.92 -43.68
CA THR M 84 -69.82 -2.61 -44.90
C THR M 84 -68.94 -1.84 -45.90
N CYS M 85 -69.13 -2.12 -47.19
CA CYS M 85 -68.40 -1.44 -48.28
C CYS M 85 -69.07 -0.11 -48.60
N PRO M 86 -68.33 1.00 -48.62
CA PRO M 86 -68.99 2.32 -48.76
C PRO M 86 -69.64 2.51 -50.12
N GLU M 87 -68.94 2.08 -51.17
CA GLU M 87 -69.40 2.21 -52.54
C GLU M 87 -69.06 0.91 -53.24
N ASP M 88 -69.65 0.72 -54.42
CA ASP M 88 -69.39 -0.49 -55.19
C ASP M 88 -67.90 -0.60 -55.51
N TRP M 89 -67.36 -1.80 -55.36
CA TRP M 89 -65.93 -2.05 -55.52
C TRP M 89 -65.67 -2.81 -56.83
N THR M 90 -65.13 -2.13 -57.86
CA THR M 90 -64.79 -2.77 -59.14
C THR M 90 -63.27 -2.76 -59.38
N SER M 91 -62.68 -3.95 -59.60
CA SER M 91 -61.26 -4.02 -59.98
C SER M 91 -61.03 -4.48 -61.41
N TYR M 92 -59.93 -5.24 -61.59
CA TYR M 92 -59.53 -5.75 -62.89
C TYR M 92 -60.58 -6.72 -63.41
N GLY M 93 -61.82 -6.24 -63.57
CA GLY M 93 -62.90 -7.07 -64.05
C GLY M 93 -63.55 -7.90 -62.97
N ILE M 94 -63.01 -7.86 -61.72
CA ILE M 94 -63.56 -8.57 -60.59
C ILE M 94 -64.23 -7.56 -59.69
N VAL M 95 -65.49 -7.79 -59.35
CA VAL M 95 -66.20 -6.85 -58.49
C VAL M 95 -66.32 -7.52 -57.14
N ILE M 96 -65.95 -6.80 -56.09
CA ILE M 96 -65.97 -7.33 -54.75
C ILE M 96 -67.03 -6.54 -54.03
N ALA M 97 -68.13 -7.19 -53.67
CA ALA M 97 -69.31 -6.56 -53.02
C ALA M 97 -69.93 -5.39 -53.80
N ARG M 98 -70.83 -4.70 -53.12
CA ARG M 98 -71.58 -3.58 -53.63
C ARG M 98 -71.84 -2.64 -52.47
N LYS M 99 -72.22 -1.39 -52.74
CA LYS M 99 -72.38 -0.47 -51.61
C LYS M 99 -73.41 -1.02 -50.62
N GLY M 100 -73.07 -0.94 -49.33
CA GLY M 100 -73.84 -1.40 -48.19
C GLY M 100 -73.68 -2.87 -47.90
N ASP M 101 -72.76 -3.55 -48.59
CA ASP M 101 -72.58 -4.99 -48.43
C ASP M 101 -71.46 -5.28 -47.45
N LYS M 102 -71.75 -6.10 -46.44
CA LYS M 102 -70.68 -6.39 -45.50
C LYS M 102 -69.66 -7.30 -46.17
N ILE M 103 -68.36 -7.08 -45.85
CA ILE M 103 -67.26 -7.83 -46.45
C ILE M 103 -66.16 -8.13 -45.41
N THR M 104 -65.32 -9.14 -45.69
CA THR M 104 -64.17 -9.49 -44.89
C THR M 104 -62.89 -9.38 -45.72
N PRO M 105 -61.70 -9.39 -45.08
CA PRO M 105 -60.46 -9.53 -45.88
C PRO M 105 -60.43 -10.80 -46.70
N GLY M 106 -61.04 -11.89 -46.19
CA GLY M 106 -61.18 -13.15 -46.89
C GLY M 106 -62.04 -13.07 -48.16
N SER M 107 -63.00 -12.11 -48.23
CA SER M 107 -63.90 -11.94 -49.37
C SER M 107 -63.20 -11.28 -50.57
N LEU M 108 -62.07 -10.58 -50.34
CA LEU M 108 -61.33 -9.91 -51.42
C LEU M 108 -60.51 -10.87 -52.25
N VAL M 109 -60.00 -11.94 -51.66
CA VAL M 109 -59.23 -12.92 -52.40
C VAL M 109 -60.02 -14.20 -52.25
N GLU M 110 -59.55 -15.28 -52.87
CA GLU M 110 -60.16 -16.58 -52.72
C GLU M 110 -59.11 -17.55 -52.18
N ILE M 111 -59.42 -18.21 -51.08
CA ILE M 111 -58.58 -19.28 -50.59
C ILE M 111 -59.32 -20.59 -50.75
N LYS M 112 -58.66 -21.57 -51.39
CA LYS M 112 -59.19 -22.90 -51.59
C LYS M 112 -58.69 -23.71 -50.41
N ARG M 113 -59.60 -24.39 -49.71
CA ARG M 113 -59.20 -25.09 -48.50
C ARG M 113 -59.00 -26.57 -48.83
N THR M 114 -57.85 -27.10 -48.43
CA THR M 114 -57.41 -28.48 -48.61
C THR M 114 -57.72 -29.26 -47.34
N ASP M 115 -57.91 -30.55 -47.51
CA ASP M 115 -58.14 -31.42 -46.37
C ASP M 115 -56.85 -31.91 -45.74
N VAL M 116 -55.69 -31.37 -46.15
CA VAL M 116 -54.41 -31.84 -45.63
C VAL M 116 -54.19 -31.34 -44.22
N GLU M 117 -53.55 -32.20 -43.41
CA GLU M 117 -53.30 -31.92 -42.01
C GLU M 117 -52.10 -30.99 -41.89
N GLY M 118 -52.09 -30.25 -40.79
CA GLY M 118 -51.00 -29.35 -40.48
C GLY M 118 -50.75 -29.24 -38.98
N ASN M 119 -49.49 -28.92 -38.66
CA ASN M 119 -48.93 -29.08 -37.31
C ASN M 119 -48.97 -27.78 -36.48
N TRP M 120 -49.94 -27.70 -35.52
CA TRP M 120 -50.07 -26.60 -34.54
C TRP M 120 -49.44 -26.99 -33.20
N ALA M 121 -48.26 -26.43 -32.92
CA ALA M 121 -47.51 -26.78 -31.70
C ALA M 121 -47.60 -25.69 -30.66
N LEU M 122 -47.65 -26.13 -29.41
CA LEU M 122 -47.71 -25.26 -28.23
C LEU M 122 -46.30 -25.26 -27.65
N THR M 123 -45.50 -24.36 -28.14
CA THR M 123 -44.14 -24.34 -27.66
C THR M 123 -43.91 -23.27 -26.61
N GLY M 124 -44.71 -22.20 -26.66
CA GLY M 124 -44.52 -21.13 -25.71
C GLY M 124 -45.69 -20.98 -24.76
N GLY M 125 -45.46 -20.31 -23.65
CA GLY M 125 -46.45 -20.18 -22.59
C GLY M 125 -47.71 -19.37 -22.81
N MET M 126 -48.87 -20.01 -22.97
CA MET M 126 -50.17 -19.32 -22.98
C MET M 126 -51.02 -19.73 -21.77
N GLU M 127 -51.51 -18.73 -21.01
CA GLU M 127 -52.29 -18.97 -19.78
C GLU M 127 -53.80 -18.83 -19.98
N LEU M 128 -54.25 -18.49 -21.19
CA LEU M 128 -55.67 -18.25 -21.49
C LEU M 128 -56.41 -19.58 -21.54
N THR M 129 -56.85 -20.04 -20.37
CA THR M 129 -57.68 -21.25 -20.35
C THR M 129 -59.00 -20.97 -21.04
N ARG M 130 -59.49 -19.73 -20.98
CA ARG M 130 -60.75 -19.38 -21.62
C ARG M 130 -60.55 -19.16 -23.11
N ASP M 131 -61.65 -19.23 -23.87
CA ASP M 131 -61.57 -18.94 -25.29
C ASP M 131 -61.21 -17.47 -25.50
N PRO M 132 -60.31 -17.16 -26.45
CA PRO M 132 -59.81 -15.79 -26.59
C PRO M 132 -60.88 -14.84 -27.13
N THR M 133 -60.78 -13.59 -26.74
CA THR M 133 -61.69 -12.56 -27.24
C THR M 133 -61.23 -12.02 -28.59
N VAL M 134 -62.17 -11.42 -29.32
CA VAL M 134 -61.88 -10.90 -30.67
C VAL M 134 -60.66 -9.96 -30.57
N PRO M 135 -60.64 -8.95 -29.69
CA PRO M 135 -59.41 -8.12 -29.50
C PRO M 135 -58.11 -8.88 -29.37
N GLU M 136 -58.08 -9.89 -28.52
CA GLU M 136 -56.90 -10.73 -28.39
C GLU M 136 -56.46 -11.26 -29.75
N HIS M 137 -57.42 -11.80 -30.53
CA HIS M 137 -57.14 -12.23 -31.90
C HIS M 137 -56.53 -11.08 -32.71
N ALA M 138 -57.16 -9.90 -32.65
CA ALA M 138 -56.68 -8.77 -33.45
C ALA M 138 -55.29 -8.36 -33.04
N SER M 139 -55.00 -8.41 -31.74
CA SER M 139 -53.68 -8.03 -31.24
C SER M 139 -52.60 -8.94 -31.80
N LEU M 140 -52.87 -10.24 -31.83
CA LEU M 140 -51.89 -11.18 -32.39
C LEU M 140 -51.75 -10.96 -33.89
N VAL M 141 -52.89 -10.83 -34.59
CA VAL M 141 -52.89 -10.68 -36.04
C VAL M 141 -52.03 -9.50 -36.43
N GLY M 142 -52.21 -8.37 -35.74
CA GLY M 142 -51.40 -7.20 -36.03
C GLY M 142 -49.93 -7.44 -35.75
N LEU M 143 -49.63 -8.11 -34.65
CA LEU M 143 -48.25 -8.40 -34.30
C LEU M 143 -47.58 -9.30 -35.33
N LEU M 144 -48.33 -10.31 -35.82
CA LEU M 144 -47.79 -11.21 -36.82
C LEU M 144 -47.49 -10.45 -38.12
N LEU M 145 -48.48 -9.68 -38.59
CA LEU M 145 -48.27 -8.93 -39.82
C LEU M 145 -47.14 -7.94 -39.65
N SER M 146 -47.06 -7.30 -38.48
CA SER M 146 -46.01 -6.33 -38.28
C SER M 146 -44.62 -6.92 -38.44
N LEU M 147 -44.50 -8.25 -38.44
CA LEU M 147 -43.20 -8.85 -38.68
C LEU M 147 -42.72 -8.59 -40.10
N TYR M 148 -43.67 -8.60 -41.06
CA TYR M 148 -43.31 -8.45 -42.46
C TYR M 148 -42.57 -7.13 -42.69
N ARG M 149 -43.09 -6.05 -42.12
CA ARG M 149 -42.45 -4.75 -42.21
C ARG M 149 -41.05 -4.75 -41.60
N LEU M 150 -40.88 -5.44 -40.48
CA LEU M 150 -39.60 -5.48 -39.76
C LEU M 150 -38.53 -6.25 -40.55
N SER M 151 -38.94 -7.33 -41.22
CA SER M 151 -38.05 -8.11 -42.07
C SER M 151 -37.51 -7.29 -43.24
N LYS M 152 -38.38 -6.49 -43.87
CA LYS M 152 -38.01 -5.72 -45.04
C LYS M 152 -36.96 -4.66 -44.69
N ILE M 153 -37.11 -4.00 -43.55
CA ILE M 153 -36.21 -2.88 -43.24
C ILE M 153 -34.85 -3.30 -42.67
N SER M 154 -34.07 -4.06 -43.46
CA SER M 154 -32.74 -4.51 -43.05
C SER M 154 -31.65 -3.87 -43.90
N GLY M 155 -30.56 -3.48 -43.25
CA GLY M 155 -29.46 -2.78 -43.91
C GLY M 155 -28.56 -2.19 -42.86
N GLN M 156 -27.52 -1.49 -43.31
CA GLN M 156 -26.59 -0.89 -42.34
C GLN M 156 -27.20 0.33 -41.66
N ASN M 157 -26.80 0.54 -40.41
CA ASN M 157 -27.25 1.64 -39.56
C ASN M 157 -28.78 1.69 -39.44
N THR M 158 -29.48 0.58 -39.73
CA THR M 158 -30.93 0.57 -39.53
C THR M 158 -31.35 -0.03 -38.20
N GLY M 159 -30.37 -0.25 -37.29
CA GLY M 159 -30.67 -0.87 -36.01
C GLY M 159 -31.57 0.01 -35.17
N ASN M 160 -31.10 1.22 -34.87
CA ASN M 160 -31.89 2.18 -34.11
C ASN M 160 -33.25 2.45 -34.76
N TYR M 161 -33.31 2.41 -36.11
CA TYR M 161 -34.58 2.66 -36.80
C TYR M 161 -35.57 1.50 -36.57
N LYS M 162 -35.09 0.25 -36.65
CA LYS M 162 -35.93 -0.92 -36.43
C LYS M 162 -36.56 -0.89 -35.03
N THR M 163 -35.74 -0.50 -34.03
CA THR M 163 -36.21 -0.45 -32.66
C THR M 163 -37.33 0.58 -32.51
N ASN M 164 -37.18 1.75 -33.12
CA ASN M 164 -38.21 2.76 -32.99
C ASN M 164 -39.54 2.27 -33.56
N ILE M 165 -39.48 1.61 -34.72
CA ILE M 165 -40.70 1.10 -35.36
C ILE M 165 -41.36 0.00 -34.51
N ALA M 166 -40.54 -0.89 -33.93
CA ALA M 166 -41.11 -1.97 -33.11
C ALA M 166 -41.83 -1.41 -31.88
N ASP M 167 -41.26 -0.38 -31.26
CA ASP M 167 -41.87 0.22 -30.07
C ASP M 167 -43.23 0.83 -30.38
N ARG M 168 -43.34 1.51 -31.53
CA ARG M 168 -44.60 2.09 -31.95
C ARG M 168 -45.65 1.02 -32.20
N ILE M 169 -45.25 -0.10 -32.82
CA ILE M 169 -46.18 -1.20 -33.08
C ILE M 169 -46.65 -1.79 -31.77
N GLU M 170 -45.71 -2.02 -30.85
CA GLU M 170 -46.09 -2.57 -29.56
C GLU M 170 -47.04 -1.65 -28.86
N GLN M 171 -46.77 -0.35 -28.90
CA GLN M 171 -47.68 0.58 -28.24
C GLN M 171 -49.06 0.54 -28.87
N ILE M 172 -49.14 0.35 -30.18
CA ILE M 172 -50.44 0.35 -30.86
C ILE M 172 -51.29 -0.81 -30.37
N PHE M 173 -50.71 -2.01 -30.29
CA PHE M 173 -51.41 -3.25 -29.94
C PHE M 173 -51.51 -3.51 -28.42
N GLU M 174 -50.89 -2.69 -27.56
CA GLU M 174 -51.10 -2.77 -26.12
C GLU M 174 -52.18 -1.77 -25.65
N THR M 175 -52.68 -0.91 -26.56
CA THR M 175 -53.64 0.16 -26.27
C THR M 175 -54.99 -0.14 -26.92
N ALA M 176 -56.06 0.49 -26.43
CA ALA M 176 -57.39 0.16 -26.93
C ALA M 176 -57.48 0.53 -28.41
N PRO M 177 -58.16 -0.26 -29.22
CA PRO M 177 -59.05 -1.39 -28.89
C PRO M 177 -58.31 -2.71 -28.71
N PHE M 178 -56.97 -2.71 -28.81
CA PHE M 178 -56.19 -3.93 -28.69
C PHE M 178 -55.77 -4.13 -27.23
N VAL M 179 -55.46 -5.37 -26.89
CA VAL M 179 -55.08 -5.72 -25.53
C VAL M 179 -53.65 -6.25 -25.54
N LYS M 180 -52.88 -5.94 -24.50
CA LYS M 180 -51.48 -6.37 -24.44
C LYS M 180 -51.38 -7.87 -24.19
N ILE M 181 -50.74 -8.60 -25.10
CA ILE M 181 -50.52 -10.02 -24.89
C ILE M 181 -49.04 -10.39 -24.87
N VAL M 182 -48.13 -9.50 -25.24
CA VAL M 182 -46.72 -9.89 -25.34
C VAL M 182 -45.78 -9.03 -24.49
N GLU M 183 -46.30 -8.23 -23.57
CA GLU M 183 -45.42 -7.36 -22.78
C GLU M 183 -44.54 -6.51 -23.70
N HIS M 184 -43.33 -6.16 -23.27
CA HIS M 184 -42.49 -5.25 -24.03
C HIS M 184 -41.27 -6.01 -24.53
N HIS M 185 -40.63 -5.44 -25.56
CA HIS M 185 -39.34 -5.88 -26.12
C HIS M 185 -39.35 -7.28 -26.70
N THR M 186 -40.48 -7.98 -26.64
CA THR M 186 -40.62 -9.27 -27.30
C THR M 186 -40.63 -9.15 -28.83
N LEU M 187 -41.20 -8.05 -29.35
CA LEU M 187 -41.29 -7.83 -30.80
C LEU M 187 -39.91 -7.61 -31.43
N MET M 188 -39.05 -6.81 -30.77
CA MET M 188 -37.69 -6.66 -31.27
C MET M 188 -36.96 -8.01 -31.30
N THR M 189 -37.11 -8.82 -30.25
CA THR M 189 -36.39 -10.09 -30.21
C THR M 189 -36.92 -11.07 -31.26
N THR M 190 -38.23 -11.18 -31.44
CA THR M 190 -38.75 -12.08 -32.47
C THR M 190 -38.35 -11.60 -33.87
N HIS M 191 -38.23 -10.28 -34.06
CA HIS M 191 -37.72 -9.72 -35.33
C HIS M 191 -36.27 -10.13 -35.56
N LYS M 192 -35.46 -10.14 -34.49
CA LYS M 192 -34.09 -10.63 -34.58
C LYS M 192 -34.07 -12.10 -34.95
N MET M 193 -35.07 -12.86 -34.45
CA MET M 193 -35.14 -14.28 -34.77
C MET M 193 -35.49 -14.47 -36.23
N CYS M 194 -36.44 -13.70 -36.74
CA CYS M 194 -36.78 -13.86 -38.15
C CYS M 194 -36.71 -12.48 -38.84
N ALA M 195 -35.57 -12.22 -39.52
CA ALA M 195 -35.29 -11.00 -40.29
C ALA M 195 -35.59 -11.20 -41.76
N ASN M 196 -35.88 -12.44 -42.16
CA ASN M 196 -36.19 -12.81 -43.54
C ASN M 196 -37.66 -13.21 -43.72
N TRP M 197 -38.55 -12.68 -42.89
CA TRP M 197 -39.95 -13.06 -43.05
C TRP M 197 -40.52 -12.55 -44.37
N SER M 198 -39.94 -11.44 -44.87
CA SER M 198 -40.38 -10.80 -46.10
C SER M 198 -40.23 -11.69 -47.34
N THR M 199 -39.17 -12.50 -47.39
CA THR M 199 -38.94 -13.36 -48.56
C THR M 199 -40.07 -14.40 -48.70
N ILE M 200 -40.66 -14.81 -47.58
CA ILE M 200 -41.71 -15.83 -47.64
C ILE M 200 -42.86 -15.33 -48.50
N PRO M 201 -43.27 -16.08 -49.52
CA PRO M 201 -44.37 -15.65 -50.39
C PRO M 201 -45.74 -15.61 -49.71
N ASN M 202 -46.07 -16.60 -48.89
CA ASN M 202 -47.39 -16.64 -48.29
C ASN M 202 -47.60 -15.47 -47.35
N PHE M 203 -46.52 -15.06 -46.67
CA PHE M 203 -46.54 -13.89 -45.79
C PHE M 203 -46.86 -12.59 -46.53
N ARG M 204 -46.22 -12.36 -47.67
CA ARG M 204 -46.53 -11.17 -48.44
C ARG M 204 -47.98 -11.17 -48.84
N PHE M 205 -48.47 -12.31 -49.31
CA PHE M 205 -49.84 -12.37 -49.81
C PHE M 205 -50.81 -11.92 -48.73
N LEU M 206 -50.61 -12.41 -47.50
CA LEU M 206 -51.53 -12.11 -46.42
C LEU M 206 -51.48 -10.63 -46.06
N ALA M 207 -50.27 -10.09 -45.96
CA ALA M 207 -50.09 -8.70 -45.56
C ALA M 207 -50.82 -7.77 -46.53
N GLY M 208 -50.66 -8.04 -47.83
CA GLY M 208 -51.35 -7.23 -48.81
C GLY M 208 -52.86 -7.35 -48.69
N THR M 209 -53.35 -8.58 -48.47
CA THR M 209 -54.80 -8.77 -48.40
C THR M 209 -55.36 -7.94 -47.26
N TYR M 210 -54.66 -7.98 -46.12
CA TYR M 210 -55.13 -7.19 -45.00
C TYR M 210 -55.08 -5.70 -45.35
N ASP M 211 -53.93 -5.26 -45.91
CA ASP M 211 -53.75 -3.85 -46.23
C ASP M 211 -54.82 -3.35 -47.19
N MET M 212 -55.15 -4.14 -48.20
CA MET M 212 -56.21 -3.76 -49.11
C MET M 212 -57.56 -3.60 -48.39
N PHE M 213 -57.90 -4.56 -47.51
CA PHE M 213 -59.17 -4.45 -46.82
C PHE M 213 -59.22 -3.19 -45.93
N PHE M 214 -58.13 -2.92 -45.19
CA PHE M 214 -58.18 -1.82 -44.22
C PHE M 214 -58.21 -0.44 -44.87
N SER M 215 -57.56 -0.27 -46.04
CA SER M 215 -57.60 1.04 -46.69
C SER M 215 -59.01 1.38 -47.14
N ARG M 216 -59.71 0.42 -47.73
CA ARG M 216 -61.05 0.68 -48.23
C ARG M 216 -62.07 0.75 -47.09
N ILE M 217 -62.01 -0.17 -46.12
CA ILE M 217 -63.04 -0.28 -45.08
C ILE M 217 -62.52 0.25 -43.76
N GLU M 218 -63.26 1.18 -43.17
CA GLU M 218 -62.92 1.64 -41.83
C GLU M 218 -63.34 0.57 -40.83
N HIS M 219 -62.45 0.26 -39.89
CA HIS M 219 -62.73 -0.77 -38.90
C HIS M 219 -62.10 -0.35 -37.59
N LEU M 220 -62.57 -0.97 -36.50
CA LEU M 220 -61.98 -0.71 -35.19
C LEU M 220 -60.52 -1.09 -35.17
N TYR M 221 -60.19 -2.22 -35.79
CA TYR M 221 -58.84 -2.72 -35.74
C TYR M 221 -58.04 -2.32 -36.97
N SER M 222 -58.41 -1.20 -37.59
CA SER M 222 -57.70 -0.76 -38.80
C SER M 222 -56.25 -0.42 -38.50
N ALA M 223 -55.87 -0.28 -37.22
CA ALA M 223 -54.49 0.05 -36.88
C ALA M 223 -53.54 -1.06 -37.25
N ILE M 224 -54.05 -2.27 -37.52
CA ILE M 224 -53.24 -3.40 -37.96
C ILE M 224 -52.46 -3.02 -39.20
N ARG M 225 -52.92 -1.97 -39.89
CA ARG M 225 -52.32 -1.53 -41.14
C ARG M 225 -50.86 -1.15 -40.97
N VAL M 226 -50.43 -0.77 -39.76
CA VAL M 226 -49.00 -0.58 -39.56
C VAL M 226 -48.34 -1.92 -39.79
N GLY M 227 -47.22 -1.91 -40.48
CA GLY M 227 -46.69 -3.23 -40.81
C GLY M 227 -47.24 -3.81 -42.11
N THR M 228 -48.52 -3.61 -42.47
CA THR M 228 -48.98 -3.99 -43.82
C THR M 228 -48.97 -2.81 -44.80
N VAL M 229 -48.65 -1.60 -44.32
CA VAL M 229 -48.62 -0.45 -45.21
C VAL M 229 -47.50 -0.60 -46.24
N VAL M 230 -46.40 -1.29 -45.92
CA VAL M 230 -45.31 -1.41 -46.89
C VAL M 230 -45.73 -2.17 -48.14
N THR M 231 -46.74 -3.06 -48.06
CA THR M 231 -47.14 -3.80 -49.25
C THR M 231 -47.72 -2.91 -50.34
N ALA M 232 -48.34 -1.80 -49.97
CA ALA M 232 -48.95 -0.92 -50.96
C ALA M 232 -47.89 -0.30 -51.84
N TYR M 233 -48.12 -0.34 -53.16
CA TYR M 233 -47.21 0.20 -54.17
C TYR M 233 -45.80 -0.32 -53.94
N GLU M 234 -45.69 -1.57 -53.52
CA GLU M 234 -44.40 -2.18 -53.29
C GLU M 234 -43.73 -2.48 -54.62
N ASP M 235 -42.43 -2.17 -54.73
CA ASP M 235 -41.63 -2.38 -55.95
C ASP M 235 -42.13 -1.57 -57.13
N CYS M 236 -42.71 -0.42 -56.86
CA CYS M 236 -43.12 0.50 -57.88
C CYS M 236 -42.58 1.89 -57.57
N SER M 237 -41.41 1.94 -56.92
CA SER M 237 -40.83 3.23 -56.52
C SER M 237 -40.52 4.11 -57.70
N GLY M 238 -40.22 3.53 -58.87
CA GLY M 238 -40.07 4.38 -60.04
C GLY M 238 -41.35 5.16 -60.30
N LEU M 239 -42.49 4.46 -60.30
CA LEU M 239 -43.76 5.16 -60.48
C LEU M 239 -44.00 6.13 -59.35
N VAL M 240 -43.71 5.72 -58.13
CA VAL M 240 -43.92 6.58 -56.98
C VAL M 240 -43.06 7.82 -57.07
N SER M 241 -41.80 7.66 -57.47
CA SER M 241 -40.90 8.82 -57.58
C SER M 241 -41.40 9.83 -58.60
N PHE M 242 -41.90 9.33 -59.73
CA PHE M 242 -42.47 10.22 -60.72
C PHE M 242 -43.65 10.97 -60.14
N THR M 243 -44.47 10.30 -59.34
CA THR M 243 -45.57 11.03 -58.74
C THR M 243 -45.07 12.13 -57.82
N GLY M 244 -44.05 11.85 -57.04
CA GLY M 244 -43.52 12.88 -56.19
C GLY M 244 -42.95 14.00 -57.01
N PHE M 245 -42.23 13.64 -58.06
CA PHE M 245 -41.59 14.66 -58.88
C PHE M 245 -42.60 15.68 -59.38
N ILE M 246 -43.73 15.17 -59.88
CA ILE M 246 -44.82 16.00 -60.37
C ILE M 246 -45.28 16.98 -59.30
N LYS M 247 -45.46 16.48 -58.07
CA LYS M 247 -45.94 17.33 -56.98
C LYS M 247 -44.90 18.36 -56.54
N GLN M 248 -43.61 18.00 -56.48
CA GLN M 248 -42.60 18.93 -55.98
C GLN M 248 -42.45 20.13 -56.90
N ILE M 249 -42.39 19.87 -58.22
CA ILE M 249 -42.32 20.92 -59.25
C ILE M 249 -43.67 21.53 -59.54
N ASN M 250 -44.76 20.90 -59.09
CA ASN M 250 -46.09 21.44 -59.24
C ASN M 250 -46.51 21.58 -60.70
N LEU M 251 -46.26 20.55 -61.48
CA LEU M 251 -46.63 20.43 -62.88
C LEU M 251 -47.52 19.21 -63.05
N THR M 252 -48.27 19.15 -64.16
CA THR M 252 -49.08 17.97 -64.45
C THR M 252 -48.21 16.89 -65.05
N ALA M 253 -48.67 15.64 -64.91
CA ALA M 253 -47.94 14.50 -65.48
C ALA M 253 -47.45 14.76 -66.91
N ARG M 254 -48.31 15.30 -67.80
CA ARG M 254 -47.87 15.54 -69.17
C ARG M 254 -46.81 16.63 -69.26
N GLU M 255 -47.11 17.83 -68.73
CA GLU M 255 -46.16 18.95 -68.77
C GLU M 255 -44.79 18.54 -68.28
N ALA M 256 -44.76 17.72 -67.24
CA ALA M 256 -43.48 17.28 -66.73
C ALA M 256 -42.77 16.43 -67.77
N ILE M 257 -43.48 15.49 -68.40
CA ILE M 257 -42.86 14.58 -69.35
C ILE M 257 -42.25 15.32 -70.54
N LEU M 258 -42.84 16.45 -70.93
CA LEU M 258 -42.30 17.30 -72.01
C LEU M 258 -40.89 17.75 -71.73
N TYR M 259 -40.56 17.97 -70.46
CA TYR M 259 -39.21 18.37 -70.10
C TYR M 259 -38.22 17.21 -70.23
N PHE M 260 -38.70 15.98 -70.43
CA PHE M 260 -37.78 14.83 -70.49
C PHE M 260 -37.15 14.79 -71.88
N PHE M 261 -36.01 15.47 -72.04
CA PHE M 261 -35.43 15.58 -73.39
C PHE M 261 -34.37 14.52 -73.66
N HIS M 262 -34.78 13.25 -73.78
CA HIS M 262 -33.81 12.23 -74.18
C HIS M 262 -34.48 11.01 -74.76
N LYS M 263 -33.77 10.36 -75.68
CA LYS M 263 -34.39 9.23 -76.35
C LYS M 263 -34.69 8.10 -75.37
N ASN M 264 -33.80 7.89 -74.40
CA ASN M 264 -33.97 6.73 -73.52
C ASN M 264 -35.28 6.79 -72.75
N PHE M 265 -35.71 8.00 -72.36
CA PHE M 265 -36.93 8.11 -71.56
C PHE M 265 -38.11 7.49 -72.27
N GLU M 266 -38.07 7.46 -73.61
CA GLU M 266 -39.23 7.05 -74.38
C GLU M 266 -39.68 5.64 -74.04
N GLU M 267 -38.77 4.68 -74.03
CA GLU M 267 -39.20 3.31 -73.69
C GLU M 267 -39.80 3.28 -72.31
N GLU M 268 -39.15 3.97 -71.35
CA GLU M 268 -39.53 3.93 -69.95
C GLU M 268 -40.91 4.57 -69.72
N ILE M 269 -41.17 5.72 -70.37
CA ILE M 269 -42.45 6.40 -70.23
C ILE M 269 -43.58 5.54 -70.73
N ARG M 270 -43.36 4.85 -71.86
CA ARG M 270 -44.33 3.93 -72.41
C ARG M 270 -44.56 2.75 -71.47
N ARG M 271 -43.48 2.27 -70.84
CA ARG M 271 -43.59 1.13 -69.95
C ARG M 271 -44.44 1.47 -68.73
N MET M 272 -44.15 2.58 -68.06
CA MET M 272 -44.91 2.83 -66.84
C MET M 272 -46.30 3.34 -67.11
N PHE M 273 -46.56 3.86 -68.31
CA PHE M 273 -47.89 4.36 -68.56
C PHE M 273 -48.65 3.46 -69.51
N GLU M 274 -48.26 2.20 -69.56
CA GLU M 274 -48.94 1.24 -70.41
C GLU M 274 -50.40 1.15 -69.98
N PRO M 275 -51.35 1.25 -70.90
CA PRO M 275 -52.77 1.25 -70.54
C PRO M 275 -53.22 -0.15 -70.20
N GLY M 276 -54.39 -0.25 -69.59
CA GLY M 276 -54.95 -1.53 -69.18
C GLY M 276 -54.61 -1.96 -67.76
N GLN M 277 -53.66 -1.28 -67.12
CA GLN M 277 -53.38 -1.37 -65.69
C GLN M 277 -54.04 -0.22 -64.95
N GLU M 278 -54.77 -0.54 -63.88
CA GLU M 278 -55.54 0.46 -63.15
C GLU M 278 -54.71 1.36 -62.22
N THR M 279 -53.70 2.02 -62.78
CA THR M 279 -52.89 2.92 -61.96
C THR M 279 -53.72 4.06 -61.37
N ALA M 280 -54.66 4.59 -62.15
CA ALA M 280 -55.48 5.70 -61.66
C ALA M 280 -56.53 5.23 -60.67
N VAL M 281 -56.94 3.96 -60.73
CA VAL M 281 -58.03 3.53 -59.86
C VAL M 281 -57.54 3.54 -58.41
N PRO M 282 -58.33 4.11 -57.49
CA PRO M 282 -57.91 4.20 -56.08
C PRO M 282 -57.79 2.88 -55.35
N HIS M 283 -58.73 1.96 -55.49
CA HIS M 283 -58.60 0.78 -54.66
C HIS M 283 -58.41 -0.48 -55.47
N SER M 284 -57.65 -0.40 -56.56
CA SER M 284 -57.52 -1.57 -57.42
C SER M 284 -56.48 -2.51 -56.84
N TYR M 285 -56.47 -3.73 -57.40
CA TYR M 285 -55.45 -4.71 -57.07
C TYR M 285 -54.08 -4.18 -57.38
N PHE M 286 -54.00 -3.17 -58.25
CA PHE M 286 -52.70 -2.70 -58.70
C PHE M 286 -51.84 -2.23 -57.55
N ILE M 287 -52.44 -1.54 -56.58
CA ILE M 287 -51.67 -0.96 -55.47
C ILE M 287 -50.90 -2.04 -54.73
N HIS M 288 -51.47 -3.25 -54.65
CA HIS M 288 -50.85 -4.39 -53.98
C HIS M 288 -50.51 -5.54 -54.92
N PHE M 289 -50.35 -5.24 -56.21
CA PHE M 289 -50.14 -6.32 -57.16
C PHE M 289 -48.85 -7.09 -56.84
N ARG M 290 -47.77 -6.40 -56.43
CA ARG M 290 -46.54 -7.12 -56.16
C ARG M 290 -46.68 -8.12 -55.01
N SER M 291 -47.38 -7.70 -53.94
CA SER M 291 -47.54 -8.55 -52.75
C SER M 291 -48.36 -9.80 -53.08
N LEU M 292 -49.50 -9.62 -53.74
CA LEU M 292 -50.35 -10.71 -54.16
C LEU M 292 -49.63 -11.45 -55.29
N GLY M 293 -50.26 -12.49 -55.86
CA GLY M 293 -49.62 -13.34 -56.87
C GLY M 293 -49.36 -12.76 -58.27
N LEU M 294 -50.22 -11.85 -58.75
CA LEU M 294 -50.31 -11.35 -60.15
C LEU M 294 -49.12 -10.49 -60.63
N SER M 295 -47.90 -10.92 -60.29
CA SER M 295 -46.76 -10.04 -60.53
C SER M 295 -45.51 -10.75 -61.00
N GLY M 296 -44.68 -10.02 -61.69
CA GLY M 296 -43.48 -10.63 -62.20
C GLY M 296 -42.52 -9.48 -62.36
N LYS M 297 -41.45 -9.51 -61.56
CA LYS M 297 -40.52 -8.37 -61.50
C LYS M 297 -41.47 -7.19 -61.26
N SER M 298 -41.44 -6.16 -62.08
CA SER M 298 -42.36 -5.05 -61.96
C SER M 298 -41.99 -4.09 -63.05
N PRO M 299 -42.96 -3.61 -63.82
CA PRO M 299 -42.66 -2.63 -64.85
C PRO M 299 -42.38 -1.28 -64.25
N TYR M 300 -42.78 -1.08 -63.00
CA TYR M 300 -42.69 0.21 -62.35
C TYR M 300 -41.54 0.33 -61.34
N SER M 301 -40.63 -0.64 -61.25
CA SER M 301 -39.50 -0.58 -60.32
C SER M 301 -38.51 0.52 -60.70
N SER M 302 -37.63 0.88 -59.76
CA SER M 302 -36.62 1.90 -60.03
C SER M 302 -35.63 1.47 -61.12
N ASN M 303 -35.38 0.16 -61.27
CA ASN M 303 -34.48 -0.26 -62.34
C ASN M 303 -35.15 -0.21 -63.70
N ALA M 304 -36.43 -0.59 -63.76
CA ALA M 304 -37.13 -0.60 -65.05
C ALA M 304 -37.25 0.79 -65.62
N VAL M 305 -37.37 1.80 -64.78
CA VAL M 305 -37.59 3.16 -65.24
C VAL M 305 -36.35 3.92 -64.82
N GLY M 306 -35.19 3.28 -65.02
CA GLY M 306 -33.95 3.78 -64.45
C GLY M 306 -33.61 5.20 -64.84
N HIS M 307 -33.70 5.52 -66.14
CA HIS M 307 -33.34 6.86 -66.58
C HIS M 307 -34.27 7.89 -65.97
N VAL M 308 -35.57 7.60 -66.01
CA VAL M 308 -36.52 8.53 -65.43
C VAL M 308 -36.23 8.70 -63.96
N PHE M 309 -35.98 7.60 -63.28
CA PHE M 309 -35.73 7.63 -61.85
C PHE M 309 -34.52 8.50 -61.55
N ASN M 310 -33.43 8.29 -62.28
CA ASN M 310 -32.25 9.08 -62.00
C ASN M 310 -32.50 10.54 -62.28
N LEU M 311 -33.19 10.86 -63.39
CA LEU M 311 -33.42 12.26 -63.67
C LEU M 311 -34.21 12.88 -62.53
N ILE M 312 -35.23 12.16 -62.03
CA ILE M 312 -36.06 12.70 -60.95
C ILE M 312 -35.21 13.02 -59.72
N HIS M 313 -34.36 12.10 -59.29
CA HIS M 313 -33.61 12.36 -58.08
C HIS M 313 -32.46 13.33 -58.30
N PHE M 314 -31.84 13.34 -59.49
CA PHE M 314 -30.83 14.37 -59.72
C PHE M 314 -31.43 15.76 -59.61
N VAL M 315 -32.65 15.94 -60.13
CA VAL M 315 -33.36 17.21 -59.94
C VAL M 315 -33.66 17.45 -58.47
N GLY M 316 -34.12 16.40 -57.77
CA GLY M 316 -34.35 16.56 -56.34
C GLY M 316 -33.09 16.95 -55.61
N CYS M 317 -31.96 16.33 -55.95
CA CYS M 317 -30.73 16.80 -55.32
C CYS M 317 -30.50 18.26 -55.63
N TYR M 318 -30.75 18.67 -56.88
CA TYR M 318 -30.55 20.08 -57.21
C TYR M 318 -31.41 20.96 -56.35
N MET M 319 -32.60 20.50 -56.01
CA MET M 319 -33.48 21.29 -55.17
C MET M 319 -33.32 20.98 -53.68
N GLY M 320 -32.39 20.11 -53.36
CA GLY M 320 -32.05 19.81 -51.98
C GLY M 320 -32.98 18.86 -51.26
N GLN M 321 -33.75 18.05 -51.98
CA GLN M 321 -34.63 17.09 -51.32
C GLN M 321 -33.81 15.99 -50.70
N VAL M 322 -33.98 15.80 -49.40
CA VAL M 322 -33.16 14.78 -48.75
C VAL M 322 -33.46 13.41 -49.34
N ARG M 323 -34.73 13.11 -49.64
CA ARG M 323 -35.08 11.78 -50.15
C ARG M 323 -34.27 11.43 -51.37
N SER M 324 -34.13 12.40 -52.27
CA SER M 324 -33.36 12.20 -53.49
C SER M 324 -31.89 12.04 -53.16
N LEU M 325 -31.37 12.83 -52.21
CA LEU M 325 -29.95 12.72 -51.86
C LEU M 325 -29.62 11.32 -51.33
N ASN M 326 -30.57 10.66 -50.65
CA ASN M 326 -30.28 9.36 -50.06
C ASN M 326 -30.68 8.19 -50.94
N ALA M 327 -31.32 8.43 -52.07
CA ALA M 327 -31.73 7.31 -52.92
C ALA M 327 -30.52 6.69 -53.62
N THR M 328 -30.64 5.41 -53.98
CA THR M 328 -29.55 4.68 -54.60
C THR M 328 -29.59 4.88 -56.12
N VAL M 329 -28.50 5.37 -56.69
CA VAL M 329 -28.44 5.66 -58.13
C VAL M 329 -28.34 4.36 -58.91
N ILE M 330 -28.98 4.31 -60.08
CA ILE M 330 -28.85 3.19 -61.00
C ILE M 330 -27.67 3.45 -61.93
N ALA M 331 -26.54 2.75 -61.71
CA ALA M 331 -25.33 3.05 -62.48
C ALA M 331 -25.48 2.70 -63.95
N ALA M 332 -26.27 1.67 -64.23
CA ALA M 332 -26.44 1.24 -65.60
C ALA M 332 -27.12 2.34 -66.41
N CYS M 333 -28.09 3.04 -65.82
CA CYS M 333 -28.93 3.95 -66.59
C CYS M 333 -28.31 5.38 -66.64
N ALA M 334 -27.22 5.43 -67.40
CA ALA M 334 -26.55 6.63 -67.90
C ALA M 334 -26.59 7.81 -66.93
N PRO M 335 -26.04 7.63 -65.73
CA PRO M 335 -26.20 8.65 -64.69
C PRO M 335 -25.56 9.97 -65.04
N HIS M 336 -24.44 9.97 -65.73
CA HIS M 336 -23.82 11.26 -66.02
C HIS M 336 -24.72 12.07 -66.92
N GLU M 337 -25.24 11.47 -67.99
CA GLU M 337 -26.13 12.25 -68.84
C GLU M 337 -27.37 12.70 -68.07
N MET M 338 -27.97 11.81 -67.26
CA MET M 338 -29.14 12.21 -66.49
C MET M 338 -28.82 13.38 -65.58
N SER M 339 -27.61 13.39 -65.01
CA SER M 339 -27.24 14.48 -64.12
C SER M 339 -27.19 15.81 -64.87
N VAL M 340 -26.75 15.80 -66.13
CA VAL M 340 -26.71 17.05 -66.88
C VAL M 340 -28.12 17.56 -67.15
N LEU M 341 -29.02 16.69 -67.63
CA LEU M 341 -30.38 17.15 -67.84
C LEU M 341 -30.97 17.66 -66.54
N GLY M 342 -30.69 16.93 -65.45
CA GLY M 342 -31.20 17.32 -64.15
C GLY M 342 -30.72 18.68 -63.70
N GLY M 343 -29.50 19.03 -64.08
CA GLY M 343 -29.00 20.37 -63.81
C GLY M 343 -29.78 21.48 -64.52
N TYR M 344 -30.08 21.31 -65.80
CA TYR M 344 -30.88 22.31 -66.49
C TYR M 344 -32.30 22.32 -65.95
N LEU M 345 -32.88 21.13 -65.75
CA LEU M 345 -34.22 21.03 -65.19
C LEU M 345 -34.28 21.56 -63.77
N GLY M 346 -33.28 21.25 -62.95
CA GLY M 346 -33.27 21.77 -61.59
C GLY M 346 -33.18 23.28 -61.55
N GLU M 347 -32.36 23.86 -62.41
CA GLU M 347 -32.21 25.30 -62.48
C GLU M 347 -33.56 25.98 -62.74
N GLU M 348 -34.34 25.45 -63.68
CA GLU M 348 -35.66 25.99 -63.97
C GLU M 348 -36.62 25.85 -62.80
N PHE M 349 -36.56 24.73 -62.11
CA PHE M 349 -37.55 24.50 -61.09
C PHE M 349 -37.13 24.90 -59.69
N PHE M 350 -35.88 25.27 -59.46
CA PHE M 350 -35.41 25.63 -58.12
C PHE M 350 -35.46 27.14 -57.95
N GLY M 351 -36.25 27.59 -56.98
CA GLY M 351 -36.33 29.02 -56.69
C GLY M 351 -37.24 29.82 -57.57
N LYS M 352 -38.06 29.17 -58.40
CA LYS M 352 -38.93 29.82 -59.36
C LYS M 352 -40.32 29.19 -59.29
N GLY M 353 -41.35 30.01 -59.44
CA GLY M 353 -42.71 29.50 -59.45
C GLY M 353 -43.53 30.27 -60.46
N THR M 354 -44.58 29.64 -60.96
CA THR M 354 -45.51 30.27 -61.90
C THR M 354 -46.69 30.84 -61.12
N PHE M 355 -46.73 32.16 -60.98
CA PHE M 355 -47.72 32.80 -60.12
C PHE M 355 -48.72 33.62 -60.92
N GLU M 356 -50.00 33.49 -60.58
CA GLU M 356 -51.03 34.25 -61.24
C GLU M 356 -52.06 34.69 -60.22
N ARG M 357 -52.62 35.88 -60.43
CA ARG M 357 -53.69 36.31 -59.54
C ARG M 357 -54.93 35.46 -59.74
N ARG M 358 -55.46 34.91 -58.65
CA ARG M 358 -56.69 34.15 -58.73
C ARG M 358 -57.79 34.70 -57.84
N PHE M 359 -57.47 35.59 -56.90
CA PHE M 359 -58.48 36.09 -55.96
C PHE M 359 -58.62 37.59 -56.14
N PHE M 360 -59.87 38.05 -56.27
CA PHE M 360 -60.15 39.43 -56.57
C PHE M 360 -61.26 39.95 -55.68
N ARG M 361 -61.26 41.28 -55.49
CA ARG M 361 -62.23 41.92 -54.61
C ARG M 361 -63.66 41.85 -55.18
N ASP M 362 -63.85 42.16 -56.46
CA ASP M 362 -65.18 42.17 -57.08
C ASP M 362 -65.09 41.54 -58.47
N GLU M 363 -66.25 41.16 -59.02
CA GLU M 363 -66.26 40.55 -60.35
C GLU M 363 -65.63 41.47 -61.40
N LYS M 364 -65.87 42.78 -61.26
CA LYS M 364 -65.30 43.71 -62.23
C LYS M 364 -63.77 43.64 -62.25
N GLU M 365 -63.16 43.51 -61.07
CA GLU M 365 -61.70 43.36 -61.03
C GLU M 365 -61.28 42.09 -61.73
N LEU M 366 -62.07 41.02 -61.57
CA LEU M 366 -61.77 39.76 -62.22
C LEU M 366 -61.81 39.91 -63.73
N GLN M 367 -62.82 40.61 -64.25
CA GLN M 367 -62.96 40.81 -65.70
C GLN M 367 -61.81 41.64 -66.27
N GLU M 368 -61.38 42.67 -65.55
CA GLU M 368 -60.25 43.48 -66.01
C GLU M 368 -58.97 42.66 -66.07
N TYR M 369 -58.75 41.80 -65.08
CA TYR M 369 -57.56 40.96 -65.11
C TYR M 369 -57.63 39.95 -66.25
N GLU M 370 -58.84 39.51 -66.64
CA GLU M 370 -58.99 38.53 -67.72
C GLU M 370 -58.74 39.18 -69.08
N ALA M 371 -59.00 40.48 -69.18
CA ALA M 371 -58.80 41.22 -70.43
C ALA M 371 -57.33 41.32 -70.78
N ALA M 372 -56.49 41.62 -69.79
CA ALA M 372 -55.05 41.70 -70.02
C ALA M 372 -54.42 40.35 -70.48
N GLU M 398 -36.99 33.51 -67.64
CA GLU M 398 -38.13 34.44 -67.67
C GLU M 398 -39.42 33.67 -67.96
N THR M 399 -39.45 32.91 -69.04
CA THR M 399 -40.58 32.05 -69.39
C THR M 399 -40.27 30.59 -69.04
N ARG M 400 -41.23 29.91 -68.40
CA ARG M 400 -41.12 28.49 -68.09
C ARG M 400 -41.77 27.70 -69.23
N SER M 401 -40.95 27.07 -70.05
CA SER M 401 -41.49 26.27 -71.14
C SER M 401 -40.50 25.17 -71.46
N PRO M 402 -40.95 24.03 -71.94
CA PRO M 402 -39.97 23.02 -72.38
C PRO M 402 -39.07 23.55 -73.47
N GLU M 403 -39.64 24.31 -74.40
CA GLU M 403 -38.85 24.77 -75.53
C GLU M 403 -37.69 25.65 -75.06
N ALA M 404 -37.96 26.54 -74.10
CA ALA M 404 -36.95 27.46 -73.60
C ALA M 404 -35.80 26.71 -72.94
N VAL M 405 -36.12 25.68 -72.19
CA VAL M 405 -35.08 24.89 -71.54
C VAL M 405 -34.28 24.14 -72.59
N TYR M 406 -34.98 23.54 -73.56
CA TYR M 406 -34.27 22.79 -74.58
C TYR M 406 -33.29 23.70 -75.32
N THR M 407 -33.74 24.91 -75.67
CA THR M 407 -32.83 25.80 -76.38
C THR M 407 -31.64 26.17 -75.51
N ARG M 408 -31.87 26.42 -74.21
CA ARG M 408 -30.78 26.79 -73.31
C ARG M 408 -29.72 25.70 -73.27
N ILE M 409 -30.17 24.43 -73.23
CA ILE M 409 -29.24 23.30 -73.31
C ILE M 409 -28.51 23.34 -74.62
N MET M 410 -29.23 23.60 -75.70
CA MET M 410 -28.59 23.58 -76.99
C MET M 410 -27.54 24.68 -77.08
N MET M 411 -27.85 25.87 -76.56
CA MET M 411 -26.89 26.98 -76.61
C MET M 411 -25.61 26.67 -75.84
N ASN M 412 -25.72 25.90 -74.76
CA ASN M 412 -24.51 25.53 -74.04
C ASN M 412 -23.93 24.20 -74.54
N GLY M 413 -24.44 23.70 -75.65
CA GLY M 413 -23.93 22.50 -76.26
C GLY M 413 -24.13 21.22 -75.50
N GLY M 414 -25.15 21.18 -74.64
CA GLY M 414 -25.41 19.99 -73.83
C GLY M 414 -24.39 19.79 -72.73
N ARG M 415 -23.68 20.84 -72.34
CA ARG M 415 -22.64 20.70 -71.34
C ARG M 415 -23.13 21.38 -70.07
N LEU M 416 -22.87 20.75 -68.93
CA LEU M 416 -23.32 21.28 -67.66
C LEU M 416 -22.72 22.65 -67.43
N LYS M 417 -23.53 23.58 -66.93
CA LYS M 417 -23.02 24.92 -66.63
C LYS M 417 -22.16 24.92 -65.36
N ARG M 418 -21.29 25.93 -65.25
CA ARG M 418 -20.48 26.04 -64.04
C ARG M 418 -21.37 26.15 -62.81
N SER M 419 -22.42 26.97 -62.91
CA SER M 419 -23.34 27.12 -61.78
C SER M 419 -23.97 25.79 -61.40
N HIS M 420 -24.35 24.98 -62.40
CA HIS M 420 -24.86 23.64 -62.15
C HIS M 420 -23.89 22.84 -61.29
N ILE M 421 -22.61 22.91 -61.64
CA ILE M 421 -21.62 22.18 -60.88
C ILE M 421 -21.55 22.71 -59.46
N ARG M 422 -21.47 24.05 -59.32
CA ARG M 422 -21.36 24.65 -57.99
C ARG M 422 -22.51 24.22 -57.10
N ARG M 423 -23.74 24.31 -57.62
CA ARG M 423 -24.90 23.88 -56.86
C ARG M 423 -24.84 22.40 -56.52
N TYR M 424 -24.53 21.55 -57.50
CA TYR M 424 -24.40 20.13 -57.22
C TYR M 424 -23.36 19.90 -56.13
N VAL M 425 -22.25 20.61 -56.20
CA VAL M 425 -21.19 20.37 -55.24
C VAL M 425 -21.62 20.80 -53.86
N SER M 426 -22.24 21.98 -53.76
CA SER M 426 -22.68 22.50 -52.46
C SER M 426 -23.71 21.58 -51.82
N VAL M 427 -24.62 21.04 -52.61
CA VAL M 427 -25.64 20.16 -52.04
C VAL M 427 -25.01 18.86 -51.57
N SER M 428 -24.15 18.26 -52.39
CA SER M 428 -23.63 16.95 -52.04
C SER M 428 -22.66 17.02 -50.87
N SER M 429 -21.79 18.03 -50.85
CA SER M 429 -20.78 18.09 -49.80
C SER M 429 -21.41 18.33 -48.44
N ASN M 430 -22.40 19.22 -48.38
CA ASN M 430 -23.10 19.49 -47.12
C ASN M 430 -24.22 18.47 -46.89
N HIS M 431 -23.84 17.20 -46.97
CA HIS M 431 -24.78 16.11 -46.72
C HIS M 431 -23.96 14.90 -46.38
N GLN M 432 -24.51 14.09 -45.47
CA GLN M 432 -23.92 12.82 -45.02
C GLN M 432 -24.19 11.81 -46.13
N ALA M 433 -23.22 11.69 -47.03
CA ALA M 433 -23.37 10.86 -48.22
C ALA M 433 -23.55 9.39 -47.83
N ARG M 434 -24.68 8.79 -48.25
CA ARG M 434 -24.92 7.37 -48.02
C ARG M 434 -24.12 6.54 -49.03
N PRO M 435 -24.01 5.23 -48.81
CA PRO M 435 -23.09 4.42 -49.64
C PRO M 435 -23.15 4.64 -51.14
N ASN M 436 -24.24 4.24 -51.80
CA ASN M 436 -24.37 4.38 -53.25
C ASN M 436 -25.41 5.42 -53.62
N SER M 437 -25.57 6.41 -52.75
CA SER M 437 -26.62 7.37 -52.98
C SER M 437 -26.24 8.31 -54.11
N PHE M 438 -27.26 9.07 -54.52
CA PHE M 438 -27.05 10.16 -55.47
C PHE M 438 -26.10 11.19 -54.89
N ALA M 439 -26.15 11.38 -53.58
CA ALA M 439 -25.23 12.31 -52.92
C ALA M 439 -23.80 11.88 -53.10
N GLU M 440 -23.53 10.58 -52.91
CA GLU M 440 -22.18 10.08 -53.10
C GLU M 440 -21.74 10.25 -54.55
N PHE M 441 -22.63 9.89 -55.50
CA PHE M 441 -22.29 10.03 -56.92
C PHE M 441 -21.91 11.47 -57.26
N LEU M 442 -22.72 12.41 -56.77
CA LEU M 442 -22.45 13.82 -57.04
C LEU M 442 -21.12 14.25 -56.44
N ASN M 443 -20.81 13.78 -55.23
CA ASN M 443 -19.54 14.16 -54.63
C ASN M 443 -18.38 13.64 -55.44
N LYS M 444 -18.42 12.33 -55.76
CA LYS M 444 -17.29 11.71 -56.44
C LYS M 444 -17.11 12.26 -57.84
N THR M 445 -18.20 12.61 -58.51
CA THR M 445 -18.11 13.00 -59.91
C THR M 445 -17.65 14.44 -60.11
N TYR M 446 -18.26 15.42 -59.43
CA TYR M 446 -17.91 16.85 -59.58
C TYR M 446 -17.32 17.29 -58.24
N SER M 447 -15.99 17.38 -58.15
CA SER M 447 -15.40 17.77 -56.87
C SER M 447 -14.27 18.80 -56.95
N SER M 448 -13.80 19.19 -58.14
CA SER M 448 -12.81 20.25 -58.27
C SER M 448 -13.39 21.55 -58.79
N ILE N 6 -54.05 16.36 -71.82
CA ILE N 6 -54.55 15.09 -71.32
C ILE N 6 -53.82 13.90 -72.01
N VAL N 7 -52.88 14.21 -72.92
CA VAL N 7 -52.18 13.18 -73.70
C VAL N 7 -50.92 13.81 -74.28
N PHE N 8 -49.91 12.98 -74.51
CA PHE N 8 -48.66 13.41 -75.14
C PHE N 8 -48.37 12.50 -76.33
N LYS N 9 -47.55 13.00 -77.27
CA LYS N 9 -47.25 12.36 -78.54
C LYS N 9 -45.77 12.00 -78.60
N VAL N 10 -45.49 10.73 -78.86
CA VAL N 10 -44.14 10.17 -78.91
C VAL N 10 -43.95 9.69 -80.35
N ASN N 11 -42.68 9.67 -80.80
CA ASN N 11 -42.31 9.24 -82.15
C ASN N 11 -41.51 7.92 -82.17
N ASN N 12 -42.14 6.82 -82.57
CA ASN N 12 -41.45 5.55 -82.82
C ASN N 12 -41.38 5.21 -84.33
N GLN N 13 -41.02 6.19 -85.16
CA GLN N 13 -41.15 6.24 -86.62
C GLN N 13 -42.61 6.33 -87.08
N VAL N 14 -43.59 6.02 -86.22
CA VAL N 14 -45.00 6.29 -86.44
C VAL N 14 -45.45 7.12 -85.25
N VAL N 15 -46.36 8.08 -85.48
CA VAL N 15 -46.77 8.93 -84.37
C VAL N 15 -47.67 8.15 -83.43
N SER N 16 -47.37 8.20 -82.14
CA SER N 16 -48.16 7.47 -81.15
C SER N 16 -48.52 8.38 -79.97
N LEU N 17 -49.75 8.24 -79.47
CA LEU N 17 -50.30 9.00 -78.34
C LEU N 17 -50.46 8.09 -77.12
N LYS N 18 -49.98 8.55 -75.96
CA LYS N 18 -50.09 7.84 -74.68
C LYS N 18 -50.77 8.77 -73.68
N PRO N 19 -51.75 8.29 -72.92
CA PRO N 19 -52.32 9.07 -71.80
C PRO N 19 -51.59 8.81 -70.47
N GLU N 20 -51.34 9.86 -69.70
CA GLU N 20 -50.66 9.76 -68.41
C GLU N 20 -51.71 9.70 -67.29
N ILE N 21 -51.64 8.71 -66.39
CA ILE N 21 -52.66 8.52 -65.35
C ILE N 21 -52.07 8.67 -63.95
N ILE N 22 -52.72 9.50 -63.11
CA ILE N 22 -52.31 9.69 -61.72
C ILE N 22 -53.55 9.65 -60.83
N VAL N 23 -53.37 9.17 -59.61
CA VAL N 23 -54.45 8.92 -58.67
C VAL N 23 -54.52 10.06 -57.64
N ASP N 24 -55.73 10.56 -57.37
CA ASP N 24 -56.00 11.54 -56.29
C ASP N 24 -57.46 11.46 -55.82
N GLN N 25 -57.70 11.71 -54.52
CA GLN N 25 -59.06 11.65 -53.98
C GLN N 25 -59.13 12.24 -52.58
N HIS N 26 -60.11 13.11 -52.35
CA HIS N 26 -60.31 13.75 -51.04
C HIS N 26 -61.80 13.89 -50.73
N GLU N 27 -62.23 13.51 -49.52
CA GLU N 27 -63.62 13.69 -49.08
C GLU N 27 -63.61 14.44 -47.75
N TYR N 28 -64.42 15.49 -47.60
CA TYR N 28 -64.38 16.30 -46.39
C TYR N 28 -65.75 16.59 -45.78
N LYS N 29 -65.94 16.18 -44.52
CA LYS N 29 -67.17 16.39 -43.77
C LYS N 29 -67.07 17.63 -42.88
N TYR N 30 -68.15 18.48 -42.88
CA TYR N 30 -68.15 19.70 -42.06
C TYR N 30 -69.00 19.51 -40.78
N PRO N 31 -68.71 20.25 -39.72
CA PRO N 31 -69.30 20.00 -38.38
C PRO N 31 -70.62 20.71 -38.12
N ALA N 32 -71.63 20.47 -38.92
CA ALA N 32 -72.88 21.18 -38.67
C ALA N 32 -73.82 20.19 -38.02
N ILE N 33 -74.54 20.64 -37.01
CA ILE N 33 -75.50 19.77 -36.35
C ILE N 33 -76.86 20.16 -36.93
N LYS N 34 -77.24 19.47 -38.01
CA LYS N 34 -78.55 19.74 -38.58
C LYS N 34 -79.69 19.00 -37.87
N ASP N 35 -79.44 17.79 -37.32
CA ASP N 35 -80.44 17.00 -36.58
C ASP N 35 -80.78 17.58 -35.20
N LEU N 36 -80.02 18.58 -34.73
CA LEU N 36 -80.26 19.21 -33.44
C LEU N 36 -80.13 18.21 -32.30
N LYS N 37 -79.26 17.23 -32.48
CA LYS N 37 -78.99 16.22 -31.46
C LYS N 37 -77.59 16.45 -30.90
N LYS N 38 -77.52 16.58 -29.58
CA LYS N 38 -76.24 16.74 -28.92
C LYS N 38 -75.41 15.48 -29.10
N PRO N 39 -74.09 15.64 -29.11
CA PRO N 39 -73.17 14.50 -29.28
C PRO N 39 -73.36 13.46 -28.20
N CYS N 40 -73.33 12.17 -28.58
CA CYS N 40 -73.58 11.09 -27.61
C CYS N 40 -72.49 10.02 -27.64
N ILE N 41 -72.31 9.38 -26.47
CA ILE N 41 -71.42 8.24 -26.31
C ILE N 41 -72.18 7.11 -25.63
N THR N 42 -71.77 5.86 -25.94
CA THR N 42 -72.50 4.70 -25.41
C THR N 42 -72.02 4.37 -24.00
N LEU N 43 -70.76 4.67 -23.71
CA LEU N 43 -70.10 4.44 -22.39
C LEU N 43 -70.46 3.07 -21.83
N GLY N 44 -70.89 2.98 -20.57
CA GLY N 44 -71.17 1.75 -19.84
C GLY N 44 -72.15 2.04 -18.73
N LYS N 45 -72.34 1.01 -17.89
CA LYS N 45 -73.27 1.06 -16.76
C LYS N 45 -72.77 1.99 -15.67
N ALA N 46 -73.71 2.63 -14.97
CA ALA N 46 -73.33 3.63 -13.96
C ALA N 46 -72.53 3.01 -12.83
N PRO N 47 -71.37 3.55 -12.49
CA PRO N 47 -70.60 3.00 -11.36
C PRO N 47 -70.90 3.70 -10.03
N ASP N 48 -70.55 3.01 -8.95
CA ASP N 48 -70.57 3.65 -7.64
C ASP N 48 -69.39 4.62 -7.58
N LEU N 49 -69.69 5.90 -7.32
CA LEU N 49 -68.64 6.92 -7.37
C LEU N 49 -67.45 6.57 -6.47
N ASN N 50 -67.71 6.36 -5.18
CA ASN N 50 -66.64 6.04 -4.24
C ASN N 50 -65.84 4.80 -4.67
N LYS N 51 -66.53 3.76 -5.17
CA LYS N 51 -65.83 2.55 -5.59
C LYS N 51 -64.98 2.81 -6.82
N ALA N 52 -65.55 3.59 -7.75
CA ALA N 52 -64.84 3.91 -8.97
C ALA N 52 -63.58 4.69 -8.66
N TYR N 53 -63.69 5.64 -7.72
CA TYR N 53 -62.55 6.48 -7.35
C TYR N 53 -61.42 5.61 -6.80
N LYS N 54 -61.77 4.65 -5.94
CA LYS N 54 -60.75 3.80 -5.37
C LYS N 54 -60.10 2.93 -6.43
N SER N 55 -60.90 2.36 -7.33
CA SER N 55 -60.34 1.44 -8.31
C SER N 55 -59.36 2.18 -9.21
N VAL N 56 -59.76 3.37 -9.69
CA VAL N 56 -58.96 4.18 -10.62
C VAL N 56 -57.67 4.69 -9.96
N LEU N 57 -57.77 5.17 -8.70
CA LEU N 57 -56.59 5.63 -7.96
C LEU N 57 -55.59 4.49 -7.73
N SER N 58 -56.10 3.31 -7.37
CA SER N 58 -55.22 2.15 -7.26
C SER N 58 -54.58 1.85 -8.60
N GLY N 59 -55.38 1.87 -9.67
CA GLY N 59 -54.84 1.59 -10.99
C GLY N 59 -53.80 2.60 -11.41
N MET N 60 -54.05 3.87 -11.11
CA MET N 60 -53.09 4.90 -11.45
C MET N 60 -51.75 4.69 -10.76
N SER N 61 -51.77 4.47 -9.44
CA SER N 61 -50.49 4.27 -8.75
C SER N 61 -49.80 3.02 -9.28
N ALA N 62 -50.57 2.03 -9.75
CA ALA N 62 -49.99 0.81 -10.27
C ALA N 62 -49.63 0.86 -11.76
N ALA N 63 -49.94 1.98 -12.43
CA ALA N 63 -49.73 2.23 -13.85
C ALA N 63 -50.50 1.25 -14.73
N LYS N 64 -51.56 0.63 -14.20
CA LYS N 64 -52.47 -0.19 -15.00
C LYS N 64 -53.87 0.40 -14.91
N LEU N 65 -54.41 0.80 -16.05
CA LEU N 65 -55.72 1.46 -16.04
C LEU N 65 -56.61 0.83 -17.09
N ASP N 66 -57.91 0.74 -16.77
CA ASP N 66 -58.88 0.20 -17.71
C ASP N 66 -59.60 1.35 -18.40
N PRO N 67 -59.44 1.48 -19.72
CA PRO N 67 -60.00 2.65 -20.42
C PRO N 67 -61.49 2.79 -20.25
N ASP N 68 -62.24 1.69 -20.41
CA ASP N 68 -63.69 1.78 -20.27
C ASP N 68 -64.07 2.21 -18.87
N ASP N 69 -63.38 1.69 -17.85
CA ASP N 69 -63.73 2.12 -16.51
C ASP N 69 -63.48 3.62 -16.34
N VAL N 70 -62.34 4.09 -16.82
CA VAL N 70 -61.99 5.49 -16.60
C VAL N 70 -63.04 6.41 -17.22
N CYS N 71 -63.57 6.06 -18.39
CA CYS N 71 -64.58 6.93 -19.01
C CYS N 71 -65.89 6.99 -18.23
N SER N 72 -66.36 5.86 -17.73
CA SER N 72 -67.60 5.85 -16.95
C SER N 72 -67.45 6.65 -15.68
N TYR N 73 -66.25 6.60 -15.07
CA TYR N 73 -65.97 7.42 -13.89
C TYR N 73 -66.01 8.90 -14.22
N LEU N 74 -65.39 9.28 -15.34
CA LEU N 74 -65.36 10.68 -15.75
C LEU N 74 -66.75 11.20 -16.05
N ALA N 75 -67.58 10.39 -16.71
CA ALA N 75 -68.96 10.81 -16.98
C ALA N 75 -69.78 10.91 -15.71
N ALA N 76 -69.57 10.00 -14.76
CA ALA N 76 -70.31 10.06 -13.50
C ALA N 76 -69.95 11.31 -12.72
N ALA N 77 -68.66 11.66 -12.71
CA ALA N 77 -68.18 12.81 -11.97
C ALA N 77 -68.65 14.14 -12.55
N MET N 78 -69.19 14.13 -13.78
CA MET N 78 -69.67 15.36 -14.38
C MET N 78 -70.78 15.99 -13.55
N GLN N 79 -71.52 15.17 -12.81
CA GLN N 79 -72.57 15.72 -11.95
C GLN N 79 -71.99 16.61 -10.86
N PHE N 80 -70.77 16.30 -10.40
CA PHE N 80 -70.18 17.06 -9.30
C PHE N 80 -69.97 18.52 -9.68
N PHE N 81 -69.54 18.79 -10.92
CA PHE N 81 -69.18 20.13 -11.42
C PHE N 81 -70.39 20.83 -12.02
N GLU N 82 -70.87 21.89 -11.35
CA GLU N 82 -72.02 22.68 -11.78
C GLU N 82 -71.75 24.15 -11.55
N GLY N 83 -72.29 24.98 -12.43
CA GLY N 83 -72.13 26.42 -12.33
C GLY N 83 -73.28 27.13 -13.01
N THR N 84 -73.47 28.39 -12.61
CA THR N 84 -74.46 29.24 -13.25
C THR N 84 -73.95 29.78 -14.61
N CYS N 85 -74.85 29.80 -15.61
CA CYS N 85 -74.50 30.23 -16.97
C CYS N 85 -74.63 31.74 -17.12
N PRO N 86 -73.59 32.45 -17.57
CA PRO N 86 -73.68 33.93 -17.64
C PRO N 86 -74.68 34.43 -18.67
N GLU N 87 -74.72 33.84 -19.87
CA GLU N 87 -75.66 34.25 -20.91
C GLU N 87 -76.22 32.98 -21.54
N ASP N 88 -77.37 33.11 -22.21
CA ASP N 88 -77.93 31.99 -22.98
C ASP N 88 -76.94 31.65 -24.11
N TRP N 89 -76.58 30.38 -24.29
CA TRP N 89 -75.71 30.03 -25.43
C TRP N 89 -76.35 28.94 -26.26
N THR N 90 -76.57 29.25 -27.53
CA THR N 90 -77.10 28.30 -28.49
C THR N 90 -76.06 28.11 -29.59
N SER N 91 -75.59 26.87 -29.78
CA SER N 91 -74.68 26.51 -30.88
C SER N 91 -75.35 25.52 -31.83
N TYR N 92 -75.13 25.73 -33.14
CA TYR N 92 -75.70 24.93 -34.25
C TYR N 92 -77.18 24.61 -34.01
N GLY N 93 -77.95 25.63 -33.60
CA GLY N 93 -79.37 25.47 -33.41
C GLY N 93 -79.80 24.86 -32.10
N ILE N 94 -78.86 24.46 -31.25
CA ILE N 94 -79.19 23.84 -29.97
C ILE N 94 -78.93 24.85 -28.87
N VAL N 95 -79.94 25.07 -28.00
CA VAL N 95 -79.76 25.87 -26.80
C VAL N 95 -79.64 24.94 -25.61
N ILE N 96 -78.42 24.74 -25.19
CA ILE N 96 -78.24 23.89 -24.03
C ILE N 96 -78.54 24.61 -22.73
N ALA N 97 -78.49 25.95 -22.71
CA ALA N 97 -78.64 26.65 -21.45
C ALA N 97 -79.28 28.03 -21.59
N ARG N 98 -79.77 28.52 -20.44
CA ARG N 98 -80.41 29.83 -20.35
C ARG N 98 -79.67 30.64 -19.30
N LYS N 99 -79.61 31.97 -19.49
CA LYS N 99 -78.80 32.79 -18.58
C LYS N 99 -79.35 32.62 -17.16
N GLY N 100 -78.44 32.41 -16.21
CA GLY N 100 -78.77 32.22 -14.81
C GLY N 100 -79.18 30.83 -14.43
N ASP N 101 -79.03 29.86 -15.35
CA ASP N 101 -79.37 28.47 -15.09
C ASP N 101 -78.11 27.73 -14.75
N LYS N 102 -78.13 27.01 -13.63
CA LYS N 102 -76.95 26.22 -13.34
C LYS N 102 -76.95 25.05 -14.30
N ILE N 103 -75.76 24.65 -14.78
CA ILE N 103 -75.64 23.58 -15.77
C ILE N 103 -74.44 22.73 -15.37
N THR N 104 -74.38 21.53 -15.95
CA THR N 104 -73.27 20.60 -15.80
C THR N 104 -72.65 20.29 -17.15
N PRO N 105 -71.46 19.68 -17.15
CA PRO N 105 -70.96 19.10 -18.40
C PRO N 105 -71.93 18.08 -18.94
N GLY N 106 -72.59 17.30 -18.08
CA GLY N 106 -73.52 16.30 -18.54
C GLY N 106 -74.66 16.91 -19.34
N SER N 107 -74.95 18.20 -19.08
CA SER N 107 -76.02 18.85 -19.80
C SER N 107 -75.63 19.19 -21.23
N LEU N 108 -74.31 19.28 -21.52
CA LEU N 108 -73.87 19.70 -22.85
C LEU N 108 -73.98 18.59 -23.90
N VAL N 109 -73.66 17.35 -23.50
CA VAL N 109 -73.68 16.19 -24.39
C VAL N 109 -74.55 15.11 -23.78
N GLU N 110 -75.14 14.29 -24.67
CA GLU N 110 -75.96 13.18 -24.24
C GLU N 110 -75.08 11.98 -24.00
N ILE N 111 -75.11 11.45 -22.79
CA ILE N 111 -74.34 10.26 -22.47
C ILE N 111 -75.31 9.09 -22.34
N LYS N 112 -75.01 8.02 -23.07
CA LYS N 112 -75.77 6.78 -23.00
C LYS N 112 -75.04 5.84 -22.05
N ARG N 113 -75.82 4.97 -21.39
CA ARG N 113 -75.25 4.02 -20.46
C ARG N 113 -75.83 2.64 -20.76
N THR N 114 -74.96 1.64 -20.75
CA THR N 114 -75.37 0.27 -21.02
C THR N 114 -75.67 -0.39 -19.67
N ASP N 115 -75.99 -1.68 -19.71
CA ASP N 115 -76.25 -2.40 -18.47
C ASP N 115 -75.06 -3.23 -18.05
N VAL N 116 -73.95 -3.14 -18.79
CA VAL N 116 -72.76 -3.93 -18.47
C VAL N 116 -71.95 -3.17 -17.44
N GLU N 117 -71.63 -3.84 -16.34
CA GLU N 117 -70.93 -3.21 -15.24
C GLU N 117 -69.43 -3.30 -15.49
N GLY N 118 -68.69 -2.36 -14.94
CA GLY N 118 -67.26 -2.33 -15.14
C GLY N 118 -66.55 -3.26 -14.18
N ASN N 119 -65.30 -3.59 -14.54
CA ASN N 119 -64.51 -4.54 -13.74
C ASN N 119 -64.13 -3.97 -12.37
N TRP N 120 -63.95 -2.65 -12.30
CA TRP N 120 -63.65 -1.89 -11.10
C TRP N 120 -62.76 -2.65 -10.12
N ALA N 121 -61.59 -3.01 -10.61
CA ALA N 121 -60.68 -3.84 -9.83
C ALA N 121 -59.55 -3.00 -9.24
N LEU N 122 -59.04 -3.43 -8.10
CA LEU N 122 -58.02 -2.67 -7.39
C LEU N 122 -56.67 -3.35 -7.55
N THR N 123 -55.72 -2.69 -8.21
CA THR N 123 -54.42 -3.33 -8.36
C THR N 123 -53.39 -2.77 -7.40
N GLY N 124 -53.32 -1.46 -7.29
CA GLY N 124 -52.30 -0.86 -6.47
C GLY N 124 -52.86 -0.54 -5.14
N GLY N 125 -51.99 -0.03 -4.27
CA GLY N 125 -52.41 0.32 -2.92
C GLY N 125 -53.30 1.56 -2.96
N MET N 126 -54.46 1.45 -2.30
CA MET N 126 -55.50 2.46 -2.08
C MET N 126 -55.46 2.82 -0.61
N GLU N 127 -54.92 4.02 -0.31
CA GLU N 127 -54.67 4.31 1.09
C GLU N 127 -55.96 4.67 1.83
N LEU N 128 -56.96 5.22 1.13
CA LEU N 128 -58.18 5.72 1.78
C LEU N 128 -59.13 4.60 2.19
N THR N 129 -59.46 4.55 3.49
CA THR N 129 -60.41 3.63 4.09
C THR N 129 -61.82 4.20 4.13
N ARG N 130 -61.97 5.48 3.78
CA ARG N 130 -63.24 6.18 3.80
C ARG N 130 -63.60 6.65 2.40
N ASP N 131 -64.86 7.05 2.25
CA ASP N 131 -65.37 7.61 1.01
C ASP N 131 -64.69 8.94 0.67
N PRO N 132 -64.30 9.16 -0.58
CA PRO N 132 -63.57 10.38 -0.95
C PRO N 132 -64.42 11.66 -1.00
N THR N 133 -63.74 12.77 -0.75
CA THR N 133 -64.36 14.08 -0.83
C THR N 133 -64.41 14.57 -2.27
N VAL N 134 -65.28 15.55 -2.52
CA VAL N 134 -65.42 16.06 -3.89
C VAL N 134 -64.07 16.54 -4.44
N PRO N 135 -63.29 17.39 -3.74
CA PRO N 135 -61.94 17.73 -4.30
C PRO N 135 -61.11 16.53 -4.70
N GLU N 136 -61.07 15.51 -3.85
CA GLU N 136 -60.37 14.29 -4.20
C GLU N 136 -60.86 13.73 -5.54
N HIS N 137 -62.19 13.72 -5.74
CA HIS N 137 -62.77 13.31 -7.03
C HIS N 137 -62.27 14.20 -8.17
N ALA N 138 -62.28 15.53 -7.99
CA ALA N 138 -61.85 16.45 -9.04
C ALA N 138 -60.37 16.29 -9.37
N SER N 139 -59.54 16.05 -8.35
CA SER N 139 -58.10 15.83 -8.57
C SER N 139 -57.88 14.62 -9.44
N LEU N 140 -58.62 13.54 -9.17
CA LEU N 140 -58.50 12.36 -10.00
C LEU N 140 -59.00 12.67 -11.41
N VAL N 141 -60.17 13.34 -11.52
CA VAL N 141 -60.72 13.66 -12.84
C VAL N 141 -59.71 14.45 -13.63
N GLY N 142 -59.11 15.46 -13.00
CA GLY N 142 -58.09 16.24 -13.67
C GLY N 142 -56.87 15.43 -14.07
N LEU N 143 -56.44 14.51 -13.19
CA LEU N 143 -55.28 13.66 -13.51
C LEU N 143 -55.57 12.74 -14.69
N LEU N 144 -56.78 12.18 -14.72
CA LEU N 144 -57.12 11.29 -15.84
C LEU N 144 -57.12 12.05 -17.16
N LEU N 145 -57.79 13.22 -17.20
CA LEU N 145 -57.87 13.98 -18.44
C LEU N 145 -56.48 14.38 -18.91
N SER N 146 -55.61 14.75 -17.97
CA SER N 146 -54.26 15.17 -18.30
C SER N 146 -53.47 14.07 -19.03
N LEU N 147 -53.89 12.82 -18.91
CA LEU N 147 -53.26 11.78 -19.72
C LEU N 147 -53.49 12.04 -21.20
N TYR N 148 -54.64 12.60 -21.56
CA TYR N 148 -54.92 12.85 -22.96
C TYR N 148 -53.91 13.83 -23.54
N ARG N 149 -53.67 14.92 -22.82
CA ARG N 149 -52.68 15.88 -23.27
C ARG N 149 -51.31 15.24 -23.40
N LEU N 150 -50.94 14.38 -22.46
CA LEU N 150 -49.65 13.71 -22.55
C LEU N 150 -49.57 12.79 -23.78
N SER N 151 -50.67 12.09 -24.10
CA SER N 151 -50.63 11.18 -25.25
C SER N 151 -50.36 11.94 -26.52
N LYS N 152 -50.99 13.10 -26.68
CA LYS N 152 -50.77 13.90 -27.87
C LYS N 152 -49.31 14.37 -27.94
N ILE N 153 -48.73 14.79 -26.80
CA ILE N 153 -47.39 15.39 -26.88
C ILE N 153 -46.33 14.30 -27.03
N SER N 154 -46.74 13.10 -27.49
CA SER N 154 -45.79 12.05 -27.80
C SER N 154 -45.18 12.33 -29.18
N GLY N 155 -43.89 12.13 -29.29
CA GLY N 155 -43.21 12.45 -30.52
C GLY N 155 -41.72 12.39 -30.35
N GLN N 156 -41.02 12.71 -31.43
CA GLN N 156 -39.55 12.66 -31.44
C GLN N 156 -38.99 13.82 -30.66
N ASN N 157 -38.16 13.48 -29.68
CA ASN N 157 -37.43 14.48 -28.92
C ASN N 157 -38.34 15.49 -28.21
N THR N 158 -39.11 14.99 -27.30
CA THR N 158 -39.99 15.85 -26.54
C THR N 158 -39.90 15.50 -25.08
N GLY N 159 -38.77 14.88 -24.68
CA GLY N 159 -38.65 14.34 -23.35
C GLY N 159 -38.78 15.38 -22.26
N ASN N 160 -37.85 16.33 -22.25
CA ASN N 160 -37.94 17.39 -21.25
C ASN N 160 -39.30 18.07 -21.33
N TYR N 161 -39.85 18.19 -22.54
CA TYR N 161 -41.13 18.87 -22.64
C TYR N 161 -42.22 18.04 -21.94
N LYS N 162 -42.28 16.72 -22.17
CA LYS N 162 -43.31 15.87 -21.56
C LYS N 162 -43.22 15.89 -20.06
N THR N 163 -41.99 15.77 -19.53
CA THR N 163 -41.79 15.78 -18.10
C THR N 163 -42.21 17.12 -17.50
N ASN N 164 -41.85 18.23 -18.15
CA ASN N 164 -42.20 19.56 -17.60
C ASN N 164 -43.70 19.75 -17.56
N ILE N 165 -44.40 19.30 -18.61
CA ILE N 165 -45.86 19.40 -18.63
C ILE N 165 -46.46 18.56 -17.51
N ALA N 166 -45.92 17.35 -17.33
CA ALA N 166 -46.43 16.48 -16.29
C ALA N 166 -46.20 17.10 -14.92
N ASP N 167 -45.00 17.67 -14.70
CA ASP N 167 -44.72 18.32 -13.42
C ASP N 167 -45.68 19.46 -13.14
N ARG N 168 -45.96 20.29 -14.14
CA ARG N 168 -46.88 21.41 -13.92
C ARG N 168 -48.27 20.90 -13.54
N ILE N 169 -48.73 19.82 -14.19
CA ILE N 169 -50.05 19.27 -13.91
C ILE N 169 -50.15 18.75 -12.49
N GLU N 170 -49.10 18.07 -12.03
CA GLU N 170 -49.13 17.54 -10.68
C GLU N 170 -49.30 18.67 -9.66
N GLN N 171 -48.52 19.75 -9.83
CA GLN N 171 -48.59 20.85 -8.88
C GLN N 171 -49.97 21.47 -8.84
N ILE N 172 -50.63 21.53 -9.99
CA ILE N 172 -51.95 22.16 -10.07
C ILE N 172 -52.94 21.40 -9.20
N PHE N 173 -52.96 20.07 -9.33
CA PHE N 173 -53.90 19.16 -8.62
C PHE N 173 -53.46 18.72 -7.22
N GLU N 174 -52.24 19.03 -6.75
CA GLU N 174 -51.86 18.74 -5.36
C GLU N 174 -51.90 19.95 -4.43
N THR N 175 -52.00 21.19 -4.94
CA THR N 175 -51.92 22.40 -4.09
C THR N 175 -53.23 23.17 -4.11
N ALA N 176 -53.58 23.76 -5.25
CA ALA N 176 -54.82 24.52 -5.31
C ALA N 176 -55.95 23.57 -4.88
N PRO N 177 -57.16 24.10 -4.52
CA PRO N 177 -58.35 23.27 -4.19
C PRO N 177 -58.36 21.74 -4.37
N PHE N 178 -57.53 21.17 -5.24
CA PHE N 178 -57.53 19.72 -5.37
C PHE N 178 -56.55 19.15 -4.36
N VAL N 179 -56.92 17.99 -3.80
CA VAL N 179 -56.16 17.37 -2.73
C VAL N 179 -55.08 16.49 -3.33
N LYS N 180 -53.92 16.44 -2.67
CA LYS N 180 -52.82 15.62 -3.18
C LYS N 180 -53.25 14.18 -3.09
N ILE N 181 -53.32 13.50 -4.24
CA ILE N 181 -53.88 12.16 -4.25
C ILE N 181 -52.94 11.08 -4.75
N VAL N 182 -51.94 11.41 -5.55
CA VAL N 182 -51.15 10.37 -6.21
C VAL N 182 -49.67 10.46 -5.93
N GLU N 183 -49.21 11.43 -5.17
CA GLU N 183 -47.80 11.63 -4.93
C GLU N 183 -47.14 12.12 -6.22
N HIS N 184 -45.83 11.89 -6.37
CA HIS N 184 -45.11 12.48 -7.47
C HIS N 184 -44.63 11.39 -8.42
N HIS N 185 -44.37 11.80 -9.66
CA HIS N 185 -43.82 11.00 -10.76
C HIS N 185 -44.70 9.83 -11.18
N THR N 186 -45.86 9.66 -10.54
CA THR N 186 -46.79 8.61 -10.94
C THR N 186 -47.41 8.92 -12.30
N LEU N 187 -47.64 10.21 -12.59
CA LEU N 187 -48.31 10.55 -13.84
C LEU N 187 -47.46 10.12 -15.03
N MET N 188 -46.13 10.37 -14.97
CA MET N 188 -45.27 9.96 -16.08
C MET N 188 -45.30 8.45 -16.28
N THR N 189 -45.26 7.69 -15.19
CA THR N 189 -45.20 6.23 -15.34
C THR N 189 -46.51 5.67 -15.92
N THR N 190 -47.65 6.19 -15.46
CA THR N 190 -48.94 5.77 -16.02
C THR N 190 -49.04 6.20 -17.49
N HIS N 191 -48.50 7.38 -17.83
CA HIS N 191 -48.52 7.78 -19.24
C HIS N 191 -47.67 6.86 -20.08
N LYS N 192 -46.52 6.40 -19.56
CA LYS N 192 -45.67 5.54 -20.38
C LYS N 192 -46.41 4.26 -20.81
N MET N 193 -47.28 3.72 -19.94
CA MET N 193 -48.17 2.60 -20.27
C MET N 193 -49.39 3.02 -21.09
N CYS N 194 -49.79 4.28 -20.96
CA CYS N 194 -50.98 4.79 -21.63
C CYS N 194 -50.61 5.90 -22.61
N ALA N 195 -49.56 5.65 -23.41
CA ALA N 195 -49.03 6.65 -24.33
C ALA N 195 -49.94 6.91 -25.53
N ASN N 196 -50.73 5.92 -25.93
CA ASN N 196 -51.59 6.09 -27.08
C ASN N 196 -53.04 6.28 -26.66
N TRP N 197 -53.25 6.73 -25.42
CA TRP N 197 -54.63 6.84 -24.93
C TRP N 197 -55.42 7.91 -25.64
N SER N 198 -54.74 8.84 -26.32
CA SER N 198 -55.43 9.86 -27.11
C SER N 198 -56.31 9.27 -28.19
N THR N 199 -55.91 8.12 -28.76
CA THR N 199 -56.69 7.51 -29.84
C THR N 199 -58.08 7.07 -29.38
N ILE N 200 -58.25 6.73 -28.11
CA ILE N 200 -59.55 6.22 -27.66
C ILE N 200 -60.61 7.29 -27.89
N PRO N 201 -61.69 6.98 -28.59
CA PRO N 201 -62.67 8.03 -28.91
C PRO N 201 -63.44 8.54 -27.71
N ASN N 202 -63.94 7.67 -26.82
CA ASN N 202 -64.74 8.18 -25.71
C ASN N 202 -63.90 9.04 -24.77
N PHE N 203 -62.63 8.67 -24.58
CA PHE N 203 -61.75 9.49 -23.76
C PHE N 203 -61.57 10.88 -24.39
N ARG N 204 -61.40 10.95 -25.71
CA ARG N 204 -61.34 12.24 -26.39
C ARG N 204 -62.64 13.02 -26.26
N PHE N 205 -63.77 12.34 -26.42
CA PHE N 205 -65.08 13.00 -26.31
C PHE N 205 -65.26 13.64 -24.95
N LEU N 206 -64.86 12.94 -23.90
CA LEU N 206 -65.11 13.45 -22.57
C LEU N 206 -64.24 14.68 -22.29
N ALA N 207 -62.96 14.62 -22.67
CA ALA N 207 -62.03 15.72 -22.44
C ALA N 207 -62.48 16.99 -23.16
N GLY N 208 -62.98 16.84 -24.38
CA GLY N 208 -63.55 17.98 -25.05
C GLY N 208 -64.76 18.49 -24.31
N THR N 209 -65.60 17.58 -23.80
CA THR N 209 -66.79 18.02 -23.10
C THR N 209 -66.42 18.82 -21.85
N TYR N 210 -65.45 18.31 -21.09
CA TYR N 210 -65.01 19.05 -19.92
C TYR N 210 -64.47 20.40 -20.33
N ASP N 211 -63.73 20.44 -21.44
CA ASP N 211 -63.12 21.68 -21.88
C ASP N 211 -64.18 22.73 -22.25
N MET N 212 -65.23 22.32 -22.96
CA MET N 212 -66.27 23.28 -23.34
C MET N 212 -66.97 23.86 -22.11
N PHE N 213 -67.27 22.99 -21.13
CA PHE N 213 -67.94 23.44 -19.91
C PHE N 213 -67.06 24.44 -19.17
N PHE N 214 -65.78 24.11 -18.99
CA PHE N 214 -64.94 25.00 -18.19
C PHE N 214 -64.67 26.33 -18.89
N SER N 215 -64.60 26.36 -20.23
CA SER N 215 -64.37 27.64 -20.90
C SER N 215 -65.56 28.58 -20.75
N ARG N 216 -66.78 28.05 -20.87
CA ARG N 216 -67.96 28.90 -20.73
C ARG N 216 -68.20 29.29 -19.26
N ILE N 217 -68.06 28.33 -18.35
CA ILE N 217 -68.42 28.50 -16.94
C ILE N 217 -67.17 28.49 -16.07
N GLU N 218 -66.92 29.58 -15.35
CA GLU N 218 -65.81 29.58 -14.39
C GLU N 218 -66.15 28.71 -13.18
N HIS N 219 -65.19 27.93 -12.71
CA HIS N 219 -65.45 26.98 -11.62
C HIS N 219 -64.26 26.92 -10.68
N LEU N 220 -64.49 26.39 -9.48
CA LEU N 220 -63.37 26.17 -8.57
C LEU N 220 -62.37 25.20 -9.18
N TYR N 221 -62.88 24.18 -9.86
CA TYR N 221 -62.03 23.16 -10.46
C TYR N 221 -61.82 23.40 -11.95
N SER N 222 -61.85 24.67 -12.37
CA SER N 222 -61.62 24.96 -13.77
C SER N 222 -60.19 24.62 -14.16
N ALA N 223 -59.26 24.54 -13.20
CA ALA N 223 -57.87 24.24 -13.56
C ALA N 223 -57.71 22.87 -14.21
N ILE N 224 -58.75 22.02 -14.14
CA ILE N 224 -58.75 20.73 -14.82
C ILE N 224 -58.51 20.91 -16.31
N ARG N 225 -58.77 22.12 -16.83
CA ARG N 225 -58.64 22.40 -18.25
C ARG N 225 -57.22 22.21 -18.77
N VAL N 226 -56.21 22.23 -17.89
CA VAL N 226 -54.82 22.10 -18.35
C VAL N 226 -54.63 20.80 -19.12
N GLY N 227 -55.39 19.77 -18.73
CA GLY N 227 -55.38 18.54 -19.50
C GLY N 227 -56.11 18.67 -20.83
N THR N 228 -57.29 19.34 -20.82
CA THR N 228 -58.20 19.38 -21.96
C THR N 228 -58.01 20.57 -22.88
N VAL N 229 -57.08 21.46 -22.57
CA VAL N 229 -56.84 22.62 -23.40
C VAL N 229 -56.49 22.22 -24.81
N VAL N 230 -55.81 21.07 -24.99
CA VAL N 230 -55.39 20.71 -26.33
C VAL N 230 -56.62 20.45 -27.20
N THR N 231 -57.75 20.03 -26.59
CA THR N 231 -58.94 19.71 -27.39
C THR N 231 -59.44 20.93 -28.15
N ALA N 232 -59.21 22.13 -27.62
CA ALA N 232 -59.68 23.36 -28.28
C ALA N 232 -58.97 23.59 -29.60
N TYR N 233 -59.79 23.81 -30.64
CA TYR N 233 -59.33 23.99 -32.01
C TYR N 233 -58.42 22.83 -32.41
N GLU N 234 -58.80 21.64 -32.00
CA GLU N 234 -58.01 20.46 -32.34
C GLU N 234 -58.13 20.16 -33.82
N ASP N 235 -56.97 19.91 -34.46
CA ASP N 235 -56.89 19.54 -35.89
C ASP N 235 -57.38 20.66 -36.82
N CYS N 236 -57.23 21.90 -36.38
CA CYS N 236 -57.65 23.08 -37.12
C CYS N 236 -56.49 24.05 -37.27
N SER N 237 -55.27 23.51 -37.33
CA SER N 237 -54.10 24.38 -37.37
C SER N 237 -54.14 25.26 -38.59
N GLY N 238 -54.66 24.76 -39.71
CA GLY N 238 -54.69 25.61 -40.88
C GLY N 238 -55.47 26.86 -40.60
N LEU N 239 -56.70 26.70 -40.10
CA LEU N 239 -57.49 27.87 -39.78
C LEU N 239 -56.80 28.74 -38.73
N VAL N 240 -56.21 28.13 -37.70
CA VAL N 240 -55.61 28.95 -36.65
C VAL N 240 -54.40 29.71 -37.18
N SER N 241 -53.57 29.05 -37.98
CA SER N 241 -52.40 29.74 -38.49
C SER N 241 -52.82 30.93 -39.33
N PHE N 242 -53.90 30.77 -40.10
CA PHE N 242 -54.39 31.85 -40.94
C PHE N 242 -54.80 33.06 -40.11
N THR N 243 -55.53 32.85 -39.02
CA THR N 243 -55.90 34.00 -38.21
C THR N 243 -54.67 34.69 -37.63
N GLY N 244 -53.67 33.91 -37.17
CA GLY N 244 -52.47 34.54 -36.66
C GLY N 244 -51.76 35.36 -37.72
N PHE N 245 -51.72 34.82 -38.94
CA PHE N 245 -51.10 35.51 -40.07
C PHE N 245 -51.76 36.84 -40.33
N ILE N 246 -53.08 36.86 -40.27
CA ILE N 246 -53.80 38.10 -40.45
C ILE N 246 -53.34 39.13 -39.43
N LYS N 247 -53.25 38.71 -38.17
CA LYS N 247 -52.89 39.65 -37.09
C LYS N 247 -51.43 40.11 -37.17
N GLN N 248 -50.51 39.23 -37.57
CA GLN N 248 -49.10 39.60 -37.62
C GLN N 248 -48.86 40.64 -38.70
N ILE N 249 -49.42 40.42 -39.89
CA ILE N 249 -49.25 41.35 -41.00
C ILE N 249 -50.23 42.51 -40.94
N ASN N 250 -51.21 42.45 -40.04
CA ASN N 250 -52.15 43.55 -39.82
C ASN N 250 -52.97 43.81 -41.08
N LEU N 251 -53.48 42.74 -41.68
CA LEU N 251 -54.32 42.81 -42.87
C LEU N 251 -55.68 42.17 -42.56
N THR N 252 -56.67 42.53 -43.35
CA THR N 252 -57.98 41.94 -43.22
C THR N 252 -57.95 40.61 -43.96
N ALA N 253 -58.68 39.62 -43.46
CA ALA N 253 -58.74 38.33 -44.16
C ALA N 253 -58.84 38.51 -45.68
N ARG N 254 -59.68 39.44 -46.14
CA ARG N 254 -59.79 39.70 -47.57
C ARG N 254 -58.48 40.18 -48.15
N GLU N 255 -57.94 41.28 -47.61
CA GLU N 255 -56.70 41.80 -48.16
C GLU N 255 -55.64 40.69 -48.21
N ALA N 256 -55.59 39.85 -47.18
CA ALA N 256 -54.56 38.82 -47.14
C ALA N 256 -54.71 37.82 -48.28
N ILE N 257 -55.90 37.28 -48.51
CA ILE N 257 -55.98 36.27 -49.56
C ILE N 257 -55.69 36.85 -50.94
N LEU N 258 -55.89 38.16 -51.13
CA LEU N 258 -55.60 38.81 -52.40
C LEU N 258 -54.14 38.64 -52.81
N TYR N 259 -53.25 38.53 -51.81
CA TYR N 259 -51.80 38.30 -51.97
C TYR N 259 -51.45 36.83 -52.28
N PHE N 260 -52.40 35.89 -52.18
CA PHE N 260 -52.15 34.47 -52.45
C PHE N 260 -52.21 34.19 -53.93
N PHE N 261 -51.10 34.41 -54.65
CA PHE N 261 -51.12 34.37 -56.11
C PHE N 261 -50.81 32.99 -56.68
N HIS N 262 -51.73 32.06 -56.47
CA HIS N 262 -51.52 30.76 -57.10
C HIS N 262 -52.81 29.99 -57.26
N LYS N 263 -52.84 29.15 -58.29
CA LYS N 263 -54.08 28.41 -58.55
C LYS N 263 -54.40 27.46 -57.39
N ASN N 264 -53.39 26.84 -56.78
CA ASN N 264 -53.63 25.79 -55.78
C ASN N 264 -54.46 26.28 -54.63
N PHE N 265 -54.26 27.54 -54.23
CA PHE N 265 -54.94 28.11 -53.07
C PHE N 265 -56.46 28.08 -53.22
N GLU N 266 -56.98 27.97 -54.47
CA GLU N 266 -58.41 28.08 -54.69
C GLU N 266 -59.18 27.01 -53.91
N GLU N 267 -58.79 25.75 -54.07
CA GLU N 267 -59.54 24.69 -53.41
C GLU N 267 -59.49 24.88 -51.91
N GLU N 268 -58.32 25.23 -51.42
CA GLU N 268 -58.12 25.37 -49.99
C GLU N 268 -58.96 26.52 -49.44
N ILE N 269 -58.93 27.68 -50.10
CA ILE N 269 -59.69 28.80 -49.57
C ILE N 269 -61.17 28.45 -49.48
N ARG N 270 -61.70 27.80 -50.50
CA ARG N 270 -63.10 27.38 -50.42
C ARG N 270 -63.32 26.38 -49.30
N ARG N 271 -62.34 25.49 -49.07
CA ARG N 271 -62.46 24.41 -48.10
C ARG N 271 -62.54 24.93 -46.66
N MET N 272 -61.66 25.86 -46.30
CA MET N 272 -61.58 26.34 -44.91
C MET N 272 -62.58 27.44 -44.59
N PHE N 273 -63.24 27.99 -45.60
CA PHE N 273 -64.17 29.08 -45.33
C PHE N 273 -65.61 28.73 -45.64
N GLU N 274 -65.96 27.45 -45.52
CA GLU N 274 -67.32 27.02 -45.82
C GLU N 274 -68.29 27.71 -44.86
N PRO N 275 -69.38 28.26 -45.37
CA PRO N 275 -70.34 28.95 -44.52
C PRO N 275 -71.16 27.93 -43.74
N GLY N 276 -71.83 28.40 -42.69
CA GLY N 276 -72.66 27.55 -41.87
C GLY N 276 -71.96 26.92 -40.70
N GLN N 277 -70.64 26.98 -40.65
CA GLN N 277 -69.89 26.57 -39.48
C GLN N 277 -69.70 27.80 -38.63
N GLU N 278 -70.07 27.70 -37.37
CA GLU N 278 -70.03 28.87 -36.51
C GLU N 278 -68.61 29.23 -36.09
N THR N 279 -67.76 29.46 -37.08
CA THR N 279 -66.39 29.83 -36.75
C THR N 279 -66.35 31.09 -35.89
N ALA N 280 -67.19 32.07 -36.22
CA ALA N 280 -67.09 33.33 -35.49
C ALA N 280 -67.60 33.21 -34.05
N VAL N 281 -68.52 32.29 -33.77
CA VAL N 281 -69.19 32.22 -32.45
C VAL N 281 -68.18 31.88 -31.37
N PRO N 282 -68.19 32.59 -30.25
CA PRO N 282 -67.17 32.35 -29.22
C PRO N 282 -67.25 30.97 -28.56
N HIS N 283 -68.44 30.53 -28.17
CA HIS N 283 -68.45 29.25 -27.47
C HIS N 283 -69.30 28.24 -28.21
N SER N 284 -68.94 27.93 -29.44
CA SER N 284 -69.77 27.06 -30.25
C SER N 284 -69.19 25.66 -30.20
N TYR N 285 -69.98 24.71 -30.71
CA TYR N 285 -69.47 23.35 -30.75
C TYR N 285 -68.23 23.27 -31.64
N PHE N 286 -68.08 24.22 -32.55
CA PHE N 286 -66.99 24.16 -33.50
C PHE N 286 -65.63 24.17 -32.82
N ILE N 287 -65.48 24.93 -31.73
CA ILE N 287 -64.15 25.02 -31.12
C ILE N 287 -63.64 23.66 -30.70
N HIS N 288 -64.55 22.74 -30.31
CA HIS N 288 -64.21 21.37 -29.91
C HIS N 288 -64.84 20.32 -30.80
N PHE N 289 -65.21 20.66 -32.04
CA PHE N 289 -65.98 19.73 -32.87
C PHE N 289 -65.24 18.43 -33.13
N ARG N 290 -63.94 18.49 -33.36
CA ARG N 290 -63.23 17.25 -33.65
C ARG N 290 -63.25 16.32 -32.43
N SER N 291 -63.01 16.86 -31.23
CA SER N 291 -62.93 16.01 -30.05
C SER N 291 -64.22 15.26 -29.84
N LEU N 292 -65.32 16.00 -29.77
CA LEU N 292 -66.61 15.41 -29.52
C LEU N 292 -67.31 14.78 -30.75
N GLY N 293 -66.66 14.56 -31.86
CA GLY N 293 -67.38 13.89 -32.96
C GLY N 293 -68.03 14.81 -33.96
N LEU N 294 -68.91 14.24 -34.81
CA LEU N 294 -69.54 14.99 -35.90
C LEU N 294 -68.48 15.69 -36.74
N SER N 295 -67.30 15.09 -36.80
CA SER N 295 -66.20 15.77 -37.46
C SER N 295 -65.71 15.02 -38.67
N GLY N 296 -65.36 13.77 -38.47
CA GLY N 296 -64.66 13.02 -39.48
C GLY N 296 -63.25 13.59 -39.56
N LYS N 297 -62.75 13.71 -40.77
CA LYS N 297 -61.47 14.35 -40.98
C LYS N 297 -61.74 15.85 -41.04
N SER N 298 -60.86 16.63 -40.41
CA SER N 298 -61.07 18.07 -40.35
C SER N 298 -60.68 18.71 -41.66
N PRO N 299 -61.55 19.53 -42.24
CA PRO N 299 -61.15 20.33 -43.39
C PRO N 299 -60.27 21.51 -42.99
N TYR N 300 -60.06 21.76 -41.71
CA TYR N 300 -59.20 22.87 -41.31
C TYR N 300 -57.79 22.42 -40.86
N SER N 301 -57.46 21.13 -41.05
CA SER N 301 -56.15 20.61 -40.65
C SER N 301 -55.06 21.20 -41.53
N SER N 302 -53.83 21.20 -41.02
CA SER N 302 -52.71 21.75 -41.77
C SER N 302 -52.49 20.99 -43.07
N ASN N 303 -52.86 19.71 -43.11
CA ASN N 303 -52.73 18.96 -44.36
C ASN N 303 -53.75 19.42 -45.37
N ALA N 304 -54.98 19.67 -44.92
CA ALA N 304 -56.09 20.06 -45.79
C ALA N 304 -55.82 21.39 -46.43
N VAL N 305 -55.17 22.26 -45.70
CA VAL N 305 -54.97 23.58 -46.25
C VAL N 305 -53.46 23.80 -46.44
N GLY N 306 -52.79 22.78 -46.98
CA GLY N 306 -51.33 22.73 -47.00
C GLY N 306 -50.64 23.90 -47.66
N HIS N 307 -51.10 24.30 -48.84
CA HIS N 307 -50.45 25.39 -49.60
C HIS N 307 -50.54 26.71 -48.82
N VAL N 308 -51.71 26.98 -48.23
CA VAL N 308 -51.90 28.16 -47.39
C VAL N 308 -51.00 28.11 -46.18
N PHE N 309 -50.96 26.95 -45.55
CA PHE N 309 -50.18 26.76 -44.33
C PHE N 309 -48.71 27.01 -44.63
N ASN N 310 -48.20 26.38 -45.70
CA ASN N 310 -46.80 26.58 -46.04
C ASN N 310 -46.51 28.04 -46.33
N LEU N 311 -47.35 28.69 -47.13
CA LEU N 311 -47.13 30.10 -47.42
C LEU N 311 -47.12 30.92 -46.14
N ILE N 312 -48.02 30.62 -45.21
CA ILE N 312 -48.06 31.40 -43.99
C ILE N 312 -46.74 31.29 -43.23
N HIS N 313 -46.25 30.06 -43.06
CA HIS N 313 -45.03 29.91 -42.24
C HIS N 313 -43.78 30.31 -42.97
N PHE N 314 -43.74 30.19 -44.28
CA PHE N 314 -42.60 30.73 -44.99
C PHE N 314 -42.53 32.23 -44.82
N VAL N 315 -43.68 32.92 -44.86
CA VAL N 315 -43.65 34.35 -44.57
C VAL N 315 -43.17 34.57 -43.14
N GLY N 316 -43.64 33.74 -42.21
CA GLY N 316 -43.18 33.85 -40.83
C GLY N 316 -41.68 33.65 -40.67
N CYS N 317 -41.13 32.60 -41.29
CA CYS N 317 -39.68 32.44 -41.21
C CYS N 317 -39.00 33.69 -41.74
N TYR N 318 -39.50 34.24 -42.85
CA TYR N 318 -38.87 35.43 -43.38
C TYR N 318 -38.90 36.55 -42.36
N MET N 319 -39.96 36.62 -41.57
CA MET N 319 -40.07 37.64 -40.54
C MET N 319 -39.47 37.21 -39.21
N GLY N 320 -38.89 36.01 -39.17
CA GLY N 320 -38.20 35.50 -38.00
C GLY N 320 -39.10 34.96 -36.91
N GLN N 321 -40.36 34.66 -37.20
CA GLN N 321 -41.26 34.13 -36.19
C GLN N 321 -40.80 32.74 -35.78
N VAL N 322 -40.63 32.52 -34.48
CA VAL N 322 -40.12 31.22 -34.06
C VAL N 322 -41.14 30.12 -34.32
N ARG N 323 -42.44 30.41 -34.16
CA ARG N 323 -43.46 29.38 -34.39
C ARG N 323 -43.34 28.82 -35.81
N SER N 324 -43.13 29.69 -36.80
CA SER N 324 -43.04 29.24 -38.19
C SER N 324 -41.78 28.42 -38.43
N LEU N 325 -40.64 28.81 -37.83
CA LEU N 325 -39.39 28.08 -38.02
C LEU N 325 -39.53 26.64 -37.59
N ASN N 326 -40.32 26.39 -36.53
CA ASN N 326 -40.50 25.07 -35.96
C ASN N 326 -41.70 24.32 -36.51
N ALA N 327 -42.50 24.97 -37.35
CA ALA N 327 -43.66 24.28 -37.88
C ALA N 327 -43.20 23.22 -38.87
N THR N 328 -44.02 22.19 -39.02
CA THR N 328 -43.69 21.09 -39.90
C THR N 328 -44.20 21.37 -41.31
N VAL N 329 -43.32 21.24 -42.27
CA VAL N 329 -43.69 21.54 -43.64
C VAL N 329 -44.57 20.44 -44.20
N ILE N 330 -45.57 20.81 -44.99
CA ILE N 330 -46.39 19.83 -45.72
C ILE N 330 -45.67 19.59 -47.05
N ALA N 331 -44.98 18.46 -47.19
CA ALA N 331 -44.15 18.27 -48.38
C ALA N 331 -44.97 18.16 -49.64
N ALA N 332 -46.17 17.57 -49.55
CA ALA N 332 -46.98 17.35 -50.74
C ALA N 332 -47.36 18.68 -51.37
N CYS N 333 -47.69 19.68 -50.56
CA CYS N 333 -48.23 20.90 -51.12
C CYS N 333 -47.12 21.89 -51.55
N ALA N 334 -46.36 21.49 -52.60
CA ALA N 334 -45.42 22.33 -53.35
C ALA N 334 -44.69 23.35 -52.51
N PRO N 335 -43.85 22.90 -51.59
CA PRO N 335 -43.21 23.82 -50.66
C PRO N 335 -42.26 24.78 -51.33
N HIS N 336 -41.57 24.36 -52.39
CA HIS N 336 -40.64 25.28 -53.02
C HIS N 336 -41.38 26.45 -53.57
N GLU N 337 -42.43 26.19 -54.34
CA GLU N 337 -43.14 27.31 -54.95
C GLU N 337 -43.70 28.20 -53.86
N MET N 338 -44.25 27.59 -52.80
CA MET N 338 -44.72 28.37 -51.66
C MET N 338 -43.61 29.19 -51.06
N SER N 339 -42.40 28.64 -51.00
CA SER N 339 -41.32 29.41 -50.43
C SER N 339 -41.02 30.65 -51.26
N VAL N 340 -41.12 30.56 -52.60
CA VAL N 340 -40.81 31.73 -53.42
C VAL N 340 -41.80 32.86 -53.17
N LEU N 341 -43.10 32.55 -53.28
CA LEU N 341 -44.12 33.55 -52.95
C LEU N 341 -43.91 34.10 -51.58
N GLY N 342 -43.52 33.23 -50.64
CA GLY N 342 -43.29 33.67 -49.28
C GLY N 342 -42.14 34.65 -49.17
N GLY N 343 -41.13 34.48 -50.02
CA GLY N 343 -40.04 35.43 -50.07
C GLY N 343 -40.48 36.80 -50.50
N TYR N 344 -41.31 36.88 -51.56
CA TYR N 344 -41.82 38.18 -52.01
C TYR N 344 -42.78 38.77 -51.00
N LEU N 345 -43.69 37.95 -50.50
CA LEU N 345 -44.65 38.43 -49.52
C LEU N 345 -43.94 38.87 -48.24
N GLY N 346 -42.95 38.08 -47.80
CA GLY N 346 -42.22 38.44 -46.60
C GLY N 346 -41.49 39.76 -46.74
N GLU N 347 -40.91 40.01 -47.91
CA GLU N 347 -40.22 41.27 -48.17
C GLU N 347 -41.14 42.47 -47.98
N GLU N 348 -42.38 42.39 -48.48
CA GLU N 348 -43.35 43.48 -48.33
C GLU N 348 -43.74 43.72 -46.87
N PHE N 349 -43.89 42.66 -46.08
CA PHE N 349 -44.33 42.78 -44.70
C PHE N 349 -43.22 42.85 -43.68
N PHE N 350 -41.97 42.63 -44.06
CA PHE N 350 -40.86 42.65 -43.11
C PHE N 350 -40.23 44.04 -43.12
N GLY N 351 -40.19 44.66 -41.95
CA GLY N 351 -39.52 45.95 -41.81
C GLY N 351 -40.29 47.16 -42.28
N LYS N 352 -41.57 47.00 -42.64
CA LYS N 352 -42.40 48.07 -43.19
C LYS N 352 -43.74 48.12 -42.48
N GLY N 353 -44.28 49.32 -42.28
CA GLY N 353 -45.58 49.44 -41.68
C GLY N 353 -46.38 50.48 -42.44
N THR N 354 -47.71 50.33 -42.40
CA THR N 354 -48.62 51.28 -43.03
C THR N 354 -49.06 52.25 -41.94
N PHE N 355 -48.45 53.45 -41.90
CA PHE N 355 -48.63 54.35 -40.77
C PHE N 355 -49.40 55.60 -41.17
N GLU N 356 -50.37 55.98 -40.34
CA GLU N 356 -51.21 57.15 -40.60
C GLU N 356 -51.49 57.83 -39.28
N ARG N 357 -51.53 59.16 -39.30
CA ARG N 357 -51.87 59.90 -38.09
C ARG N 357 -53.36 59.72 -37.78
N ARG N 358 -53.68 59.28 -36.56
CA ARG N 358 -55.06 59.12 -36.17
C ARG N 358 -55.45 59.99 -34.99
N PHE N 359 -54.46 60.54 -34.26
CA PHE N 359 -54.66 61.34 -33.05
C PHE N 359 -54.13 62.74 -33.25
N PHE N 360 -54.97 63.74 -32.94
CA PHE N 360 -54.68 65.15 -33.16
C PHE N 360 -55.16 65.96 -31.96
N ARG N 361 -54.56 67.15 -31.79
CA ARG N 361 -54.90 68.02 -30.66
C ARG N 361 -56.31 68.60 -30.78
N ASP N 362 -56.70 69.05 -31.97
CA ASP N 362 -58.00 69.68 -32.20
C ASP N 362 -58.65 69.15 -33.46
N GLU N 363 -59.97 69.35 -33.56
CA GLU N 363 -60.67 68.87 -34.74
C GLU N 363 -60.14 69.50 -36.02
N LYS N 364 -59.75 70.77 -35.96
CA LYS N 364 -59.25 71.43 -37.17
C LYS N 364 -58.01 70.72 -37.70
N GLU N 365 -57.12 70.30 -36.79
CA GLU N 365 -55.87 69.62 -37.14
C GLU N 365 -56.14 68.30 -37.86
N LEU N 366 -57.19 67.60 -37.45
CA LEU N 366 -57.59 66.38 -38.14
C LEU N 366 -57.99 66.68 -39.57
N GLN N 367 -58.78 67.74 -39.77
CA GLN N 367 -59.23 68.12 -41.10
C GLN N 367 -58.07 68.53 -41.99
N GLU N 368 -57.13 69.28 -41.43
CA GLU N 368 -55.97 69.71 -42.19
C GLU N 368 -55.11 68.52 -42.61
N TYR N 369 -54.99 67.51 -41.74
CA TYR N 369 -54.23 66.34 -42.12
C TYR N 369 -54.87 65.57 -43.26
N GLU N 370 -56.19 65.65 -43.42
CA GLU N 370 -56.81 64.90 -44.50
C GLU N 370 -56.55 65.52 -45.88
N ALA N 371 -56.36 66.85 -45.96
CA ALA N 371 -56.10 67.60 -47.21
C ALA N 371 -54.69 67.36 -47.76
N ALA N 372 -53.73 67.11 -46.87
CA ALA N 372 -52.37 66.87 -47.28
C ALA N 372 -52.28 65.63 -48.18
N GLU N 398 -42.89 50.89 -51.39
CA GLU N 398 -43.99 51.83 -51.28
C GLU N 398 -45.27 51.26 -51.88
N THR N 399 -46.38 51.94 -51.58
CA THR N 399 -47.73 51.63 -52.09
C THR N 399 -48.02 50.12 -52.01
N ARG N 400 -47.98 49.64 -50.77
CA ARG N 400 -48.25 48.24 -50.45
C ARG N 400 -49.60 47.78 -50.99
N SER N 401 -49.59 46.92 -52.00
CA SER N 401 -50.84 46.49 -52.62
C SER N 401 -50.61 45.12 -53.20
N PRO N 402 -51.68 44.31 -53.33
CA PRO N 402 -51.48 43.03 -54.03
C PRO N 402 -50.93 43.23 -55.42
N GLU N 403 -51.43 44.24 -56.15
CA GLU N 403 -51.00 44.49 -57.52
C GLU N 403 -49.50 44.77 -57.59
N ALA N 404 -48.99 45.54 -56.63
CA ALA N 404 -47.57 45.86 -56.63
C ALA N 404 -46.74 44.62 -56.43
N VAL N 405 -47.13 43.77 -55.49
CA VAL N 405 -46.32 42.59 -55.26
C VAL N 405 -46.35 41.71 -56.51
N TYR N 406 -47.55 41.49 -57.06
CA TYR N 406 -47.65 40.62 -58.20
C TYR N 406 -46.79 41.14 -59.35
N THR N 407 -46.81 42.44 -59.61
CA THR N 407 -45.96 43.00 -60.67
C THR N 407 -44.48 42.82 -60.35
N ARG N 408 -44.09 42.97 -59.09
CA ARG N 408 -42.70 42.78 -58.73
C ARG N 408 -42.28 41.35 -59.01
N ILE N 409 -43.14 40.39 -58.68
CA ILE N 409 -42.82 38.99 -58.97
C ILE N 409 -42.68 38.77 -60.46
N MET N 410 -43.61 39.34 -61.24
CA MET N 410 -43.59 39.14 -62.68
C MET N 410 -42.32 39.72 -63.29
N MET N 411 -41.86 40.88 -62.80
CA MET N 411 -40.64 41.49 -63.34
C MET N 411 -39.42 40.61 -63.14
N ASN N 412 -39.32 39.93 -62.01
CA ASN N 412 -38.22 39.00 -61.79
C ASN N 412 -38.53 37.61 -62.30
N GLY N 413 -39.61 37.45 -63.06
CA GLY N 413 -39.94 36.18 -63.68
C GLY N 413 -40.30 35.07 -62.73
N GLY N 414 -40.83 35.42 -61.56
CA GLY N 414 -41.17 34.41 -60.57
C GLY N 414 -40.01 33.71 -59.91
N ARG N 415 -38.85 34.37 -59.85
CA ARG N 415 -37.64 33.80 -59.26
C ARG N 415 -37.22 34.60 -58.03
N LEU N 416 -36.80 33.90 -56.98
CA LEU N 416 -36.42 34.58 -55.76
C LEU N 416 -35.27 35.55 -56.02
N LYS N 417 -35.33 36.74 -55.41
CA LYS N 417 -34.21 37.66 -55.47
C LYS N 417 -33.08 37.16 -54.58
N ARG N 418 -31.85 37.61 -54.88
CA ARG N 418 -30.73 37.17 -54.05
C ARG N 418 -30.96 37.55 -52.61
N SER N 419 -31.49 38.77 -52.38
CA SER N 419 -31.73 39.19 -51.01
C SER N 419 -32.73 38.25 -50.35
N HIS N 420 -33.74 37.80 -51.08
CA HIS N 420 -34.69 36.86 -50.51
C HIS N 420 -33.95 35.62 -50.01
N ILE N 421 -33.03 35.10 -50.80
CA ILE N 421 -32.34 33.89 -50.36
C ILE N 421 -31.44 34.18 -49.18
N ARG N 422 -30.72 35.31 -49.22
CA ARG N 422 -29.86 35.66 -48.09
C ARG N 422 -30.66 35.75 -46.79
N ARG N 423 -31.81 36.43 -46.82
CA ARG N 423 -32.62 36.52 -45.61
C ARG N 423 -33.05 35.15 -45.13
N TYR N 424 -33.56 34.32 -46.03
CA TYR N 424 -34.02 32.99 -45.66
C TYR N 424 -32.92 32.19 -45.00
N VAL N 425 -31.74 32.24 -45.58
CA VAL N 425 -30.64 31.48 -45.02
C VAL N 425 -30.25 32.07 -43.68
N SER N 426 -30.21 33.39 -43.58
CA SER N 426 -29.81 34.00 -42.31
C SER N 426 -30.73 33.55 -41.20
N VAL N 427 -32.03 33.49 -41.46
CA VAL N 427 -32.98 33.06 -40.45
C VAL N 427 -32.82 31.58 -40.16
N SER N 428 -32.69 30.75 -41.21
CA SER N 428 -32.64 29.30 -41.02
C SER N 428 -31.36 28.87 -40.32
N SER N 429 -30.22 29.46 -40.68
CA SER N 429 -28.97 29.01 -40.08
C SER N 429 -28.89 29.40 -38.61
N ASN N 430 -29.31 30.63 -38.27
CA ASN N 430 -29.28 31.11 -36.87
C ASN N 430 -30.51 30.63 -36.09
N HIS N 431 -30.72 29.33 -36.16
CA HIS N 431 -31.84 28.70 -35.44
C HIS N 431 -31.51 27.22 -35.32
N GLN N 432 -31.96 26.62 -34.21
CA GLN N 432 -31.79 25.20 -33.95
C GLN N 432 -32.87 24.47 -34.74
N ALA N 433 -32.55 24.11 -35.97
CA ALA N 433 -33.53 23.55 -36.88
C ALA N 433 -34.05 22.20 -36.39
N ARG N 434 -35.36 22.11 -36.23
CA ARG N 434 -36.02 20.88 -35.79
C ARG N 434 -36.13 19.90 -36.94
N PRO N 435 -36.46 18.63 -36.65
CA PRO N 435 -36.41 17.58 -37.67
C PRO N 435 -37.02 17.92 -39.03
N ASN N 436 -38.33 18.13 -39.12
CA ASN N 436 -38.95 18.37 -40.41
C ASN N 436 -39.48 19.79 -40.49
N SER N 437 -38.82 20.71 -39.80
CA SER N 437 -39.35 22.05 -39.70
C SER N 437 -39.15 22.81 -41.00
N PHE N 438 -39.84 23.95 -41.08
CA PHE N 438 -39.58 24.89 -42.14
C PHE N 438 -38.15 25.37 -42.06
N ALA N 439 -37.63 25.53 -40.85
CA ALA N 439 -36.24 25.91 -40.69
C ALA N 439 -35.34 24.88 -41.32
N GLU N 440 -35.63 23.60 -41.10
CA GLU N 440 -34.80 22.58 -41.73
C GLU N 440 -34.93 22.65 -43.25
N PHE N 441 -36.15 22.82 -43.75
CA PHE N 441 -36.35 22.93 -45.18
C PHE N 441 -35.56 24.12 -45.76
N LEU N 442 -35.60 25.28 -45.11
CA LEU N 442 -34.86 26.42 -45.63
C LEU N 442 -33.36 26.15 -45.65
N ASN N 443 -32.85 25.51 -44.59
CA ASN N 443 -31.42 25.19 -44.55
C ASN N 443 -31.04 24.18 -45.63
N LYS N 444 -31.78 23.08 -45.76
CA LYS N 444 -31.40 22.09 -46.77
C LYS N 444 -31.52 22.66 -48.18
N THR N 445 -32.50 23.53 -48.40
CA THR N 445 -32.76 24.02 -49.74
C THR N 445 -31.86 25.16 -50.17
N TYR N 446 -31.70 26.22 -49.37
CA TYR N 446 -30.91 27.36 -49.85
C TYR N 446 -29.57 27.59 -49.19
N SER N 447 -29.29 26.93 -48.06
CA SER N 447 -28.12 27.23 -47.20
C SER N 447 -26.81 27.52 -47.95
N SER N 448 -26.43 26.68 -48.94
CA SER N 448 -25.20 26.91 -49.70
C SER N 448 -23.90 26.89 -48.84
N LYS O 5 -65.96 45.94 -48.29
CA LYS O 5 -66.72 44.70 -48.41
C LYS O 5 -65.93 43.49 -47.99
N ILE O 6 -66.64 42.54 -47.38
CA ILE O 6 -66.00 41.34 -46.85
C ILE O 6 -66.35 40.19 -47.79
N VAL O 7 -65.68 40.11 -48.94
CA VAL O 7 -66.06 39.14 -49.97
C VAL O 7 -64.85 38.83 -50.85
N PHE O 8 -64.91 37.68 -51.53
CA PHE O 8 -63.91 37.23 -52.47
C PHE O 8 -64.50 36.73 -53.79
N LYS O 9 -63.71 36.85 -54.85
CA LYS O 9 -64.10 36.34 -56.17
C LYS O 9 -63.06 35.34 -56.66
N VAL O 10 -63.46 34.08 -56.75
CA VAL O 10 -62.64 32.91 -57.10
C VAL O 10 -63.26 32.31 -58.37
N ASN O 11 -62.44 31.66 -59.22
CA ASN O 11 -62.95 31.06 -60.45
C ASN O 11 -62.80 29.52 -60.45
N ASN O 12 -63.93 28.80 -60.52
CA ASN O 12 -63.94 27.34 -60.69
C ASN O 12 -64.83 26.97 -61.89
N GLN O 13 -64.56 27.61 -63.04
CA GLN O 13 -65.35 27.56 -64.26
C GLN O 13 -66.55 28.50 -64.10
N VAL O 14 -66.77 29.06 -62.91
CA VAL O 14 -67.80 30.08 -62.69
C VAL O 14 -67.28 30.96 -61.56
N VAL O 15 -67.94 32.11 -61.35
CA VAL O 15 -67.56 33.08 -60.32
C VAL O 15 -68.12 32.63 -58.97
N SER O 16 -67.31 32.70 -57.93
CA SER O 16 -67.71 32.26 -56.60
C SER O 16 -67.42 33.33 -55.58
N LEU O 17 -68.39 33.54 -54.73
CA LEU O 17 -68.27 34.55 -53.69
C LEU O 17 -68.16 33.83 -52.34
N LYS O 18 -67.07 34.08 -51.60
CA LYS O 18 -66.86 33.47 -50.27
C LYS O 18 -66.59 34.58 -49.26
N PRO O 19 -67.22 34.52 -48.08
CA PRO O 19 -66.88 35.40 -46.93
C PRO O 19 -65.85 34.75 -46.01
N GLU O 20 -64.99 35.56 -45.40
CA GLU O 20 -64.01 35.06 -44.42
C GLU O 20 -64.51 35.19 -42.99
N ILE O 21 -64.50 34.10 -42.25
CA ILE O 21 -65.02 34.13 -40.89
C ILE O 21 -63.86 33.77 -39.95
N ILE O 22 -63.59 34.63 -38.96
CA ILE O 22 -62.50 34.44 -38.01
C ILE O 22 -63.04 34.78 -36.62
N VAL O 23 -62.45 34.21 -35.58
CA VAL O 23 -63.02 34.40 -34.25
C VAL O 23 -62.36 35.64 -33.66
N ASP O 24 -63.19 36.57 -33.19
CA ASP O 24 -62.71 37.78 -32.52
C ASP O 24 -63.73 38.19 -31.46
N GLN O 25 -63.32 38.16 -30.19
CA GLN O 25 -64.20 38.46 -29.08
C GLN O 25 -63.59 39.48 -28.12
N HIS O 26 -64.46 40.28 -27.50
CA HIS O 26 -64.03 41.26 -26.51
C HIS O 26 -64.88 41.12 -25.26
N GLU O 27 -64.23 40.89 -24.12
CA GLU O 27 -64.93 40.92 -22.85
C GLU O 27 -64.14 41.85 -21.92
N TYR O 28 -64.60 43.12 -21.78
CA TYR O 28 -63.95 44.10 -20.90
C TYR O 28 -64.99 44.91 -20.15
N LYS O 29 -65.07 44.68 -18.84
CA LYS O 29 -65.89 45.43 -17.89
C LYS O 29 -65.00 46.42 -17.13
N TYR O 30 -65.47 47.62 -16.96
CA TYR O 30 -64.61 48.60 -16.29
C TYR O 30 -64.91 48.62 -14.79
N PRO O 31 -63.95 49.02 -14.00
CA PRO O 31 -64.09 48.97 -12.54
C PRO O 31 -64.68 50.30 -12.09
N ALA O 32 -65.88 50.25 -11.53
CA ALA O 32 -66.42 51.51 -11.07
C ALA O 32 -67.55 51.17 -10.14
N ILE O 33 -67.64 51.89 -9.04
CA ILE O 33 -68.73 51.59 -8.13
C ILE O 33 -69.82 52.64 -8.24
N LYS O 34 -70.84 52.40 -9.07
CA LYS O 34 -71.96 53.32 -9.10
C LYS O 34 -72.96 53.03 -7.99
N ASP O 35 -72.94 51.80 -7.46
CA ASP O 35 -73.82 51.39 -6.38
C ASP O 35 -73.55 52.13 -5.07
N LEU O 36 -72.40 52.80 -4.94
CA LEU O 36 -72.02 53.45 -3.69
C LEU O 36 -71.86 52.44 -2.55
N LYS O 37 -71.55 51.19 -2.92
CA LYS O 37 -71.40 50.11 -1.95
C LYS O 37 -69.95 49.63 -1.90
N LYS O 38 -69.38 49.57 -0.68
CA LYS O 38 -68.00 49.12 -0.52
C LYS O 38 -67.88 47.65 -0.92
N PRO O 39 -66.72 47.22 -1.40
CA PRO O 39 -66.55 45.82 -1.81
C PRO O 39 -66.77 44.82 -0.65
N CYS O 40 -67.43 43.68 -0.91
CA CYS O 40 -67.70 42.72 0.19
C CYS O 40 -67.32 41.30 -0.21
N ILE O 41 -66.94 40.48 0.81
CA ILE O 41 -66.72 39.04 0.66
C ILE O 41 -67.49 38.31 1.75
N THR O 42 -67.83 37.05 1.46
CA THR O 42 -68.55 36.13 2.35
C THR O 42 -67.54 35.26 3.09
N LEU O 43 -67.53 35.35 4.42
CA LEU O 43 -66.61 34.62 5.27
C LEU O 43 -67.39 33.82 6.30
N GLY O 44 -66.68 33.05 7.11
CA GLY O 44 -67.30 32.20 8.11
C GLY O 44 -67.60 32.95 9.40
N LYS O 45 -67.99 32.17 10.41
CA LYS O 45 -68.37 32.72 11.70
C LYS O 45 -67.16 33.35 12.35
N ALA O 46 -67.42 34.40 13.13
CA ALA O 46 -66.36 35.19 13.71
C ALA O 46 -65.43 34.30 14.53
N PRO O 47 -64.11 34.39 14.33
CA PRO O 47 -63.21 33.54 15.09
C PRO O 47 -62.96 34.15 16.45
N ASP O 48 -62.62 33.26 17.37
CA ASP O 48 -62.08 33.54 18.69
C ASP O 48 -60.59 33.88 18.58
N LEU O 49 -60.29 35.15 18.31
CA LEU O 49 -58.90 35.57 18.25
C LEU O 49 -58.21 35.06 19.50
N ASN O 50 -56.89 34.82 19.41
CA ASN O 50 -56.05 34.25 20.46
C ASN O 50 -56.12 32.74 20.36
N LYS O 51 -57.25 32.20 19.93
CA LYS O 51 -57.36 30.78 19.72
C LYS O 51 -57.06 30.45 18.26
N ALA O 52 -57.58 31.30 17.37
CA ALA O 52 -57.31 31.18 15.94
C ALA O 52 -55.83 31.45 15.67
N TYR O 53 -55.22 32.40 16.39
CA TYR O 53 -53.80 32.67 16.17
C TYR O 53 -53.00 31.38 16.36
N LYS O 54 -53.34 30.60 17.38
CA LYS O 54 -52.62 29.36 17.63
C LYS O 54 -52.79 28.36 16.50
N SER O 55 -54.00 28.24 15.97
CA SER O 55 -54.25 27.25 14.95
C SER O 55 -53.47 27.55 13.66
N VAL O 56 -53.53 28.81 13.18
CA VAL O 56 -52.87 29.16 11.91
C VAL O 56 -51.35 29.12 12.07
N LEU O 57 -50.82 29.53 13.24
CA LEU O 57 -49.38 29.45 13.51
C LEU O 57 -48.89 28.02 13.48
N SER O 58 -49.67 27.10 14.05
CA SER O 58 -49.32 25.70 13.91
C SER O 58 -49.39 25.30 12.44
N GLY O 59 -50.44 25.77 11.75
CA GLY O 59 -50.55 25.46 10.34
C GLY O 59 -49.38 25.99 9.56
N MET O 60 -48.91 27.19 9.92
CA MET O 60 -47.82 27.83 9.20
C MET O 60 -46.54 27.00 9.20
N SER O 61 -46.09 26.58 10.38
CA SER O 61 -44.89 25.77 10.48
C SER O 61 -45.11 24.35 9.98
N ALA O 62 -46.35 23.84 10.07
CA ALA O 62 -46.54 22.50 9.53
C ALA O 62 -46.70 22.48 8.01
N ALA O 63 -46.70 23.66 7.38
CA ALA O 63 -46.90 23.84 5.95
C ALA O 63 -48.26 23.31 5.48
N LYS O 64 -49.21 23.13 6.40
CA LYS O 64 -50.56 22.77 6.06
C LYS O 64 -51.50 23.85 6.60
N LEU O 65 -52.21 24.55 5.71
CA LEU O 65 -53.07 25.67 6.07
C LEU O 65 -54.44 25.54 5.45
N ASP O 66 -55.46 26.03 6.17
CA ASP O 66 -56.81 25.99 5.61
C ASP O 66 -57.16 27.37 5.07
N PRO O 67 -57.46 27.51 3.77
CA PRO O 67 -57.68 28.86 3.25
C PRO O 67 -58.84 29.58 3.93
N ASP O 68 -59.98 28.92 4.12
CA ASP O 68 -61.10 29.63 4.73
C ASP O 68 -60.76 30.10 6.14
N ASP O 69 -60.03 29.28 6.91
CA ASP O 69 -59.63 29.71 8.25
C ASP O 69 -58.65 30.88 8.16
N VAL O 70 -57.70 30.79 7.22
CA VAL O 70 -56.70 31.84 7.09
C VAL O 70 -57.40 33.17 6.85
N CYS O 71 -58.39 33.18 5.94
CA CYS O 71 -59.11 34.39 5.56
C CYS O 71 -59.92 34.97 6.71
N SER O 72 -60.60 34.10 7.47
CA SER O 72 -61.36 34.58 8.61
C SER O 72 -60.43 35.20 9.67
N TYR O 73 -59.25 34.62 9.84
CA TYR O 73 -58.33 35.22 10.80
C TYR O 73 -57.86 36.59 10.37
N LEU O 74 -57.48 36.73 9.09
CA LEU O 74 -56.99 38.00 8.60
C LEU O 74 -58.04 39.08 8.75
N ALA O 75 -59.28 38.75 8.38
CA ALA O 75 -60.34 39.73 8.52
C ALA O 75 -60.59 40.06 9.98
N ALA O 76 -60.53 39.06 10.87
CA ALA O 76 -60.71 39.34 12.28
C ALA O 76 -59.62 40.24 12.80
N ALA O 77 -58.39 40.02 12.31
CA ALA O 77 -57.23 40.76 12.76
C ALA O 77 -57.26 42.23 12.36
N MET O 78 -58.15 42.62 11.46
CA MET O 78 -58.17 43.99 10.98
C MET O 78 -58.39 44.99 12.10
N GLN O 79 -59.08 44.57 13.16
CA GLN O 79 -59.35 45.48 14.26
C GLN O 79 -58.06 45.94 14.95
N PHE O 80 -57.01 45.11 14.95
CA PHE O 80 -55.77 45.46 15.65
C PHE O 80 -55.11 46.70 15.04
N PHE O 81 -55.17 46.82 13.70
CA PHE O 81 -54.50 47.91 12.99
C PHE O 81 -55.44 49.10 12.87
N GLU O 82 -55.11 50.16 13.60
CA GLU O 82 -55.95 51.34 13.66
C GLU O 82 -55.10 52.57 13.51
N GLY O 83 -55.65 53.55 12.79
CA GLY O 83 -54.98 54.80 12.54
C GLY O 83 -55.96 55.91 12.26
N THR O 84 -55.46 57.13 12.43
CA THR O 84 -56.18 58.34 12.03
C THR O 84 -56.05 58.63 10.53
N CYS O 85 -57.15 59.08 9.90
CA CYS O 85 -57.18 59.38 8.46
C CYS O 85 -56.66 60.79 8.20
N PRO O 86 -55.62 60.96 7.37
CA PRO O 86 -54.99 62.30 7.29
C PRO O 86 -55.90 63.36 6.68
N GLU O 87 -56.63 63.02 5.63
CA GLU O 87 -57.49 63.95 4.90
C GLU O 87 -58.78 63.20 4.54
N ASP O 88 -59.81 63.94 4.12
CA ASP O 88 -61.04 63.26 3.74
C ASP O 88 -60.79 62.29 2.59
N TRP O 89 -61.31 61.08 2.74
CA TRP O 89 -61.07 59.98 1.80
C TRP O 89 -62.38 59.62 1.08
N THR O 90 -62.51 60.05 -0.17
CA THR O 90 -63.61 59.66 -1.06
C THR O 90 -63.08 58.90 -2.26
N SER O 91 -63.65 57.73 -2.53
CA SER O 91 -63.27 56.98 -3.72
C SER O 91 -64.39 57.06 -4.74
N TYR O 92 -64.95 55.93 -5.19
CA TYR O 92 -65.99 55.96 -6.23
C TYR O 92 -67.32 56.49 -5.67
N GLY O 93 -67.27 57.71 -5.11
CA GLY O 93 -68.43 58.40 -4.57
C GLY O 93 -68.78 58.00 -3.16
N ILE O 94 -68.02 57.09 -2.58
CA ILE O 94 -68.23 56.61 -1.24
C ILE O 94 -67.17 57.24 -0.36
N VAL O 95 -67.56 57.70 0.83
CA VAL O 95 -66.66 58.32 1.81
C VAL O 95 -66.29 57.27 2.85
N ILE O 96 -65.08 56.75 2.72
CA ILE O 96 -64.68 55.72 3.66
C ILE O 96 -64.34 56.33 5.01
N ALA O 97 -63.86 57.59 4.99
CA ALA O 97 -63.41 58.28 6.19
C ALA O 97 -63.35 59.78 5.94
N ARG O 98 -63.29 60.54 7.03
CA ARG O 98 -63.13 62.00 6.98
C ARG O 98 -61.91 62.36 7.82
N LYS O 99 -61.33 63.52 7.56
CA LYS O 99 -60.09 63.92 8.25
C LYS O 99 -60.28 63.86 9.77
N GLY O 100 -59.30 63.28 10.46
CA GLY O 100 -59.33 63.15 11.89
C GLY O 100 -60.13 61.98 12.38
N ASP O 101 -60.56 61.08 11.49
CA ASP O 101 -61.36 59.92 11.89
C ASP O 101 -60.46 58.71 12.07
N LYS O 102 -60.62 58.03 13.21
CA LYS O 102 -59.82 56.81 13.39
C LYS O 102 -60.37 55.74 12.47
N ILE O 103 -59.48 55.01 11.78
CA ILE O 103 -59.98 53.99 10.87
C ILE O 103 -59.10 52.75 10.97
N THR O 104 -59.68 51.62 10.55
CA THR O 104 -59.09 50.30 10.45
C THR O 104 -59.21 49.84 9.01
N PRO O 105 -58.54 48.76 8.65
CA PRO O 105 -58.87 48.13 7.38
C PRO O 105 -60.36 47.85 7.30
N GLY O 106 -61.07 47.64 8.41
CA GLY O 106 -62.49 47.38 8.32
C GLY O 106 -63.28 48.49 7.63
N SER O 107 -62.77 49.75 7.72
CA SER O 107 -63.54 50.82 7.12
C SER O 107 -63.48 50.80 5.59
N LEU O 108 -62.47 50.14 4.99
CA LEU O 108 -62.38 50.13 3.54
C LEU O 108 -63.37 49.16 2.90
N VAL O 109 -63.54 47.97 3.47
CA VAL O 109 -64.45 47.01 2.84
C VAL O 109 -65.52 46.53 3.84
N GLU O 110 -66.54 45.89 3.28
CA GLU O 110 -67.61 45.25 4.03
C GLU O 110 -67.37 43.74 4.09
N ILE O 111 -67.32 43.16 5.29
CA ILE O 111 -67.14 41.72 5.45
C ILE O 111 -68.45 41.07 5.89
N LYS O 112 -68.86 40.03 5.16
CA LYS O 112 -70.07 39.26 5.47
C LYS O 112 -69.66 37.97 6.16
N ARG O 113 -70.14 37.78 7.38
CA ARG O 113 -69.81 36.58 8.14
C ARG O 113 -71.03 35.66 8.23
N THR O 114 -70.83 34.37 8.04
CA THR O 114 -71.91 33.39 8.13
C THR O 114 -72.01 32.89 9.57
N ASP O 115 -72.72 31.77 9.78
CA ASP O 115 -72.81 31.16 11.10
C ASP O 115 -72.01 29.88 11.22
N VAL O 116 -71.31 29.49 10.16
CA VAL O 116 -70.51 28.27 10.19
C VAL O 116 -69.14 28.60 10.79
N GLU O 117 -68.70 27.79 11.75
CA GLU O 117 -67.41 28.01 12.39
C GLU O 117 -66.37 27.26 11.57
N GLY O 118 -65.12 27.75 11.63
CA GLY O 118 -64.03 27.12 10.90
C GLY O 118 -63.41 25.99 11.70
N ASN O 119 -62.69 25.11 11.01
CA ASN O 119 -62.18 23.92 11.70
C ASN O 119 -61.10 24.25 12.74
N TRP O 120 -60.40 25.37 12.56
CA TRP O 120 -59.29 25.84 13.41
C TRP O 120 -58.61 24.71 14.18
N ALA O 121 -57.99 23.82 13.41
CA ALA O 121 -57.36 22.62 13.94
C ALA O 121 -55.86 22.79 14.07
N LEU O 122 -55.27 22.07 14.99
CA LEU O 122 -53.87 22.24 15.32
C LEU O 122 -53.05 21.17 14.61
N THR O 123 -52.21 21.57 13.68
CA THR O 123 -51.42 20.59 12.94
C THR O 123 -49.95 20.64 13.25
N GLY O 124 -49.38 21.83 13.38
CA GLY O 124 -47.96 22.01 13.55
C GLY O 124 -47.57 22.56 14.90
N GLY O 125 -46.27 22.69 15.08
CA GLY O 125 -45.80 23.10 16.39
C GLY O 125 -46.21 24.50 16.77
N MET O 126 -46.94 24.63 17.87
CA MET O 126 -47.27 25.93 18.43
C MET O 126 -46.84 25.86 19.90
N GLU O 127 -45.98 26.80 20.37
CA GLU O 127 -45.42 26.77 21.73
C GLU O 127 -46.07 27.72 22.72
N LEU O 128 -47.02 28.52 22.30
CA LEU O 128 -47.58 29.55 23.17
C LEU O 128 -48.52 28.98 24.22
N THR O 129 -48.19 29.25 25.48
CA THR O 129 -49.03 28.87 26.59
C THR O 129 -49.99 29.98 27.01
N ARG O 130 -49.82 31.19 26.46
CA ARG O 130 -50.61 32.39 26.76
C ARG O 130 -51.25 32.99 25.52
N ASP O 131 -52.18 33.93 25.76
CA ASP O 131 -52.80 34.68 24.67
C ASP O 131 -51.78 35.53 23.93
N PRO O 132 -51.83 35.56 22.59
CA PRO O 132 -50.82 36.28 21.82
C PRO O 132 -50.96 37.80 21.90
N THR O 133 -49.81 38.48 21.81
CA THR O 133 -49.75 39.93 21.78
C THR O 133 -50.05 40.44 20.39
N VAL O 134 -50.39 41.72 20.31
CA VAL O 134 -50.76 42.34 19.02
C VAL O 134 -49.62 42.18 18.01
N PRO O 135 -48.36 42.54 18.34
CA PRO O 135 -47.25 42.23 17.40
C PRO O 135 -47.25 40.83 16.86
N GLU O 136 -47.42 39.85 17.75
CA GLU O 136 -47.50 38.46 17.36
C GLU O 136 -48.58 38.26 16.30
N HIS O 137 -49.76 38.82 16.55
CA HIS O 137 -50.79 38.81 15.53
C HIS O 137 -50.28 39.48 14.27
N ALA O 138 -49.64 40.64 14.41
CA ALA O 138 -49.22 41.40 13.24
C ALA O 138 -48.20 40.64 12.43
N SER O 139 -47.25 39.98 13.10
CA SER O 139 -46.23 39.20 12.40
C SER O 139 -46.85 38.06 11.62
N LEU O 140 -47.84 37.38 12.22
CA LEU O 140 -48.54 36.34 11.49
C LEU O 140 -49.29 36.92 10.30
N VAL O 141 -49.96 38.06 10.53
CA VAL O 141 -50.74 38.63 9.43
C VAL O 141 -49.83 38.95 8.25
N GLY O 142 -48.66 39.53 8.53
CA GLY O 142 -47.71 39.81 7.46
C GLY O 142 -47.16 38.57 6.78
N LEU O 143 -46.86 37.54 7.56
CA LEU O 143 -46.36 36.29 6.98
C LEU O 143 -47.40 35.62 6.11
N LEU O 144 -48.65 35.60 6.58
CA LEU O 144 -49.71 34.98 5.79
C LEU O 144 -49.92 35.73 4.48
N LEU O 145 -49.99 37.07 4.55
CA LEU O 145 -50.18 37.86 3.35
C LEU O 145 -49.00 37.72 2.41
N SER O 146 -47.78 37.65 2.94
CA SER O 146 -46.63 37.48 2.06
C SER O 146 -46.72 36.21 1.22
N LEU O 147 -47.55 35.25 1.60
CA LEU O 147 -47.75 34.07 0.75
C LEU O 147 -48.31 34.46 -0.60
N TYR O 148 -49.08 35.56 -0.64
CA TYR O 148 -49.66 36.03 -1.89
C TYR O 148 -48.57 36.48 -2.85
N ARG O 149 -47.64 37.30 -2.38
CA ARG O 149 -46.57 37.75 -3.28
C ARG O 149 -45.79 36.58 -3.83
N LEU O 150 -45.47 35.59 -2.98
CA LEU O 150 -44.68 34.45 -3.41
C LEU O 150 -45.42 33.60 -4.45
N SER O 151 -46.71 33.36 -4.27
CA SER O 151 -47.42 32.55 -5.26
C SER O 151 -47.47 33.25 -6.61
N LYS O 152 -47.66 34.58 -6.61
CA LYS O 152 -47.68 35.31 -7.88
C LYS O 152 -46.35 35.19 -8.58
N ILE O 153 -45.24 35.26 -7.84
CA ILE O 153 -43.97 35.29 -8.54
C ILE O 153 -43.53 33.92 -9.05
N SER O 154 -44.40 32.91 -8.97
CA SER O 154 -43.99 31.60 -9.47
C SER O 154 -44.01 31.64 -10.99
N GLY O 155 -43.02 30.98 -11.57
CA GLY O 155 -42.83 31.04 -13.01
C GLY O 155 -41.51 30.40 -13.40
N GLN O 156 -41.16 30.48 -14.67
CA GLN O 156 -39.93 29.83 -15.15
C GLN O 156 -38.71 30.59 -14.66
N ASN O 157 -37.73 29.86 -14.09
CA ASN O 157 -36.44 30.44 -13.68
C ASN O 157 -36.58 31.58 -12.67
N THR O 158 -37.41 31.37 -11.67
CA THR O 158 -37.62 32.37 -10.65
C THR O 158 -37.22 31.86 -9.27
N GLY O 159 -36.29 30.90 -9.22
CA GLY O 159 -35.93 30.32 -7.95
C GLY O 159 -35.20 31.24 -7.02
N ASN O 160 -34.01 31.67 -7.43
CA ASN O 160 -33.18 32.53 -6.58
C ASN O 160 -33.92 33.80 -6.22
N TYR O 161 -34.71 34.32 -7.15
CA TYR O 161 -35.42 35.53 -6.84
C TYR O 161 -36.45 35.24 -5.74
N LYS O 162 -37.16 34.10 -5.83
CA LYS O 162 -38.20 33.77 -4.85
C LYS O 162 -37.66 33.60 -3.45
N THR O 163 -36.54 32.90 -3.32
CA THR O 163 -35.90 32.74 -2.02
C THR O 163 -35.40 34.07 -1.49
N ASN O 164 -34.86 34.93 -2.38
CA ASN O 164 -34.36 36.24 -1.96
C ASN O 164 -35.47 37.11 -1.37
N ILE O 165 -36.64 37.15 -2.01
CA ILE O 165 -37.66 37.97 -1.37
C ILE O 165 -38.11 37.31 -0.07
N ALA O 166 -38.17 35.97 -0.05
CA ALA O 166 -38.68 35.25 1.11
C ALA O 166 -37.85 35.52 2.36
N ASP O 167 -36.52 35.42 2.25
CA ASP O 167 -35.69 35.73 3.40
C ASP O 167 -35.83 37.21 3.79
N ARG O 168 -35.95 38.10 2.78
CA ARG O 168 -36.15 39.52 3.07
C ARG O 168 -37.45 39.72 3.83
N ILE O 169 -38.50 39.00 3.44
CA ILE O 169 -39.77 39.07 4.17
C ILE O 169 -39.57 38.55 5.58
N GLU O 170 -38.84 37.44 5.73
CA GLU O 170 -38.65 36.88 7.07
C GLU O 170 -37.92 37.89 7.96
N GLN O 171 -36.87 38.53 7.44
CA GLN O 171 -36.12 39.47 8.24
C GLN O 171 -37.02 40.62 8.73
N ILE O 172 -37.94 41.08 7.90
CA ILE O 172 -38.84 42.18 8.26
C ILE O 172 -39.66 41.83 9.48
N PHE O 173 -40.30 40.66 9.45
CA PHE O 173 -41.17 40.19 10.53
C PHE O 173 -40.40 39.58 11.70
N GLU O 174 -39.08 39.44 11.61
CA GLU O 174 -38.27 39.03 12.75
C GLU O 174 -37.72 40.22 13.52
N THR O 175 -37.87 41.43 13.00
CA THR O 175 -37.32 42.62 13.63
C THR O 175 -38.43 43.52 14.12
N ALA O 176 -38.10 44.34 15.12
CA ALA O 176 -39.12 45.16 15.75
C ALA O 176 -39.73 46.09 14.70
N PRO O 177 -41.04 46.36 14.77
CA PRO O 177 -42.00 46.07 15.85
C PRO O 177 -42.57 44.66 15.86
N PHE O 178 -42.09 43.81 14.95
CA PHE O 178 -42.59 42.45 14.83
C PHE O 178 -41.72 41.50 15.64
N VAL O 179 -42.29 40.35 16.00
CA VAL O 179 -41.59 39.35 16.79
C VAL O 179 -41.49 38.04 16.01
N LYS O 180 -40.35 37.36 16.12
CA LYS O 180 -40.13 36.14 15.36
C LYS O 180 -41.02 35.04 15.89
N ILE O 181 -41.89 34.50 15.03
CA ILE O 181 -42.73 33.41 15.46
C ILE O 181 -42.53 32.14 14.65
N VAL O 182 -41.86 32.18 13.50
CA VAL O 182 -41.79 31.00 12.64
C VAL O 182 -40.37 30.54 12.37
N GLU O 183 -39.39 31.02 13.12
CA GLU O 183 -38.01 30.62 12.86
C GLU O 183 -37.66 30.95 11.42
N HIS O 184 -36.80 30.20 10.76
CA HIS O 184 -36.37 30.55 9.42
C HIS O 184 -36.87 29.50 8.46
N HIS O 185 -36.95 29.88 7.20
CA HIS O 185 -37.27 28.98 6.09
C HIS O 185 -38.62 28.31 6.21
N THR O 186 -39.39 28.62 7.26
CA THR O 186 -40.74 28.10 7.31
C THR O 186 -41.58 28.67 6.19
N LEU O 187 -41.37 29.95 5.88
CA LEU O 187 -42.20 30.63 4.90
C LEU O 187 -42.06 29.96 3.54
N MET O 188 -40.82 29.65 3.13
CA MET O 188 -40.59 28.99 1.85
C MET O 188 -41.27 27.63 1.74
N THR O 189 -41.20 26.83 2.81
CA THR O 189 -41.80 25.49 2.79
C THR O 189 -43.33 25.54 2.77
N THR O 190 -43.93 26.49 3.51
CA THR O 190 -45.36 26.70 3.45
C THR O 190 -45.78 27.18 2.06
N HIS O 191 -44.98 28.03 1.44
CA HIS O 191 -45.35 28.51 0.11
C HIS O 191 -45.36 27.38 -0.90
N LYS O 192 -44.40 26.46 -0.82
CA LYS O 192 -44.38 25.38 -1.80
C LYS O 192 -45.66 24.55 -1.74
N MET O 193 -46.22 24.36 -0.53
CA MET O 193 -47.51 23.68 -0.40
C MET O 193 -48.69 24.58 -0.75
N CYS O 194 -48.53 25.89 -0.66
CA CYS O 194 -49.61 26.84 -0.90
C CYS O 194 -49.27 27.72 -2.11
N ALA O 195 -48.73 27.11 -3.18
CA ALA O 195 -48.18 27.86 -4.30
C ALA O 195 -49.24 28.54 -5.15
N ASN O 196 -50.44 27.99 -5.18
CA ASN O 196 -51.50 28.55 -6.00
C ASN O 196 -52.48 29.35 -5.16
N TRP O 197 -52.03 29.86 -4.01
CA TRP O 197 -52.93 30.61 -3.13
C TRP O 197 -53.35 31.94 -3.75
N SER O 198 -52.66 32.40 -4.79
CA SER O 198 -53.06 33.64 -5.47
C SER O 198 -54.44 33.53 -6.11
N THR O 199 -54.83 32.33 -6.56
CA THR O 199 -56.12 32.11 -7.23
C THR O 199 -57.32 32.29 -6.26
N ILE O 200 -57.14 32.01 -4.98
CA ILE O 200 -58.27 32.10 -4.05
C ILE O 200 -58.77 33.54 -4.00
N PRO O 201 -60.04 33.79 -4.32
CA PRO O 201 -60.51 35.18 -4.41
C PRO O 201 -60.49 35.93 -3.10
N ASN O 202 -60.93 35.33 -1.99
CA ASN O 202 -60.93 36.09 -0.73
C ASN O 202 -59.53 36.43 -0.28
N PHE O 203 -58.58 35.53 -0.52
CA PHE O 203 -57.21 35.81 -0.10
C PHE O 203 -56.69 37.04 -0.83
N ARG O 204 -56.87 37.08 -2.15
CA ARG O 204 -56.51 38.25 -2.94
C ARG O 204 -57.24 39.49 -2.43
N PHE O 205 -58.53 39.35 -2.08
CA PHE O 205 -59.33 40.46 -1.58
C PHE O 205 -58.75 41.02 -0.29
N LEU O 206 -58.38 40.15 0.65
CA LEU O 206 -57.85 40.62 1.92
C LEU O 206 -56.50 41.29 1.72
N ALA O 207 -55.65 40.74 0.84
CA ALA O 207 -54.36 41.36 0.58
C ALA O 207 -54.52 42.76 0.04
N GLY O 208 -55.44 42.93 -0.90
CA GLY O 208 -55.69 44.26 -1.41
C GLY O 208 -56.19 45.18 -0.32
N THR O 209 -57.10 44.67 0.51
CA THR O 209 -57.66 45.50 1.57
C THR O 209 -56.56 45.98 2.50
N TYR O 210 -55.65 45.07 2.87
CA TYR O 210 -54.57 45.50 3.73
C TYR O 210 -53.71 46.51 3.00
N ASP O 211 -53.42 46.28 1.70
CA ASP O 211 -52.53 47.20 0.98
C ASP O 211 -53.13 48.61 0.90
N MET O 212 -54.42 48.72 0.61
CA MET O 212 -55.03 50.05 0.54
C MET O 212 -54.96 50.78 1.89
N PHE O 213 -55.27 50.07 2.99
CA PHE O 213 -55.22 50.73 4.29
C PHE O 213 -53.81 51.20 4.61
N PHE O 214 -52.81 50.35 4.38
CA PHE O 214 -51.46 50.77 4.71
C PHE O 214 -50.92 51.84 3.77
N SER O 215 -51.38 51.88 2.52
CA SER O 215 -50.85 52.87 1.60
C SER O 215 -51.17 54.30 2.02
N ARG O 216 -52.43 54.56 2.39
CA ARG O 216 -52.80 55.92 2.80
C ARG O 216 -52.52 56.16 4.28
N ILE O 217 -52.74 55.19 5.16
CA ILE O 217 -52.65 55.45 6.60
C ILE O 217 -51.34 54.94 7.14
N GLU O 218 -50.54 55.86 7.70
CA GLU O 218 -49.28 55.45 8.30
C GLU O 218 -49.55 54.67 9.58
N HIS O 219 -48.87 53.53 9.72
CA HIS O 219 -49.06 52.65 10.87
C HIS O 219 -47.73 52.02 11.22
N LEU O 220 -47.67 51.48 12.45
CA LEU O 220 -46.46 50.80 12.91
C LEU O 220 -46.16 49.57 12.07
N TYR O 221 -47.19 48.79 11.72
CA TYR O 221 -47.01 47.53 11.00
C TYR O 221 -47.24 47.72 9.51
N SER O 222 -46.96 48.93 8.99
CA SER O 222 -47.11 49.20 7.57
C SER O 222 -46.18 48.31 6.75
N ALA O 223 -45.21 47.67 7.41
CA ALA O 223 -44.31 46.78 6.70
C ALA O 223 -45.03 45.55 6.14
N ILE O 224 -46.25 45.28 6.62
CA ILE O 224 -47.04 44.17 6.10
C ILE O 224 -47.19 44.29 4.60
N ARG O 225 -47.01 45.50 4.07
CA ARG O 225 -47.21 45.77 2.64
C ARG O 225 -46.24 44.98 1.76
N VAL O 226 -45.13 44.48 2.30
CA VAL O 226 -44.17 43.77 1.44
C VAL O 226 -44.80 42.56 0.78
N GLY O 227 -45.78 41.95 1.45
CA GLY O 227 -46.58 40.90 0.83
C GLY O 227 -47.62 41.40 -0.16
N THR O 228 -48.30 42.51 0.18
CA THR O 228 -49.46 43.00 -0.56
C THR O 228 -49.14 44.07 -1.58
N VAL O 229 -47.88 44.47 -1.71
CA VAL O 229 -47.55 45.53 -2.65
C VAL O 229 -47.91 45.12 -4.07
N VAL O 230 -47.83 43.81 -4.38
CA VAL O 230 -48.14 43.31 -5.73
C VAL O 230 -49.60 43.59 -6.10
N THR O 231 -50.50 43.71 -5.11
CA THR O 231 -51.91 43.94 -5.44
C THR O 231 -52.09 45.29 -6.12
N ALA O 232 -51.26 46.28 -5.77
CA ALA O 232 -51.38 47.61 -6.34
C ALA O 232 -51.13 47.58 -7.83
N TYR O 233 -52.07 48.15 -8.58
CA TYR O 233 -52.06 48.21 -10.05
C TYR O 233 -51.89 46.83 -10.67
N GLU O 234 -52.51 45.82 -10.03
CA GLU O 234 -52.44 44.46 -10.56
C GLU O 234 -53.24 44.31 -11.84
N ASP O 235 -52.63 43.65 -12.82
CA ASP O 235 -53.23 43.44 -14.14
C ASP O 235 -53.48 44.76 -14.85
N CYS O 236 -52.65 45.76 -14.57
CA CYS O 236 -52.75 47.08 -15.19
C CYS O 236 -51.45 47.45 -15.87
N SER O 237 -50.73 46.45 -16.34
CA SER O 237 -49.40 46.69 -16.89
C SER O 237 -49.45 47.64 -18.06
N GLY O 238 -50.53 47.64 -18.84
CA GLY O 238 -50.60 48.61 -19.94
C GLY O 238 -50.61 50.02 -19.44
N LEU O 239 -51.47 50.31 -18.48
CA LEU O 239 -51.53 51.65 -17.93
C LEU O 239 -50.21 52.06 -17.30
N VAL O 240 -49.60 51.15 -16.53
CA VAL O 240 -48.34 51.48 -15.85
C VAL O 240 -47.22 51.73 -16.85
N SER O 241 -47.15 50.92 -17.91
CA SER O 241 -46.11 51.12 -18.90
C SER O 241 -46.27 52.45 -19.60
N PHE O 242 -47.51 52.84 -19.87
CA PHE O 242 -47.74 54.13 -20.50
C PHE O 242 -47.27 55.27 -19.60
N THR O 243 -47.63 55.25 -18.31
CA THR O 243 -47.22 56.33 -17.41
C THR O 243 -45.71 56.39 -17.28
N GLY O 244 -45.05 55.22 -17.28
CA GLY O 244 -43.61 55.22 -17.30
C GLY O 244 -43.07 55.77 -18.59
N PHE O 245 -43.68 55.36 -19.72
CA PHE O 245 -43.20 55.82 -21.03
C PHE O 245 -43.21 57.33 -21.13
N ILE O 246 -44.30 57.93 -20.64
CA ILE O 246 -44.44 59.38 -20.63
C ILE O 246 -43.31 60.04 -19.85
N LYS O 247 -43.00 59.53 -18.65
CA LYS O 247 -42.01 60.19 -17.81
C LYS O 247 -40.60 60.06 -18.38
N GLN O 248 -40.25 58.87 -18.91
CA GLN O 248 -38.92 58.69 -19.48
C GLN O 248 -38.75 59.58 -20.70
N ILE O 249 -39.80 59.65 -21.52
CA ILE O 249 -39.71 60.36 -22.79
C ILE O 249 -39.82 61.85 -22.60
N ASN O 250 -40.28 62.26 -21.41
CA ASN O 250 -40.50 63.66 -21.03
C ASN O 250 -41.58 64.33 -21.86
N LEU O 251 -42.71 63.61 -22.04
CA LEU O 251 -43.89 64.06 -22.75
C LEU O 251 -45.05 64.13 -21.77
N THR O 252 -46.16 64.67 -22.24
CA THR O 252 -47.24 65.04 -21.34
C THR O 252 -48.48 64.18 -21.57
N ALA O 253 -48.32 62.88 -21.83
CA ALA O 253 -49.42 61.95 -22.13
C ALA O 253 -50.14 62.30 -23.42
N ARG O 254 -50.66 63.53 -23.54
CA ARG O 254 -50.92 64.09 -24.85
C ARG O 254 -49.58 64.30 -25.53
N GLU O 255 -49.62 64.55 -26.82
CA GLU O 255 -48.40 64.65 -27.59
C GLU O 255 -47.79 63.25 -27.66
N ALA O 256 -47.74 62.55 -26.53
CA ALA O 256 -47.24 61.19 -26.63
C ALA O 256 -48.17 60.38 -27.49
N ILE O 257 -49.48 60.53 -27.26
CA ILE O 257 -50.42 59.78 -28.06
C ILE O 257 -50.40 60.26 -29.51
N LEU O 258 -50.06 61.53 -29.75
CA LEU O 258 -50.00 62.05 -31.11
C LEU O 258 -48.94 61.35 -31.96
N TYR O 259 -47.83 60.93 -31.33
CA TYR O 259 -46.77 60.21 -32.02
C TYR O 259 -47.16 58.80 -32.38
N PHE O 260 -48.28 58.27 -31.82
CA PHE O 260 -48.80 56.92 -32.07
C PHE O 260 -49.50 56.90 -33.41
N PHE O 261 -48.75 56.69 -34.49
CA PHE O 261 -49.35 56.83 -35.81
C PHE O 261 -49.85 55.50 -36.36
N HIS O 262 -50.89 54.97 -35.72
CA HIS O 262 -51.48 53.78 -36.31
C HIS O 262 -52.93 53.59 -35.88
N LYS O 263 -53.71 53.03 -36.81
CA LYS O 263 -55.13 52.80 -36.57
C LYS O 263 -55.32 51.85 -35.39
N ASN O 264 -54.42 50.89 -35.22
CA ASN O 264 -54.65 49.92 -34.15
C ASN O 264 -54.70 50.59 -32.80
N PHE O 265 -53.96 51.68 -32.65
CA PHE O 265 -53.87 52.34 -31.35
C PHE O 265 -55.21 52.87 -30.88
N GLU O 266 -56.13 53.15 -31.82
CA GLU O 266 -57.36 53.87 -31.45
C GLU O 266 -58.14 53.10 -30.39
N GLU O 267 -58.42 51.81 -30.63
CA GLU O 267 -59.24 51.07 -29.67
C GLU O 267 -58.58 51.05 -28.31
N GLU O 268 -57.27 50.80 -28.29
CA GLU O 268 -56.59 50.70 -27.00
C GLU O 268 -56.58 52.04 -26.29
N ILE O 269 -56.29 53.13 -27.03
CA ILE O 269 -56.29 54.45 -26.41
C ILE O 269 -57.64 54.74 -25.80
N ARG O 270 -58.71 54.45 -26.54
CA ARG O 270 -60.03 54.61 -25.97
C ARG O 270 -60.22 53.69 -24.77
N ARG O 271 -59.70 52.46 -24.86
CA ARG O 271 -59.93 51.50 -23.78
C ARG O 271 -59.31 51.97 -22.48
N MET O 272 -58.05 52.37 -22.50
CA MET O 272 -57.42 52.73 -21.23
C MET O 272 -57.78 54.14 -20.75
N PHE O 273 -58.32 55.00 -21.61
CA PHE O 273 -58.60 56.35 -21.13
C PHE O 273 -60.08 56.62 -21.00
N GLU O 274 -60.87 55.57 -20.87
CA GLU O 274 -62.31 55.67 -20.67
C GLU O 274 -62.60 56.46 -19.40
N PRO O 275 -63.51 57.42 -19.44
CA PRO O 275 -63.74 58.25 -18.25
C PRO O 275 -64.49 57.48 -17.19
N GLY O 276 -64.46 57.99 -15.95
CA GLY O 276 -65.16 57.35 -14.85
C GLY O 276 -64.34 56.36 -14.03
N GLN O 277 -63.20 55.94 -14.54
CA GLN O 277 -62.22 55.20 -13.77
C GLN O 277 -61.28 56.17 -13.13
N GLU O 278 -61.14 56.09 -11.82
CA GLU O 278 -60.34 57.09 -11.10
C GLU O 278 -58.84 56.85 -11.25
N THR O 279 -58.37 56.89 -12.50
CA THR O 279 -56.95 56.76 -12.76
C THR O 279 -56.13 57.88 -12.11
N ALA O 280 -56.63 59.11 -12.17
CA ALA O 280 -55.84 60.20 -11.62
C ALA O 280 -55.91 60.23 -10.10
N VAL O 281 -56.96 59.68 -9.49
CA VAL O 281 -57.17 59.88 -8.03
C VAL O 281 -56.06 59.21 -7.23
N PRO O 282 -55.45 59.89 -6.25
CA PRO O 282 -54.29 59.29 -5.58
C PRO O 282 -54.61 57.98 -4.86
N HIS O 283 -55.65 57.94 -4.03
CA HIS O 283 -55.97 56.69 -3.35
C HIS O 283 -57.38 56.33 -3.73
N SER O 284 -57.53 55.32 -4.55
CA SER O 284 -58.88 55.00 -4.96
C SER O 284 -58.94 53.51 -5.12
N TYR O 285 -60.17 53.02 -5.15
CA TYR O 285 -60.33 51.60 -5.36
C TYR O 285 -59.68 51.20 -6.67
N PHE O 286 -59.49 52.15 -7.59
CA PHE O 286 -58.92 51.79 -8.86
C PHE O 286 -57.56 51.12 -8.69
N ILE O 287 -56.74 51.61 -7.76
CA ILE O 287 -55.40 51.02 -7.66
C ILE O 287 -55.50 49.53 -7.32
N HIS O 288 -56.55 49.12 -6.61
CA HIS O 288 -56.70 47.71 -6.21
C HIS O 288 -57.92 47.03 -6.79
N PHE O 289 -58.47 47.49 -7.90
CA PHE O 289 -59.76 46.98 -8.32
C PHE O 289 -59.69 45.49 -8.66
N ARG O 290 -58.58 45.02 -9.21
CA ARG O 290 -58.49 43.60 -9.55
C ARG O 290 -58.53 42.76 -8.28
N SER O 291 -57.76 43.17 -7.28
CA SER O 291 -57.69 42.44 -6.03
C SER O 291 -59.06 42.40 -5.36
N LEU O 292 -59.75 43.56 -5.26
CA LEU O 292 -61.08 43.69 -4.67
C LEU O 292 -62.22 43.13 -5.52
N GLY O 293 -61.93 42.56 -6.70
CA GLY O 293 -62.98 41.92 -7.48
C GLY O 293 -63.99 42.84 -8.12
N LEU O 294 -63.70 44.14 -8.19
CA LEU O 294 -64.66 45.03 -8.82
C LEU O 294 -64.83 44.74 -10.30
N SER O 295 -63.75 44.39 -11.00
CA SER O 295 -63.94 44.35 -12.44
C SER O 295 -63.73 43.01 -13.10
N GLY O 296 -63.22 42.00 -12.42
CA GLY O 296 -62.98 40.79 -13.20
C GLY O 296 -61.80 40.98 -14.13
N LYS O 297 -61.96 40.69 -15.43
CA LYS O 297 -60.85 40.92 -16.35
C LYS O 297 -60.68 42.40 -16.61
N SER O 298 -59.40 42.87 -16.53
CA SER O 298 -59.03 44.27 -16.65
C SER O 298 -58.76 44.68 -18.08
N PRO O 299 -59.33 45.81 -18.49
CA PRO O 299 -58.99 46.40 -19.78
C PRO O 299 -57.64 47.11 -19.81
N TYR O 300 -56.89 47.12 -18.72
CA TYR O 300 -55.60 47.80 -18.64
C TYR O 300 -54.41 46.83 -18.73
N SER O 301 -54.67 45.54 -18.90
CA SER O 301 -53.60 44.59 -18.92
C SER O 301 -52.72 44.78 -20.13
N SER O 302 -51.52 44.21 -20.07
CA SER O 302 -50.60 44.30 -21.20
C SER O 302 -51.22 43.71 -22.47
N ASN O 303 -52.05 42.68 -22.34
CA ASN O 303 -52.68 42.14 -23.56
C ASN O 303 -53.79 43.04 -24.05
N ALA O 304 -54.58 43.60 -23.13
CA ALA O 304 -55.68 44.45 -23.55
C ALA O 304 -55.15 45.65 -24.33
N VAL O 305 -53.98 46.11 -23.97
CA VAL O 305 -53.44 47.31 -24.57
C VAL O 305 -52.20 46.86 -25.33
N GLY O 306 -52.38 45.75 -26.04
CA GLY O 306 -51.24 45.05 -26.61
C GLY O 306 -50.39 45.89 -27.53
N HIS O 307 -50.99 46.57 -28.52
CA HIS O 307 -50.16 47.35 -29.44
C HIS O 307 -49.44 48.48 -28.74
N VAL O 308 -50.14 49.16 -27.84
CA VAL O 308 -49.52 50.27 -27.13
C VAL O 308 -48.38 49.77 -26.28
N PHE O 309 -48.60 48.63 -25.63
CA PHE O 309 -47.55 48.03 -24.81
C PHE O 309 -46.35 47.69 -25.68
N ASN O 310 -46.59 47.07 -26.83
CA ASN O 310 -45.47 46.70 -27.71
C ASN O 310 -44.72 47.92 -28.18
N LEU O 311 -45.44 48.98 -28.57
CA LEU O 311 -44.74 50.18 -29.00
C LEU O 311 -43.90 50.73 -27.87
N ILE O 312 -44.46 50.78 -26.66
CA ILE O 312 -43.74 51.38 -25.54
C ILE O 312 -42.41 50.66 -25.30
N HIS O 313 -42.43 49.33 -25.28
CA HIS O 313 -41.19 48.64 -24.93
C HIS O 313 -40.23 48.54 -26.11
N PHE O 314 -40.73 48.53 -27.34
CA PHE O 314 -39.81 48.62 -28.47
C PHE O 314 -39.07 49.93 -28.41
N VAL O 315 -39.77 51.02 -28.09
CA VAL O 315 -39.09 52.30 -27.93
C VAL O 315 -38.09 52.20 -26.80
N GLY O 316 -38.50 51.54 -25.71
CA GLY O 316 -37.59 51.33 -24.59
C GLY O 316 -36.40 50.51 -25.00
N CYS O 317 -36.62 49.45 -25.78
CA CYS O 317 -35.48 48.67 -26.23
C CYS O 317 -34.53 49.54 -27.03
N TYR O 318 -35.08 50.42 -27.87
CA TYR O 318 -34.22 51.30 -28.66
C TYR O 318 -33.35 52.14 -27.75
N MET O 319 -33.85 52.55 -26.62
CA MET O 319 -33.01 53.36 -25.74
C MET O 319 -32.26 52.55 -24.68
N GLY O 320 -32.27 51.23 -24.77
CA GLY O 320 -31.53 50.40 -23.86
C GLY O 320 -32.16 50.22 -22.50
N GLN O 321 -33.47 50.48 -22.37
CA GLN O 321 -34.14 50.32 -21.09
C GLN O 321 -34.28 48.85 -20.77
N VAL O 322 -33.65 48.42 -19.68
CA VAL O 322 -33.65 47.00 -19.35
C VAL O 322 -35.06 46.50 -19.11
N ARG O 323 -35.90 47.31 -18.45
CA ARG O 323 -37.25 46.86 -18.17
C ARG O 323 -37.95 46.47 -19.46
N SER O 324 -37.79 47.27 -20.50
CA SER O 324 -38.41 46.88 -21.76
C SER O 324 -37.74 45.63 -22.33
N LEU O 325 -36.41 45.55 -22.24
CA LEU O 325 -35.73 44.42 -22.83
C LEU O 325 -36.25 43.10 -22.28
N ASN O 326 -36.61 43.06 -20.99
CA ASN O 326 -37.11 41.85 -20.35
C ASN O 326 -38.64 41.75 -20.35
N ALA O 327 -39.37 42.75 -20.84
CA ALA O 327 -40.82 42.58 -20.87
C ALA O 327 -41.18 41.58 -21.95
N THR O 328 -42.22 40.79 -21.71
CA THR O 328 -42.58 39.76 -22.68
C THR O 328 -43.51 40.41 -23.70
N VAL O 329 -43.16 40.26 -24.98
CA VAL O 329 -43.89 40.92 -26.05
C VAL O 329 -45.22 40.22 -26.26
N ILE O 330 -46.27 41.02 -26.53
CA ILE O 330 -47.59 40.49 -26.87
C ILE O 330 -47.56 40.15 -28.35
N ALA O 331 -47.41 38.85 -28.65
CA ALA O 331 -47.13 38.36 -30.00
C ALA O 331 -48.29 38.60 -30.96
N ALA O 332 -49.52 38.61 -30.47
CA ALA O 332 -50.66 38.81 -31.34
C ALA O 332 -50.66 40.22 -31.93
N CYS O 333 -50.27 41.23 -31.15
CA CYS O 333 -50.50 42.63 -31.49
C CYS O 333 -49.39 43.21 -32.37
N ALA O 334 -49.29 42.67 -33.59
CA ALA O 334 -48.49 43.17 -34.70
C ALA O 334 -47.13 43.74 -34.24
N PRO O 335 -46.26 42.91 -33.65
CA PRO O 335 -45.00 43.44 -33.16
C PRO O 335 -44.14 43.98 -34.25
N HIS O 336 -44.19 43.40 -35.44
CA HIS O 336 -43.29 43.89 -36.47
C HIS O 336 -43.63 45.33 -36.83
N GLU O 337 -44.91 45.62 -37.14
CA GLU O 337 -45.24 47.02 -37.44
C GLU O 337 -44.95 47.90 -36.23
N MET O 338 -45.27 47.40 -35.05
CA MET O 338 -44.98 48.14 -33.84
C MET O 338 -43.49 48.41 -33.71
N SER O 339 -42.65 47.42 -33.98
CA SER O 339 -41.20 47.64 -33.86
C SER O 339 -40.72 48.69 -34.86
N VAL O 340 -41.32 48.75 -36.05
CA VAL O 340 -40.94 49.79 -37.00
C VAL O 340 -41.26 51.17 -36.46
N LEU O 341 -42.50 51.39 -36.05
CA LEU O 341 -42.82 52.69 -35.46
C LEU O 341 -41.93 52.97 -34.27
N GLY O 342 -41.63 51.93 -33.48
CA GLY O 342 -40.77 52.10 -32.33
C GLY O 342 -39.36 52.49 -32.70
N GLY O 343 -38.88 51.97 -33.82
CA GLY O 343 -37.58 52.39 -34.32
C GLY O 343 -37.51 53.87 -34.63
N TYR O 344 -38.53 54.41 -35.31
CA TYR O 344 -38.55 55.85 -35.63
C TYR O 344 -38.70 56.70 -34.37
N LEU O 345 -39.60 56.30 -33.46
CA LEU O 345 -39.79 57.03 -32.21
C LEU O 345 -38.55 56.94 -31.33
N GLY O 346 -37.95 55.76 -31.26
CA GLY O 346 -36.71 55.65 -30.50
C GLY O 346 -35.63 56.52 -31.08
N GLU O 347 -35.53 56.56 -32.41
CA GLU O 347 -34.55 57.42 -33.06
C GLU O 347 -34.74 58.86 -32.63
N GLU O 348 -35.99 59.32 -32.62
CA GLU O 348 -36.30 60.72 -32.29
C GLU O 348 -35.92 61.09 -30.88
N PHE O 349 -36.11 60.17 -29.96
CA PHE O 349 -35.95 60.40 -28.53
C PHE O 349 -34.63 59.93 -27.92
N PHE O 350 -33.81 59.18 -28.65
CA PHE O 350 -32.54 58.70 -28.14
C PHE O 350 -31.46 59.75 -28.42
N GLY O 351 -30.80 60.21 -27.37
CA GLY O 351 -29.73 61.18 -27.52
C GLY O 351 -30.19 62.61 -27.72
N LYS O 352 -31.46 62.90 -27.50
CA LYS O 352 -31.98 64.22 -27.79
C LYS O 352 -32.83 64.74 -26.64
N GLY O 353 -32.78 66.04 -26.41
CA GLY O 353 -33.62 66.66 -25.40
C GLY O 353 -34.09 68.01 -25.87
N THR O 354 -35.21 68.46 -25.29
CA THR O 354 -35.77 69.78 -25.54
C THR O 354 -35.33 70.68 -24.37
N PHE O 355 -34.36 71.57 -24.62
CA PHE O 355 -33.75 72.39 -23.58
C PHE O 355 -34.05 73.86 -23.80
N GLU O 356 -34.39 74.55 -22.71
CA GLU O 356 -34.70 75.97 -22.68
C GLU O 356 -34.16 76.58 -21.39
N ARG O 357 -33.71 77.83 -21.48
CA ARG O 357 -33.27 78.55 -20.29
C ARG O 357 -34.47 78.87 -19.40
N ARG O 358 -34.38 78.49 -18.15
CA ARG O 358 -35.45 78.77 -17.21
C ARG O 358 -34.99 79.53 -15.98
N PHE O 359 -33.69 79.57 -15.72
CA PHE O 359 -33.12 80.16 -14.53
C PHE O 359 -32.25 81.34 -14.92
N PHE O 360 -32.51 82.47 -14.28
CA PHE O 360 -31.87 83.71 -14.70
C PHE O 360 -31.38 84.50 -13.50
N ARG O 361 -30.38 85.35 -13.77
CA ARG O 361 -29.76 86.16 -12.74
C ARG O 361 -30.74 87.22 -12.22
N ASP O 362 -31.39 87.94 -13.14
CA ASP O 362 -32.26 89.07 -12.83
C ASP O 362 -33.56 89.01 -13.63
N GLU O 363 -34.56 89.73 -13.13
CA GLU O 363 -35.82 89.84 -13.86
C GLU O 363 -35.58 90.42 -15.23
N LYS O 364 -34.60 91.32 -15.37
CA LYS O 364 -34.28 91.87 -16.68
C LYS O 364 -33.85 90.77 -17.63
N GLU O 365 -33.07 89.81 -17.15
CA GLU O 365 -32.63 88.73 -18.02
C GLU O 365 -33.81 87.88 -18.48
N LEU O 366 -34.77 87.61 -17.58
CA LEU O 366 -35.94 86.79 -17.90
C LEU O 366 -36.78 87.41 -19.01
N GLN O 367 -37.08 88.71 -18.87
CA GLN O 367 -37.83 89.42 -19.89
C GLN O 367 -37.02 89.57 -21.19
N GLU O 368 -35.70 89.76 -21.07
CA GLU O 368 -34.85 89.81 -22.26
C GLU O 368 -34.84 88.48 -23.00
N TYR O 369 -34.76 87.36 -22.27
CA TYR O 369 -34.83 86.04 -22.90
C TYR O 369 -36.23 85.74 -23.43
N GLU O 370 -37.25 86.45 -22.93
CA GLU O 370 -38.60 86.25 -23.44
C GLU O 370 -38.75 86.87 -24.83
N ALA O 371 -38.02 87.96 -25.10
CA ALA O 371 -37.99 88.61 -26.41
C ALA O 371 -37.22 87.80 -27.46
N ALA O 372 -37.55 86.50 -27.60
CA ALA O 372 -36.89 85.64 -28.60
C ALA O 372 -37.73 85.45 -29.87
N GLU O 398 -34.01 67.58 -36.24
CA GLU O 398 -33.55 68.80 -35.57
C GLU O 398 -34.77 69.34 -34.80
N THR O 399 -35.94 69.41 -35.44
CA THR O 399 -37.16 69.84 -34.77
C THR O 399 -38.00 68.65 -34.30
N ARG O 400 -38.44 68.70 -33.04
CA ARG O 400 -39.24 67.64 -32.44
C ARG O 400 -40.72 67.98 -32.50
N SER O 401 -41.46 67.28 -33.36
CA SER O 401 -42.89 67.41 -33.47
C SER O 401 -43.45 66.12 -34.03
N PRO O 402 -44.70 65.77 -33.72
CA PRO O 402 -45.29 64.58 -34.34
C PRO O 402 -45.23 64.67 -35.85
N GLU O 403 -45.52 65.85 -36.40
CA GLU O 403 -45.55 66.04 -37.84
C GLU O 403 -44.19 65.75 -38.47
N ALA O 404 -43.11 66.23 -37.85
CA ALA O 404 -41.79 65.97 -38.41
C ALA O 404 -41.51 64.48 -38.42
N VAL O 405 -41.84 63.79 -37.32
CA VAL O 405 -41.60 62.36 -37.27
C VAL O 405 -42.44 61.67 -38.32
N TYR O 406 -43.71 62.05 -38.42
CA TYR O 406 -44.58 61.39 -39.38
C TYR O 406 -44.06 61.57 -40.81
N THR O 407 -43.64 62.79 -41.17
CA THR O 407 -43.12 63.00 -42.52
C THR O 407 -41.82 62.21 -42.74
N ARG O 408 -40.96 62.14 -41.71
CA ARG O 408 -39.71 61.36 -41.82
C ARG O 408 -40.02 59.91 -42.14
N ILE O 409 -41.02 59.33 -41.45
CA ILE O 409 -41.47 57.96 -41.71
C ILE O 409 -41.99 57.85 -43.13
N MET O 410 -42.80 58.82 -43.56
CA MET O 410 -43.38 58.73 -44.90
C MET O 410 -42.28 58.78 -45.96
N MET O 411 -41.25 59.57 -45.73
CA MET O 411 -40.20 59.69 -46.73
C MET O 411 -39.48 58.38 -46.97
N ASN O 412 -39.30 57.58 -45.94
CA ASN O 412 -38.69 56.27 -46.14
C ASN O 412 -39.72 55.18 -46.42
N GLY O 413 -40.94 55.59 -46.76
CA GLY O 413 -41.93 54.63 -47.16
C GLY O 413 -42.35 53.72 -46.05
N GLY O 414 -42.37 54.22 -44.81
CA GLY O 414 -42.79 53.37 -43.71
C GLY O 414 -41.89 52.18 -43.47
N ARG O 415 -40.63 52.29 -43.88
CA ARG O 415 -39.67 51.22 -43.78
C ARG O 415 -38.58 51.60 -42.79
N LEU O 416 -38.14 50.62 -41.99
CA LEU O 416 -37.09 50.88 -41.03
C LEU O 416 -35.83 51.37 -41.73
N LYS O 417 -35.15 52.32 -41.10
CA LYS O 417 -33.83 52.68 -41.58
C LYS O 417 -32.81 51.61 -41.18
N ARG O 418 -31.71 51.56 -41.92
CA ARG O 418 -30.62 50.66 -41.56
C ARG O 418 -30.05 51.03 -40.20
N SER O 419 -29.92 52.32 -39.91
CA SER O 419 -29.45 52.71 -38.60
C SER O 419 -30.38 52.16 -37.52
N HIS O 420 -31.69 52.19 -37.77
CA HIS O 420 -32.62 51.61 -36.81
C HIS O 420 -32.29 50.16 -36.53
N ILE O 421 -32.06 49.39 -37.58
CA ILE O 421 -31.75 47.97 -37.39
C ILE O 421 -30.45 47.84 -36.62
N ARG O 422 -29.45 48.66 -36.97
CA ARG O 422 -28.16 48.61 -36.30
C ARG O 422 -28.33 48.79 -34.81
N ARG O 423 -29.07 49.82 -34.42
CA ARG O 423 -29.30 50.09 -33.02
C ARG O 423 -30.04 48.94 -32.37
N TYR O 424 -31.13 48.49 -32.99
CA TYR O 424 -31.90 47.41 -32.38
C TYR O 424 -31.04 46.19 -32.14
N VAL O 425 -30.24 45.82 -33.14
CA VAL O 425 -29.41 44.63 -32.99
C VAL O 425 -28.37 44.85 -31.92
N SER O 426 -27.77 46.04 -31.92
CA SER O 426 -26.75 46.34 -30.93
C SER O 426 -27.33 46.19 -29.53
N VAL O 427 -28.54 46.66 -29.32
CA VAL O 427 -29.14 46.55 -27.99
C VAL O 427 -29.47 45.11 -27.68
N SER O 428 -30.06 44.39 -28.62
CA SER O 428 -30.54 43.04 -28.32
C SER O 428 -29.38 42.10 -28.06
N SER O 429 -28.32 42.23 -28.85
CA SER O 429 -27.25 41.26 -28.75
C SER O 429 -26.49 41.41 -27.43
N ASN O 430 -26.20 42.64 -27.00
CA ASN O 430 -25.46 42.91 -25.74
C ASN O 430 -26.42 42.92 -24.55
N HIS O 431 -27.20 41.85 -24.48
CA HIS O 431 -28.17 41.65 -23.40
C HIS O 431 -28.48 40.17 -23.31
N GLN O 432 -28.66 39.69 -22.10
CA GLN O 432 -28.99 38.29 -21.85
C GLN O 432 -30.48 38.15 -22.12
N ALA O 433 -30.81 37.76 -23.35
CA ALA O 433 -32.20 37.73 -23.80
C ALA O 433 -33.04 36.72 -23.03
N ARG O 434 -34.14 37.19 -22.44
CA ARG O 434 -35.02 36.30 -21.71
C ARG O 434 -35.93 35.53 -22.65
N PRO O 435 -36.55 34.42 -22.18
CA PRO O 435 -37.27 33.52 -23.08
C PRO O 435 -38.19 34.16 -24.10
N ASN O 436 -39.23 34.86 -23.68
CA ASN O 436 -40.13 35.48 -24.65
C ASN O 436 -40.06 37.01 -24.62
N SER O 437 -38.88 37.53 -24.31
CA SER O 437 -38.70 38.95 -24.13
C SER O 437 -38.69 39.71 -25.46
N PHE O 438 -38.79 41.04 -25.35
CA PHE O 438 -38.56 41.93 -26.48
C PHE O 438 -37.15 41.81 -26.98
N ALA O 439 -36.21 41.62 -26.07
CA ALA O 439 -34.83 41.38 -26.46
C ALA O 439 -34.74 40.16 -27.36
N GLU O 440 -35.42 39.08 -26.97
CA GLU O 440 -35.39 37.89 -27.80
C GLU O 440 -36.04 38.16 -29.14
N PHE O 441 -37.18 38.86 -29.14
CA PHE O 441 -37.84 39.15 -30.41
C PHE O 441 -36.92 39.95 -31.34
N LEU O 442 -36.25 40.97 -30.80
CA LEU O 442 -35.38 41.79 -31.66
C LEU O 442 -34.23 40.96 -32.21
N ASN O 443 -33.65 40.09 -31.39
CA ASN O 443 -32.54 39.25 -31.84
C ASN O 443 -33.01 38.31 -32.94
N LYS O 444 -34.15 37.62 -32.74
CA LYS O 444 -34.63 36.66 -33.74
C LYS O 444 -35.00 37.35 -35.05
N THR O 445 -35.51 38.58 -34.98
CA THR O 445 -36.02 39.26 -36.17
C THR O 445 -34.93 39.94 -36.99
N TYR O 446 -34.09 40.73 -36.37
CA TYR O 446 -33.06 41.50 -37.07
C TYR O 446 -31.68 41.04 -36.65
N SER O 447 -31.00 40.27 -37.46
CA SER O 447 -29.67 39.85 -37.03
C SER O 447 -28.54 40.01 -38.04
N SER O 448 -28.82 40.31 -39.32
CA SER O 448 -27.74 40.55 -40.26
C SER O 448 -27.63 42.03 -40.64
N ASP P 4 -61.46 73.32 -21.71
CA ASP P 4 -60.70 73.82 -20.56
C ASP P 4 -59.24 73.32 -20.54
N LYS P 5 -59.00 72.09 -21.01
CA LYS P 5 -57.68 71.46 -21.02
C LYS P 5 -57.42 70.77 -22.36
N ILE P 6 -56.14 70.54 -22.67
CA ILE P 6 -55.76 69.88 -23.93
C ILE P 6 -56.09 68.39 -23.84
N VAL P 7 -56.93 67.94 -24.78
CA VAL P 7 -57.36 66.56 -24.89
C VAL P 7 -57.14 66.15 -26.33
N PHE P 8 -56.86 64.87 -26.56
CA PHE P 8 -56.63 64.39 -27.93
C PHE P 8 -57.98 64.18 -28.64
N LYS P 9 -57.95 64.20 -29.98
CA LYS P 9 -59.14 64.01 -30.83
C LYS P 9 -58.95 62.84 -31.81
N VAL P 10 -59.84 61.87 -31.72
CA VAL P 10 -59.77 60.64 -32.50
C VAL P 10 -61.04 60.52 -33.34
N ASN P 11 -60.90 59.91 -34.52
CA ASN P 11 -62.04 59.75 -35.43
C ASN P 11 -62.38 58.27 -35.55
N ASN P 12 -63.31 57.81 -34.70
CA ASN P 12 -63.77 56.43 -34.83
C ASN P 12 -64.90 56.35 -35.85
N GLN P 13 -65.86 57.28 -35.77
CA GLN P 13 -66.97 57.30 -36.72
C GLN P 13 -67.16 58.69 -37.28
N VAL P 14 -67.18 59.70 -36.39
CA VAL P 14 -67.19 61.09 -36.79
C VAL P 14 -66.08 61.89 -36.09
N VAL P 15 -66.04 61.90 -34.73
CA VAL P 15 -65.08 62.63 -33.88
C VAL P 15 -65.24 62.17 -32.44
N SER P 16 -64.14 61.95 -31.72
CA SER P 16 -64.20 61.68 -30.28
C SER P 16 -63.12 62.45 -29.54
N LEU P 17 -63.33 62.66 -28.22
CA LEU P 17 -62.34 63.34 -27.41
C LEU P 17 -62.21 62.66 -26.06
N LYS P 18 -60.98 62.43 -25.62
CA LYS P 18 -60.79 61.80 -24.32
C LYS P 18 -59.86 62.68 -23.48
N PRO P 19 -59.97 62.61 -22.14
CA PRO P 19 -59.13 63.45 -21.25
C PRO P 19 -57.71 62.95 -20.96
N GLU P 20 -57.33 61.74 -21.36
CA GLU P 20 -55.99 61.19 -21.12
C GLU P 20 -55.34 61.62 -19.80
N ILE P 21 -56.01 61.39 -18.66
CA ILE P 21 -55.53 61.80 -17.34
C ILE P 21 -54.62 60.73 -16.71
N ILE P 22 -53.53 61.18 -16.07
CA ILE P 22 -52.61 60.29 -15.36
C ILE P 22 -52.35 60.84 -13.97
N VAL P 23 -52.03 59.93 -13.06
CA VAL P 23 -51.87 60.21 -11.64
C VAL P 23 -50.52 60.88 -11.38
N ASP P 24 -50.55 61.94 -10.56
CA ASP P 24 -49.35 62.64 -10.13
C ASP P 24 -49.64 63.38 -8.81
N GLN P 25 -48.66 63.40 -7.89
CA GLN P 25 -48.85 64.12 -6.62
C GLN P 25 -47.56 64.07 -5.82
N HIS P 26 -47.30 65.14 -5.06
CA HIS P 26 -46.12 65.23 -4.20
C HIS P 26 -46.47 65.85 -2.85
N GLU P 27 -46.02 65.26 -1.73
CA GLU P 27 -46.21 65.85 -0.40
C GLU P 27 -44.87 65.93 0.33
N TYR P 28 -44.48 67.12 0.79
CA TYR P 28 -43.17 67.32 1.45
C TYR P 28 -43.20 68.35 2.55
N LYS P 29 -42.89 67.92 3.78
CA LYS P 29 -42.76 68.85 4.90
C LYS P 29 -41.30 69.21 5.13
N TYR P 30 -41.03 70.58 5.28
CA TYR P 30 -39.61 70.92 5.46
C TYR P 30 -39.31 71.00 6.95
N PRO P 31 -38.07 70.72 7.36
CA PRO P 31 -37.78 70.59 8.81
C PRO P 31 -37.69 71.96 9.45
N ALA P 32 -38.23 72.02 10.65
CA ALA P 32 -38.29 73.28 11.38
C ALA P 32 -38.81 72.94 12.75
N ILE P 33 -38.34 73.68 13.74
CA ILE P 33 -38.83 73.50 15.10
C ILE P 33 -39.78 74.65 15.40
N LYS P 34 -41.07 74.34 15.54
CA LYS P 34 -42.02 75.35 16.03
C LYS P 34 -41.78 75.53 17.52
N ASP P 35 -41.81 76.80 17.94
CA ASP P 35 -41.53 77.19 19.32
C ASP P 35 -40.17 76.61 19.71
N LEU P 36 -40.06 75.91 20.83
CA LEU P 36 -38.79 75.48 21.30
C LEU P 36 -38.94 74.07 21.85
N LYS P 37 -39.23 73.08 21.00
CA LYS P 37 -39.32 71.72 21.49
C LYS P 37 -38.15 70.89 20.95
N LYS P 38 -37.34 70.36 21.86
CA LYS P 38 -36.27 69.43 21.49
C LYS P 38 -36.87 68.09 21.10
N PRO P 39 -36.22 67.35 20.19
CA PRO P 39 -36.75 66.05 19.79
C PRO P 39 -36.82 65.11 20.98
N CYS P 40 -37.94 64.36 21.10
CA CYS P 40 -38.18 63.48 22.27
C CYS P 40 -38.62 62.08 21.87
N ILE P 41 -38.14 61.08 22.61
CA ILE P 41 -38.59 59.70 22.47
C ILE P 41 -38.95 59.13 23.85
N THR P 42 -39.94 58.25 23.87
CA THR P 42 -40.40 57.58 25.08
C THR P 42 -39.73 56.21 25.19
N LEU P 43 -38.99 55.99 26.29
CA LEU P 43 -38.26 54.75 26.53
C LEU P 43 -38.75 54.14 27.85
N GLY P 44 -38.18 53.00 28.25
CA GLY P 44 -38.62 52.32 29.46
C GLY P 44 -37.95 52.84 30.73
N LYS P 45 -38.28 52.20 31.85
CA LYS P 45 -37.78 52.71 33.12
C LYS P 45 -36.27 52.51 33.19
N ALA P 46 -35.59 53.48 33.80
CA ALA P 46 -34.13 53.48 33.78
C ALA P 46 -33.60 52.18 34.39
N PRO P 47 -32.69 51.48 33.70
CA PRO P 47 -32.11 50.25 34.27
C PRO P 47 -30.91 50.54 35.14
N ASP P 48 -30.55 49.56 35.95
CA ASP P 48 -29.29 49.69 36.66
C ASP P 48 -28.18 49.56 35.64
N LEU P 49 -27.31 50.58 35.57
CA LEU P 49 -26.28 50.65 34.53
C LEU P 49 -25.52 49.33 34.39
N ASN P 50 -24.95 48.83 35.52
CA ASN P 50 -24.19 47.57 35.52
C ASN P 50 -25.04 46.36 35.12
N LYS P 51 -26.28 46.30 35.61
CA LYS P 51 -27.12 45.15 35.27
C LYS P 51 -27.52 45.19 33.79
N ALA P 52 -27.85 46.39 33.29
CA ALA P 52 -28.18 46.49 31.87
C ALA P 52 -26.96 46.13 31.03
N TYR P 53 -25.75 46.56 31.47
CA TYR P 53 -24.51 46.26 30.74
C TYR P 53 -24.26 44.75 30.63
N LYS P 54 -24.42 44.02 31.75
CA LYS P 54 -24.20 42.57 31.77
C LYS P 54 -25.20 41.88 30.85
N SER P 55 -26.45 42.35 30.86
CA SER P 55 -27.49 41.75 30.04
C SER P 55 -27.22 41.98 28.55
N VAL P 56 -26.94 43.23 28.14
CA VAL P 56 -26.74 43.49 26.72
C VAL P 56 -25.48 42.81 26.21
N LEU P 57 -24.42 42.77 27.05
CA LEU P 57 -23.16 42.12 26.67
C LEU P 57 -23.35 40.62 26.49
N SER P 58 -24.05 39.99 27.43
CA SER P 58 -24.39 38.58 27.25
C SER P 58 -25.29 38.43 26.02
N GLY P 59 -26.25 39.35 25.87
CA GLY P 59 -27.11 39.32 24.70
C GLY P 59 -26.32 39.48 23.43
N MET P 60 -25.31 40.35 23.47
CA MET P 60 -24.42 40.49 22.31
C MET P 60 -23.68 39.19 22.01
N SER P 61 -23.09 38.54 23.04
CA SER P 61 -22.37 37.29 22.73
C SER P 61 -23.29 36.19 22.24
N ALA P 62 -24.55 36.18 22.71
CA ALA P 62 -25.54 35.19 22.34
C ALA P 62 -26.33 35.56 21.09
N ALA P 63 -26.08 36.75 20.52
CA ALA P 63 -26.80 37.22 19.33
C ALA P 63 -28.30 37.37 19.56
N LYS P 64 -28.69 37.50 20.84
CA LYS P 64 -30.08 37.79 21.21
C LYS P 64 -30.07 39.11 21.99
N LEU P 65 -30.68 40.14 21.41
CA LEU P 65 -30.70 41.47 22.01
C LEU P 65 -32.12 41.98 22.04
N ASP P 66 -32.51 42.68 23.10
CA ASP P 66 -33.88 43.18 23.13
C ASP P 66 -33.88 44.64 22.71
N PRO P 67 -34.62 45.01 21.66
CA PRO P 67 -34.58 46.41 21.20
C PRO P 67 -34.97 47.42 22.27
N ASP P 68 -36.04 47.17 23.04
CA ASP P 68 -36.41 48.13 24.06
C ASP P 68 -35.36 48.25 25.13
N ASP P 69 -34.78 47.11 25.53
CA ASP P 69 -33.71 47.13 26.53
C ASP P 69 -32.43 47.81 26.02
N VAL P 70 -32.05 47.56 24.76
CA VAL P 70 -30.82 48.15 24.23
C VAL P 70 -30.97 49.69 24.16
N CYS P 71 -32.17 50.16 23.82
CA CYS P 71 -32.44 51.60 23.74
C CYS P 71 -32.41 52.28 25.10
N SER P 72 -32.98 51.64 26.13
CA SER P 72 -32.96 52.26 27.45
C SER P 72 -31.53 52.33 28.01
N TYR P 73 -30.72 51.28 27.76
CA TYR P 73 -29.33 51.25 28.22
C TYR P 73 -28.51 52.35 27.57
N LEU P 74 -28.70 52.57 26.26
CA LEU P 74 -28.00 53.64 25.55
C LEU P 74 -28.45 55.02 26.05
N ALA P 75 -29.76 55.19 26.33
CA ALA P 75 -30.21 56.45 26.90
C ALA P 75 -29.63 56.65 28.30
N ALA P 76 -29.50 55.56 29.07
CA ALA P 76 -28.88 55.63 30.40
C ALA P 76 -27.38 55.93 30.33
N ALA P 77 -26.67 55.35 29.36
CA ALA P 77 -25.23 55.54 29.24
C ALA P 77 -24.82 56.95 28.81
N MET P 78 -25.79 57.80 28.40
CA MET P 78 -25.52 59.17 27.97
C MET P 78 -24.88 60.02 29.06
N GLN P 79 -25.16 59.69 30.32
CA GLN P 79 -24.57 60.42 31.45
C GLN P 79 -23.07 60.21 31.53
N PHE P 80 -22.58 59.03 31.12
CA PHE P 80 -21.14 58.72 31.16
C PHE P 80 -20.35 59.68 30.28
N PHE P 81 -20.89 60.04 29.10
CA PHE P 81 -20.20 60.90 28.13
C PHE P 81 -20.57 62.37 28.36
N GLU P 82 -19.63 63.14 28.88
CA GLU P 82 -19.81 64.56 29.20
C GLU P 82 -18.58 65.30 28.73
N GLY P 83 -18.78 66.50 28.19
CA GLY P 83 -17.67 67.32 27.74
C GLY P 83 -18.05 68.78 27.81
N THR P 84 -17.04 69.64 27.92
CA THR P 84 -17.29 71.07 27.92
C THR P 84 -17.61 71.57 26.50
N CYS P 85 -18.58 72.51 26.40
CA CYS P 85 -18.99 73.07 25.12
C CYS P 85 -18.08 74.21 24.68
N PRO P 86 -17.45 74.13 23.50
CA PRO P 86 -16.47 75.19 23.12
C PRO P 86 -17.10 76.57 22.87
N GLU P 87 -18.25 76.63 22.20
CA GLU P 87 -18.90 77.89 21.88
C GLU P 87 -20.37 77.73 22.19
N ASP P 88 -21.09 78.86 22.23
CA ASP P 88 -22.53 78.81 22.46
C ASP P 88 -23.22 78.07 21.29
N TRP P 89 -24.17 77.15 21.63
CA TRP P 89 -24.86 76.26 20.69
C TRP P 89 -26.34 76.65 20.55
N THR P 90 -26.69 77.30 19.45
CA THR P 90 -28.08 77.68 19.11
C THR P 90 -28.50 76.93 17.85
N SER P 91 -29.63 76.22 17.91
CA SER P 91 -30.18 75.50 16.76
C SER P 91 -31.37 76.29 16.21
N TYR P 92 -32.53 75.67 16.01
CA TYR P 92 -33.73 76.33 15.48
C TYR P 92 -34.44 77.07 16.63
N GLY P 93 -33.75 78.10 17.14
CA GLY P 93 -34.33 78.89 18.19
C GLY P 93 -34.14 78.32 19.58
N ILE P 94 -33.48 77.16 19.73
CA ILE P 94 -33.22 76.56 21.03
C ILE P 94 -31.75 76.75 21.35
N VAL P 95 -31.43 77.22 22.57
CA VAL P 95 -30.03 77.30 22.98
C VAL P 95 -29.78 76.09 23.87
N ILE P 96 -29.23 75.03 23.24
CA ILE P 96 -28.99 73.75 23.88
C ILE P 96 -27.76 73.79 24.78
N ALA P 97 -26.83 74.72 24.56
CA ALA P 97 -25.65 74.78 25.40
C ALA P 97 -25.10 76.20 25.36
N ARG P 98 -24.25 76.50 26.35
CA ARG P 98 -23.57 77.79 26.46
C ARG P 98 -22.09 77.48 26.55
N LYS P 99 -21.26 78.38 26.02
CA LYS P 99 -19.83 78.12 26.01
C LYS P 99 -19.35 77.94 27.46
N GLY P 100 -18.50 76.93 27.66
CA GLY P 100 -17.92 76.59 28.95
C GLY P 100 -18.82 75.77 29.83
N ASP P 101 -19.93 75.27 29.27
CA ASP P 101 -20.88 74.41 29.95
C ASP P 101 -20.57 72.98 29.61
N LYS P 102 -20.50 72.15 30.64
CA LYS P 102 -20.32 70.73 30.44
C LYS P 102 -21.65 70.17 29.96
N ILE P 103 -21.63 69.35 28.90
CA ILE P 103 -22.89 68.88 28.35
C ILE P 103 -22.80 67.38 28.11
N THR P 104 -23.96 66.72 28.08
CA THR P 104 -24.12 65.31 27.77
C THR P 104 -25.03 65.14 26.56
N PRO P 105 -25.05 63.94 25.96
CA PRO P 105 -26.10 63.69 24.96
C PRO P 105 -27.49 63.78 25.55
N GLY P 106 -27.70 63.34 26.80
CA GLY P 106 -29.01 63.44 27.42
C GLY P 106 -29.52 64.86 27.52
N SER P 107 -28.59 65.84 27.52
CA SER P 107 -28.98 67.25 27.59
C SER P 107 -29.50 67.78 26.26
N LEU P 108 -29.07 67.16 25.16
CA LEU P 108 -29.38 67.69 23.82
C LEU P 108 -30.83 67.43 23.41
N VAL P 109 -31.40 66.30 23.86
CA VAL P 109 -32.75 65.86 23.55
C VAL P 109 -33.49 65.48 24.85
N GLU P 110 -34.83 65.43 24.77
CA GLU P 110 -35.70 65.07 25.89
C GLU P 110 -36.02 63.58 25.83
N ILE P 111 -35.71 62.84 26.91
CA ILE P 111 -36.02 61.41 27.00
C ILE P 111 -37.13 61.18 28.03
N LYS P 112 -38.21 60.51 27.61
CA LYS P 112 -39.37 60.26 28.46
C LYS P 112 -39.32 58.81 28.96
N ARG P 113 -39.31 58.62 30.28
CA ARG P 113 -39.20 57.28 30.86
C ARG P 113 -40.57 56.80 31.31
N THR P 114 -40.90 55.55 30.96
CA THR P 114 -42.17 54.95 31.37
C THR P 114 -41.93 54.20 32.68
N ASP P 115 -42.99 54.08 33.48
CA ASP P 115 -42.84 53.30 34.72
C ASP P 115 -42.63 51.81 34.49
N VAL P 116 -42.70 51.32 33.25
CA VAL P 116 -42.62 49.88 32.96
C VAL P 116 -41.16 49.46 32.91
N GLU P 117 -40.82 48.37 33.61
CA GLU P 117 -39.45 47.92 33.72
C GLU P 117 -39.09 47.00 32.55
N GLY P 118 -37.78 46.97 32.23
CA GLY P 118 -37.26 46.13 31.17
C GLY P 118 -36.87 44.74 31.64
N ASN P 119 -36.71 43.83 30.66
CA ASN P 119 -36.42 42.42 30.98
C ASN P 119 -35.01 42.20 31.55
N TRP P 120 -34.04 43.01 31.12
CA TRP P 120 -32.62 42.96 31.53
C TRP P 120 -32.17 41.55 31.99
N ALA P 121 -32.22 40.60 31.06
CA ALA P 121 -31.92 39.21 31.39
C ALA P 121 -30.60 38.75 30.75
N LEU P 122 -29.92 37.80 31.41
CA LEU P 122 -28.62 37.30 30.95
C LEU P 122 -28.80 36.11 29.99
N THR P 123 -28.35 36.27 28.74
CA THR P 123 -28.48 35.22 27.73
C THR P 123 -27.17 34.46 27.56
N GLY P 124 -26.13 35.10 27.01
CA GLY P 124 -24.85 34.46 26.76
C GLY P 124 -23.98 34.41 27.99
N GLY P 125 -22.82 33.77 27.85
CA GLY P 125 -21.89 33.62 28.96
C GLY P 125 -21.27 34.96 29.32
N MET P 126 -21.48 35.41 30.56
CA MET P 126 -20.89 36.64 31.07
C MET P 126 -20.02 36.27 32.28
N GLU P 127 -18.73 36.68 32.26
CA GLU P 127 -17.76 36.37 33.33
C GLU P 127 -17.42 37.52 34.29
N LEU P 128 -17.95 38.70 34.06
CA LEU P 128 -17.61 39.87 34.86
C LEU P 128 -18.32 39.87 36.20
N THR P 129 -17.56 39.83 37.30
CA THR P 129 -18.13 39.99 38.62
C THR P 129 -18.09 41.45 39.04
N ARG P 130 -17.41 42.29 38.26
CA ARG P 130 -17.34 43.72 38.48
C ARG P 130 -18.65 44.35 38.02
N ASP P 131 -18.92 45.56 38.53
CA ASP P 131 -20.16 46.20 38.12
C ASP P 131 -19.84 47.22 36.99
N PRO P 132 -19.84 48.62 37.18
CA PRO P 132 -19.64 49.47 35.99
C PRO P 132 -18.30 50.21 35.89
N THR P 133 -17.65 50.15 34.71
CA THR P 133 -16.49 50.99 34.35
C THR P 133 -16.81 51.74 33.07
N VAL P 134 -16.41 53.00 33.00
CA VAL P 134 -16.76 53.79 31.81
C VAL P 134 -16.26 53.17 30.49
N PRO P 135 -14.95 52.82 30.30
CA PRO P 135 -14.49 52.26 28.97
C PRO P 135 -15.27 51.07 28.47
N GLU P 136 -15.51 50.09 29.35
CA GLU P 136 -16.33 48.92 29.03
C GLU P 136 -17.71 49.36 28.57
N HIS P 137 -18.35 50.28 29.33
CA HIS P 137 -19.64 50.86 28.96
C HIS P 137 -19.56 51.58 27.62
N ALA P 138 -18.51 52.39 27.42
CA ALA P 138 -18.34 53.09 26.17
C ALA P 138 -18.11 52.12 25.02
N SER P 139 -17.30 51.07 25.27
CA SER P 139 -17.01 50.09 24.22
C SER P 139 -18.29 49.40 23.74
N LEU P 140 -19.16 49.02 24.68
CA LEU P 140 -20.42 48.40 24.29
C LEU P 140 -21.33 49.42 23.59
N VAL P 141 -21.40 50.66 24.12
CA VAL P 141 -22.29 51.66 23.54
C VAL P 141 -21.95 51.85 22.07
N GLY P 142 -20.64 51.91 21.76
CA GLY P 142 -20.19 52.07 20.39
C GLY P 142 -20.49 50.88 19.51
N LEU P 143 -20.30 49.66 20.04
CA LEU P 143 -20.60 48.45 19.26
C LEU P 143 -22.09 48.35 18.94
N LEU P 144 -22.95 48.73 19.91
CA LEU P 144 -24.40 48.72 19.72
C LEU P 144 -24.84 49.80 18.70
N LEU P 145 -24.29 51.01 18.82
CA LEU P 145 -24.58 52.07 17.86
C LEU P 145 -24.08 51.73 16.47
N SER P 146 -22.95 51.01 16.39
CA SER P 146 -22.37 50.53 15.14
C SER P 146 -23.27 49.50 14.44
N LEU P 147 -24.17 48.85 15.19
CA LEU P 147 -25.15 47.99 14.51
C LEU P 147 -26.02 48.82 13.57
N TYR P 148 -26.30 50.08 13.95
CA TYR P 148 -27.12 50.95 13.12
C TYR P 148 -26.48 51.18 11.76
N ARG P 149 -25.17 51.43 11.74
CA ARG P 149 -24.48 51.57 10.46
C ARG P 149 -24.57 50.29 9.63
N LEU P 150 -24.42 49.12 10.27
CA LEU P 150 -24.46 47.85 9.53
C LEU P 150 -25.83 47.55 8.92
N SER P 151 -26.91 47.82 9.67
CA SER P 151 -28.26 47.62 9.12
C SER P 151 -28.51 48.57 7.96
N LYS P 152 -28.04 49.82 8.09
CA LYS P 152 -28.20 50.79 7.01
C LYS P 152 -27.44 50.34 5.77
N ILE P 153 -26.23 49.83 5.94
CA ILE P 153 -25.41 49.48 4.78
C ILE P 153 -25.78 48.09 4.27
N SER P 154 -26.99 47.64 4.60
CA SER P 154 -27.39 46.36 4.05
C SER P 154 -27.89 46.57 2.62
N GLY P 155 -27.50 45.64 1.77
CA GLY P 155 -27.83 45.75 0.37
C GLY P 155 -27.10 44.68 -0.42
N GLN P 156 -27.35 44.69 -1.70
CA GLN P 156 -26.80 43.67 -2.58
C GLN P 156 -25.32 43.88 -2.76
N ASN P 157 -24.63 42.80 -3.06
CA ASN P 157 -23.22 42.77 -3.40
C ASN P 157 -22.34 43.48 -2.37
N THR P 158 -22.83 43.75 -1.17
CA THR P 158 -21.92 44.36 -0.20
C THR P 158 -21.07 43.22 0.36
N GLY P 159 -21.35 42.81 1.60
CA GLY P 159 -20.67 41.69 2.21
C GLY P 159 -19.24 41.92 2.60
N ASN P 160 -18.28 41.65 1.69
CA ASN P 160 -16.88 41.84 2.06
C ASN P 160 -16.66 43.25 2.58
N TYR P 161 -17.40 44.21 2.02
CA TYR P 161 -17.31 45.58 2.51
C TYR P 161 -17.91 45.65 3.92
N LYS P 162 -19.04 44.99 4.16
CA LYS P 162 -19.69 45.03 5.47
C LYS P 162 -18.83 44.36 6.54
N THR P 163 -18.19 43.23 6.19
CA THR P 163 -17.29 42.58 7.14
C THR P 163 -16.06 43.45 7.41
N ASN P 164 -15.52 44.11 6.37
CA ASN P 164 -14.37 45.01 6.56
C ASN P 164 -14.73 46.16 7.50
N ILE P 165 -15.93 46.73 7.35
CA ILE P 165 -16.41 47.80 8.24
C ILE P 165 -16.56 47.28 9.65
N ALA P 166 -17.06 46.04 9.75
CA ALA P 166 -17.25 45.43 11.06
C ALA P 166 -15.90 45.14 11.73
N ASP P 167 -14.91 44.58 10.99
CA ASP P 167 -13.59 44.34 11.58
C ASP P 167 -12.91 45.64 12.01
N ARG P 168 -13.01 46.68 11.17
CA ARG P 168 -12.48 47.98 11.55
C ARG P 168 -13.17 48.51 12.80
N ILE P 169 -14.51 48.32 12.87
CA ILE P 169 -15.26 48.78 14.04
C ILE P 169 -14.79 48.03 15.29
N GLU P 170 -14.58 46.71 15.16
CA GLU P 170 -14.11 45.92 16.29
C GLU P 170 -12.73 46.37 16.74
N GLN P 171 -11.84 46.67 15.78
CA GLN P 171 -10.47 47.08 16.14
C GLN P 171 -10.48 48.39 16.95
N ILE P 172 -11.35 49.33 16.58
CA ILE P 172 -11.45 50.60 17.30
C ILE P 172 -11.88 50.35 18.72
N PHE P 173 -12.92 49.55 18.87
CA PHE P 173 -13.52 49.26 20.17
C PHE P 173 -12.82 48.15 20.97
N GLU P 174 -11.89 47.40 20.40
CA GLU P 174 -11.09 46.47 21.21
C GLU P 174 -9.74 47.06 21.60
N THR P 175 -9.41 48.27 21.12
CA THR P 175 -8.14 48.96 21.38
C THR P 175 -8.40 50.21 22.23
N ALA P 176 -7.41 50.63 23.03
CA ALA P 176 -7.62 51.72 23.98
C ALA P 176 -7.98 53.00 23.22
N PRO P 177 -8.93 53.82 23.73
CA PRO P 177 -9.46 53.92 25.11
C PRO P 177 -10.55 52.90 25.40
N PHE P 178 -10.85 52.04 24.41
CA PHE P 178 -11.86 51.00 24.52
C PHE P 178 -11.21 49.67 24.92
N VAL P 179 -12.02 48.79 25.51
CA VAL P 179 -11.57 47.49 26.01
C VAL P 179 -12.25 46.35 25.26
N LYS P 180 -11.50 45.27 25.01
CA LYS P 180 -12.05 44.15 24.24
C LYS P 180 -13.04 43.40 25.10
N ILE P 181 -14.34 43.49 24.77
CA ILE P 181 -15.37 42.80 25.54
C ILE P 181 -16.09 41.76 24.70
N VAL P 182 -15.95 41.78 23.39
CA VAL P 182 -16.77 40.91 22.56
C VAL P 182 -15.94 39.92 21.75
N GLU P 183 -14.62 39.88 21.98
CA GLU P 183 -13.77 39.03 21.17
C GLU P 183 -13.96 39.39 19.70
N HIS P 184 -13.85 38.42 18.77
CA HIS P 184 -13.94 38.70 17.34
C HIS P 184 -15.17 38.05 16.73
N HIS P 185 -15.63 38.64 15.62
CA HIS P 185 -16.75 38.15 14.81
C HIS P 185 -18.10 38.15 15.51
N THR P 186 -18.17 38.55 16.79
CA THR P 186 -19.45 38.65 17.48
C THR P 186 -20.34 39.74 16.89
N LEU P 187 -19.72 40.83 16.45
CA LEU P 187 -20.46 41.95 15.90
C LEU P 187 -21.18 41.56 14.61
N MET P 188 -20.52 40.74 13.78
CA MET P 188 -21.14 40.25 12.54
C MET P 188 -22.34 39.34 12.83
N THR P 189 -22.24 38.47 13.84
CA THR P 189 -23.33 37.56 14.17
C THR P 189 -24.54 38.29 14.77
N THR P 190 -24.30 39.30 15.62
CA THR P 190 -25.41 40.11 16.13
C THR P 190 -26.05 40.93 14.99
N HIS P 191 -25.25 41.42 14.03
CA HIS P 191 -25.81 42.16 12.90
C HIS P 191 -26.72 41.26 12.07
N LYS P 192 -26.35 39.98 11.91
CA LYS P 192 -27.16 39.05 11.13
C LYS P 192 -28.57 38.91 11.73
N MET P 193 -28.67 38.88 13.06
CA MET P 193 -29.95 38.88 13.75
C MET P 193 -30.57 40.26 13.89
N CYS P 194 -29.77 41.34 13.76
CA CYS P 194 -30.24 42.71 13.91
C CYS P 194 -30.09 43.48 12.59
N ALA P 195 -30.44 42.84 11.48
CA ALA P 195 -30.16 43.41 10.17
C ALA P 195 -31.04 44.61 9.85
N ASN P 196 -32.28 44.60 10.32
CA ASN P 196 -33.20 45.70 10.01
C ASN P 196 -33.36 46.61 11.22
N TRP P 197 -32.38 46.62 12.13
CA TRP P 197 -32.55 47.42 13.34
C TRP P 197 -32.55 48.92 13.07
N SER P 198 -32.04 49.32 11.89
CA SER P 198 -32.05 50.72 11.44
C SER P 198 -33.46 51.29 11.26
N THR P 199 -34.46 50.45 10.98
CA THR P 199 -35.84 50.93 10.80
C THR P 199 -36.42 51.47 12.10
N ILE P 200 -36.01 50.90 13.24
CA ILE P 200 -36.56 51.23 14.57
C ILE P 200 -36.31 52.69 14.89
N PRO P 201 -37.35 53.49 15.16
CA PRO P 201 -37.18 54.95 15.27
C PRO P 201 -36.38 55.40 16.47
N ASN P 202 -36.59 54.77 17.62
CA ASN P 202 -35.85 55.21 18.80
C ASN P 202 -34.37 54.90 18.64
N PHE P 203 -34.03 53.73 18.09
CA PHE P 203 -32.62 53.38 17.91
C PHE P 203 -31.94 54.39 17.00
N ARG P 204 -32.61 54.76 15.89
CA ARG P 204 -32.09 55.79 14.99
C ARG P 204 -31.99 57.12 15.70
N PHE P 205 -33.00 57.45 16.50
CA PHE P 205 -32.99 58.70 17.22
C PHE P 205 -31.77 58.80 18.13
N LEU P 206 -31.45 57.70 18.84
CA LEU P 206 -30.31 57.70 19.75
C LEU P 206 -28.98 57.85 19.02
N ALA P 207 -28.83 57.20 17.85
CA ALA P 207 -27.61 57.36 17.06
C ALA P 207 -27.45 58.81 16.58
N GLY P 208 -28.57 59.43 16.19
CA GLY P 208 -28.51 60.82 15.78
C GLY P 208 -28.10 61.72 16.92
N THR P 209 -28.60 61.43 18.12
CA THR P 209 -28.26 62.22 19.31
C THR P 209 -26.77 62.12 19.64
N TYR P 210 -26.22 60.91 19.66
CA TYR P 210 -24.81 60.69 19.93
C TYR P 210 -23.95 61.35 18.87
N ASP P 211 -24.37 61.23 17.60
CA ASP P 211 -23.60 61.80 16.51
C ASP P 211 -23.52 63.32 16.65
N MET P 212 -24.63 63.98 17.02
CA MET P 212 -24.61 65.45 17.18
C MET P 212 -23.68 65.88 18.31
N PHE P 213 -23.72 65.15 19.43
CA PHE P 213 -22.87 65.47 20.57
C PHE P 213 -21.38 65.30 20.20
N PHE P 214 -21.02 64.17 19.56
CA PHE P 214 -19.61 63.94 19.23
C PHE P 214 -19.06 64.90 18.17
N SER P 215 -19.91 65.44 17.29
CA SER P 215 -19.45 66.41 16.28
C SER P 215 -19.04 67.73 16.90
N ARG P 216 -19.86 68.27 17.81
CA ARG P 216 -19.54 69.53 18.47
C ARG P 216 -18.48 69.37 19.56
N ILE P 217 -18.56 68.30 20.36
CA ILE P 217 -17.70 68.15 21.53
C ILE P 217 -16.74 66.97 21.32
N GLU P 218 -15.45 67.24 21.42
CA GLU P 218 -14.46 66.16 21.37
C GLU P 218 -14.47 65.39 22.69
N HIS P 219 -14.34 64.07 22.59
CA HIS P 219 -14.38 63.21 23.77
C HIS P 219 -13.36 62.11 23.58
N LEU P 220 -13.00 61.45 24.70
CA LEU P 220 -12.11 60.29 24.61
C LEU P 220 -12.75 59.15 23.82
N TYR P 221 -14.06 58.95 24.01
CA TYR P 221 -14.80 57.90 23.34
C TYR P 221 -15.59 58.45 22.17
N SER P 222 -15.08 59.52 21.55
CA SER P 222 -15.72 60.09 20.38
C SER P 222 -15.68 59.10 19.23
N ALA P 223 -14.80 58.08 19.30
CA ALA P 223 -14.71 57.09 18.22
C ALA P 223 -15.99 56.26 18.08
N ILE P 224 -16.92 56.36 19.04
CA ILE P 224 -18.24 55.75 18.92
C ILE P 224 -18.94 56.35 17.72
N ARG P 225 -18.53 57.55 17.30
CA ARG P 225 -19.16 58.20 16.16
C ARG P 225 -19.03 57.36 14.89
N VAL P 226 -18.13 56.38 14.86
CA VAL P 226 -17.98 55.59 13.65
C VAL P 226 -19.27 54.87 13.31
N GLY P 227 -20.00 54.43 14.34
CA GLY P 227 -21.34 53.91 14.10
C GLY P 227 -22.33 54.98 13.65
N THR P 228 -22.23 56.20 14.21
CA THR P 228 -23.27 57.21 13.99
C THR P 228 -22.95 58.20 12.88
N VAL P 229 -21.83 58.05 12.17
CA VAL P 229 -21.47 59.00 11.12
C VAL P 229 -22.53 59.03 10.02
N VAL P 230 -23.17 57.89 9.75
CA VAL P 230 -24.16 57.80 8.67
C VAL P 230 -25.36 58.71 8.92
N THR P 231 -25.72 58.96 10.19
CA THR P 231 -26.88 59.80 10.48
C THR P 231 -26.69 61.21 9.96
N ALA P 232 -25.45 61.69 9.91
CA ALA P 232 -25.19 63.05 9.48
C ALA P 232 -25.60 63.23 8.04
N TYR P 233 -26.38 64.28 7.78
CA TYR P 233 -26.91 64.57 6.44
C TYR P 233 -27.66 63.38 5.85
N GLU P 234 -28.37 62.63 6.70
CA GLU P 234 -29.09 61.46 6.22
C GLU P 234 -30.26 61.87 5.34
N ASP P 235 -30.40 61.15 4.23
CA ASP P 235 -31.49 61.36 3.26
C ASP P 235 -31.46 62.76 2.67
N CYS P 236 -30.27 63.32 2.53
CA CYS P 236 -30.08 64.61 1.90
C CYS P 236 -29.06 64.50 0.76
N SER P 237 -28.96 63.32 0.13
CA SER P 237 -27.95 63.11 -0.92
C SER P 237 -28.14 64.08 -2.06
N GLY P 238 -29.38 64.45 -2.36
CA GLY P 238 -29.55 65.40 -3.43
C GLY P 238 -28.87 66.70 -3.12
N LEU P 239 -29.11 67.23 -1.91
CA LEU P 239 -28.51 68.50 -1.54
C LEU P 239 -26.98 68.42 -1.46
N VAL P 240 -26.46 67.33 -0.85
CA VAL P 240 -25.01 67.15 -0.69
C VAL P 240 -24.34 67.01 -2.05
N SER P 241 -25.00 66.30 -2.97
CA SER P 241 -24.48 66.16 -4.32
C SER P 241 -24.39 67.52 -5.00
N PHE P 242 -25.36 68.40 -4.72
CA PHE P 242 -25.35 69.74 -5.30
C PHE P 242 -24.17 70.56 -4.82
N THR P 243 -23.91 70.57 -3.50
CA THR P 243 -22.78 71.35 -3.00
C THR P 243 -21.45 70.84 -3.55
N GLY P 244 -21.26 69.52 -3.61
CA GLY P 244 -20.05 68.99 -4.18
C GLY P 244 -19.87 69.33 -5.65
N PHE P 245 -20.97 69.25 -6.40
CA PHE P 245 -20.93 69.57 -7.82
C PHE P 245 -20.43 71.01 -8.00
N ILE P 246 -20.95 71.90 -7.18
CA ILE P 246 -20.54 73.30 -7.16
C ILE P 246 -19.04 73.40 -6.94
N LYS P 247 -18.52 72.71 -5.92
CA LYS P 247 -17.10 72.81 -5.63
C LYS P 247 -16.23 72.18 -6.73
N GLN P 248 -16.66 71.04 -7.28
CA GLN P 248 -15.87 70.37 -8.33
C GLN P 248 -15.81 71.21 -9.59
N ILE P 249 -16.95 71.82 -9.96
CA ILE P 249 -17.07 72.63 -11.17
C ILE P 249 -16.45 74.01 -11.04
N ASN P 250 -16.16 74.44 -9.81
CA ASN P 250 -15.53 75.74 -9.54
C ASN P 250 -16.43 76.91 -9.92
N LEU P 251 -17.73 76.78 -9.64
CA LEU P 251 -18.73 77.83 -9.84
C LEU P 251 -19.48 78.11 -8.55
N THR P 252 -20.14 79.27 -8.50
CA THR P 252 -21.05 79.57 -7.39
C THR P 252 -22.41 78.94 -7.62
N ALA P 253 -23.03 78.52 -6.52
CA ALA P 253 -24.35 77.89 -6.56
C ALA P 253 -25.26 78.55 -7.60
N ARG P 254 -25.35 79.88 -7.58
CA ARG P 254 -26.19 80.58 -8.53
C ARG P 254 -25.72 80.32 -9.94
N GLU P 255 -24.42 80.55 -10.20
CA GLU P 255 -23.88 80.36 -11.54
C GLU P 255 -24.19 78.97 -12.09
N ALA P 256 -24.14 77.95 -11.24
CA ALA P 256 -24.44 76.60 -11.71
C ALA P 256 -25.89 76.49 -12.15
N ILE P 257 -26.83 77.00 -11.35
CA ILE P 257 -28.23 76.82 -11.72
C ILE P 257 -28.56 77.50 -13.07
N LEU P 258 -27.79 78.53 -13.47
CA LEU P 258 -27.97 79.12 -14.79
C LEU P 258 -27.73 78.09 -15.89
N TYR P 259 -26.80 77.16 -15.66
CA TYR P 259 -26.49 76.11 -16.63
C TYR P 259 -27.56 75.01 -16.69
N PHE P 260 -28.52 75.00 -15.75
CA PHE P 260 -29.60 73.99 -15.72
C PHE P 260 -30.71 74.39 -16.70
N PHE P 261 -30.58 74.02 -17.97
CA PHE P 261 -31.54 74.54 -18.95
C PHE P 261 -32.71 73.56 -19.12
N HIS P 262 -33.56 73.43 -18.10
CA HIS P 262 -34.74 72.61 -18.35
C HIS P 262 -35.89 72.96 -17.43
N LYS P 263 -37.12 72.74 -17.95
CA LYS P 263 -38.29 73.09 -17.18
C LYS P 263 -38.41 72.24 -15.92
N ASN P 264 -38.03 70.97 -16.00
CA ASN P 264 -38.23 70.06 -14.88
C ASN P 264 -37.50 70.51 -13.63
N PHE P 265 -36.35 71.17 -13.80
CA PHE P 265 -35.52 71.54 -12.67
C PHE P 265 -36.22 72.51 -11.71
N GLU P 266 -37.18 73.29 -12.21
CA GLU P 266 -37.75 74.40 -11.45
C GLU P 266 -38.38 73.94 -10.13
N GLU P 267 -39.26 72.96 -10.20
CA GLU P 267 -39.89 72.50 -8.97
C GLU P 267 -38.81 72.04 -8.00
N GLU P 268 -37.81 71.32 -8.51
CA GLU P 268 -36.77 70.78 -7.65
C GLU P 268 -35.91 71.88 -7.04
N ILE P 269 -35.50 72.88 -7.84
CA ILE P 269 -34.68 73.97 -7.30
C ILE P 269 -35.43 74.70 -6.19
N ARG P 270 -36.72 74.93 -6.40
CA ARG P 270 -37.53 75.55 -5.35
C ARG P 270 -37.61 74.67 -4.10
N ARG P 271 -37.74 73.35 -4.30
CA ARG P 271 -37.90 72.44 -3.17
C ARG P 271 -36.64 72.37 -2.31
N MET P 272 -35.46 72.31 -2.94
CA MET P 272 -34.22 72.11 -2.19
C MET P 272 -33.67 73.40 -1.56
N PHE P 273 -34.05 74.57 -2.06
CA PHE P 273 -33.51 75.81 -1.54
C PHE P 273 -34.55 76.56 -0.73
N GLU P 274 -35.52 75.85 -0.17
CA GLU P 274 -36.58 76.46 0.61
C GLU P 274 -35.98 77.14 1.83
N PRO P 275 -36.36 78.39 2.11
CA PRO P 275 -35.78 79.10 3.24
C PRO P 275 -36.27 78.52 4.56
N GLY P 276 -35.62 78.93 5.64
CA GLY P 276 -36.01 78.48 6.95
C GLY P 276 -35.29 77.25 7.46
N GLN P 277 -34.56 76.56 6.60
CA GLN P 277 -33.75 75.42 7.02
C GLN P 277 -32.29 75.85 7.20
N GLU P 278 -31.72 75.51 8.35
CA GLU P 278 -30.35 75.89 8.71
C GLU P 278 -29.30 75.05 7.97
N THR P 279 -29.33 75.13 6.64
CA THR P 279 -28.32 74.45 5.82
C THR P 279 -26.92 75.03 6.03
N ALA P 280 -26.85 76.36 6.18
CA ALA P 280 -25.57 77.06 6.32
C ALA P 280 -24.96 76.90 7.72
N VAL P 281 -25.78 76.70 8.74
CA VAL P 281 -25.29 76.66 10.14
C VAL P 281 -24.39 75.45 10.34
N PRO P 282 -23.19 75.61 10.90
CA PRO P 282 -22.28 74.45 10.99
C PRO P 282 -22.81 73.31 11.85
N HIS P 283 -23.31 73.59 13.04
CA HIS P 283 -23.87 72.54 13.87
C HIS P 283 -25.31 72.90 14.09
N SER P 284 -26.22 72.07 13.57
CA SER P 284 -27.63 72.39 13.72
C SER P 284 -28.39 71.10 13.73
N TYR P 285 -29.66 71.20 14.12
CA TYR P 285 -30.49 70.02 14.07
C TYR P 285 -30.68 69.52 12.63
N PHE P 286 -30.49 70.39 11.63
CA PHE P 286 -30.73 70.02 10.25
C PHE P 286 -29.87 68.83 9.79
N ILE P 287 -28.60 68.78 10.20
CA ILE P 287 -27.70 67.71 9.73
C ILE P 287 -28.18 66.33 10.17
N HIS P 288 -28.89 66.27 11.29
CA HIS P 288 -29.43 65.02 11.83
C HIS P 288 -30.95 65.03 11.89
N PHE P 289 -31.62 65.92 11.15
CA PHE P 289 -33.06 66.01 11.30
C PHE P 289 -33.74 64.72 10.92
N ARG P 290 -33.25 64.05 9.88
CA ARG P 290 -33.88 62.81 9.42
C ARG P 290 -33.80 61.72 10.49
N SER P 291 -32.64 61.59 11.16
CA SER P 291 -32.51 60.57 12.22
C SER P 291 -33.43 60.89 13.41
N LEU P 292 -33.44 62.15 13.86
CA LEU P 292 -34.31 62.61 14.93
C LEU P 292 -35.72 62.86 14.36
N GLY P 293 -36.58 63.52 15.12
CA GLY P 293 -37.93 63.83 14.67
C GLY P 293 -37.99 64.96 13.65
N LEU P 294 -39.16 65.59 13.62
CA LEU P 294 -39.52 66.73 12.76
C LEU P 294 -39.00 66.70 11.32
N SER P 295 -38.99 65.51 10.72
CA SER P 295 -38.44 65.35 9.37
C SER P 295 -39.49 64.97 8.33
N GLY P 296 -40.13 63.82 8.48
CA GLY P 296 -40.99 63.26 7.44
C GLY P 296 -40.14 62.71 6.32
N LYS P 297 -40.61 62.87 5.08
CA LYS P 297 -39.79 62.53 3.93
C LYS P 297 -38.93 63.75 3.66
N SER P 298 -37.67 63.51 3.35
CA SER P 298 -36.73 64.62 3.18
C SER P 298 -36.90 65.20 1.79
N PRO P 299 -37.07 66.52 1.67
CA PRO P 299 -37.18 67.11 0.33
C PRO P 299 -35.84 67.22 -0.37
N TYR P 300 -34.75 66.85 0.32
CA TYR P 300 -33.38 66.90 -0.19
C TYR P 300 -32.86 65.51 -0.60
N SER P 301 -33.71 64.48 -0.55
CA SER P 301 -33.32 63.14 -0.93
C SER P 301 -33.08 63.07 -2.43
N SER P 302 -32.20 62.16 -2.86
CA SER P 302 -31.86 62.12 -4.29
C SER P 302 -33.10 61.90 -5.12
N ASN P 303 -34.06 61.16 -4.59
CA ASN P 303 -35.26 60.89 -5.35
C ASN P 303 -36.10 62.17 -5.50
N ALA P 304 -36.21 62.99 -4.45
CA ALA P 304 -37.01 64.20 -4.55
C ALA P 304 -36.40 65.20 -5.51
N VAL P 305 -35.08 65.25 -5.59
CA VAL P 305 -34.43 66.24 -6.45
C VAL P 305 -33.76 65.46 -7.59
N GLY P 306 -34.51 64.48 -8.12
CA GLY P 306 -33.98 63.51 -9.07
C GLY P 306 -33.40 64.09 -10.35
N HIS P 307 -34.08 65.05 -10.95
CA HIS P 307 -33.58 65.64 -12.20
C HIS P 307 -32.23 66.28 -11.98
N VAL P 308 -32.10 67.05 -10.90
CA VAL P 308 -30.85 67.72 -10.58
C VAL P 308 -29.77 66.70 -10.23
N PHE P 309 -30.16 65.67 -9.47
CA PHE P 309 -29.21 64.65 -9.06
C PHE P 309 -28.62 63.96 -10.28
N ASN P 310 -29.50 63.54 -11.21
CA ASN P 310 -29.04 62.86 -12.44
C ASN P 310 -28.13 63.75 -13.26
N LEU P 311 -28.47 65.03 -13.40
CA LEU P 311 -27.61 65.92 -14.16
C LEU P 311 -26.24 66.04 -13.50
N ILE P 312 -26.23 66.18 -12.18
CA ILE P 312 -24.96 66.33 -11.50
C ILE P 312 -24.08 65.14 -11.80
N HIS P 313 -24.65 63.95 -11.71
CA HIS P 313 -23.79 62.78 -11.81
C HIS P 313 -23.48 62.41 -13.25
N PHE P 314 -24.37 62.72 -14.17
CA PHE P 314 -23.95 62.55 -15.54
C PHE P 314 -22.75 63.45 -15.85
N VAL P 315 -22.77 64.68 -15.35
CA VAL P 315 -21.61 65.54 -15.56
C VAL P 315 -20.38 64.92 -14.90
N GLY P 316 -20.56 64.43 -13.68
CA GLY P 316 -19.45 63.78 -12.98
C GLY P 316 -18.91 62.59 -13.74
N CYS P 317 -19.78 61.73 -14.29
CA CYS P 317 -19.25 60.65 -15.09
C CYS P 317 -18.48 61.19 -16.27
N TYR P 318 -18.98 62.25 -16.91
CA TYR P 318 -18.22 62.83 -18.01
C TYR P 318 -16.85 63.26 -17.54
N MET P 319 -16.76 63.71 -16.29
CA MET P 319 -15.46 64.12 -15.74
C MET P 319 -14.73 62.97 -15.06
N GLY P 320 -15.31 61.77 -15.07
CA GLY P 320 -14.67 60.57 -14.54
C GLY P 320 -14.69 60.44 -13.04
N GLN P 321 -15.57 61.14 -12.35
CA GLN P 321 -15.61 61.04 -10.91
C GLN P 321 -16.17 59.69 -10.50
N VAL P 322 -15.40 58.90 -9.76
CA VAL P 322 -15.87 57.56 -9.42
C VAL P 322 -17.16 57.60 -8.61
N ARG P 323 -17.30 58.59 -7.74
CA ARG P 323 -18.51 58.69 -6.93
C ARG P 323 -19.77 58.72 -7.78
N SER P 324 -19.75 59.47 -8.87
CA SER P 324 -20.91 59.50 -9.73
C SER P 324 -21.11 58.20 -10.47
N LEU P 325 -20.01 57.57 -10.90
CA LEU P 325 -20.12 56.31 -11.63
C LEU P 325 -20.87 55.27 -10.81
N ASN P 326 -20.68 55.29 -9.49
CA ASN P 326 -21.32 54.33 -8.62
C ASN P 326 -22.64 54.82 -8.02
N ALA P 327 -23.05 56.07 -8.24
CA ALA P 327 -24.35 56.47 -7.69
C ALA P 327 -25.47 55.83 -8.50
N THR P 328 -26.59 55.54 -7.83
CA THR P 328 -27.71 54.85 -8.49
C THR P 328 -28.64 55.89 -9.11
N VAL P 329 -28.86 55.75 -10.41
CA VAL P 329 -29.59 56.77 -11.15
C VAL P 329 -31.04 56.77 -10.73
N ILE P 330 -31.65 57.95 -10.69
CA ILE P 330 -33.07 58.03 -10.42
C ILE P 330 -33.78 57.80 -11.75
N ALA P 331 -34.38 56.62 -11.92
CA ALA P 331 -34.95 56.24 -13.21
C ALA P 331 -36.16 57.06 -13.59
N ALA P 332 -36.94 57.50 -12.61
CA ALA P 332 -38.18 58.21 -12.91
C ALA P 332 -37.92 59.57 -13.56
N CYS P 333 -36.83 60.25 -13.16
CA CYS P 333 -36.53 61.64 -13.52
C CYS P 333 -35.73 61.76 -14.82
N ALA P 334 -36.36 61.38 -15.92
CA ALA P 334 -35.91 61.63 -17.29
C ALA P 334 -34.39 61.54 -17.44
N PRO P 335 -33.79 60.37 -17.17
CA PRO P 335 -32.32 60.26 -17.25
C PRO P 335 -31.75 60.50 -18.62
N HIS P 336 -32.46 60.11 -19.69
CA HIS P 336 -31.85 60.28 -21.00
C HIS P 336 -31.66 61.75 -21.31
N GLU P 337 -32.71 62.55 -21.13
CA GLU P 337 -32.54 63.97 -21.39
C GLU P 337 -31.45 64.55 -20.51
N MET P 338 -31.45 64.15 -19.23
CA MET P 338 -30.45 64.61 -18.30
C MET P 338 -29.07 64.20 -18.75
N SER P 339 -28.92 63.00 -19.31
CA SER P 339 -27.59 62.58 -19.76
C SER P 339 -27.13 63.46 -20.90
N VAL P 340 -28.05 63.86 -21.78
CA VAL P 340 -27.68 64.75 -22.88
C VAL P 340 -27.20 66.09 -22.36
N LEU P 341 -28.01 66.71 -21.49
CA LEU P 341 -27.59 67.98 -20.93
C LEU P 341 -26.29 67.80 -20.18
N GLY P 342 -26.15 66.68 -19.47
CA GLY P 342 -24.91 66.40 -18.78
C GLY P 342 -23.73 66.27 -19.71
N GLY P 343 -23.97 65.75 -20.91
CA GLY P 343 -22.89 65.67 -21.88
C GLY P 343 -22.36 67.03 -22.28
N TYR P 344 -23.26 67.98 -22.55
CA TYR P 344 -22.83 69.33 -22.92
C TYR P 344 -22.13 70.03 -21.77
N LEU P 345 -22.71 69.94 -20.56
CA LEU P 345 -22.12 70.59 -19.40
C LEU P 345 -20.77 70.01 -19.08
N GLY P 346 -20.67 68.69 -19.12
CA GLY P 346 -19.41 68.04 -18.88
C GLY P 346 -18.36 68.41 -19.92
N GLU P 347 -18.78 68.48 -21.19
CA GLU P 347 -17.87 68.92 -22.25
C GLU P 347 -17.32 70.29 -21.94
N GLU P 348 -18.18 71.19 -21.45
CA GLU P 348 -17.75 72.54 -21.09
C GLU P 348 -16.76 72.51 -19.92
N PHE P 349 -17.00 71.65 -18.93
CA PHE P 349 -16.21 71.72 -17.71
C PHE P 349 -15.02 70.75 -17.65
N PHE P 350 -14.90 69.81 -18.58
CA PHE P 350 -13.83 68.81 -18.52
C PHE P 350 -12.60 69.30 -19.27
N GLY P 351 -11.48 69.39 -18.54
CA GLY P 351 -10.21 69.79 -19.11
C GLY P 351 -10.05 71.26 -19.32
N LYS P 352 -10.91 72.07 -18.73
CA LYS P 352 -10.93 73.50 -18.96
C LYS P 352 -11.01 74.20 -17.62
N GLY P 353 -10.35 75.34 -17.52
CA GLY P 353 -10.42 76.15 -16.32
C GLY P 353 -10.43 77.62 -16.67
N THR P 354 -11.02 78.40 -15.77
CA THR P 354 -11.04 79.86 -15.89
C THR P 354 -9.87 80.37 -15.05
N PHE P 355 -8.81 80.83 -15.72
CA PHE P 355 -7.59 81.27 -15.04
C PHE P 355 -7.38 82.76 -15.25
N GLU P 356 -6.95 83.44 -14.18
CA GLU P 356 -6.63 84.85 -14.25
C GLU P 356 -5.44 85.16 -13.34
N ARG P 357 -4.62 86.14 -13.73
CA ARG P 357 -3.50 86.53 -12.87
C ARG P 357 -4.03 87.25 -11.62
N ARG P 358 -3.66 86.74 -10.45
CA ARG P 358 -4.11 87.36 -9.22
C ARG P 358 -2.98 87.78 -8.29
N PHE P 359 -1.75 87.33 -8.54
CA PHE P 359 -0.59 87.63 -7.71
C PHE P 359 0.45 88.36 -8.55
N PHE P 360 0.93 89.49 -8.03
CA PHE P 360 1.87 90.35 -8.71
C PHE P 360 2.96 90.80 -7.74
N ARG P 361 4.12 91.16 -8.30
CA ARG P 361 5.25 91.61 -7.50
C ARG P 361 4.93 92.98 -6.87
N ASP P 362 4.94 94.05 -7.67
CA ASP P 362 4.71 95.41 -7.18
C ASP P 362 3.24 95.81 -7.35
N GLU P 363 2.82 96.79 -6.55
CA GLU P 363 1.45 97.31 -6.63
C GLU P 363 1.14 97.92 -7.99
N LYS P 364 2.13 98.58 -8.61
CA LYS P 364 1.94 99.15 -9.94
C LYS P 364 1.55 98.07 -10.94
N GLU P 365 2.10 96.85 -10.78
CA GLU P 365 1.88 95.76 -11.72
C GLU P 365 0.40 95.39 -11.86
N LEU P 366 -0.41 95.46 -10.77
CA LEU P 366 -1.85 95.22 -10.91
C LEU P 366 -2.51 96.16 -11.90
N GLN P 367 -2.21 97.46 -11.81
CA GLN P 367 -2.83 98.42 -12.73
C GLN P 367 -2.41 98.19 -14.18
N GLU P 368 -1.17 97.79 -14.40
CA GLU P 368 -0.75 97.48 -15.77
C GLU P 368 -1.51 96.28 -16.31
N TYR P 369 -1.70 95.23 -15.49
CA TYR P 369 -2.50 94.08 -15.88
C TYR P 369 -3.98 94.45 -15.98
N GLU P 370 -4.36 95.57 -15.36
CA GLU P 370 -5.75 96.04 -15.36
C GLU P 370 -6.15 96.56 -16.74
N ALA P 371 -5.19 96.99 -17.57
CA ALA P 371 -5.55 97.45 -18.91
C ALA P 371 -6.05 96.32 -19.81
N ALA P 372 -5.90 95.05 -19.41
CA ALA P 372 -6.38 93.89 -20.16
C ALA P 372 -7.70 93.37 -19.60
N GLU P 398 -15.09 79.42 -26.73
CA GLU P 398 -13.93 79.66 -25.86
C GLU P 398 -14.38 80.23 -24.51
N THR P 399 -15.23 81.26 -24.57
CA THR P 399 -15.75 81.88 -23.35
C THR P 399 -16.73 80.93 -22.65
N ARG P 400 -16.56 80.81 -21.32
CA ARG P 400 -17.41 79.95 -20.51
C ARG P 400 -18.56 80.82 -19.99
N SER P 401 -19.78 80.55 -20.49
CA SER P 401 -20.97 81.29 -20.11
C SER P 401 -22.22 80.44 -20.29
N PRO P 402 -23.27 80.63 -19.48
CA PRO P 402 -24.50 79.85 -19.71
C PRO P 402 -25.06 80.08 -21.10
N GLU P 403 -25.07 81.32 -21.56
CA GLU P 403 -25.61 81.65 -22.87
C GLU P 403 -24.85 80.93 -23.99
N ALA P 404 -23.52 80.82 -23.85
CA ALA P 404 -22.71 80.15 -24.89
C ALA P 404 -23.04 78.67 -24.97
N VAL P 405 -23.18 78.01 -23.83
CA VAL P 405 -23.50 76.59 -23.84
C VAL P 405 -24.89 76.38 -24.42
N TYR P 406 -25.87 77.21 -24.00
CA TYR P 406 -27.24 77.04 -24.46
C TYR P 406 -27.35 77.18 -25.97
N THR P 407 -26.63 78.16 -26.53
CA THR P 407 -26.62 78.30 -27.98
C THR P 407 -25.95 77.09 -28.63
N ARG P 408 -24.87 76.58 -28.02
CA ARG P 408 -24.19 75.41 -28.56
C ARG P 408 -25.12 74.21 -28.62
N ILE P 409 -25.93 74.01 -27.56
CA ILE P 409 -26.94 72.95 -27.54
C ILE P 409 -27.95 73.19 -28.65
N MET P 410 -28.41 74.43 -28.80
CA MET P 410 -29.42 74.71 -29.81
C MET P 410 -28.88 74.44 -31.22
N MET P 411 -27.60 74.75 -31.46
CA MET P 411 -27.00 74.56 -32.78
C MET P 411 -26.99 73.11 -33.22
N ASN P 412 -26.78 72.18 -32.29
CA ASN P 412 -26.85 70.75 -32.60
C ASN P 412 -28.25 70.17 -32.40
N GLY P 413 -29.25 71.04 -32.25
CA GLY P 413 -30.63 70.60 -32.16
C GLY P 413 -30.96 69.84 -30.91
N GLY P 414 -30.27 70.13 -29.79
CA GLY P 414 -30.49 69.43 -28.54
C GLY P 414 -30.05 67.98 -28.56
N ARG P 415 -29.09 67.64 -29.42
CA ARG P 415 -28.61 66.26 -29.63
C ARG P 415 -27.15 66.11 -29.20
N LEU P 416 -26.85 64.96 -28.60
CA LEU P 416 -25.49 64.69 -28.12
C LEU P 416 -24.51 64.70 -29.29
N LYS P 417 -23.33 65.28 -29.08
CA LYS P 417 -22.28 65.17 -30.10
C LYS P 417 -21.70 63.76 -30.07
N ARG P 418 -21.07 63.37 -31.17
CA ARG P 418 -20.39 62.07 -31.17
C ARG P 418 -19.30 62.02 -30.12
N SER P 419 -18.59 63.14 -29.93
CA SER P 419 -17.55 63.15 -28.90
C SER P 419 -18.15 62.91 -27.53
N HIS P 420 -19.32 63.51 -27.26
CA HIS P 420 -19.98 63.28 -25.98
C HIS P 420 -20.20 61.80 -25.76
N ILE P 421 -20.74 61.13 -26.76
CA ILE P 421 -20.97 59.71 -26.59
C ILE P 421 -19.65 58.98 -26.45
N ARG P 422 -18.63 59.36 -27.22
CA ARG P 422 -17.34 58.69 -27.08
C ARG P 422 -16.84 58.75 -25.64
N ARG P 423 -16.87 59.94 -25.06
CA ARG P 423 -16.39 60.12 -23.69
C ARG P 423 -17.20 59.27 -22.73
N TYR P 424 -18.52 59.38 -22.84
CA TYR P 424 -19.40 58.63 -21.95
C TYR P 424 -19.10 57.14 -22.04
N VAL P 425 -18.95 56.61 -23.26
CA VAL P 425 -18.70 55.20 -23.35
C VAL P 425 -17.37 54.84 -22.75
N SER P 426 -16.35 55.65 -23.02
CA SER P 426 -15.01 55.36 -22.55
C SER P 426 -14.94 55.34 -21.03
N VAL P 427 -15.60 56.28 -20.38
CA VAL P 427 -15.63 56.27 -18.93
C VAL P 427 -16.37 55.06 -18.44
N SER P 428 -17.53 54.78 -19.05
CA SER P 428 -18.37 53.72 -18.52
C SER P 428 -17.77 52.34 -18.73
N SER P 429 -17.19 52.07 -19.89
CA SER P 429 -16.68 50.72 -20.16
C SER P 429 -15.49 50.39 -19.28
N ASN P 430 -14.60 51.36 -19.04
CA ASN P 430 -13.41 51.15 -18.21
C ASN P 430 -13.74 51.38 -16.74
N HIS P 431 -14.82 50.75 -16.31
CA HIS P 431 -15.26 50.84 -14.93
C HIS P 431 -16.12 49.60 -14.66
N GLN P 432 -16.01 49.14 -13.41
CA GLN P 432 -16.75 47.98 -12.90
C GLN P 432 -18.13 48.48 -12.54
N ALA P 433 -19.04 48.38 -13.51
CA ALA P 433 -20.36 48.97 -13.36
C ALA P 433 -21.13 48.28 -12.25
N ARG P 434 -21.65 49.08 -11.33
CA ARG P 434 -22.48 48.53 -10.29
C ARG P 434 -23.91 48.34 -10.81
N PRO P 435 -24.77 47.53 -10.10
CA PRO P 435 -26.09 47.14 -10.63
C PRO P 435 -26.93 48.23 -11.29
N ASN P 436 -27.40 49.24 -10.55
CA ASN P 436 -28.22 50.28 -11.16
C ASN P 436 -27.52 51.61 -11.23
N SER P 437 -26.20 51.58 -11.40
CA SER P 437 -25.36 52.78 -11.35
C SER P 437 -25.49 53.64 -12.61
N PHE P 438 -25.00 54.88 -12.48
CA PHE P 438 -24.87 55.72 -13.66
C PHE P 438 -23.94 55.08 -14.66
N ALA P 439 -22.91 54.36 -14.19
CA ALA P 439 -22.05 53.65 -15.10
C ALA P 439 -22.83 52.62 -15.89
N GLU P 440 -23.71 51.87 -15.22
CA GLU P 440 -24.48 50.84 -15.92
C GLU P 440 -25.41 51.47 -16.96
N PHE P 441 -26.08 52.58 -16.59
CA PHE P 441 -26.96 53.29 -17.52
C PHE P 441 -26.19 53.76 -18.75
N LEU P 442 -25.00 54.31 -18.54
CA LEU P 442 -24.20 54.79 -19.66
C LEU P 442 -23.77 53.63 -20.55
N ASN P 443 -23.38 52.50 -19.94
CA ASN P 443 -23.00 51.37 -20.76
C ASN P 443 -24.18 50.88 -21.59
N LYS P 444 -25.33 50.66 -20.93
CA LYS P 444 -26.49 50.10 -21.61
C LYS P 444 -27.03 51.05 -22.68
N THR P 445 -26.97 52.37 -22.46
CA THR P 445 -27.57 53.30 -23.40
C THR P 445 -26.69 53.57 -24.62
N TYR P 446 -25.44 53.89 -24.40
CA TYR P 446 -24.54 54.25 -25.49
C TYR P 446 -23.43 53.22 -25.53
N SER P 447 -23.49 52.27 -26.45
CA SER P 447 -22.44 51.24 -26.52
C SER P 447 -21.90 50.94 -27.90
N SER P 448 -22.47 51.48 -28.97
CA SER P 448 -21.85 51.27 -30.26
C SER P 448 -21.27 52.56 -30.83
N ILE Q 6 -25.75 86.12 -4.65
CA ILE Q 6 -26.63 85.00 -4.39
C ILE Q 6 -28.02 85.42 -4.78
N VAL Q 7 -28.19 85.92 -6.00
CA VAL Q 7 -29.48 86.43 -6.43
C VAL Q 7 -29.96 85.48 -7.55
N PHE Q 8 -31.22 85.06 -7.48
CA PHE Q 8 -31.72 84.14 -8.49
C PHE Q 8 -33.19 84.35 -8.87
N LYS Q 9 -33.50 84.11 -10.16
CA LYS Q 9 -34.83 84.29 -10.71
C LYS Q 9 -35.33 83.04 -11.42
N VAL Q 10 -36.49 82.52 -10.98
CA VAL Q 10 -37.11 81.35 -11.59
C VAL Q 10 -38.40 81.84 -12.21
N ASN Q 11 -38.72 81.31 -13.38
CA ASN Q 11 -39.94 81.72 -14.09
C ASN Q 11 -41.21 81.22 -13.41
N ASN Q 12 -41.28 79.93 -13.03
CA ASN Q 12 -42.43 79.32 -12.34
C ASN Q 12 -43.70 79.58 -13.17
N GLN Q 13 -44.82 79.98 -12.55
CA GLN Q 13 -45.99 80.50 -13.28
C GLN Q 13 -45.94 82.04 -13.33
N VAL Q 14 -45.45 82.64 -12.24
CA VAL Q 14 -45.10 84.06 -12.11
C VAL Q 14 -43.64 84.12 -11.67
N VAL Q 15 -43.06 85.33 -11.75
CA VAL Q 15 -41.63 85.47 -11.51
C VAL Q 15 -41.36 85.36 -10.01
N SER Q 16 -40.37 84.53 -9.65
CA SER Q 16 -40.02 84.25 -8.27
C SER Q 16 -38.50 84.36 -8.06
N LEU Q 17 -38.12 84.85 -6.88
CA LEU Q 17 -36.72 85.04 -6.49
C LEU Q 17 -36.34 84.06 -5.39
N LYS Q 18 -35.25 83.30 -5.59
CA LYS Q 18 -34.78 82.33 -4.60
C LYS Q 18 -33.30 82.59 -4.28
N PRO Q 19 -32.93 82.62 -3.00
CA PRO Q 19 -31.51 82.69 -2.60
C PRO Q 19 -30.86 81.33 -2.49
N GLU Q 20 -29.60 81.25 -2.91
CA GLU Q 20 -28.84 80.01 -2.80
C GLU Q 20 -28.10 80.00 -1.48
N ILE Q 21 -28.37 78.98 -0.66
CA ILE Q 21 -27.73 78.85 0.65
C ILE Q 21 -27.04 77.49 0.73
N ILE Q 22 -25.74 77.49 1.00
CA ILE Q 22 -24.96 76.28 1.17
C ILE Q 22 -23.98 76.50 2.31
N VAL Q 23 -23.61 75.44 3.01
CA VAL Q 23 -22.71 75.59 4.15
C VAL Q 23 -21.30 75.89 3.63
N ASP Q 24 -20.69 76.97 4.13
CA ASP Q 24 -19.34 77.35 3.71
C ASP Q 24 -18.55 78.03 4.82
N GLN Q 25 -18.93 77.82 6.09
CA GLN Q 25 -18.27 78.44 7.23
C GLN Q 25 -17.21 77.48 7.78
N HIS Q 26 -15.97 77.94 7.84
CA HIS Q 26 -14.86 77.11 8.32
C HIS Q 26 -13.95 77.98 9.17
N GLU Q 27 -14.07 77.87 10.49
CA GLU Q 27 -13.19 78.64 11.38
C GLU Q 27 -11.84 77.94 11.52
N TYR Q 28 -10.77 78.77 11.57
CA TYR Q 28 -9.39 78.29 11.65
C TYR Q 28 -8.65 78.98 12.80
N LYS Q 29 -8.14 78.16 13.74
CA LYS Q 29 -7.34 78.56 14.91
C LYS Q 29 -5.87 78.72 14.51
N TYR Q 30 -5.16 79.55 15.24
CA TYR Q 30 -3.77 79.87 14.92
C TYR Q 30 -2.82 79.46 16.03
N PRO Q 31 -1.53 79.29 15.71
CA PRO Q 31 -0.58 78.76 16.71
C PRO Q 31 -0.13 79.78 17.73
N ALA Q 32 -0.06 81.06 17.36
CA ALA Q 32 0.37 82.09 18.30
C ALA Q 32 -0.40 81.94 19.61
N ILE Q 33 0.26 82.20 20.73
CA ILE Q 33 -0.35 82.08 22.04
C ILE Q 33 -0.77 83.47 22.50
N LYS Q 34 -2.08 83.64 22.72
CA LYS Q 34 -2.58 84.92 23.23
C LYS Q 34 -2.32 85.05 24.73
N ASP Q 35 -2.37 83.94 25.48
CA ASP Q 35 -2.07 83.98 26.92
C ASP Q 35 -0.59 84.27 27.20
N LEU Q 36 0.31 84.05 26.22
CA LEU Q 36 1.75 84.22 26.44
C LEU Q 36 2.20 83.32 27.60
N LYS Q 37 1.53 82.17 27.70
CA LYS Q 37 1.75 81.12 28.70
C LYS Q 37 2.13 79.79 28.06
N LYS Q 38 3.13 79.12 28.63
CA LYS Q 38 3.59 77.83 28.10
C LYS Q 38 2.47 76.78 28.23
N PRO Q 39 2.35 75.86 27.26
CA PRO Q 39 1.24 74.87 27.28
C PRO Q 39 1.32 73.91 28.46
N CYS Q 40 0.15 73.57 29.02
CA CYS Q 40 0.07 72.73 30.22
C CYS Q 40 -0.97 71.62 30.06
N ILE Q 41 -0.69 70.45 30.68
CA ILE Q 41 -1.65 69.34 30.75
C ILE Q 41 -1.76 68.90 32.21
N THR Q 42 -2.93 68.36 32.57
CA THR Q 42 -3.21 67.87 33.91
C THR Q 42 -2.91 66.38 33.97
N LEU Q 43 -2.16 65.97 35.00
CA LEU Q 43 -1.71 64.59 35.17
C LEU Q 43 -1.93 64.17 36.62
N GLY Q 44 -1.65 62.90 36.94
CA GLY Q 44 -1.86 62.38 38.29
C GLY Q 44 -0.66 62.66 39.19
N LYS Q 45 -0.71 62.16 40.42
CA LYS Q 45 0.35 62.52 41.36
C LYS Q 45 1.66 61.90 40.91
N ALA Q 46 2.76 62.67 41.05
CA ALA Q 46 4.03 62.22 40.51
C ALA Q 46 4.44 60.91 41.15
N PRO Q 47 4.70 59.86 40.38
CA PRO Q 47 5.12 58.60 40.99
C PRO Q 47 6.62 58.57 41.26
N ASP Q 48 7.02 57.61 42.09
CA ASP Q 48 8.44 57.37 42.27
C ASP Q 48 9.00 56.79 40.99
N LEU Q 49 10.12 57.38 40.54
CA LEU Q 49 10.72 57.06 39.24
C LEU Q 49 10.90 55.54 39.03
N ASN Q 50 11.63 54.88 39.94
CA ASN Q 50 11.82 53.41 39.89
C ASN Q 50 10.49 52.63 39.94
N LYS Q 51 9.55 53.04 40.80
CA LYS Q 51 8.29 52.31 40.87
C LYS Q 51 7.48 52.52 39.60
N ALA Q 52 7.51 53.75 39.08
CA ALA Q 52 6.79 54.03 37.84
C ALA Q 52 7.41 53.24 36.70
N TYR Q 53 8.75 53.11 36.70
CA TYR Q 53 9.44 52.39 35.64
C TYR Q 53 8.99 50.92 35.62
N LYS Q 54 8.91 50.29 36.79
CA LYS Q 54 8.52 48.88 36.84
C LYS Q 54 7.08 48.65 36.38
N SER Q 55 6.17 49.56 36.75
CA SER Q 55 4.74 49.39 36.44
C SER Q 55 4.50 49.37 34.92
N VAL Q 56 5.06 50.36 34.22
CA VAL Q 56 4.94 50.44 32.77
C VAL Q 56 5.72 49.32 32.08
N LEU Q 57 6.87 48.91 32.62
CA LEU Q 57 7.66 47.81 32.03
C LEU Q 57 6.89 46.48 32.06
N SER Q 58 6.24 46.20 33.18
CA SER Q 58 5.35 45.05 33.28
C SER Q 58 4.19 45.17 32.30
N GLY Q 59 3.62 46.37 32.20
CA GLY Q 59 2.55 46.59 31.25
C GLY Q 59 2.98 46.33 29.82
N MET Q 60 4.22 46.70 29.48
CA MET Q 60 4.75 46.50 28.14
C MET Q 60 4.71 45.03 27.75
N SER Q 61 5.21 44.19 28.63
CA SER Q 61 5.32 42.77 28.34
C SER Q 61 3.93 42.11 28.34
N ALA Q 62 3.03 42.60 29.21
CA ALA Q 62 1.69 42.05 29.28
C ALA Q 62 0.80 42.59 28.20
N ALA Q 63 1.33 43.53 27.45
CA ALA Q 63 0.71 44.19 26.31
C ALA Q 63 -0.55 44.95 26.68
N LYS Q 64 -0.81 45.14 27.99
CA LYS Q 64 -1.93 45.93 28.47
C LYS Q 64 -1.41 47.02 29.42
N LEU Q 65 -1.65 48.27 29.09
CA LEU Q 65 -1.08 49.37 29.87
C LEU Q 65 -2.12 50.47 30.05
N ASP Q 66 -1.96 51.24 31.13
CA ASP Q 66 -2.87 52.35 31.41
C ASP Q 66 -2.27 53.63 30.89
N PRO Q 67 -2.99 54.32 29.99
CA PRO Q 67 -2.43 55.53 29.37
C PRO Q 67 -2.08 56.60 30.39
N ASP Q 68 -2.95 56.87 31.38
CA ASP Q 68 -2.66 57.92 32.34
C ASP Q 68 -1.41 57.60 33.15
N ASP Q 69 -1.20 56.34 33.51
CA ASP Q 69 0.03 55.97 34.22
C ASP Q 69 1.24 56.20 33.34
N VAL Q 70 1.12 55.85 32.06
CA VAL Q 70 2.22 56.03 31.12
C VAL Q 70 2.59 57.51 30.99
N CYS Q 71 1.56 58.37 30.93
CA CYS Q 71 1.78 59.81 30.80
C CYS Q 71 2.49 60.38 32.03
N SER Q 72 2.12 59.90 33.22
CA SER Q 72 2.75 60.38 34.45
C SER Q 72 4.23 60.00 34.46
N TYR Q 73 4.56 58.78 34.02
CA TYR Q 73 5.94 58.34 33.95
C TYR Q 73 6.76 59.15 32.95
N LEU Q 74 6.16 59.43 31.78
CA LEU Q 74 6.87 60.19 30.75
C LEU Q 74 7.16 61.60 31.21
N ALA Q 75 6.19 62.26 31.86
CA ALA Q 75 6.43 63.61 32.38
C ALA Q 75 7.46 63.59 33.51
N ALA Q 76 7.42 62.56 34.36
CA ALA Q 76 8.36 62.44 35.46
C ALA Q 76 9.80 62.24 34.97
N ALA Q 77 9.98 61.46 33.91
CA ALA Q 77 11.30 61.17 33.37
C ALA Q 77 11.96 62.38 32.67
N MET Q 78 11.22 63.48 32.44
CA MET Q 78 11.75 64.65 31.70
C MET Q 78 12.95 65.30 32.38
N GLN Q 79 13.02 65.25 33.70
CA GLN Q 79 14.14 65.84 34.43
C GLN Q 79 15.45 65.11 34.13
N PHE Q 80 15.38 63.79 33.89
CA PHE Q 80 16.58 63.01 33.60
C PHE Q 80 17.31 63.59 32.38
N PHE Q 81 16.55 63.98 31.35
CA PHE Q 81 17.11 64.47 30.09
C PHE Q 81 17.29 65.99 30.16
N GLU Q 82 18.54 66.44 30.21
CA GLU Q 82 18.85 67.86 30.31
C GLU Q 82 20.15 68.15 29.57
N GLY Q 83 20.26 69.36 29.04
CA GLY Q 83 21.45 69.76 28.34
C GLY Q 83 21.57 71.26 28.39
N THR Q 84 22.77 71.76 28.13
CA THR Q 84 22.99 73.20 28.08
C THR Q 84 22.39 73.84 26.82
N CYS Q 85 21.79 75.03 27.00
CA CYS Q 85 21.12 75.80 25.92
C CYS Q 85 22.13 76.68 25.18
N PRO Q 86 22.35 76.48 23.87
CA PRO Q 86 23.34 77.33 23.18
C PRO Q 86 22.90 78.79 23.07
N GLU Q 87 21.66 79.07 22.68
CA GLU Q 87 21.20 80.44 22.54
C GLU Q 87 19.78 80.52 23.10
N ASP Q 88 19.35 81.73 23.49
CA ASP Q 88 17.96 81.96 23.92
C ASP Q 88 16.96 81.77 22.78
N TRP Q 89 15.85 81.09 23.08
CA TRP Q 89 14.75 80.91 22.14
C TRP Q 89 13.56 81.76 22.60
N THR Q 90 13.05 82.57 21.68
CA THR Q 90 11.89 83.44 21.87
C THR Q 90 10.72 82.95 21.03
N SER Q 91 9.62 82.62 21.71
CA SER Q 91 8.41 82.16 21.05
C SER Q 91 7.51 83.38 20.84
N TYR Q 92 6.21 83.14 20.59
CA TYR Q 92 5.27 84.23 20.34
C TYR Q 92 5.25 85.28 21.46
N GLY Q 93 5.23 84.86 22.74
CA GLY Q 93 5.28 85.80 23.86
C GLY Q 93 6.09 85.41 25.10
N ILE Q 94 6.63 84.17 25.10
CA ILE Q 94 7.43 83.61 26.19
C ILE Q 94 8.87 83.43 25.78
N VAL Q 95 9.75 83.76 26.73
CA VAL Q 95 11.19 83.55 26.61
C VAL Q 95 11.73 82.76 27.80
N ILE Q 96 11.31 81.48 27.93
CA ILE Q 96 11.75 80.67 29.07
C ILE Q 96 13.20 80.14 28.93
N ALA Q 97 13.73 80.03 27.71
CA ALA Q 97 15.08 79.53 27.48
C ALA Q 97 16.12 80.65 27.66
N ARG Q 98 17.22 80.34 28.36
CA ARG Q 98 18.34 81.27 28.54
C ARG Q 98 19.63 80.51 28.24
N LYS Q 99 20.67 81.21 27.79
CA LYS Q 99 21.90 80.47 27.51
C LYS Q 99 22.40 79.81 28.81
N GLY Q 100 22.78 78.53 28.71
CA GLY Q 100 23.29 77.70 29.80
C GLY Q 100 22.29 77.00 30.70
N ASP Q 101 20.98 77.05 30.38
CA ASP Q 101 20.03 76.34 31.22
C ASP Q 101 20.15 74.84 30.95
N LYS Q 102 19.42 74.04 31.71
CA LYS Q 102 19.73 72.61 31.59
C LYS Q 102 18.49 71.74 31.36
N ILE Q 103 17.54 71.77 32.32
CA ILE Q 103 16.30 70.98 32.33
C ILE Q 103 15.27 71.59 31.41
N THR Q 104 15.73 72.09 30.29
CA THR Q 104 14.93 72.60 29.18
C THR Q 104 13.63 71.81 28.91
N PRO Q 105 13.50 70.35 29.03
CA PRO Q 105 12.15 69.78 28.83
C PRO Q 105 11.19 70.26 29.89
N GLY Q 106 11.54 70.11 31.17
CA GLY Q 106 10.69 70.57 32.25
C GLY Q 106 10.41 72.06 32.24
N SER Q 107 11.34 72.86 31.65
CA SER Q 107 11.13 74.31 31.58
C SER Q 107 10.16 74.68 30.47
N LEU Q 108 10.32 74.04 29.29
CA LEU Q 108 9.56 74.34 28.08
C LEU Q 108 8.05 74.38 28.31
N VAL Q 109 7.59 73.49 29.17
CA VAL Q 109 6.17 73.36 29.55
C VAL Q 109 6.10 73.19 31.06
N GLU Q 110 5.16 73.88 31.69
CA GLU Q 110 4.85 73.70 33.10
C GLU Q 110 3.72 72.68 33.20
N ILE Q 111 3.93 71.60 33.97
CA ILE Q 111 2.95 70.54 34.12
C ILE Q 111 2.25 70.67 35.47
N LYS Q 112 0.91 70.65 35.45
CA LYS Q 112 0.09 70.71 36.64
C LYS Q 112 -0.41 69.31 36.98
N ARG Q 113 0.01 68.79 38.14
CA ARG Q 113 -0.32 67.45 38.62
C ARG Q 113 -1.30 67.51 39.80
N THR Q 114 -2.35 66.68 39.75
CA THR Q 114 -3.32 66.56 40.84
C THR Q 114 -2.87 65.40 41.73
N ASP Q 115 -3.07 65.56 43.05
CA ASP Q 115 -2.71 64.50 43.98
C ASP Q 115 -3.63 63.28 43.84
N VAL Q 116 -3.48 62.53 42.74
CA VAL Q 116 -4.33 61.38 42.43
C VAL Q 116 -3.40 60.19 42.16
N GLU Q 117 -3.76 59.03 42.68
CA GLU Q 117 -2.93 57.84 42.54
C GLU Q 117 -3.24 57.10 41.24
N GLY Q 118 -2.21 56.46 40.70
CA GLY Q 118 -2.28 55.59 39.52
C GLY Q 118 -2.43 54.12 39.85
N ASN Q 119 -2.85 53.27 38.91
CA ASN Q 119 -2.99 51.84 39.21
C ASN Q 119 -1.65 51.13 39.37
N TRP Q 120 -0.59 51.66 38.71
CA TRP Q 120 0.80 51.16 38.71
C TRP Q 120 0.86 49.68 39.10
N ALA Q 121 0.20 48.83 38.31
CA ALA Q 121 0.09 47.42 38.67
C ALA Q 121 1.06 46.59 37.84
N LEU Q 122 1.46 45.46 38.42
CA LEU Q 122 2.45 44.61 37.80
C LEU Q 122 1.75 43.43 37.11
N THR Q 123 1.11 43.74 35.97
CA THR Q 123 0.39 42.71 35.22
C THR Q 123 1.34 41.72 34.54
N GLY Q 124 2.48 42.25 33.96
CA GLY Q 124 3.44 41.38 33.29
C GLY Q 124 4.52 40.90 34.25
N GLY Q 125 5.34 39.95 33.77
CA GLY Q 125 6.36 39.31 34.58
C GLY Q 125 7.74 39.85 34.30
N MET Q 126 8.32 40.56 35.28
CA MET Q 126 9.67 41.11 35.18
C MET Q 126 10.59 40.44 36.19
N GLU Q 127 11.82 40.14 35.78
CA GLU Q 127 12.80 39.49 36.64
C GLU Q 127 13.70 40.51 37.34
N LEU Q 128 13.45 41.81 37.12
CA LEU Q 128 14.30 42.88 37.67
C LEU Q 128 14.02 43.06 39.16
N THR Q 129 15.02 42.71 39.97
CA THR Q 129 14.99 42.86 41.42
C THR Q 129 15.71 44.09 41.93
N ARG Q 130 16.46 44.80 41.10
CA ARG Q 130 17.27 45.92 41.53
C ARG Q 130 16.79 47.21 40.89
N ASP Q 131 17.25 48.34 41.43
CA ASP Q 131 16.86 49.65 40.90
C ASP Q 131 17.39 49.87 39.46
N PRO Q 132 16.55 50.37 38.55
CA PRO Q 132 16.98 50.59 37.15
C PRO Q 132 17.87 51.83 36.99
N THR Q 133 18.77 51.77 36.00
CA THR Q 133 19.65 52.90 35.67
C THR Q 133 18.92 53.89 34.77
N VAL Q 134 19.46 55.12 34.68
CA VAL Q 134 18.84 56.12 33.81
C VAL Q 134 18.69 55.60 32.37
N PRO Q 135 19.76 54.94 31.71
CA PRO Q 135 19.52 54.31 30.39
C PRO Q 135 18.30 53.40 30.33
N GLU Q 136 18.09 52.58 31.36
CA GLU Q 136 16.86 51.79 31.43
C GLU Q 136 15.65 52.70 31.29
N HIS Q 137 15.63 53.82 32.06
CA HIS Q 137 14.57 54.84 31.97
C HIS Q 137 14.47 55.48 30.57
N ALA Q 138 15.62 55.84 29.98
CA ALA Q 138 15.59 56.44 28.65
C ALA Q 138 15.08 55.44 27.62
N SER Q 139 15.49 54.16 27.74
CA SER Q 139 15.02 53.12 26.83
C SER Q 139 13.49 52.96 26.89
N LEU Q 140 12.93 52.98 28.10
CA LEU Q 140 11.48 52.89 28.21
C LEU Q 140 10.82 54.14 27.65
N VAL Q 141 11.41 55.31 27.93
CA VAL Q 141 10.82 56.55 27.45
C VAL Q 141 10.72 56.54 25.93
N GLY Q 142 11.79 56.09 25.25
CA GLY Q 142 11.76 56.00 23.80
C GLY Q 142 10.75 54.99 23.29
N LEU Q 143 10.65 53.83 23.96
CA LEU Q 143 9.71 52.78 23.54
C LEU Q 143 8.26 53.25 23.66
N LEU Q 144 7.95 54.00 24.72
CA LEU Q 144 6.61 54.57 24.91
C LEU Q 144 6.31 55.61 23.83
N LEU Q 145 7.26 56.51 23.57
CA LEU Q 145 7.04 57.49 22.53
C LEU Q 145 6.85 56.80 21.19
N SER Q 146 7.57 55.70 20.95
CA SER Q 146 7.48 55.03 19.65
C SER Q 146 6.08 54.52 19.35
N LEU Q 147 5.28 54.29 20.39
CA LEU Q 147 3.89 53.87 20.18
C LEU Q 147 3.09 54.94 19.44
N TYR Q 148 3.43 56.22 19.66
CA TYR Q 148 2.68 57.30 19.01
C TYR Q 148 2.78 57.22 17.49
N ARG Q 149 4.00 57.03 16.98
CA ARG Q 149 4.19 56.89 15.54
C ARG Q 149 3.49 55.64 14.98
N LEU Q 150 3.57 54.51 15.68
CA LEU Q 150 2.91 53.28 15.24
C LEU Q 150 1.39 53.45 15.21
N SER Q 151 0.86 54.18 16.19
CA SER Q 151 -0.57 54.52 16.25
C SER Q 151 -0.99 55.36 15.06
N LYS Q 152 -0.19 56.36 14.70
CA LYS Q 152 -0.52 57.25 13.59
C LYS Q 152 -0.53 56.49 12.26
N ILE Q 153 0.42 55.56 12.07
CA ILE Q 153 0.54 54.87 10.79
C ILE Q 153 -0.50 53.77 10.65
N SER Q 154 -1.76 54.16 10.45
CA SER Q 154 -2.86 53.23 10.21
C SER Q 154 -3.47 53.56 8.86
N GLY Q 155 -3.82 52.51 8.12
CA GLY Q 155 -4.36 52.67 6.77
C GLY Q 155 -4.36 51.33 6.06
N GLN Q 156 -4.80 51.37 4.81
CA GLN Q 156 -4.86 50.16 3.99
C GLN Q 156 -3.47 49.74 3.53
N ASN Q 157 -3.23 48.43 3.55
CA ASN Q 157 -2.01 47.75 3.06
C ASN Q 157 -0.71 48.26 3.69
N THR Q 158 -0.78 48.64 4.98
CA THR Q 158 0.40 49.08 5.69
C THR Q 158 1.04 48.00 6.56
N GLY Q 159 0.91 46.72 6.14
CA GLY Q 159 1.40 45.63 6.95
C GLY Q 159 2.91 45.60 7.12
N ASN Q 160 3.65 45.37 6.02
CA ASN Q 160 5.11 45.35 6.09
C ASN Q 160 5.70 46.65 6.61
N TYR Q 161 5.03 47.78 6.33
CA TYR Q 161 5.52 49.09 6.76
C TYR Q 161 5.46 49.22 8.29
N LYS Q 162 4.36 48.75 8.90
CA LYS Q 162 4.25 48.83 10.36
C LYS Q 162 5.36 48.03 11.03
N THR Q 163 5.56 46.79 10.54
CA THR Q 163 6.57 45.89 11.08
C THR Q 163 7.97 46.45 10.89
N ASN Q 164 8.24 47.04 9.72
CA ASN Q 164 9.58 47.58 9.50
C ASN Q 164 9.89 48.69 10.48
N ILE Q 165 8.93 49.58 10.76
CA ILE Q 165 9.21 50.70 11.69
C ILE Q 165 9.42 50.19 13.11
N ALA Q 166 8.59 49.22 13.54
CA ALA Q 166 8.71 48.66 14.88
C ALA Q 166 10.05 47.95 15.08
N ASP Q 167 10.50 47.18 14.07
CA ASP Q 167 11.81 46.55 14.14
C ASP Q 167 12.89 47.59 14.27
N ARG Q 168 12.78 48.70 13.52
CA ARG Q 168 13.78 49.76 13.63
C ARG Q 168 13.81 50.33 15.05
N ILE Q 169 12.64 50.48 15.69
CA ILE Q 169 12.57 51.01 17.05
C ILE Q 169 13.24 50.06 18.05
N GLU Q 170 13.02 48.75 17.88
CA GLU Q 170 13.61 47.75 18.77
C GLU Q 170 15.14 47.78 18.69
N GLN Q 171 15.69 47.86 17.48
CA GLN Q 171 17.14 47.89 17.33
C GLN Q 171 17.75 49.14 17.98
N ILE Q 172 17.09 50.29 17.86
CA ILE Q 172 17.64 51.54 18.40
C ILE Q 172 17.83 51.44 19.91
N PHE Q 173 16.81 50.99 20.61
CA PHE Q 173 16.81 50.94 22.06
C PHE Q 173 17.39 49.64 22.66
N GLU Q 174 17.76 48.65 21.85
CA GLU Q 174 18.44 47.44 22.32
C GLU Q 174 19.96 47.56 22.22
N THR Q 175 20.47 48.62 21.58
CA THR Q 175 21.91 48.87 21.45
C THR Q 175 22.26 50.18 22.16
N ALA Q 176 23.52 50.31 22.54
CA ALA Q 176 23.97 51.46 23.31
C ALA Q 176 23.78 52.73 22.48
N PRO Q 177 23.41 53.89 23.11
CA PRO Q 177 23.48 54.23 24.55
C PRO Q 177 22.27 53.69 25.37
N PHE Q 178 21.38 52.92 24.74
CA PHE Q 178 20.20 52.37 25.38
C PHE Q 178 20.41 50.90 25.73
N VAL Q 179 20.05 50.50 26.97
CA VAL Q 179 20.15 49.11 27.41
C VAL Q 179 18.86 48.36 27.04
N LYS Q 180 19.02 47.12 26.57
CA LYS Q 180 17.87 46.34 26.12
C LYS Q 180 17.05 45.95 27.34
N ILE Q 181 15.78 46.35 27.37
CA ILE Q 181 14.95 46.04 28.53
C ILE Q 181 13.79 45.09 28.19
N VAL Q 182 13.44 44.92 26.91
CA VAL Q 182 12.35 44.02 26.52
C VAL Q 182 12.82 43.07 25.42
N GLU Q 183 12.06 41.98 25.22
CA GLU Q 183 12.35 41.04 24.13
C GLU Q 183 11.72 41.57 22.84
N HIS Q 184 12.24 41.10 21.70
CA HIS Q 184 11.73 41.58 20.43
C HIS Q 184 10.28 41.13 20.23
N HIS Q 185 9.54 41.86 19.39
CA HIS Q 185 8.11 41.71 19.03
C HIS Q 185 7.15 42.05 20.18
N THR Q 186 7.67 42.45 21.36
CA THR Q 186 6.80 42.97 22.43
C THR Q 186 6.19 44.31 22.03
N LEU Q 187 6.93 45.10 21.24
CA LEU Q 187 6.44 46.39 20.78
C LEU Q 187 5.22 46.21 19.88
N MET Q 188 5.23 45.17 19.03
CA MET Q 188 4.10 44.88 18.14
C MET Q 188 2.84 44.51 18.92
N THR Q 189 2.97 43.69 19.97
CA THR Q 189 1.81 43.29 20.76
C THR Q 189 1.22 44.46 21.55
N THR Q 190 2.09 45.32 22.12
CA THR Q 190 1.62 46.52 22.79
C THR Q 190 0.95 47.45 21.77
N HIS Q 191 1.47 47.48 20.54
CA HIS Q 191 0.87 48.31 19.48
C HIS Q 191 -0.55 47.87 19.18
N LYS Q 192 -0.84 46.57 19.26
CA LYS Q 192 -2.18 46.11 18.97
C LYS Q 192 -3.19 46.76 19.91
N MET Q 193 -2.83 46.88 21.19
CA MET Q 193 -3.62 47.59 22.22
C MET Q 193 -3.42 49.10 22.18
N CYS Q 194 -2.37 49.58 21.50
CA CYS Q 194 -2.06 51.00 21.40
C CYS Q 194 -2.14 51.50 19.96
N ALA Q 195 -3.10 50.96 19.18
CA ALA Q 195 -3.28 51.30 17.76
C ALA Q 195 -3.93 52.66 17.61
N ASN Q 196 -4.75 53.03 18.61
CA ASN Q 196 -5.42 54.32 18.64
C ASN Q 196 -4.84 55.23 19.73
N TRP Q 197 -3.63 54.95 20.20
CA TRP Q 197 -3.05 55.76 21.28
C TRP Q 197 -2.72 57.17 20.83
N SER Q 198 -2.58 57.37 19.52
CA SER Q 198 -2.32 58.70 18.96
C SER Q 198 -3.43 59.71 19.25
N THR Q 199 -4.68 59.26 19.36
CA THR Q 199 -5.77 60.21 19.61
C THR Q 199 -5.67 60.80 21.02
N ILE Q 200 -5.09 60.06 21.95
CA ILE Q 200 -5.01 60.53 23.34
C ILE Q 200 -4.25 61.84 23.38
N PRO Q 201 -4.84 62.91 23.93
CA PRO Q 201 -4.17 64.22 23.90
C PRO Q 201 -2.93 64.35 24.76
N ASN Q 202 -2.92 63.85 26.01
CA ASN Q 202 -1.76 64.05 26.88
C ASN Q 202 -0.54 63.33 26.34
N PHE Q 203 -0.73 62.13 25.77
CA PHE Q 203 0.35 61.36 25.18
C PHE Q 203 1.00 62.11 24.02
N ARG Q 204 0.18 62.70 23.14
CA ARG Q 204 0.65 63.51 22.02
C ARG Q 204 1.41 64.74 22.51
N PHE Q 205 0.90 65.38 23.56
CA PHE Q 205 1.55 66.56 24.12
C PHE Q 205 2.94 66.22 24.62
N LEU Q 206 3.07 65.07 25.29
CA LEU Q 206 4.35 64.67 25.84
C LEU Q 206 5.36 64.35 24.73
N ALA Q 207 4.92 63.64 23.68
CA ALA Q 207 5.83 63.32 22.57
C ALA Q 207 6.32 64.59 21.89
N GLY Q 208 5.41 65.56 21.69
CA GLY Q 208 5.80 66.82 21.09
C GLY Q 208 6.78 67.59 21.94
N THR Q 209 6.57 67.58 23.26
CA THR Q 209 7.48 68.30 24.16
C THR Q 209 8.88 67.71 24.07
N TYR Q 210 8.97 66.37 24.04
CA TYR Q 210 10.25 65.68 23.96
C TYR Q 210 10.97 65.99 22.65
N ASP Q 211 10.25 65.95 21.52
CA ASP Q 211 10.90 66.15 20.23
C ASP Q 211 11.42 67.59 20.10
N MET Q 212 10.63 68.60 20.51
CA MET Q 212 11.07 69.99 20.38
C MET Q 212 12.34 70.24 21.16
N PHE Q 213 12.39 69.73 22.41
CA PHE Q 213 13.63 69.74 23.20
C PHE Q 213 14.77 68.99 22.54
N PHE Q 214 14.54 67.77 22.03
CA PHE Q 214 15.65 66.98 21.52
C PHE Q 214 16.23 67.55 20.23
N SER Q 215 15.41 68.23 19.42
CA SER Q 215 15.86 68.77 18.14
C SER Q 215 16.89 69.89 18.29
N ARG Q 216 16.70 70.80 19.25
CA ARG Q 216 17.59 71.96 19.38
C ARG Q 216 18.96 71.56 19.94
N ILE Q 217 19.02 70.77 21.01
CA ILE Q 217 20.29 70.45 21.68
C ILE Q 217 20.62 68.97 21.53
N GLU Q 218 21.84 68.67 21.08
CA GLU Q 218 22.26 67.28 20.95
C GLU Q 218 22.34 66.62 22.33
N HIS Q 219 21.88 65.37 22.43
CA HIS Q 219 21.86 64.67 23.72
C HIS Q 219 22.31 63.23 23.48
N LEU Q 220 22.73 62.57 24.57
CA LEU Q 220 23.09 61.15 24.48
C LEU Q 220 21.91 60.31 24.04
N TYR Q 221 20.71 60.64 24.53
CA TYR Q 221 19.49 59.90 24.25
C TYR Q 221 18.68 60.61 23.16
N SER Q 222 19.36 61.28 22.23
CA SER Q 222 18.64 61.97 21.16
C SER Q 222 17.93 61.02 20.23
N ALA Q 223 18.33 59.74 20.22
CA ALA Q 223 17.73 58.71 19.37
C ALA Q 223 16.27 58.42 19.72
N ILE Q 224 15.79 58.93 20.86
CA ILE Q 224 14.37 58.83 21.26
C ILE Q 224 13.47 59.55 20.26
N ARG Q 225 14.01 60.50 19.49
CA ARG Q 225 13.22 61.25 18.53
C ARG Q 225 12.58 60.36 17.46
N VAL Q 226 13.08 59.13 17.25
CA VAL Q 226 12.56 58.25 16.19
C VAL Q 226 11.08 57.95 16.41
N GLY Q 227 10.67 57.81 17.67
CA GLY Q 227 9.26 57.68 17.98
C GLY Q 227 8.48 58.97 17.76
N THR Q 228 9.07 60.12 18.15
CA THR Q 228 8.39 61.41 18.19
C THR Q 228 8.63 62.27 16.94
N VAL Q 229 9.34 61.76 15.93
CA VAL Q 229 9.69 62.56 14.74
C VAL Q 229 8.44 63.03 13.99
N VAL Q 230 7.36 62.23 14.01
CA VAL Q 230 6.15 62.54 13.26
C VAL Q 230 5.51 63.84 13.74
N THR Q 231 5.70 64.16 15.02
CA THR Q 231 5.10 65.36 15.59
C THR Q 231 5.63 66.63 14.93
N ALA Q 232 6.85 66.61 14.43
CA ALA Q 232 7.40 67.81 13.80
C ALA Q 232 6.62 68.13 12.54
N TYR Q 233 6.22 69.41 12.43
CA TYR Q 233 5.40 69.90 11.31
C TYR Q 233 4.19 69.02 11.11
N GLU Q 234 3.59 68.60 12.23
CA GLU Q 234 2.44 67.72 12.18
C GLU Q 234 1.24 68.49 11.64
N ASP Q 235 0.48 67.86 10.75
CA ASP Q 235 -0.74 68.45 10.20
C ASP Q 235 -0.45 69.76 9.49
N CYS Q 236 0.73 69.83 8.90
CA CYS Q 236 1.16 70.99 8.15
C CYS Q 236 1.64 70.57 6.77
N SER Q 237 1.08 69.47 6.23
CA SER Q 237 1.58 68.93 4.97
C SER Q 237 1.49 69.93 3.83
N GLY Q 238 0.47 70.79 3.84
CA GLY Q 238 0.38 71.77 2.76
C GLY Q 238 1.57 72.71 2.74
N LEU Q 239 1.93 73.25 3.90
CA LEU Q 239 3.08 74.13 3.98
C LEU Q 239 4.37 73.41 3.61
N VAL Q 240 4.54 72.16 4.08
CA VAL Q 240 5.77 71.41 3.78
C VAL Q 240 5.86 71.15 2.28
N SER Q 241 4.73 70.80 1.64
CA SER Q 241 4.71 70.56 0.20
C SER Q 241 5.07 71.81 -0.59
N PHE Q 242 4.62 72.98 -0.12
CA PHE Q 242 4.98 74.23 -0.78
C PHE Q 242 6.49 74.45 -0.69
N THR Q 243 7.09 74.14 0.47
CA THR Q 243 8.54 74.29 0.62
C THR Q 243 9.30 73.36 -0.32
N GLY Q 244 8.88 72.09 -0.42
CA GLY Q 244 9.50 71.16 -1.35
C GLY Q 244 9.29 71.54 -2.80
N PHE Q 245 8.09 72.05 -3.10
CA PHE Q 245 7.77 72.45 -4.46
C PHE Q 245 8.74 73.55 -4.94
N ILE Q 246 9.00 74.54 -4.07
CA ILE Q 246 9.86 75.67 -4.40
C ILE Q 246 11.24 75.18 -4.80
N LYS Q 247 11.79 74.24 -4.02
CA LYS Q 247 13.14 73.72 -4.25
C LYS Q 247 13.20 72.84 -5.50
N GLN Q 248 12.15 72.04 -5.77
CA GLN Q 248 12.20 71.11 -6.91
C GLN Q 248 12.20 71.87 -8.24
N ILE Q 249 11.32 72.87 -8.35
CA ILE Q 249 11.29 73.69 -9.56
C ILE Q 249 12.37 74.76 -9.53
N ASN Q 250 12.95 75.00 -8.35
CA ASN Q 250 14.00 76.01 -8.17
C ASN Q 250 13.48 77.42 -8.44
N LEU Q 251 12.33 77.74 -7.87
CA LEU Q 251 11.80 79.09 -7.99
C LEU Q 251 11.71 79.72 -6.60
N THR Q 252 11.71 81.04 -6.59
CA THR Q 252 11.61 81.79 -5.36
C THR Q 252 10.18 81.79 -4.87
N ALA Q 253 10.02 81.70 -3.55
CA ALA Q 253 8.69 81.68 -2.96
C ALA Q 253 7.73 82.67 -3.63
N ARG Q 254 8.17 83.92 -3.87
CA ARG Q 254 7.32 84.92 -4.52
C ARG Q 254 7.01 84.51 -5.96
N GLU Q 255 8.05 84.21 -6.74
CA GLU Q 255 7.87 83.84 -8.14
C GLU Q 255 6.91 82.66 -8.29
N ALA Q 256 7.00 81.66 -7.41
CA ALA Q 256 6.12 80.51 -7.50
C ALA Q 256 4.67 80.93 -7.31
N ILE Q 257 4.40 81.82 -6.35
CA ILE Q 257 3.02 82.28 -6.15
C ILE Q 257 2.48 83.04 -7.37
N LEU Q 258 3.35 83.72 -8.11
CA LEU Q 258 2.91 84.44 -9.31
C LEU Q 258 2.32 83.50 -10.36
N TYR Q 259 2.85 82.28 -10.44
CA TYR Q 259 2.38 81.31 -11.43
C TYR Q 259 1.01 80.73 -11.10
N PHE Q 260 0.51 80.91 -9.87
CA PHE Q 260 -0.80 80.40 -9.40
C PHE Q 260 -1.90 81.32 -9.93
N PHE Q 261 -2.39 81.07 -11.14
CA PHE Q 261 -3.33 81.99 -11.79
C PHE Q 261 -4.79 81.62 -11.50
N HIS Q 262 -5.18 81.75 -10.24
CA HIS Q 262 -6.58 81.49 -9.98
C HIS Q 262 -7.10 82.16 -8.72
N LYS Q 263 -8.37 82.53 -8.76
CA LYS Q 263 -8.95 83.31 -7.67
C LYS Q 263 -8.95 82.54 -6.35
N ASN Q 264 -9.24 81.24 -6.39
CA ASN Q 264 -9.37 80.48 -5.14
C ASN Q 264 -8.08 80.49 -4.35
N PHE Q 265 -6.93 80.60 -5.03
CA PHE Q 265 -5.65 80.54 -4.35
C PHE Q 265 -5.52 81.63 -3.30
N GLU Q 266 -6.21 82.77 -3.50
CA GLU Q 266 -5.98 83.95 -2.64
C GLU Q 266 -6.26 83.62 -1.17
N GLU Q 267 -7.41 83.02 -0.88
CA GLU Q 267 -7.76 82.74 0.52
C GLU Q 267 -6.70 81.84 1.15
N GLU Q 268 -6.29 80.80 0.43
CA GLU Q 268 -5.30 79.83 0.91
C GLU Q 268 -3.92 80.47 1.07
N ILE Q 269 -3.52 81.30 0.10
CA ILE Q 269 -2.21 81.96 0.16
C ILE Q 269 -2.13 82.89 1.38
N ARG Q 270 -3.21 83.63 1.66
CA ARG Q 270 -3.24 84.44 2.86
C ARG Q 270 -3.19 83.57 4.10
N ARG Q 271 -3.94 82.46 4.10
CA ARG Q 271 -4.04 81.62 5.30
C ARG Q 271 -2.69 80.98 5.63
N MET Q 272 -1.99 80.45 4.62
CA MET Q 272 -0.73 79.79 4.92
C MET Q 272 0.43 80.76 5.13
N PHE Q 273 0.31 82.02 4.70
CA PHE Q 273 1.37 83.01 4.88
C PHE Q 273 0.97 84.10 5.87
N GLU Q 274 0.12 83.75 6.84
CA GLU Q 274 -0.27 84.71 7.87
C GLU Q 274 0.97 85.16 8.63
N PRO Q 275 1.18 86.46 8.80
CA PRO Q 275 2.41 86.96 9.44
C PRO Q 275 2.45 86.71 10.94
N GLY Q 276 3.65 86.85 11.51
CA GLY Q 276 3.80 86.63 12.92
C GLY Q 276 4.17 85.21 13.33
N GLN Q 277 4.17 84.27 12.39
CA GLN Q 277 4.47 82.89 12.78
C GLN Q 277 5.96 82.60 12.72
N GLU Q 278 6.37 81.68 13.59
CA GLU Q 278 7.76 81.29 13.73
C GLU Q 278 8.21 80.26 12.70
N THR Q 279 7.55 80.20 11.55
CA THR Q 279 7.89 79.18 10.55
C THR Q 279 9.32 79.32 10.05
N ALA Q 280 9.81 80.57 9.96
CA ALA Q 280 11.16 80.80 9.45
C ALA Q 280 12.23 80.40 10.48
N VAL Q 281 11.89 80.43 11.77
CA VAL Q 281 12.84 80.11 12.87
C VAL Q 281 13.22 78.63 12.78
N PRO Q 282 14.50 78.26 12.87
CA PRO Q 282 14.84 76.82 12.74
C PRO Q 282 14.24 75.96 13.84
N HIS Q 283 14.34 76.38 15.10
CA HIS Q 283 13.72 75.65 16.21
C HIS Q 283 12.80 76.65 16.89
N SER Q 284 11.52 76.29 17.03
CA SER Q 284 10.54 77.23 17.54
C SER Q 284 9.29 76.46 17.95
N TYR Q 285 8.36 77.17 18.57
CA TYR Q 285 7.10 76.55 18.96
C TYR Q 285 6.30 76.08 17.76
N PHE Q 286 6.41 76.80 16.64
CA PHE Q 286 5.61 76.48 15.46
C PHE Q 286 5.88 75.09 14.92
N ILE Q 287 7.15 74.65 14.93
CA ILE Q 287 7.50 73.37 14.30
C ILE Q 287 6.78 72.22 14.98
N HIS Q 288 6.54 72.30 16.29
CA HIS Q 288 5.82 71.25 17.00
C HIS Q 288 4.50 71.78 17.55
N PHE Q 289 3.97 72.85 16.95
CA PHE Q 289 2.80 73.51 17.51
C PHE Q 289 1.60 72.59 17.59
N ARG Q 290 1.42 71.71 16.60
CA ARG Q 290 0.24 70.84 16.53
C ARG Q 290 0.21 69.80 17.68
N SER Q 291 1.36 69.22 18.02
CA SER Q 291 1.43 68.23 19.09
C SER Q 291 1.07 68.84 20.45
N LEU Q 292 1.67 69.98 20.80
CA LEU Q 292 1.33 70.74 22.01
C LEU Q 292 0.01 71.52 21.80
N GLY Q 293 -0.57 72.02 22.90
CA GLY Q 293 -1.84 72.75 22.85
C GLY Q 293 -1.74 74.10 22.17
N LEU Q 294 -2.89 74.81 22.12
CA LEU Q 294 -3.06 76.12 21.47
C LEU Q 294 -2.99 76.01 19.95
N SER Q 295 -2.81 74.80 19.40
CA SER Q 295 -2.80 74.61 17.94
C SER Q 295 -4.20 74.79 17.38
N GLY Q 296 -5.16 74.04 17.92
CA GLY Q 296 -6.52 73.96 17.38
C GLY Q 296 -6.49 73.14 16.12
N LYS Q 297 -7.30 73.53 15.14
CA LYS Q 297 -7.20 72.93 13.82
C LYS Q 297 -6.13 73.68 13.05
N SER Q 298 -5.28 72.96 12.29
CA SER Q 298 -4.14 73.62 11.64
C SER Q 298 -4.62 74.31 10.36
N PRO Q 299 -4.31 75.60 10.19
CA PRO Q 299 -4.63 76.27 8.92
C PRO Q 299 -3.61 75.93 7.84
N TYR Q 300 -2.55 75.19 8.19
CA TYR Q 300 -1.51 74.79 7.26
C TYR Q 300 -1.66 73.34 6.80
N SER Q 301 -2.77 72.69 7.17
CA SER Q 301 -3.04 71.31 6.76
C SER Q 301 -3.33 71.26 5.27
N SER Q 302 -3.19 70.06 4.69
CA SER Q 302 -3.43 69.92 3.26
C SER Q 302 -4.87 70.27 2.91
N ASN Q 303 -5.83 70.01 3.80
CA ASN Q 303 -7.22 70.31 3.45
C ASN Q 303 -7.45 71.82 3.40
N ALA Q 304 -6.86 72.56 4.36
CA ALA Q 304 -7.05 74.01 4.41
C ALA Q 304 -6.44 74.69 3.20
N VAL Q 305 -5.37 74.11 2.69
CA VAL Q 305 -4.67 74.72 1.57
C VAL Q 305 -4.83 73.77 0.39
N GLY Q 306 -6.05 73.26 0.23
CA GLY Q 306 -6.29 72.18 -0.73
C GLY Q 306 -5.91 72.53 -2.14
N HIS Q 307 -6.29 73.72 -2.60
CA HIS Q 307 -6.05 74.14 -4.00
C HIS Q 307 -4.56 74.19 -4.32
N VAL Q 308 -3.77 74.81 -3.44
CA VAL Q 308 -2.32 74.85 -3.60
C VAL Q 308 -1.76 73.44 -3.53
N PHE Q 309 -2.26 72.64 -2.59
CA PHE Q 309 -1.80 71.27 -2.40
C PHE Q 309 -2.02 70.47 -3.67
N ASN Q 310 -3.22 70.57 -4.25
CA ASN Q 310 -3.50 69.88 -5.50
C ASN Q 310 -2.58 70.34 -6.62
N LEU Q 311 -2.39 71.66 -6.73
CA LEU Q 311 -1.57 72.15 -7.81
C LEU Q 311 -0.14 71.64 -7.70
N ILE Q 312 0.42 71.64 -6.50
CA ILE Q 312 1.81 71.22 -6.31
C ILE Q 312 2.01 69.78 -6.77
N HIS Q 313 1.12 68.90 -6.31
CA HIS Q 313 1.30 67.49 -6.62
C HIS Q 313 0.94 67.17 -8.06
N PHE Q 314 -0.02 67.88 -8.65
CA PHE Q 314 -0.28 67.70 -10.07
C PHE Q 314 0.95 68.10 -10.88
N VAL Q 315 1.62 69.19 -10.50
CA VAL Q 315 2.89 69.50 -11.13
C VAL Q 315 3.88 68.39 -10.86
N GLY Q 316 3.90 67.89 -9.62
CA GLY Q 316 4.79 66.78 -9.30
C GLY Q 316 4.50 65.55 -10.13
N CYS Q 317 3.22 65.19 -10.26
CA CYS Q 317 2.91 64.04 -11.10
C CYS Q 317 3.38 64.29 -12.52
N TYR Q 318 3.17 65.51 -13.06
CA TYR Q 318 3.63 65.76 -14.43
C TYR Q 318 5.12 65.53 -14.55
N MET Q 319 5.86 65.83 -13.49
CA MET Q 319 7.30 65.68 -13.49
C MET Q 319 7.72 64.29 -13.03
N GLY Q 320 6.74 63.44 -12.71
CA GLY Q 320 7.02 62.09 -12.31
C GLY Q 320 7.45 61.92 -10.87
N GLN Q 321 7.14 62.88 -10.00
CA GLN Q 321 7.52 62.73 -8.60
C GLN Q 321 6.65 61.69 -7.91
N VAL Q 322 7.31 60.67 -7.36
CA VAL Q 322 6.57 59.57 -6.74
C VAL Q 322 5.74 60.07 -5.56
N ARG Q 323 6.30 60.95 -4.73
CA ARG Q 323 5.56 61.45 -3.57
C ARG Q 323 4.25 62.10 -3.99
N SER Q 324 4.28 62.87 -5.08
CA SER Q 324 3.06 63.49 -5.56
C SER Q 324 2.10 62.43 -6.05
N LEU Q 325 2.62 61.43 -6.76
CA LEU Q 325 1.76 60.39 -7.30
C LEU Q 325 0.98 59.70 -6.19
N ASN Q 326 1.61 59.49 -5.04
CA ASN Q 326 1.00 58.74 -3.96
C ASN Q 326 0.28 59.63 -2.97
N ALA Q 327 0.33 60.94 -3.15
CA ALA Q 327 -0.37 61.82 -2.24
C ALA Q 327 -1.87 61.68 -2.45
N THR Q 328 -2.64 61.91 -1.40
CA THR Q 328 -4.08 61.81 -1.46
C THR Q 328 -4.67 63.16 -1.90
N VAL Q 329 -5.43 63.15 -3.01
CA VAL Q 329 -5.94 64.40 -3.57
C VAL Q 329 -7.05 64.97 -2.71
N ILE Q 330 -7.11 66.29 -2.62
CA ILE Q 330 -8.21 66.96 -1.90
C ILE Q 330 -9.36 67.11 -2.87
N ALA Q 331 -10.38 66.24 -2.73
CA ALA Q 331 -11.47 66.20 -3.71
C ALA Q 331 -12.29 67.47 -3.69
N ALA Q 332 -12.43 68.12 -2.53
CA ALA Q 332 -13.30 69.29 -2.46
C ALA Q 332 -12.75 70.44 -3.32
N CYS Q 333 -11.44 70.64 -3.31
CA CYS Q 333 -10.82 71.84 -3.86
C CYS Q 333 -10.50 71.70 -5.37
N ALA Q 334 -11.58 71.65 -6.16
CA ALA Q 334 -11.60 71.75 -7.62
C ALA Q 334 -10.37 71.10 -8.28
N PRO Q 335 -10.18 69.79 -8.12
CA PRO Q 335 -8.99 69.14 -8.65
C PRO Q 335 -8.87 69.24 -10.15
N HIS Q 336 -9.99 69.24 -10.89
CA HIS Q 336 -9.86 69.26 -12.34
C HIS Q 336 -9.23 70.55 -12.80
N GLU Q 337 -9.75 71.69 -12.32
CA GLU Q 337 -9.13 72.95 -12.72
C GLU Q 337 -7.67 72.96 -12.28
N MET Q 338 -7.40 72.50 -11.05
CA MET Q 338 -6.02 72.43 -10.59
C MET Q 338 -5.20 71.53 -11.48
N SER Q 339 -5.76 70.42 -11.89
CA SER Q 339 -4.98 69.53 -12.73
C SER Q 339 -4.61 70.22 -14.03
N VAL Q 340 -5.50 71.07 -14.58
CA VAL Q 340 -5.21 71.79 -15.84
C VAL Q 340 -4.05 72.77 -15.66
N LEU Q 341 -4.14 73.61 -14.63
CA LEU Q 341 -3.06 74.54 -14.36
C LEU Q 341 -1.76 73.82 -14.08
N GLY Q 342 -1.85 72.70 -13.36
CA GLY Q 342 -0.68 71.88 -13.11
C GLY Q 342 -0.11 71.31 -14.39
N GLY Q 343 -0.98 71.07 -15.37
CA GLY Q 343 -0.52 70.61 -16.67
C GLY Q 343 0.37 71.61 -17.37
N TYR Q 344 -0.07 72.87 -17.38
CA TYR Q 344 0.72 73.94 -18.01
C TYR Q 344 2.00 74.21 -17.23
N LEU Q 345 1.89 74.28 -15.90
CA LEU Q 345 3.04 74.56 -15.04
C LEU Q 345 4.06 73.43 -15.13
N GLY Q 346 3.58 72.18 -15.09
CA GLY Q 346 4.49 71.06 -15.23
C GLY Q 346 5.16 71.04 -16.59
N GLU Q 347 4.40 71.39 -17.65
CA GLU Q 347 4.99 71.47 -18.98
C GLU Q 347 6.15 72.43 -19.00
N GLU Q 348 5.97 73.60 -18.38
CA GLU Q 348 7.02 74.63 -18.33
C GLU Q 348 8.25 74.16 -17.57
N PHE Q 349 8.06 73.42 -16.48
CA PHE Q 349 9.17 73.03 -15.63
C PHE Q 349 9.73 71.65 -15.92
N PHE Q 350 9.07 70.81 -16.70
CA PHE Q 350 9.57 69.47 -16.97
C PHE Q 350 10.48 69.47 -18.19
N GLY Q 351 11.72 69.04 -17.98
CA GLY Q 351 12.70 68.96 -19.03
C GLY Q 351 13.39 70.25 -19.40
N LYS Q 352 13.21 71.30 -18.60
CA LYS Q 352 13.75 72.62 -18.86
C LYS Q 352 14.42 73.18 -17.60
N GLY Q 353 15.50 73.91 -17.80
CA GLY Q 353 16.19 74.55 -16.70
C GLY Q 353 16.62 75.94 -17.11
N THR Q 354 16.76 76.80 -16.12
CA THR Q 354 17.24 78.16 -16.31
C THR Q 354 18.73 78.16 -16.00
N PHE Q 355 19.55 78.22 -17.05
CA PHE Q 355 21.00 78.08 -16.92
C PHE Q 355 21.72 79.37 -17.31
N GLU Q 356 22.72 79.72 -16.53
CA GLU Q 356 23.54 80.88 -16.78
C GLU Q 356 24.98 80.60 -16.38
N ARG Q 357 25.92 81.19 -17.11
CA ARG Q 357 27.32 81.08 -16.73
C ARG Q 357 27.56 81.85 -15.43
N ARG Q 358 28.15 81.17 -14.45
CA ARG Q 358 28.45 81.74 -13.14
C ARG Q 358 29.89 81.60 -12.71
N PHE Q 359 30.68 80.73 -13.35
CA PHE Q 359 32.06 80.49 -12.96
C PHE Q 359 32.98 80.77 -14.14
N PHE Q 360 34.04 81.54 -13.89
CA PHE Q 360 34.92 81.94 -14.97
C PHE Q 360 36.36 81.84 -14.55
N ARG Q 361 37.23 81.76 -15.56
CA ARG Q 361 38.66 81.59 -15.32
C ARG Q 361 39.29 82.78 -14.59
N ASP Q 362 38.93 84.00 -14.98
CA ASP Q 362 39.48 85.23 -14.41
C ASP Q 362 38.41 86.32 -14.49
N GLU Q 363 38.63 87.42 -13.75
CA GLU Q 363 37.67 88.53 -13.72
C GLU Q 363 37.41 89.11 -15.09
N LYS Q 364 38.42 89.13 -15.97
CA LYS Q 364 38.18 89.64 -17.32
C LYS Q 364 37.15 88.79 -18.05
N GLU Q 365 37.24 87.47 -17.88
CA GLU Q 365 36.25 86.59 -18.51
C GLU Q 365 34.86 86.90 -17.99
N LEU Q 366 34.75 87.13 -16.67
CA LEU Q 366 33.47 87.46 -16.06
C LEU Q 366 32.90 88.72 -16.63
N GLN Q 367 33.75 89.74 -16.77
CA GLN Q 367 33.27 90.99 -17.31
C GLN Q 367 32.77 90.85 -18.73
N GLU Q 368 33.49 90.08 -19.54
CA GLU Q 368 33.08 89.92 -20.92
C GLU Q 368 31.72 89.23 -21.00
N TYR Q 369 31.50 88.19 -20.19
CA TYR Q 369 30.19 87.56 -20.20
C TYR Q 369 29.09 88.47 -19.67
N GLU Q 370 29.42 89.48 -18.88
CA GLU Q 370 28.38 90.39 -18.39
C GLU Q 370 27.87 91.29 -19.51
N ALA Q 371 28.72 91.56 -20.51
CA ALA Q 371 28.35 92.32 -21.70
C ALA Q 371 27.43 91.47 -22.58
N ALA Q 372 26.14 91.50 -22.29
CA ALA Q 372 25.17 90.75 -23.08
C ALA Q 372 23.76 91.23 -22.81
N GLU Q 398 10.70 81.30 -25.52
CA GLU Q 398 11.53 80.29 -24.87
C GLU Q 398 11.98 80.75 -23.47
N THR Q 399 11.50 81.93 -23.06
CA THR Q 399 11.82 82.50 -21.75
C THR Q 399 10.75 82.08 -20.75
N ARG Q 400 11.20 81.72 -19.55
CA ARG Q 400 10.32 81.24 -18.47
C ARG Q 400 9.89 82.43 -17.62
N SER Q 401 8.60 82.76 -17.67
CA SER Q 401 8.07 83.86 -16.88
C SER Q 401 6.61 83.62 -16.59
N PRO Q 402 6.08 84.16 -15.49
CA PRO Q 402 4.63 84.03 -15.25
C PRO Q 402 3.81 84.59 -16.39
N GLU Q 403 4.24 85.70 -16.94
CA GLU Q 403 3.50 86.31 -18.04
C GLU Q 403 3.44 85.37 -19.24
N ALA Q 404 4.56 84.72 -19.58
CA ALA Q 404 4.59 83.84 -20.75
C ALA Q 404 3.68 82.63 -20.54
N VAL Q 405 3.76 82.02 -19.37
CA VAL Q 405 2.91 80.86 -19.11
C VAL Q 405 1.44 81.27 -19.13
N TYR Q 406 1.12 82.42 -18.53
CA TYR Q 406 -0.26 82.87 -18.52
C TYR Q 406 -0.78 83.11 -19.94
N THR Q 407 0.01 83.79 -20.79
CA THR Q 407 -0.41 84.01 -22.17
C THR Q 407 -0.53 82.69 -22.92
N ARG Q 408 0.38 81.74 -22.65
CA ARG Q 408 0.29 80.42 -23.29
C ARG Q 408 -1.03 79.76 -22.93
N ILE Q 409 -1.45 79.85 -21.66
CA ILE Q 409 -2.73 79.30 -21.21
C ILE Q 409 -3.89 80.01 -21.90
N MET Q 410 -3.82 81.34 -21.98
CA MET Q 410 -4.91 82.08 -22.61
C MET Q 410 -5.06 81.74 -24.08
N MET Q 411 -3.94 81.45 -24.76
CA MET Q 411 -4.00 81.15 -26.19
C MET Q 411 -4.82 79.89 -26.48
N ASN Q 412 -4.71 78.88 -25.62
CA ASN Q 412 -5.48 77.64 -25.77
C ASN Q 412 -6.79 77.66 -25.03
N GLY Q 413 -7.25 78.83 -24.62
CA GLY Q 413 -8.56 78.95 -24.00
C GLY Q 413 -8.68 78.29 -22.66
N GLY Q 414 -7.59 78.21 -21.89
CA GLY Q 414 -7.66 77.61 -20.56
C GLY Q 414 -7.96 76.13 -20.60
N ARG Q 415 -7.64 75.48 -21.71
CA ARG Q 415 -7.89 74.08 -21.93
C ARG Q 415 -6.58 73.31 -22.05
N LEU Q 416 -6.54 72.11 -21.48
CA LEU Q 416 -5.36 71.27 -21.53
C LEU Q 416 -4.95 70.95 -22.97
N LYS Q 417 -3.64 70.94 -23.22
CA LYS Q 417 -3.10 70.49 -24.50
C LYS Q 417 -3.14 68.96 -24.57
N ARG Q 418 -3.20 68.42 -25.79
CA ARG Q 418 -3.18 66.96 -25.92
C ARG Q 418 -1.89 66.38 -25.35
N SER Q 419 -0.76 67.07 -25.56
CA SER Q 419 0.50 66.62 -24.99
C SER Q 419 0.45 66.60 -23.47
N HIS Q 420 -0.22 67.58 -22.85
CA HIS Q 420 -0.38 67.53 -21.41
C HIS Q 420 -1.09 66.25 -21.02
N ILE Q 421 -2.18 65.93 -21.71
CA ILE Q 421 -2.88 64.72 -21.32
C ILE Q 421 -2.02 63.49 -21.55
N ARG Q 422 -1.33 63.42 -22.69
CA ARG Q 422 -0.48 62.25 -22.97
C ARG Q 422 0.56 62.04 -21.85
N ARG Q 423 1.21 63.11 -21.42
CA ARG Q 423 2.18 63.01 -20.34
C ARG Q 423 1.52 62.53 -19.05
N TYR Q 424 0.40 63.16 -18.69
CA TYR Q 424 -0.32 62.76 -17.48
C TYR Q 424 -0.65 61.28 -17.46
N VAL Q 425 -1.19 60.77 -18.58
CA VAL Q 425 -1.59 59.37 -18.64
C VAL Q 425 -0.37 58.49 -18.53
N SER Q 426 0.69 58.86 -19.24
CA SER Q 426 1.91 58.06 -19.21
C SER Q 426 2.44 57.96 -17.79
N VAL Q 427 2.41 59.05 -17.05
CA VAL Q 427 2.88 58.97 -15.69
C VAL Q 427 1.95 58.12 -14.84
N SER Q 428 0.64 58.36 -14.95
CA SER Q 428 -0.31 57.69 -14.06
C SER Q 428 -0.39 56.20 -14.33
N SER Q 429 -0.42 55.80 -15.60
CA SER Q 429 -0.62 54.39 -15.91
C SER Q 429 0.59 53.54 -15.49
N ASN Q 430 1.83 54.04 -15.68
CA ASN Q 430 3.03 53.29 -15.29
C ASN Q 430 3.38 53.51 -13.82
N HIS Q 431 2.38 53.35 -12.96
CA HIS Q 431 2.55 53.53 -11.53
C HIS Q 431 1.47 52.73 -10.84
N GLN Q 432 1.85 52.18 -9.68
CA GLN Q 432 0.94 51.41 -8.85
C GLN Q 432 0.05 52.39 -8.11
N ALA Q 433 -1.08 52.73 -8.72
CA ALA Q 433 -1.91 53.80 -8.19
C ALA Q 433 -2.48 53.43 -6.82
N ARG Q 434 -2.28 54.31 -5.82
CA ARG Q 434 -2.85 54.08 -4.50
C ARG Q 434 -4.32 54.48 -4.44
N PRO Q 435 -5.06 54.03 -3.37
CA PRO Q 435 -6.51 54.19 -3.37
C PRO Q 435 -7.05 55.55 -3.79
N ASN Q 436 -6.77 56.62 -3.05
CA ASN Q 436 -7.34 57.91 -3.41
C ASN Q 436 -6.29 58.91 -3.86
N SER Q 437 -5.22 58.42 -4.46
CA SER Q 437 -4.08 59.21 -4.83
C SER Q 437 -4.34 60.09 -6.05
N PHE Q 438 -3.40 61.01 -6.26
CA PHE Q 438 -3.37 61.81 -7.47
C PHE Q 438 -3.19 60.93 -8.69
N ALA Q 439 -2.36 59.88 -8.58
CA ALA Q 439 -2.21 58.95 -9.69
C ALA Q 439 -3.55 58.32 -10.05
N GLU Q 440 -4.30 57.91 -9.03
CA GLU Q 440 -5.61 57.34 -9.31
C GLU Q 440 -6.50 58.35 -10.00
N PHE Q 441 -6.48 59.60 -9.51
CA PHE Q 441 -7.28 60.66 -10.11
C PHE Q 441 -6.88 60.90 -11.56
N LEU Q 442 -5.58 60.95 -11.86
CA LEU Q 442 -5.17 61.19 -13.24
C LEU Q 442 -5.57 60.04 -14.13
N ASN Q 443 -5.41 58.80 -13.65
CA ASN Q 443 -5.72 57.66 -14.49
C ASN Q 443 -7.22 57.60 -14.76
N LYS Q 444 -8.05 57.84 -13.73
CA LYS Q 444 -9.51 57.78 -13.88
C LYS Q 444 -10.02 58.91 -14.77
N THR Q 445 -9.41 60.10 -14.71
CA THR Q 445 -9.97 61.24 -15.43
C THR Q 445 -9.61 61.22 -16.91
N TYR Q 446 -8.32 61.04 -17.23
CA TYR Q 446 -7.81 61.06 -18.62
C TYR Q 446 -7.25 59.67 -18.94
N SER Q 447 -8.02 58.82 -19.62
CA SER Q 447 -7.51 57.48 -19.94
C SER Q 447 -7.71 57.00 -21.37
N SER Q 448 -8.45 57.71 -22.22
CA SER Q 448 -8.57 57.28 -23.62
C SER Q 448 -7.82 58.17 -24.59
N ILE R 6 10.78 91.33 -3.85
CA ILE R 6 10.79 90.16 -2.97
C ILE R 6 9.43 89.88 -2.34
N VAL R 7 8.61 90.88 -2.12
CA VAL R 7 7.32 90.66 -1.50
C VAL R 7 6.27 90.78 -2.60
N PHE R 8 5.37 89.83 -2.65
CA PHE R 8 4.29 89.82 -3.61
C PHE R 8 3.05 90.45 -2.97
N LYS R 9 2.18 91.00 -3.80
CA LYS R 9 0.92 91.60 -3.36
C LYS R 9 -0.28 90.95 -4.05
N VAL R 10 -1.29 90.67 -3.23
CA VAL R 10 -2.54 90.05 -3.68
C VAL R 10 -3.65 91.05 -3.39
N ASN R 11 -4.53 91.25 -4.36
CA ASN R 11 -5.60 92.23 -4.21
C ASN R 11 -6.96 91.56 -4.17
N ASN R 12 -7.63 91.64 -3.00
CA ASN R 12 -9.02 91.19 -2.92
C ASN R 12 -9.96 92.38 -3.06
N GLN R 13 -10.68 92.75 -1.99
CA GLN R 13 -11.55 93.94 -2.08
C GLN R 13 -10.72 95.22 -2.15
N VAL R 14 -9.64 95.28 -1.36
CA VAL R 14 -8.63 96.32 -1.42
C VAL R 14 -7.28 95.65 -1.62
N VAL R 15 -6.27 96.46 -1.94
CA VAL R 15 -4.95 95.94 -2.28
C VAL R 15 -4.20 95.56 -1.01
N SER R 16 -3.60 94.35 -1.02
CA SER R 16 -2.88 93.81 0.12
C SER R 16 -1.50 93.27 -0.27
N LEU R 17 -0.53 93.46 0.61
CA LEU R 17 0.82 92.94 0.45
C LEU R 17 1.06 91.87 1.51
N LYS R 18 1.57 90.71 1.09
CA LYS R 18 1.87 89.63 2.01
C LYS R 18 3.33 89.24 1.89
N PRO R 19 4.05 89.11 2.99
CA PRO R 19 5.41 88.55 2.92
C PRO R 19 5.40 87.03 2.92
N GLU R 20 6.26 86.43 2.10
CA GLU R 20 6.35 84.98 2.02
C GLU R 20 7.32 84.50 3.10
N ILE R 21 6.93 83.44 3.80
CA ILE R 21 7.72 82.93 4.91
C ILE R 21 8.16 81.50 4.55
N ILE R 22 9.48 81.26 4.61
CA ILE R 22 10.08 79.95 4.36
C ILE R 22 11.24 79.71 5.30
N VAL R 23 11.57 78.43 5.49
CA VAL R 23 12.72 78.05 6.31
C VAL R 23 13.88 77.81 5.35
N ASP R 24 15.04 78.41 5.65
CA ASP R 24 16.21 78.27 4.79
C ASP R 24 17.52 78.30 5.58
N GLN R 25 17.47 77.95 6.87
CA GLN R 25 18.66 77.99 7.71
C GLN R 25 19.67 76.90 7.35
N HIS R 26 20.96 77.25 7.38
CA HIS R 26 22.04 76.31 7.11
C HIS R 26 23.15 76.53 8.14
N GLU R 27 23.63 75.45 8.76
CA GLU R 27 24.74 75.53 9.72
C GLU R 27 25.78 74.47 9.35
N TYR R 28 27.07 74.84 9.31
CA TYR R 28 28.13 73.91 8.90
C TYR R 28 29.46 74.25 9.56
N LYS R 29 29.97 73.33 10.38
CA LYS R 29 31.24 73.50 11.07
C LYS R 29 32.38 72.85 10.27
N TYR R 30 33.52 73.56 10.16
CA TYR R 30 34.70 73.08 9.43
C TYR R 30 35.71 72.45 10.38
N PRO R 31 36.56 71.51 9.92
CA PRO R 31 37.41 70.74 10.83
C PRO R 31 38.67 71.39 11.36
N ALA R 32 39.17 72.46 10.75
CA ALA R 32 40.40 73.08 11.21
C ALA R 32 40.41 73.22 12.73
N ILE R 33 41.57 72.98 13.35
CA ILE R 33 41.75 73.05 14.80
C ILE R 33 42.46 74.35 15.15
N LYS R 34 41.70 75.37 15.58
CA LYS R 34 42.33 76.61 15.98
C LYS R 34 43.04 76.49 17.31
N ASP R 35 42.53 75.67 18.23
CA ASP R 35 43.11 75.51 19.57
C ASP R 35 44.48 74.82 19.58
N LEU R 36 44.87 74.15 18.49
CA LEU R 36 46.15 73.42 18.41
C LEU R 36 46.20 72.26 19.40
N LYS R 37 45.04 71.72 19.74
CA LYS R 37 44.95 70.60 20.67
C LYS R 37 44.50 69.36 19.88
N LYS R 38 45.21 68.25 20.08
CA LYS R 38 44.90 67.01 19.40
C LYS R 38 43.50 66.56 19.81
N PRO R 39 42.80 65.82 18.94
CA PRO R 39 41.44 65.35 19.30
C PRO R 39 41.48 64.51 20.57
N CYS R 40 40.45 64.68 21.41
CA CYS R 40 40.40 64.03 22.72
C CYS R 40 39.04 63.39 23.00
N ILE R 41 39.06 62.18 23.58
CA ILE R 41 37.88 61.48 24.09
C ILE R 41 38.21 61.00 25.49
N THR R 42 37.18 60.87 26.31
CA THR R 42 37.38 60.37 27.65
C THR R 42 36.97 58.90 27.77
N LEU R 43 37.67 58.20 28.66
CA LEU R 43 37.48 56.77 28.86
C LEU R 43 37.78 56.45 30.31
N GLY R 44 37.66 55.18 30.65
CA GLY R 44 37.83 54.72 32.01
C GLY R 44 39.28 54.44 32.37
N LYS R 45 39.42 53.80 33.53
CA LYS R 45 40.72 53.48 34.08
C LYS R 45 41.45 52.50 33.18
N ALA R 46 42.77 52.64 33.16
CA ALA R 46 43.61 51.79 32.32
C ALA R 46 43.47 50.34 32.76
N PRO R 47 43.23 49.41 31.83
CA PRO R 47 42.99 48.00 32.20
C PRO R 47 44.28 47.18 32.33
N ASP R 48 44.10 45.95 32.86
CA ASP R 48 45.23 45.01 32.98
C ASP R 48 45.75 44.55 31.62
N LEU R 49 44.95 44.67 30.56
CA LEU R 49 45.23 44.24 29.19
C LEU R 49 45.09 42.73 29.08
N ASN R 50 45.91 41.96 29.80
CA ASN R 50 45.76 40.51 29.75
C ASN R 50 44.37 40.11 30.25
N LYS R 51 43.94 40.70 31.36
CA LYS R 51 42.60 40.41 31.83
C LYS R 51 41.58 41.04 30.90
N ALA R 52 41.85 42.28 30.45
CA ALA R 52 40.93 42.91 29.52
C ALA R 52 40.83 42.10 28.24
N TYR R 53 41.96 41.54 27.79
CA TYR R 53 41.93 40.73 26.58
C TYR R 53 41.00 39.54 26.78
N LYS R 54 41.13 38.86 27.92
CA LYS R 54 40.33 37.67 28.18
C LYS R 54 38.85 38.01 28.31
N SER R 55 38.54 39.13 28.95
CA SER R 55 37.15 39.52 29.15
C SER R 55 36.45 39.83 27.84
N VAL R 56 37.06 40.70 27.02
CA VAL R 56 36.42 41.12 25.77
C VAL R 56 36.38 39.98 24.76
N LEU R 57 37.39 39.09 24.76
CA LEU R 57 37.34 37.91 23.91
C LEU R 57 36.18 36.99 24.31
N SER R 58 35.93 36.86 25.62
CA SER R 58 34.73 36.16 26.09
C SER R 58 33.47 36.90 25.68
N GLY R 59 33.49 38.24 25.81
CA GLY R 59 32.36 39.02 25.34
C GLY R 59 32.13 38.85 23.85
N MET R 60 33.22 38.66 23.08
CA MET R 60 33.12 38.46 21.63
C MET R 60 32.33 37.22 21.28
N SER R 61 32.73 36.09 21.85
CA SER R 61 32.05 34.83 21.60
C SER R 61 30.66 34.85 22.19
N ALA R 62 30.47 35.68 23.24
CA ALA R 62 29.22 35.83 23.97
C ALA R 62 28.25 36.72 23.22
N ALA R 63 28.67 37.26 22.08
CA ALA R 63 27.83 38.06 21.20
C ALA R 63 27.32 39.30 21.93
N LYS R 64 27.90 39.62 23.07
CA LYS R 64 27.53 40.86 23.73
C LYS R 64 28.77 41.44 24.39
N LEU R 65 29.04 42.70 24.06
CA LEU R 65 30.23 43.42 24.48
C LEU R 65 29.82 44.66 25.23
N ASP R 66 30.67 45.06 26.15
CA ASP R 66 30.44 46.29 26.86
C ASP R 66 31.20 47.38 26.13
N PRO R 67 30.52 48.36 25.57
CA PRO R 67 31.24 49.33 24.73
C PRO R 67 32.35 50.06 25.46
N ASP R 68 32.12 50.51 26.69
CA ASP R 68 33.16 51.25 27.42
C ASP R 68 34.39 50.40 27.64
N ASP R 69 34.21 49.12 27.96
CA ASP R 69 35.35 48.23 28.07
C ASP R 69 36.03 48.07 26.72
N VAL R 70 35.26 47.89 25.63
CA VAL R 70 35.90 47.68 24.34
C VAL R 70 36.76 48.88 23.99
N CYS R 71 36.23 50.08 24.25
CA CYS R 71 37.00 51.31 24.00
C CYS R 71 38.22 51.38 24.87
N SER R 72 38.07 51.06 26.14
CA SER R 72 39.22 51.11 27.02
C SER R 72 40.28 50.13 26.54
N TYR R 73 39.86 48.96 26.08
CA TYR R 73 40.83 47.99 25.58
C TYR R 73 41.51 48.47 24.32
N LEU R 74 40.73 48.98 23.38
CA LEU R 74 41.30 49.42 22.13
C LEU R 74 42.31 50.52 22.37
N ALA R 75 41.98 51.43 23.27
CA ALA R 75 42.90 52.53 23.55
C ALA R 75 44.17 52.04 24.25
N ALA R 76 44.04 51.11 25.20
CA ALA R 76 45.22 50.59 25.86
C ALA R 76 46.11 49.83 24.90
N ALA R 77 45.49 49.10 23.96
CA ALA R 77 46.21 48.30 22.98
C ALA R 77 47.03 49.14 22.00
N MET R 78 46.84 50.45 21.99
CA MET R 78 47.52 51.32 21.04
C MET R 78 49.03 51.23 21.15
N GLN R 79 49.54 50.97 22.36
CA GLN R 79 50.99 50.89 22.55
C GLN R 79 51.61 49.69 21.81
N PHE R 80 50.84 48.63 21.60
CA PHE R 80 51.37 47.44 20.92
C PHE R 80 51.85 47.76 19.51
N PHE R 81 51.14 48.63 18.82
CA PHE R 81 51.45 48.96 17.43
C PHE R 81 52.39 50.17 17.36
N GLU R 82 53.64 49.93 16.93
CA GLU R 82 54.64 50.99 16.95
C GLU R 82 55.47 51.00 15.67
N GLY R 83 55.78 52.21 15.19
CA GLY R 83 56.55 52.39 13.98
C GLY R 83 57.32 53.70 13.98
N THR R 84 58.31 53.76 13.12
CA THR R 84 59.05 54.99 12.88
C THR R 84 58.30 55.90 11.89
N CYS R 85 58.38 57.21 12.14
CA CYS R 85 57.69 58.20 11.30
C CYS R 85 58.52 58.54 10.08
N PRO R 86 58.01 58.34 8.85
CA PRO R 86 58.87 58.59 7.66
C PRO R 86 59.25 60.05 7.45
N GLU R 87 58.32 60.98 7.66
CA GLU R 87 58.52 62.41 7.41
C GLU R 87 57.93 63.20 8.55
N ASP R 88 58.35 64.47 8.67
CA ASP R 88 57.79 65.34 9.71
C ASP R 88 56.28 65.45 9.49
N TRP R 89 55.51 65.24 10.57
CA TRP R 89 54.05 65.12 10.49
C TRP R 89 53.40 66.36 11.12
N THR R 90 52.92 67.26 10.28
CA THR R 90 52.22 68.46 10.71
C THR R 90 50.78 68.44 10.19
N SER R 91 49.82 68.60 11.08
CA SER R 91 48.42 68.75 10.67
C SER R 91 47.96 70.18 10.99
N TYR R 92 46.78 70.38 11.57
CA TYR R 92 46.23 71.72 11.80
C TYR R 92 46.95 72.46 12.92
N GLY R 93 48.23 72.71 12.73
CA GLY R 93 48.99 73.42 13.75
C GLY R 93 49.57 72.53 14.80
N ILE R 94 49.36 71.22 14.67
CA ILE R 94 49.82 70.20 15.59
C ILE R 94 50.93 69.41 14.94
N VAL R 95 51.99 69.12 15.70
CA VAL R 95 53.11 68.30 15.24
C VAL R 95 52.79 66.91 15.81
N ILE R 96 52.23 66.04 14.96
CA ILE R 96 51.84 64.72 15.42
C ILE R 96 53.08 63.90 15.73
N ALA R 97 54.15 64.12 14.97
CA ALA R 97 55.36 63.31 15.07
C ALA R 97 56.46 64.06 14.35
N ARG R 98 57.68 63.61 14.55
CA ARG R 98 58.82 64.10 13.80
C ARG R 98 59.46 62.87 13.18
N LYS R 99 60.07 63.04 12.01
CA LYS R 99 60.63 61.88 11.30
C LYS R 99 61.72 61.20 12.12
N GLY R 100 61.73 59.86 12.12
CA GLY R 100 62.72 59.10 12.87
C GLY R 100 62.40 58.93 14.33
N ASP R 101 61.20 59.35 14.75
CA ASP R 101 60.67 59.14 16.08
C ASP R 101 59.73 57.96 16.03
N LYS R 102 59.90 57.05 17.00
CA LYS R 102 58.99 55.93 17.09
C LYS R 102 57.62 56.41 17.57
N ILE R 103 56.54 55.98 16.90
CA ILE R 103 55.21 56.46 17.28
C ILE R 103 54.16 55.35 17.25
N THR R 104 53.10 55.57 18.02
CA THR R 104 51.95 54.66 18.15
C THR R 104 50.69 55.43 17.78
N PRO R 105 49.56 54.74 17.65
CA PRO R 105 48.30 55.49 17.55
C PRO R 105 48.10 56.49 18.68
N GLY R 106 48.62 56.24 19.89
CA GLY R 106 48.42 57.16 21.00
C GLY R 106 48.95 58.57 20.77
N SER R 107 49.95 58.70 19.88
CA SER R 107 50.55 60.02 19.63
C SER R 107 49.65 60.92 18.78
N LEU R 108 48.72 60.35 18.02
CA LEU R 108 47.88 61.17 17.13
C LEU R 108 46.79 61.91 17.89
N VAL R 109 46.24 61.28 18.93
CA VAL R 109 45.11 61.83 19.65
C VAL R 109 45.50 61.91 21.12
N GLU R 110 44.59 62.39 21.94
CA GLU R 110 44.74 62.42 23.39
C GLU R 110 43.58 61.66 24.03
N ILE R 111 43.89 60.61 24.79
CA ILE R 111 42.86 59.86 25.51
C ILE R 111 42.92 60.30 26.98
N LYS R 112 41.77 60.74 27.51
CA LYS R 112 41.63 61.20 28.90
C LYS R 112 40.99 60.05 29.67
N ARG R 113 41.74 59.48 30.61
CA ARG R 113 41.31 58.32 31.38
C ARG R 113 40.93 58.78 32.79
N THR R 114 39.75 58.37 33.25
CA THR R 114 39.23 58.66 34.57
C THR R 114 39.57 57.50 35.48
N ASP R 115 39.60 57.78 36.79
CA ASP R 115 39.87 56.71 37.76
C ASP R 115 38.84 55.60 37.78
N VAL R 116 37.67 55.77 37.16
CA VAL R 116 36.62 54.77 37.29
C VAL R 116 36.91 53.62 36.33
N GLU R 117 36.89 52.40 36.85
CA GLU R 117 37.24 51.20 36.10
C GLU R 117 36.01 50.49 35.55
N GLY R 118 36.22 49.74 34.46
CA GLY R 118 35.17 48.98 33.82
C GLY R 118 35.01 47.62 34.44
N ASN R 119 33.84 47.00 34.22
CA ASN R 119 33.55 45.73 34.89
C ASN R 119 34.44 44.59 34.43
N TRP R 120 34.96 44.64 33.20
CA TRP R 120 35.78 43.60 32.57
C TRP R 120 35.38 42.20 33.08
N ALA R 121 34.15 41.81 32.70
CA ALA R 121 33.51 40.56 33.15
C ALA R 121 33.53 39.46 32.09
N LEU R 122 33.58 38.22 32.55
CA LEU R 122 33.71 37.07 31.65
C LEU R 122 32.34 36.46 31.39
N THR R 123 31.89 36.52 30.16
CA THR R 123 30.56 36.02 29.83
C THR R 123 30.52 34.79 28.94
N GLY R 124 31.31 34.75 27.88
CA GLY R 124 31.22 33.70 26.91
C GLY R 124 32.48 32.87 26.87
N GLY R 125 32.57 32.04 25.84
CA GLY R 125 33.69 31.11 25.74
C GLY R 125 35.08 31.67 25.56
N MET R 126 35.84 31.78 26.64
CA MET R 126 37.26 32.12 26.58
C MET R 126 38.07 30.94 27.10
N GLU R 127 38.99 30.40 26.29
CA GLU R 127 39.76 29.21 26.67
C GLU R 127 41.24 29.46 27.02
N LEU R 128 41.72 30.72 26.98
CA LEU R 128 43.15 31.02 27.21
C LEU R 128 43.56 30.87 28.66
N THR R 129 44.49 29.97 28.90
CA THR R 129 45.06 29.73 30.20
C THR R 129 46.36 30.50 30.42
N ARG R 130 46.90 31.15 29.38
CA ARG R 130 48.14 31.90 29.43
C ARG R 130 47.88 33.37 29.06
N ASP R 131 48.88 34.22 29.36
CA ASP R 131 48.84 35.63 28.96
C ASP R 131 48.90 35.75 27.43
N PRO R 132 48.05 36.58 26.82
CA PRO R 132 47.98 36.62 25.36
C PRO R 132 49.19 37.29 24.70
N THR R 133 49.53 36.78 23.51
CA THR R 133 50.61 37.34 22.71
C THR R 133 50.10 38.53 21.92
N VAL R 134 51.04 39.34 21.45
CA VAL R 134 50.75 40.55 20.67
C VAL R 134 49.87 40.14 19.48
N PRO R 135 50.24 39.15 18.66
CA PRO R 135 49.33 38.73 17.55
C PRO R 135 47.90 38.52 17.98
N GLU R 136 47.71 37.80 19.08
CA GLU R 136 46.39 37.59 19.65
C GLU R 136 45.73 38.93 19.94
N HIS R 137 46.50 39.83 20.57
CA HIS R 137 46.02 41.18 20.82
C HIS R 137 45.64 41.89 19.51
N ALA R 138 46.50 41.82 18.50
CA ALA R 138 46.20 42.48 17.23
C ALA R 138 44.98 41.85 16.58
N SER R 139 44.87 40.53 16.62
CA SER R 139 43.74 39.84 15.98
C SER R 139 42.42 40.26 16.60
N LEU R 140 42.39 40.40 17.93
CA LEU R 140 41.21 40.87 18.65
C LEU R 140 40.92 42.35 18.39
N VAL R 141 41.97 43.18 18.38
CA VAL R 141 41.81 44.60 18.10
C VAL R 141 41.19 44.77 16.70
N GLY R 142 41.73 44.05 15.72
CA GLY R 142 41.19 44.13 14.38
C GLY R 142 39.77 43.63 14.30
N LEU R 143 39.48 42.52 14.99
CA LEU R 143 38.12 42.00 14.98
C LEU R 143 37.16 42.99 15.60
N LEU R 144 37.57 43.65 16.68
CA LEU R 144 36.71 44.64 17.30
C LEU R 144 36.45 45.82 16.36
N LEU R 145 37.50 46.34 15.73
CA LEU R 145 37.33 47.49 14.84
C LEU R 145 36.47 47.13 13.63
N SER R 146 36.58 45.90 13.13
CA SER R 146 35.73 45.48 12.04
C SER R 146 34.24 45.55 12.39
N LEU R 147 33.88 45.60 13.67
CA LEU R 147 32.47 45.79 14.00
C LEU R 147 31.94 47.12 13.51
N TYR R 148 32.80 48.15 13.42
CA TYR R 148 32.34 49.45 12.94
C TYR R 148 31.88 49.38 11.50
N ARG R 149 32.70 48.78 10.63
CA ARG R 149 32.35 48.68 9.22
C ARG R 149 31.05 47.92 9.02
N LEU R 150 30.88 46.81 9.74
CA LEU R 150 29.66 46.01 9.64
C LEU R 150 28.45 46.78 10.15
N SER R 151 28.65 47.61 11.18
CA SER R 151 27.55 48.41 11.75
C SER R 151 27.05 49.43 10.76
N LYS R 152 27.99 50.05 10.03
CA LYS R 152 27.64 51.13 9.10
C LYS R 152 26.80 50.62 7.92
N ILE R 153 27.09 49.41 7.39
CA ILE R 153 26.40 48.94 6.19
C ILE R 153 25.02 48.38 6.48
N SER R 154 24.01 49.26 6.53
CA SER R 154 22.63 48.88 6.76
C SER R 154 21.75 49.32 5.60
N GLY R 155 20.85 48.45 5.17
CA GLY R 155 19.94 48.76 4.09
C GLY R 155 19.37 47.49 3.52
N GLN R 156 18.53 47.68 2.50
CA GLN R 156 17.96 46.52 1.81
C GLN R 156 19.01 45.89 0.94
N ASN R 157 18.91 44.58 0.75
CA ASN R 157 19.79 43.79 -0.08
C ASN R 157 21.27 43.97 0.27
N THR R 158 21.60 44.58 1.43
CA THR R 158 22.99 44.64 1.88
C THR R 158 23.40 43.40 2.65
N GLY R 159 22.42 42.55 2.96
CA GLY R 159 22.60 41.40 3.81
C GLY R 159 23.67 40.51 3.25
N ASN R 160 23.45 40.06 2.01
CA ASN R 160 24.41 39.19 1.35
C ASN R 160 25.78 39.84 1.29
N TYR R 161 25.80 41.16 1.11
CA TYR R 161 27.07 41.87 1.00
C TYR R 161 27.79 41.88 2.34
N LYS R 162 27.04 42.13 3.44
CA LYS R 162 27.63 42.24 4.78
C LYS R 162 28.31 40.95 5.19
N THR R 163 27.66 39.82 4.88
CA THR R 163 28.23 38.51 5.15
C THR R 163 29.51 38.31 4.34
N ASN R 164 29.52 38.72 3.06
CA ASN R 164 30.72 38.51 2.25
C ASN R 164 31.91 39.26 2.80
N ILE R 165 31.70 40.53 3.16
CA ILE R 165 32.80 41.31 3.73
C ILE R 165 33.22 40.74 5.07
N ALA R 166 32.23 40.32 5.88
CA ALA R 166 32.57 39.76 7.19
C ALA R 166 33.46 38.53 7.04
N ASP R 167 33.13 37.65 6.07
CA ASP R 167 33.98 36.50 5.84
C ASP R 167 35.38 36.93 5.45
N ARG R 168 35.49 37.91 4.54
CA ARG R 168 36.82 38.37 4.15
C ARG R 168 37.59 38.85 5.37
N ILE R 169 36.92 39.54 6.31
CA ILE R 169 37.57 40.00 7.54
C ILE R 169 38.04 38.81 8.39
N GLU R 170 37.21 37.78 8.49
CA GLU R 170 37.61 36.60 9.25
C GLU R 170 38.87 36.00 8.64
N GLN R 171 38.92 35.90 7.30
CA GLN R 171 40.10 35.31 6.67
C GLN R 171 41.36 36.12 6.96
N ILE R 172 41.26 37.45 6.97
CA ILE R 172 42.46 38.24 7.23
C ILE R 172 43.01 37.88 8.59
N PHE R 173 42.14 37.84 9.60
CA PHE R 173 42.56 37.61 10.96
C PHE R 173 42.75 36.14 11.32
N GLU R 174 42.39 35.19 10.46
CA GLU R 174 42.73 33.83 10.84
C GLU R 174 44.08 33.44 10.25
N THR R 175 44.54 34.17 9.22
CA THR R 175 45.82 33.84 8.60
C THR R 175 46.87 34.75 9.20
N ALA R 176 48.12 34.34 9.08
CA ALA R 176 49.22 35.08 9.67
C ALA R 176 49.29 36.49 9.07
N PRO R 177 49.69 37.53 9.85
CA PRO R 177 50.32 37.53 11.19
C PRO R 177 49.34 37.45 12.34
N PHE R 178 48.07 37.33 12.02
CA PHE R 178 47.01 37.19 13.01
C PHE R 178 46.68 35.72 13.24
N VAL R 179 46.08 35.43 14.41
CA VAL R 179 45.73 34.07 14.81
C VAL R 179 44.21 33.89 14.94
N LYS R 180 43.72 32.67 14.63
CA LYS R 180 42.27 32.34 14.63
C LYS R 180 41.71 32.21 16.04
N ILE R 181 41.51 33.35 16.70
CA ILE R 181 41.05 33.25 18.09
C ILE R 181 39.55 33.05 18.20
N VAL R 182 38.75 33.37 17.19
CA VAL R 182 37.31 33.30 17.37
C VAL R 182 36.65 32.34 16.40
N GLU R 183 37.44 31.51 15.72
CA GLU R 183 36.89 30.55 14.76
C GLU R 183 35.99 31.31 13.76
N HIS R 184 34.96 30.68 13.22
CA HIS R 184 34.19 31.26 12.13
C HIS R 184 32.80 31.61 12.60
N HIS R 185 32.16 32.52 11.86
CA HIS R 185 30.77 32.96 12.03
C HIS R 185 30.49 33.65 13.36
N THR R 186 31.47 33.73 14.26
CA THR R 186 31.32 34.52 15.48
C THR R 186 31.21 36.02 15.20
N LEU R 187 31.94 36.55 14.22
CA LEU R 187 31.91 37.99 13.94
C LEU R 187 30.54 38.45 13.48
N MET R 188 29.89 37.69 12.59
CA MET R 188 28.57 38.06 12.09
C MET R 188 27.53 38.05 13.20
N THR R 189 27.56 37.01 14.03
CA THR R 189 26.56 36.88 15.08
C THR R 189 26.73 37.96 16.17
N THR R 190 27.96 38.27 16.57
CA THR R 190 28.16 39.33 17.57
C THR R 190 27.76 40.70 17.00
N HIS R 191 27.97 40.91 15.70
CA HIS R 191 27.54 42.16 15.07
C HIS R 191 26.03 42.35 15.19
N LYS R 192 25.26 41.27 15.09
CA LYS R 192 23.81 41.38 15.14
C LYS R 192 23.35 42.05 16.44
N MET R 193 24.01 41.77 17.57
CA MET R 193 23.68 42.49 18.81
C MET R 193 24.31 43.90 18.86
N CYS R 194 25.37 44.16 18.07
CA CYS R 194 26.05 45.45 18.07
C CYS R 194 25.91 46.18 16.73
N ALA R 195 24.70 46.16 16.16
CA ALA R 195 24.49 46.69 14.82
C ALA R 195 24.58 48.20 14.76
N ASN R 196 24.28 48.90 15.86
CA ASN R 196 24.34 50.35 15.77
C ASN R 196 25.59 50.89 16.41
N TRP R 197 26.61 50.06 16.55
CA TRP R 197 27.78 50.54 17.26
C TRP R 197 28.47 51.68 16.52
N SER R 198 28.18 51.86 15.22
CA SER R 198 28.72 53.01 14.51
C SER R 198 28.27 54.31 15.16
N THR R 199 27.11 54.32 15.81
CA THR R 199 26.63 55.53 16.50
C THR R 199 27.53 55.91 17.66
N ILE R 200 28.18 54.94 18.29
CA ILE R 200 28.98 55.22 19.49
C ILE R 200 30.15 56.14 19.18
N PRO R 201 30.22 57.30 19.82
CA PRO R 201 31.25 58.27 19.45
C PRO R 201 32.65 57.77 19.73
N ASN R 202 32.91 57.22 20.93
CA ASN R 202 34.27 56.81 21.23
C ASN R 202 34.70 55.66 20.32
N PHE R 203 33.78 54.74 20.03
CA PHE R 203 34.13 53.67 19.12
C PHE R 203 34.49 54.24 17.76
N ARG R 204 33.67 55.17 17.25
CA ARG R 204 33.97 55.81 15.97
C ARG R 204 35.34 56.46 16.02
N PHE R 205 35.62 57.15 17.12
CA PHE R 205 36.89 57.86 17.29
C PHE R 205 38.07 56.89 17.26
N LEU R 206 37.96 55.78 17.96
CA LEU R 206 39.09 54.86 17.95
C LEU R 206 39.30 54.27 16.56
N ALA R 207 38.22 53.95 15.86
CA ALA R 207 38.34 53.39 14.50
C ALA R 207 39.05 54.36 13.57
N GLY R 208 38.69 55.64 13.66
CA GLY R 208 39.39 56.64 12.90
C GLY R 208 40.84 56.76 13.34
N THR R 209 41.08 56.69 14.65
CA THR R 209 42.45 56.85 15.14
C THR R 209 43.35 55.77 14.57
N TYR R 210 42.88 54.52 14.65
CA TYR R 210 43.66 53.43 14.11
C TYR R 210 43.83 53.59 12.60
N ASP R 211 42.76 53.99 11.89
CA ASP R 211 42.86 54.11 10.42
C ASP R 211 43.86 55.19 10.01
N MET R 212 43.85 56.34 10.67
CA MET R 212 44.82 57.39 10.35
C MET R 212 46.25 56.93 10.62
N PHE R 213 46.47 56.26 11.77
CA PHE R 213 47.81 55.78 12.10
C PHE R 213 48.31 54.77 11.07
N PHE R 214 47.46 53.81 10.71
CA PHE R 214 47.91 52.82 9.74
C PHE R 214 48.07 53.40 8.35
N SER R 215 47.34 54.46 8.01
CA SER R 215 47.48 55.06 6.68
C SER R 215 48.89 55.62 6.47
N ARG R 216 49.41 56.35 7.47
CA ARG R 216 50.74 56.94 7.40
C ARG R 216 51.86 55.95 7.69
N ILE R 217 51.71 55.10 8.71
CA ILE R 217 52.80 54.24 9.19
C ILE R 217 52.56 52.82 8.72
N GLU R 218 53.50 52.29 7.94
CA GLU R 218 53.39 50.89 7.55
C GLU R 218 53.79 50.05 8.76
N HIS R 219 52.99 49.03 9.05
CA HIS R 219 53.18 48.21 10.22
C HIS R 219 52.87 46.77 9.85
N LEU R 220 53.30 45.86 10.73
CA LEU R 220 53.04 44.44 10.49
C LEU R 220 51.54 44.16 10.50
N TYR R 221 50.80 44.78 11.41
CA TYR R 221 49.36 44.54 11.53
C TYR R 221 48.52 45.57 10.79
N SER R 222 49.07 46.14 9.70
CA SER R 222 48.34 47.18 8.97
C SER R 222 47.04 46.65 8.41
N ALA R 223 46.88 45.32 8.32
CA ALA R 223 45.67 44.74 7.75
C ALA R 223 44.44 45.00 8.60
N ILE R 224 44.62 45.54 9.82
CA ILE R 224 43.52 45.95 10.69
C ILE R 224 42.66 46.99 10.01
N ARG R 225 43.24 47.70 9.03
CA ARG R 225 42.55 48.77 8.33
C ARG R 225 41.30 48.29 7.61
N VAL R 226 41.20 46.99 7.33
CA VAL R 226 40.05 46.48 6.61
C VAL R 226 38.75 46.76 7.36
N GLY R 227 38.84 46.81 8.69
CA GLY R 227 37.69 47.24 9.47
C GLY R 227 37.47 48.74 9.41
N THR R 228 38.56 49.51 9.50
CA THR R 228 38.45 50.95 9.69
C THR R 228 38.58 51.77 8.41
N VAL R 229 38.73 51.15 7.25
CA VAL R 229 38.97 51.93 6.04
C VAL R 229 37.81 52.86 5.77
N VAL R 230 36.59 52.48 6.18
CA VAL R 230 35.42 53.30 5.88
C VAL R 230 35.50 54.67 6.55
N THR R 231 36.25 54.80 7.67
CA THR R 231 36.35 56.11 8.34
C THR R 231 37.01 57.17 7.46
N ALA R 232 37.85 56.75 6.51
CA ALA R 232 38.54 57.69 5.63
C ALA R 232 37.55 58.44 4.74
N TYR R 233 37.70 59.77 4.70
CA TYR R 233 36.82 60.65 3.91
C TYR R 233 35.37 60.33 4.20
N GLU R 234 35.10 60.02 5.46
CA GLU R 234 33.77 59.68 5.91
C GLU R 234 32.87 60.88 5.85
N ASP R 235 31.65 60.68 5.34
CA ASP R 235 30.69 61.77 5.23
C ASP R 235 31.20 62.87 4.31
N CYS R 236 31.97 62.51 3.29
CA CYS R 236 32.44 63.49 2.33
C CYS R 236 32.15 63.05 0.90
N SER R 237 31.10 62.27 0.72
CA SER R 237 30.84 61.72 -0.61
C SER R 237 30.74 62.82 -1.62
N GLY R 238 30.29 64.01 -1.20
CA GLY R 238 30.20 65.12 -2.13
C GLY R 238 31.57 65.49 -2.68
N LEU R 239 32.50 65.82 -1.80
CA LEU R 239 33.84 66.13 -2.27
C LEU R 239 34.46 64.95 -3.00
N VAL R 240 34.26 63.73 -2.51
CA VAL R 240 34.90 62.58 -3.15
C VAL R 240 34.35 62.39 -4.57
N SER R 241 33.03 62.50 -4.73
CA SER R 241 32.42 62.35 -6.05
C SER R 241 32.94 63.40 -7.02
N PHE R 242 33.17 64.61 -6.51
CA PHE R 242 33.68 65.68 -7.35
C PHE R 242 35.09 65.37 -7.85
N THR R 243 35.96 64.89 -6.98
CA THR R 243 37.28 64.50 -7.46
C THR R 243 37.16 63.34 -8.44
N GLY R 244 36.28 62.38 -8.17
CA GLY R 244 36.12 61.30 -9.14
C GLY R 244 35.63 61.84 -10.47
N PHE R 245 34.67 62.74 -10.43
CA PHE R 245 34.12 63.32 -11.65
C PHE R 245 35.20 63.98 -12.50
N ILE R 246 36.06 64.75 -11.86
CA ILE R 246 37.17 65.42 -12.51
C ILE R 246 38.06 64.43 -13.22
N LYS R 247 38.42 63.34 -12.51
CA LYS R 247 39.34 62.37 -13.08
C LYS R 247 38.69 61.58 -14.21
N GLN R 248 37.42 61.17 -14.01
CA GLN R 248 36.73 60.43 -15.05
C GLN R 248 36.52 61.27 -16.30
N ILE R 249 36.13 62.54 -16.10
CA ILE R 249 35.86 63.46 -17.21
C ILE R 249 37.16 63.95 -17.83
N ASN R 250 38.29 63.73 -17.17
CA ASN R 250 39.63 64.09 -17.67
C ASN R 250 39.80 65.60 -17.85
N LEU R 251 39.37 66.35 -16.85
CA LEU R 251 39.50 67.80 -16.80
C LEU R 251 40.23 68.21 -15.53
N THR R 252 40.79 69.41 -15.54
CA THR R 252 41.35 69.97 -14.32
C THR R 252 40.20 70.49 -13.47
N ALA R 253 40.39 70.38 -12.15
CA ALA R 253 39.38 70.89 -11.22
C ALA R 253 38.80 72.21 -11.68
N ARG R 254 39.66 73.13 -12.13
CA ARG R 254 39.20 74.45 -12.54
C ARG R 254 38.33 74.37 -13.79
N GLU R 255 38.87 73.78 -14.86
CA GLU R 255 38.10 73.72 -16.10
C GLU R 255 36.73 73.10 -15.89
N ALA R 256 36.64 72.09 -15.01
CA ALA R 256 35.37 71.41 -14.84
C ALA R 256 34.31 72.33 -14.23
N ILE R 257 34.67 73.10 -13.22
CA ILE R 257 33.63 73.91 -12.61
C ILE R 257 33.07 74.93 -13.58
N LEU R 258 33.82 75.32 -14.60
CA LEU R 258 33.34 76.28 -15.59
C LEU R 258 32.02 75.86 -16.20
N TYR R 259 31.83 74.55 -16.34
CA TYR R 259 30.62 73.98 -16.89
C TYR R 259 29.43 74.03 -15.93
N PHE R 260 29.59 74.47 -14.69
CA PHE R 260 28.44 74.47 -13.80
C PHE R 260 27.61 75.73 -14.06
N PHE R 261 26.66 75.65 -15.01
CA PHE R 261 25.91 76.83 -15.45
C PHE R 261 24.65 77.02 -14.62
N HIS R 262 24.81 77.22 -13.31
CA HIS R 262 23.62 77.48 -12.52
C HIS R 262 23.96 78.20 -11.24
N LYS R 263 23.03 79.06 -10.83
CA LYS R 263 23.25 79.83 -9.63
C LYS R 263 23.41 78.94 -8.41
N ASN R 264 22.66 77.85 -8.32
CA ASN R 264 22.70 77.06 -7.08
C ASN R 264 24.08 76.54 -6.79
N PHE R 265 24.86 76.27 -7.82
CA PHE R 265 26.18 75.71 -7.59
C PHE R 265 27.05 76.62 -6.74
N GLU R 266 26.77 77.93 -6.75
CA GLU R 266 27.64 78.91 -6.11
C GLU R 266 27.80 78.60 -4.63
N GLU R 267 26.69 78.41 -3.92
CA GLU R 267 26.83 78.09 -2.50
C GLU R 267 27.64 76.83 -2.31
N GLU R 268 27.37 75.81 -3.12
CA GLU R 268 28.06 74.54 -2.95
C GLU R 268 29.55 74.65 -3.27
N ILE R 269 29.91 75.31 -4.37
CA ILE R 269 31.31 75.43 -4.69
C ILE R 269 32.03 76.17 -3.57
N ARG R 270 31.43 77.24 -3.06
CA ARG R 270 32.02 77.98 -1.95
C ARG R 270 32.11 77.11 -0.70
N ARG R 271 31.11 76.27 -0.46
CA ARG R 271 31.09 75.45 0.74
C ARG R 271 32.21 74.43 0.74
N MET R 272 32.36 73.66 -0.34
CA MET R 272 33.34 72.59 -0.28
C MET R 272 34.76 73.07 -0.53
N PHE R 273 34.97 74.24 -1.09
CA PHE R 273 36.32 74.70 -1.32
C PHE R 273 36.71 75.80 -0.36
N GLU R 274 36.14 75.75 0.83
CA GLU R 274 36.52 76.69 1.86
C GLU R 274 38.00 76.48 2.18
N PRO R 275 38.82 77.52 2.16
CA PRO R 275 40.26 77.34 2.40
C PRO R 275 40.58 77.16 3.88
N GLY R 276 41.77 76.63 4.16
CA GLY R 276 42.21 76.38 5.52
C GLY R 276 41.90 74.99 6.06
N GLN R 277 41.06 74.23 5.37
CA GLN R 277 40.91 72.82 5.61
C GLN R 277 41.92 72.13 4.71
N GLU R 278 42.68 71.21 5.28
CA GLU R 278 43.77 70.52 4.57
C GLU R 278 43.21 69.47 3.60
N THR R 279 42.35 69.96 2.69
CA THR R 279 41.72 69.10 1.69
C THR R 279 42.74 68.44 0.75
N ALA R 280 43.77 69.18 0.36
CA ALA R 280 44.85 68.67 -0.49
C ALA R 280 45.91 67.85 0.25
N VAL R 281 46.09 68.07 1.56
CA VAL R 281 47.20 67.50 2.35
C VAL R 281 47.06 65.99 2.41
N PRO R 282 48.16 65.21 2.17
CA PRO R 282 48.01 63.75 2.11
C PRO R 282 47.62 63.05 3.41
N HIS R 283 48.30 63.33 4.52
CA HIS R 283 47.92 62.59 5.71
C HIS R 283 47.46 63.56 6.77
N SER R 284 46.41 64.28 6.49
CA SER R 284 46.03 65.25 7.50
C SER R 284 44.91 64.69 8.33
N TYR R 285 44.56 65.45 9.34
CA TYR R 285 43.41 65.04 10.14
C TYR R 285 42.15 65.05 9.28
N PHE R 286 42.13 65.86 8.21
CA PHE R 286 40.92 66.01 7.41
C PHE R 286 40.42 64.69 6.90
N ILE R 287 41.33 63.83 6.47
CA ILE R 287 40.91 62.58 5.87
C ILE R 287 40.04 61.78 6.83
N HIS R 288 40.25 61.94 8.16
CA HIS R 288 39.43 61.25 9.16
C HIS R 288 38.69 62.19 10.08
N PHE R 289 38.44 63.42 9.64
CA PHE R 289 37.91 64.42 10.56
C PHE R 289 36.55 64.00 11.13
N ARG R 290 35.69 63.39 10.32
CA ARG R 290 34.37 63.05 10.85
C ARG R 290 34.46 61.99 11.93
N SER R 291 35.30 60.98 11.76
CA SER R 291 35.42 59.99 12.82
C SER R 291 35.92 60.65 14.09
N LEU R 292 37.02 61.41 14.02
CA LEU R 292 37.54 62.08 15.21
C LEU R 292 36.63 63.24 15.61
N GLY R 293 37.08 64.05 16.55
CA GLY R 293 36.32 65.22 16.96
C GLY R 293 36.53 66.42 16.04
N LEU R 294 35.89 67.53 16.42
CA LEU R 294 35.91 68.82 15.75
C LEU R 294 35.28 68.78 14.37
N SER R 295 34.59 67.70 14.05
CA SER R 295 33.97 67.57 12.74
C SER R 295 32.71 68.42 12.65
N GLY R 296 31.80 68.24 13.60
CA GLY R 296 30.49 68.84 13.50
C GLY R 296 29.71 68.08 12.45
N LYS R 297 28.92 68.82 11.69
CA LYS R 297 28.26 68.26 10.52
C LYS R 297 29.21 68.52 9.35
N SER R 298 29.33 67.56 8.46
CA SER R 298 30.30 67.72 7.36
C SER R 298 29.72 68.56 6.24
N PRO R 299 30.42 69.62 5.81
CA PRO R 299 29.99 70.41 4.67
C PRO R 299 30.33 69.79 3.32
N TYR R 300 30.95 68.61 3.33
CA TYR R 300 31.34 67.89 2.14
C TYR R 300 30.40 66.70 1.83
N SER R 301 29.36 66.52 2.60
CA SER R 301 28.45 65.42 2.39
C SER R 301 27.69 65.58 1.09
N SER R 302 27.13 64.49 0.58
CA SER R 302 26.36 64.57 -0.65
C SER R 302 25.18 65.51 -0.50
N ASN R 303 24.64 65.65 0.71
CA ASN R 303 23.56 66.63 0.88
C ASN R 303 24.09 68.05 0.90
N ALA R 304 25.19 68.29 1.61
CA ALA R 304 25.66 69.66 1.67
C ALA R 304 26.01 70.17 0.28
N VAL R 305 26.40 69.29 -0.61
CA VAL R 305 26.80 69.71 -1.93
C VAL R 305 25.83 69.06 -2.89
N GLY R 306 24.54 69.17 -2.57
CA GLY R 306 23.51 68.40 -3.24
C GLY R 306 23.42 68.61 -4.74
N HIS R 307 23.40 69.85 -5.20
CA HIS R 307 23.31 70.11 -6.64
C HIS R 307 24.53 69.59 -7.37
N VAL R 308 25.72 69.85 -6.82
CA VAL R 308 26.94 69.34 -7.43
C VAL R 308 26.91 67.83 -7.49
N PHE R 309 26.45 67.20 -6.39
CA PHE R 309 26.35 65.75 -6.39
C PHE R 309 25.43 65.27 -7.49
N ASN R 310 24.25 65.86 -7.58
CA ASN R 310 23.33 65.40 -8.61
C ASN R 310 23.91 65.57 -9.99
N LEU R 311 24.49 66.73 -10.28
CA LEU R 311 25.03 66.97 -11.61
C LEU R 311 26.11 65.97 -11.95
N ILE R 312 26.99 65.69 -11.00
CA ILE R 312 28.08 64.77 -11.29
C ILE R 312 27.53 63.41 -11.70
N HIS R 313 26.55 62.91 -10.95
CA HIS R 313 26.11 61.56 -11.24
C HIS R 313 25.15 61.52 -12.43
N PHE R 314 24.37 62.59 -12.66
CA PHE R 314 23.55 62.60 -13.86
C PHE R 314 24.42 62.52 -15.08
N VAL R 315 25.56 63.21 -15.08
CA VAL R 315 26.50 63.04 -16.18
C VAL R 315 27.05 61.63 -16.16
N GLY R 316 27.33 61.12 -14.96
CA GLY R 316 27.82 59.76 -14.86
C GLY R 316 26.84 58.75 -15.42
N CYS R 317 25.55 58.90 -15.12
CA CYS R 317 24.59 58.00 -15.75
C CYS R 317 24.62 58.14 -17.25
N TYR R 318 24.71 59.38 -17.75
CA TYR R 318 24.76 59.56 -19.20
C TYR R 318 25.92 58.81 -19.80
N MET R 319 27.02 58.71 -19.08
CA MET R 319 28.17 57.98 -19.61
C MET R 319 28.22 56.52 -19.20
N GLY R 320 27.19 56.02 -18.51
CA GLY R 320 27.13 54.63 -18.11
C GLY R 320 27.95 54.27 -16.90
N GLN R 321 28.32 55.22 -16.06
CA GLN R 321 29.06 54.86 -14.86
C GLN R 321 28.13 54.16 -13.92
N VAL R 322 28.44 52.91 -13.60
CA VAL R 322 27.54 52.18 -12.72
C VAL R 322 27.48 52.82 -11.34
N ARG R 323 28.62 53.32 -10.87
CA ARG R 323 28.65 53.94 -9.55
C ARG R 323 27.57 55.00 -9.44
N SER R 324 27.43 55.80 -10.48
CA SER R 324 26.42 56.86 -10.49
C SER R 324 25.02 56.27 -10.58
N LEU R 325 24.86 55.21 -11.36
CA LEU R 325 23.55 54.63 -11.53
C LEU R 325 22.99 54.22 -10.18
N ASN R 326 23.86 53.75 -9.28
CA ASN R 326 23.45 53.23 -7.98
C ASN R 326 23.53 54.26 -6.85
N ALA R 327 24.07 55.44 -7.12
CA ALA R 327 24.12 56.47 -6.11
C ALA R 327 22.71 57.00 -5.87
N THR R 328 22.43 57.38 -4.63
CA THR R 328 21.11 57.86 -4.26
C THR R 328 21.04 59.36 -4.50
N VAL R 329 20.04 59.78 -5.29
CA VAL R 329 19.92 61.18 -5.68
C VAL R 329 19.42 62.01 -4.51
N ILE R 330 19.97 63.22 -4.37
CA ILE R 330 19.53 64.17 -3.35
C ILE R 330 18.27 64.84 -3.90
N ALA R 331 17.11 64.45 -3.40
CA ALA R 331 15.85 64.92 -3.99
C ALA R 331 15.63 66.41 -3.83
N ALA R 332 16.07 66.99 -2.71
CA ALA R 332 15.75 68.39 -2.43
C ALA R 332 16.41 69.32 -3.45
N CYS R 333 17.62 69.00 -3.87
CA CYS R 333 18.46 69.90 -4.66
C CYS R 333 18.17 69.76 -6.16
N ALA R 334 16.94 70.15 -6.52
CA ALA R 334 16.44 70.35 -7.88
C ALA R 334 16.96 69.32 -8.89
N PRO R 335 16.60 68.04 -8.72
CA PRO R 335 17.17 67.02 -9.59
C PRO R 335 16.80 67.22 -11.04
N HIS R 336 15.61 67.76 -11.33
CA HIS R 336 15.20 67.85 -12.73
C HIS R 336 16.10 68.77 -13.51
N GLU R 337 16.32 69.99 -12.99
CA GLU R 337 17.21 70.90 -13.72
C GLU R 337 18.62 70.31 -13.79
N MET R 338 19.09 69.70 -12.68
CA MET R 338 20.41 69.09 -12.71
C MET R 338 20.48 68.01 -13.77
N SER R 339 19.42 67.23 -13.95
CA SER R 339 19.41 66.20 -14.98
C SER R 339 19.53 66.81 -16.36
N VAL R 340 18.90 67.98 -16.57
CA VAL R 340 18.97 68.64 -17.86
C VAL R 340 20.40 69.06 -18.17
N LEU R 341 21.01 69.81 -17.24
CA LEU R 341 22.39 70.24 -17.41
C LEU R 341 23.31 69.05 -17.56
N GLY R 342 23.03 68.00 -16.80
CA GLY R 342 23.78 66.77 -16.92
C GLY R 342 23.63 66.14 -18.29
N GLY R 343 22.47 66.31 -18.90
CA GLY R 343 22.29 65.85 -20.27
C GLY R 343 23.23 66.53 -21.24
N TYR R 344 23.32 67.88 -21.17
CA TYR R 344 24.21 68.61 -22.07
C TYR R 344 25.65 68.29 -21.78
N LEU R 345 26.01 68.25 -20.50
CA LEU R 345 27.38 67.96 -20.14
C LEU R 345 27.79 66.56 -20.58
N GLY R 346 26.97 65.56 -20.25
CA GLY R 346 27.30 64.21 -20.67
C GLY R 346 27.34 64.06 -22.17
N GLU R 347 26.45 64.77 -22.88
CA GLU R 347 26.50 64.78 -24.33
C GLU R 347 27.87 65.27 -24.82
N GLU R 348 28.38 66.33 -24.19
CA GLU R 348 29.70 66.86 -24.57
C GLU R 348 30.82 65.89 -24.25
N PHE R 349 30.72 65.18 -23.15
CA PHE R 349 31.86 64.37 -22.72
C PHE R 349 31.76 62.91 -23.15
N PHE R 350 30.61 62.48 -23.64
CA PHE R 350 30.44 61.08 -23.98
C PHE R 350 30.94 60.83 -25.40
N GLY R 351 31.96 59.97 -25.50
CA GLY R 351 32.51 59.58 -26.77
C GLY R 351 33.47 60.57 -27.41
N LYS R 352 33.94 61.55 -26.66
CA LYS R 352 34.80 62.60 -27.19
C LYS R 352 36.01 62.78 -26.29
N GLY R 353 37.14 63.09 -26.90
CA GLY R 353 38.35 63.37 -26.16
C GLY R 353 39.08 64.52 -26.82
N THR R 354 39.85 65.23 -25.99
CA THR R 354 40.71 66.33 -26.41
C THR R 354 42.13 65.78 -26.52
N PHE R 355 42.59 65.53 -27.74
CA PHE R 355 43.87 64.86 -27.98
C PHE R 355 44.86 65.81 -28.64
N GLU R 356 46.11 65.73 -28.22
CA GLU R 356 47.16 66.57 -28.78
C GLU R 356 48.46 65.77 -28.85
N ARG R 357 49.26 66.03 -29.88
CA ARG R 357 50.54 65.36 -30.00
C ARG R 357 51.49 65.81 -28.89
N ARG R 358 52.04 64.87 -28.16
CA ARG R 358 52.94 65.23 -27.08
C ARG R 358 54.32 64.57 -27.15
N PHE R 359 54.48 63.53 -27.94
CA PHE R 359 55.72 62.76 -28.02
C PHE R 359 56.26 62.83 -29.44
N PHE R 360 57.55 63.15 -29.55
CA PHE R 360 58.16 63.40 -30.86
C PHE R 360 59.52 62.71 -30.97
N ARG R 361 59.92 62.45 -32.22
CA ARG R 361 61.19 61.75 -32.47
C ARG R 361 62.38 62.61 -32.08
N ASP R 362 62.36 63.90 -32.46
CA ASP R 362 63.47 64.83 -32.28
C ASP R 362 62.94 66.17 -31.77
N GLU R 363 63.84 66.99 -31.25
CA GLU R 363 63.44 68.31 -30.74
C GLU R 363 62.84 69.18 -31.84
N LYS R 364 63.38 69.09 -33.07
CA LYS R 364 62.87 69.90 -34.17
C LYS R 364 61.41 69.58 -34.46
N GLU R 365 61.04 68.29 -34.39
CA GLU R 365 59.66 67.88 -34.59
C GLU R 365 58.74 68.56 -33.57
N LEU R 366 59.19 68.65 -32.31
CA LEU R 366 58.37 69.32 -31.29
C LEU R 366 58.17 70.79 -31.61
N GLN R 367 59.27 71.50 -31.92
CA GLN R 367 59.15 72.93 -32.22
C GLN R 367 58.25 73.16 -33.43
N GLU R 368 58.35 72.28 -34.43
CA GLU R 368 57.52 72.45 -35.62
C GLU R 368 56.04 72.21 -35.30
N TYR R 369 55.74 71.17 -34.52
CA TYR R 369 54.35 70.91 -34.16
C TYR R 369 53.76 72.03 -33.30
N GLU R 370 54.60 72.80 -32.61
CA GLU R 370 54.07 73.91 -31.82
C GLU R 370 53.55 75.01 -32.72
N ALA R 371 54.06 75.12 -33.94
CA ALA R 371 53.55 76.13 -34.85
C ALA R 371 52.09 75.83 -35.25
N ALA R 372 51.14 75.96 -34.32
CA ALA R 372 49.70 75.75 -34.61
C ALA R 372 48.98 77.07 -34.84
N GLU R 398 32.19 71.06 -32.23
CA GLU R 398 33.42 70.69 -32.92
C GLU R 398 34.61 70.87 -31.96
N THR R 399 34.53 71.83 -31.04
CA THR R 399 35.58 72.05 -30.06
C THR R 399 34.97 72.09 -28.66
N ARG R 400 35.73 71.62 -27.68
CA ARG R 400 35.26 71.51 -26.30
C ARG R 400 35.58 72.79 -25.53
N SER R 401 34.54 73.53 -25.14
CA SER R 401 34.71 74.78 -24.43
C SER R 401 33.47 75.03 -23.59
N PRO R 402 33.60 75.73 -22.44
CA PRO R 402 32.38 76.04 -21.66
C PRO R 402 31.39 76.87 -22.44
N GLU R 403 31.91 77.82 -23.21
CA GLU R 403 31.08 78.71 -24.02
C GLU R 403 30.27 77.91 -25.03
N ALA R 404 30.91 76.90 -25.65
CA ALA R 404 30.24 76.10 -26.67
C ALA R 404 29.04 75.40 -26.11
N VAL R 405 29.21 74.73 -24.98
CA VAL R 405 28.12 74.03 -24.38
C VAL R 405 27.04 75.01 -23.98
N TYR R 406 27.44 76.15 -23.40
CA TYR R 406 26.44 77.12 -22.98
C TYR R 406 25.65 77.64 -24.17
N THR R 407 26.32 78.00 -25.27
CA THR R 407 25.53 78.46 -26.41
C THR R 407 24.63 77.33 -26.91
N ARG R 408 25.12 76.08 -26.91
CA ARG R 408 24.24 74.98 -27.29
C ARG R 408 23.01 74.93 -26.39
N ILE R 409 23.21 75.07 -25.08
CA ILE R 409 22.09 75.03 -24.15
C ILE R 409 21.11 76.15 -24.45
N MET R 410 21.62 77.36 -24.69
CA MET R 410 20.70 78.47 -24.90
C MET R 410 19.91 78.30 -26.19
N MET R 411 20.54 77.74 -27.23
CA MET R 411 19.85 77.61 -28.51
C MET R 411 18.60 76.75 -28.41
N ASN R 412 18.64 75.69 -27.60
CA ASN R 412 17.48 74.84 -27.38
C ASN R 412 16.62 75.31 -26.21
N GLY R 413 16.82 76.53 -25.72
CA GLY R 413 15.99 77.10 -24.69
C GLY R 413 16.12 76.47 -23.33
N GLY R 414 17.28 75.91 -23.01
CA GLY R 414 17.48 75.23 -21.74
C GLY R 414 16.68 73.96 -21.62
N ARG R 415 16.38 73.34 -22.74
CA ARG R 415 15.54 72.17 -22.75
C ARG R 415 16.30 70.96 -23.28
N LEU R 416 16.06 69.80 -22.66
CA LEU R 416 16.71 68.56 -23.06
C LEU R 416 16.44 68.21 -24.50
N LYS R 417 17.47 67.75 -25.20
CA LYS R 417 17.31 67.25 -26.55
C LYS R 417 16.63 65.87 -26.53
N ARG R 418 16.01 65.50 -27.65
CA ARG R 418 15.43 64.16 -27.71
C ARG R 418 16.51 63.12 -27.50
N SER R 419 17.68 63.34 -28.09
CA SER R 419 18.79 62.40 -27.94
C SER R 419 19.20 62.30 -26.47
N HIS R 420 19.19 63.43 -25.77
CA HIS R 420 19.51 63.43 -24.36
C HIS R 420 18.62 62.46 -23.62
N ILE R 421 17.32 62.52 -23.90
CA ILE R 421 16.38 61.62 -23.23
C ILE R 421 16.58 60.18 -23.67
N ARG R 422 16.76 59.94 -24.97
CA ARG R 422 16.97 58.57 -25.43
C ARG R 422 18.12 57.92 -24.69
N ARG R 423 19.24 58.64 -24.60
CA ARG R 423 20.42 58.10 -23.94
C ARG R 423 20.17 57.83 -22.47
N TYR R 424 19.52 58.77 -21.78
CA TYR R 424 19.17 58.57 -20.38
C TYR R 424 18.30 57.33 -20.20
N VAL R 425 17.24 57.20 -21.00
CA VAL R 425 16.35 56.06 -20.83
C VAL R 425 17.08 54.78 -21.15
N SER R 426 17.89 54.80 -22.21
CA SER R 426 18.63 53.61 -22.61
C SER R 426 19.55 53.12 -21.50
N VAL R 427 20.20 54.04 -20.79
CA VAL R 427 21.08 53.63 -19.70
C VAL R 427 20.28 53.14 -18.51
N SER R 428 19.25 53.90 -18.10
CA SER R 428 18.53 53.54 -16.89
C SER R 428 17.75 52.25 -17.10
N SER R 429 17.11 52.09 -18.25
CA SER R 429 16.31 50.89 -18.43
C SER R 429 17.19 49.66 -18.47
N ASN R 430 18.37 49.74 -19.08
CA ASN R 430 19.30 48.59 -19.13
C ASN R 430 20.18 48.54 -17.87
N HIS R 431 19.51 48.63 -16.74
CA HIS R 431 20.19 48.58 -15.45
C HIS R 431 19.17 48.24 -14.39
N GLN R 432 19.63 47.48 -13.40
CA GLN R 432 18.80 47.03 -12.30
C GLN R 432 18.70 48.20 -11.33
N ALA R 433 17.66 49.01 -11.54
CA ALA R 433 17.49 50.25 -10.80
C ALA R 433 17.30 50.00 -9.31
N ARG R 434 18.18 50.58 -8.50
CA ARG R 434 18.09 50.43 -7.06
C ARG R 434 17.02 51.36 -6.51
N PRO R 435 16.60 51.17 -5.20
CA PRO R 435 15.43 51.91 -4.66
C PRO R 435 15.31 53.40 -4.96
N ASN R 436 16.22 54.23 -4.45
CA ASN R 436 16.15 55.68 -4.65
C ASN R 436 17.35 56.17 -5.46
N SER R 437 17.88 55.32 -6.33
CA SER R 437 19.10 55.64 -7.05
C SER R 437 18.79 56.65 -8.17
N PHE R 438 19.87 57.18 -8.76
CA PHE R 438 19.76 58.01 -9.95
C PHE R 438 19.15 57.24 -11.09
N ALA R 439 19.46 55.96 -11.18
CA ALA R 439 18.84 55.11 -12.17
C ALA R 439 17.33 55.09 -11.99
N GLU R 440 16.87 54.93 -10.76
CA GLU R 440 15.44 54.95 -10.51
C GLU R 440 14.83 56.30 -10.86
N PHE R 441 15.52 57.39 -10.51
CA PHE R 441 15.01 58.70 -10.91
C PHE R 441 14.94 58.79 -12.43
N LEU R 442 15.97 58.32 -13.13
CA LEU R 442 15.94 58.47 -14.59
C LEU R 442 14.77 57.72 -15.20
N ASN R 443 14.50 56.50 -14.72
CA ASN R 443 13.42 55.69 -15.28
C ASN R 443 12.04 56.31 -15.06
N LYS R 444 11.77 56.77 -13.82
CA LYS R 444 10.47 57.34 -13.45
C LYS R 444 10.21 58.67 -14.16
N THR R 445 11.25 59.49 -14.32
CA THR R 445 11.02 60.81 -14.87
C THR R 445 10.85 60.77 -16.39
N TYR R 446 11.78 60.12 -17.10
CA TYR R 446 11.81 60.07 -18.56
C TYR R 446 11.56 58.64 -19.02
N SER R 447 10.34 58.31 -19.40
CA SER R 447 10.10 56.94 -19.83
C SER R 447 9.33 56.79 -21.13
N SER R 448 8.74 57.87 -21.68
CA SER R 448 8.09 57.79 -22.99
C SER R 448 8.67 58.71 -24.08
N ILE S 6 66.94 54.67 -31.25
CA ILE S 6 66.24 54.73 -29.96
C ILE S 6 65.79 56.17 -29.77
N VAL S 7 65.18 56.69 -30.79
CA VAL S 7 64.80 58.09 -30.82
C VAL S 7 63.59 58.30 -29.92
N PHE S 8 63.57 59.43 -29.20
CA PHE S 8 62.44 59.87 -28.37
C PHE S 8 62.65 61.19 -27.64
N LYS S 9 61.57 61.97 -27.51
CA LYS S 9 61.66 63.29 -26.89
C LYS S 9 60.29 63.85 -26.49
N VAL S 10 60.12 64.14 -25.21
CA VAL S 10 58.85 64.62 -24.66
C VAL S 10 59.17 65.98 -24.07
N ASN S 11 58.29 66.50 -23.21
CA ASN S 11 58.49 67.75 -22.50
C ASN S 11 57.43 67.85 -21.41
N ASN S 12 57.73 68.68 -20.41
CA ASN S 12 56.78 69.02 -19.34
C ASN S 12 56.74 70.54 -19.21
N GLN S 13 57.73 71.13 -18.54
CA GLN S 13 57.94 72.58 -18.51
C GLN S 13 59.20 72.95 -19.28
N VAL S 14 60.23 72.10 -19.18
CA VAL S 14 61.43 72.16 -20.00
C VAL S 14 61.42 70.84 -20.78
N VAL S 15 62.18 70.80 -21.88
CA VAL S 15 62.18 69.63 -22.77
C VAL S 15 63.04 68.51 -22.20
N SER S 16 62.55 67.27 -22.33
CA SER S 16 63.26 66.09 -21.83
C SER S 16 63.43 65.02 -22.92
N LEU S 17 64.09 63.90 -22.61
CA LEU S 17 64.37 62.86 -23.59
C LEU S 17 64.64 61.51 -22.93
N LYS S 18 63.95 60.46 -23.37
CA LYS S 18 64.12 59.15 -22.77
C LYS S 18 64.47 58.10 -23.82
N PRO S 19 65.39 57.19 -23.52
CA PRO S 19 65.62 56.03 -24.41
C PRO S 19 64.69 54.88 -24.03
N GLU S 20 64.10 54.24 -25.04
CA GLU S 20 63.18 53.12 -24.80
C GLU S 20 63.94 51.81 -24.81
N ILE S 21 63.83 51.04 -23.73
CA ILE S 21 64.56 49.79 -23.59
C ILE S 21 63.58 48.64 -23.32
N ILE S 22 63.71 47.56 -24.09
CA ILE S 22 62.90 46.35 -23.92
C ILE S 22 63.87 45.17 -24.04
N VAL S 23 63.53 44.05 -23.41
CA VAL S 23 64.43 42.89 -23.39
C VAL S 23 64.03 41.93 -24.51
N ASP S 24 65.05 41.44 -25.26
CA ASP S 24 64.88 40.46 -26.34
C ASP S 24 66.12 39.57 -26.37
N GLN S 25 65.95 38.26 -26.14
CA GLN S 25 67.05 37.31 -26.09
C GLN S 25 66.79 36.10 -26.97
N HIS S 26 67.87 35.50 -27.50
CA HIS S 26 67.79 34.33 -28.38
C HIS S 26 68.84 33.26 -28.04
N GLU S 27 68.43 31.98 -28.08
CA GLU S 27 69.28 30.80 -27.86
C GLU S 27 69.34 30.07 -29.20
N TYR S 28 68.54 29.02 -29.38
CA TYR S 28 68.42 28.24 -30.62
C TYR S 28 69.79 27.71 -31.04
N LYS S 29 70.28 26.78 -30.23
CA LYS S 29 71.53 26.11 -30.58
C LYS S 29 71.21 25.08 -31.63
N TYR S 30 72.08 25.02 -32.72
CA TYR S 30 71.74 24.15 -33.84
C TYR S 30 72.39 22.78 -33.67
N PRO S 31 71.74 21.78 -34.22
CA PRO S 31 72.17 20.41 -33.98
C PRO S 31 73.23 19.91 -34.96
N ALA S 32 74.49 20.05 -34.64
CA ALA S 32 75.53 19.49 -35.49
C ALA S 32 76.34 18.49 -34.66
N ILE S 33 76.76 17.37 -35.28
CA ILE S 33 77.61 16.39 -34.62
C ILE S 33 79.03 16.59 -35.14
N LYS S 34 79.67 17.70 -34.75
CA LYS S 34 81.05 17.98 -35.14
C LYS S 34 82.03 17.17 -34.30
N ASP S 35 81.59 16.79 -33.08
CA ASP S 35 82.40 15.97 -32.17
C ASP S 35 82.69 14.61 -32.76
N LEU S 36 81.89 14.21 -33.75
CA LEU S 36 81.98 12.97 -34.51
C LEU S 36 81.86 11.73 -33.62
N LYS S 37 81.28 11.90 -32.43
CA LYS S 37 80.97 10.79 -31.53
C LYS S 37 79.45 10.76 -31.34
N LYS S 38 78.84 9.58 -31.51
CA LYS S 38 77.39 9.47 -31.33
C LYS S 38 76.96 9.67 -29.88
N PRO S 39 75.75 10.19 -29.66
CA PRO S 39 75.30 10.51 -28.29
C PRO S 39 75.29 9.30 -27.38
N CYS S 40 75.65 9.56 -26.12
CA CYS S 40 75.81 8.55 -25.11
C CYS S 40 74.93 8.95 -23.94
N ILE S 41 74.44 7.96 -23.24
CA ILE S 41 73.61 8.20 -22.08
C ILE S 41 74.30 7.54 -20.91
N THR S 42 74.10 8.13 -19.74
CA THR S 42 74.68 7.65 -18.50
C THR S 42 73.70 6.65 -17.92
N LEU S 43 74.20 5.45 -17.59
CA LEU S 43 73.34 4.35 -17.16
C LEU S 43 74.09 3.50 -16.13
N GLY S 44 73.36 2.58 -15.48
CA GLY S 44 73.97 1.74 -14.47
C GLY S 44 74.58 0.51 -15.11
N LYS S 45 75.12 -0.36 -14.26
CA LYS S 45 75.76 -1.56 -14.78
C LYS S 45 74.71 -2.48 -15.40
N ALA S 46 75.11 -3.22 -16.44
CA ALA S 46 74.14 -4.04 -17.16
C ALA S 46 73.48 -5.07 -16.21
N PRO S 47 72.12 -5.09 -16.11
CA PRO S 47 71.46 -6.10 -15.27
C PRO S 47 70.96 -7.34 -15.99
N ASP S 48 70.78 -8.45 -15.25
CA ASP S 48 70.05 -9.60 -15.77
C ASP S 48 68.57 -9.31 -15.80
N LEU S 49 67.96 -9.57 -16.94
CA LEU S 49 66.59 -9.14 -17.15
C LEU S 49 65.58 -10.26 -17.00
N ASN S 50 66.02 -11.45 -16.59
CA ASN S 50 65.10 -12.58 -16.50
C ASN S 50 63.98 -12.28 -15.51
N LYS S 51 64.31 -11.70 -14.38
CA LYS S 51 63.25 -11.32 -13.47
C LYS S 51 63.00 -9.82 -13.53
N ALA S 52 63.98 -9.03 -14.00
CA ALA S 52 63.79 -7.58 -14.13
C ALA S 52 62.56 -7.31 -14.97
N TYR S 53 62.35 -8.14 -16.00
CA TYR S 53 61.16 -8.07 -16.82
C TYR S 53 59.93 -8.31 -15.94
N LYS S 54 60.01 -9.27 -15.01
CA LYS S 54 58.86 -9.56 -14.15
C LYS S 54 58.57 -8.37 -13.22
N SER S 55 59.64 -7.71 -12.75
CA SER S 55 59.48 -6.54 -11.88
C SER S 55 58.73 -5.46 -12.63
N VAL S 56 59.16 -5.17 -13.85
CA VAL S 56 58.53 -4.10 -14.59
C VAL S 56 57.08 -4.49 -14.88
N LEU S 57 56.84 -5.78 -15.14
CA LEU S 57 55.49 -6.29 -15.40
C LEU S 57 54.58 -6.10 -14.20
N SER S 58 55.10 -6.36 -13.00
CA SER S 58 54.36 -6.09 -11.78
C SER S 58 54.00 -4.61 -11.70
N GLY S 59 54.96 -3.74 -12.03
CA GLY S 59 54.70 -2.31 -12.00
C GLY S 59 53.60 -1.91 -12.97
N MET S 60 53.61 -2.52 -14.15
CA MET S 60 52.56 -2.30 -15.13
C MET S 60 51.22 -2.78 -14.60
N SER S 61 51.23 -3.97 -14.01
CA SER S 61 50.07 -4.59 -13.46
C SER S 61 49.58 -3.83 -12.24
N ALA S 62 50.50 -3.26 -11.45
CA ALA S 62 50.19 -2.50 -10.24
C ALA S 62 50.24 -0.98 -10.33
N ALA S 63 50.57 -0.40 -11.50
CA ALA S 63 50.75 1.03 -11.64
C ALA S 63 51.92 1.56 -10.80
N LYS S 64 52.88 0.69 -10.44
CA LYS S 64 54.02 1.14 -9.67
C LYS S 64 55.30 0.84 -10.45
N LEU S 65 55.89 1.84 -11.10
CA LEU S 65 57.07 1.61 -11.93
C LEU S 65 58.20 2.56 -11.55
N ASP S 66 59.42 2.01 -11.57
CA ASP S 66 60.59 2.77 -11.22
C ASP S 66 61.32 3.19 -12.48
N PRO S 67 61.52 4.48 -12.69
CA PRO S 67 62.17 4.95 -13.92
C PRO S 67 63.56 4.39 -14.17
N ASP S 68 64.44 4.34 -13.18
CA ASP S 68 65.81 3.89 -13.45
C ASP S 68 65.84 2.45 -13.94
N ASP S 69 65.00 1.58 -13.35
CA ASP S 69 64.95 0.19 -13.78
C ASP S 69 64.45 0.08 -15.20
N VAL S 70 63.43 0.86 -15.53
CA VAL S 70 62.90 0.81 -16.87
C VAL S 70 63.98 1.20 -17.88
N CYS S 71 64.77 2.24 -17.60
CA CYS S 71 65.81 2.68 -18.55
C CYS S 71 66.92 1.65 -18.76
N SER S 72 67.39 1.02 -17.68
CA SER S 72 68.42 0.00 -17.84
C SER S 72 67.90 -1.20 -18.62
N TYR S 73 66.64 -1.58 -18.37
CA TYR S 73 66.03 -2.72 -19.04
C TYR S 73 65.93 -2.52 -20.55
N LEU S 74 65.52 -1.31 -20.96
CA LEU S 74 65.40 -0.96 -22.37
C LEU S 74 66.76 -0.94 -23.06
N ALA S 75 67.78 -0.41 -22.38
CA ALA S 75 69.11 -0.38 -22.96
C ALA S 75 69.66 -1.78 -23.17
N ALA S 76 69.44 -2.67 -22.18
CA ALA S 76 69.87 -4.06 -22.30
C ALA S 76 69.12 -4.77 -23.40
N ALA S 77 67.81 -4.51 -23.53
CA ALA S 77 67.00 -5.19 -24.51
C ALA S 77 67.33 -4.80 -25.96
N MET S 78 68.05 -3.69 -26.19
CA MET S 78 68.37 -3.24 -27.56
C MET S 78 69.16 -4.26 -28.34
N GLN S 79 69.93 -5.09 -27.65
CA GLN S 79 70.70 -6.13 -28.32
C GLN S 79 69.81 -7.21 -28.94
N PHE S 80 68.63 -7.48 -28.35
CA PHE S 80 67.72 -8.50 -28.84
C PHE S 80 67.27 -8.24 -30.28
N PHE S 81 67.05 -6.96 -30.63
CA PHE S 81 66.55 -6.57 -31.95
C PHE S 81 67.72 -6.31 -32.89
N GLU S 82 67.83 -7.10 -33.95
CA GLU S 82 68.94 -6.89 -34.88
C GLU S 82 68.44 -7.06 -36.32
N GLY S 83 69.06 -6.30 -37.24
CA GLY S 83 68.75 -6.41 -38.65
C GLY S 83 69.88 -5.92 -39.54
N THR S 84 69.89 -6.39 -40.79
CA THR S 84 70.89 -5.94 -41.76
C THR S 84 70.59 -4.54 -42.31
N CYS S 85 71.66 -3.76 -42.53
CA CYS S 85 71.54 -2.40 -43.08
C CYS S 85 71.48 -2.47 -44.60
N PRO S 86 70.44 -1.91 -45.25
CA PRO S 86 70.32 -2.04 -46.72
C PRO S 86 71.37 -1.30 -47.51
N GLU S 87 71.72 -0.09 -47.09
CA GLU S 87 72.65 0.76 -47.81
C GLU S 87 73.56 1.42 -46.78
N ASP S 88 74.64 2.05 -47.27
CA ASP S 88 75.55 2.76 -46.37
C ASP S 88 74.82 3.87 -45.62
N TRP S 89 75.01 3.92 -44.30
CA TRP S 89 74.30 4.82 -43.39
C TRP S 89 75.28 5.88 -42.87
N THR S 90 75.14 7.10 -43.36
CA THR S 90 75.99 8.25 -43.04
C THR S 90 75.19 9.30 -42.26
N SER S 91 75.67 9.68 -41.06
CA SER S 91 75.04 10.75 -40.29
C SER S 91 75.69 12.05 -40.73
N TYR S 92 75.55 13.14 -39.95
CA TYR S 92 76.09 14.41 -40.41
C TYR S 92 77.62 14.32 -40.60
N GLY S 93 78.33 13.70 -39.64
CA GLY S 93 79.78 13.56 -39.78
C GLY S 93 80.30 12.17 -39.43
N ILE S 94 79.41 11.27 -39.02
CA ILE S 94 79.71 9.89 -38.67
C ILE S 94 79.06 8.93 -39.67
N VAL S 95 79.79 7.83 -39.97
CA VAL S 95 79.26 6.69 -40.74
C VAL S 95 78.91 5.64 -39.68
N ILE S 96 77.61 5.58 -39.35
CA ILE S 96 77.12 4.69 -38.31
C ILE S 96 77.06 3.24 -38.78
N ALA S 97 76.92 3.02 -40.10
CA ALA S 97 76.81 1.66 -40.60
C ALA S 97 77.12 1.64 -42.08
N ARG S 98 77.42 0.45 -42.59
CA ARG S 98 77.67 0.22 -44.00
C ARG S 98 76.78 -0.92 -44.47
N LYS S 99 76.42 -0.92 -45.76
CA LYS S 99 75.48 -1.91 -46.29
C LYS S 99 76.01 -3.33 -46.10
N GLY S 100 75.10 -4.25 -45.78
CA GLY S 100 75.42 -5.64 -45.54
C GLY S 100 75.94 -5.93 -44.17
N ASP S 101 75.93 -4.93 -43.28
CA ASP S 101 76.34 -5.09 -41.89
C ASP S 101 75.09 -5.15 -41.06
N LYS S 102 75.00 -6.17 -40.22
CA LYS S 102 73.86 -6.24 -39.31
C LYS S 102 74.06 -5.25 -38.18
N ILE S 103 72.97 -4.59 -37.74
CA ILE S 103 73.05 -3.53 -36.73
C ILE S 103 71.92 -3.66 -35.71
N THR S 104 72.13 -3.08 -34.53
CA THR S 104 71.14 -3.08 -33.45
C THR S 104 70.82 -1.65 -33.00
N PRO S 105 69.74 -1.45 -32.23
CA PRO S 105 69.50 -0.14 -31.58
C PRO S 105 70.67 0.25 -30.69
N GLY S 106 71.29 -0.75 -30.04
CA GLY S 106 72.47 -0.74 -29.20
C GLY S 106 73.76 -0.35 -29.89
N SER S 107 73.76 -0.13 -31.23
CA SER S 107 74.98 0.22 -31.99
C SER S 107 75.49 1.64 -31.73
N LEU S 108 76.02 1.84 -30.52
CA LEU S 108 76.57 3.10 -30.00
C LEU S 108 77.99 2.83 -29.50
N VAL S 109 78.94 3.70 -29.88
CA VAL S 109 80.36 3.46 -29.60
C VAL S 109 80.65 3.47 -28.09
N GLU S 110 79.96 4.32 -27.30
CA GLU S 110 80.20 4.38 -25.84
C GLU S 110 78.90 4.34 -25.02
N ILE S 111 78.36 3.13 -24.85
CA ILE S 111 77.31 2.90 -23.86
C ILE S 111 77.96 3.04 -22.49
N LYS S 112 77.35 3.80 -21.58
CA LYS S 112 77.94 4.12 -20.28
C LYS S 112 77.45 3.21 -19.16
N ARG S 113 78.37 2.47 -18.54
CA ARG S 113 78.08 1.62 -17.37
C ARG S 113 78.76 2.24 -16.14
N THR S 114 77.99 2.45 -15.08
CA THR S 114 78.51 3.06 -13.84
C THR S 114 78.60 2.08 -12.66
N ASP S 115 78.41 0.77 -12.89
CA ASP S 115 78.48 -0.25 -11.84
C ASP S 115 77.50 0.03 -10.70
N VAL S 116 76.26 0.37 -11.07
CA VAL S 116 75.23 0.75 -10.11
C VAL S 116 74.08 -0.26 -10.20
N GLU S 117 73.62 -0.74 -9.06
CA GLU S 117 72.56 -1.72 -8.97
C GLU S 117 71.20 -1.01 -8.90
N GLY S 118 70.14 -1.74 -9.25
CA GLY S 118 68.79 -1.20 -9.19
C GLY S 118 67.93 -1.90 -8.16
N ASN S 119 66.81 -1.28 -7.74
CA ASN S 119 65.98 -1.91 -6.70
C ASN S 119 65.19 -3.11 -7.20
N TRP S 120 64.91 -3.20 -8.52
CA TRP S 120 64.09 -4.24 -9.18
C TRP S 120 63.14 -4.95 -8.20
N ALA S 121 62.20 -4.23 -7.62
CA ALA S 121 61.29 -4.83 -6.66
C ALA S 121 60.00 -5.17 -7.39
N LEU S 122 59.36 -6.23 -6.93
CA LEU S 122 58.30 -6.88 -7.68
C LEU S 122 57.02 -6.99 -6.86
N THR S 123 55.92 -6.41 -7.34
CA THR S 123 54.66 -6.49 -6.61
C THR S 123 53.51 -6.76 -7.56
N GLY S 124 53.48 -7.98 -8.13
CA GLY S 124 52.39 -8.34 -9.01
C GLY S 124 51.98 -9.80 -8.89
N GLY S 125 50.82 -10.10 -9.49
CA GLY S 125 50.23 -11.41 -9.54
C GLY S 125 50.86 -12.40 -10.51
N MET S 126 51.30 -11.90 -11.69
CA MET S 126 51.94 -12.70 -12.74
C MET S 126 53.19 -13.42 -12.22
N GLU S 127 53.22 -14.74 -12.47
CA GLU S 127 54.26 -15.62 -11.94
C GLU S 127 55.39 -15.77 -12.95
N LEU S 128 55.08 -16.25 -14.15
CA LEU S 128 56.05 -16.42 -15.24
C LEU S 128 57.33 -17.04 -14.70
N THR S 129 57.16 -18.23 -14.10
CA THR S 129 58.29 -18.96 -13.54
C THR S 129 59.38 -19.19 -14.59
N ARG S 130 58.97 -19.47 -15.82
CA ARG S 130 59.98 -19.75 -16.83
C ARG S 130 60.66 -18.45 -17.26
N ASP S 131 61.88 -18.58 -17.77
CA ASP S 131 62.61 -17.42 -18.27
C ASP S 131 61.90 -16.81 -19.48
N PRO S 132 61.80 -15.49 -19.57
CA PRO S 132 61.00 -14.88 -20.65
C PRO S 132 61.66 -15.07 -22.00
N THR S 133 60.81 -15.20 -23.02
CA THR S 133 61.22 -15.32 -24.41
C THR S 133 61.40 -13.95 -25.03
N VAL S 134 62.13 -13.91 -26.14
CA VAL S 134 62.34 -12.63 -26.83
C VAL S 134 61.00 -11.93 -27.07
N PRO S 135 59.92 -12.64 -27.61
CA PRO S 135 58.56 -12.02 -27.69
C PRO S 135 58.09 -11.31 -26.43
N GLU S 136 58.20 -12.02 -25.30
CA GLU S 136 57.81 -11.46 -24.01
C GLU S 136 58.59 -10.17 -23.74
N HIS S 137 59.91 -10.18 -24.02
CA HIS S 137 60.71 -8.96 -23.86
C HIS S 137 60.26 -7.84 -24.81
N ALA S 138 60.04 -8.15 -26.11
CA ALA S 138 59.69 -7.11 -27.06
C ALA S 138 58.33 -6.49 -26.77
N SER S 139 57.34 -7.31 -26.35
CA SER S 139 56.03 -6.74 -25.99
C SER S 139 56.16 -5.77 -24.80
N LEU S 140 56.98 -6.13 -23.81
CA LEU S 140 57.18 -5.20 -22.69
C LEU S 140 57.92 -3.95 -23.15
N VAL S 141 58.97 -4.10 -23.99
CA VAL S 141 59.73 -2.94 -24.48
C VAL S 141 58.80 -1.97 -25.19
N GLY S 142 57.91 -2.50 -26.05
CA GLY S 142 56.96 -1.64 -26.73
C GLY S 142 55.96 -0.99 -25.77
N LEU S 143 55.44 -1.78 -24.83
CA LEU S 143 54.49 -1.22 -23.86
C LEU S 143 55.15 -0.09 -23.08
N LEU S 144 56.40 -0.29 -22.68
CA LEU S 144 57.14 0.72 -21.94
C LEU S 144 57.33 1.98 -22.77
N LEU S 145 57.76 1.81 -24.02
CA LEU S 145 57.95 2.98 -24.87
C LEU S 145 56.62 3.70 -25.13
N SER S 146 55.49 2.97 -25.16
CA SER S 146 54.19 3.60 -25.40
C SER S 146 53.80 4.60 -24.32
N LEU S 147 54.36 4.46 -23.13
CA LEU S 147 54.07 5.43 -22.09
C LEU S 147 54.51 6.83 -22.50
N TYR S 148 55.62 6.92 -23.25
CA TYR S 148 56.16 8.22 -23.61
C TYR S 148 55.16 9.03 -24.43
N ARG S 149 54.55 8.40 -25.43
CA ARG S 149 53.54 9.08 -26.23
C ARG S 149 52.31 9.47 -25.40
N LEU S 150 51.87 8.58 -24.52
CA LEU S 150 50.70 8.85 -23.68
C LEU S 150 50.95 10.03 -22.74
N SER S 151 52.16 10.12 -22.18
CA SER S 151 52.55 11.23 -21.31
C SER S 151 52.57 12.54 -22.06
N LYS S 152 53.09 12.51 -23.30
CA LYS S 152 53.19 13.71 -24.13
C LYS S 152 51.82 14.27 -24.45
N ILE S 153 50.81 13.40 -24.65
CA ILE S 153 49.49 13.91 -25.03
C ILE S 153 49.04 14.99 -24.08
N SER S 154 48.87 14.67 -22.80
CA SER S 154 48.45 15.70 -21.85
C SER S 154 47.24 16.46 -22.42
N GLY S 155 47.34 17.79 -22.51
CA GLY S 155 46.25 18.62 -23.04
C GLY S 155 44.95 18.60 -22.23
N GLN S 156 43.94 19.28 -22.78
CA GLN S 156 42.61 19.26 -22.18
C GLN S 156 41.64 18.72 -23.22
N ASN S 157 40.57 18.09 -22.76
CA ASN S 157 39.54 17.46 -23.61
C ASN S 157 40.12 16.42 -24.56
N THR S 158 41.34 15.98 -24.25
CA THR S 158 42.04 14.95 -24.98
C THR S 158 41.88 13.56 -24.37
N GLY S 159 41.14 13.47 -23.25
CA GLY S 159 41.09 12.23 -22.50
C GLY S 159 40.57 11.09 -23.33
N ASN S 160 39.36 11.24 -23.86
CA ASN S 160 38.80 10.20 -24.70
C ASN S 160 39.75 9.83 -25.84
N TYR S 161 40.52 10.81 -26.36
CA TYR S 161 41.47 10.51 -27.44
C TYR S 161 42.65 9.68 -26.92
N LYS S 162 43.18 10.03 -25.75
CA LYS S 162 44.28 9.29 -25.15
C LYS S 162 43.88 7.84 -24.86
N THR S 163 42.65 7.64 -24.37
CA THR S 163 42.19 6.29 -24.08
C THR S 163 42.12 5.46 -25.36
N ASN S 164 41.64 6.03 -26.48
CA ASN S 164 41.56 5.27 -27.72
C ASN S 164 42.92 4.85 -28.24
N ILE S 165 43.90 5.75 -28.22
CA ILE S 165 45.23 5.34 -28.73
C ILE S 165 45.86 4.31 -27.80
N ALA S 166 45.64 4.46 -26.49
CA ALA S 166 46.20 3.47 -25.59
C ALA S 166 45.59 2.09 -25.87
N ASP S 167 44.27 2.02 -26.10
CA ASP S 167 43.64 0.74 -26.44
C ASP S 167 44.23 0.16 -27.70
N ARG S 168 44.49 1.02 -28.68
CA ARG S 168 45.13 0.59 -29.92
C ARG S 168 46.52 0.01 -29.62
N ILE S 169 47.27 0.67 -28.73
CA ILE S 169 48.63 0.24 -28.36
C ILE S 169 48.62 -1.13 -27.67
N GLU S 170 47.67 -1.34 -26.76
CA GLU S 170 47.61 -2.64 -26.07
C GLU S 170 47.25 -3.75 -27.06
N GLN S 171 46.35 -3.47 -28.00
CA GLN S 171 46.00 -4.46 -29.01
C GLN S 171 47.20 -4.79 -29.91
N ILE S 172 48.04 -3.80 -30.23
CA ILE S 172 49.23 -4.06 -31.07
C ILE S 172 50.10 -5.10 -30.40
N PHE S 173 50.46 -4.86 -29.13
CA PHE S 173 51.42 -5.70 -28.40
C PHE S 173 50.80 -6.97 -27.78
N GLU S 174 49.49 -7.18 -27.88
CA GLU S 174 48.82 -8.43 -27.49
C GLU S 174 48.62 -9.39 -28.67
N THR S 175 48.93 -8.97 -29.91
CA THR S 175 48.79 -9.76 -31.13
C THR S 175 50.17 -10.12 -31.67
N ALA S 176 50.26 -11.23 -32.42
CA ALA S 176 51.56 -11.70 -32.89
C ALA S 176 52.17 -10.69 -33.86
N PRO S 177 53.52 -10.46 -33.81
CA PRO S 177 54.59 -11.27 -33.19
C PRO S 177 54.81 -11.04 -31.68
N PHE S 178 53.99 -10.19 -31.06
CA PHE S 178 54.08 -9.90 -29.65
C PHE S 178 53.11 -10.80 -28.87
N VAL S 179 53.35 -10.95 -27.58
CA VAL S 179 52.52 -11.80 -26.73
C VAL S 179 51.80 -10.97 -25.67
N LYS S 180 50.56 -11.33 -25.36
CA LYS S 180 49.76 -10.60 -24.37
C LYS S 180 50.28 -10.93 -22.97
N ILE S 181 50.87 -9.94 -22.31
CA ILE S 181 51.43 -10.14 -20.97
C ILE S 181 50.77 -9.26 -19.91
N VAL S 182 50.00 -8.24 -20.27
CA VAL S 182 49.51 -7.29 -19.29
C VAL S 182 47.99 -7.28 -19.18
N GLU S 183 47.31 -8.30 -19.67
CA GLU S 183 45.85 -8.24 -19.66
C GLU S 183 45.42 -6.90 -20.26
N HIS S 184 44.30 -6.33 -19.84
CA HIS S 184 43.77 -5.11 -20.45
C HIS S 184 43.81 -3.95 -19.46
N HIS S 185 43.84 -2.74 -20.00
CA HIS S 185 43.72 -1.48 -19.25
C HIS S 185 44.82 -1.22 -18.24
N THR S 186 45.78 -2.13 -18.07
CA THR S 186 46.90 -1.89 -17.16
C THR S 186 47.77 -0.72 -17.65
N LEU S 187 47.85 -0.52 -18.98
CA LEU S 187 48.68 0.54 -19.56
C LEU S 187 48.16 1.92 -19.15
N MET S 188 46.83 2.08 -19.11
CA MET S 188 46.23 3.35 -18.70
C MET S 188 46.57 3.68 -17.25
N THR S 189 46.50 2.68 -16.36
CA THR S 189 46.76 2.93 -14.94
C THR S 189 48.21 3.31 -14.68
N THR S 190 49.16 2.62 -15.33
CA THR S 190 50.58 2.95 -15.19
C THR S 190 50.87 4.35 -15.75
N HIS S 191 50.19 4.74 -16.82
CA HIS S 191 50.35 6.08 -17.38
C HIS S 191 49.89 7.14 -16.41
N LYS S 192 48.80 6.86 -15.66
CA LYS S 192 48.29 7.82 -14.70
C LYS S 192 49.35 8.17 -13.67
N MET S 193 50.12 7.18 -13.23
CA MET S 193 51.25 7.40 -12.35
C MET S 193 52.48 7.90 -13.10
N CYS S 194 52.52 7.73 -14.43
CA CYS S 194 53.64 8.18 -15.26
C CYS S 194 53.19 9.27 -16.25
N ALA S 195 52.35 10.21 -15.78
CA ALA S 195 51.79 11.21 -16.68
C ALA S 195 52.84 12.22 -17.12
N ASN S 196 53.86 12.46 -16.31
CA ASN S 196 54.88 13.42 -16.69
C ASN S 196 56.19 12.73 -17.07
N TRP S 197 56.14 11.43 -17.40
CA TRP S 197 57.36 10.68 -17.67
C TRP S 197 58.06 11.17 -18.92
N SER S 198 57.33 11.89 -19.76
CA SER S 198 57.93 12.51 -20.94
C SER S 198 59.07 13.45 -20.55
N THR S 199 58.99 14.09 -19.37
CA THR S 199 60.04 15.03 -18.95
C THR S 199 61.36 14.32 -18.71
N ILE S 200 61.34 13.04 -18.34
CA ILE S 200 62.57 12.29 -18.06
C ILE S 200 63.45 12.19 -19.30
N PRO S 201 64.68 12.72 -19.26
CA PRO S 201 65.51 12.74 -20.48
C PRO S 201 65.95 11.36 -20.92
N ASN S 202 66.32 10.48 -19.98
CA ASN S 202 66.82 9.16 -20.39
C ASN S 202 65.74 8.37 -21.11
N PHE S 203 64.51 8.47 -20.62
CA PHE S 203 63.40 7.78 -21.26
C PHE S 203 63.19 8.26 -22.70
N ARG S 204 63.24 9.59 -22.91
CA ARG S 204 63.13 10.16 -24.25
C ARG S 204 64.27 9.72 -25.14
N PHE S 205 65.50 9.73 -24.62
CA PHE S 205 66.66 9.36 -25.44
C PHE S 205 66.52 7.94 -25.97
N LEU S 206 66.10 7.01 -25.11
CA LEU S 206 65.95 5.64 -25.54
C LEU S 206 64.85 5.50 -26.58
N ALA S 207 63.72 6.19 -26.37
CA ALA S 207 62.61 6.13 -27.32
C ALA S 207 63.02 6.62 -28.70
N GLY S 208 63.80 7.72 -28.74
CA GLY S 208 64.31 8.22 -30.02
C GLY S 208 65.26 7.26 -30.71
N THR S 209 66.14 6.60 -29.92
CA THR S 209 67.06 5.61 -30.48
C THR S 209 66.31 4.47 -31.12
N TYR S 210 65.30 3.97 -30.41
CA TYR S 210 64.52 2.87 -30.95
C TYR S 210 63.85 3.28 -32.24
N ASP S 211 63.26 4.48 -32.27
CA ASP S 211 62.52 4.91 -33.47
C ASP S 211 63.45 5.07 -34.66
N MET S 212 64.64 5.67 -34.46
CA MET S 212 65.56 5.86 -35.58
C MET S 212 65.98 4.52 -36.17
N PHE S 213 66.25 3.52 -35.31
CA PHE S 213 66.65 2.19 -35.79
C PHE S 213 65.54 1.55 -36.62
N PHE S 214 64.30 1.57 -36.10
CA PHE S 214 63.20 0.88 -36.79
C PHE S 214 62.86 1.56 -38.11
N SER S 215 63.06 2.88 -38.21
CA SER S 215 62.81 3.56 -39.47
C SER S 215 63.79 3.12 -40.55
N ARG S 216 65.06 3.01 -40.17
CA ARG S 216 66.08 2.59 -41.13
C ARG S 216 66.00 1.10 -41.44
N ILE S 217 65.83 0.26 -40.40
CA ILE S 217 65.90 -1.20 -40.54
C ILE S 217 64.54 -1.81 -40.29
N GLU S 218 64.02 -2.54 -41.28
CA GLU S 218 62.77 -3.26 -41.07
C GLU S 218 63.01 -4.43 -40.14
N HIS S 219 62.09 -4.64 -39.20
CA HIS S 219 62.24 -5.69 -38.22
C HIS S 219 60.87 -6.32 -37.96
N LEU S 220 60.89 -7.51 -37.36
CA LEU S 220 59.66 -8.19 -36.98
C LEU S 220 58.88 -7.40 -35.94
N TYR S 221 59.59 -6.75 -35.04
CA TYR S 221 59.00 -5.98 -33.95
C TYR S 221 59.03 -4.47 -34.25
N SER S 222 58.92 -4.10 -35.54
CA SER S 222 58.89 -2.68 -35.93
C SER S 222 57.64 -2.00 -35.39
N ALA S 223 56.63 -2.78 -35.00
CA ALA S 223 55.38 -2.25 -34.46
C ALA S 223 55.60 -1.49 -33.16
N ILE S 224 56.78 -1.63 -32.55
CA ILE S 224 57.12 -0.88 -31.35
C ILE S 224 57.05 0.62 -31.64
N ARG S 225 57.15 1.01 -32.90
CA ARG S 225 57.21 2.43 -33.26
C ARG S 225 55.95 3.21 -32.86
N VAL S 226 54.83 2.53 -32.57
CA VAL S 226 53.59 3.26 -32.24
C VAL S 226 53.77 4.13 -31.01
N GLY S 227 54.55 3.65 -30.04
CA GLY S 227 54.90 4.47 -28.90
C GLY S 227 55.90 5.57 -29.24
N THR S 228 56.91 5.25 -30.06
CA THR S 228 58.05 6.16 -30.29
C THR S 228 57.89 7.07 -31.48
N VAL S 229 56.80 6.97 -32.24
CA VAL S 229 56.64 7.75 -33.47
C VAL S 229 56.70 9.25 -33.20
N VAL S 230 56.27 9.67 -32.02
CA VAL S 230 56.27 11.09 -31.70
C VAL S 230 57.68 11.65 -31.71
N THR S 231 58.68 10.81 -31.40
CA THR S 231 60.06 11.32 -31.31
C THR S 231 60.54 11.88 -32.65
N ALA S 232 60.08 11.31 -33.76
CA ALA S 232 60.52 11.79 -35.07
C ALA S 232 60.02 13.21 -35.31
N TYR S 233 60.97 14.07 -35.68
CA TYR S 233 60.76 15.50 -35.91
C TYR S 233 60.08 16.15 -34.72
N GLU S 234 60.46 15.70 -33.53
CA GLU S 234 59.85 16.21 -32.31
C GLU S 234 60.25 17.65 -32.09
N ASP S 235 59.28 18.50 -31.74
CA ASP S 235 59.50 19.92 -31.45
C ASP S 235 60.05 20.66 -32.67
N CYS S 236 59.69 20.19 -33.85
CA CYS S 236 60.12 20.80 -35.10
C CYS S 236 58.90 21.12 -35.96
N SER S 237 57.76 21.37 -35.31
CA SER S 237 56.51 21.55 -36.04
C SER S 237 56.59 22.68 -37.02
N GLY S 238 57.35 23.73 -36.73
CA GLY S 238 57.47 24.79 -37.71
C GLY S 238 58.02 24.28 -39.03
N LEU S 239 59.14 23.54 -38.96
CA LEU S 239 59.70 23.01 -40.20
C LEU S 239 58.71 22.10 -40.90
N VAL S 240 58.09 21.20 -40.14
CA VAL S 240 57.11 20.26 -40.71
C VAL S 240 55.99 21.02 -41.38
N SER S 241 55.55 22.10 -40.74
CA SER S 241 54.46 22.90 -41.29
C SER S 241 54.86 23.51 -42.62
N PHE S 242 56.12 23.92 -42.76
CA PHE S 242 56.57 24.49 -44.02
C PHE S 242 56.55 23.46 -45.14
N THR S 243 57.06 22.26 -44.88
CA THR S 243 57.05 21.22 -45.90
C THR S 243 55.62 20.87 -46.34
N GLY S 244 54.69 20.75 -45.40
CA GLY S 244 53.30 20.49 -45.77
C GLY S 244 52.70 21.62 -46.59
N PHE S 245 53.06 22.86 -46.25
CA PHE S 245 52.59 24.03 -46.99
C PHE S 245 53.07 23.96 -48.44
N ILE S 246 54.33 23.60 -48.66
CA ILE S 246 54.87 23.46 -50.01
C ILE S 246 54.11 22.42 -50.80
N LYS S 247 53.81 21.27 -50.17
CA LYS S 247 53.12 20.19 -50.88
C LYS S 247 51.66 20.54 -51.15
N GLN S 248 50.97 21.11 -50.15
CA GLN S 248 49.57 21.44 -50.37
C GLN S 248 49.42 22.51 -51.44
N ILE S 249 50.30 23.51 -51.40
CA ILE S 249 50.23 24.62 -52.34
C ILE S 249 50.80 24.25 -53.70
N ASN S 250 51.55 23.15 -53.77
CA ASN S 250 52.14 22.64 -55.00
C ASN S 250 53.11 23.64 -55.62
N LEU S 251 53.93 24.27 -54.79
CA LEU S 251 54.96 25.19 -55.25
C LEU S 251 56.32 24.73 -54.71
N THR S 252 57.38 25.29 -55.28
CA THR S 252 58.73 25.00 -54.83
C THR S 252 59.05 25.80 -53.57
N ALA S 253 59.80 25.16 -52.65
CA ALA S 253 60.21 25.77 -51.40
C ALA S 253 60.68 27.22 -51.58
N ARG S 254 61.56 27.44 -52.56
CA ARG S 254 62.10 28.79 -52.81
C ARG S 254 61.00 29.77 -53.23
N GLU S 255 60.27 29.45 -54.30
CA GLU S 255 59.22 30.35 -54.76
C GLU S 255 58.21 30.65 -53.65
N ALA S 256 57.95 29.67 -52.77
CA ALA S 256 57.01 29.92 -51.70
C ALA S 256 57.52 31.02 -50.76
N ILE S 257 58.82 31.01 -50.41
CA ILE S 257 59.34 32.06 -49.51
C ILE S 257 59.24 33.45 -50.13
N LEU S 258 59.32 33.54 -51.47
CA LEU S 258 59.19 34.83 -52.15
C LEU S 258 57.85 35.49 -51.89
N TYR S 259 56.80 34.67 -51.73
CA TYR S 259 55.49 35.23 -51.42
C TYR S 259 55.46 35.80 -50.00
N PHE S 260 56.48 35.50 -49.19
CA PHE S 260 56.55 35.96 -47.79
C PHE S 260 57.02 37.41 -47.74
N PHE S 261 56.07 38.36 -47.78
CA PHE S 261 56.41 39.79 -47.89
C PHE S 261 56.47 40.53 -46.55
N HIS S 262 57.43 40.16 -45.71
CA HIS S 262 57.59 40.92 -44.48
C HIS S 262 58.98 40.76 -43.87
N LYS S 263 59.38 41.81 -43.15
CA LYS S 263 60.72 41.82 -42.56
C LYS S 263 60.91 40.72 -41.51
N ASN S 264 59.88 40.44 -40.73
CA ASN S 264 60.07 39.51 -39.62
C ASN S 264 60.49 38.12 -40.13
N PHE S 265 60.06 37.75 -41.34
CA PHE S 265 60.31 36.41 -41.86
C PHE S 265 61.80 36.11 -42.03
N GLU S 266 62.62 37.13 -42.24
CA GLU S 266 64.03 36.92 -42.56
C GLU S 266 64.74 36.11 -41.49
N GLU S 267 64.59 36.53 -40.23
CA GLU S 267 65.29 35.84 -39.13
C GLU S 267 64.86 34.38 -39.07
N GLU S 268 63.56 34.14 -39.23
CA GLU S 268 63.02 32.80 -39.14
C GLU S 268 63.47 31.95 -40.34
N ILE S 269 63.43 32.51 -41.54
CA ILE S 269 63.84 31.73 -42.71
C ILE S 269 65.31 31.33 -42.58
N ARG S 270 66.15 32.26 -42.13
CA ARG S 270 67.55 31.95 -41.91
C ARG S 270 67.72 30.89 -40.83
N ARG S 271 66.92 30.98 -39.76
CA ARG S 271 67.08 30.05 -38.65
C ARG S 271 66.76 28.62 -39.06
N MET S 272 65.65 28.41 -39.80
CA MET S 272 65.22 27.07 -40.15
C MET S 272 66.00 26.49 -41.32
N PHE S 273 66.62 27.33 -42.12
CA PHE S 273 67.36 26.85 -43.26
C PHE S 273 68.86 27.08 -43.08
N GLU S 274 69.32 27.08 -41.83
CA GLU S 274 70.75 27.19 -41.56
C GLU S 274 71.46 25.97 -42.16
N PRO S 275 72.52 26.16 -42.92
CA PRO S 275 73.17 25.01 -43.58
C PRO S 275 73.89 24.15 -42.56
N GLY S 276 74.29 22.96 -43.01
CA GLY S 276 75.01 22.04 -42.15
C GLY S 276 74.16 21.08 -41.36
N GLN S 277 72.85 21.29 -41.33
CA GLN S 277 71.91 20.38 -40.70
C GLN S 277 71.33 19.44 -41.75
N GLU S 278 71.38 18.14 -41.48
CA GLU S 278 70.96 17.14 -42.45
C GLU S 278 69.43 17.02 -42.58
N THR S 279 68.78 18.13 -42.96
CA THR S 279 67.33 18.10 -43.16
C THR S 279 66.92 17.20 -44.31
N ALA S 280 67.67 17.24 -45.42
CA ALA S 280 67.28 16.46 -46.59
C ALA S 280 67.58 14.96 -46.43
N VAL S 281 68.57 14.59 -45.61
CA VAL S 281 68.95 13.17 -45.54
C VAL S 281 67.81 12.35 -44.96
N PRO S 282 67.41 11.25 -45.61
CA PRO S 282 66.23 10.51 -45.13
C PRO S 282 66.37 9.92 -43.74
N HIS S 283 67.51 9.34 -43.39
CA HIS S 283 67.58 8.72 -42.07
C HIS S 283 68.62 9.39 -41.20
N SER S 284 68.85 10.69 -41.40
CA SER S 284 69.89 11.36 -40.64
C SER S 284 69.51 11.45 -39.16
N TYR S 285 70.52 11.78 -38.33
CA TYR S 285 70.28 11.97 -36.91
C TYR S 285 69.40 13.18 -36.63
N PHE S 286 69.35 14.12 -37.57
CA PHE S 286 68.62 15.37 -37.39
C PHE S 286 67.12 15.14 -37.09
N ILE S 287 66.50 14.13 -37.71
CA ILE S 287 65.07 13.89 -37.53
C ILE S 287 64.77 13.57 -36.08
N HIS S 288 65.72 12.99 -35.36
CA HIS S 288 65.53 12.63 -33.98
C HIS S 288 66.43 13.43 -33.05
N PHE S 289 66.90 14.59 -33.52
CA PHE S 289 67.86 15.34 -32.71
C PHE S 289 67.25 15.81 -31.40
N ARG S 290 66.00 16.24 -31.44
CA ARG S 290 65.39 16.75 -30.22
C ARG S 290 65.23 15.63 -29.18
N SER S 291 64.84 14.42 -29.61
CA SER S 291 64.74 13.30 -28.67
C SER S 291 66.12 12.93 -28.12
N LEU S 292 67.12 12.85 -29.00
CA LEU S 292 68.49 12.53 -28.60
C LEU S 292 69.13 13.75 -27.93
N GLY S 293 70.46 13.76 -27.86
CA GLY S 293 71.21 14.90 -27.35
C GLY S 293 71.37 16.04 -28.35
N LEU S 294 72.21 17.03 -28.00
CA LEU S 294 72.54 18.20 -28.85
C LEU S 294 71.30 18.93 -29.35
N SER S 295 70.31 19.07 -28.46
CA SER S 295 69.04 19.69 -28.83
C SER S 295 68.86 21.07 -28.21
N GLY S 296 68.81 21.15 -26.88
CA GLY S 296 68.50 22.41 -26.26
C GLY S 296 67.09 22.78 -26.66
N LYS S 297 66.86 24.06 -26.93
CA LYS S 297 65.61 24.47 -27.53
C LYS S 297 65.79 24.35 -29.05
N SER S 298 64.76 23.87 -29.73
CA SER S 298 64.81 23.61 -31.17
C SER S 298 64.62 24.90 -31.95
N PRO S 299 65.49 25.21 -32.92
CA PRO S 299 65.26 26.39 -33.75
C PRO S 299 64.16 26.17 -34.78
N TYR S 300 63.64 24.95 -34.87
CA TYR S 300 62.56 24.56 -35.78
C TYR S 300 61.23 24.41 -35.07
N SER S 301 61.16 24.82 -33.80
CA SER S 301 59.92 24.79 -33.04
C SER S 301 58.97 25.86 -33.57
N SER S 302 57.67 25.65 -33.35
CA SER S 302 56.68 26.58 -33.90
C SER S 302 56.85 27.99 -33.35
N ASN S 303 57.28 28.12 -32.09
CA ASN S 303 57.48 29.46 -31.52
C ASN S 303 58.66 30.17 -32.17
N ALA S 304 59.75 29.42 -32.43
CA ALA S 304 60.94 30.00 -33.02
C ALA S 304 60.65 30.54 -34.40
N VAL S 305 59.79 29.86 -35.13
CA VAL S 305 59.50 30.24 -36.51
C VAL S 305 58.04 30.72 -36.54
N GLY S 306 57.67 31.49 -35.50
CA GLY S 306 56.26 31.84 -35.26
C GLY S 306 55.58 32.59 -36.40
N HIS S 307 56.24 33.58 -36.99
CA HIS S 307 55.60 34.37 -38.05
C HIS S 307 55.26 33.50 -39.25
N VAL S 308 56.21 32.65 -39.65
CA VAL S 308 55.98 31.70 -40.74
C VAL S 308 54.88 30.71 -40.35
N PHE S 309 54.94 30.21 -39.13
CA PHE S 309 53.94 29.25 -38.67
C PHE S 309 52.55 29.86 -38.72
N ASN S 310 52.40 31.08 -38.22
CA ASN S 310 51.09 31.70 -38.23
C ASN S 310 50.63 31.92 -39.66
N LEU S 311 51.54 32.40 -40.53
CA LEU S 311 51.13 32.66 -41.90
C LEU S 311 50.70 31.38 -42.59
N ILE S 312 51.44 30.29 -42.41
CA ILE S 312 51.06 29.05 -43.08
C ILE S 312 49.65 28.65 -42.68
N HIS S 313 49.35 28.64 -41.39
CA HIS S 313 48.03 28.19 -40.96
C HIS S 313 46.93 29.20 -41.25
N PHE S 314 47.22 30.49 -41.23
CA PHE S 314 46.23 31.46 -41.68
C PHE S 314 45.83 31.21 -43.13
N VAL S 315 46.81 30.90 -43.99
CA VAL S 315 46.49 30.50 -45.36
C VAL S 315 45.71 29.19 -45.35
N GLY S 316 46.14 28.24 -44.53
CA GLY S 316 45.41 27.00 -44.45
C GLY S 316 43.96 27.22 -44.04
N CYS S 317 43.72 28.09 -43.05
CA CYS S 317 42.33 28.35 -42.70
C CYS S 317 41.58 28.97 -43.86
N TYR S 318 42.20 29.91 -44.58
CA TYR S 318 41.51 30.52 -45.73
C TYR S 318 41.11 29.46 -46.72
N MET S 319 41.92 28.43 -46.84
CA MET S 319 41.62 27.34 -47.72
C MET S 319 40.81 26.23 -47.06
N GLY S 320 40.44 26.41 -45.79
CA GLY S 320 39.62 25.42 -45.12
C GLY S 320 40.31 24.16 -44.62
N GLN S 321 41.64 24.18 -44.48
CA GLN S 321 42.36 23.03 -43.97
C GLN S 321 42.07 22.82 -42.49
N VAL S 322 41.57 21.64 -42.13
CA VAL S 322 41.17 21.42 -40.74
C VAL S 322 42.37 21.52 -39.80
N ARG S 323 43.55 21.06 -40.24
CA ARG S 323 44.72 21.12 -39.38
C ARG S 323 45.03 22.55 -38.97
N SER S 324 44.95 23.49 -39.91
CA SER S 324 45.25 24.87 -39.55
C SER S 324 44.21 25.44 -38.59
N LEU S 325 42.93 25.09 -38.78
CA LEU S 325 41.88 25.60 -37.90
C LEU S 325 42.12 25.24 -36.45
N ASN S 326 42.71 24.08 -36.22
CA ASN S 326 42.93 23.55 -34.88
C ASN S 326 44.32 23.81 -34.34
N ALA S 327 45.19 24.39 -35.15
CA ALA S 327 46.53 24.70 -34.67
C ALA S 327 46.46 25.88 -33.70
N THR S 328 47.44 25.93 -32.79
CA THR S 328 47.50 26.99 -31.80
C THR S 328 48.34 28.18 -32.30
N VAL S 329 47.76 29.38 -32.25
CA VAL S 329 48.41 30.59 -32.77
C VAL S 329 49.53 31.03 -31.85
N ILE S 330 50.61 31.53 -32.42
CA ILE S 330 51.67 32.14 -31.62
C ILE S 330 51.31 33.62 -31.49
N ALA S 331 50.81 34.02 -30.32
CA ALA S 331 50.32 35.39 -30.18
C ALA S 331 51.44 36.39 -30.30
N ALA S 332 52.65 36.02 -29.84
CA ALA S 332 53.76 36.96 -29.83
C ALA S 332 54.16 37.36 -31.26
N CYS S 333 54.12 36.42 -32.20
CA CYS S 333 54.63 36.66 -33.53
C CYS S 333 53.58 37.31 -34.44
N ALA S 334 53.20 38.53 -34.09
CA ALA S 334 52.39 39.43 -34.91
C ALA S 334 51.29 38.69 -35.65
N PRO S 335 50.37 38.05 -34.92
CA PRO S 335 49.36 37.24 -35.60
C PRO S 335 48.46 38.07 -36.49
N HIS S 336 48.13 39.30 -36.11
CA HIS S 336 47.21 40.04 -36.96
C HIS S 336 47.84 40.33 -38.31
N GLU S 337 49.09 40.78 -38.32
CA GLU S 337 49.72 41.07 -39.60
C GLU S 337 49.79 39.81 -40.47
N MET S 338 50.10 38.64 -39.86
CA MET S 338 50.15 37.39 -40.63
C MET S 338 48.80 37.00 -41.22
N SER S 339 47.72 37.25 -40.49
CA SER S 339 46.42 36.91 -41.05
C SER S 339 46.12 37.77 -42.27
N VAL S 340 46.53 39.04 -42.25
CA VAL S 340 46.30 39.87 -43.43
C VAL S 340 47.10 39.33 -44.61
N LEU S 341 48.39 39.04 -44.40
CA LEU S 341 49.17 38.46 -45.48
C LEU S 341 48.60 37.14 -45.92
N GLY S 342 48.09 36.36 -44.98
CA GLY S 342 47.48 35.09 -45.32
C GLY S 342 46.25 35.24 -46.19
N GLY S 343 45.46 36.27 -45.93
CA GLY S 343 44.26 36.48 -46.74
C GLY S 343 44.59 36.68 -48.21
N TYR S 344 45.57 37.53 -48.52
CA TYR S 344 45.95 37.73 -49.90
C TYR S 344 46.55 36.47 -50.49
N LEU S 345 47.42 35.80 -49.72
CA LEU S 345 48.05 34.56 -50.18
C LEU S 345 47.01 33.46 -50.38
N GLY S 346 46.08 33.33 -49.44
CA GLY S 346 45.02 32.36 -49.61
C GLY S 346 44.18 32.66 -50.83
N GLU S 347 43.93 33.95 -51.09
CA GLU S 347 43.14 34.33 -52.24
C GLU S 347 43.76 33.82 -53.53
N GLU S 348 45.08 33.99 -53.67
CA GLU S 348 45.78 33.53 -54.87
C GLU S 348 45.72 32.03 -55.02
N PHE S 349 45.81 31.29 -53.93
CA PHE S 349 45.84 29.83 -53.96
C PHE S 349 44.49 29.13 -53.76
N PHE S 350 43.44 29.84 -53.40
CA PHE S 350 42.15 29.19 -53.14
C PHE S 350 41.30 29.16 -54.41
N GLY S 351 40.90 27.95 -54.82
CA GLY S 351 40.03 27.80 -55.97
C GLY S 351 40.70 27.90 -57.32
N LYS S 352 42.03 27.93 -57.36
CA LYS S 352 42.78 28.10 -58.59
C LYS S 352 43.88 27.05 -58.63
N GLY S 353 44.18 26.57 -59.83
CA GLY S 353 45.27 25.63 -60.02
C GLY S 353 46.02 25.98 -61.28
N THR S 354 47.27 25.55 -61.34
CA THR S 354 48.12 25.73 -62.51
C THR S 354 48.06 24.47 -63.38
N PHE S 355 47.34 24.53 -64.49
CA PHE S 355 47.07 23.36 -65.30
C PHE S 355 47.74 23.45 -66.67
N GLU S 356 48.34 22.33 -67.09
CA GLU S 356 48.99 22.23 -68.40
C GLU S 356 48.77 20.85 -68.99
N ARG S 357 48.61 20.77 -70.30
CA ARG S 357 48.46 19.45 -70.93
C ARG S 357 49.79 18.70 -70.87
N ARG S 358 49.76 17.49 -70.34
CA ARG S 358 50.98 16.67 -70.26
C ARG S 358 50.84 15.34 -70.98
N PHE S 359 49.64 14.92 -71.35
CA PHE S 359 49.40 13.62 -71.96
C PHE S 359 48.80 13.83 -73.32
N PHE S 360 49.37 13.16 -74.34
CA PHE S 360 48.89 13.31 -75.72
C PHE S 360 48.70 11.93 -76.33
N ARG S 361 47.83 11.88 -77.35
CA ARG S 361 47.54 10.64 -78.09
C ARG S 361 48.72 10.20 -78.96
N ASP S 362 49.39 11.16 -79.59
CA ASP S 362 50.46 10.91 -80.54
C ASP S 362 51.69 11.73 -80.19
N GLU S 363 52.87 11.20 -80.54
CA GLU S 363 54.10 11.95 -80.32
C GLU S 363 54.07 13.24 -81.12
N LYS S 364 53.52 13.17 -82.33
CA LYS S 364 53.41 14.35 -83.18
C LYS S 364 52.55 15.40 -82.51
N GLU S 365 51.47 14.95 -81.86
CA GLU S 365 50.61 15.88 -81.13
C GLU S 365 51.40 16.58 -80.02
N LEU S 366 52.32 15.83 -79.39
CA LEU S 366 53.17 16.38 -78.33
C LEU S 366 54.08 17.48 -78.89
N GLN S 367 54.62 17.27 -80.10
CA GLN S 367 55.51 18.24 -80.75
C GLN S 367 54.80 19.55 -81.11
N GLU S 368 53.54 19.46 -81.57
CA GLU S 368 52.79 20.67 -81.92
C GLU S 368 52.55 21.54 -80.68
N TYR S 369 52.20 20.90 -79.56
CA TYR S 369 51.98 21.61 -78.31
C TYR S 369 53.26 22.24 -77.77
N GLU S 370 54.42 21.69 -78.15
CA GLU S 370 55.68 22.26 -77.68
C GLU S 370 56.00 23.56 -78.43
N ALA S 371 55.55 23.68 -79.69
CA ALA S 371 55.73 24.92 -80.47
C ALA S 371 54.79 26.02 -79.99
N ALA S 372 53.66 25.64 -79.39
CA ALA S 372 52.66 26.58 -78.89
C ALA S 372 52.81 26.78 -77.38
N GLU S 398 44.65 35.56 -62.13
CA GLU S 398 44.80 35.01 -63.49
C GLU S 398 46.20 34.45 -63.70
N THR S 399 47.23 35.30 -63.49
CA THR S 399 48.63 34.88 -63.52
C THR S 399 49.12 34.74 -62.08
N ARG S 400 49.76 33.61 -61.80
CA ARG S 400 50.26 33.33 -60.46
C ARG S 400 51.73 33.73 -60.39
N SER S 401 52.04 34.79 -59.64
CA SER S 401 53.42 35.24 -59.45
C SER S 401 53.54 35.98 -58.13
N PRO S 402 54.71 35.94 -57.47
CA PRO S 402 54.89 36.74 -56.25
C PRO S 402 54.69 38.22 -56.49
N GLU S 403 55.23 38.73 -57.59
CA GLU S 403 55.13 40.16 -57.87
C GLU S 403 53.68 40.60 -58.01
N ALA S 404 52.86 39.79 -58.68
CA ALA S 404 51.45 40.16 -58.87
C ALA S 404 50.74 40.29 -57.54
N VAL S 405 50.98 39.33 -56.65
CA VAL S 405 50.32 39.40 -55.36
C VAL S 405 50.77 40.65 -54.62
N TYR S 406 52.07 40.95 -54.67
CA TYR S 406 52.59 42.09 -53.93
C TYR S 406 51.96 43.40 -54.40
N THR S 407 51.83 43.58 -55.72
CA THR S 407 51.22 44.80 -56.24
C THR S 407 49.76 44.90 -55.80
N ARG S 408 49.06 43.76 -55.71
CA ARG S 408 47.67 43.76 -55.26
C ARG S 408 47.56 44.25 -53.83
N ILE S 409 48.46 43.79 -52.94
CA ILE S 409 48.47 44.24 -51.55
C ILE S 409 48.76 45.73 -51.50
N MET S 410 49.76 46.18 -52.27
CA MET S 410 50.12 47.59 -52.28
C MET S 410 48.97 48.45 -52.76
N MET S 411 48.20 47.95 -53.74
CA MET S 411 47.05 48.72 -54.23
C MET S 411 46.03 48.96 -53.13
N ASN S 412 45.81 47.98 -52.25
CA ASN S 412 44.87 48.17 -51.15
C ASN S 412 45.53 48.68 -49.87
N GLY S 413 46.78 49.13 -49.96
CA GLY S 413 47.42 49.71 -48.80
C GLY S 413 47.71 48.73 -47.69
N GLY S 414 47.96 47.47 -48.01
CA GLY S 414 48.23 46.45 -46.99
C GLY S 414 47.05 46.10 -46.11
N ARG S 415 45.82 46.27 -46.60
CA ARG S 415 44.60 46.08 -45.83
C ARG S 415 43.76 44.92 -46.38
N LEU S 416 43.14 44.15 -45.49
CA LEU S 416 42.32 43.03 -45.91
C LEU S 416 41.14 43.47 -46.77
N LYS S 417 40.86 42.73 -47.85
CA LYS S 417 39.65 43.03 -48.59
C LYS S 417 38.43 42.52 -47.82
N ARG S 418 37.26 43.07 -48.14
CA ARG S 418 36.03 42.58 -47.52
C ARG S 418 35.80 41.11 -47.82
N SER S 419 36.11 40.68 -49.04
CA SER S 419 35.96 39.27 -49.34
C SER S 419 36.85 38.42 -48.44
N HIS S 420 38.08 38.88 -48.17
CA HIS S 420 38.95 38.15 -47.25
C HIS S 420 38.29 38.02 -45.90
N ILE S 421 37.68 39.09 -45.41
CA ILE S 421 37.03 38.98 -44.11
C ILE S 421 35.85 38.04 -44.21
N ARG S 422 35.08 38.10 -45.28
CA ARG S 422 33.96 37.17 -45.41
C ARG S 422 34.45 35.73 -45.32
N ARG S 423 35.48 35.39 -46.10
CA ARG S 423 35.97 34.03 -46.11
C ARG S 423 36.48 33.59 -44.75
N TYR S 424 37.28 34.43 -44.11
CA TYR S 424 37.79 34.09 -42.78
C TYR S 424 36.66 33.81 -41.80
N VAL S 425 35.64 34.66 -41.76
CA VAL S 425 34.58 34.48 -40.79
C VAL S 425 33.79 33.21 -41.07
N SER S 426 33.53 32.95 -42.35
CA SER S 426 32.76 31.78 -42.75
C SER S 426 33.48 30.49 -42.37
N VAL S 427 34.79 30.43 -42.56
CA VAL S 427 35.50 29.21 -42.18
C VAL S 427 35.50 29.06 -40.68
N SER S 428 35.79 30.16 -39.97
CA SER S 428 35.92 30.09 -38.51
C SER S 428 34.58 29.81 -37.83
N SER S 429 33.52 30.49 -38.26
CA SER S 429 32.25 30.31 -37.57
C SER S 429 31.69 28.91 -37.79
N ASN S 430 31.85 28.36 -38.99
CA ASN S 430 31.40 26.99 -39.29
C ASN S 430 32.47 25.95 -38.91
N HIS S 431 32.94 26.05 -37.67
CA HIS S 431 33.94 25.13 -37.12
C HIS S 431 33.90 25.18 -35.60
N GLN S 432 34.18 24.03 -34.98
CA GLN S 432 34.22 23.93 -33.52
C GLN S 432 35.58 24.47 -33.09
N ALA S 433 35.59 25.76 -32.75
CA ALA S 433 36.84 26.44 -32.42
C ALA S 433 37.46 25.83 -31.16
N ARG S 434 38.70 25.43 -31.26
CA ARG S 434 39.42 24.95 -30.09
C ARG S 434 39.90 26.12 -29.26
N PRO S 435 40.33 25.87 -27.98
CA PRO S 435 40.66 26.97 -27.05
C PRO S 435 41.50 28.11 -27.62
N ASN S 436 42.73 27.85 -28.01
CA ASN S 436 43.57 28.94 -28.50
C ASN S 436 43.89 28.75 -29.97
N SER S 437 42.96 28.15 -30.71
CA SER S 437 43.21 27.78 -32.09
C SER S 437 43.18 28.99 -33.02
N PHE S 438 43.67 28.78 -34.24
CA PHE S 438 43.53 29.81 -35.26
C PHE S 438 42.06 30.07 -35.53
N ALA S 439 41.23 29.02 -35.43
CA ALA S 439 39.80 29.21 -35.60
C ALA S 439 39.26 30.16 -34.56
N GLU S 440 39.70 29.99 -33.31
CA GLU S 440 39.27 30.90 -32.26
C GLU S 440 39.77 32.31 -32.53
N PHE S 441 41.04 32.44 -32.91
CA PHE S 441 41.59 33.77 -33.19
C PHE S 441 40.76 34.46 -34.26
N LEU S 442 40.47 33.75 -35.34
CA LEU S 442 39.74 34.34 -36.44
C LEU S 442 38.34 34.74 -36.01
N ASN S 443 37.65 33.88 -35.23
CA ASN S 443 36.31 34.25 -34.80
C ASN S 443 36.30 35.48 -33.93
N LYS S 444 37.20 35.53 -32.94
CA LYS S 444 37.24 36.71 -32.05
C LYS S 444 37.64 37.97 -32.80
N THR S 445 38.53 37.85 -33.79
CA THR S 445 39.07 39.03 -34.44
C THR S 445 38.11 39.62 -35.46
N TYR S 446 37.59 38.82 -36.38
CA TYR S 446 36.70 39.30 -37.43
C TYR S 446 35.32 38.66 -37.21
N SER S 447 34.36 39.41 -36.65
CA SER S 447 33.05 38.81 -36.46
C SER S 447 31.86 39.67 -36.86
N SER S 448 32.05 40.94 -37.21
CA SER S 448 30.97 41.72 -37.77
C SER S 448 31.18 42.05 -39.25
N ILE T 6 66.46 26.76 -57.64
CA ILE T 6 66.85 26.42 -56.27
C ILE T 6 67.80 27.52 -55.82
N VAL T 7 67.48 28.76 -56.19
CA VAL T 7 68.30 29.90 -55.80
C VAL T 7 67.44 30.81 -54.94
N PHE T 8 67.98 31.20 -53.78
CA PHE T 8 67.27 32.07 -52.87
C PHE T 8 68.22 33.13 -52.30
N LYS T 9 67.74 34.37 -52.23
CA LYS T 9 68.49 35.53 -51.75
C LYS T 9 67.70 36.30 -50.70
N VAL T 10 68.30 36.46 -49.51
CA VAL T 10 67.65 37.12 -48.38
C VAL T 10 68.40 38.41 -48.11
N ASN T 11 67.63 39.46 -47.82
CA ASN T 11 68.20 40.76 -47.55
C ASN T 11 68.65 40.83 -46.08
N ASN T 12 69.74 41.56 -45.83
CA ASN T 12 70.23 41.77 -44.47
C ASN T 12 71.14 43.01 -44.51
N GLN T 13 71.91 43.23 -43.44
CA GLN T 13 72.89 44.31 -43.49
C GLN T 13 73.79 44.12 -44.71
N VAL T 14 74.12 42.84 -45.00
CA VAL T 14 74.78 42.38 -46.22
C VAL T 14 73.89 41.31 -46.85
N VAL T 15 74.03 41.11 -48.17
CA VAL T 15 73.18 40.18 -48.91
C VAL T 15 73.62 38.74 -48.66
N SER T 16 72.64 37.87 -48.40
CA SER T 16 72.93 36.50 -48.03
C SER T 16 72.14 35.51 -48.89
N LEU T 17 72.79 34.39 -49.19
CA LEU T 17 72.24 33.29 -49.97
C LEU T 17 72.03 32.07 -49.07
N LYS T 18 70.83 31.49 -49.09
CA LYS T 18 70.51 30.33 -48.28
C LYS T 18 69.94 29.23 -49.20
N PRO T 19 70.36 27.97 -49.03
CA PRO T 19 69.75 26.84 -49.74
C PRO T 19 68.53 26.25 -49.02
N GLU T 20 67.56 25.77 -49.79
CA GLU T 20 66.36 25.10 -49.24
C GLU T 20 66.37 23.61 -49.53
N ILE T 21 66.27 22.78 -48.49
CA ILE T 21 66.35 21.34 -48.67
C ILE T 21 65.11 20.63 -48.10
N ILE T 22 64.41 19.89 -48.96
CA ILE T 22 63.29 19.03 -48.61
C ILE T 22 63.20 17.86 -49.62
N VAL T 23 63.31 16.60 -49.19
CA VAL T 23 63.27 15.50 -50.17
C VAL T 23 62.26 14.46 -49.73
N ASP T 24 62.08 13.45 -50.60
CA ASP T 24 61.17 12.31 -50.37
C ASP T 24 61.78 11.04 -50.94
N GLN T 25 61.41 9.89 -50.34
CA GLN T 25 61.94 8.59 -50.71
C GLN T 25 60.76 7.69 -51.09
N HIS T 26 60.89 6.98 -52.22
CA HIS T 26 59.81 6.16 -52.74
C HIS T 26 60.13 4.67 -52.59
N GLU T 27 59.15 3.93 -52.04
CA GLU T 27 59.29 2.52 -51.70
C GLU T 27 58.39 1.62 -52.56
N TYR T 28 58.11 2.02 -53.81
CA TYR T 28 57.22 1.26 -54.70
C TYR T 28 58.02 0.28 -55.55
N LYS T 29 57.75 -1.00 -55.35
CA LYS T 29 58.27 -2.13 -56.07
C LYS T 29 57.11 -2.90 -56.68
N TYR T 30 57.22 -3.28 -58.00
CA TYR T 30 56.01 -3.86 -58.59
C TYR T 30 55.94 -5.38 -58.40
N PRO T 31 54.73 -5.98 -58.44
CA PRO T 31 54.54 -7.42 -58.23
C PRO T 31 54.69 -8.20 -59.52
N ALA T 32 55.62 -9.13 -59.59
CA ALA T 32 55.77 -9.87 -60.83
C ALA T 32 56.47 -11.17 -60.48
N ILE T 33 56.04 -12.26 -61.07
CA ILE T 33 56.63 -13.55 -60.77
C ILE T 33 57.53 -13.93 -61.94
N LYS T 34 58.84 -13.70 -61.82
CA LYS T 34 59.72 -14.15 -62.89
C LYS T 34 60.40 -15.50 -62.62
N ASP T 35 60.65 -15.87 -61.34
CA ASP T 35 61.32 -17.14 -61.00
C ASP T 35 60.46 -18.38 -61.24
N LEU T 36 59.17 -18.22 -61.59
CA LEU T 36 58.23 -19.33 -61.80
C LEU T 36 57.94 -20.12 -60.51
N LYS T 37 57.99 -19.44 -59.38
CA LYS T 37 57.76 -20.06 -58.08
C LYS T 37 56.41 -19.60 -57.53
N LYS T 38 55.59 -20.56 -57.12
CA LYS T 38 54.32 -20.25 -56.47
C LYS T 38 54.56 -19.60 -55.11
N PRO T 39 53.65 -18.76 -54.64
CA PRO T 39 53.84 -18.13 -53.31
C PRO T 39 53.92 -19.19 -52.22
N CYS T 40 54.86 -19.03 -51.26
CA CYS T 40 55.04 -20.03 -50.21
C CYS T 40 55.08 -19.38 -48.84
N ILE T 41 54.54 -20.10 -47.84
CA ILE T 41 54.63 -19.77 -46.41
C ILE T 41 55.10 -21.00 -45.65
N THR T 42 55.82 -20.78 -44.55
CA THR T 42 56.30 -21.84 -43.68
C THR T 42 55.41 -21.98 -42.45
N LEU T 43 54.85 -23.17 -42.25
CA LEU T 43 53.93 -23.39 -41.15
C LEU T 43 54.43 -24.61 -40.36
N GLY T 44 53.74 -24.97 -39.29
CA GLY T 44 54.19 -26.07 -38.45
C GLY T 44 53.76 -27.44 -38.96
N LYS T 45 54.11 -28.46 -38.18
CA LYS T 45 53.86 -29.84 -38.59
C LYS T 45 52.36 -30.11 -38.65
N ALA T 46 51.97 -30.94 -39.62
CA ALA T 46 50.55 -31.17 -39.86
C ALA T 46 49.89 -31.83 -38.66
N PRO T 47 48.76 -31.30 -38.18
CA PRO T 47 48.05 -31.93 -37.08
C PRO T 47 46.97 -32.89 -37.58
N ASP T 48 46.50 -33.74 -36.68
CA ASP T 48 45.29 -34.47 -37.00
C ASP T 48 44.14 -33.49 -37.11
N LEU T 49 43.54 -33.41 -38.30
CA LEU T 49 42.50 -32.43 -38.57
C LEU T 49 41.39 -32.49 -37.52
N ASN T 50 40.92 -33.71 -37.18
CA ASN T 50 39.93 -33.86 -36.13
C ASN T 50 40.42 -33.30 -34.79
N LYS T 51 41.70 -33.52 -34.47
CA LYS T 51 42.20 -33.00 -33.20
C LYS T 51 42.36 -31.48 -33.28
N ALA T 52 42.90 -30.97 -34.39
CA ALA T 52 43.04 -29.52 -34.53
C ALA T 52 41.69 -28.85 -34.56
N TYR T 53 40.69 -29.49 -35.20
CA TYR T 53 39.35 -28.90 -35.26
C TYR T 53 38.78 -28.71 -33.88
N LYS T 54 38.89 -29.73 -33.03
CA LYS T 54 38.36 -29.64 -31.67
C LYS T 54 39.08 -28.57 -30.86
N SER T 55 40.40 -28.46 -31.05
CA SER T 55 41.20 -27.49 -30.33
C SER T 55 40.81 -26.06 -30.71
N VAL T 56 40.74 -25.79 -32.02
CA VAL T 56 40.45 -24.43 -32.47
C VAL T 56 38.98 -24.08 -32.22
N LEU T 57 38.05 -25.03 -32.46
CA LEU T 57 36.62 -24.73 -32.26
C LEU T 57 36.37 -24.32 -30.82
N SER T 58 36.97 -25.06 -29.89
CA SER T 58 36.92 -24.70 -28.49
C SER T 58 37.61 -23.36 -28.26
N GLY T 59 38.80 -23.17 -28.85
CA GLY T 59 39.48 -21.90 -28.70
C GLY T 59 38.65 -20.74 -29.19
N MET T 60 37.91 -20.97 -30.28
CA MET T 60 37.04 -19.93 -30.81
C MET T 60 35.98 -19.54 -29.80
N SER T 61 35.36 -20.54 -29.15
CA SER T 61 34.31 -20.27 -28.18
C SER T 61 34.85 -19.52 -26.98
N ALA T 62 36.09 -19.80 -26.57
CA ALA T 62 36.70 -19.19 -25.39
C ALA T 62 37.36 -17.85 -25.69
N ALA T 63 37.34 -17.42 -26.95
CA ALA T 63 37.90 -16.18 -27.44
C ALA T 63 39.39 -16.09 -27.26
N LYS T 64 40.06 -17.23 -27.08
CA LYS T 64 41.51 -17.29 -27.05
C LYS T 64 41.98 -18.29 -28.10
N LEU T 65 42.75 -17.81 -29.09
CA LEU T 65 43.19 -18.61 -30.22
C LEU T 65 44.68 -18.44 -30.43
N ASP T 66 45.35 -19.52 -30.85
CA ASP T 66 46.79 -19.41 -31.13
C ASP T 66 46.97 -19.22 -32.63
N PRO T 67 47.58 -18.11 -33.06
CA PRO T 67 47.69 -17.88 -34.50
C PRO T 67 48.40 -19.01 -35.24
N ASP T 68 49.52 -19.51 -34.70
CA ASP T 68 50.26 -20.56 -35.42
C ASP T 68 49.42 -21.81 -35.59
N ASP T 69 48.72 -22.23 -34.54
CA ASP T 69 47.85 -23.40 -34.68
C ASP T 69 46.74 -23.11 -35.67
N VAL T 70 46.17 -21.89 -35.61
CA VAL T 70 45.05 -21.57 -36.49
C VAL T 70 45.47 -21.64 -37.95
N CYS T 71 46.66 -21.12 -38.28
CA CYS T 71 47.12 -21.20 -39.66
C CYS T 71 47.37 -22.64 -40.11
N SER T 72 47.95 -23.47 -39.25
CA SER T 72 48.24 -24.85 -39.63
C SER T 72 46.96 -25.64 -39.90
N TYR T 73 45.90 -25.39 -39.12
CA TYR T 73 44.61 -26.03 -39.38
C TYR T 73 44.03 -25.61 -40.71
N LEU T 74 44.15 -24.33 -41.02
CA LEU T 74 43.65 -23.80 -42.28
C LEU T 74 44.41 -24.37 -43.46
N ALA T 75 45.74 -24.51 -43.33
CA ALA T 75 46.51 -25.11 -44.43
C ALA T 75 46.09 -26.55 -44.65
N ALA T 76 45.89 -27.29 -43.56
CA ALA T 76 45.44 -28.68 -43.66
C ALA T 76 44.02 -28.80 -44.20
N ALA T 77 43.12 -27.90 -43.79
CA ALA T 77 41.73 -28.00 -44.21
C ALA T 77 41.55 -27.70 -45.69
N MET T 78 42.58 -27.16 -46.36
CA MET T 78 42.46 -26.89 -47.79
C MET T 78 42.16 -28.15 -48.56
N GLN T 79 42.60 -29.29 -48.03
CA GLN T 79 42.37 -30.56 -48.70
C GLN T 79 40.89 -30.86 -48.84
N PHE T 80 40.07 -30.39 -47.90
CA PHE T 80 38.64 -30.73 -47.92
C PHE T 80 37.91 -30.14 -49.12
N PHE T 81 38.30 -28.92 -49.53
CA PHE T 81 37.64 -28.20 -50.63
C PHE T 81 38.33 -28.47 -51.98
N GLU T 82 37.61 -29.13 -52.91
CA GLU T 82 38.13 -29.44 -54.25
C GLU T 82 37.04 -29.33 -55.32
N GLY T 83 37.43 -28.90 -56.51
CA GLY T 83 36.50 -28.78 -57.61
C GLY T 83 37.22 -28.76 -58.94
N THR T 84 36.47 -29.05 -59.99
CA THR T 84 36.97 -28.94 -61.35
C THR T 84 37.04 -27.47 -61.85
N CYS T 85 38.23 -27.08 -62.57
CA CYS T 85 38.37 -25.71 -63.14
C CYS T 85 37.83 -25.69 -64.57
N PRO T 86 37.00 -24.69 -64.91
CA PRO T 86 36.40 -24.67 -66.26
C PRO T 86 37.42 -24.53 -67.38
N GLU T 87 38.42 -23.68 -67.20
CA GLU T 87 39.53 -23.50 -68.12
C GLU T 87 40.76 -23.38 -67.25
N ASP T 88 41.90 -23.66 -67.85
CA ASP T 88 43.21 -23.54 -67.23
C ASP T 88 43.51 -22.08 -66.81
N TRP T 89 44.06 -21.87 -65.58
CA TRP T 89 44.24 -20.49 -65.13
C TRP T 89 45.37 -19.79 -65.89
N THR T 90 46.54 -20.42 -66.00
CA THR T 90 47.65 -19.81 -66.74
C THR T 90 47.86 -18.37 -66.26
N SER T 91 48.24 -18.23 -64.99
CA SER T 91 48.47 -16.91 -64.39
C SER T 91 49.96 -16.70 -64.12
N TYR T 92 50.53 -15.63 -64.68
CA TYR T 92 51.95 -15.32 -64.59
C TYR T 92 52.74 -16.45 -65.22
N GLY T 93 54.03 -16.55 -64.91
CA GLY T 93 54.82 -17.64 -65.47
C GLY T 93 54.28 -19.00 -65.09
N ILE T 94 53.78 -19.14 -63.85
CA ILE T 94 53.34 -20.44 -63.36
C ILE T 94 51.94 -20.71 -63.87
N VAL T 95 51.51 -21.97 -63.78
CA VAL T 95 50.13 -22.26 -64.17
C VAL T 95 49.66 -23.38 -63.28
N ILE T 96 48.43 -23.27 -62.82
CA ILE T 96 47.90 -24.18 -61.86
C ILE T 96 47.58 -25.50 -62.56
N ALA T 97 46.30 -25.69 -62.86
CA ALA T 97 45.89 -26.91 -63.54
C ALA T 97 45.05 -26.53 -64.75
N ARG T 98 45.07 -27.40 -65.76
CA ARG T 98 44.33 -27.26 -67.01
C ARG T 98 42.85 -27.61 -66.81
N LYS T 99 42.01 -27.17 -67.74
CA LYS T 99 40.56 -27.32 -67.61
C LYS T 99 40.16 -28.78 -67.39
N GLY T 100 39.18 -28.97 -66.50
CA GLY T 100 38.60 -30.27 -66.15
C GLY T 100 39.35 -31.06 -65.11
N ASP T 101 40.37 -30.47 -64.49
CA ASP T 101 41.16 -31.13 -63.46
C ASP T 101 40.62 -30.69 -62.12
N LYS T 102 40.36 -31.67 -61.23
CA LYS T 102 39.92 -31.28 -59.89
C LYS T 102 41.14 -30.73 -59.17
N ILE T 103 40.95 -29.64 -58.41
CA ILE T 103 42.05 -28.93 -57.76
C ILE T 103 41.61 -28.57 -56.35
N THR T 104 42.58 -28.20 -55.52
CA THR T 104 42.40 -27.68 -54.18
C THR T 104 43.03 -26.30 -54.09
N PRO T 105 42.73 -25.54 -53.03
CA PRO T 105 43.55 -24.37 -52.74
C PRO T 105 45.03 -24.73 -52.60
N GLY T 106 45.38 -25.95 -52.16
CA GLY T 106 46.76 -26.37 -52.01
C GLY T 106 47.50 -26.32 -53.34
N SER T 107 46.77 -26.36 -54.46
CA SER T 107 47.38 -26.24 -55.76
C SER T 107 47.82 -24.83 -56.09
N LEU T 108 47.19 -23.82 -55.46
CA LEU T 108 47.49 -22.42 -55.84
C LEU T 108 48.83 -21.93 -55.27
N VAL T 109 49.16 -22.29 -54.02
CA VAL T 109 50.38 -21.83 -53.37
C VAL T 109 51.15 -23.04 -52.86
N GLU T 110 52.41 -22.79 -52.47
CA GLU T 110 53.27 -23.81 -51.88
C GLU T 110 53.26 -23.67 -50.36
N ILE T 111 52.91 -24.73 -49.65
CA ILE T 111 52.89 -24.71 -48.19
C ILE T 111 54.07 -25.56 -47.67
N LYS T 112 54.90 -24.96 -46.80
CA LYS T 112 56.06 -25.61 -46.19
C LYS T 112 55.87 -25.92 -44.70
N ARG T 113 56.11 -27.18 -44.30
CA ARG T 113 55.94 -27.62 -42.90
C ARG T 113 57.27 -27.63 -42.18
N THR T 114 57.29 -27.09 -40.95
CA THR T 114 58.53 -26.95 -40.18
C THR T 114 58.84 -28.19 -39.36
N ASP T 115 57.85 -29.06 -39.17
CA ASP T 115 57.97 -30.34 -38.48
C ASP T 115 58.02 -30.15 -36.97
N VAL T 116 57.83 -28.93 -36.50
CA VAL T 116 57.64 -28.61 -35.08
C VAL T 116 56.16 -28.73 -34.79
N GLU T 117 55.79 -29.41 -33.72
CA GLU T 117 54.37 -29.61 -33.44
C GLU T 117 53.79 -28.40 -32.71
N GLY T 118 52.51 -28.17 -32.93
CA GLY T 118 51.82 -27.04 -32.35
C GLY T 118 51.24 -27.36 -31.00
N ASN T 119 50.84 -26.30 -30.30
CA ASN T 119 50.32 -26.49 -28.93
C ASN T 119 48.99 -27.24 -28.91
N TRP T 120 48.19 -27.10 -29.98
CA TRP T 120 46.86 -27.73 -30.12
C TRP T 120 46.24 -28.02 -28.75
N ALA T 121 45.96 -26.94 -28.04
CA ALA T 121 45.43 -27.04 -26.70
C ALA T 121 43.92 -26.83 -26.74
N LEU T 122 43.24 -27.49 -25.84
CA LEU T 122 41.78 -27.53 -25.78
C LEU T 122 41.23 -26.68 -24.65
N THR T 123 40.31 -25.79 -24.95
CA THR T 123 39.69 -25.03 -23.87
C THR T 123 38.40 -25.75 -23.50
N GLY T 124 37.73 -25.22 -22.47
CA GLY T 124 36.61 -25.91 -21.86
C GLY T 124 35.40 -26.15 -22.75
N GLY T 125 34.98 -25.13 -23.53
CA GLY T 125 33.76 -25.22 -24.36
C GLY T 125 33.77 -26.06 -25.62
N MET T 126 33.86 -27.40 -25.49
CA MET T 126 33.84 -28.35 -26.60
C MET T 126 32.92 -29.53 -26.23
N GLU T 127 31.90 -29.74 -27.08
CA GLU T 127 30.81 -30.71 -26.89
C GLU T 127 30.89 -31.94 -27.80
N LEU T 128 31.87 -32.02 -28.69
CA LEU T 128 31.97 -33.13 -29.65
C LEU T 128 32.64 -34.38 -29.09
N THR T 129 31.90 -35.49 -29.04
CA THR T 129 32.47 -36.79 -28.67
C THR T 129 32.94 -37.59 -29.88
N ARG T 130 32.63 -37.13 -31.09
CA ARG T 130 32.94 -37.78 -32.36
C ARG T 130 33.87 -36.93 -33.23
N ASP T 131 34.41 -37.53 -34.30
CA ASP T 131 35.18 -36.80 -35.32
C ASP T 131 34.28 -35.83 -36.10
N PRO T 132 34.75 -34.60 -36.39
CA PRO T 132 33.87 -33.60 -37.01
C PRO T 132 33.64 -33.87 -38.49
N THR T 133 32.46 -33.48 -38.97
CA THR T 133 32.14 -33.66 -40.38
C THR T 133 32.76 -32.53 -41.18
N VAL T 134 32.89 -32.75 -42.48
CA VAL T 134 33.48 -31.71 -43.34
C VAL T 134 32.75 -30.37 -43.23
N PRO T 135 31.35 -30.31 -43.29
CA PRO T 135 30.58 -29.02 -43.12
C PRO T 135 30.95 -28.28 -41.87
N GLU T 136 31.04 -29.05 -40.80
CA GLU T 136 31.53 -28.48 -39.57
C GLU T 136 32.88 -27.84 -39.81
N HIS T 137 33.81 -28.60 -40.43
CA HIS T 137 35.15 -28.08 -40.76
C HIS T 137 35.05 -26.80 -41.60
N ALA T 138 34.17 -26.80 -42.61
CA ALA T 138 34.03 -25.63 -43.46
C ALA T 138 33.49 -24.46 -42.64
N SER T 139 32.52 -24.72 -41.75
CA SER T 139 31.98 -23.63 -40.93
C SER T 139 33.07 -22.97 -40.10
N LEU T 140 33.93 -23.78 -39.46
CA LEU T 140 35.05 -23.22 -38.71
C LEU T 140 36.04 -22.48 -39.62
N VAL T 141 36.35 -23.08 -40.77
CA VAL T 141 37.30 -22.41 -41.66
C VAL T 141 36.77 -21.05 -42.05
N GLY T 142 35.49 -20.99 -42.40
CA GLY T 142 34.90 -19.71 -42.77
C GLY T 142 34.87 -18.73 -41.62
N LEU T 143 34.50 -19.18 -40.43
CA LEU T 143 34.45 -18.26 -39.29
C LEU T 143 35.82 -17.67 -39.00
N LEU T 144 36.86 -18.51 -39.08
CA LEU T 144 38.22 -18.04 -38.82
C LEU T 144 38.67 -17.03 -39.88
N LEU T 145 38.41 -17.32 -41.16
CA LEU T 145 38.79 -16.35 -42.19
C LEU T 145 37.99 -15.07 -41.99
N SER T 146 36.72 -15.20 -41.55
CA SER T 146 35.87 -14.03 -41.32
C SER T 146 36.46 -13.08 -40.29
N LEU T 147 37.27 -13.58 -39.36
CA LEU T 147 37.96 -12.67 -38.45
C LEU T 147 38.86 -11.74 -39.24
N TYR T 148 39.38 -12.21 -40.38
CA TYR T 148 40.26 -11.39 -41.18
C TYR T 148 39.51 -10.16 -41.67
N ARG T 149 38.30 -10.35 -42.21
CA ARG T 149 37.53 -9.20 -42.65
C ARG T 149 37.23 -8.25 -41.51
N LEU T 150 36.83 -8.80 -40.36
CA LEU T 150 36.52 -7.99 -39.20
C LEU T 150 37.75 -7.24 -38.69
N SER T 151 38.93 -7.88 -38.72
CA SER T 151 40.13 -7.18 -38.26
C SER T 151 40.40 -5.95 -39.10
N LYS T 152 40.16 -6.09 -40.41
CA LYS T 152 40.43 -5.00 -41.34
C LYS T 152 39.53 -3.81 -41.05
N ILE T 153 38.28 -4.05 -40.63
CA ILE T 153 37.32 -2.96 -40.35
C ILE T 153 37.64 -2.24 -39.04
N SER T 154 38.69 -1.43 -39.05
CA SER T 154 39.02 -0.66 -37.85
C SER T 154 39.00 0.81 -38.24
N GLY T 155 38.38 1.63 -37.39
CA GLY T 155 38.24 3.05 -37.67
C GLY T 155 37.26 3.66 -36.69
N GLN T 156 37.10 4.98 -36.82
CA GLN T 156 36.29 5.82 -35.92
C GLN T 156 34.90 5.28 -35.65
N ASN T 157 33.94 5.56 -36.54
CA ASN T 157 32.56 5.17 -36.24
C ASN T 157 32.21 4.05 -37.20
N THR T 158 32.58 2.84 -36.81
CA THR T 158 32.26 1.67 -37.63
C THR T 158 31.58 0.61 -36.78
N GLY T 159 30.98 1.05 -35.67
CA GLY T 159 30.45 0.13 -34.71
C GLY T 159 29.28 -0.66 -35.22
N ASN T 160 28.19 0.04 -35.54
CA ASN T 160 27.04 -0.66 -36.06
C ASN T 160 27.43 -1.47 -37.30
N TYR T 161 28.36 -0.94 -38.12
CA TYR T 161 28.71 -1.65 -39.35
C TYR T 161 29.39 -2.97 -39.02
N LYS T 162 30.30 -2.98 -38.03
CA LYS T 162 31.01 -4.22 -37.70
C LYS T 162 30.06 -5.29 -37.17
N THR T 163 29.14 -4.89 -36.26
CA THR T 163 28.19 -5.84 -35.69
C THR T 163 27.25 -6.40 -36.74
N ASN T 164 26.80 -5.57 -37.68
CA ASN T 164 25.91 -6.07 -38.74
C ASN T 164 26.64 -7.08 -39.61
N ILE T 165 27.91 -6.81 -39.96
CA ILE T 165 28.66 -7.74 -40.79
C ILE T 165 28.88 -9.05 -40.05
N ALA T 166 29.17 -8.94 -38.74
CA ALA T 166 29.40 -10.12 -37.91
C ALA T 166 28.15 -10.96 -37.79
N ASP T 167 26.97 -10.34 -37.60
CA ASP T 167 25.71 -11.08 -37.56
C ASP T 167 25.43 -11.78 -38.88
N ARG T 168 25.67 -11.09 -40.01
CA ARG T 168 25.45 -11.69 -41.32
C ARG T 168 26.35 -12.89 -41.52
N ILE T 169 27.61 -12.79 -41.06
CA ILE T 169 28.56 -13.90 -41.18
C ILE T 169 28.08 -15.10 -40.36
N GLU T 170 27.59 -14.84 -39.13
CA GLU T 170 27.10 -15.92 -38.26
C GLU T 170 25.91 -16.62 -38.88
N GLN T 171 25.02 -15.85 -39.52
CA GLN T 171 23.86 -16.42 -40.22
C GLN T 171 24.28 -17.32 -41.38
N ILE T 172 25.38 -16.96 -42.05
CA ILE T 172 25.87 -17.74 -43.18
C ILE T 172 26.30 -19.13 -42.72
N PHE T 173 27.12 -19.19 -41.67
CA PHE T 173 27.73 -20.42 -41.18
C PHE T 173 26.89 -21.23 -40.20
N GLU T 174 25.73 -20.73 -39.77
CA GLU T 174 24.76 -21.46 -38.97
C GLU T 174 23.70 -22.14 -39.83
N THR T 175 23.66 -21.86 -41.13
CA THR T 175 22.68 -22.39 -42.08
C THR T 175 23.38 -23.27 -43.10
N ALA T 176 22.62 -24.21 -43.69
CA ALA T 176 23.20 -25.19 -44.60
C ALA T 176 23.76 -24.51 -45.85
N PRO T 177 24.86 -24.99 -46.42
CA PRO T 177 25.53 -26.27 -46.16
C PRO T 177 26.41 -26.24 -44.92
N PHE T 178 26.40 -25.10 -44.22
CA PHE T 178 27.18 -25.00 -43.00
C PHE T 178 26.33 -25.36 -41.79
N VAL T 179 27.02 -25.77 -40.72
CA VAL T 179 26.37 -26.20 -39.48
C VAL T 179 26.75 -25.31 -38.31
N LYS T 180 25.79 -25.07 -37.41
CA LYS T 180 26.01 -24.17 -36.28
C LYS T 180 26.95 -24.81 -35.28
N ILE T 181 28.12 -24.19 -35.10
CA ILE T 181 29.07 -24.70 -34.11
C ILE T 181 29.43 -23.69 -33.04
N VAL T 182 29.13 -22.39 -33.20
CA VAL T 182 29.60 -21.38 -32.25
C VAL T 182 28.51 -20.55 -31.63
N GLU T 183 27.26 -21.00 -31.64
CA GLU T 183 26.17 -20.19 -31.09
C GLU T 183 26.28 -18.76 -31.64
N HIS T 184 25.74 -17.76 -30.94
CA HIS T 184 25.73 -16.40 -31.46
C HIS T 184 26.64 -15.53 -30.61
N HIS T 185 27.06 -14.42 -31.21
CA HIS T 185 27.87 -13.36 -30.62
C HIS T 185 29.25 -13.82 -30.17
N THR T 186 29.56 -15.10 -30.34
CA THR T 186 30.91 -15.57 -30.07
C THR T 186 31.92 -14.96 -31.04
N LEU T 187 31.51 -14.79 -32.31
CA LEU T 187 32.44 -14.28 -33.33
C LEU T 187 32.90 -12.86 -32.98
N MET T 188 31.98 -12.01 -32.53
CA MET T 188 32.32 -10.64 -32.17
C MET T 188 33.32 -10.58 -31.01
N THR T 189 33.09 -11.40 -29.97
CA THR T 189 33.96 -11.40 -28.79
C THR T 189 35.35 -11.97 -29.09
N THR T 190 35.44 -13.03 -29.92
CA THR T 190 36.74 -13.53 -30.36
C THR T 190 37.47 -12.48 -31.18
N HIS T 191 36.71 -11.73 -32.00
CA HIS T 191 37.31 -10.67 -32.79
C HIS T 191 37.96 -9.60 -31.91
N LYS T 192 37.35 -9.30 -30.77
CA LYS T 192 37.93 -8.30 -29.88
C LYS T 192 39.34 -8.72 -29.46
N MET T 193 39.54 -10.02 -29.22
CA MET T 193 40.86 -10.53 -28.89
C MET T 193 41.77 -10.61 -30.10
N CYS T 194 41.17 -10.73 -31.28
CA CYS T 194 41.87 -10.94 -32.54
C CYS T 194 41.64 -9.75 -33.48
N ALA T 195 41.67 -8.51 -32.94
CA ALA T 195 41.31 -7.31 -33.72
C ALA T 195 42.38 -6.96 -34.74
N ASN T 196 43.63 -7.27 -34.44
CA ASN T 196 44.70 -6.94 -35.37
C ASN T 196 45.21 -8.17 -36.06
N TRP T 197 44.39 -9.22 -36.12
CA TRP T 197 44.84 -10.45 -36.75
C TRP T 197 45.09 -10.23 -38.22
N SER T 198 44.51 -9.19 -38.79
CA SER T 198 44.81 -8.88 -40.16
C SER T 198 46.30 -8.61 -40.38
N THR T 199 47.03 -8.09 -39.39
CA THR T 199 48.46 -7.84 -39.60
C THR T 199 49.28 -9.12 -39.79
N ILE T 200 48.87 -10.23 -39.18
CA ILE T 200 49.63 -11.50 -39.22
C ILE T 200 49.80 -11.93 -40.68
N PRO T 201 51.03 -12.13 -41.16
CA PRO T 201 51.19 -12.42 -42.59
C PRO T 201 50.62 -13.76 -43.01
N ASN T 202 50.85 -14.82 -42.24
CA ASN T 202 50.35 -16.12 -42.69
C ASN T 202 48.83 -16.17 -42.72
N PHE T 203 48.18 -15.54 -41.74
CA PHE T 203 46.73 -15.51 -41.78
C PHE T 203 46.26 -14.81 -43.04
N ARG T 204 46.88 -13.68 -43.40
CA ARG T 204 46.52 -12.98 -44.64
C ARG T 204 46.77 -13.83 -45.87
N PHE T 205 47.91 -14.49 -45.92
CA PHE T 205 48.25 -15.35 -47.04
C PHE T 205 47.20 -16.44 -47.22
N LEU T 206 46.80 -17.08 -46.12
CA LEU T 206 45.80 -18.14 -46.25
C LEU T 206 44.49 -17.58 -46.75
N ALA T 207 44.12 -16.38 -46.29
CA ALA T 207 42.86 -15.78 -46.72
C ALA T 207 42.86 -15.52 -48.22
N GLY T 208 43.98 -15.04 -48.74
CA GLY T 208 44.08 -14.81 -50.18
C GLY T 208 44.01 -16.10 -50.98
N THR T 209 44.70 -17.15 -50.51
CA THR T 209 44.66 -18.41 -51.21
C THR T 209 43.24 -18.96 -51.28
N TYR T 210 42.51 -18.90 -50.16
CA TYR T 210 41.12 -19.36 -50.17
C TYR T 210 40.29 -18.55 -51.12
N ASP T 211 40.47 -17.24 -51.12
CA ASP T 211 39.66 -16.39 -51.99
C ASP T 211 39.97 -16.70 -53.47
N MET T 212 41.25 -16.91 -53.81
CA MET T 212 41.60 -17.21 -55.19
C MET T 212 40.93 -18.49 -55.68
N PHE T 213 41.01 -19.54 -54.85
CA PHE T 213 40.39 -20.82 -55.18
C PHE T 213 38.88 -20.68 -55.34
N PHE T 214 38.19 -19.99 -54.40
CA PHE T 214 36.73 -19.86 -54.45
C PHE T 214 36.25 -18.94 -55.58
N SER T 215 37.04 -17.95 -55.99
CA SER T 215 36.63 -17.07 -57.08
C SER T 215 36.60 -17.79 -58.41
N ARG T 216 37.64 -18.59 -58.68
CA ARG T 216 37.64 -19.36 -59.92
C ARG T 216 36.71 -20.57 -59.84
N ILE T 217 36.69 -21.30 -58.72
CA ILE T 217 35.96 -22.58 -58.64
C ILE T 217 34.69 -22.40 -57.81
N GLU T 218 33.53 -22.62 -58.43
CA GLU T 218 32.28 -22.58 -57.68
C GLU T 218 32.22 -23.79 -56.75
N HIS T 219 31.78 -23.56 -55.52
CA HIS T 219 31.78 -24.63 -54.54
C HIS T 219 30.55 -24.53 -53.66
N LEU T 220 30.22 -25.63 -52.99
CA LEU T 220 29.11 -25.60 -52.05
C LEU T 220 29.44 -24.65 -50.89
N TYR T 221 30.71 -24.68 -50.44
CA TYR T 221 31.20 -23.88 -49.33
C TYR T 221 31.90 -22.62 -49.82
N SER T 222 31.50 -22.12 -51.00
CA SER T 222 32.06 -20.90 -51.56
C SER T 222 31.71 -19.70 -50.70
N ALA T 223 30.73 -19.85 -49.80
CA ALA T 223 30.31 -18.75 -48.96
C ALA T 223 31.39 -18.30 -48.00
N ILE T 224 32.42 -19.14 -47.81
CA ILE T 224 33.57 -18.86 -46.98
C ILE T 224 34.23 -17.58 -47.45
N ARG T 225 34.02 -17.23 -48.72
CA ARG T 225 34.61 -16.04 -49.29
C ARG T 225 34.15 -14.78 -48.59
N VAL T 226 33.06 -14.81 -47.84
CA VAL T 226 32.60 -13.58 -47.20
C VAL T 226 33.68 -13.01 -46.32
N GLY T 227 34.51 -13.88 -45.73
CA GLY T 227 35.66 -13.42 -44.97
C GLY T 227 36.81 -12.94 -45.83
N THR T 228 37.09 -13.64 -46.93
CA THR T 228 38.27 -13.43 -47.77
C THR T 228 38.03 -12.52 -48.96
N VAL T 229 36.81 -12.01 -49.12
CA VAL T 229 36.51 -11.15 -50.26
C VAL T 229 37.38 -9.92 -50.20
N VAL T 230 37.70 -9.45 -49.00
CA VAL T 230 38.47 -8.22 -48.85
C VAL T 230 39.88 -8.36 -49.44
N THR T 231 40.45 -9.58 -49.44
CA THR T 231 41.82 -9.76 -49.94
C THR T 231 41.94 -9.42 -51.42
N ALA T 232 40.86 -9.62 -52.18
CA ALA T 232 40.89 -9.37 -53.61
C ALA T 232 41.05 -7.88 -53.89
N TYR T 233 42.04 -7.55 -54.73
CA TYR T 233 42.41 -6.17 -55.07
C TYR T 233 42.70 -5.36 -53.81
N GLU T 234 43.32 -6.02 -52.83
CA GLU T 234 43.64 -5.37 -51.57
C GLU T 234 44.79 -4.42 -51.76
N ASP T 235 44.63 -3.21 -51.21
CA ASP T 235 45.63 -2.15 -51.29
C ASP T 235 45.84 -1.69 -52.75
N CYS T 236 44.82 -1.79 -53.60
CA CYS T 236 44.91 -1.31 -54.97
C CYS T 236 43.76 -0.38 -55.27
N SER T 237 43.29 0.34 -54.26
CA SER T 237 42.12 1.19 -54.42
C SER T 237 42.32 2.22 -55.52
N GLY T 238 43.57 2.65 -55.75
CA GLY T 238 43.77 3.62 -56.81
C GLY T 238 43.40 3.05 -58.17
N LEU T 239 44.02 1.91 -58.53
CA LEU T 239 43.77 1.32 -59.83
C LEU T 239 42.29 1.04 -60.03
N VAL T 240 41.66 0.43 -59.01
CA VAL T 240 40.24 0.12 -59.08
C VAL T 240 39.42 1.38 -59.26
N SER T 241 39.77 2.44 -58.55
CA SER T 241 39.05 3.69 -58.73
C SER T 241 39.19 4.14 -60.15
N PHE T 242 40.37 3.97 -60.73
CA PHE T 242 40.56 4.39 -62.10
C PHE T 242 39.67 3.61 -63.05
N THR T 243 39.64 2.29 -62.90
CA THR T 243 38.82 1.51 -63.81
C THR T 243 37.35 1.90 -63.71
N GLY T 244 36.84 2.08 -62.49
CA GLY T 244 35.46 2.52 -62.36
C GLY T 244 35.26 3.90 -62.96
N PHE T 245 36.23 4.78 -62.80
CA PHE T 245 36.10 6.09 -63.38
C PHE T 245 35.96 5.99 -64.89
N ILE T 246 36.77 5.13 -65.51
CA ILE T 246 36.67 4.96 -66.95
C ILE T 246 35.26 4.55 -67.34
N LYS T 247 34.72 3.55 -66.66
CA LYS T 247 33.44 3.01 -67.07
C LYS T 247 32.31 3.99 -66.80
N GLN T 248 32.35 4.69 -65.66
CA GLN T 248 31.24 5.58 -65.35
C GLN T 248 31.19 6.80 -66.25
N ILE T 249 32.35 7.40 -66.58
CA ILE T 249 32.45 8.58 -67.45
C ILE T 249 32.25 8.19 -68.91
N ASN T 250 32.31 6.89 -69.19
CA ASN T 250 32.14 6.27 -70.49
C ASN T 250 33.25 6.64 -71.46
N LEU T 251 34.33 7.28 -71.00
CA LEU T 251 35.47 7.50 -71.88
C LEU T 251 36.41 6.30 -71.78
N THR T 252 37.23 6.14 -72.80
CA THR T 252 38.17 5.06 -72.87
C THR T 252 39.36 5.35 -71.97
N ALA T 253 39.99 4.26 -71.50
CA ALA T 253 41.23 4.38 -70.75
C ALA T 253 42.13 5.46 -71.33
N ARG T 254 42.30 5.48 -72.66
CA ARG T 254 43.10 6.51 -73.30
C ARG T 254 42.48 7.89 -73.16
N GLU T 255 41.26 8.08 -73.67
CA GLU T 255 40.65 9.38 -73.63
C GLU T 255 40.64 9.95 -72.21
N ALA T 256 40.45 9.10 -71.18
CA ALA T 256 40.34 9.62 -69.82
C ALA T 256 41.62 10.33 -69.37
N ILE T 257 42.78 9.70 -69.59
CA ILE T 257 44.05 10.27 -69.15
C ILE T 257 44.38 11.57 -69.87
N LEU T 258 43.85 11.76 -71.08
CA LEU T 258 44.06 13.01 -71.80
C LEU T 258 43.59 14.20 -70.98
N TYR T 259 42.56 13.98 -70.17
CA TYR T 259 41.98 15.04 -69.36
C TYR T 259 42.80 15.34 -68.09
N PHE T 260 43.83 14.56 -67.77
CA PHE T 260 44.58 14.80 -66.53
C PHE T 260 45.60 15.89 -66.83
N PHE T 261 45.20 17.17 -66.70
CA PHE T 261 46.05 18.28 -67.13
C PHE T 261 46.93 18.77 -65.97
N HIS T 262 47.84 17.92 -65.50
CA HIS T 262 48.74 18.41 -64.49
C HIS T 262 50.02 17.60 -64.47
N LYS T 263 51.11 18.26 -64.09
CA LYS T 263 52.39 17.59 -64.09
C LYS T 263 52.40 16.46 -63.08
N ASN T 264 51.71 16.63 -61.95
CA ASN T 264 51.84 15.64 -60.89
C ASN T 264 51.37 14.27 -61.35
N PHE T 265 50.36 14.23 -62.22
CA PHE T 265 49.77 12.97 -62.63
C PHE T 265 50.79 12.07 -63.28
N GLU T 266 51.86 12.64 -63.84
CA GLU T 266 52.77 11.85 -64.69
C GLU T 266 53.39 10.69 -63.91
N GLU T 267 53.97 10.96 -62.73
CA GLU T 267 54.62 9.89 -61.97
C GLU T 267 53.62 8.79 -61.66
N GLU T 268 52.41 9.18 -61.25
CA GLU T 268 51.41 8.21 -60.87
C GLU T 268 51.00 7.39 -62.07
N ILE T 269 50.79 8.04 -63.22
CA ILE T 269 50.35 7.31 -64.41
C ILE T 269 51.38 6.25 -64.77
N ARG T 270 52.67 6.60 -64.72
CA ARG T 270 53.68 5.59 -65.02
C ARG T 270 53.67 4.47 -64.00
N ARG T 271 53.41 4.81 -62.73
CA ARG T 271 53.42 3.85 -61.63
C ARG T 271 52.36 2.79 -61.81
N MET T 272 51.13 3.20 -62.13
CA MET T 272 50.05 2.23 -62.18
C MET T 272 49.99 1.47 -63.50
N PHE T 273 50.65 1.97 -64.55
CA PHE T 273 50.58 1.31 -65.84
C PHE T 273 51.89 0.60 -66.19
N GLU T 274 52.63 0.18 -65.18
CA GLU T 274 53.85 -0.56 -65.46
C GLU T 274 53.49 -1.83 -66.21
N PRO T 275 54.16 -2.13 -67.31
CA PRO T 275 53.86 -3.34 -68.07
C PRO T 275 54.39 -4.57 -67.32
N GLY T 276 53.86 -5.74 -67.70
CA GLY T 276 54.26 -7.01 -67.08
C GLY T 276 53.43 -7.47 -65.90
N GLN T 277 52.59 -6.60 -65.35
CA GLN T 277 51.68 -6.96 -64.29
C GLN T 277 50.36 -7.37 -64.90
N GLU T 278 49.89 -8.55 -64.56
CA GLU T 278 48.69 -9.06 -65.23
C GLU T 278 47.41 -8.39 -64.72
N THR T 279 47.33 -7.07 -64.88
CA THR T 279 46.14 -6.36 -64.43
C THR T 279 44.88 -6.80 -65.16
N ALA T 280 44.96 -7.03 -66.47
CA ALA T 280 43.76 -7.39 -67.22
C ALA T 280 43.36 -8.85 -67.00
N VAL T 281 44.30 -9.76 -66.65
CA VAL T 281 43.97 -11.20 -66.60
C VAL T 281 42.94 -11.45 -65.51
N PRO T 282 41.84 -12.17 -65.79
CA PRO T 282 40.78 -12.29 -64.77
C PRO T 282 41.17 -13.06 -63.52
N HIS T 283 41.83 -14.20 -63.63
CA HIS T 283 42.09 -14.90 -62.37
C HIS T 283 43.57 -15.03 -62.15
N SER T 284 44.25 -13.90 -62.09
CA SER T 284 45.70 -13.99 -62.00
C SER T 284 46.10 -13.77 -60.56
N TYR T 285 47.36 -14.06 -60.26
CA TYR T 285 47.79 -13.83 -58.90
C TYR T 285 47.66 -12.37 -58.53
N PHE T 286 47.67 -11.48 -59.53
CA PHE T 286 47.67 -10.05 -59.24
C PHE T 286 46.46 -9.61 -58.40
N ILE T 287 45.29 -10.22 -58.61
CA ILE T 287 44.13 -9.78 -57.84
C ILE T 287 44.34 -9.96 -56.33
N HIS T 288 45.18 -10.92 -55.93
CA HIS T 288 45.53 -11.22 -54.54
C HIS T 288 47.01 -11.06 -54.24
N PHE T 289 47.73 -10.24 -55.02
CA PHE T 289 49.17 -10.14 -54.87
C PHE T 289 49.56 -9.54 -53.54
N ARG T 290 48.79 -8.58 -53.08
CA ARG T 290 49.15 -7.95 -51.82
C ARG T 290 49.01 -8.97 -50.68
N SER T 291 47.92 -9.75 -50.66
CA SER T 291 47.74 -10.77 -49.62
C SER T 291 48.80 -11.87 -49.74
N LEU T 292 49.08 -12.33 -50.95
CA LEU T 292 50.11 -13.36 -51.15
C LEU T 292 51.48 -12.71 -50.96
N GLY T 293 52.53 -13.52 -51.07
CA GLY T 293 53.86 -13.04 -50.70
C GLY T 293 54.42 -11.96 -51.60
N LEU T 294 54.14 -12.03 -52.89
CA LEU T 294 54.77 -11.20 -53.91
C LEU T 294 54.24 -9.78 -53.86
N SER T 295 54.57 -9.08 -52.77
CA SER T 295 53.86 -7.81 -52.67
C SER T 295 54.72 -6.57 -52.60
N GLY T 296 55.25 -6.29 -51.42
CA GLY T 296 55.80 -4.97 -51.21
C GLY T 296 54.66 -3.97 -51.00
N LYS T 297 55.03 -2.70 -50.93
CA LYS T 297 54.03 -1.65 -50.84
C LYS T 297 53.39 -1.53 -52.20
N SER T 298 52.10 -1.36 -52.23
CA SER T 298 51.46 -1.43 -53.53
C SER T 298 51.60 -0.08 -54.24
N PRO T 299 52.04 -0.06 -55.50
CA PRO T 299 52.04 1.19 -56.25
C PRO T 299 50.64 1.56 -56.72
N TYR T 300 49.67 0.67 -56.50
CA TYR T 300 48.30 0.91 -56.94
C TYR T 300 47.41 1.38 -55.80
N SER T 301 48.00 1.60 -54.62
CA SER T 301 47.26 2.08 -53.45
C SER T 301 46.83 3.53 -53.65
N SER T 302 45.79 3.92 -52.93
CA SER T 302 45.25 5.27 -53.11
C SER T 302 46.30 6.33 -52.82
N ASN T 303 47.23 6.07 -51.89
CA ASN T 303 48.27 7.07 -51.61
C ASN T 303 49.25 7.20 -52.76
N ALA T 304 49.65 6.07 -53.35
CA ALA T 304 50.65 6.07 -54.42
C ALA T 304 50.12 6.79 -55.65
N VAL T 305 48.83 6.73 -55.86
CA VAL T 305 48.25 7.35 -57.03
C VAL T 305 47.30 8.45 -56.55
N GLY T 306 47.74 9.18 -55.52
CA GLY T 306 46.86 10.12 -54.80
C GLY T 306 46.23 11.20 -55.66
N HIS T 307 47.03 11.82 -56.53
CA HIS T 307 46.48 12.89 -57.35
C HIS T 307 45.37 12.35 -58.26
N VAL T 308 45.62 11.18 -58.85
CA VAL T 308 44.63 10.52 -59.68
C VAL T 308 43.40 10.15 -58.86
N PHE T 309 43.62 9.58 -57.68
CA PHE T 309 42.52 9.15 -56.83
C PHE T 309 41.67 10.36 -56.46
N ASN T 310 42.33 11.45 -56.07
CA ASN T 310 41.57 12.64 -55.70
C ASN T 310 40.77 13.19 -56.89
N LEU T 311 41.38 13.28 -58.07
CA LEU T 311 40.61 13.78 -59.20
C LEU T 311 39.39 12.91 -59.46
N ILE T 312 39.57 11.58 -59.40
CA ILE T 312 38.47 10.70 -59.73
C ILE T 312 37.30 10.96 -58.82
N HIS T 313 37.54 11.03 -57.52
CA HIS T 313 36.40 11.17 -56.63
C HIS T 313 35.84 12.58 -56.63
N PHE T 314 36.67 13.61 -56.79
CA PHE T 314 36.10 14.93 -56.90
C PHE T 314 35.14 14.99 -58.07
N VAL T 315 35.52 14.39 -59.20
CA VAL T 315 34.60 14.32 -60.32
C VAL T 315 33.36 13.56 -59.91
N GLY T 316 33.55 12.47 -59.15
CA GLY T 316 32.43 11.70 -58.66
C GLY T 316 31.52 12.47 -57.74
N CYS T 317 32.08 13.25 -56.82
CA CYS T 317 31.21 14.08 -55.99
C CYS T 317 30.46 15.07 -56.86
N TYR T 318 31.13 15.70 -57.83
CA TYR T 318 30.40 16.61 -58.69
C TYR T 318 29.22 15.92 -59.31
N MET T 319 29.37 14.64 -59.60
CA MET T 319 28.32 13.85 -60.22
C MET T 319 27.39 13.20 -59.20
N GLY T 320 27.62 13.45 -57.92
CA GLY T 320 26.75 12.93 -56.88
C GLY T 320 26.99 11.48 -56.58
N GLN T 321 28.12 10.91 -56.97
CA GLN T 321 28.39 9.52 -56.66
C GLN T 321 28.67 9.38 -55.18
N VAL T 322 27.87 8.55 -54.49
CA VAL T 322 28.01 8.40 -53.05
C VAL T 322 29.36 7.78 -52.68
N ARG T 323 29.84 6.81 -53.47
CA ARG T 323 31.11 6.18 -53.14
C ARG T 323 32.20 7.22 -53.01
N SER T 324 32.21 8.18 -53.92
CA SER T 324 33.21 9.25 -53.86
C SER T 324 32.98 10.13 -52.63
N LEU T 325 31.72 10.39 -52.29
CA LEU T 325 31.44 11.27 -51.16
C LEU T 325 32.06 10.76 -49.87
N ASN T 326 32.09 9.44 -49.67
CA ASN T 326 32.58 8.89 -48.43
C ASN T 326 34.04 8.49 -48.47
N ALA T 327 34.67 8.54 -49.62
CA ALA T 327 36.07 8.13 -49.67
C ALA T 327 36.94 9.15 -48.95
N THR T 328 38.07 8.70 -48.47
CA THR T 328 38.98 9.56 -47.73
C THR T 328 39.96 10.23 -48.66
N VAL T 329 40.02 11.54 -48.59
CA VAL T 329 40.88 12.32 -49.46
C VAL T 329 42.33 12.15 -49.05
N ILE T 330 43.25 12.16 -50.02
CA ILE T 330 44.67 12.09 -49.72
C ILE T 330 45.17 13.52 -49.55
N ALA T 331 45.47 13.93 -48.31
CA ALA T 331 45.79 15.35 -48.10
C ALA T 331 47.09 15.78 -48.77
N ALA T 332 48.07 14.89 -48.87
CA ALA T 332 49.36 15.33 -49.41
C ALA T 332 49.27 15.72 -50.88
N CYS T 333 48.48 14.96 -51.65
CA CYS T 333 48.50 15.06 -53.10
C CYS T 333 47.54 16.17 -53.57
N ALA T 334 47.94 17.40 -53.23
CA ALA T 334 47.38 18.66 -53.72
C ALA T 334 45.87 18.59 -53.94
N PRO T 335 45.08 18.40 -52.87
CA PRO T 335 43.64 18.22 -53.04
C PRO T 335 42.95 19.42 -53.64
N HIS T 336 43.38 20.64 -53.29
CA HIS T 336 42.69 21.82 -53.81
C HIS T 336 42.83 21.90 -55.31
N GLU T 337 44.06 21.71 -55.79
CA GLU T 337 44.22 21.73 -57.23
C GLU T 337 43.38 20.63 -57.86
N MET T 338 43.40 19.42 -57.29
CA MET T 338 42.59 18.35 -57.84
C MET T 338 41.11 18.69 -57.81
N SER T 339 40.65 19.40 -56.78
CA SER T 339 39.24 19.74 -56.78
C SER T 339 38.89 20.71 -57.92
N VAL T 340 39.77 21.65 -58.28
CA VAL T 340 39.46 22.57 -59.38
C VAL T 340 39.32 21.81 -60.69
N LEU T 341 40.35 21.03 -61.03
CA LEU T 341 40.28 20.20 -62.23
C LEU T 341 39.09 19.27 -62.15
N GLY T 342 38.80 18.77 -60.94
CA GLY T 342 37.67 17.89 -60.80
C GLY T 342 36.37 18.58 -61.12
N GLY T 343 36.25 19.84 -60.74
CA GLY T 343 35.06 20.59 -61.09
C GLY T 343 34.84 20.74 -62.58
N TYR T 344 35.89 21.11 -63.32
CA TYR T 344 35.75 21.29 -64.77
C TYR T 344 35.44 19.98 -65.46
N LEU T 345 36.09 18.91 -65.03
CA LEU T 345 35.82 17.60 -65.59
C LEU T 345 34.39 17.18 -65.26
N GLY T 346 33.94 17.44 -64.04
CA GLY T 346 32.59 17.06 -63.66
C GLY T 346 31.54 17.79 -64.49
N GLU T 347 31.76 19.08 -64.74
CA GLU T 347 30.83 19.85 -65.55
C GLU T 347 30.67 19.23 -66.94
N GLU T 348 31.80 18.83 -67.56
CA GLU T 348 31.71 18.25 -68.89
C GLU T 348 30.97 16.93 -68.88
N PHE T 349 31.20 16.08 -67.86
CA PHE T 349 30.56 14.75 -67.87
C PHE T 349 29.24 14.68 -67.12
N PHE T 350 28.80 15.72 -66.47
CA PHE T 350 27.56 15.64 -65.71
C PHE T 350 26.40 16.17 -66.56
N GLY T 351 25.37 15.35 -66.76
CA GLY T 351 24.21 15.85 -67.48
C GLY T 351 24.38 15.93 -68.98
N LYS T 352 25.42 15.33 -69.51
CA LYS T 352 25.71 15.38 -70.93
C LYS T 352 26.11 13.98 -71.39
N GLY T 353 25.75 13.67 -72.62
CA GLY T 353 26.16 12.40 -73.20
C GLY T 353 26.55 12.60 -74.64
N THR T 354 27.45 11.74 -75.10
CA THR T 354 27.86 11.77 -76.50
C THR T 354 26.95 10.76 -77.18
N PHE T 355 25.94 11.24 -77.91
CA PHE T 355 24.94 10.36 -78.51
C PHE T 355 25.08 10.46 -80.02
N GLU T 356 25.03 9.31 -80.71
CA GLU T 356 25.08 9.19 -82.16
C GLU T 356 24.21 8.00 -82.58
N ARG T 357 23.57 8.09 -83.74
CA ARG T 357 22.79 6.93 -84.17
C ARG T 357 23.69 5.76 -84.55
N ARG T 358 23.49 4.60 -83.94
CA ARG T 358 24.30 3.43 -84.26
C ARG T 358 23.47 2.29 -84.81
N PHE T 359 22.15 2.34 -84.70
CA PHE T 359 21.26 1.28 -85.15
C PHE T 359 20.37 1.86 -86.22
N PHE T 360 20.28 1.15 -87.34
CA PHE T 360 19.59 1.68 -88.49
C PHE T 360 18.68 0.61 -89.09
N ARG T 361 17.67 1.09 -89.83
CA ARG T 361 16.69 0.18 -90.40
C ARG T 361 17.30 -0.71 -91.47
N ASP T 362 18.09 -0.13 -92.39
CA ASP T 362 18.72 -0.77 -93.54
C ASP T 362 20.11 -0.20 -93.76
N GLU T 363 20.94 -0.92 -94.52
CA GLU T 363 22.32 -0.48 -94.70
C GLU T 363 22.41 0.92 -95.33
N LYS T 364 21.53 1.23 -96.29
CA LYS T 364 21.61 2.54 -96.94
C LYS T 364 21.39 3.69 -95.94
N GLU T 365 20.47 3.50 -94.97
CA GLU T 365 20.26 4.54 -93.96
C GLU T 365 21.54 4.80 -93.19
N LEU T 366 22.29 3.73 -92.88
CA LEU T 366 23.55 3.87 -92.14
C LEU T 366 24.57 4.72 -92.92
N GLN T 367 24.68 4.45 -94.23
CA GLN T 367 25.61 5.15 -95.10
C GLN T 367 25.23 6.63 -95.26
N GLU T 368 23.92 6.93 -95.33
CA GLU T 368 23.45 8.31 -95.42
C GLU T 368 23.73 9.07 -94.14
N TYR T 369 23.51 8.42 -92.99
CA TYR T 369 23.84 9.04 -91.70
C TYR T 369 25.34 9.21 -91.53
N GLU T 370 26.15 8.38 -92.20
CA GLU T 370 27.60 8.54 -92.05
C GLU T 370 28.07 9.78 -92.75
N ALA T 371 27.27 10.24 -93.72
CA ALA T 371 27.42 11.47 -94.46
C ALA T 371 27.13 12.71 -93.58
N ALA T 372 27.10 12.57 -92.25
CA ALA T 372 27.01 13.68 -91.29
C ALA T 372 28.02 14.79 -91.60
N GLU T 398 29.75 22.96 -77.02
CA GLU T 398 28.75 21.98 -77.41
C GLU T 398 29.43 20.68 -77.94
N THR T 399 30.76 20.56 -77.75
CA THR T 399 31.52 19.39 -78.19
C THR T 399 32.44 18.90 -77.07
N ARG T 400 32.50 17.57 -76.86
CA ARG T 400 33.32 16.94 -75.79
C ARG T 400 34.70 16.54 -76.30
N SER T 401 35.73 17.24 -75.85
CA SER T 401 37.09 16.89 -76.23
C SER T 401 38.02 17.40 -75.14
N PRO T 402 39.18 16.74 -74.94
CA PRO T 402 40.13 17.27 -73.96
C PRO T 402 40.55 18.68 -74.29
N GLU T 403 40.73 18.97 -75.58
CA GLU T 403 41.18 20.30 -76.00
C GLU T 403 40.17 21.38 -75.60
N ALA T 404 38.87 21.11 -75.78
CA ALA T 404 37.83 22.07 -75.42
C ALA T 404 37.82 22.35 -73.93
N VAL T 405 37.97 21.30 -73.13
CA VAL T 405 37.99 21.45 -71.69
C VAL T 405 39.22 22.23 -71.26
N TYR T 406 40.37 21.91 -71.84
CA TYR T 406 41.59 22.59 -71.46
C TYR T 406 41.49 24.09 -71.72
N THR T 407 41.00 24.47 -72.91
CA THR T 407 40.84 25.88 -73.24
C THR T 407 39.81 26.52 -72.33
N ARG T 408 38.74 25.79 -71.99
CA ARG T 408 37.75 26.34 -71.08
C ARG T 408 38.38 26.71 -69.75
N ILE T 409 39.22 25.82 -69.23
CA ILE T 409 39.93 26.09 -67.98
C ILE T 409 40.85 27.29 -68.14
N MET T 410 41.60 27.35 -69.24
CA MET T 410 42.54 28.45 -69.40
C MET T 410 41.82 29.78 -69.49
N MET T 411 40.61 29.81 -70.07
CA MET T 411 39.88 31.07 -70.20
C MET T 411 39.56 31.68 -68.84
N ASN T 412 39.23 30.85 -67.87
CA ASN T 412 38.96 31.32 -66.52
C ASN T 412 40.20 31.32 -65.64
N GLY T 413 41.38 31.14 -66.23
CA GLY T 413 42.62 31.27 -65.49
C GLY T 413 42.90 30.20 -64.47
N GLY T 414 42.46 28.96 -64.72
CA GLY T 414 42.65 27.88 -63.78
C GLY T 414 41.83 28.01 -62.51
N ARG T 415 40.74 28.78 -62.56
CA ARG T 415 39.91 29.06 -61.41
C ARG T 415 38.50 28.49 -61.57
N LEU T 416 37.97 27.95 -60.47
CA LEU T 416 36.62 27.39 -60.46
C LEU T 416 35.60 28.48 -60.79
N LYS T 417 34.59 28.13 -61.60
CA LYS T 417 33.44 28.98 -61.86
C LYS T 417 32.50 28.93 -60.65
N ARG T 418 31.66 29.96 -60.52
CA ARG T 418 30.71 30.00 -59.42
C ARG T 418 29.78 28.78 -59.51
N SER T 419 29.42 28.39 -60.72
CA SER T 419 28.59 27.19 -60.88
C SER T 419 29.27 25.96 -60.32
N HIS T 420 30.59 25.82 -60.53
CA HIS T 420 31.28 24.69 -59.93
C HIS T 420 31.07 24.67 -58.43
N ILE T 421 31.29 25.81 -57.79
CA ILE T 421 31.16 25.82 -56.35
C ILE T 421 29.73 25.52 -55.94
N ARG T 422 28.74 26.08 -56.63
CA ARG T 422 27.35 25.81 -56.29
C ARG T 422 27.08 24.31 -56.32
N ARG T 423 27.53 23.63 -57.38
CA ARG T 423 27.29 22.19 -57.47
C ARG T 423 27.99 21.44 -56.36
N TYR T 424 29.27 21.74 -56.15
CA TYR T 424 30.02 21.03 -55.13
C TYR T 424 29.36 21.17 -53.78
N VAL T 425 28.95 22.39 -53.43
CA VAL T 425 28.34 22.65 -52.13
C VAL T 425 27.01 21.92 -52.00
N SER T 426 26.19 21.94 -53.06
CA SER T 426 24.90 21.26 -53.02
C SER T 426 25.08 19.78 -52.77
N VAL T 427 26.09 19.19 -53.39
CA VAL T 427 26.34 17.78 -53.16
C VAL T 427 26.83 17.55 -51.74
N SER T 428 27.77 18.37 -51.27
CA SER T 428 28.36 18.10 -49.96
C SER T 428 27.37 18.38 -48.83
N SER T 429 26.61 19.48 -48.92
CA SER T 429 25.69 19.85 -47.86
C SER T 429 24.52 18.86 -47.76
N ASN T 430 24.04 18.36 -48.90
CA ASN T 430 22.96 17.37 -48.94
C ASN T 430 23.48 15.95 -48.72
N HIS T 431 24.36 15.77 -47.75
CA HIS T 431 24.94 14.47 -47.46
C HIS T 431 25.52 14.49 -46.06
N GLN T 432 25.47 13.33 -45.40
CA GLN T 432 26.02 13.16 -44.06
C GLN T 432 27.53 12.97 -44.17
N ALA T 433 28.24 14.09 -44.12
CA ALA T 433 29.68 14.09 -44.37
C ALA T 433 30.46 13.31 -43.31
N ARG T 434 31.24 12.31 -43.75
CA ARG T 434 32.08 11.51 -42.87
C ARG T 434 33.35 12.28 -42.48
N PRO T 435 34.04 11.82 -41.38
CA PRO T 435 35.18 12.58 -40.84
C PRO T 435 36.21 13.10 -41.82
N ASN T 436 36.92 12.27 -42.56
CA ASN T 436 37.92 12.84 -43.47
C ASN T 436 37.56 12.63 -44.93
N SER T 437 36.26 12.59 -45.20
CA SER T 437 35.80 12.26 -46.54
C SER T 437 35.99 13.42 -47.51
N PHE T 438 35.79 13.08 -48.78
CA PHE T 438 35.73 14.10 -49.81
C PHE T 438 34.59 15.06 -49.52
N ALA T 439 33.46 14.54 -49.03
CA ALA T 439 32.34 15.39 -48.68
C ALA T 439 32.73 16.40 -47.63
N GLU T 440 33.41 15.95 -46.58
CA GLU T 440 33.82 16.90 -45.56
C GLU T 440 34.76 17.93 -46.15
N PHE T 441 35.71 17.48 -46.97
CA PHE T 441 36.62 18.43 -47.61
C PHE T 441 35.84 19.44 -48.41
N LEU T 442 34.85 18.99 -49.18
CA LEU T 442 34.09 19.94 -49.97
C LEU T 442 33.33 20.90 -49.05
N ASN T 443 32.72 20.36 -48.00
CA ASN T 443 31.94 21.21 -47.12
C ASN T 443 32.80 22.25 -46.44
N LYS T 444 33.94 21.83 -45.88
CA LYS T 444 34.82 22.77 -45.20
C LYS T 444 35.44 23.78 -46.15
N THR T 445 35.70 23.39 -47.40
CA THR T 445 36.44 24.31 -48.26
C THR T 445 35.55 25.36 -48.92
N TYR T 446 34.45 24.98 -49.54
CA TYR T 446 33.56 25.91 -50.26
C TYR T 446 32.20 25.93 -49.59
N SER T 447 31.89 26.94 -48.78
CA SER T 447 30.55 26.93 -48.15
C SER T 447 29.79 28.25 -48.17
N SER T 448 30.40 29.36 -48.54
CA SER T 448 29.65 30.58 -48.64
C SER T 448 29.51 31.00 -50.10
N ILE U 6 45.89 1.64 -77.93
CA ILE U 6 46.08 2.21 -76.59
C ILE U 6 47.51 2.76 -76.39
N VAL U 7 47.74 4.00 -76.81
CA VAL U 7 49.07 4.61 -76.70
C VAL U 7 48.99 5.96 -76.00
N PHE U 8 49.99 6.26 -75.16
CA PHE U 8 50.15 7.54 -74.49
C PHE U 8 51.54 8.09 -74.61
N LYS U 9 51.62 9.42 -74.57
CA LYS U 9 52.88 10.09 -74.77
C LYS U 9 53.19 11.00 -73.58
N VAL U 10 53.43 10.44 -72.40
CA VAL U 10 53.79 11.30 -71.30
C VAL U 10 55.13 11.94 -71.63
N ASN U 11 55.30 13.24 -71.32
CA ASN U 11 56.56 13.90 -71.68
C ASN U 11 57.74 13.39 -70.88
N ASN U 12 57.64 13.38 -69.55
CA ASN U 12 58.69 12.84 -68.67
C ASN U 12 60.04 13.54 -68.86
N GLN U 13 61.14 12.88 -68.49
CA GLN U 13 62.43 13.50 -68.78
C GLN U 13 62.73 13.44 -70.26
N VAL U 14 62.44 12.29 -70.88
CA VAL U 14 62.44 12.01 -72.32
C VAL U 14 61.05 11.44 -72.65
N VAL U 15 60.74 11.30 -73.94
CA VAL U 15 59.38 10.92 -74.36
C VAL U 15 59.14 9.46 -74.06
N SER U 16 57.98 9.17 -73.47
CA SER U 16 57.65 7.84 -72.97
C SER U 16 56.33 7.37 -73.55
N LEU U 17 56.28 6.14 -74.05
CA LEU U 17 55.04 5.60 -74.62
C LEU U 17 54.57 4.52 -73.65
N LYS U 18 53.34 4.64 -73.14
CA LYS U 18 52.85 3.68 -72.17
C LYS U 18 51.51 3.13 -72.65
N PRO U 19 51.35 1.79 -72.73
CA PRO U 19 50.04 1.22 -73.06
C PRO U 19 49.21 1.04 -71.80
N GLU U 20 47.96 1.49 -71.82
CA GLU U 20 47.10 1.37 -70.65
C GLU U 20 46.34 0.08 -70.82
N ILE U 21 46.58 -0.86 -69.90
CA ILE U 21 46.03 -2.20 -69.99
C ILE U 21 45.12 -2.37 -68.79
N ILE U 22 43.88 -1.95 -68.95
CA ILE U 22 42.88 -2.03 -67.91
C ILE U 22 41.62 -2.47 -68.61
N VAL U 23 41.20 -3.71 -68.36
CA VAL U 23 40.05 -4.27 -69.05
C VAL U 23 39.60 -5.49 -68.28
N ASP U 24 38.38 -5.94 -68.53
CA ASP U 24 37.85 -7.17 -67.97
C ASP U 24 37.54 -8.08 -69.15
N GLN U 25 38.35 -9.13 -69.34
CA GLN U 25 38.11 -10.06 -70.45
C GLN U 25 36.66 -10.56 -70.37
N HIS U 26 35.94 -10.52 -71.49
CA HIS U 26 34.52 -10.89 -71.52
C HIS U 26 34.33 -12.33 -71.99
N GLU U 27 34.00 -13.21 -71.05
CA GLU U 27 33.66 -14.59 -71.35
C GLU U 27 32.22 -14.83 -70.91
N TYR U 28 31.40 -15.34 -71.82
CA TYR U 28 29.99 -15.56 -71.53
C TYR U 28 29.56 -16.89 -72.11
N LYS U 29 29.22 -17.83 -71.23
CA LYS U 29 28.78 -19.13 -71.69
C LYS U 29 27.38 -19.02 -72.25
N TYR U 30 27.20 -19.54 -73.40
CA TYR U 30 25.89 -19.51 -74.00
C TYR U 30 25.16 -20.83 -73.76
N PRO U 31 23.84 -20.85 -73.79
CA PRO U 31 23.14 -22.05 -73.34
C PRO U 31 23.14 -23.18 -74.34
N ALA U 32 23.26 -22.90 -75.65
CA ALA U 32 23.15 -23.97 -76.64
C ALA U 32 24.02 -25.16 -76.25
N ILE U 33 23.50 -26.37 -76.45
CA ILE U 33 24.21 -27.60 -76.09
C ILE U 33 24.75 -28.23 -77.37
N LYS U 34 26.09 -28.18 -77.55
CA LYS U 34 26.74 -28.81 -78.71
C LYS U 34 26.87 -30.32 -78.57
N ASP U 35 27.11 -30.85 -77.34
CA ASP U 35 27.27 -32.29 -77.11
C ASP U 35 25.97 -33.10 -77.30
N LEU U 36 24.80 -32.42 -77.31
CA LEU U 36 23.48 -33.04 -77.48
C LEU U 36 23.12 -33.99 -76.32
N LYS U 37 23.67 -33.72 -75.14
CA LYS U 37 23.48 -34.51 -73.92
C LYS U 37 22.62 -33.75 -72.90
N LYS U 38 21.60 -34.42 -72.37
CA LYS U 38 20.75 -33.77 -71.37
C LYS U 38 21.55 -33.49 -70.10
N PRO U 39 21.25 -32.38 -69.41
CA PRO U 39 21.99 -32.03 -68.19
C PRO U 39 21.88 -33.07 -67.11
N CYS U 40 22.99 -33.33 -66.41
CA CYS U 40 23.03 -34.40 -65.42
C CYS U 40 23.65 -33.90 -64.11
N ILE U 41 23.14 -34.43 -62.99
CA ILE U 41 23.75 -34.19 -61.68
C ILE U 41 23.92 -35.53 -60.98
N THR U 42 24.94 -35.60 -60.13
CA THR U 42 25.27 -36.80 -59.35
C THR U 42 24.69 -36.71 -57.93
N LEU U 43 23.79 -37.63 -57.58
CA LEU U 43 23.10 -37.67 -56.28
C LEU U 43 23.44 -38.98 -55.55
N GLY U 44 22.90 -39.15 -54.33
CA GLY U 44 23.19 -40.35 -53.56
C GLY U 44 22.30 -41.52 -53.96
N LYS U 45 22.46 -42.66 -53.26
CA LYS U 45 21.71 -43.87 -53.64
C LYS U 45 20.22 -43.72 -53.33
N ALA U 46 19.38 -44.30 -54.20
CA ALA U 46 17.94 -44.05 -54.08
C ALA U 46 17.44 -44.46 -52.72
N PRO U 47 16.72 -43.60 -52.00
CA PRO U 47 16.17 -44.02 -50.71
C PRO U 47 14.83 -44.69 -50.91
N ASP U 48 14.42 -45.45 -49.89
CA ASP U 48 13.07 -45.97 -49.91
C ASP U 48 12.11 -44.82 -49.75
N LEU U 49 11.19 -44.68 -50.69
CA LEU U 49 10.32 -43.51 -50.72
C LEU U 49 9.66 -43.26 -49.37
N ASN U 50 9.04 -44.30 -48.79
CA ASN U 50 8.36 -44.15 -47.49
C ASN U 50 9.32 -43.75 -46.36
N LYS U 51 10.52 -44.34 -46.35
CA LYS U 51 11.45 -43.96 -45.29
C LYS U 51 11.95 -42.53 -45.52
N ALA U 52 12.29 -42.21 -46.77
CA ALA U 52 12.79 -40.87 -47.05
C ALA U 52 11.72 -39.83 -46.70
N TYR U 53 10.45 -40.15 -46.95
CA TYR U 53 9.39 -39.19 -46.64
C TYR U 53 9.34 -38.89 -45.14
N LYS U 54 9.42 -39.95 -44.29
CA LYS U 54 9.33 -39.80 -42.83
C LYS U 54 10.54 -39.06 -42.27
N SER U 55 11.73 -39.28 -42.84
CA SER U 55 12.93 -38.61 -42.35
C SER U 55 12.87 -37.11 -42.61
N VAL U 56 12.54 -36.71 -43.84
CA VAL U 56 12.53 -35.29 -44.13
C VAL U 56 11.40 -34.62 -43.36
N LEU U 57 10.22 -35.28 -43.30
CA LEU U 57 9.05 -34.70 -42.63
C LEU U 57 9.32 -34.47 -41.14
N SER U 58 9.91 -35.46 -40.47
CA SER U 58 10.35 -35.24 -39.10
C SER U 58 11.37 -34.13 -39.08
N GLY U 59 12.24 -34.11 -40.10
CA GLY U 59 13.22 -33.07 -40.19
C GLY U 59 12.60 -31.69 -40.26
N MET U 60 11.49 -31.58 -40.98
CA MET U 60 10.84 -30.27 -41.17
C MET U 60 10.40 -29.59 -39.89
N SER U 61 9.62 -30.32 -39.06
CA SER U 61 9.04 -29.70 -37.86
C SER U 61 10.13 -29.33 -36.88
N ALA U 62 11.21 -30.12 -36.85
CA ALA U 62 12.32 -29.94 -35.94
C ALA U 62 13.35 -28.96 -36.47
N ALA U 63 13.13 -28.42 -37.68
CA ALA U 63 14.00 -27.42 -38.30
C ALA U 63 15.40 -27.94 -38.62
N LYS U 64 15.57 -29.26 -38.73
CA LYS U 64 16.84 -29.86 -39.13
C LYS U 64 16.64 -30.69 -40.39
N LEU U 65 17.29 -30.28 -41.48
CA LEU U 65 17.15 -30.94 -42.79
C LEU U 65 18.52 -31.15 -43.42
N ASP U 66 18.71 -32.33 -44.02
CA ASP U 66 19.98 -32.65 -44.65
C ASP U 66 19.87 -32.39 -46.15
N PRO U 67 20.70 -31.51 -46.72
CA PRO U 67 20.56 -31.20 -48.17
C PRO U 67 20.74 -32.40 -49.11
N ASP U 68 21.74 -33.27 -48.90
CA ASP U 68 21.96 -34.42 -49.78
C ASP U 68 20.80 -35.41 -49.71
N ASP U 69 20.25 -35.62 -48.51
CA ASP U 69 19.12 -36.53 -48.37
C ASP U 69 17.87 -35.95 -49.06
N VAL U 70 17.63 -34.63 -48.93
CA VAL U 70 16.43 -34.00 -49.52
C VAL U 70 16.43 -34.06 -51.06
N CYS U 71 17.59 -33.79 -51.72
CA CYS U 71 17.64 -33.83 -53.18
C CYS U 71 17.43 -35.24 -53.70
N SER U 72 18.01 -36.23 -53.01
CA SER U 72 17.88 -37.60 -53.48
C SER U 72 16.41 -38.02 -53.47
N TYR U 73 15.68 -37.61 -52.43
CA TYR U 73 14.24 -37.90 -52.32
C TYR U 73 13.44 -37.25 -53.44
N LEU U 74 13.78 -36.00 -53.77
CA LEU U 74 13.11 -35.28 -54.84
C LEU U 74 13.38 -35.93 -56.19
N ALA U 75 14.61 -36.40 -56.41
CA ALA U 75 14.92 -37.10 -57.65
C ALA U 75 14.14 -38.40 -57.74
N ALA U 76 14.03 -39.11 -56.61
CA ALA U 76 13.28 -40.37 -56.55
C ALA U 76 11.79 -40.14 -56.75
N ALA U 77 11.26 -39.07 -56.19
CA ALA U 77 9.84 -38.70 -56.28
C ALA U 77 9.43 -38.25 -57.69
N MET U 78 10.38 -38.01 -58.59
CA MET U 78 10.05 -37.56 -59.93
C MET U 78 9.21 -38.57 -60.70
N GLN U 79 9.37 -39.86 -60.41
CA GLN U 79 8.61 -40.87 -61.14
C GLN U 79 7.10 -40.74 -60.89
N PHE U 80 6.70 -40.23 -59.72
CA PHE U 80 5.28 -40.12 -59.38
C PHE U 80 4.52 -39.24 -60.38
N PHE U 81 5.15 -38.13 -60.84
CA PHE U 81 4.51 -37.13 -61.69
C PHE U 81 4.68 -37.50 -63.15
N GLU U 82 3.58 -37.91 -63.79
CA GLU U 82 3.61 -38.39 -65.15
C GLU U 82 2.43 -37.83 -65.90
N GLY U 83 2.69 -37.44 -67.14
CA GLY U 83 1.66 -36.84 -67.94
C GLY U 83 2.03 -37.02 -69.38
N THR U 84 1.08 -36.79 -70.23
CA THR U 84 1.26 -36.86 -71.67
C THR U 84 1.71 -35.57 -72.34
N CYS U 85 2.64 -35.72 -73.28
CA CYS U 85 3.29 -34.61 -73.93
C CYS U 85 2.41 -34.13 -75.10
N PRO U 86 1.99 -32.85 -75.11
CA PRO U 86 0.98 -32.42 -76.11
C PRO U 86 1.51 -32.38 -77.52
N GLU U 87 2.72 -31.87 -77.71
CA GLU U 87 3.28 -31.74 -79.05
C GLU U 87 4.71 -32.23 -78.99
N ASP U 88 5.29 -32.52 -80.17
CA ASP U 88 6.67 -32.99 -80.22
C ASP U 88 7.61 -31.95 -79.64
N TRP U 89 8.49 -32.40 -78.74
CA TRP U 89 9.30 -31.50 -77.93
C TRP U 89 10.81 -31.62 -78.21
N THR U 90 11.37 -30.67 -78.96
CA THR U 90 12.80 -30.56 -79.26
C THR U 90 13.37 -29.25 -78.72
N SER U 91 14.43 -29.35 -77.91
CA SER U 91 15.12 -28.21 -77.31
C SER U 91 16.42 -27.97 -78.11
N TYR U 92 17.61 -27.96 -77.47
CA TYR U 92 18.90 -27.70 -78.14
C TYR U 92 19.41 -28.97 -78.81
N GLY U 93 18.64 -29.43 -79.80
CA GLY U 93 18.94 -30.61 -80.59
C GLY U 93 18.50 -31.91 -79.98
N ILE U 94 17.89 -31.88 -78.79
CA ILE U 94 17.43 -33.08 -78.11
C ILE U 94 15.92 -33.13 -78.24
N VAL U 95 15.41 -34.30 -78.62
CA VAL U 95 13.98 -34.56 -78.67
C VAL U 95 13.64 -35.34 -77.40
N ILE U 96 13.11 -34.58 -76.43
CA ILE U 96 12.74 -35.12 -75.16
C ILE U 96 11.44 -35.92 -75.23
N ALA U 97 10.58 -35.59 -76.20
CA ALA U 97 9.30 -36.29 -76.29
C ALA U 97 8.68 -36.05 -77.66
N ARG U 98 7.68 -36.85 -77.98
CA ARG U 98 6.90 -36.72 -79.19
C ARG U 98 5.44 -36.70 -78.76
N LYS U 99 4.56 -36.14 -79.60
CA LYS U 99 3.16 -36.01 -79.19
C LYS U 99 2.57 -37.37 -78.84
N GLY U 100 1.85 -37.40 -77.71
CA GLY U 100 1.18 -38.56 -77.16
C GLY U 100 2.04 -39.46 -76.30
N ASP U 101 3.27 -39.03 -75.97
CA ASP U 101 4.14 -39.84 -75.13
C ASP U 101 4.03 -39.37 -73.70
N LYS U 102 3.84 -40.32 -72.78
CA LYS U 102 3.77 -39.95 -71.37
C LYS U 102 5.19 -39.75 -70.88
N ILE U 103 5.43 -38.69 -70.07
CA ILE U 103 6.79 -38.32 -69.64
C ILE U 103 6.74 -37.91 -68.17
N THR U 104 7.91 -37.95 -67.53
CA THR U 104 8.14 -37.53 -66.16
C THR U 104 9.20 -36.44 -66.15
N PRO U 105 9.40 -35.79 -64.99
CA PRO U 105 10.59 -34.94 -64.84
C PRO U 105 11.89 -35.70 -65.05
N GLY U 106 11.95 -36.97 -64.66
CA GLY U 106 13.15 -37.76 -64.91
C GLY U 106 13.45 -37.94 -66.39
N SER U 107 12.41 -37.84 -67.25
CA SER U 107 12.67 -38.04 -68.67
C SER U 107 13.43 -36.87 -69.29
N LEU U 108 13.32 -35.68 -68.66
CA LEU U 108 13.91 -34.42 -69.15
C LEU U 108 15.42 -34.33 -68.94
N VAL U 109 15.90 -34.79 -67.78
CA VAL U 109 17.34 -34.73 -67.48
C VAL U 109 17.83 -36.10 -67.02
N GLU U 110 19.14 -36.34 -67.19
CA GLU U 110 19.76 -37.58 -66.73
C GLU U 110 20.28 -37.40 -65.30
N ILE U 111 19.79 -38.22 -64.37
CA ILE U 111 20.17 -38.16 -62.95
C ILE U 111 21.05 -39.36 -62.61
N LYS U 112 22.22 -39.11 -62.04
CA LYS U 112 23.19 -40.15 -61.70
C LYS U 112 23.19 -40.41 -60.19
N ARG U 113 22.94 -41.67 -59.79
CA ARG U 113 22.92 -42.03 -58.37
C ARG U 113 24.19 -42.82 -58.01
N THR U 114 24.81 -42.49 -56.86
CA THR U 114 26.00 -43.19 -56.38
C THR U 114 25.56 -44.31 -55.44
N ASP U 115 26.35 -45.39 -55.40
CA ASP U 115 26.04 -46.46 -54.47
C ASP U 115 26.16 -46.08 -52.99
N VAL U 116 26.40 -44.81 -52.67
CA VAL U 116 26.57 -44.43 -51.27
C VAL U 116 25.20 -44.28 -50.63
N GLU U 117 25.06 -44.81 -49.41
CA GLU U 117 23.77 -44.82 -48.74
C GLU U 117 23.55 -43.45 -48.10
N GLY U 118 22.27 -43.05 -48.02
CA GLY U 118 21.89 -41.78 -47.42
C GLY U 118 21.65 -41.94 -45.92
N ASN U 119 21.63 -40.83 -45.17
CA ASN U 119 21.52 -40.94 -43.71
C ASN U 119 20.13 -41.42 -43.26
N TRP U 120 19.09 -41.10 -44.04
CA TRP U 120 17.67 -41.39 -43.75
C TRP U 120 17.37 -41.49 -42.25
N ALA U 121 17.65 -40.41 -41.51
CA ALA U 121 17.43 -40.39 -40.07
C ALA U 121 16.31 -39.41 -39.75
N LEU U 122 15.52 -39.69 -38.72
CA LEU U 122 14.41 -38.79 -38.43
C LEU U 122 14.77 -37.98 -37.20
N THR U 123 14.57 -36.64 -37.26
CA THR U 123 15.05 -35.78 -36.18
C THR U 123 14.12 -35.80 -34.97
N GLY U 124 12.82 -35.65 -35.19
CA GLY U 124 11.94 -35.51 -34.05
C GLY U 124 10.94 -36.62 -33.81
N GLY U 125 9.70 -36.40 -34.27
CA GLY U 125 8.62 -37.36 -34.11
C GLY U 125 7.81 -37.55 -35.38
N MET U 126 7.42 -38.79 -35.66
CA MET U 126 6.58 -39.17 -36.78
C MET U 126 5.28 -39.76 -36.24
N GLU U 127 4.13 -39.28 -36.72
CA GLU U 127 2.84 -39.78 -36.26
C GLU U 127 2.23 -40.80 -37.24
N LEU U 128 2.89 -41.02 -38.38
CA LEU U 128 2.43 -41.91 -39.46
C LEU U 128 3.00 -43.32 -39.32
N THR U 129 2.12 -44.30 -39.11
CA THR U 129 2.50 -45.70 -38.97
C THR U 129 2.50 -46.44 -40.31
N ARG U 130 1.99 -45.80 -41.37
CA ARG U 130 1.86 -46.45 -42.66
C ARG U 130 2.69 -45.73 -43.71
N ASP U 131 2.91 -46.43 -44.83
CA ASP U 131 3.59 -45.83 -45.97
C ASP U 131 2.77 -44.72 -46.61
N PRO U 132 3.41 -43.61 -46.95
CA PRO U 132 2.69 -42.45 -47.51
C PRO U 132 2.15 -42.65 -48.92
N THR U 133 1.04 -41.94 -49.19
CA THR U 133 0.33 -41.85 -50.46
C THR U 133 0.99 -40.85 -51.38
N VAL U 134 0.66 -40.95 -52.66
CA VAL U 134 1.28 -40.08 -53.66
C VAL U 134 1.10 -38.59 -53.33
N PRO U 135 -0.11 -38.10 -53.00
CA PRO U 135 -0.25 -36.68 -52.54
C PRO U 135 0.67 -36.29 -51.43
N GLU U 136 0.73 -37.10 -50.38
CA GLU U 136 1.62 -36.84 -49.26
C GLU U 136 3.04 -36.63 -49.77
N HIS U 137 3.48 -37.51 -50.71
CA HIS U 137 4.77 -37.30 -51.39
C HIS U 137 4.77 -36.00 -52.20
N ALA U 138 3.69 -35.74 -52.96
CA ALA U 138 3.66 -34.53 -53.75
C ALA U 138 3.64 -33.30 -52.84
N SER U 139 2.90 -33.35 -51.71
CA SER U 139 2.87 -32.19 -50.80
C SER U 139 4.26 -31.86 -50.26
N LEU U 140 5.04 -32.88 -49.88
CA LEU U 140 6.40 -32.63 -49.40
C LEU U 140 7.31 -32.13 -50.52
N VAL U 141 7.19 -32.70 -51.74
CA VAL U 141 8.05 -32.29 -52.83
C VAL U 141 7.90 -30.80 -53.08
N GLY U 142 6.65 -30.33 -53.11
CA GLY U 142 6.41 -28.92 -53.30
C GLY U 142 6.94 -28.06 -52.16
N LEU U 143 6.72 -28.50 -50.91
CA LEU U 143 7.19 -27.74 -49.75
C LEU U 143 8.70 -27.61 -49.73
N LEU U 144 9.40 -28.69 -50.07
CA LEU U 144 10.86 -28.70 -50.14
C LEU U 144 11.35 -27.78 -51.25
N LEU U 145 10.70 -27.83 -52.42
CA LEU U 145 11.06 -26.96 -53.52
C LEU U 145 10.84 -25.50 -53.13
N SER U 146 9.78 -25.23 -52.36
CA SER U 146 9.46 -23.86 -51.95
C SER U 146 10.57 -23.20 -51.15
N LEU U 147 11.45 -23.98 -50.51
CA LEU U 147 12.57 -23.35 -49.81
C LEU U 147 13.47 -22.62 -50.78
N TYR U 148 13.58 -23.12 -52.02
CA TYR U 148 14.49 -22.50 -52.98
C TYR U 148 14.09 -21.05 -53.24
N ARG U 149 12.81 -20.83 -53.57
CA ARG U 149 12.33 -19.48 -53.75
C ARG U 149 12.51 -18.64 -52.48
N LEU U 150 12.24 -19.21 -51.31
CA LEU U 150 12.39 -18.48 -50.06
C LEU U 150 13.85 -18.10 -49.81
N SER U 151 14.78 -18.99 -50.17
CA SER U 151 16.20 -18.68 -50.00
C SER U 151 16.63 -17.51 -50.87
N LYS U 152 16.14 -17.45 -52.11
CA LYS U 152 16.50 -16.37 -53.02
C LYS U 152 15.95 -15.03 -52.53
N ILE U 153 14.75 -15.02 -51.92
CA ILE U 153 14.13 -13.75 -51.56
C ILE U 153 14.75 -13.11 -50.32
N SER U 154 15.77 -13.74 -49.71
CA SER U 154 16.38 -13.16 -48.52
C SER U 154 17.24 -11.97 -48.92
N GLY U 155 17.19 -10.94 -48.09
CA GLY U 155 17.77 -9.68 -48.43
C GLY U 155 17.28 -8.74 -47.37
N GLN U 156 17.54 -7.48 -47.64
CA GLN U 156 17.31 -6.46 -46.60
C GLN U 156 15.75 -6.10 -46.69
N ASN U 157 15.04 -5.55 -45.63
CA ASN U 157 13.55 -5.51 -45.32
C ASN U 157 12.65 -6.59 -46.01
N THR U 158 13.12 -7.78 -46.35
CA THR U 158 12.26 -8.83 -46.98
C THR U 158 11.63 -9.69 -45.89
N GLY U 159 10.94 -9.00 -44.99
CA GLY U 159 10.43 -9.64 -43.80
C GLY U 159 8.97 -9.98 -43.93
N ASN U 160 8.12 -8.93 -43.98
CA ASN U 160 6.69 -9.15 -44.13
C ASN U 160 6.40 -9.86 -45.44
N TYR U 161 7.20 -9.57 -46.48
CA TYR U 161 6.98 -10.19 -47.78
C TYR U 161 7.30 -11.69 -47.70
N LYS U 162 8.42 -12.05 -47.03
CA LYS U 162 8.83 -13.45 -46.93
C LYS U 162 7.82 -14.29 -46.15
N THR U 163 7.31 -13.73 -45.04
CA THR U 163 6.31 -14.44 -44.25
C THR U 163 5.02 -14.59 -45.04
N ASN U 164 4.62 -13.55 -45.79
CA ASN U 164 3.39 -13.66 -46.60
C ASN U 164 3.48 -14.73 -47.67
N ILE U 165 4.59 -14.80 -48.41
CA ILE U 165 4.66 -15.82 -49.45
C ILE U 165 4.74 -17.20 -48.85
N ALA U 166 5.40 -17.31 -47.69
CA ALA U 166 5.51 -18.60 -47.01
C ALA U 166 4.14 -19.12 -46.58
N ASP U 167 3.30 -18.24 -46.00
CA ASP U 167 1.93 -18.62 -45.61
C ASP U 167 1.09 -19.06 -46.80
N ARG U 168 1.20 -18.34 -47.93
CA ARG U 168 0.50 -18.73 -49.16
C ARG U 168 0.99 -20.08 -49.65
N ILE U 169 2.31 -20.33 -49.58
CA ILE U 169 2.84 -21.61 -50.02
C ILE U 169 2.29 -22.72 -49.15
N GLU U 170 2.13 -22.45 -47.85
CA GLU U 170 1.61 -23.45 -46.94
C GLU U 170 0.18 -23.83 -47.29
N GLN U 171 -0.66 -22.84 -47.57
CA GLN U 171 -2.05 -23.09 -47.92
C GLN U 171 -2.18 -23.91 -49.20
N ILE U 172 -1.29 -23.65 -50.19
CA ILE U 172 -1.29 -24.40 -51.45
C ILE U 172 -1.15 -25.90 -51.18
N PHE U 173 -0.12 -26.26 -50.42
CA PHE U 173 0.19 -27.67 -50.18
C PHE U 173 -0.60 -28.29 -49.04
N GLU U 174 -1.39 -27.51 -48.29
CA GLU U 174 -2.31 -28.07 -47.32
C GLU U 174 -3.70 -28.26 -47.90
N THR U 175 -3.95 -27.84 -49.15
CA THR U 175 -5.27 -27.94 -49.77
C THR U 175 -5.22 -28.90 -50.97
N ALA U 176 -6.39 -29.40 -51.36
CA ALA U 176 -6.46 -30.45 -52.38
C ALA U 176 -5.90 -29.95 -53.71
N PRO U 177 -5.19 -30.78 -54.48
CA PRO U 177 -4.99 -32.24 -54.37
C PRO U 177 -3.90 -32.63 -53.36
N PHE U 178 -3.35 -31.63 -52.67
CA PHE U 178 -2.30 -31.85 -51.69
C PHE U 178 -2.89 -32.04 -50.29
N VAL U 179 -2.13 -32.70 -49.40
CA VAL U 179 -2.62 -33.03 -48.07
C VAL U 179 -1.78 -32.33 -47.01
N LYS U 180 -2.43 -31.93 -45.92
CA LYS U 180 -1.76 -31.17 -44.87
C LYS U 180 -0.85 -32.08 -44.07
N ILE U 181 0.46 -31.86 -44.17
CA ILE U 181 1.41 -32.67 -43.42
C ILE U 181 2.29 -31.84 -42.47
N VAL U 182 2.35 -30.52 -42.59
CA VAL U 182 3.28 -29.76 -41.77
C VAL U 182 2.66 -28.61 -40.98
N GLU U 183 1.42 -28.79 -40.51
CA GLU U 183 0.73 -27.74 -39.79
C GLU U 183 0.77 -26.42 -40.57
N HIS U 184 0.94 -25.28 -39.87
CA HIS U 184 0.84 -23.97 -40.54
C HIS U 184 2.12 -23.13 -40.58
N HIS U 185 2.83 -22.97 -39.46
CA HIS U 185 4.01 -22.10 -39.43
C HIS U 185 5.34 -22.84 -39.48
N THR U 186 5.32 -24.17 -39.64
CA THR U 186 6.58 -24.92 -39.69
C THR U 186 7.48 -24.46 -40.85
N LEU U 187 6.90 -24.02 -41.97
CA LEU U 187 7.70 -23.68 -43.17
C LEU U 187 8.65 -22.49 -42.93
N MET U 188 8.18 -21.45 -42.22
CA MET U 188 9.07 -20.36 -41.81
C MET U 188 10.17 -20.83 -40.88
N THR U 189 9.83 -21.76 -39.98
CA THR U 189 10.79 -22.26 -38.98
C THR U 189 11.92 -23.06 -39.63
N THR U 190 11.60 -23.94 -40.58
CA THR U 190 12.61 -24.68 -41.35
C THR U 190 13.42 -23.73 -42.23
N HIS U 191 12.77 -22.67 -42.72
CA HIS U 191 13.44 -21.74 -43.62
C HIS U 191 14.62 -21.04 -42.95
N LYS U 192 14.54 -20.76 -41.65
CA LYS U 192 15.65 -20.08 -40.98
C LYS U 192 16.95 -20.86 -41.14
N MET U 193 16.88 -22.21 -41.01
CA MET U 193 17.99 -23.16 -41.25
C MET U 193 18.22 -23.45 -42.73
N CYS U 194 17.26 -23.07 -43.59
CA CYS U 194 17.32 -23.25 -45.03
C CYS U 194 17.34 -21.89 -45.77
N ALA U 195 18.02 -20.89 -45.19
CA ALA U 195 18.09 -19.54 -45.76
C ALA U 195 19.06 -19.46 -46.93
N ASN U 196 20.10 -20.31 -46.94
CA ASN U 196 21.06 -20.32 -48.03
C ASN U 196 20.91 -21.56 -48.92
N TRP U 197 19.74 -22.18 -48.93
CA TRP U 197 19.58 -23.43 -49.68
C TRP U 197 19.64 -23.21 -51.20
N SER U 198 19.38 -21.97 -51.66
CA SER U 198 19.46 -21.64 -53.08
C SER U 198 20.86 -21.88 -53.67
N THR U 199 21.93 -21.63 -52.87
CA THR U 199 23.30 -21.79 -53.35
C THR U 199 23.60 -23.23 -53.75
N ILE U 200 22.92 -24.20 -53.13
CA ILE U 200 23.19 -25.61 -53.40
C ILE U 200 22.90 -25.92 -54.86
N PRO U 201 23.89 -26.41 -55.62
CA PRO U 201 23.66 -26.56 -57.06
C PRO U 201 22.66 -27.63 -57.39
N ASN U 202 22.71 -28.80 -56.76
CA ASN U 202 21.79 -29.87 -57.15
C ASN U 202 20.35 -29.48 -56.86
N PHE U 203 20.14 -28.78 -55.74
CA PHE U 203 18.79 -28.34 -55.38
C PHE U 203 18.21 -27.39 -56.43
N ARG U 204 19.00 -26.40 -56.89
CA ARG U 204 18.57 -25.48 -57.96
C ARG U 204 18.28 -26.23 -59.25
N PHE U 205 19.14 -27.22 -59.58
CA PHE U 205 18.99 -28.04 -60.78
C PHE U 205 17.66 -28.77 -60.79
N LEU U 206 17.32 -29.35 -59.65
CA LEU U 206 16.08 -30.10 -59.54
C LEU U 206 14.88 -29.18 -59.70
N ALA U 207 14.96 -27.98 -59.11
CA ALA U 207 13.85 -27.03 -59.21
C ALA U 207 13.56 -26.68 -60.66
N GLY U 208 14.62 -26.44 -61.43
CA GLY U 208 14.44 -26.11 -62.83
C GLY U 208 13.83 -27.26 -63.60
N THR U 209 14.26 -28.49 -63.32
CA THR U 209 13.68 -29.63 -64.01
C THR U 209 12.19 -29.74 -63.71
N TYR U 210 11.82 -29.58 -62.44
CA TYR U 210 10.40 -29.63 -62.13
C TYR U 210 9.69 -28.51 -62.86
N ASP U 211 10.23 -27.29 -62.81
CA ASP U 211 9.52 -26.17 -63.39
C ASP U 211 9.33 -26.38 -64.90
N MET U 212 10.35 -26.89 -65.59
CA MET U 212 10.19 -27.12 -67.03
C MET U 212 9.11 -28.13 -67.33
N PHE U 213 9.10 -29.25 -66.60
CA PHE U 213 8.12 -30.29 -66.86
C PHE U 213 6.71 -29.75 -66.67
N PHE U 214 6.45 -29.05 -65.56
CA PHE U 214 5.10 -28.58 -65.30
C PHE U 214 4.69 -27.48 -66.28
N SER U 215 5.64 -26.71 -66.81
CA SER U 215 5.30 -25.70 -67.80
C SER U 215 4.83 -26.33 -69.10
N ARG U 216 5.52 -27.37 -69.55
CA ARG U 216 5.08 -28.03 -70.78
C ARG U 216 3.84 -28.89 -70.54
N ILE U 217 3.83 -29.63 -69.42
CA ILE U 217 2.82 -30.66 -69.15
C ILE U 217 1.86 -30.19 -68.08
N GLU U 218 0.57 -30.06 -68.42
CA GLU U 218 -0.40 -29.72 -67.39
C GLU U 218 -0.55 -30.93 -66.46
N HIS U 219 -0.54 -30.70 -65.16
CA HIS U 219 -0.60 -31.83 -64.23
C HIS U 219 -1.48 -31.48 -63.04
N LEU U 220 -1.94 -32.53 -62.36
CA LEU U 220 -2.72 -32.31 -61.15
C LEU U 220 -1.88 -31.56 -60.14
N TYR U 221 -0.62 -31.92 -60.04
CA TYR U 221 0.26 -31.33 -59.05
C TYR U 221 1.15 -30.23 -59.63
N SER U 222 0.66 -29.53 -60.67
CA SER U 222 1.45 -28.47 -61.28
C SER U 222 1.70 -27.33 -60.31
N ALA U 223 0.90 -27.22 -59.25
CA ALA U 223 1.05 -26.13 -58.29
C ALA U 223 2.41 -26.14 -57.60
N ILE U 224 3.17 -27.24 -57.72
CA ILE U 224 4.53 -27.29 -57.18
C ILE U 224 5.35 -26.17 -57.79
N ARG U 225 4.92 -25.65 -58.94
CA ARG U 225 5.67 -24.59 -59.60
C ARG U 225 5.82 -23.35 -58.71
N VAL U 226 4.98 -23.16 -57.69
CA VAL U 226 5.08 -21.91 -56.92
C VAL U 226 6.47 -21.76 -56.30
N GLY U 227 7.10 -22.88 -55.94
CA GLY U 227 8.48 -22.85 -55.49
C GLY U 227 9.48 -22.64 -56.61
N THR U 228 9.24 -23.25 -57.76
CA THR U 228 10.18 -23.29 -58.87
C THR U 228 9.96 -22.19 -59.90
N VAL U 229 8.96 -21.33 -59.73
CA VAL U 229 8.71 -20.31 -60.74
C VAL U 229 9.92 -19.44 -60.91
N VAL U 230 10.66 -19.22 -59.83
CA VAL U 230 11.78 -18.30 -59.90
C VAL U 230 12.81 -18.79 -60.89
N THR U 231 12.93 -20.12 -61.09
CA THR U 231 13.97 -20.66 -61.97
C THR U 231 13.83 -20.23 -63.43
N ALA U 232 12.61 -19.97 -63.89
CA ALA U 232 12.40 -19.60 -65.30
C ALA U 232 13.03 -18.26 -65.60
N TYR U 233 13.76 -18.21 -66.71
CA TYR U 233 14.49 -17.01 -67.12
C TYR U 233 15.38 -16.50 -65.98
N GLU U 234 16.03 -17.43 -65.30
CA GLU U 234 16.91 -17.04 -64.20
C GLU U 234 18.14 -16.37 -64.75
N ASP U 235 18.50 -15.23 -64.14
CA ASP U 235 19.69 -14.48 -64.52
C ASP U 235 19.62 -14.01 -65.97
N CYS U 236 18.40 -13.76 -66.40
CA CYS U 236 18.16 -13.28 -67.74
C CYS U 236 17.38 -11.98 -67.67
N SER U 237 17.55 -11.22 -66.57
CA SER U 237 16.75 -10.02 -66.32
C SER U 237 16.86 -9.00 -67.41
N GLY U 238 18.01 -8.91 -68.06
CA GLY U 238 18.13 -7.98 -69.15
C GLY U 238 17.16 -8.33 -70.26
N LEU U 239 17.14 -9.59 -70.67
CA LEU U 239 16.23 -9.95 -71.73
C LEU U 239 14.79 -9.67 -71.33
N VAL U 240 14.42 -10.00 -70.09
CA VAL U 240 13.06 -9.76 -69.61
C VAL U 240 12.74 -8.28 -69.56
N SER U 241 13.69 -7.46 -69.10
CA SER U 241 13.44 -6.02 -69.06
C SER U 241 13.21 -5.45 -70.45
N PHE U 242 13.94 -5.96 -71.45
CA PHE U 242 13.74 -5.47 -72.81
C PHE U 242 12.34 -5.81 -73.34
N THR U 243 11.86 -7.03 -73.12
CA THR U 243 10.54 -7.44 -73.59
C THR U 243 9.44 -6.60 -72.93
N GLY U 244 9.59 -6.36 -71.62
CA GLY U 244 8.62 -5.51 -70.94
C GLY U 244 8.69 -4.09 -71.45
N PHE U 245 9.90 -3.60 -71.65
CA PHE U 245 10.07 -2.24 -72.15
C PHE U 245 9.38 -2.06 -73.49
N ILE U 246 9.53 -3.04 -74.38
CA ILE U 246 8.84 -3.01 -75.67
C ILE U 246 7.34 -2.89 -75.46
N LYS U 247 6.78 -3.70 -74.55
CA LYS U 247 5.33 -3.69 -74.37
C LYS U 247 4.83 -2.40 -73.74
N GLN U 248 5.55 -1.85 -72.76
CA GLN U 248 5.07 -0.63 -72.13
C GLN U 248 5.11 0.52 -73.13
N ILE U 249 6.18 0.60 -73.92
CA ILE U 249 6.33 1.65 -74.93
C ILE U 249 5.45 1.36 -76.13
N ASN U 250 5.02 0.12 -76.27
CA ASN U 250 4.13 -0.29 -77.35
C ASN U 250 4.76 -0.11 -78.73
N LEU U 251 6.03 -0.48 -78.83
CA LEU U 251 6.76 -0.44 -80.08
C LEU U 251 7.29 -1.82 -80.35
N THR U 252 7.67 -2.05 -81.59
CA THR U 252 8.32 -3.30 -81.97
C THR U 252 9.79 -3.31 -81.58
N ALA U 253 10.24 -4.48 -81.15
CA ALA U 253 11.66 -4.69 -80.80
C ALA U 253 12.60 -3.95 -81.73
N ARG U 254 12.37 -4.07 -83.05
CA ARG U 254 13.26 -3.39 -83.97
C ARG U 254 13.16 -1.87 -83.76
N GLU U 255 11.95 -1.32 -83.83
CA GLU U 255 11.75 0.11 -83.64
C GLU U 255 12.36 0.62 -82.33
N ALA U 256 12.26 -0.16 -81.26
CA ALA U 256 12.79 0.29 -79.97
C ALA U 256 14.30 0.49 -80.02
N ILE U 257 15.03 -0.46 -80.63
CA ILE U 257 16.48 -0.35 -80.69
C ILE U 257 16.91 0.88 -81.50
N LEU U 258 16.10 1.31 -82.48
CA LEU U 258 16.45 2.48 -83.27
C LEU U 258 16.64 3.68 -82.38
N TYR U 259 15.86 3.75 -81.30
CA TYR U 259 15.93 4.86 -80.35
C TYR U 259 17.19 4.81 -79.46
N PHE U 260 17.95 3.69 -79.42
CA PHE U 260 19.14 3.55 -78.58
C PHE U 260 20.38 4.18 -79.20
N PHE U 261 20.57 5.51 -79.01
CA PHE U 261 21.62 6.28 -79.72
C PHE U 261 22.93 6.36 -78.95
N HIS U 262 23.59 5.21 -78.79
CA HIS U 262 24.89 5.22 -78.17
C HIS U 262 25.73 4.05 -78.59
N LYS U 263 27.03 4.29 -78.70
CA LYS U 263 27.93 3.24 -79.14
C LYS U 263 27.91 2.04 -78.21
N ASN U 264 27.77 2.25 -76.89
CA ASN U 264 27.88 1.11 -75.98
C ASN U 264 26.85 0.04 -76.26
N PHE U 265 25.68 0.45 -76.70
CA PHE U 265 24.63 -0.53 -76.88
C PHE U 265 25.03 -1.63 -77.88
N GLU U 266 25.96 -1.34 -78.80
CA GLU U 266 26.21 -2.28 -79.92
C GLU U 266 26.61 -3.64 -79.42
N GLU U 267 27.59 -3.72 -78.54
CA GLU U 267 28.00 -5.02 -78.02
C GLU U 267 26.84 -5.70 -77.33
N GLU U 268 26.04 -4.94 -76.58
CA GLU U 268 25.00 -5.54 -75.79
C GLU U 268 23.88 -6.11 -76.66
N ILE U 269 23.45 -5.38 -77.69
CA ILE U 269 22.41 -5.89 -78.59
C ILE U 269 22.89 -7.16 -79.27
N ARG U 270 24.16 -7.19 -79.68
CA ARG U 270 24.73 -8.39 -80.29
C ARG U 270 24.77 -9.52 -79.27
N ARG U 271 25.12 -9.21 -78.03
CA ARG U 271 25.26 -10.24 -77.00
C ARG U 271 23.91 -10.91 -76.72
N MET U 272 22.86 -10.11 -76.55
CA MET U 272 21.58 -10.70 -76.16
C MET U 272 20.84 -11.29 -77.35
N PHE U 273 21.18 -10.90 -78.56
CA PHE U 273 20.49 -11.40 -79.74
C PHE U 273 21.39 -12.32 -80.56
N GLU U 274 22.30 -13.01 -79.86
CA GLU U 274 23.18 -13.98 -80.50
C GLU U 274 22.35 -15.10 -81.11
N PRO U 275 22.60 -15.46 -82.37
CA PRO U 275 21.81 -16.51 -83.01
C PRO U 275 22.20 -17.87 -82.46
N GLY U 276 21.31 -18.84 -82.66
CA GLY U 276 21.53 -20.19 -82.19
C GLY U 276 21.04 -20.49 -80.80
N GLN U 277 20.68 -19.49 -80.04
CA GLN U 277 20.03 -19.69 -78.75
C GLN U 277 18.54 -19.61 -78.93
N GLU U 278 17.83 -20.61 -78.41
CA GLU U 278 16.39 -20.63 -78.61
C GLU U 278 15.64 -19.67 -77.69
N THR U 279 15.93 -18.37 -77.84
CA THR U 279 15.20 -17.36 -77.07
C THR U 279 13.71 -17.30 -77.40
N ALA U 280 13.37 -17.41 -78.69
CA ALA U 280 11.96 -17.32 -79.06
C ALA U 280 11.20 -18.62 -78.76
N VAL U 281 11.88 -19.77 -78.69
CA VAL U 281 11.19 -21.07 -78.54
C VAL U 281 10.47 -21.10 -77.21
N PRO U 282 9.17 -21.45 -77.18
CA PRO U 282 8.42 -21.39 -75.93
C PRO U 282 8.93 -22.32 -74.84
N HIS U 283 9.24 -23.56 -75.15
CA HIS U 283 9.62 -24.41 -74.03
C HIS U 283 11.05 -24.93 -74.18
N SER U 284 11.98 -24.08 -74.60
CA SER U 284 13.31 -24.61 -74.85
C SER U 284 14.06 -24.67 -73.54
N TYR U 285 15.21 -25.34 -73.57
CA TYR U 285 16.07 -25.36 -72.39
C TYR U 285 16.49 -23.96 -71.96
N PHE U 286 16.44 -22.98 -72.87
CA PHE U 286 16.94 -21.65 -72.56
C PHE U 286 16.24 -21.02 -71.36
N ILE U 287 14.93 -21.24 -71.22
CA ILE U 287 14.16 -20.57 -70.16
C ILE U 287 14.68 -20.94 -68.77
N HIS U 288 15.24 -22.15 -68.62
CA HIS U 288 15.78 -22.63 -67.36
C HIS U 288 17.27 -22.94 -67.44
N PHE U 289 17.97 -22.33 -68.39
CA PHE U 289 19.35 -22.73 -68.63
C PHE U 289 20.26 -22.46 -67.42
N ARG U 290 20.05 -21.35 -66.71
CA ARG U 290 20.89 -21.01 -65.56
C ARG U 290 20.72 -21.98 -64.38
N SER U 291 19.48 -22.41 -64.08
CA SER U 291 19.26 -23.39 -63.03
C SER U 291 19.79 -24.78 -63.42
N LEU U 292 19.52 -25.19 -64.67
CA LEU U 292 19.91 -26.46 -65.29
C LEU U 292 21.39 -26.61 -65.67
N GLY U 293 22.24 -25.59 -65.45
CA GLY U 293 23.64 -25.68 -65.84
C GLY U 293 23.87 -25.32 -67.30
N LEU U 294 25.13 -25.45 -67.74
CA LEU U 294 25.54 -25.04 -69.10
C LEU U 294 25.34 -23.54 -69.27
N SER U 295 25.47 -22.82 -68.15
CA SER U 295 25.17 -21.41 -68.10
C SER U 295 26.42 -20.58 -67.87
N GLY U 296 27.12 -20.83 -66.75
CA GLY U 296 28.24 -19.99 -66.40
C GLY U 296 27.70 -18.64 -65.99
N LYS U 297 28.32 -17.59 -66.52
CA LYS U 297 27.75 -16.27 -66.41
C LYS U 297 26.78 -16.15 -67.58
N SER U 298 25.61 -15.63 -67.31
CA SER U 298 24.59 -15.52 -68.35
C SER U 298 24.88 -14.29 -69.18
N PRO U 299 24.89 -14.40 -70.51
CA PRO U 299 25.03 -13.21 -71.34
C PRO U 299 23.80 -12.33 -71.37
N TYR U 300 22.68 -12.75 -70.78
CA TYR U 300 21.45 -11.99 -70.74
C TYR U 300 21.20 -11.36 -69.37
N SER U 301 22.13 -11.52 -68.43
CA SER U 301 21.94 -10.97 -67.09
C SER U 301 21.97 -9.45 -67.15
N SER U 302 21.41 -8.83 -66.12
CA SER U 302 21.31 -7.37 -66.09
C SER U 302 22.68 -6.71 -66.19
N ASN U 303 23.73 -7.33 -65.63
CA ASN U 303 25.05 -6.71 -65.70
C ASN U 303 25.64 -6.78 -67.11
N ALA U 304 25.39 -7.90 -67.81
CA ALA U 304 25.93 -8.09 -69.16
C ALA U 304 25.31 -7.11 -70.14
N VAL U 305 24.06 -6.76 -69.92
CA VAL U 305 23.39 -5.86 -70.84
C VAL U 305 23.09 -4.58 -70.06
N GLY U 306 24.10 -4.12 -69.29
CA GLY U 306 23.90 -3.04 -68.32
C GLY U 306 23.41 -1.73 -68.90
N HIS U 307 24.01 -1.29 -70.00
CA HIS U 307 23.63 -0.02 -70.61
C HIS U 307 22.17 -0.05 -71.07
N VAL U 308 21.78 -1.14 -71.73
CA VAL U 308 20.39 -1.33 -72.14
C VAL U 308 19.49 -1.39 -70.94
N PHE U 309 19.94 -2.12 -69.91
CA PHE U 309 19.12 -2.27 -68.71
C PHE U 309 18.89 -0.91 -68.06
N ASN U 310 19.96 -0.14 -67.87
CA ASN U 310 19.80 1.19 -67.27
C ASN U 310 18.93 2.09 -68.11
N LEU U 311 19.12 2.08 -69.44
CA LEU U 311 18.28 2.93 -70.25
C LEU U 311 16.82 2.59 -70.03
N ILE U 312 16.51 1.28 -70.02
CA ILE U 312 15.12 0.85 -69.90
C ILE U 312 14.50 1.37 -68.61
N HIS U 313 15.19 1.18 -67.49
CA HIS U 313 14.56 1.60 -66.23
C HIS U 313 14.58 3.11 -66.03
N PHE U 314 15.60 3.79 -66.54
CA PHE U 314 15.57 5.25 -66.49
C PHE U 314 14.38 5.80 -67.26
N VAL U 315 14.07 5.20 -68.40
CA VAL U 315 12.85 5.56 -69.12
C VAL U 315 11.64 5.24 -68.27
N GLY U 316 11.66 4.07 -67.61
CA GLY U 316 10.57 3.70 -66.73
C GLY U 316 10.38 4.67 -65.58
N CYS U 317 11.48 5.08 -64.93
CA CYS U 317 11.32 6.06 -63.87
C CYS U 317 10.70 7.34 -64.43
N TYR U 318 11.18 7.80 -65.60
CA TYR U 318 10.60 9.02 -66.15
C TYR U 318 9.10 8.89 -66.30
N MET U 319 8.62 7.70 -66.59
CA MET U 319 7.20 7.49 -66.70
C MET U 319 6.55 7.07 -65.39
N GLY U 320 7.31 6.96 -64.31
CA GLY U 320 6.73 6.62 -63.03
C GLY U 320 6.44 5.15 -62.81
N GLN U 321 7.07 4.26 -63.57
CA GLN U 321 6.88 2.83 -63.37
C GLN U 321 7.55 2.40 -62.07
N VAL U 322 6.76 1.81 -61.16
CA VAL U 322 7.32 1.50 -59.85
C VAL U 322 8.45 0.49 -59.94
N ARG U 323 8.29 -0.56 -60.75
CA ARG U 323 9.33 -1.57 -60.80
C ARG U 323 10.67 -0.95 -61.15
N SER U 324 10.66 -0.02 -62.11
CA SER U 324 11.91 0.62 -62.51
C SER U 324 12.50 1.41 -61.36
N LEU U 325 11.67 2.08 -60.57
CA LEU U 325 12.18 2.85 -59.44
C LEU U 325 12.92 1.95 -58.44
N ASN U 326 12.45 0.72 -58.25
CA ASN U 326 13.03 -0.21 -57.28
C ASN U 326 14.13 -1.07 -57.87
N ALA U 327 14.35 -1.01 -59.18
CA ALA U 327 15.42 -1.80 -59.76
C ALA U 327 16.76 -1.23 -59.35
N THR U 328 17.75 -2.11 -59.27
CA THR U 328 19.09 -1.73 -58.86
C THR U 328 19.92 -1.33 -60.09
N VAL U 329 20.50 -0.12 -60.05
CA VAL U 329 21.24 0.42 -61.19
C VAL U 329 22.57 -0.30 -61.35
N ILE U 330 22.98 -0.52 -62.59
CA ILE U 330 24.31 -1.04 -62.87
C ILE U 330 25.27 0.13 -62.92
N ALA U 331 26.09 0.32 -61.88
CA ALA U 331 26.96 1.50 -61.78
C ALA U 331 28.09 1.47 -62.79
N ALA U 332 28.57 0.29 -63.14
CA ALA U 332 29.68 0.21 -64.07
C ALA U 332 29.26 0.73 -65.43
N CYS U 333 28.03 0.44 -65.84
CA CYS U 333 27.60 0.67 -67.20
C CYS U 333 26.99 2.08 -67.38
N ALA U 334 27.89 3.06 -67.26
CA ALA U 334 27.68 4.47 -67.60
C ALA U 334 26.28 4.99 -67.26
N PRO U 335 25.94 5.02 -65.96
CA PRO U 335 24.57 5.38 -65.59
C PRO U 335 24.21 6.78 -65.96
N HIS U 336 25.10 7.76 -65.77
CA HIS U 336 24.69 9.13 -66.02
C HIS U 336 24.33 9.30 -67.47
N GLU U 337 25.18 8.79 -68.39
CA GLU U 337 24.86 8.96 -69.80
C GLU U 337 23.54 8.28 -70.14
N MET U 338 23.32 7.07 -69.64
CA MET U 338 22.05 6.40 -69.87
C MET U 338 20.87 7.20 -69.35
N SER U 339 21.04 7.84 -68.21
CA SER U 339 19.96 8.63 -67.65
C SER U 339 19.60 9.80 -68.55
N VAL U 340 20.58 10.43 -69.20
CA VAL U 340 20.26 11.55 -70.09
C VAL U 340 19.43 11.08 -71.27
N LEU U 341 19.90 10.05 -71.96
CA LEU U 341 19.14 9.48 -73.06
C LEU U 341 17.76 9.06 -72.60
N GLY U 342 17.68 8.49 -71.40
CA GLY U 342 16.38 8.12 -70.88
C GLY U 342 15.48 9.31 -70.72
N GLY U 343 16.09 10.47 -70.41
CA GLY U 343 15.31 11.69 -70.27
C GLY U 343 14.58 12.12 -71.54
N TYR U 344 15.28 12.05 -72.68
CA TYR U 344 14.72 12.38 -73.98
C TYR U 344 13.72 11.32 -74.44
N LEU U 345 14.09 10.05 -74.28
CA LEU U 345 13.20 8.96 -74.66
C LEU U 345 11.95 8.95 -73.80
N GLY U 346 12.14 9.13 -72.48
CA GLY U 346 10.99 9.19 -71.60
C GLY U 346 10.07 10.34 -71.94
N GLU U 347 10.65 11.47 -72.33
CA GLU U 347 9.86 12.62 -72.74
C GLU U 347 9.00 12.27 -73.94
N GLU U 348 9.58 11.56 -74.91
CA GLU U 348 8.84 11.16 -76.11
C GLU U 348 7.74 10.16 -75.81
N PHE U 349 7.98 9.23 -74.90
CA PHE U 349 6.95 8.23 -74.67
C PHE U 349 5.99 8.56 -73.53
N PHE U 350 6.25 9.60 -72.76
CA PHE U 350 5.41 9.89 -71.60
C PHE U 350 4.31 10.88 -71.97
N GLY U 351 3.06 10.48 -71.74
CA GLY U 351 1.92 11.33 -72.01
C GLY U 351 1.55 11.43 -73.46
N LYS U 352 2.13 10.60 -74.32
CA LYS U 352 1.90 10.68 -75.74
C LYS U 352 1.62 9.28 -76.27
N GLY U 353 0.72 9.19 -77.25
CA GLY U 353 0.41 7.92 -77.86
C GLY U 353 0.24 8.09 -79.35
N THR U 354 0.46 6.99 -80.08
CA THR U 354 0.27 6.94 -81.52
C THR U 354 -1.12 6.36 -81.77
N PHE U 355 -2.09 7.19 -82.14
CA PHE U 355 -3.48 6.75 -82.26
C PHE U 355 -3.94 6.82 -83.71
N GLU U 356 -4.68 5.81 -84.15
CA GLU U 356 -5.17 5.80 -85.50
C GLU U 356 -6.54 5.17 -85.53
N ARG U 357 -7.41 5.62 -86.41
CA ARG U 357 -8.71 4.97 -86.52
C ARG U 357 -8.54 3.56 -87.06
N ARG U 358 -9.08 2.57 -86.35
CA ARG U 358 -9.04 1.19 -86.83
C ARG U 358 -10.40 0.54 -86.95
N PHE U 359 -11.45 1.14 -86.38
CA PHE U 359 -12.80 0.58 -86.38
C PHE U 359 -13.78 1.54 -87.04
N PHE U 360 -14.54 1.03 -88.01
CA PHE U 360 -15.45 1.83 -88.81
C PHE U 360 -16.78 1.12 -88.89
N ARG U 361 -17.82 1.90 -89.21
CA ARG U 361 -19.19 1.38 -89.36
C ARG U 361 -19.35 0.45 -90.55
N ASP U 362 -18.78 0.79 -91.72
CA ASP U 362 -18.93 0.03 -92.96
C ASP U 362 -17.60 -0.06 -93.71
N GLU U 363 -17.52 -1.04 -94.63
CA GLU U 363 -16.29 -1.21 -95.42
C GLU U 363 -15.98 0.05 -96.22
N LYS U 364 -17.03 0.72 -96.74
CA LYS U 364 -16.79 1.92 -97.51
C LYS U 364 -16.12 3.00 -96.67
N GLU U 365 -16.56 3.15 -95.42
CA GLU U 365 -15.94 4.12 -94.51
C GLU U 365 -14.47 3.79 -94.26
N LEU U 366 -14.16 2.49 -94.17
CA LEU U 366 -12.79 2.03 -93.96
C LEU U 366 -11.89 2.42 -95.14
N GLN U 367 -12.39 2.20 -96.35
CA GLN U 367 -11.62 2.53 -97.55
C GLN U 367 -11.39 4.03 -97.65
N GLU U 368 -12.39 4.84 -97.29
CA GLU U 368 -12.22 6.29 -97.34
C GLU U 368 -11.15 6.75 -96.36
N TYR U 369 -11.12 6.17 -95.15
CA TYR U 369 -10.08 6.55 -94.20
C TYR U 369 -8.72 6.09 -94.71
N GLU U 370 -8.67 5.02 -95.49
CA GLU U 370 -7.39 4.58 -96.03
C GLU U 370 -6.94 5.49 -97.16
N ALA U 371 -7.89 6.11 -97.86
CA ALA U 371 -7.55 7.03 -98.94
C ALA U 371 -6.92 8.31 -98.39
N ALA U 372 -7.42 8.82 -97.27
CA ALA U 372 -6.88 10.02 -96.64
C ALA U 372 -5.41 9.83 -96.22
N GLU U 398 5.53 16.23 -82.05
CA GLU U 398 4.40 16.05 -82.98
C GLU U 398 4.56 14.73 -83.72
N THR U 399 5.73 14.53 -84.33
CA THR U 399 6.03 13.28 -85.02
C THR U 399 6.89 12.41 -84.11
N ARG U 400 6.49 11.15 -83.95
CA ARG U 400 7.26 10.19 -83.16
C ARG U 400 8.16 9.44 -84.15
N SER U 401 9.46 9.70 -84.09
CA SER U 401 10.43 9.01 -84.93
C SER U 401 11.80 8.99 -84.24
N PRO U 402 12.63 7.97 -84.50
CA PRO U 402 13.98 7.99 -83.93
C PRO U 402 14.71 9.23 -84.37
N GLU U 403 14.58 9.57 -85.64
CA GLU U 403 15.29 10.70 -86.19
C GLU U 403 14.92 11.99 -85.48
N ALA U 404 13.63 12.19 -85.16
CA ALA U 404 13.20 13.41 -84.50
C ALA U 404 13.78 13.53 -83.10
N VAL U 405 13.76 12.43 -82.34
CA VAL U 405 14.31 12.48 -80.99
C VAL U 405 15.80 12.79 -81.07
N TYR U 406 16.51 12.17 -82.02
CA TYR U 406 17.95 12.38 -82.13
C TYR U 406 18.30 13.83 -82.40
N THR U 407 17.57 14.46 -83.33
CA THR U 407 17.84 15.87 -83.62
C THR U 407 17.59 16.73 -82.42
N ARG U 408 16.52 16.44 -81.67
CA ARG U 408 16.22 17.24 -80.51
C ARG U 408 17.36 17.14 -79.51
N ILE U 409 17.93 15.93 -79.34
CA ILE U 409 19.11 15.75 -78.47
C ILE U 409 20.28 16.55 -78.97
N MET U 410 20.51 16.53 -80.28
CA MET U 410 21.62 17.29 -80.83
C MET U 410 21.41 18.77 -80.61
N MET U 411 20.17 19.25 -80.75
CA MET U 411 19.93 20.67 -80.59
C MET U 411 20.27 21.15 -79.18
N ASN U 412 19.95 20.34 -78.17
CA ASN U 412 20.26 20.68 -76.78
C ASN U 412 21.62 20.15 -76.36
N GLY U 413 22.46 19.80 -77.34
CA GLY U 413 23.84 19.45 -77.06
C GLY U 413 23.97 18.19 -76.25
N GLY U 414 23.01 17.29 -76.34
CA GLY U 414 23.09 16.08 -75.56
C GLY U 414 23.02 16.32 -74.08
N ARG U 415 22.41 17.42 -73.66
CA ARG U 415 22.35 17.80 -72.26
C ARG U 415 20.89 17.76 -71.79
N LEU U 416 20.66 17.24 -70.58
CA LEU U 416 19.30 17.12 -70.06
C LEU U 416 18.63 18.48 -69.97
N LYS U 417 17.37 18.56 -70.42
CA LYS U 417 16.62 19.81 -70.30
C LYS U 417 16.17 20.04 -68.86
N ARG U 418 15.84 21.29 -68.56
CA ARG U 418 15.38 21.57 -67.19
C ARG U 418 14.17 20.72 -66.86
N SER U 419 13.23 20.60 -67.80
CA SER U 419 12.04 19.78 -67.54
C SER U 419 12.42 18.34 -67.23
N HIS U 420 13.42 17.82 -67.94
CA HIS U 420 13.89 16.46 -67.68
C HIS U 420 14.30 16.33 -66.22
N ILE U 421 15.11 17.25 -65.75
CA ILE U 421 15.55 17.12 -64.38
C ILE U 421 14.38 17.29 -63.43
N ARG U 422 13.53 18.28 -63.67
CA ARG U 422 12.38 18.47 -62.79
C ARG U 422 11.60 17.18 -62.67
N ARG U 423 11.29 16.55 -63.81
CA ARG U 423 10.49 15.31 -63.81
C ARG U 423 11.22 14.19 -63.10
N TYR U 424 12.51 13.99 -63.39
CA TYR U 424 13.25 12.96 -62.67
C TYR U 424 13.15 13.19 -61.17
N VAL U 425 13.34 14.45 -60.73
CA VAL U 425 13.34 14.77 -59.30
C VAL U 425 11.97 14.54 -58.69
N SER U 426 10.92 14.96 -59.38
CA SER U 426 9.59 14.76 -58.86
C SER U 426 9.27 13.28 -58.70
N VAL U 427 9.68 12.45 -59.66
CA VAL U 427 9.39 11.03 -59.53
C VAL U 427 10.16 10.43 -58.38
N SER U 428 11.46 10.71 -58.34
CA SER U 428 12.32 10.06 -57.36
C SER U 428 11.97 10.52 -55.95
N SER U 429 11.74 11.82 -55.75
CA SER U 429 11.50 12.32 -54.41
C SER U 429 10.19 11.79 -53.85
N ASN U 430 9.14 11.73 -54.66
CA ASN U 430 7.83 11.18 -54.24
C ASN U 430 7.80 9.65 -54.35
N HIS U 431 8.85 9.05 -53.80
CA HIS U 431 8.98 7.61 -53.77
C HIS U 431 9.95 7.25 -52.68
N GLN U 432 9.67 6.11 -52.02
CA GLN U 432 10.52 5.59 -50.96
C GLN U 432 11.68 4.85 -51.63
N ALA U 433 12.77 5.61 -51.83
CA ALA U 433 13.92 5.08 -52.55
C ALA U 433 14.60 3.95 -51.78
N ARG U 434 14.73 2.80 -52.43
CA ARG U 434 15.39 1.63 -51.91
C ARG U 434 16.91 1.81 -51.97
N PRO U 435 17.68 0.96 -51.28
CA PRO U 435 19.13 1.19 -51.14
C PRO U 435 19.94 1.61 -52.37
N ASN U 436 20.07 0.74 -53.38
CA ASN U 436 20.88 1.07 -54.54
C ASN U 436 20.05 1.19 -55.81
N SER U 437 18.81 1.61 -55.64
CA SER U 437 17.85 1.65 -56.73
C SER U 437 18.12 2.80 -57.67
N PHE U 438 17.43 2.75 -58.79
CA PHE U 438 17.46 3.89 -59.66
C PHE U 438 16.92 5.13 -58.94
N ALA U 439 15.88 4.97 -58.11
CA ALA U 439 15.31 6.11 -57.39
C ALA U 439 16.36 6.80 -56.56
N GLU U 440 17.14 6.04 -55.80
CA GLU U 440 18.19 6.67 -55.02
C GLU U 440 19.20 7.36 -55.94
N PHE U 441 19.53 6.72 -57.06
CA PHE U 441 20.47 7.34 -58.00
C PHE U 441 19.92 8.66 -58.55
N LEU U 442 18.63 8.70 -58.86
CA LEU U 442 18.06 9.95 -59.32
C LEU U 442 18.12 11.01 -58.22
N ASN U 443 17.81 10.62 -56.97
CA ASN U 443 17.77 11.61 -55.90
C ASN U 443 19.14 12.21 -55.64
N LYS U 444 20.15 11.34 -55.51
CA LYS U 444 21.50 11.80 -55.23
C LYS U 444 22.06 12.63 -56.38
N THR U 445 21.73 12.26 -57.61
CA THR U 445 22.38 12.91 -58.75
C THR U 445 21.80 14.29 -59.08
N TYR U 446 20.47 14.42 -59.17
CA TYR U 446 19.77 15.69 -59.51
C TYR U 446 18.93 16.08 -58.30
N SER U 447 19.42 16.99 -57.47
CA SER U 447 18.69 17.34 -56.26
C SER U 447 18.55 18.84 -56.00
N SER U 448 19.26 19.70 -56.72
CA SER U 448 19.13 21.13 -56.54
C SER U 448 18.41 21.81 -57.70
N LYS V 5 46.70 80.94 -12.36
CA LYS V 5 46.73 79.59 -12.93
C LYS V 5 45.40 78.85 -12.71
N ILE V 6 45.25 78.19 -11.56
CA ILE V 6 43.98 77.57 -11.19
C ILE V 6 43.28 78.53 -10.23
N VAL V 7 42.21 79.17 -10.74
CA VAL V 7 41.50 80.24 -10.05
C VAL V 7 40.04 80.28 -10.52
N PHE V 8 39.16 80.80 -9.65
CA PHE V 8 37.75 80.92 -9.97
C PHE V 8 37.20 82.31 -9.74
N LYS V 9 36.22 82.68 -10.56
CA LYS V 9 35.53 83.94 -10.41
C LYS V 9 34.05 83.65 -10.29
N VAL V 10 33.49 84.00 -9.14
CA VAL V 10 32.14 83.74 -8.69
C VAL V 10 31.56 85.13 -8.37
N ASN V 11 30.24 85.33 -8.52
CA ASN V 11 29.58 86.59 -8.13
C ASN V 11 28.66 86.36 -6.92
N ASN V 12 29.04 86.84 -5.72
CA ASN V 12 28.18 86.74 -4.54
C ASN V 12 27.56 88.06 -4.16
N GLN V 13 27.03 88.76 -5.15
CA GLN V 13 26.69 90.17 -5.22
C GLN V 13 27.95 91.02 -5.54
N VAL V 14 29.13 90.61 -5.04
CA VAL V 14 30.46 91.16 -5.35
C VAL V 14 31.31 90.02 -5.96
N VAL V 15 32.49 90.37 -6.56
CA VAL V 15 33.33 89.36 -7.21
C VAL V 15 34.18 88.60 -6.19
N SER V 16 34.26 87.28 -6.32
CA SER V 16 34.99 86.47 -5.36
C SER V 16 35.89 85.44 -6.05
N LEU V 17 37.10 85.22 -5.50
CA LEU V 17 38.12 84.29 -6.02
C LEU V 17 38.40 83.08 -5.10
N LYS V 18 38.28 81.86 -5.64
CA LYS V 18 38.55 80.58 -4.92
C LYS V 18 39.64 79.78 -5.61
N PRO V 19 40.65 79.34 -4.89
CA PRO V 19 41.58 78.36 -5.46
C PRO V 19 41.05 77.00 -5.06
N GLU V 20 40.81 76.14 -6.03
CA GLU V 20 40.28 74.81 -5.77
C GLU V 20 41.42 73.81 -5.59
N ILE V 21 41.37 73.00 -4.54
CA ILE V 21 42.42 72.03 -4.21
C ILE V 21 41.81 70.64 -4.19
N ILE V 22 42.48 69.69 -4.84
CA ILE V 22 42.07 68.29 -4.78
C ILE V 22 43.32 67.48 -4.46
N VAL V 23 43.10 66.35 -3.79
CA VAL V 23 44.19 65.50 -3.30
C VAL V 23 44.83 64.75 -4.47
N ASP V 24 46.16 64.81 -4.57
CA ASP V 24 46.90 64.08 -5.61
C ASP V 24 48.35 63.86 -5.18
N GLN V 25 48.72 62.63 -4.80
CA GLN V 25 50.08 62.37 -4.33
C GLN V 25 50.69 61.19 -5.08
N HIS V 26 52.02 61.06 -4.99
CA HIS V 26 52.75 59.95 -5.61
C HIS V 26 53.83 59.41 -4.68
N GLU V 27 53.84 58.06 -4.50
CA GLU V 27 54.81 57.36 -3.65
C GLU V 27 55.55 56.26 -4.43
N TYR V 28 56.43 56.62 -5.38
CA TYR V 28 57.07 55.60 -6.22
C TYR V 28 58.59 55.54 -6.03
N LYS V 29 59.09 54.30 -5.86
CA LYS V 29 60.49 53.98 -5.61
C LYS V 29 60.99 52.99 -6.67
N TYR V 30 62.21 53.12 -7.08
CA TYR V 30 62.82 52.27 -8.10
C TYR V 30 63.74 51.21 -7.50
N PRO V 31 63.99 50.09 -8.21
CA PRO V 31 64.73 48.94 -7.63
C PRO V 31 66.25 48.98 -7.72
N ALA V 32 66.84 49.93 -8.45
CA ALA V 32 68.29 49.97 -8.59
C ALA V 32 68.98 49.85 -7.23
N ILE V 33 70.11 49.13 -7.20
CA ILE V 33 70.90 48.91 -5.99
C ILE V 33 72.09 49.87 -6.01
N LYS V 34 71.94 51.02 -5.31
CA LYS V 34 73.03 52.01 -5.23
C LYS V 34 74.12 51.59 -4.24
N ASP V 35 73.77 50.99 -3.08
CA ASP V 35 74.80 50.52 -2.14
C ASP V 35 75.58 49.32 -2.66
N LEU V 36 75.11 48.67 -3.74
CA LEU V 36 75.77 47.50 -4.32
C LEU V 36 75.81 46.33 -3.34
N LYS V 37 74.80 46.24 -2.48
CA LYS V 37 74.67 45.17 -1.49
C LYS V 37 73.49 44.28 -1.86
N LYS V 38 73.73 42.95 -1.89
CA LYS V 38 72.68 41.99 -2.24
C LYS V 38 71.58 41.97 -1.18
N PRO V 39 70.31 41.78 -1.59
CA PRO V 39 69.19 41.83 -0.64
C PRO V 39 69.25 40.76 0.44
N CYS V 40 68.85 41.16 1.63
CA CYS V 40 68.92 40.33 2.82
C CYS V 40 67.61 40.37 3.60
N ILE V 41 67.26 39.24 4.22
CA ILE V 41 66.10 39.17 5.11
C ILE V 41 66.55 38.53 6.42
N THR V 42 65.87 38.90 7.51
CA THR V 42 66.19 38.37 8.83
C THR V 42 65.46 37.06 9.02
N LEU V 43 66.17 36.07 9.56
CA LEU V 43 65.64 34.72 9.68
C LEU V 43 66.22 34.09 10.93
N GLY V 44 65.73 32.89 11.27
CA GLY V 44 66.18 32.24 12.48
C GLY V 44 67.46 31.45 12.26
N LYS V 45 67.91 30.81 13.34
CA LYS V 45 69.14 30.02 13.27
C LYS V 45 68.91 28.78 12.42
N ALA V 46 69.96 28.37 11.70
CA ALA V 46 69.81 27.27 10.75
C ALA V 46 69.39 25.99 11.48
N PRO V 47 68.33 25.32 11.04
CA PRO V 47 67.94 24.07 11.68
C PRO V 47 68.71 22.90 11.05
N ASP V 48 68.66 21.76 11.73
CA ASP V 48 69.18 20.54 11.14
C ASP V 48 68.27 20.14 9.98
N LEU V 49 68.86 20.09 8.78
CA LEU V 49 68.10 19.85 7.56
C LEU V 49 67.17 18.64 7.72
N ASN V 50 67.72 17.48 8.09
CA ASN V 50 66.89 16.28 8.24
C ASN V 50 65.75 16.50 9.23
N LYS V 51 66.04 17.15 10.36
CA LYS V 51 64.99 17.37 11.34
C LYS V 51 63.99 18.40 10.83
N ALA V 52 64.50 19.46 10.18
CA ALA V 52 63.61 20.48 9.67
C ALA V 52 62.67 19.92 8.61
N TYR V 53 63.19 19.03 7.73
CA TYR V 53 62.34 18.43 6.68
C TYR V 53 61.20 17.63 7.32
N LYS V 54 61.51 16.88 8.37
CA LYS V 54 60.49 16.09 9.04
C LYS V 54 59.44 17.00 9.66
N SER V 55 59.88 18.11 10.25
CA SER V 55 58.96 19.04 10.91
C SER V 55 58.00 19.69 9.90
N VAL V 56 58.54 20.21 8.78
CA VAL V 56 57.69 20.91 7.80
C VAL V 56 56.74 19.92 7.14
N LEU V 57 57.21 18.69 6.85
CA LEU V 57 56.39 17.65 6.24
C LEU V 57 55.23 17.27 7.14
N SER V 58 55.50 17.12 8.44
CA SER V 58 54.45 16.89 9.40
C SER V 58 53.46 18.06 9.41
N GLY V 59 54.01 19.29 9.42
CA GLY V 59 53.15 20.47 9.39
C GLY V 59 52.30 20.54 8.14
N MET V 60 52.89 20.19 7.00
CA MET V 60 52.14 20.17 5.75
C MET V 60 50.96 19.22 5.84
N SER V 61 51.23 18.02 6.36
CA SER V 61 50.18 17.04 6.45
C SER V 61 49.11 17.49 7.44
N ALA V 62 49.53 18.21 8.50
CA ALA V 62 48.63 18.68 9.54
C ALA V 62 47.87 19.92 9.10
N ALA V 63 48.18 20.43 7.91
CA ALA V 63 47.53 21.58 7.28
C ALA V 63 47.73 22.81 8.13
N LYS V 64 48.65 22.74 9.09
CA LYS V 64 49.00 23.87 9.92
C LYS V 64 50.51 24.09 9.84
N LEU V 65 50.93 25.26 9.34
CA LEU V 65 52.34 25.51 9.10
C LEU V 65 52.74 26.77 9.83
N ASP V 66 53.94 26.78 10.35
CA ASP V 66 54.45 27.97 10.98
C ASP V 66 55.29 28.72 9.96
N PRO V 67 54.95 29.96 9.66
CA PRO V 67 55.70 30.67 8.60
C PRO V 67 57.20 30.75 8.88
N ASP V 68 57.62 31.02 10.11
CA ASP V 68 59.06 31.24 10.36
C ASP V 68 59.89 29.99 10.10
N ASP V 69 59.41 28.82 10.57
CA ASP V 69 60.15 27.58 10.31
C ASP V 69 60.12 27.22 8.81
N VAL V 70 58.99 27.45 8.13
CA VAL V 70 58.92 27.18 6.69
C VAL V 70 59.98 27.96 5.95
N CYS V 71 60.13 29.25 6.30
CA CYS V 71 61.14 30.11 5.65
C CYS V 71 62.56 29.66 5.94
N SER V 72 62.84 29.27 7.19
CA SER V 72 64.19 28.82 7.55
C SER V 72 64.55 27.52 6.84
N TYR V 73 63.56 26.62 6.68
CA TYR V 73 63.78 25.38 5.95
C TYR V 73 64.13 25.63 4.50
N LEU V 74 63.39 26.55 3.86
CA LEU V 74 63.64 26.86 2.46
C LEU V 74 65.01 27.50 2.28
N ALA V 75 65.39 28.42 3.17
CA ALA V 75 66.71 29.03 3.08
C ALA V 75 67.81 27.98 3.29
N ALA V 76 67.59 27.06 4.23
CA ALA V 76 68.56 25.99 4.45
C ALA V 76 68.65 25.07 3.23
N ALA V 77 67.51 24.78 2.61
CA ALA V 77 67.48 23.88 1.47
C ALA V 77 68.15 24.47 0.22
N MET V 78 68.42 25.79 0.20
CA MET V 78 69.01 26.45 -0.96
C MET V 78 70.37 25.89 -1.33
N GLN V 79 71.11 25.38 -0.34
CA GLN V 79 72.43 24.82 -0.60
C GLN V 79 72.34 23.56 -1.46
N PHE V 80 71.23 22.81 -1.34
CA PHE V 80 71.09 21.57 -2.09
C PHE V 80 71.13 21.84 -3.61
N PHE V 81 70.50 22.93 -4.06
CA PHE V 81 70.38 23.23 -5.48
C PHE V 81 71.56 24.12 -5.88
N GLU V 82 72.48 23.56 -6.67
CA GLU V 82 73.69 24.25 -7.11
C GLU V 82 73.98 23.89 -8.55
N GLY V 83 74.43 24.87 -9.32
CA GLY V 83 74.82 24.62 -10.70
C GLY V 83 75.80 25.69 -11.09
N THR V 84 76.63 25.38 -12.08
CA THR V 84 77.58 26.34 -12.62
C THR V 84 76.88 27.38 -13.49
N CYS V 85 77.36 28.62 -13.43
CA CYS V 85 76.77 29.71 -14.20
C CYS V 85 77.25 29.63 -15.66
N PRO V 86 76.34 29.63 -16.64
CA PRO V 86 76.79 29.52 -18.04
C PRO V 86 77.65 30.69 -18.50
N GLU V 87 77.31 31.93 -18.12
CA GLU V 87 78.03 33.12 -18.57
C GLU V 87 78.14 34.09 -17.40
N ASP V 88 78.99 35.12 -17.56
CA ASP V 88 79.16 36.15 -16.52
C ASP V 88 77.85 36.87 -16.21
N TRP V 89 77.57 37.03 -14.91
CA TRP V 89 76.31 37.55 -14.39
C TRP V 89 76.48 38.87 -13.62
N THR V 90 75.97 39.98 -14.17
CA THR V 90 75.94 41.28 -13.49
C THR V 90 74.48 41.65 -13.26
N SER V 91 73.93 41.38 -12.09
CA SER V 91 72.51 41.60 -11.88
C SER V 91 72.13 43.08 -11.85
N TYR V 92 72.81 43.87 -11.03
CA TYR V 92 72.61 45.31 -10.85
C TYR V 92 73.88 46.01 -10.41
N GLY V 93 74.90 45.91 -11.25
CA GLY V 93 76.16 46.50 -10.92
C GLY V 93 76.95 45.65 -9.97
N ILE V 94 76.34 44.56 -9.49
CA ILE V 94 76.98 43.63 -8.57
C ILE V 94 77.24 42.35 -9.34
N VAL V 95 78.51 41.87 -9.25
CA VAL V 95 78.84 40.56 -9.82
C VAL V 95 78.28 39.40 -8.97
N ILE V 96 77.14 38.87 -9.40
CA ILE V 96 76.54 37.80 -8.65
C ILE V 96 77.20 36.46 -9.02
N ALA V 97 77.67 36.33 -10.26
CA ALA V 97 78.25 35.08 -10.74
C ALA V 97 79.16 35.37 -11.92
N ARG V 98 80.06 34.43 -12.19
CA ARG V 98 80.98 34.45 -13.32
C ARG V 98 80.92 33.10 -14.01
N LYS V 99 81.23 33.07 -15.31
CA LYS V 99 81.11 31.83 -16.07
C LYS V 99 81.96 30.74 -15.43
N GLY V 100 81.35 29.55 -15.30
CA GLY V 100 81.98 28.37 -14.71
C GLY V 100 82.00 28.36 -13.21
N ASP V 101 81.36 29.34 -12.55
CA ASP V 101 81.36 29.44 -11.10
C ASP V 101 80.10 28.77 -10.60
N LYS V 102 80.27 27.85 -9.66
CA LYS V 102 79.13 27.17 -9.07
C LYS V 102 78.36 28.12 -8.15
N ILE V 103 76.99 28.12 -8.26
CA ILE V 103 76.16 29.05 -7.49
C ILE V 103 74.91 28.34 -6.98
N THR V 104 74.37 28.87 -5.88
CA THR V 104 73.14 28.42 -5.23
C THR V 104 72.17 29.58 -5.13
N PRO V 105 70.92 29.32 -4.72
CA PRO V 105 70.04 30.45 -4.38
C PRO V 105 70.62 31.28 -3.26
N GLY V 106 71.29 30.64 -2.30
CA GLY V 106 71.95 31.37 -1.21
C GLY V 106 73.06 32.28 -1.67
N SER V 107 73.68 31.95 -2.83
CA SER V 107 74.76 32.76 -3.39
C SER V 107 74.26 34.06 -4.00
N LEU V 108 72.95 34.13 -4.34
CA LEU V 108 72.29 35.31 -4.91
C LEU V 108 71.94 36.35 -3.86
N VAL V 109 71.42 35.92 -2.71
CA VAL V 109 71.03 36.82 -1.62
C VAL V 109 71.64 36.33 -0.30
N GLU V 110 72.24 37.25 0.44
CA GLU V 110 72.79 36.92 1.75
C GLU V 110 71.66 36.88 2.77
N ILE V 111 71.56 35.79 3.52
CA ILE V 111 70.52 35.60 4.56
C ILE V 111 71.15 35.79 5.94
N LYS V 112 70.53 36.63 6.78
CA LYS V 112 71.01 36.90 8.13
C LYS V 112 70.23 36.01 9.09
N ARG V 113 70.94 35.11 9.77
CA ARG V 113 70.33 34.19 10.72
C ARG V 113 70.66 34.70 12.11
N THR V 114 69.63 34.73 12.96
CA THR V 114 69.75 35.21 14.33
C THR V 114 70.08 34.04 15.25
N ASP V 115 70.70 34.35 16.39
CA ASP V 115 71.01 33.28 17.33
C ASP V 115 69.76 32.56 17.81
N VAL V 116 68.58 33.16 17.62
CA VAL V 116 67.35 32.58 18.12
C VAL V 116 66.83 31.52 17.15
N GLU V 117 66.56 30.33 17.68
CA GLU V 117 66.11 29.18 16.92
C GLU V 117 64.58 29.03 16.96
N GLY V 118 64.06 28.42 15.90
CA GLY V 118 62.64 28.20 15.73
C GLY V 118 62.15 26.93 16.41
N ASN V 119 60.83 26.80 16.49
CA ASN V 119 60.23 25.68 17.22
C ASN V 119 60.38 24.33 16.50
N TRP V 120 60.37 24.33 15.15
CA TRP V 120 60.42 23.11 14.33
C TRP V 120 59.78 21.91 15.05
N ALA V 121 58.48 22.03 15.28
CA ALA V 121 57.73 21.05 16.08
C ALA V 121 56.95 20.09 15.17
N LEU V 122 56.63 18.94 15.74
CA LEU V 122 55.98 17.87 15.00
C LEU V 122 54.49 17.95 15.29
N THR V 123 53.72 18.31 14.28
CA THR V 123 52.28 18.46 14.44
C THR V 123 51.49 17.39 13.73
N GLY V 124 51.89 17.03 12.51
CA GLY V 124 51.14 16.10 11.70
C GLY V 124 51.87 14.80 11.41
N GLY V 125 51.17 13.92 10.70
CA GLY V 125 51.72 12.62 10.40
C GLY V 125 52.93 12.61 9.47
N MET V 126 54.13 12.33 9.99
CA MET V 126 55.33 12.11 9.18
C MET V 126 55.77 10.67 9.43
N GLU V 127 55.88 9.84 8.37
CA GLU V 127 56.18 8.40 8.48
C GLU V 127 57.65 8.03 8.23
N LEU V 128 58.51 9.02 7.98
CA LEU V 128 59.91 8.73 7.67
C LEU V 128 60.65 8.28 8.92
N THR V 129 61.14 7.04 8.86
CA THR V 129 61.99 6.49 9.90
C THR V 129 63.46 6.72 9.57
N ARG V 130 63.76 7.22 8.36
CA ARG V 130 65.13 7.52 7.97
C ARG V 130 65.28 8.99 7.59
N ASP V 131 66.54 9.44 7.54
CA ASP V 131 66.86 10.79 7.09
C ASP V 131 66.46 10.97 5.63
N PRO V 132 65.88 12.12 5.27
CA PRO V 132 65.34 12.30 3.92
C PRO V 132 66.41 12.47 2.84
N THR V 133 66.06 12.01 1.62
CA THR V 133 66.90 12.16 0.44
C THR V 133 66.73 13.54 -0.18
N VAL V 134 67.69 13.92 -1.03
CA VAL V 134 67.65 15.23 -1.69
C VAL V 134 66.34 15.41 -2.46
N PRO V 135 65.92 14.48 -3.37
CA PRO V 135 64.59 14.67 -4.02
C PRO V 135 63.50 14.96 -3.03
N GLU V 136 63.44 14.18 -1.96
CA GLU V 136 62.45 14.38 -0.93
C GLU V 136 62.49 15.83 -0.45
N HIS V 137 63.71 16.35 -0.20
CA HIS V 137 63.88 17.76 0.14
C HIS V 137 63.34 18.68 -0.94
N ALA V 138 63.66 18.39 -2.21
CA ALA V 138 63.22 19.24 -3.30
C ALA V 138 61.70 19.20 -3.50
N SER V 139 61.08 18.01 -3.37
CA SER V 139 59.62 17.91 -3.50
C SER V 139 58.90 18.78 -2.47
N LEU V 140 59.38 18.76 -1.23
CA LEU V 140 58.79 19.60 -0.19
C LEU V 140 59.01 21.07 -0.51
N VAL V 141 60.21 21.43 -0.95
CA VAL V 141 60.48 22.83 -1.25
C VAL V 141 59.51 23.31 -2.33
N GLY V 142 59.27 22.48 -3.36
CA GLY V 142 58.35 22.87 -4.42
C GLY V 142 56.91 23.02 -3.97
N LEU V 143 56.43 22.07 -3.17
CA LEU V 143 55.07 22.13 -2.64
C LEU V 143 54.87 23.33 -1.73
N LEU V 144 55.90 23.64 -0.91
CA LEU V 144 55.81 24.83 -0.08
C LEU V 144 55.78 26.08 -0.95
N LEU V 145 56.68 26.19 -1.92
CA LEU V 145 56.72 27.37 -2.78
C LEU V 145 55.44 27.52 -3.59
N SER V 146 54.82 26.41 -4.00
CA SER V 146 53.58 26.51 -4.76
C SER V 146 52.47 27.17 -3.96
N LEU V 147 52.54 27.15 -2.62
CA LEU V 147 51.50 27.82 -1.84
C LEU V 147 51.44 29.31 -2.16
N TYR V 148 52.58 29.92 -2.46
CA TYR V 148 52.58 31.33 -2.79
C TYR V 148 51.70 31.60 -4.00
N ARG V 149 51.84 30.79 -5.04
CA ARG V 149 51.01 30.98 -6.23
C ARG V 149 49.53 30.77 -5.94
N LEU V 150 49.20 29.77 -5.14
CA LEU V 150 47.81 29.52 -4.81
C LEU V 150 47.20 30.70 -4.07
N SER V 151 47.99 31.31 -3.16
CA SER V 151 47.50 32.47 -2.42
C SER V 151 47.22 33.64 -3.35
N LYS V 152 48.09 33.85 -4.34
CA LYS V 152 47.93 34.95 -5.29
C LYS V 152 46.69 34.79 -6.17
N ILE V 153 46.37 33.56 -6.60
CA ILE V 153 45.23 33.42 -7.49
C ILE V 153 43.90 33.48 -6.76
N SER V 154 43.89 33.93 -5.51
CA SER V 154 42.62 34.02 -4.80
C SER V 154 41.88 35.28 -5.26
N GLY V 155 40.57 35.15 -5.38
CA GLY V 155 39.75 36.23 -5.90
C GLY V 155 38.35 35.72 -6.15
N GLN V 156 37.49 36.59 -6.68
CA GLN V 156 36.10 36.20 -6.95
C GLN V 156 36.02 35.30 -8.19
N ASN V 157 35.19 34.27 -8.12
CA ASN V 157 34.91 33.30 -9.21
C ASN V 157 36.20 32.65 -9.76
N THR V 158 37.24 32.51 -8.96
CA THR V 158 38.50 31.93 -9.42
C THR V 158 38.76 30.54 -8.82
N GLY V 159 37.68 29.81 -8.60
CA GLY V 159 37.73 28.50 -8.00
C GLY V 159 38.30 27.34 -8.78
N ASN V 160 37.58 27.01 -9.87
CA ASN V 160 37.93 25.87 -10.72
C ASN V 160 39.33 26.03 -11.26
N TYR V 161 39.73 27.28 -11.52
CA TYR V 161 41.07 27.54 -12.01
C TYR V 161 42.07 27.18 -10.91
N LYS V 162 41.75 27.55 -9.65
CA LYS V 162 42.64 27.27 -8.51
C LYS V 162 42.85 25.77 -8.31
N THR V 163 41.74 25.00 -8.35
CA THR V 163 41.85 23.55 -8.18
C THR V 163 42.64 22.92 -9.31
N ASN V 164 42.47 23.40 -10.55
CA ASN V 164 43.18 22.83 -11.69
C ASN V 164 44.69 23.06 -11.59
N ILE V 165 45.12 24.28 -11.21
CA ILE V 165 46.57 24.50 -11.13
C ILE V 165 47.15 23.72 -9.95
N ALA V 166 46.39 23.61 -8.86
CA ALA V 166 46.89 22.89 -7.70
C ALA V 166 47.14 21.43 -8.06
N ASP V 167 46.20 20.82 -8.79
CA ASP V 167 46.38 19.44 -9.22
C ASP V 167 47.61 19.32 -10.09
N ARG V 168 47.76 20.26 -11.02
CA ARG V 168 48.90 20.28 -11.92
C ARG V 168 50.21 20.31 -11.13
N ILE V 169 50.27 21.13 -10.06
CA ILE V 169 51.49 21.22 -9.23
C ILE V 169 51.76 19.89 -8.53
N GLU V 170 50.70 19.24 -8.02
CA GLU V 170 50.88 17.96 -7.33
C GLU V 170 51.51 16.92 -8.25
N GLN V 171 51.05 16.86 -9.51
CA GLN V 171 51.60 15.90 -10.46
C GLN V 171 53.08 16.21 -10.74
N ILE V 172 53.47 17.49 -10.78
CA ILE V 172 54.88 17.83 -11.03
C ILE V 172 55.78 17.18 -9.97
N PHE V 173 55.46 17.39 -8.69
CA PHE V 173 56.29 16.92 -7.59
C PHE V 173 56.02 15.47 -7.18
N GLU V 174 55.04 14.79 -7.77
CA GLU V 174 54.83 13.37 -7.51
C GLU V 174 55.53 12.48 -8.53
N THR V 175 56.09 13.07 -9.59
CA THR V 175 56.76 12.34 -10.64
C THR V 175 58.24 12.70 -10.64
N ALA V 176 59.05 11.81 -11.24
CA ALA V 176 60.50 11.95 -11.19
C ALA V 176 60.93 13.24 -11.89
N PRO V 177 61.95 13.96 -11.36
CA PRO V 177 62.94 13.58 -10.33
C PRO V 177 62.44 13.74 -8.90
N PHE V 178 61.20 14.18 -8.75
CA PHE V 178 60.67 14.37 -7.41
C PHE V 178 59.95 13.09 -6.95
N VAL V 179 59.85 12.93 -5.63
CA VAL V 179 59.15 11.80 -5.04
C VAL V 179 57.92 12.30 -4.29
N LYS V 180 56.83 11.55 -4.40
CA LYS V 180 55.57 11.97 -3.79
C LYS V 180 55.67 11.79 -2.29
N ILE V 181 55.50 12.87 -1.55
CA ILE V 181 55.57 12.80 -0.10
C ILE V 181 54.26 13.19 0.56
N VAL V 182 53.34 13.80 -0.16
CA VAL V 182 52.13 14.30 0.49
C VAL V 182 50.86 13.66 -0.07
N GLU V 183 50.97 12.45 -0.56
CA GLU V 183 49.79 11.86 -1.16
C GLU V 183 49.18 12.91 -2.10
N HIS V 184 47.86 12.94 -2.27
CA HIS V 184 47.23 13.88 -3.18
C HIS V 184 46.10 14.62 -2.46
N HIS V 185 45.67 15.72 -3.06
CA HIS V 185 44.57 16.57 -2.62
C HIS V 185 44.86 17.28 -1.29
N THR V 186 46.02 17.03 -0.66
CA THR V 186 46.46 17.73 0.56
C THR V 186 46.85 19.19 0.29
N LEU V 187 47.39 19.48 -0.89
CA LEU V 187 47.86 20.83 -1.19
C LEU V 187 46.69 21.83 -1.16
N MET V 188 45.52 21.42 -1.69
CA MET V 188 44.34 22.30 -1.64
C MET V 188 43.92 22.63 -0.21
N THR V 189 43.92 21.63 0.67
CA THR V 189 43.47 21.88 2.04
C THR V 189 44.45 22.78 2.82
N THR V 190 45.76 22.57 2.64
CA THR V 190 46.77 23.41 3.32
C THR V 190 46.72 24.87 2.83
N HIS V 191 46.45 25.08 1.53
CA HIS V 191 46.32 26.45 1.01
C HIS V 191 45.15 27.16 1.69
N LYS V 192 44.05 26.44 1.95
CA LYS V 192 42.89 27.08 2.58
C LYS V 192 43.27 27.67 3.95
N MET V 193 44.16 26.98 4.70
CA MET V 193 44.67 27.54 5.96
C MET V 193 45.74 28.59 5.73
N CYS V 194 46.41 28.58 4.58
CA CYS V 194 47.45 29.57 4.30
C CYS V 194 47.02 30.46 3.14
N ALA V 195 45.75 30.88 3.14
CA ALA V 195 45.16 31.53 1.98
C ALA V 195 45.76 32.90 1.69
N ASN V 196 46.20 33.60 2.72
CA ASN V 196 46.80 34.90 2.53
C ASN V 196 48.30 34.82 2.75
N TRP V 197 48.89 33.63 2.55
CA TRP V 197 50.31 33.50 2.83
C TRP V 197 51.18 34.31 1.88
N SER V 198 50.62 34.75 0.75
CA SER V 198 51.37 35.60 -0.17
C SER V 198 51.81 36.91 0.50
N THR V 199 51.04 37.42 1.47
CA THR V 199 51.39 38.69 2.11
C THR V 199 52.69 38.60 2.91
N ILE V 200 53.05 37.42 3.41
CA ILE V 200 54.24 37.27 4.26
C ILE V 200 55.50 37.65 3.49
N PRO V 201 56.31 38.61 3.98
CA PRO V 201 57.44 39.11 3.17
C PRO V 201 58.53 38.09 2.92
N ASN V 202 58.92 37.33 3.95
CA ASN V 202 60.01 36.37 3.75
C ASN V 202 59.62 35.27 2.77
N PHE V 203 58.37 34.83 2.83
CA PHE V 203 57.89 33.80 1.93
C PHE V 203 57.95 34.25 0.48
N ARG V 204 57.49 35.48 0.22
CA ARG V 204 57.61 36.06 -1.11
C ARG V 204 59.08 36.18 -1.52
N PHE V 205 59.94 36.65 -0.60
CA PHE V 205 61.35 36.88 -0.91
C PHE V 205 62.05 35.59 -1.31
N LEU V 206 61.78 34.51 -0.58
CA LEU V 206 62.42 33.24 -0.91
C LEU V 206 61.92 32.71 -2.24
N ALA V 207 60.61 32.81 -2.49
CA ALA V 207 60.04 32.31 -3.73
C ALA V 207 60.65 33.03 -4.93
N GLY V 208 60.78 34.35 -4.83
CA GLY V 208 61.43 35.10 -5.90
C GLY V 208 62.87 34.69 -6.08
N THR V 209 63.57 34.46 -4.96
CA THR V 209 64.97 34.03 -5.07
C THR V 209 65.06 32.69 -5.80
N TYR V 210 64.20 31.75 -5.43
CA TYR V 210 64.24 30.45 -6.07
C TYR V 210 63.96 30.54 -7.56
N ASP V 211 63.01 31.37 -7.95
CA ASP V 211 62.70 31.54 -9.37
C ASP V 211 63.89 32.15 -10.10
N MET V 212 64.56 33.16 -9.51
CA MET V 212 65.67 33.80 -10.20
C MET V 212 66.81 32.82 -10.44
N PHE V 213 67.14 32.03 -9.42
CA PHE V 213 68.22 31.05 -9.56
C PHE V 213 67.88 30.02 -10.64
N PHE V 214 66.64 29.50 -10.62
CA PHE V 214 66.26 28.46 -11.58
C PHE V 214 66.12 28.98 -13.01
N SER V 215 65.74 30.25 -13.18
CA SER V 215 65.67 30.84 -14.52
C SER V 215 67.04 30.94 -15.15
N ARG V 216 68.04 31.35 -14.35
CA ARG V 216 69.41 31.50 -14.84
C ARG V 216 70.09 30.16 -15.09
N ILE V 217 69.94 29.21 -14.16
CA ILE V 217 70.65 27.93 -14.20
C ILE V 217 69.67 26.79 -14.45
N GLU V 218 69.89 26.01 -15.49
CA GLU V 218 69.07 24.81 -15.66
C GLU V 218 69.46 23.79 -14.59
N HIS V 219 68.46 23.16 -13.96
CA HIS V 219 68.70 22.24 -12.85
C HIS V 219 67.73 21.06 -12.97
N LEU V 220 68.05 19.97 -12.26
CA LEU V 220 67.16 18.81 -12.24
C LEU V 220 65.81 19.15 -11.64
N TYR V 221 65.82 19.96 -10.59
CA TYR V 221 64.62 20.34 -9.84
C TYR V 221 64.13 21.73 -10.25
N SER V 222 64.42 22.17 -11.50
CA SER V 222 63.99 23.49 -11.97
C SER V 222 62.48 23.59 -12.07
N ALA V 223 61.77 22.46 -12.04
CA ALA V 223 60.32 22.41 -12.13
C ALA V 223 59.63 23.07 -10.93
N ILE V 224 60.40 23.36 -9.87
CA ILE V 224 59.95 24.07 -8.69
C ILE V 224 59.42 25.45 -9.07
N ARG V 225 59.84 25.96 -10.23
CA ARG V 225 59.43 27.29 -10.65
C ARG V 225 57.92 27.39 -10.83
N VAL V 226 57.20 26.27 -10.97
CA VAL V 226 55.75 26.34 -11.21
C VAL V 226 55.06 27.11 -10.10
N GLY V 227 55.57 26.98 -8.87
CA GLY V 227 55.03 27.80 -7.80
C GLY V 227 55.48 29.24 -7.88
N THR V 228 56.74 29.47 -8.27
CA THR V 228 57.37 30.78 -8.18
C THR V 228 57.30 31.61 -9.46
N VAL V 229 56.70 31.11 -10.54
CA VAL V 229 56.67 31.84 -11.81
C VAL V 229 55.96 33.18 -11.68
N VAL V 230 54.97 33.27 -10.80
CA VAL V 230 54.20 34.51 -10.68
C VAL V 230 55.10 35.64 -10.19
N THR V 231 56.14 35.31 -9.43
CA THR V 231 57.02 36.34 -8.86
C THR V 231 57.77 37.10 -9.95
N ALA V 232 58.08 36.45 -11.07
CA ALA V 232 58.79 37.11 -12.16
C ALA V 232 57.91 38.19 -12.76
N TYR V 233 58.48 39.39 -12.89
CA TYR V 233 57.77 40.58 -13.38
C TYR V 233 56.49 40.82 -12.59
N GLU V 234 56.56 40.56 -11.29
CA GLU V 234 55.39 40.71 -10.44
C GLU V 234 55.05 42.18 -10.32
N ASP V 235 53.75 42.50 -10.41
CA ASP V 235 53.28 43.88 -10.24
C ASP V 235 53.86 44.82 -11.29
N CYS V 236 54.09 44.29 -12.48
CA CYS V 236 54.64 45.07 -13.56
C CYS V 236 53.74 44.96 -14.79
N SER V 237 52.44 44.74 -14.55
CA SER V 237 51.57 44.45 -15.67
C SER V 237 51.53 45.60 -16.66
N GLY V 238 51.68 46.84 -16.18
CA GLY V 238 51.74 47.96 -17.11
C GLY V 238 52.94 47.85 -18.04
N LEU V 239 54.11 47.59 -17.47
CA LEU V 239 55.29 47.40 -18.30
C LEU V 239 55.14 46.19 -19.22
N VAL V 240 54.60 45.08 -18.70
CA VAL V 240 54.49 43.89 -19.51
C VAL V 240 53.51 44.11 -20.66
N SER V 241 52.42 44.81 -20.38
CA SER V 241 51.42 45.07 -21.43
C SER V 241 51.97 45.95 -22.53
N PHE V 242 52.82 46.92 -22.17
CA PHE V 242 53.42 47.76 -23.19
C PHE V 242 54.30 46.94 -24.12
N THR V 243 55.15 46.07 -23.56
CA THR V 243 56.02 45.27 -24.43
C THR V 243 55.21 44.34 -25.32
N GLY V 244 54.15 43.76 -24.76
CA GLY V 244 53.27 42.94 -25.58
C GLY V 244 52.57 43.76 -26.64
N PHE V 245 52.17 44.97 -26.28
CA PHE V 245 51.54 45.83 -27.26
C PHE V 245 52.49 46.03 -28.43
N ILE V 246 53.78 46.22 -28.12
CA ILE V 246 54.81 46.45 -29.13
C ILE V 246 54.85 45.30 -30.14
N LYS V 247 54.94 44.07 -29.65
CA LYS V 247 55.06 42.92 -30.54
C LYS V 247 53.77 42.71 -31.34
N GLN V 248 52.61 42.88 -30.69
CA GLN V 248 51.35 42.68 -31.39
C GLN V 248 51.15 43.71 -32.50
N ILE V 249 51.47 44.97 -32.22
CA ILE V 249 51.29 46.05 -33.19
C ILE V 249 52.40 46.03 -34.22
N ASN V 250 53.47 45.30 -33.92
CA ASN V 250 54.61 45.17 -34.81
C ASN V 250 55.25 46.53 -35.04
N LEU V 251 55.34 47.33 -33.97
CA LEU V 251 56.02 48.62 -34.02
C LEU V 251 57.12 48.64 -32.97
N THR V 252 58.09 49.54 -33.16
CA THR V 252 59.14 49.72 -32.17
C THR V 252 58.66 50.61 -31.03
N ALA V 253 59.12 50.26 -29.82
CA ALA V 253 58.77 51.01 -28.62
C ALA V 253 58.68 52.50 -28.87
N ARG V 254 59.65 53.05 -29.61
CA ARG V 254 59.64 54.47 -29.91
C ARG V 254 58.42 54.84 -30.71
N GLU V 255 58.19 54.14 -31.83
CA GLU V 255 57.07 54.47 -32.69
C GLU V 255 55.76 54.47 -31.93
N ALA V 256 55.58 53.53 -31.01
CA ALA V 256 54.31 53.41 -30.29
C ALA V 256 54.02 54.66 -29.46
N ILE V 257 55.01 55.16 -28.74
CA ILE V 257 54.74 56.30 -27.88
C ILE V 257 54.35 57.52 -28.72
N LEU V 258 54.87 57.64 -29.95
CA LEU V 258 54.48 58.75 -30.82
C LEU V 258 52.99 58.76 -31.03
N TYR V 259 52.40 57.57 -31.10
CA TYR V 259 50.97 57.45 -31.32
C TYR V 259 50.16 57.85 -30.08
N PHE V 260 50.79 58.00 -28.91
CA PHE V 260 50.04 58.41 -27.71
C PHE V 260 49.79 59.92 -27.81
N PHE V 261 48.52 60.33 -27.79
CA PHE V 261 48.21 61.72 -28.05
C PHE V 261 47.52 62.33 -26.85
N HIS V 262 48.17 62.29 -25.70
CA HIS V 262 47.55 62.96 -24.56
C HIS V 262 48.59 63.35 -23.54
N LYS V 263 48.27 64.44 -22.85
CA LYS V 263 49.15 64.96 -21.83
C LYS V 263 49.35 63.93 -20.73
N ASN V 264 48.29 63.22 -20.37
CA ASN V 264 48.40 62.32 -19.22
C ASN V 264 49.45 61.24 -19.44
N PHE V 265 49.68 60.86 -20.70
CA PHE V 265 50.65 59.80 -20.95
C PHE V 265 52.06 60.19 -20.51
N GLU V 266 52.37 61.49 -20.52
CA GLU V 266 53.75 61.93 -20.31
C GLU V 266 54.28 61.48 -18.97
N GLU V 267 53.54 61.78 -17.90
CA GLU V 267 54.01 61.44 -16.57
C GLU V 267 54.25 59.94 -16.47
N GLU V 268 53.33 59.16 -17.05
CA GLU V 268 53.42 57.71 -16.99
C GLU V 268 54.60 57.18 -17.80
N ILE V 269 54.82 57.73 -19.01
CA ILE V 269 55.93 57.26 -19.86
C ILE V 269 57.27 57.50 -19.19
N ARG V 270 57.41 58.66 -18.54
CA ARG V 270 58.61 58.97 -17.78
C ARG V 270 58.80 57.99 -16.62
N ARG V 271 57.69 57.63 -15.95
CA ARG V 271 57.77 56.77 -14.78
C ARG V 271 58.25 55.38 -15.15
N MET V 272 57.71 54.81 -16.24
CA MET V 272 58.09 53.46 -16.59
C MET V 272 59.40 53.38 -17.38
N PHE V 273 59.89 54.48 -17.93
CA PHE V 273 61.12 54.45 -18.70
C PHE V 273 62.26 55.20 -18.00
N GLU V 274 62.19 55.27 -16.67
CA GLU V 274 63.23 55.92 -15.89
C GLU V 274 64.55 55.19 -16.07
N PRO V 275 65.63 55.90 -16.37
CA PRO V 275 66.91 55.23 -16.61
C PRO V 275 67.49 54.71 -15.32
N GLY V 276 68.45 53.83 -15.46
CA GLY V 276 69.08 53.21 -14.32
C GLY V 276 68.45 51.91 -13.87
N GLN V 277 67.26 51.58 -14.36
CA GLN V 277 66.63 50.30 -14.08
C GLN V 277 66.95 49.33 -15.21
N GLU V 278 67.49 48.17 -14.85
CA GLU V 278 67.96 47.21 -15.86
C GLU V 278 66.84 46.40 -16.51
N THR V 279 65.91 47.10 -17.18
CA THR V 279 64.81 46.43 -17.89
C THR V 279 65.29 45.54 -19.02
N ALA V 280 66.30 45.99 -19.76
CA ALA V 280 66.77 45.21 -20.88
C ALA V 280 67.60 43.99 -20.45
N VAL V 281 68.20 43.99 -19.25
CA VAL V 281 69.08 42.88 -18.86
C VAL V 281 68.26 41.61 -18.67
N PRO V 282 68.69 40.48 -19.25
CA PRO V 282 67.87 39.26 -19.17
C PRO V 282 67.69 38.71 -17.76
N HIS V 283 68.73 38.60 -16.96
CA HIS V 283 68.49 38.01 -15.65
C HIS V 283 68.87 39.01 -14.56
N SER V 284 68.27 40.18 -14.59
CA SER V 284 68.65 41.17 -13.62
C SER V 284 67.69 41.04 -12.45
N TYR V 285 68.04 41.72 -11.35
CA TYR V 285 67.16 41.67 -10.20
C TYR V 285 65.81 42.29 -10.55
N PHE V 286 65.76 43.09 -11.63
CA PHE V 286 64.54 43.81 -11.99
C PHE V 286 63.37 42.87 -12.25
N ILE V 287 63.62 41.74 -12.91
CA ILE V 287 62.56 40.79 -13.26
C ILE V 287 61.88 40.29 -11.98
N HIS V 288 62.63 40.24 -10.87
CA HIS V 288 62.10 39.81 -9.59
C HIS V 288 62.17 40.90 -8.53
N PHE V 289 62.22 42.17 -8.95
CA PHE V 289 62.45 43.25 -7.99
C PHE V 289 61.32 43.34 -6.97
N ARG V 290 60.08 43.09 -7.38
CA ARG V 290 58.94 43.19 -6.46
C ARG V 290 59.00 42.15 -5.33
N SER V 291 59.43 40.92 -5.63
CA SER V 291 59.55 39.89 -4.59
C SER V 291 60.61 40.29 -3.54
N LEU V 292 61.78 40.78 -3.96
CA LEU V 292 62.80 41.27 -3.01
C LEU V 292 62.34 42.58 -2.38
N GLY V 293 63.07 43.04 -1.36
CA GLY V 293 62.72 44.28 -0.68
C GLY V 293 62.92 45.56 -1.49
N LEU V 294 63.69 45.51 -2.57
CA LEU V 294 64.08 46.71 -3.30
C LEU V 294 62.89 47.49 -3.85
N SER V 295 61.82 46.80 -4.25
CA SER V 295 60.73 47.46 -4.98
C SER V 295 60.08 48.60 -4.17
N GLY V 296 59.58 48.30 -2.98
CA GLY V 296 58.70 49.25 -2.33
C GLY V 296 57.40 49.14 -3.11
N LYS V 297 56.77 50.27 -3.42
CA LYS V 297 55.63 50.25 -4.32
C LYS V 297 56.17 50.26 -5.75
N SER V 298 55.56 49.46 -6.64
CA SER V 298 56.11 49.32 -8.00
C SER V 298 55.60 50.45 -8.91
N PRO V 299 56.48 51.15 -9.64
CA PRO V 299 56.03 52.15 -10.60
C PRO V 299 55.57 51.58 -11.92
N TYR V 300 55.72 50.26 -12.09
CA TYR V 300 55.38 49.58 -13.34
C TYR V 300 54.06 48.83 -13.24
N SER V 301 53.34 48.99 -12.13
CA SER V 301 52.04 48.37 -11.96
C SER V 301 51.04 49.01 -12.92
N SER V 302 49.94 48.29 -13.15
CA SER V 302 48.88 48.80 -14.02
C SER V 302 48.29 50.10 -13.50
N ASN V 303 48.22 50.29 -12.19
CA ASN V 303 47.66 51.53 -11.66
C ASN V 303 48.57 52.72 -11.93
N ALA V 304 49.88 52.54 -11.78
CA ALA V 304 50.84 53.62 -11.94
C ALA V 304 50.82 54.17 -13.35
N VAL V 305 50.61 53.28 -14.31
CA VAL V 305 50.69 53.66 -15.70
C VAL V 305 49.29 53.47 -16.28
N GLY V 306 48.29 53.90 -15.50
CA GLY V 306 46.91 53.58 -15.81
C GLY V 306 46.46 54.02 -17.18
N HIS V 307 46.80 55.25 -17.57
CA HIS V 307 46.36 55.78 -18.86
C HIS V 307 46.93 54.96 -20.02
N VAL V 308 48.22 54.63 -19.94
CA VAL V 308 48.81 53.78 -20.97
C VAL V 308 48.19 52.41 -20.96
N PHE V 309 48.01 51.84 -19.77
CA PHE V 309 47.44 50.51 -19.66
C PHE V 309 46.08 50.48 -20.30
N ASN V 310 45.22 51.46 -19.95
CA ASN V 310 43.88 51.45 -20.51
C ASN V 310 43.92 51.56 -22.04
N LEU V 311 44.76 52.46 -22.58
CA LEU V 311 44.81 52.60 -24.04
C LEU V 311 45.27 51.30 -24.71
N ILE V 312 46.28 50.64 -24.13
CA ILE V 312 46.76 49.39 -24.72
C ILE V 312 45.64 48.36 -24.80
N HIS V 313 44.88 48.19 -23.72
CA HIS V 313 43.86 47.15 -23.79
C HIS V 313 42.65 47.58 -24.58
N PHE V 314 42.30 48.86 -24.56
CA PHE V 314 41.22 49.28 -25.43
C PHE V 314 41.54 49.00 -26.88
N VAL V 315 42.79 49.22 -27.28
CA VAL V 315 43.22 48.84 -28.63
C VAL V 315 43.17 47.33 -28.79
N GLY V 316 43.58 46.60 -27.75
CA GLY V 316 43.46 45.15 -27.80
C GLY V 316 42.03 44.67 -27.98
N CYS V 317 41.07 45.30 -27.29
CA CYS V 317 39.68 44.92 -27.54
C CYS V 317 39.28 45.20 -28.99
N TYR V 318 39.65 46.36 -29.53
CA TYR V 318 39.28 46.68 -30.91
C TYR V 318 39.81 45.64 -31.86
N MET V 319 40.93 45.05 -31.53
CA MET V 319 41.47 43.99 -32.34
C MET V 319 40.99 42.60 -31.89
N GLY V 320 40.13 42.54 -30.88
CA GLY V 320 39.55 41.29 -30.43
C GLY V 320 40.45 40.42 -29.60
N GLN V 321 41.52 40.98 -29.04
CA GLN V 321 42.41 40.18 -28.23
C GLN V 321 41.73 39.79 -26.94
N VAL V 322 41.70 38.49 -26.65
CA VAL V 322 41.03 38.07 -25.43
C VAL V 322 41.71 38.68 -24.22
N ARG V 323 43.05 38.75 -24.21
CA ARG V 323 43.73 39.20 -22.98
C ARG V 323 43.27 40.61 -22.59
N SER V 324 43.11 41.48 -23.58
CA SER V 324 42.65 42.84 -23.32
C SER V 324 41.19 42.87 -22.87
N LEU V 325 40.35 41.98 -23.42
CA LEU V 325 38.94 41.95 -23.06
C LEU V 325 38.72 41.65 -21.57
N ASN V 326 39.58 40.81 -21.00
CA ASN V 326 39.44 40.32 -19.63
C ASN V 326 40.24 41.13 -18.63
N ALA V 327 41.07 42.06 -19.08
CA ALA V 327 41.85 42.85 -18.14
C ALA V 327 40.93 43.82 -17.42
N THR V 328 41.35 44.20 -16.22
CA THR V 328 40.56 45.08 -15.37
C THR V 328 40.90 46.54 -15.66
N VAL V 329 39.90 47.33 -15.98
CA VAL V 329 40.08 48.73 -16.35
C VAL V 329 40.39 49.56 -15.12
N ILE V 330 41.29 50.54 -15.26
CA ILE V 330 41.59 51.49 -14.20
C ILE V 330 40.64 52.67 -14.31
N ALA V 331 39.64 52.74 -13.43
CA ALA V 331 38.58 53.76 -13.58
C ALA V 331 39.11 55.17 -13.37
N ALA V 332 40.10 55.33 -12.51
CA ALA V 332 40.62 56.65 -12.22
C ALA V 332 41.24 57.27 -13.46
N CYS V 333 41.93 56.46 -14.25
CA CYS V 333 42.71 56.99 -15.38
C CYS V 333 41.86 57.13 -16.66
N ALA V 334 40.85 58.02 -16.58
CA ALA V 334 40.06 58.52 -17.71
C ALA V 334 39.81 57.45 -18.75
N PRO V 335 39.04 56.42 -18.43
CA PRO V 335 38.87 55.35 -19.41
C PRO V 335 38.14 55.84 -20.64
N HIS V 336 37.14 56.70 -20.50
CA HIS V 336 36.38 57.06 -21.70
C HIS V 336 37.28 57.70 -22.73
N GLU V 337 38.07 58.70 -22.33
CA GLU V 337 38.95 59.35 -23.28
C GLU V 337 39.93 58.36 -23.86
N MET V 338 40.45 57.45 -23.04
CA MET V 338 41.36 56.43 -23.57
C MET V 338 40.67 55.54 -24.59
N SER V 339 39.41 55.20 -24.38
CA SER V 339 38.75 54.33 -25.36
C SER V 339 38.61 55.04 -26.70
N VAL V 340 38.37 56.36 -26.68
CA VAL V 340 38.24 57.09 -27.94
C VAL V 340 39.54 57.05 -28.73
N LEU V 341 40.66 57.35 -28.06
CA LEU V 341 41.94 57.21 -28.72
C LEU V 341 42.18 55.77 -29.14
N GLY V 342 41.75 54.83 -28.30
CA GLY V 342 41.94 53.43 -28.64
C GLY V 342 41.20 53.05 -29.91
N GLY V 343 40.02 53.64 -30.12
CA GLY V 343 39.27 53.40 -31.34
C GLY V 343 40.01 53.86 -32.59
N TYR V 344 40.57 55.06 -32.56
CA TYR V 344 41.29 55.51 -33.73
C TYR V 344 42.54 54.67 -33.96
N LEU V 345 43.29 54.42 -32.87
CA LEU V 345 44.50 53.63 -32.98
C LEU V 345 44.20 52.21 -33.42
N GLY V 346 43.16 51.62 -32.84
CA GLY V 346 42.77 50.29 -33.25
C GLY V 346 42.34 50.24 -34.69
N GLU V 347 41.67 51.30 -35.16
CA GLU V 347 41.25 51.36 -36.56
C GLU V 347 42.45 51.28 -37.49
N GLU V 348 43.53 51.99 -37.15
CA GLU V 348 44.74 51.97 -37.97
C GLU V 348 45.41 50.60 -37.94
N PHE V 349 45.42 49.93 -36.79
CA PHE V 349 46.15 48.66 -36.67
C PHE V 349 45.31 47.43 -36.91
N PHE V 350 44.01 47.55 -37.10
CA PHE V 350 43.14 46.40 -37.29
C PHE V 350 42.89 46.17 -38.77
N GLY V 351 43.23 44.97 -39.25
CA GLY V 351 42.97 44.64 -40.63
C GLY V 351 43.98 45.19 -41.59
N LYS V 352 45.09 45.72 -41.10
CA LYS V 352 46.08 46.35 -41.95
C LYS V 352 47.48 45.92 -41.54
N GLY V 353 48.35 45.72 -42.54
CA GLY V 353 49.73 45.38 -42.26
C GLY V 353 50.65 46.07 -43.24
N THR V 354 51.88 46.33 -42.77
CA THR V 354 52.94 46.97 -43.54
C THR V 354 53.83 45.89 -44.13
N PHE V 355 53.71 45.67 -45.45
CA PHE V 355 54.39 44.57 -46.15
C PHE V 355 55.42 45.09 -47.15
N GLU V 356 56.58 44.43 -47.21
CA GLU V 356 57.61 44.80 -48.16
C GLU V 356 58.28 43.53 -48.67
N ARG V 357 58.69 43.54 -49.94
CA ARG V 357 59.43 42.39 -50.47
C ARG V 357 60.82 42.34 -49.88
N ARG V 358 61.17 41.20 -49.29
CA ARG V 358 62.47 41.00 -48.68
C ARG V 358 63.23 39.79 -49.19
N PHE V 359 62.57 38.90 -49.91
CA PHE V 359 63.16 37.67 -50.44
C PHE V 359 63.11 37.70 -51.95
N PHE V 360 64.25 37.42 -52.59
CA PHE V 360 64.34 37.53 -54.04
C PHE V 360 65.09 36.35 -54.64
N ARG V 361 64.78 36.06 -55.93
CA ARG V 361 65.40 34.93 -56.61
C ARG V 361 66.89 35.15 -56.85
N ASP V 362 67.26 36.35 -57.30
CA ASP V 362 68.64 36.65 -57.65
C ASP V 362 69.05 38.00 -57.06
N GLU V 363 70.36 38.19 -56.95
CA GLU V 363 70.87 39.45 -56.39
C GLU V 363 70.46 40.64 -57.24
N LYS V 364 70.42 40.46 -58.56
CA LYS V 364 70.04 41.54 -59.46
C LYS V 364 68.61 42.02 -59.21
N GLU V 365 67.71 41.06 -58.90
CA GLU V 365 66.31 41.40 -58.61
C GLU V 365 66.20 42.26 -57.36
N LEU V 366 67.01 41.96 -56.34
CA LEU V 366 67.02 42.76 -55.12
C LEU V 366 67.44 44.19 -55.41
N GLN V 367 68.50 44.35 -56.22
CA GLN V 367 68.97 45.68 -56.59
C GLN V 367 67.95 46.44 -57.42
N GLU V 368 67.25 45.74 -58.33
CA GLU V 368 66.20 46.36 -59.14
C GLU V 368 65.02 46.82 -58.28
N TYR V 369 64.65 46.02 -57.27
CA TYR V 369 63.53 46.42 -56.41
C TYR V 369 63.87 47.65 -55.56
N GLU V 370 65.14 47.83 -55.19
CA GLU V 370 65.51 49.00 -54.39
C GLU V 370 65.55 50.27 -55.24
N ALA V 371 65.89 50.12 -56.51
CA ALA V 371 65.91 51.25 -57.44
C ALA V 371 64.50 51.69 -57.81
N ALA V 372 63.55 50.75 -57.94
CA ALA V 372 62.16 51.10 -58.28
C ALA V 372 61.46 51.88 -57.16
N GLU V 398 45.80 53.46 -45.76
CA GLU V 398 46.85 53.45 -46.79
C GLU V 398 48.24 53.81 -46.22
N THR V 399 48.38 55.02 -45.71
CA THR V 399 49.64 55.45 -45.10
C THR V 399 49.54 55.39 -43.58
N ARG V 400 50.47 54.67 -42.96
CA ARG V 400 50.50 54.48 -41.52
C ARG V 400 51.50 55.48 -40.93
N SER V 401 51.01 56.48 -40.22
CA SER V 401 51.88 57.49 -39.61
C SER V 401 51.19 58.09 -38.40
N PRO V 402 51.93 58.54 -37.39
CA PRO V 402 51.27 59.22 -36.26
C PRO V 402 50.52 60.47 -36.70
N GLU V 403 51.11 61.22 -37.63
CA GLU V 403 50.48 62.44 -38.10
C GLU V 403 49.14 62.16 -38.73
N ALA V 404 49.06 61.08 -39.52
CA ALA V 404 47.83 60.76 -40.24
C ALA V 404 46.70 60.48 -39.26
N VAL V 405 46.98 59.70 -38.22
CA VAL V 405 45.97 59.40 -37.24
C VAL V 405 45.56 60.66 -36.50
N TYR V 406 46.55 61.50 -36.14
CA TYR V 406 46.23 62.71 -35.39
C TYR V 406 45.33 63.62 -36.21
N THR V 407 45.65 63.81 -37.49
CA THR V 407 44.79 64.61 -38.35
C THR V 407 43.40 63.99 -38.50
N ARG V 408 43.33 62.65 -38.59
CA ARG V 408 42.03 61.99 -38.74
C ARG V 408 41.17 62.24 -37.51
N ILE V 409 41.78 62.20 -36.31
CA ILE V 409 41.03 62.49 -35.08
C ILE V 409 40.51 63.91 -35.11
N MET V 410 41.36 64.83 -35.53
CA MET V 410 40.98 66.24 -35.57
C MET V 410 39.85 66.48 -36.55
N MET V 411 39.84 65.77 -37.68
CA MET V 411 38.77 65.98 -38.65
C MET V 411 37.41 65.64 -38.08
N ASN V 412 37.34 64.61 -37.23
CA ASN V 412 36.08 64.22 -36.62
C ASN V 412 35.85 64.88 -35.27
N GLY V 413 36.67 65.86 -34.92
CA GLY V 413 36.49 66.56 -33.66
C GLY V 413 36.80 65.76 -32.42
N GLY V 414 37.67 64.75 -32.53
CA GLY V 414 38.00 63.94 -31.37
C GLY V 414 36.84 63.13 -30.85
N ARG V 415 35.85 62.85 -31.69
CA ARG V 415 34.67 62.08 -31.33
C ARG V 415 34.78 60.74 -32.02
N LEU V 416 34.39 59.68 -31.31
CA LEU V 416 34.48 58.34 -31.86
C LEU V 416 33.61 58.19 -33.10
N LYS V 417 34.13 57.51 -34.12
CA LYS V 417 33.34 57.27 -35.32
C LYS V 417 32.24 56.26 -35.00
N ARG V 418 31.15 56.32 -35.75
CA ARG V 418 30.10 55.34 -35.50
C ARG V 418 30.62 53.93 -35.69
N SER V 419 31.48 53.73 -36.71
CA SER V 419 32.05 52.39 -36.95
C SER V 419 32.89 51.92 -35.77
N HIS V 420 33.62 52.84 -35.14
CA HIS V 420 34.36 52.50 -33.93
C HIS V 420 33.43 51.96 -32.86
N ILE V 421 32.32 52.66 -32.63
CA ILE V 421 31.39 52.22 -31.59
C ILE V 421 30.81 50.86 -31.95
N ARG V 422 30.43 50.67 -33.21
CA ARG V 422 29.87 49.37 -33.60
C ARG V 422 30.87 48.25 -33.35
N ARG V 423 32.13 48.46 -33.71
CA ARG V 423 33.13 47.43 -33.52
C ARG V 423 33.26 47.09 -32.04
N TYR V 424 33.32 48.13 -31.19
CA TYR V 424 33.42 47.90 -29.74
C TYR V 424 32.25 47.10 -29.21
N VAL V 425 31.03 47.45 -29.61
CA VAL V 425 29.88 46.73 -29.07
C VAL V 425 29.94 45.30 -29.54
N SER V 426 30.33 45.09 -30.82
CA SER V 426 30.38 43.74 -31.36
C SER V 426 31.34 42.86 -30.57
N VAL V 427 32.51 43.40 -30.24
CA VAL V 427 33.44 42.60 -29.50
C VAL V 427 32.92 42.35 -28.09
N SER V 428 32.35 43.37 -27.43
CA SER V 428 31.89 43.17 -26.05
C SER V 428 30.70 42.22 -25.99
N SER V 429 29.76 42.33 -26.93
CA SER V 429 28.56 41.50 -26.82
C SER V 429 28.89 40.02 -27.02
N ASN V 430 29.80 39.70 -27.96
CA ASN V 430 30.27 38.32 -28.21
C ASN V 430 31.41 37.92 -27.27
N HIS V 431 31.18 38.15 -25.98
CA HIS V 431 32.18 37.80 -25.00
C HIS V 431 31.52 37.70 -23.64
N GLN V 432 32.10 36.84 -22.80
CA GLN V 432 31.68 36.65 -21.41
C GLN V 432 32.28 37.77 -20.57
N ALA V 433 31.51 38.85 -20.35
CA ALA V 433 32.07 40.02 -19.67
C ALA V 433 32.44 39.71 -18.24
N ARG V 434 33.68 39.97 -17.87
CA ARG V 434 34.08 39.81 -16.48
C ARG V 434 33.61 41.01 -15.68
N PRO V 435 33.55 40.91 -14.34
CA PRO V 435 33.01 42.01 -13.52
C PRO V 435 33.52 43.43 -13.82
N ASN V 436 34.82 43.68 -13.68
CA ASN V 436 35.38 45.01 -13.88
C ASN V 436 36.22 45.06 -15.15
N SER V 437 35.89 44.22 -16.12
CA SER V 437 36.73 44.12 -17.29
C SER V 437 36.48 45.28 -18.24
N PHE V 438 37.41 45.40 -19.19
CA PHE V 438 37.23 46.32 -20.32
C PHE V 438 35.99 45.92 -21.12
N ALA V 439 35.75 44.62 -21.24
CA ALA V 439 34.56 44.16 -21.93
C ALA V 439 33.31 44.69 -21.25
N GLU V 440 33.27 44.65 -19.93
CA GLU V 440 32.09 45.14 -19.23
C GLU V 440 31.92 46.64 -19.43
N PHE V 441 33.04 47.39 -19.41
CA PHE V 441 32.99 48.83 -19.63
C PHE V 441 32.50 49.17 -21.03
N LEU V 442 33.00 48.46 -22.05
CA LEU V 442 32.55 48.74 -23.40
C LEU V 442 31.06 48.48 -23.52
N ASN V 443 30.59 47.35 -22.96
CA ASN V 443 29.19 46.98 -23.10
C ASN V 443 28.29 47.98 -22.37
N LYS V 444 28.65 48.37 -21.14
CA LYS V 444 27.85 49.33 -20.39
C LYS V 444 27.88 50.70 -21.04
N THR V 445 29.02 51.09 -21.60
CA THR V 445 29.15 52.46 -22.07
C THR V 445 28.45 52.65 -23.40
N TYR V 446 28.74 51.80 -24.38
CA TYR V 446 28.21 51.90 -25.74
C TYR V 446 27.31 50.70 -25.97
N SER V 447 26.01 50.87 -25.78
CA SER V 447 25.13 49.72 -25.90
C SER V 447 23.90 49.96 -26.76
N SER V 448 23.67 51.17 -27.25
CA SER V 448 22.55 51.43 -28.14
C SER V 448 22.96 51.71 -29.57
P PO4 Y . 27.83 -0.26 49.27
O1 PO4 Y . 28.07 0.18 47.86
O2 PO4 Y . 26.52 0.38 49.69
O3 PO4 Y . 29.00 0.14 50.14
O4 PO4 Y . 27.69 -1.77 49.25
P PO4 Z . -11.83 -6.00 -54.75
O1 PO4 Z . -11.32 -5.74 -56.11
O2 PO4 Z . -13.18 -6.73 -54.71
O3 PO4 Z . -12.01 -4.69 -54.02
O4 PO4 Z . -10.75 -6.86 -54.13
#